data_8E6S
#
_entry.id   8E6S
#
_cell.length_a   1.00
_cell.length_b   1.00
_cell.length_c   1.00
_cell.angle_alpha   90.00
_cell.angle_beta   90.00
_cell.angle_gamma   90.00
#
_symmetry.space_group_name_H-M   'P 1'
#
loop_
_entity.id
_entity.type
_entity.pdbx_description
1 polymer 'Transient receptor potential cation channel subfamily M member 2'
2 non-polymer ADENOSINE-5-DIPHOSPHORIBOSE
3 non-polymer "2'-DEOXYADENOSINE-5'-DIPHOSPHATE"
4 non-polymer 'ZINC ION'
5 non-polymer 'CALCIUM ION'
#
_entity_poly.entity_id   1
_entity_poly.type   'polypeptide(L)'
_entity_poly.pdbx_seq_one_letter_code
;MEPSALRKAGSEQEEGFEGLPRRVTDLGMVSNLRRSNSSLFKSWRLQCPFGNNDKQESLSSWIPENIKKKECVYFVESSK
LSDAGKVVCQCGYTHEQHLEEATKPHTFQGTQWDPKKHVQEMPTDAFGDIVFTGLSQKVKKYVRVSQDTPSSVIYHLMTQ
HWGLDVPNLLISVTGGAKNFNMKPRLKSIFRRGLVKVAQTTGAWIITGGSHTGVMKQVGEAVRDFSLSSSYKEGELITIG
VATWGTVHRREGLIHPTGSFPAEYILDEDGQGNLTCLDSNHSHFILVDDGTHGQYGVEIPLRTRLEKFISEQTKERGGVA
IKIPIVCVVLEGGPGTLHTIDNATTNGTPCVVVEGSGRVADVIAQVANLPVSDITISLIQQKLSVFFQEMFETFTESRIV
EWTKKIQDIVRRRQLLTVFREGKDGQQDVDVAILQALLKASRSQDHFGHENWDHQLKLAVAWNRVDIARSEIFMDEWQWK
PSDLHPTMTAALISNKPEFVKLFLENGVQLKEFVTWDTLLYLYENLDPSCLFHSKLQKVLVEDPERPACAPAAPRLQMHH
VAQVLRELLGDFTQPLYPRPRHNDRLRLLLPVPHVKLNVQGVSLRSLYKRSSGHVTFTMDPIRDLLIWAIVQNRRELAGI
IWAQSQDCIAAALACSKILKELSKEEEDTDSSEEMLALAEEYEHRAIGVFTECYRKDEERAQKLLTRVSEAWGKTTCLQL
ALEAKDMKFVSHGGIQAFLTKVWWGQLSVDNGLWRVTLCMLAFPLLLTGLISFREKRLQDVGTPAARARAFFTAPVVVFH
LNILSYFAFLCLFAYVLMVDFQPVPSWCECAIYLWLFSLVCEEMRQLFYDPDECGLMKKAALYFSDFWNKLDVGAILLFV
AGLTCRLIPATLYPGRVILSLDFILFCLRLMHIFTISKTLGPKIIIVKRMMKDVFFFLFLLAVWVVSFGVAKQAILIHNE
RRVDWLFRGAVYHSYLTIFGQIPGYIDGVNFNPEHCSPNGTDPYKPKCPESDATQQRPAFPEWLTVLLLCLYLLFTNILL
LNLLIAMFNYTFQQVQEHTDQIWKFQRHDLIEEYHGRPAAPPPFILLSHLQLFIKRVVLKTPAKRHKQLKNKLEKNEEAA
LLSWEIYLKENYLQNRQFQQKQRPEQKIEDISNKVDAMVDLLDLDPLKRSGSMEQRLASLEEQVAQTAQALHWIVRTLRA
SGFSSEADVPTLASQKAAEEPDAEPGGRKKTEEPGDSYHVNARHLLYPNCPVTRFPVPNEKVPWETEFLIYDPPFYTAER
KDAAAMDPMGDTLEPLSTIQYNVVDGLRDRRSFHGPYTVQAGLPLNPMGRTGLRGRGSLSCFGPNHTLYPMVTRWRRNED
GAICRKSIKKMLEVLVVKLPLSEHWALPGGSREPGEMLPRKLKRILRQEHWPSFENLLKCGMEVYKGYMDDPRNTDNAWI
ETVAVSVHFQDQNDVELNRLNSNLHACDSGASIRWQVVDRRIPLYANHKTLLQKAAAEFGAHY
;
_entity_poly.pdbx_strand_id   A,B,C,D
#
loop_
_chem_comp.id
_chem_comp.type
_chem_comp.name
_chem_comp.formula
APR non-polymer ADENOSINE-5-DIPHOSPHORIBOSE 'C15 H23 N5 O14 P2'
CA non-polymer 'CALCIUM ION' 'Ca 2'
DAT non-polymer 2'-DEOXYADENOSINE-5'-DIPHOSPHATE 'C10 H15 N5 O9 P2'
ZN non-polymer 'ZINC ION' 'Zn 2'
#
# COMPACT_ATOMS: atom_id res chain seq x y z
N SER A 60 -43.52 -44.71 31.97
CA SER A 60 -43.06 -45.61 33.02
C SER A 60 -43.84 -46.92 32.99
N SER A 61 -44.90 -46.96 32.19
CA SER A 61 -45.75 -48.14 32.06
C SER A 61 -45.69 -48.75 30.66
N TRP A 62 -44.93 -48.15 29.74
CA TRP A 62 -44.81 -48.67 28.39
C TRP A 62 -43.61 -49.57 28.20
N ILE A 63 -42.54 -49.34 28.97
CA ILE A 63 -41.33 -50.14 28.93
C ILE A 63 -41.55 -51.23 29.97
N PRO A 64 -40.58 -52.11 30.28
CA PRO A 64 -40.89 -53.56 30.46
C PRO A 64 -42.23 -54.06 29.92
N GLU A 65 -42.75 -53.46 28.85
CA GLU A 65 -43.90 -53.98 28.14
C GLU A 65 -43.69 -54.05 26.63
N ASN A 66 -42.89 -53.16 26.05
CA ASN A 66 -42.58 -53.18 24.64
C ASN A 66 -41.09 -53.34 24.35
N ILE A 67 -40.23 -53.25 25.36
CA ILE A 67 -38.79 -53.43 25.20
C ILE A 67 -38.38 -54.64 26.04
N LYS A 68 -37.67 -55.57 25.42
CA LYS A 68 -37.32 -56.84 26.04
C LYS A 68 -35.80 -56.95 26.19
N LYS A 69 -35.37 -58.08 26.75
CA LYS A 69 -33.96 -58.34 27.03
C LYS A 69 -33.66 -59.80 26.70
N LYS A 70 -32.39 -60.08 26.41
CA LYS A 70 -31.97 -61.45 26.10
C LYS A 70 -30.93 -61.89 27.12
N GLU A 71 -31.14 -63.06 27.70
CA GLU A 71 -30.28 -63.61 28.74
C GLU A 71 -29.90 -65.04 28.38
N CYS A 72 -29.04 -65.64 29.19
CA CYS A 72 -28.61 -67.02 29.01
C CYS A 72 -29.33 -67.91 30.00
N VAL A 73 -30.01 -68.94 29.50
CA VAL A 73 -30.95 -69.70 30.32
C VAL A 73 -30.33 -70.91 31.01
N TYR A 74 -29.07 -71.25 30.73
CA TYR A 74 -28.42 -72.35 31.42
C TYR A 74 -26.92 -72.11 31.41
N PHE A 75 -26.24 -72.80 32.31
CA PHE A 75 -24.81 -72.61 32.55
C PHE A 75 -24.04 -73.85 32.11
N VAL A 76 -22.83 -73.63 31.58
CA VAL A 76 -21.97 -74.72 31.15
C VAL A 76 -20.70 -74.83 31.98
N GLU A 77 -20.44 -73.87 32.87
CA GLU A 77 -19.23 -73.80 33.70
C GLU A 77 -17.97 -74.29 32.98
N SER A 78 -17.68 -73.73 31.81
CA SER A 78 -16.42 -74.07 31.14
C SER A 78 -15.24 -73.56 31.95
N SER A 79 -14.13 -74.30 31.89
CA SER A 79 -12.96 -74.03 32.72
C SER A 79 -12.27 -72.76 32.22
N LYS A 80 -12.78 -71.62 32.69
CA LYS A 80 -12.17 -70.32 32.42
C LYS A 80 -12.12 -69.52 33.71
N LEU A 81 -10.97 -68.91 33.98
CA LEU A 81 -10.76 -68.17 35.21
C LEU A 81 -11.14 -66.69 35.10
N SER A 82 -11.43 -66.20 33.90
CA SER A 82 -11.81 -64.80 33.68
C SER A 82 -10.75 -63.85 34.26
N ASP A 83 -9.48 -64.14 33.96
CA ASP A 83 -8.36 -63.38 34.47
C ASP A 83 -8.36 -63.35 35.99
N ALA A 84 -8.66 -62.19 36.58
CA ALA A 84 -8.76 -62.06 38.03
C ALA A 84 -10.20 -62.35 38.44
N GLY A 85 -10.44 -63.59 38.85
CA GLY A 85 -11.79 -63.99 39.22
C GLY A 85 -11.80 -65.43 39.70
N LYS A 86 -13.00 -65.91 40.00
CA LYS A 86 -13.22 -67.26 40.51
C LYS A 86 -14.29 -67.94 39.68
N VAL A 87 -13.85 -68.66 38.64
CA VAL A 87 -14.61 -69.51 37.71
C VAL A 87 -15.75 -68.76 37.04
N VAL A 88 -16.01 -69.10 35.77
CA VAL A 88 -17.09 -68.49 35.00
C VAL A 88 -17.76 -69.57 34.16
N CYS A 89 -19.04 -69.37 33.88
CA CYS A 89 -19.77 -70.29 33.03
C CYS A 89 -19.20 -70.31 31.61
N GLN A 90 -19.25 -69.14 30.96
CA GLN A 90 -19.12 -68.88 29.53
C GLN A 90 -20.21 -67.86 29.23
N CYS A 91 -21.27 -67.91 30.05
CA CYS A 91 -22.29 -66.87 30.04
C CYS A 91 -21.69 -65.51 30.40
N GLY A 92 -20.58 -65.51 31.13
CA GLY A 92 -19.97 -64.31 31.65
C GLY A 92 -20.30 -64.02 33.10
N TYR A 93 -21.37 -64.61 33.63
CA TYR A 93 -21.72 -64.48 35.03
C TYR A 93 -21.21 -65.69 35.80
N THR A 94 -21.54 -65.77 37.08
CA THR A 94 -21.14 -66.87 37.93
C THR A 94 -22.37 -67.67 38.36
N HIS A 95 -22.12 -68.82 38.98
CA HIS A 95 -23.21 -69.67 39.43
C HIS A 95 -24.03 -68.99 40.52
N GLU A 96 -23.38 -68.17 41.36
CA GLU A 96 -24.09 -67.51 42.44
C GLU A 96 -25.14 -66.54 41.91
N GLN A 97 -24.82 -65.82 40.83
CA GLN A 97 -25.77 -64.91 40.18
C GLN A 97 -25.86 -65.27 38.70
N HIS A 98 -26.71 -66.25 38.39
CA HIS A 98 -26.98 -66.65 37.00
C HIS A 98 -28.50 -66.79 36.91
N LEU A 99 -29.17 -65.68 36.64
CA LEU A 99 -30.63 -65.57 36.75
C LEU A 99 -31.14 -66.15 38.06
N GLU A 100 -32.31 -66.78 38.03
CA GLU A 100 -32.92 -67.38 39.22
C GLU A 100 -32.92 -68.90 39.19
N GLU A 101 -33.31 -69.50 38.07
CA GLU A 101 -33.29 -70.94 37.91
C GLU A 101 -32.28 -71.41 36.87
N ALA A 102 -31.58 -70.48 36.21
CA ALA A 102 -30.64 -70.86 35.16
C ALA A 102 -29.37 -71.48 35.74
N THR A 103 -29.09 -71.25 37.03
CA THR A 103 -27.93 -71.87 37.65
C THR A 103 -28.06 -73.39 37.63
N LYS A 104 -29.23 -73.90 37.99
CA LYS A 104 -29.49 -75.33 37.89
C LYS A 104 -29.57 -75.74 36.43
N PRO A 105 -29.06 -76.93 36.08
CA PRO A 105 -29.11 -77.35 34.68
C PRO A 105 -30.51 -77.79 34.27
N HIS A 106 -30.99 -77.25 33.15
CA HIS A 106 -32.31 -77.59 32.63
C HIS A 106 -32.19 -78.89 31.84
N THR A 107 -32.21 -80.00 32.57
CA THR A 107 -32.03 -81.35 32.01
C THR A 107 -30.69 -81.36 31.30
N PHE A 108 -30.61 -81.81 30.05
CA PHE A 108 -29.37 -81.82 29.28
C PHE A 108 -29.65 -81.16 27.93
N GLN A 109 -29.55 -79.82 27.90
CA GLN A 109 -29.76 -79.10 26.65
C GLN A 109 -28.58 -79.27 25.71
N GLY A 110 -27.36 -79.21 26.25
CA GLY A 110 -26.16 -79.36 25.45
C GLY A 110 -24.89 -79.23 26.26
N THR A 111 -23.86 -80.00 25.89
CA THR A 111 -22.59 -79.98 26.59
C THR A 111 -21.60 -78.98 25.99
N GLN A 112 -21.98 -78.27 24.94
CA GLN A 112 -21.12 -77.27 24.33
C GLN A 112 -21.88 -75.95 24.26
N TRP A 113 -21.14 -74.85 24.32
CA TRP A 113 -21.71 -73.52 24.43
C TRP A 113 -21.79 -72.87 23.05
N ASP A 114 -23.01 -72.48 22.65
CA ASP A 114 -23.24 -71.59 21.53
C ASP A 114 -24.51 -70.84 21.91
N PRO A 115 -24.45 -69.51 22.00
CA PRO A 115 -25.50 -68.77 22.72
C PRO A 115 -26.88 -68.81 22.07
N LYS A 116 -26.95 -68.57 20.76
CA LYS A 116 -28.22 -68.20 20.14
C LYS A 116 -29.24 -69.34 20.15
N LYS A 117 -28.79 -70.59 20.26
CA LYS A 117 -29.72 -71.70 20.06
C LYS A 117 -30.63 -71.93 21.26
N HIS A 118 -30.20 -71.53 22.47
CA HIS A 118 -30.93 -71.86 23.67
C HIS A 118 -31.55 -70.66 24.38
N VAL A 119 -31.14 -69.46 24.04
CA VAL A 119 -31.54 -68.26 24.79
C VAL A 119 -32.97 -67.89 24.43
N GLN A 120 -33.71 -67.41 25.43
CA GLN A 120 -35.07 -66.91 25.23
C GLN A 120 -35.20 -65.55 25.92
N GLU A 121 -36.40 -64.98 25.82
CA GLU A 121 -36.59 -63.57 26.13
C GLU A 121 -37.21 -63.35 27.50
N MET A 122 -36.66 -62.39 28.24
CA MET A 122 -37.21 -61.87 29.47
C MET A 122 -37.20 -60.35 29.40
N PRO A 123 -38.11 -59.69 30.10
CA PRO A 123 -38.22 -58.22 29.99
C PRO A 123 -37.05 -57.51 30.66
N THR A 124 -36.97 -56.22 30.39
CA THR A 124 -35.90 -55.37 30.91
C THR A 124 -36.19 -54.96 32.35
N ASP A 125 -35.12 -54.54 33.04
CA ASP A 125 -35.23 -54.09 34.42
C ASP A 125 -34.38 -52.86 34.70
N ALA A 126 -33.80 -52.21 33.70
CA ALA A 126 -32.95 -51.04 33.88
C ALA A 126 -33.58 -49.88 33.13
N PHE A 127 -34.16 -48.94 33.88
CA PHE A 127 -34.82 -47.77 33.30
C PHE A 127 -34.83 -46.66 34.34
N GLY A 128 -34.80 -45.43 33.87
CA GLY A 128 -34.90 -44.30 34.77
C GLY A 128 -34.04 -43.15 34.28
N ASP A 129 -33.71 -42.26 35.21
CA ASP A 129 -32.92 -41.07 34.95
C ASP A 129 -31.79 -40.99 35.97
N ILE A 130 -30.56 -40.86 35.49
CA ILE A 130 -29.37 -40.85 36.35
C ILE A 130 -29.07 -39.43 36.79
N VAL A 131 -28.84 -39.27 38.08
CA VAL A 131 -28.39 -38.00 38.67
C VAL A 131 -27.13 -38.29 39.46
N PHE A 132 -26.08 -37.51 39.21
CA PHE A 132 -24.81 -37.78 39.87
C PHE A 132 -24.68 -36.95 41.14
N THR A 133 -23.78 -37.40 42.01
CA THR A 133 -23.63 -36.78 43.33
C THR A 133 -23.19 -35.34 43.22
N GLY A 134 -21.98 -35.11 42.69
CA GLY A 134 -21.44 -33.77 42.61
C GLY A 134 -20.96 -33.36 41.24
N LEU A 135 -20.76 -34.34 40.36
CA LEU A 135 -20.23 -34.04 39.02
C LEU A 135 -21.23 -33.20 38.21
N SER A 136 -22.51 -33.56 38.27
CA SER A 136 -23.53 -32.82 37.54
C SER A 136 -24.87 -33.01 38.23
N GLN A 137 -25.52 -31.91 38.61
CA GLN A 137 -26.84 -31.95 39.24
C GLN A 137 -27.88 -31.70 38.16
N LYS A 138 -28.12 -32.72 37.35
CA LYS A 138 -29.08 -32.61 36.26
C LYS A 138 -29.67 -33.99 35.97
N VAL A 139 -30.81 -33.99 35.28
CA VAL A 139 -31.51 -35.22 34.92
C VAL A 139 -30.98 -35.72 33.58
N LYS A 140 -30.62 -37.01 33.54
CA LYS A 140 -30.13 -37.65 32.33
C LYS A 140 -30.79 -39.01 32.20
N LYS A 141 -31.45 -39.24 31.06
CA LYS A 141 -32.27 -40.43 30.88
C LYS A 141 -31.44 -41.58 30.33
N TYR A 142 -31.80 -42.80 30.73
CA TYR A 142 -31.14 -44.01 30.23
C TYR A 142 -32.16 -45.14 30.12
N VAL A 143 -31.95 -45.99 29.13
CA VAL A 143 -32.82 -47.15 28.89
C VAL A 143 -31.93 -48.35 28.57
N ARG A 144 -32.49 -49.54 28.78
CA ARG A 144 -31.80 -50.80 28.49
C ARG A 144 -32.48 -51.48 27.31
N VAL A 145 -31.67 -51.91 26.34
CA VAL A 145 -32.16 -52.44 25.08
C VAL A 145 -31.54 -53.81 24.85
N SER A 146 -32.22 -54.66 24.08
CA SER A 146 -31.74 -55.98 23.71
C SER A 146 -31.04 -55.91 22.36
N GLN A 147 -30.35 -57.00 22.01
CA GLN A 147 -29.60 -57.06 20.77
C GLN A 147 -30.50 -57.23 19.55
N ASP A 148 -31.61 -57.93 19.69
CA ASP A 148 -32.53 -58.17 18.59
C ASP A 148 -33.65 -57.14 18.52
N THR A 149 -33.61 -56.12 19.37
CA THR A 149 -34.68 -55.13 19.40
C THR A 149 -34.67 -54.33 18.10
N PRO A 150 -35.78 -54.27 17.37
CA PRO A 150 -35.83 -53.46 16.15
C PRO A 150 -35.69 -51.98 16.48
N SER A 151 -35.10 -51.25 15.54
CA SER A 151 -34.91 -49.81 15.73
C SER A 151 -36.22 -49.04 15.66
N SER A 152 -37.27 -49.66 15.10
CA SER A 152 -38.55 -48.98 14.99
C SER A 152 -39.14 -48.66 16.36
N VAL A 153 -39.17 -49.64 17.26
CA VAL A 153 -39.70 -49.38 18.59
C VAL A 153 -38.77 -48.46 19.38
N ILE A 154 -37.48 -48.49 19.09
CA ILE A 154 -36.56 -47.58 19.78
C ILE A 154 -36.82 -46.14 19.37
N TYR A 155 -37.02 -45.90 18.07
CA TYR A 155 -37.40 -44.56 17.61
C TYR A 155 -38.76 -44.17 18.15
N HIS A 156 -39.68 -45.14 18.26
CA HIS A 156 -40.95 -44.91 18.96
C HIS A 156 -40.71 -44.42 20.38
N LEU A 157 -39.71 -44.99 21.05
CA LEU A 157 -39.37 -44.56 22.42
C LEU A 157 -38.81 -43.14 22.44
N MET A 158 -37.95 -42.81 21.48
CA MET A 158 -37.31 -41.49 21.52
C MET A 158 -38.30 -40.34 21.34
N THR A 159 -39.27 -40.48 20.44
CA THR A 159 -40.03 -39.32 19.98
C THR A 159 -40.97 -38.79 21.07
N GLN A 160 -41.95 -39.58 21.49
CA GLN A 160 -42.94 -39.11 22.44
C GLN A 160 -42.81 -39.71 23.83
N HIS A 161 -42.01 -40.76 24.01
CA HIS A 161 -41.76 -41.30 25.33
C HIS A 161 -40.61 -40.61 26.04
N TRP A 162 -39.73 -39.93 25.31
CA TRP A 162 -38.69 -39.10 25.90
C TRP A 162 -38.85 -37.62 25.59
N GLY A 163 -39.84 -37.25 24.80
CA GLY A 163 -40.06 -35.84 24.47
C GLY A 163 -38.96 -35.23 23.62
N LEU A 164 -38.51 -35.94 22.59
CA LEU A 164 -37.44 -35.47 21.72
C LEU A 164 -38.00 -35.21 20.33
N ASP A 165 -37.62 -34.08 19.73
CA ASP A 165 -38.12 -33.69 18.42
C ASP A 165 -37.36 -34.41 17.30
N VAL A 166 -37.81 -34.17 16.08
CA VAL A 166 -37.23 -34.84 14.91
C VAL A 166 -35.80 -34.35 14.69
N PRO A 167 -34.85 -35.23 14.39
CA PRO A 167 -33.48 -34.79 14.13
C PRO A 167 -33.36 -34.03 12.82
N ASN A 168 -32.32 -33.17 12.78
CA ASN A 168 -31.93 -32.49 11.56
C ASN A 168 -30.53 -32.86 11.09
N LEU A 169 -29.68 -33.37 11.98
CA LEU A 169 -28.36 -33.86 11.63
C LEU A 169 -27.99 -34.97 12.60
N LEU A 170 -27.27 -35.97 12.10
CA LEU A 170 -27.02 -37.19 12.85
C LEU A 170 -25.54 -37.56 12.79
N ILE A 171 -24.67 -36.59 13.10
CA ILE A 171 -23.24 -36.86 13.10
C ILE A 171 -22.92 -37.89 14.19
N SER A 172 -22.08 -38.85 13.84
CA SER A 172 -21.69 -39.92 14.75
C SER A 172 -20.19 -39.88 14.98
N VAL A 173 -19.78 -40.09 16.23
CA VAL A 173 -18.38 -40.07 16.63
C VAL A 173 -18.01 -41.43 17.19
N THR A 174 -16.97 -42.03 16.64
CA THR A 174 -16.40 -43.27 17.15
C THR A 174 -14.90 -43.13 17.26
N GLY A 175 -14.32 -43.77 18.27
CA GLY A 175 -12.90 -43.66 18.48
C GLY A 175 -12.41 -44.72 19.44
N GLY A 176 -11.12 -44.63 19.79
CA GLY A 176 -10.50 -45.60 20.66
C GLY A 176 -10.81 -45.35 22.13
N ALA A 177 -10.88 -46.44 22.88
CA ALA A 177 -11.13 -46.38 24.32
C ALA A 177 -10.00 -47.10 25.04
N LYS A 178 -9.43 -46.44 26.04
CA LYS A 178 -8.30 -46.84 26.90
C LYS A 178 -7.03 -47.09 26.09
N ASN A 179 -7.06 -46.91 24.77
CA ASN A 179 -5.87 -46.94 23.91
C ASN A 179 -5.91 -45.65 23.11
N PHE A 180 -5.39 -44.56 23.67
CA PHE A 180 -5.51 -43.28 23.00
C PHE A 180 -4.37 -42.37 23.46
N ASN A 181 -4.11 -41.33 22.66
CA ASN A 181 -3.07 -40.36 22.97
C ASN A 181 -3.55 -38.99 22.55
N MET A 182 -2.98 -37.94 23.15
CA MET A 182 -3.41 -36.57 22.95
C MET A 182 -2.30 -35.70 22.37
N LYS A 183 -2.68 -34.82 21.45
CA LYS A 183 -1.88 -33.75 20.90
C LYS A 183 -2.75 -32.52 20.71
N PRO A 184 -2.17 -31.31 20.82
CA PRO A 184 -2.99 -30.10 20.99
C PRO A 184 -3.91 -29.75 19.83
N ARG A 185 -3.37 -29.58 18.62
CA ARG A 185 -4.18 -29.02 17.55
C ARG A 185 -5.25 -30.00 17.05
N LEU A 186 -5.02 -31.31 17.17
CA LEU A 186 -6.09 -32.26 16.91
C LEU A 186 -7.25 -32.06 17.88
N LYS A 187 -6.92 -31.86 19.16
CA LYS A 187 -7.95 -31.57 20.15
C LYS A 187 -8.70 -30.29 19.82
N SER A 188 -7.98 -29.25 19.42
CA SER A 188 -8.62 -27.99 19.07
C SER A 188 -9.56 -28.17 17.88
N ILE A 189 -9.10 -28.89 16.85
CA ILE A 189 -9.93 -29.12 15.67
C ILE A 189 -11.18 -29.90 16.05
N PHE A 190 -11.02 -30.96 16.84
CA PHE A 190 -12.16 -31.78 17.23
C PHE A 190 -13.18 -30.97 18.03
N ARG A 191 -12.70 -30.20 19.02
CA ARG A 191 -13.60 -29.40 19.83
C ARG A 191 -14.33 -28.35 19.00
N ARG A 192 -13.57 -27.61 18.17
CA ARG A 192 -14.20 -26.56 17.37
C ARG A 192 -15.25 -27.14 16.44
N GLY A 193 -14.93 -28.24 15.76
CA GLY A 193 -15.91 -28.90 14.92
C GLY A 193 -17.12 -29.35 15.70
N LEU A 194 -16.91 -29.89 16.89
CA LEU A 194 -18.04 -30.36 17.69
C LEU A 194 -18.99 -29.22 18.03
N VAL A 195 -18.48 -28.12 18.58
CA VAL A 195 -19.40 -27.06 18.97
C VAL A 195 -20.04 -26.42 17.76
N LYS A 196 -19.28 -26.24 16.66
CA LYS A 196 -19.87 -25.59 15.49
C LYS A 196 -20.97 -26.46 14.90
N VAL A 197 -20.81 -27.78 14.92
CA VAL A 197 -21.81 -28.64 14.31
C VAL A 197 -22.99 -28.85 15.24
N ALA A 198 -22.77 -28.76 16.56
CA ALA A 198 -23.83 -29.07 17.50
C ALA A 198 -24.65 -27.84 17.86
N GLN A 199 -24.02 -26.66 17.90
CA GLN A 199 -24.73 -25.47 18.33
C GLN A 199 -25.75 -25.01 17.29
N THR A 200 -25.46 -25.23 16.01
CA THR A 200 -26.37 -24.83 14.95
C THR A 200 -27.33 -25.97 14.61
N THR A 201 -28.50 -25.60 14.11
CA THR A 201 -29.55 -26.55 13.72
C THR A 201 -29.91 -27.46 14.90
N GLY A 202 -30.39 -28.66 14.59
CA GLY A 202 -30.76 -29.63 15.60
C GLY A 202 -29.92 -30.89 15.52
N ALA A 203 -28.62 -30.74 15.34
CA ALA A 203 -27.74 -31.88 15.15
C ALA A 203 -27.75 -32.81 16.35
N TRP A 204 -27.84 -34.12 16.08
CA TRP A 204 -27.75 -35.16 17.08
C TRP A 204 -26.40 -35.85 16.97
N ILE A 205 -25.62 -35.80 18.05
CA ILE A 205 -24.29 -36.40 18.07
C ILE A 205 -24.44 -37.76 18.75
N ILE A 206 -24.02 -38.81 18.04
CA ILE A 206 -24.13 -40.18 18.54
C ILE A 206 -22.75 -40.69 18.90
N THR A 207 -22.61 -41.21 20.12
CA THR A 207 -21.32 -41.64 20.62
C THR A 207 -21.57 -42.70 21.69
N GLY A 208 -20.53 -43.45 22.05
CA GLY A 208 -20.70 -44.54 22.99
C GLY A 208 -20.95 -44.07 24.41
N GLY A 209 -20.81 -44.99 25.36
CA GLY A 209 -20.72 -44.61 26.77
C GLY A 209 -19.42 -44.98 27.46
N SER A 210 -18.56 -43.99 27.73
CA SER A 210 -17.33 -44.16 28.51
C SER A 210 -16.64 -42.81 28.62
N HIS A 211 -15.87 -42.63 29.70
CA HIS A 211 -15.04 -41.42 29.88
C HIS A 211 -13.56 -41.71 29.62
N THR A 212 -13.21 -41.99 28.37
CA THR A 212 -11.83 -42.31 28.03
C THR A 212 -11.38 -41.60 26.76
N GLY A 213 -10.35 -40.77 26.88
CA GLY A 213 -9.72 -40.16 25.71
C GLY A 213 -10.62 -39.16 25.01
N VAL A 214 -10.55 -39.15 23.67
CA VAL A 214 -11.41 -38.26 22.88
C VAL A 214 -12.87 -38.58 23.14
N MET A 215 -13.15 -39.83 23.51
CA MET A 215 -14.49 -40.21 23.92
C MET A 215 -14.97 -39.43 25.15
N LYS A 216 -14.07 -39.12 26.08
CA LYS A 216 -14.38 -38.22 27.20
C LYS A 216 -14.34 -36.75 26.77
N GLN A 217 -13.48 -36.44 25.81
CA GLN A 217 -13.29 -35.06 25.39
C GLN A 217 -14.47 -34.50 24.60
N VAL A 218 -15.20 -35.35 23.87
CA VAL A 218 -16.44 -34.90 23.23
C VAL A 218 -17.41 -34.37 24.28
N GLY A 219 -17.56 -35.11 25.38
CA GLY A 219 -18.42 -34.64 26.45
C GLY A 219 -17.88 -33.42 27.17
N GLU A 220 -16.58 -33.36 27.39
CA GLU A 220 -16.03 -32.20 28.09
C GLU A 220 -16.20 -30.95 27.24
N ALA A 221 -16.12 -31.10 25.91
CA ALA A 221 -16.48 -30.00 25.02
C ALA A 221 -17.97 -29.68 25.12
N VAL A 222 -18.81 -30.71 25.29
CA VAL A 222 -20.24 -30.48 25.45
C VAL A 222 -20.51 -29.54 26.62
N ARG A 223 -19.93 -29.85 27.79
CA ARG A 223 -20.15 -28.95 28.93
C ARG A 223 -19.35 -27.66 28.82
N ASP A 224 -18.22 -27.67 28.12
CA ASP A 224 -17.51 -26.42 27.88
C ASP A 224 -18.41 -25.44 27.14
N PHE A 225 -19.20 -25.93 26.19
CA PHE A 225 -20.19 -25.09 25.54
C PHE A 225 -21.42 -24.83 26.40
N SER A 226 -21.88 -25.84 27.15
CA SER A 226 -23.15 -25.75 27.87
C SER A 226 -23.06 -24.88 29.12
N LEU A 227 -21.87 -24.73 29.71
CA LEU A 227 -21.75 -23.92 30.91
C LEU A 227 -22.13 -22.48 30.65
N SER A 228 -21.78 -21.95 29.48
CA SER A 228 -22.18 -20.61 29.04
C SER A 228 -23.12 -20.78 27.86
N SER A 229 -24.43 -20.72 28.14
CA SER A 229 -25.45 -20.88 27.11
C SER A 229 -26.63 -19.99 27.44
N SER A 230 -27.18 -19.34 26.41
CA SER A 230 -28.28 -18.40 26.62
C SER A 230 -29.54 -19.14 27.07
N TYR A 231 -29.90 -20.21 26.36
CA TYR A 231 -31.07 -21.00 26.78
C TYR A 231 -30.78 -21.78 28.05
N LYS A 232 -29.51 -22.01 28.37
CA LYS A 232 -29.08 -22.73 29.56
C LYS A 232 -29.64 -24.15 29.57
N GLU A 233 -29.53 -24.83 30.70
CA GLU A 233 -29.99 -26.21 30.87
C GLU A 233 -29.29 -27.07 29.82
N GLY A 234 -30.01 -27.88 29.04
CA GLY A 234 -29.38 -28.68 28.02
C GLY A 234 -29.75 -28.27 26.61
N GLU A 235 -28.81 -27.65 25.90
CA GLU A 235 -28.99 -27.29 24.50
C GLU A 235 -28.50 -28.37 23.55
N LEU A 236 -28.03 -29.50 24.08
CA LEU A 236 -27.50 -30.57 23.26
C LEU A 236 -28.08 -31.90 23.71
N ILE A 237 -28.28 -32.80 22.75
CA ILE A 237 -28.80 -34.14 23.02
C ILE A 237 -27.72 -35.12 22.58
N THR A 238 -26.89 -35.54 23.53
CA THR A 238 -25.78 -36.46 23.29
C THR A 238 -26.18 -37.84 23.80
N ILE A 239 -26.32 -38.79 22.90
CA ILE A 239 -26.77 -40.13 23.25
C ILE A 239 -25.57 -41.04 23.40
N GLY A 240 -25.54 -41.80 24.51
CA GLY A 240 -24.48 -42.75 24.76
C GLY A 240 -24.96 -44.17 24.56
N VAL A 241 -24.14 -44.98 23.90
CA VAL A 241 -24.43 -46.39 23.65
C VAL A 241 -23.34 -47.24 24.29
N ALA A 242 -23.75 -48.25 25.06
CA ALA A 242 -22.81 -49.14 25.73
C ALA A 242 -23.48 -50.48 25.94
N THR A 243 -22.67 -51.48 26.28
CA THR A 243 -23.14 -52.83 26.51
C THR A 243 -23.30 -53.04 28.01
N TRP A 244 -24.44 -53.63 28.41
CA TRP A 244 -24.68 -53.89 29.83
C TRP A 244 -23.60 -54.77 30.42
N GLY A 245 -23.05 -55.68 29.63
CA GLY A 245 -21.95 -56.50 30.11
C GLY A 245 -20.74 -55.70 30.52
N THR A 246 -20.47 -54.60 29.80
CA THR A 246 -19.33 -53.74 30.09
C THR A 246 -19.76 -52.53 30.90
N VAL A 247 -20.26 -52.78 32.11
CA VAL A 247 -20.64 -51.73 33.05
C VAL A 247 -20.07 -52.08 34.42
N HIS A 248 -19.31 -51.15 34.99
CA HIS A 248 -18.66 -51.39 36.28
C HIS A 248 -19.67 -51.57 37.40
N ARG A 249 -20.45 -50.53 37.70
CA ARG A 249 -21.34 -50.53 38.85
C ARG A 249 -22.77 -50.87 38.41
N ARG A 250 -22.94 -52.12 37.98
CA ARG A 250 -24.27 -52.59 37.63
C ARG A 250 -25.14 -52.78 38.86
N GLU A 251 -24.54 -53.09 40.02
CA GLU A 251 -25.28 -53.25 41.25
C GLU A 251 -25.93 -51.92 41.65
N GLY A 252 -27.26 -51.90 41.67
CA GLY A 252 -28.02 -50.70 41.93
C GLY A 252 -28.67 -50.09 40.71
N LEU A 253 -28.32 -50.55 39.50
CA LEU A 253 -28.94 -50.08 38.28
C LEU A 253 -30.14 -50.92 37.87
N ILE A 254 -30.53 -51.91 38.67
CA ILE A 254 -31.63 -52.80 38.35
C ILE A 254 -32.77 -52.52 39.34
N HIS A 255 -33.97 -52.30 38.80
CA HIS A 255 -35.16 -52.09 39.60
C HIS A 255 -36.31 -52.93 39.06
N PRO A 256 -37.19 -53.43 39.92
CA PRO A 256 -38.29 -54.27 39.45
C PRO A 256 -39.26 -53.52 38.55
N THR A 257 -39.84 -52.43 39.05
CA THR A 257 -40.73 -51.59 38.26
C THR A 257 -40.19 -50.18 38.09
N GLY A 258 -39.90 -49.48 39.19
CA GLY A 258 -39.27 -48.18 39.10
C GLY A 258 -39.11 -47.45 40.42
N SER A 259 -37.91 -46.95 40.67
CA SER A 259 -37.63 -46.02 41.76
C SER A 259 -37.04 -44.72 41.25
N PHE A 260 -36.15 -44.80 40.27
CA PHE A 260 -35.55 -43.70 39.52
C PHE A 260 -34.76 -42.69 40.37
N PRO A 261 -33.87 -43.10 41.29
CA PRO A 261 -32.77 -42.20 41.66
C PRO A 261 -31.57 -42.46 40.76
N ALA A 262 -31.49 -43.69 40.26
CA ALA A 262 -30.44 -44.16 39.35
C ALA A 262 -29.07 -43.60 39.68
N GLU A 263 -28.64 -43.76 40.92
CA GLU A 263 -27.34 -43.23 41.34
C GLU A 263 -26.22 -44.04 40.70
N TYR A 264 -25.27 -43.33 40.09
CA TYR A 264 -24.09 -43.95 39.47
C TYR A 264 -22.89 -43.05 39.78
N ILE A 265 -22.21 -43.35 40.89
CA ILE A 265 -21.01 -42.61 41.25
C ILE A 265 -19.89 -42.99 40.29
N LEU A 266 -19.13 -42.00 39.84
CA LEU A 266 -18.02 -42.22 38.90
C LEU A 266 -16.79 -42.61 39.71
N ASP A 267 -16.69 -43.90 40.00
CA ASP A 267 -15.56 -44.45 40.76
C ASP A 267 -14.61 -45.12 39.79
N GLU A 268 -13.76 -44.30 39.15
CA GLU A 268 -12.80 -44.83 38.18
C GLU A 268 -11.68 -45.62 38.85
N ASP A 269 -11.49 -45.45 40.15
CA ASP A 269 -10.43 -46.18 40.84
C ASP A 269 -10.76 -47.66 40.97
N GLY A 270 -12.02 -47.98 41.28
CA GLY A 270 -12.45 -49.34 41.50
C GLY A 270 -12.95 -50.07 40.27
N GLN A 271 -12.81 -49.49 39.08
CA GLN A 271 -13.29 -50.15 37.87
C GLN A 271 -12.54 -51.45 37.61
N GLY A 272 -11.22 -51.45 37.82
CA GLY A 272 -10.43 -52.67 37.69
C GLY A 272 -10.21 -53.10 36.25
N ASN A 273 -11.27 -53.59 35.61
CA ASN A 273 -11.19 -54.03 34.21
C ASN A 273 -12.32 -53.52 33.34
N LEU A 274 -13.47 -53.16 33.89
CA LEU A 274 -14.60 -52.66 33.13
C LEU A 274 -14.70 -51.15 33.33
N THR A 275 -14.54 -50.40 32.24
CA THR A 275 -14.55 -48.95 32.32
C THR A 275 -15.89 -48.45 32.83
N CYS A 276 -15.85 -47.53 33.78
CA CYS A 276 -17.07 -46.95 34.32
C CYS A 276 -17.77 -46.11 33.27
N LEU A 277 -19.10 -46.02 33.38
CA LEU A 277 -19.84 -45.16 32.48
C LEU A 277 -19.48 -43.71 32.71
N ASP A 278 -19.51 -42.94 31.61
CA ASP A 278 -19.19 -41.53 31.69
C ASP A 278 -20.29 -40.77 32.42
N SER A 279 -19.94 -39.60 32.94
CA SER A 279 -20.90 -38.64 33.46
C SER A 279 -21.27 -37.63 32.39
N ASN A 280 -21.31 -38.04 31.13
CA ASN A 280 -21.07 -37.11 30.04
C ASN A 280 -22.12 -37.14 28.95
N HIS A 281 -22.98 -38.15 28.89
CA HIS A 281 -23.97 -38.23 27.81
C HIS A 281 -25.36 -37.94 28.34
N SER A 282 -26.09 -37.07 27.63
CA SER A 282 -27.42 -36.66 28.09
C SER A 282 -28.38 -37.84 28.10
N HIS A 283 -28.42 -38.61 27.02
CA HIS A 283 -29.21 -39.83 26.95
C HIS A 283 -28.27 -41.02 26.83
N PHE A 284 -28.70 -42.16 27.36
CA PHE A 284 -27.87 -43.35 27.41
C PHE A 284 -28.65 -44.55 26.89
N ILE A 285 -28.02 -45.32 26.01
CA ILE A 285 -28.56 -46.57 25.50
C ILE A 285 -27.65 -47.68 25.97
N LEU A 286 -28.20 -48.63 26.71
CA LEU A 286 -27.42 -49.71 27.31
C LEU A 286 -27.95 -51.04 26.78
N VAL A 287 -27.19 -51.66 25.88
CA VAL A 287 -27.61 -52.88 25.20
C VAL A 287 -27.15 -54.09 25.99
N ASP A 288 -27.87 -55.20 25.84
CA ASP A 288 -27.52 -56.47 26.44
C ASP A 288 -27.70 -57.59 25.44
N ASP A 289 -26.73 -58.50 25.39
CA ASP A 289 -26.79 -59.67 24.53
C ASP A 289 -26.68 -60.97 25.30
N GLY A 290 -26.46 -60.91 26.61
CA GLY A 290 -26.14 -62.09 27.40
C GLY A 290 -24.67 -62.26 27.69
N THR A 291 -23.83 -61.35 27.21
CA THR A 291 -22.39 -61.39 27.42
C THR A 291 -21.99 -60.43 28.55
N HIS A 292 -20.95 -60.81 29.28
CA HIS A 292 -20.47 -60.05 30.42
C HIS A 292 -19.06 -59.56 30.11
N GLY A 293 -18.88 -58.24 30.09
CA GLY A 293 -17.57 -57.68 29.84
C GLY A 293 -17.05 -57.84 28.43
N GLN A 294 -17.94 -58.04 27.45
CA GLN A 294 -17.54 -58.20 26.06
C GLN A 294 -17.88 -56.92 25.30
N TYR A 295 -16.85 -56.23 24.80
CA TYR A 295 -17.04 -55.03 24.02
C TYR A 295 -17.29 -55.40 22.55
N GLY A 296 -17.67 -54.40 21.76
CA GLY A 296 -17.92 -54.62 20.35
C GLY A 296 -19.21 -55.34 20.01
N VAL A 297 -20.10 -55.51 20.99
CA VAL A 297 -21.36 -56.21 20.75
C VAL A 297 -22.38 -55.30 20.07
N GLU A 298 -22.43 -54.02 20.47
CA GLU A 298 -23.44 -53.09 20.00
C GLU A 298 -23.11 -52.48 18.63
N ILE A 299 -22.12 -53.01 17.93
CA ILE A 299 -21.71 -52.44 16.65
C ILE A 299 -22.79 -52.60 15.59
N PRO A 300 -23.37 -53.81 15.36
CA PRO A 300 -24.42 -53.92 14.34
C PRO A 300 -25.68 -53.15 14.70
N LEU A 301 -26.07 -53.23 15.98
CA LEU A 301 -27.32 -52.59 16.42
C LEU A 301 -27.22 -51.08 16.31
N ARG A 302 -26.06 -50.50 16.65
CA ARG A 302 -25.88 -49.06 16.54
C ARG A 302 -26.01 -48.60 15.10
N THR A 303 -25.39 -49.34 14.16
CA THR A 303 -25.49 -49.00 12.76
C THR A 303 -26.92 -49.10 12.26
N ARG A 304 -27.63 -50.17 12.65
CA ARG A 304 -29.02 -50.31 12.23
C ARG A 304 -29.88 -49.19 12.78
N LEU A 305 -29.68 -48.83 14.05
CA LEU A 305 -30.45 -47.76 14.67
C LEU A 305 -30.22 -46.42 13.98
N GLU A 306 -28.95 -46.07 13.76
CA GLU A 306 -28.65 -44.80 13.12
C GLU A 306 -29.18 -44.75 11.69
N LYS A 307 -29.11 -45.89 10.98
CA LYS A 307 -29.69 -45.94 9.65
C LYS A 307 -31.19 -45.66 9.70
N PHE A 308 -31.90 -46.42 10.55
CA PHE A 308 -33.35 -46.26 10.65
C PHE A 308 -33.72 -44.82 10.98
N ILE A 309 -33.02 -44.20 11.93
CA ILE A 309 -33.30 -42.80 12.23
C ILE A 309 -32.78 -41.90 11.12
N SER A 310 -32.01 -42.45 10.18
CA SER A 310 -31.56 -41.64 9.05
C SER A 310 -32.64 -41.47 8.01
N GLU A 311 -33.10 -42.55 7.36
CA GLU A 311 -33.88 -42.29 6.15
C GLU A 311 -35.36 -41.96 6.38
N GLN A 312 -36.00 -42.48 7.42
CA GLN A 312 -37.47 -42.46 7.47
C GLN A 312 -38.01 -41.84 8.76
N THR A 313 -37.52 -40.65 9.12
CA THR A 313 -38.13 -39.91 10.23
C THR A 313 -38.92 -38.68 9.81
N LYS A 314 -38.98 -38.35 8.52
CA LYS A 314 -39.72 -37.19 8.03
C LYS A 314 -40.41 -37.53 6.71
N GLU A 315 -41.52 -36.84 6.44
CA GLU A 315 -42.33 -37.12 5.26
C GLU A 315 -42.58 -35.87 4.41
N ARG A 316 -41.66 -34.90 4.43
CA ARG A 316 -41.83 -33.70 3.60
C ARG A 316 -41.81 -34.07 2.13
N GLY A 317 -42.63 -33.37 1.35
CA GLY A 317 -42.73 -33.61 -0.07
C GLY A 317 -43.65 -34.74 -0.47
N GLY A 318 -44.22 -35.46 0.49
CA GLY A 318 -45.17 -36.51 0.22
C GLY A 318 -44.57 -37.89 -0.05
N VAL A 319 -43.25 -38.00 -0.13
CA VAL A 319 -42.65 -39.31 -0.39
C VAL A 319 -41.66 -39.71 0.70
N ALA A 320 -40.57 -38.96 0.85
CA ALA A 320 -39.52 -39.29 1.81
C ALA A 320 -38.46 -38.20 1.91
N ILE A 321 -37.87 -38.03 3.09
CA ILE A 321 -36.77 -37.12 3.32
C ILE A 321 -35.64 -37.86 4.02
N LYS A 322 -34.44 -37.78 3.47
CA LYS A 322 -33.27 -38.47 4.00
C LYS A 322 -32.42 -37.46 4.75
N ILE A 323 -32.35 -37.62 6.07
CA ILE A 323 -31.60 -36.68 6.92
C ILE A 323 -30.11 -36.95 6.72
N PRO A 324 -29.30 -35.92 6.46
CA PRO A 324 -27.86 -36.14 6.25
C PRO A 324 -27.21 -36.78 7.47
N ILE A 325 -26.30 -37.71 7.20
CA ILE A 325 -25.67 -38.53 8.23
C ILE A 325 -24.20 -38.72 7.89
N VAL A 326 -23.33 -38.55 8.89
CA VAL A 326 -21.90 -38.81 8.75
C VAL A 326 -21.40 -39.43 10.05
N CYS A 327 -20.54 -40.43 9.93
CA CYS A 327 -19.82 -41.01 11.06
C CYS A 327 -18.33 -40.72 10.90
N VAL A 328 -17.73 -40.12 11.93
CA VAL A 328 -16.33 -39.73 11.91
C VAL A 328 -15.56 -40.59 12.90
N VAL A 329 -14.36 -41.02 12.50
CA VAL A 329 -13.53 -41.91 13.30
C VAL A 329 -12.22 -41.20 13.64
N LEU A 330 -11.78 -41.35 14.89
CA LEU A 330 -10.50 -40.82 15.35
C LEU A 330 -9.76 -41.93 16.06
N GLU A 331 -8.54 -42.23 15.57
CA GLU A 331 -7.73 -43.37 16.04
C GLU A 331 -8.59 -44.62 15.92
N GLY A 332 -8.55 -45.54 16.87
CA GLY A 332 -9.39 -46.71 16.86
C GLY A 332 -8.57 -48.00 16.86
N GLY A 333 -9.30 -49.11 16.71
CA GLY A 333 -8.70 -50.42 16.62
C GLY A 333 -9.59 -51.40 15.88
N PRO A 334 -9.66 -52.63 16.38
CA PRO A 334 -10.55 -53.62 15.74
C PRO A 334 -12.03 -53.27 15.86
N GLY A 335 -12.46 -52.78 17.02
CA GLY A 335 -13.85 -52.38 17.16
C GLY A 335 -14.23 -51.23 16.26
N THR A 336 -13.33 -50.25 16.11
CA THR A 336 -13.58 -49.16 15.17
C THR A 336 -13.64 -49.69 13.74
N LEU A 337 -12.78 -50.65 13.40
CA LEU A 337 -12.82 -51.24 12.07
C LEU A 337 -14.15 -51.92 11.82
N HIS A 338 -14.65 -52.68 12.80
CA HIS A 338 -15.95 -53.32 12.66
C HIS A 338 -17.07 -52.28 12.54
N THR A 339 -16.98 -51.20 13.32
CA THR A 339 -17.98 -50.14 13.23
C THR A 339 -18.00 -49.52 11.84
N ILE A 340 -16.83 -49.23 11.29
CA ILE A 340 -16.77 -48.63 9.95
C ILE A 340 -17.27 -49.61 8.91
N ASP A 341 -16.94 -50.89 9.05
CA ASP A 341 -17.39 -51.89 8.08
C ASP A 341 -18.91 -52.02 8.09
N ASN A 342 -19.51 -52.15 9.27
CA ASN A 342 -20.97 -52.25 9.36
C ASN A 342 -21.63 -50.97 8.88
N ALA A 343 -21.03 -49.82 9.20
CA ALA A 343 -21.59 -48.54 8.74
C ALA A 343 -21.56 -48.45 7.22
N THR A 344 -20.47 -48.88 6.60
CA THR A 344 -20.37 -48.83 5.15
C THR A 344 -21.34 -49.80 4.50
N THR A 345 -21.51 -50.99 5.09
CA THR A 345 -22.47 -51.94 4.55
C THR A 345 -23.89 -51.39 4.63
N ASN A 346 -24.23 -50.72 5.73
CA ASN A 346 -25.59 -50.19 5.88
C ASN A 346 -25.84 -49.01 4.95
N GLY A 347 -24.80 -48.25 4.61
CA GLY A 347 -25.00 -47.14 3.68
C GLY A 347 -24.76 -45.76 4.26
N THR A 348 -23.73 -45.61 5.10
CA THR A 348 -23.44 -44.36 5.78
C THR A 348 -22.16 -43.75 5.25
N PRO A 349 -22.18 -42.47 4.85
CA PRO A 349 -20.92 -41.78 4.55
C PRO A 349 -20.03 -41.74 5.79
N CYS A 350 -18.73 -41.94 5.57
CA CYS A 350 -17.76 -41.93 6.65
C CYS A 350 -16.59 -41.04 6.28
N VAL A 351 -16.07 -40.33 7.28
CA VAL A 351 -14.93 -39.44 7.12
C VAL A 351 -13.89 -39.80 8.17
N VAL A 352 -12.63 -39.84 7.76
CA VAL A 352 -11.51 -40.12 8.66
C VAL A 352 -10.62 -38.90 8.73
N VAL A 353 -10.32 -38.45 9.95
CA VAL A 353 -9.45 -37.31 10.18
C VAL A 353 -8.02 -37.84 10.29
N GLU A 354 -7.18 -37.48 9.33
CA GLU A 354 -5.83 -38.02 9.30
C GLU A 354 -4.99 -37.39 10.42
N GLY A 355 -3.96 -38.13 10.82
CA GLY A 355 -3.06 -37.69 11.87
C GLY A 355 -3.44 -38.15 13.27
N SER A 356 -4.67 -38.68 13.45
CA SER A 356 -5.08 -39.11 14.78
C SER A 356 -4.17 -40.20 15.32
N GLY A 357 -3.89 -41.22 14.53
CA GLY A 357 -2.91 -42.18 14.93
C GLY A 357 -3.41 -43.62 14.84
N ARG A 358 -2.61 -44.46 14.16
CA ARG A 358 -2.71 -45.91 14.18
C ARG A 358 -3.92 -46.44 13.40
N VAL A 359 -4.84 -45.57 13.02
CA VAL A 359 -5.93 -45.94 12.12
C VAL A 359 -6.13 -44.96 10.98
N ALA A 360 -5.77 -43.69 11.14
CA ALA A 360 -6.13 -42.68 10.15
C ALA A 360 -5.32 -42.83 8.87
N ASP A 361 -4.00 -43.04 9.00
CA ASP A 361 -3.15 -43.11 7.82
C ASP A 361 -3.44 -44.35 6.99
N VAL A 362 -3.74 -45.48 7.64
CA VAL A 362 -3.99 -46.72 6.91
C VAL A 362 -5.20 -46.56 6.00
N ILE A 363 -6.29 -46.02 6.55
CA ILE A 363 -7.47 -45.77 5.73
C ILE A 363 -7.21 -44.67 4.71
N ALA A 364 -6.40 -43.66 5.07
CA ALA A 364 -6.15 -42.54 4.18
C ALA A 364 -5.43 -42.99 2.91
N GLN A 365 -4.46 -43.88 3.04
CA GLN A 365 -3.65 -44.33 1.92
C GLN A 365 -4.18 -45.58 1.25
N VAL A 366 -5.40 -46.00 1.56
CA VAL A 366 -6.08 -47.07 0.84
C VAL A 366 -7.47 -46.66 0.37
N ALA A 367 -7.91 -45.44 0.70
CA ALA A 367 -9.28 -45.01 0.38
C ALA A 367 -9.51 -44.98 -1.13
N ASN A 368 -8.75 -44.14 -1.83
CA ASN A 368 -8.91 -44.00 -3.28
C ASN A 368 -8.02 -44.97 -4.06
N LEU A 369 -7.16 -45.72 -3.39
CA LEU A 369 -6.31 -46.68 -4.07
C LEU A 369 -7.11 -47.90 -4.51
N PRO A 370 -6.67 -48.57 -5.57
CA PRO A 370 -7.39 -49.76 -6.03
C PRO A 370 -7.43 -50.85 -4.97
N VAL A 371 -8.55 -51.57 -4.93
CA VAL A 371 -8.74 -52.62 -3.93
C VAL A 371 -7.85 -53.82 -4.22
N SER A 372 -7.57 -54.11 -5.49
CA SER A 372 -6.86 -55.33 -5.85
C SER A 372 -5.44 -55.35 -5.29
N ASP A 373 -4.71 -54.25 -5.46
CA ASP A 373 -3.31 -54.22 -5.02
C ASP A 373 -3.17 -54.26 -3.50
N ILE A 374 -4.23 -53.99 -2.76
CA ILE A 374 -4.21 -54.10 -1.30
C ILE A 374 -4.13 -55.61 -0.99
N THR A 375 -2.96 -56.05 -0.57
CA THR A 375 -2.70 -57.46 -0.30
C THR A 375 -2.51 -57.65 1.20
N ILE A 376 -2.37 -58.92 1.60
CA ILE A 376 -2.01 -59.20 2.99
C ILE A 376 -0.62 -58.65 3.28
N SER A 377 0.31 -58.80 2.32
CA SER A 377 1.66 -58.30 2.54
C SER A 377 1.66 -56.80 2.79
N LEU A 378 0.86 -56.06 2.02
CA LEU A 378 0.66 -54.64 2.30
C LEU A 378 0.15 -54.42 3.72
N ILE A 379 -0.66 -55.36 4.23
CA ILE A 379 -1.16 -55.24 5.60
C ILE A 379 -0.02 -55.37 6.60
N GLN A 380 0.89 -56.34 6.40
CA GLN A 380 2.05 -56.40 7.30
C GLN A 380 2.95 -55.18 7.17
N GLN A 381 3.14 -54.64 5.95
CA GLN A 381 3.91 -53.39 5.89
C GLN A 381 3.16 -52.24 6.56
N LYS A 382 1.84 -52.32 6.65
CA LYS A 382 1.06 -51.38 7.44
C LYS A 382 0.87 -51.83 8.88
N LEU A 383 1.40 -52.99 9.25
CA LEU A 383 1.29 -53.52 10.60
C LEU A 383 2.44 -53.10 11.51
N SER A 384 3.48 -52.47 10.96
CA SER A 384 4.69 -52.18 11.72
C SER A 384 4.83 -50.73 12.16
N VAL A 385 4.09 -49.81 11.53
CA VAL A 385 4.23 -48.39 11.81
C VAL A 385 3.00 -47.84 12.54
N PHE A 386 1.81 -48.31 12.19
CA PHE A 386 0.58 -47.85 12.82
C PHE A 386 -0.17 -48.98 13.52
N PHE A 387 0.49 -50.09 13.81
CA PHE A 387 -0.03 -51.15 14.66
C PHE A 387 1.03 -51.55 15.69
N GLN A 388 1.75 -50.56 16.20
CA GLN A 388 2.90 -50.82 17.07
C GLN A 388 2.44 -51.31 18.44
N GLU A 389 1.67 -50.49 19.16
CA GLU A 389 1.26 -50.81 20.52
C GLU A 389 0.18 -51.88 20.57
N MET A 390 -0.54 -52.12 19.49
CA MET A 390 -1.57 -53.15 19.44
C MET A 390 -1.11 -54.43 18.77
N PHE A 391 0.18 -54.52 18.43
CA PHE A 391 0.68 -55.73 17.78
C PHE A 391 0.62 -56.93 18.72
N GLU A 392 0.78 -56.70 20.03
CA GLU A 392 0.78 -57.80 20.98
C GLU A 392 -0.58 -58.49 21.02
N THR A 393 -1.67 -57.72 21.02
CA THR A 393 -2.99 -58.32 21.09
C THR A 393 -3.43 -58.88 19.73
N PHE A 394 -2.77 -58.48 18.65
CA PHE A 394 -3.11 -58.98 17.33
C PHE A 394 -2.34 -60.27 17.05
N THR A 395 -3.06 -61.33 16.75
CA THR A 395 -2.49 -62.62 16.39
C THR A 395 -2.64 -62.84 14.89
N GLU A 396 -1.98 -63.89 14.39
CA GLU A 396 -2.01 -64.17 12.95
C GLU A 396 -3.43 -64.45 12.47
N SER A 397 -4.19 -65.23 13.25
CA SER A 397 -5.59 -65.45 12.93
C SER A 397 -6.43 -64.20 13.12
N ARG A 398 -5.91 -63.21 13.86
CA ARG A 398 -6.62 -61.96 14.10
C ARG A 398 -6.09 -60.80 13.25
N ILE A 399 -4.86 -60.90 12.74
CA ILE A 399 -4.34 -59.85 11.88
C ILE A 399 -5.06 -59.84 10.53
N VAL A 400 -5.33 -61.03 9.98
CA VAL A 400 -5.87 -61.13 8.62
C VAL A 400 -7.31 -60.68 8.51
N GLU A 401 -7.99 -60.39 9.62
CA GLU A 401 -9.34 -59.82 9.52
C GLU A 401 -9.32 -58.34 9.16
N TRP A 402 -8.14 -57.72 9.15
CA TRP A 402 -8.01 -56.29 8.83
C TRP A 402 -8.04 -56.01 7.33
N THR A 403 -8.08 -57.04 6.48
CA THR A 403 -8.09 -56.82 5.04
C THR A 403 -9.49 -56.92 4.44
N LYS A 404 -10.37 -57.76 5.01
CA LYS A 404 -11.74 -57.86 4.53
C LYS A 404 -12.51 -56.57 4.79
N LYS A 405 -12.46 -56.07 6.02
CA LYS A 405 -13.26 -54.89 6.35
C LYS A 405 -12.77 -53.66 5.60
N ILE A 406 -11.46 -53.48 5.50
CA ILE A 406 -10.92 -52.34 4.75
C ILE A 406 -11.32 -52.43 3.29
N GLN A 407 -11.21 -53.62 2.68
CA GLN A 407 -11.62 -53.77 1.28
C GLN A 407 -13.10 -53.46 1.12
N ASP A 408 -13.94 -53.93 2.05
CA ASP A 408 -15.37 -53.68 1.96
C ASP A 408 -15.68 -52.18 2.04
N ILE A 409 -15.00 -51.46 2.94
CA ILE A 409 -15.24 -50.02 3.05
C ILE A 409 -14.71 -49.29 1.82
N VAL A 410 -13.52 -49.67 1.34
CA VAL A 410 -12.88 -48.96 0.23
C VAL A 410 -13.67 -49.14 -1.06
N ARG A 411 -14.09 -50.37 -1.37
CA ARG A 411 -14.75 -50.59 -2.66
C ARG A 411 -16.06 -49.83 -2.77
N ARG A 412 -16.62 -49.35 -1.66
CA ARG A 412 -17.73 -48.41 -1.69
C ARG A 412 -17.20 -46.99 -1.50
N ARG A 413 -16.59 -46.47 -2.57
CA ARG A 413 -15.94 -45.17 -2.54
C ARG A 413 -16.91 -44.01 -2.37
N GLN A 414 -18.21 -44.25 -2.57
CA GLN A 414 -19.20 -43.18 -2.44
C GLN A 414 -19.55 -42.86 -1.00
N LEU A 415 -19.06 -43.67 -0.03
CA LEU A 415 -19.42 -43.50 1.37
C LEU A 415 -18.21 -43.31 2.28
N LEU A 416 -17.03 -43.05 1.73
CA LEU A 416 -15.85 -42.81 2.54
C LEU A 416 -15.04 -41.67 1.93
N THR A 417 -14.59 -40.76 2.79
CA THR A 417 -13.71 -39.67 2.37
C THR A 417 -12.65 -39.47 3.44
N VAL A 418 -11.54 -38.85 3.04
CA VAL A 418 -10.40 -38.60 3.92
C VAL A 418 -10.23 -37.09 4.06
N PHE A 419 -10.03 -36.64 5.30
CA PHE A 419 -9.88 -35.23 5.61
C PHE A 419 -8.41 -34.94 5.89
N ARG A 420 -7.76 -34.22 4.98
CA ARG A 420 -6.37 -33.83 5.19
C ARG A 420 -6.26 -32.85 6.34
N GLU A 421 -5.31 -33.09 7.23
CA GLU A 421 -5.14 -32.20 8.37
C GLU A 421 -4.41 -30.92 8.00
N GLY A 422 -3.48 -30.99 7.05
CA GLY A 422 -2.63 -29.84 6.77
C GLY A 422 -2.83 -29.11 5.45
N LYS A 423 -3.12 -29.84 4.37
CA LYS A 423 -3.06 -29.27 3.04
C LYS A 423 -4.41 -29.15 2.34
N ASP A 424 -5.41 -29.96 2.70
CA ASP A 424 -6.71 -29.89 2.08
C ASP A 424 -7.77 -29.66 3.15
N GLY A 425 -8.66 -28.71 2.90
CA GLY A 425 -9.70 -28.38 3.87
C GLY A 425 -9.14 -27.89 5.18
N GLN A 426 -8.21 -26.94 5.12
CA GLN A 426 -7.56 -26.45 6.34
C GLN A 426 -8.53 -25.60 7.14
N GLN A 427 -9.52 -26.26 7.74
CA GLN A 427 -10.55 -25.61 8.53
C GLN A 427 -11.16 -26.68 9.42
N ASP A 428 -12.22 -26.33 10.12
CA ASP A 428 -12.92 -27.31 10.96
C ASP A 428 -13.60 -28.36 10.08
N VAL A 429 -14.18 -29.35 10.74
CA VAL A 429 -14.63 -30.58 10.08
C VAL A 429 -15.86 -30.34 9.20
N ASP A 430 -16.36 -29.11 9.18
CA ASP A 430 -17.56 -28.82 8.39
C ASP A 430 -17.34 -29.10 6.91
N VAL A 431 -16.18 -28.70 6.37
CA VAL A 431 -15.91 -28.87 4.95
C VAL A 431 -15.91 -30.35 4.58
N ALA A 432 -15.22 -31.17 5.38
CA ALA A 432 -15.18 -32.61 5.10
C ALA A 432 -16.56 -33.24 5.23
N ILE A 433 -17.31 -32.88 6.26
CA ILE A 433 -18.64 -33.47 6.45
C ILE A 433 -19.56 -33.10 5.29
N LEU A 434 -19.55 -31.83 4.88
CA LEU A 434 -20.44 -31.42 3.79
C LEU A 434 -20.00 -32.03 2.46
N GLN A 435 -18.69 -32.19 2.26
CA GLN A 435 -18.21 -32.86 1.05
C GLN A 435 -18.69 -34.31 1.02
N ALA A 436 -18.62 -35.00 2.15
CA ALA A 436 -19.14 -36.37 2.22
C ALA A 436 -20.64 -36.41 1.95
N LEU A 437 -21.38 -35.47 2.54
CA LEU A 437 -22.83 -35.44 2.33
C LEU A 437 -23.20 -35.19 0.87
N LEU A 438 -22.53 -34.24 0.22
CA LEU A 438 -22.82 -33.99 -1.18
C LEU A 438 -22.37 -35.12 -2.09
N LYS A 439 -21.26 -35.79 -1.76
CA LYS A 439 -20.81 -36.91 -2.58
C LYS A 439 -21.75 -38.09 -2.47
N ALA A 440 -22.23 -38.40 -1.26
CA ALA A 440 -23.08 -39.56 -1.03
C ALA A 440 -24.57 -39.23 -1.10
N SER A 441 -24.93 -37.99 -1.41
CA SER A 441 -26.33 -37.57 -1.43
C SER A 441 -26.80 -37.13 -2.80
N ARG A 442 -26.03 -36.28 -3.48
CA ARG A 442 -26.42 -35.77 -4.79
C ARG A 442 -25.93 -36.65 -5.92
N SER A 443 -24.66 -37.06 -5.87
CA SER A 443 -24.10 -37.90 -6.92
C SER A 443 -24.49 -39.37 -6.78
N GLN A 444 -25.08 -39.77 -5.67
CA GLN A 444 -25.48 -41.16 -5.47
C GLN A 444 -26.66 -41.51 -6.36
N ASP A 445 -26.70 -42.78 -6.79
CA ASP A 445 -27.75 -43.25 -7.69
C ASP A 445 -29.06 -43.50 -6.99
N HIS A 446 -29.07 -43.57 -5.66
CA HIS A 446 -30.26 -43.95 -4.91
C HIS A 446 -31.13 -42.77 -4.49
N PHE A 447 -30.52 -41.71 -3.97
CA PHE A 447 -31.30 -40.61 -3.40
C PHE A 447 -31.99 -39.80 -4.50
N GLY A 448 -33.14 -39.23 -4.14
CA GLY A 448 -33.94 -38.45 -5.07
C GLY A 448 -33.61 -36.97 -5.03
N HIS A 449 -34.55 -36.18 -5.53
CA HIS A 449 -34.36 -34.74 -5.67
C HIS A 449 -34.92 -33.95 -4.48
N GLU A 450 -35.61 -34.61 -3.54
CA GLU A 450 -36.23 -33.87 -2.45
C GLU A 450 -35.20 -33.38 -1.45
N ASN A 451 -34.18 -34.18 -1.16
CA ASN A 451 -33.23 -33.82 -0.12
C ASN A 451 -32.28 -32.71 -0.56
N TRP A 452 -32.26 -32.39 -1.86
CA TRP A 452 -31.43 -31.30 -2.35
C TRP A 452 -31.69 -30.06 -1.53
N ASP A 453 -32.96 -29.73 -1.34
CA ASP A 453 -33.35 -28.54 -0.60
C ASP A 453 -32.81 -28.58 0.82
N HIS A 454 -32.46 -29.76 1.32
CA HIS A 454 -31.95 -29.89 2.68
C HIS A 454 -30.43 -29.80 2.76
N GLN A 455 -29.68 -30.25 1.73
CA GLN A 455 -28.23 -29.97 1.80
C GLN A 455 -27.94 -28.47 1.83
N LEU A 456 -28.68 -27.68 1.06
CA LEU A 456 -28.45 -26.24 1.08
C LEU A 456 -28.83 -25.62 2.42
N LYS A 457 -29.94 -26.07 3.01
CA LYS A 457 -30.32 -25.57 4.34
C LYS A 457 -29.27 -25.93 5.38
N LEU A 458 -28.66 -27.11 5.25
CA LEU A 458 -27.54 -27.46 6.11
C LEU A 458 -26.31 -26.61 5.83
N ALA A 459 -26.06 -26.27 4.55
CA ALA A 459 -24.85 -25.57 4.17
C ALA A 459 -24.88 -24.09 4.54
N VAL A 460 -26.05 -23.46 4.52
CA VAL A 460 -26.12 -22.05 4.89
C VAL A 460 -25.72 -21.85 6.35
N ALA A 461 -25.95 -22.86 7.19
CA ALA A 461 -25.48 -22.80 8.58
C ALA A 461 -23.96 -22.82 8.64
N TRP A 462 -23.32 -23.59 7.75
CA TRP A 462 -21.87 -23.68 7.70
C TRP A 462 -21.23 -22.63 6.80
N ASN A 463 -22.03 -21.71 6.25
CA ASN A 463 -21.55 -20.52 5.52
C ASN A 463 -20.49 -20.86 4.47
N ARG A 464 -20.72 -21.94 3.74
CA ARG A 464 -19.84 -22.35 2.64
C ARG A 464 -20.56 -22.00 1.34
N VAL A 465 -20.10 -20.91 0.70
CA VAL A 465 -20.78 -20.45 -0.51
C VAL A 465 -20.06 -20.93 -1.77
N ASP A 466 -18.76 -21.23 -1.69
CA ASP A 466 -18.07 -21.83 -2.82
C ASP A 466 -18.67 -23.20 -3.15
N ILE A 467 -18.99 -23.99 -2.12
CA ILE A 467 -19.65 -25.27 -2.34
C ILE A 467 -21.04 -25.07 -2.92
N ALA A 468 -21.73 -24.00 -2.51
CA ALA A 468 -23.04 -23.69 -3.09
C ALA A 468 -22.91 -23.37 -4.58
N ARG A 469 -21.86 -22.62 -4.95
CA ARG A 469 -21.58 -22.36 -6.36
C ARG A 469 -21.29 -23.67 -7.10
N SER A 470 -20.52 -24.56 -6.47
CA SER A 470 -20.16 -25.83 -7.09
C SER A 470 -21.34 -26.76 -7.31
N GLU A 471 -22.28 -26.83 -6.37
CA GLU A 471 -23.38 -27.79 -6.47
C GLU A 471 -24.41 -27.40 -7.52
N ILE A 472 -24.42 -26.14 -7.95
CA ILE A 472 -25.39 -25.70 -8.94
C ILE A 472 -25.14 -26.37 -10.29
N PHE A 473 -23.87 -26.62 -10.62
CA PHE A 473 -23.51 -26.99 -11.99
C PHE A 473 -24.00 -28.37 -12.42
N MET A 474 -24.41 -29.23 -11.49
CA MET A 474 -24.81 -30.58 -11.84
C MET A 474 -26.27 -30.91 -11.56
N ASP A 475 -26.96 -30.11 -10.74
CA ASP A 475 -28.38 -30.29 -10.53
C ASP A 475 -29.17 -29.20 -11.26
N GLU A 476 -30.45 -29.46 -11.50
CA GLU A 476 -31.29 -28.52 -12.24
C GLU A 476 -32.67 -28.45 -11.60
N TRP A 477 -33.08 -27.23 -11.25
CA TRP A 477 -34.43 -26.97 -10.75
C TRP A 477 -35.28 -26.36 -11.87
N GLN A 478 -35.50 -27.17 -12.91
CA GLN A 478 -36.16 -26.64 -14.10
C GLN A 478 -37.62 -26.32 -13.85
N TRP A 479 -38.24 -26.93 -12.82
CA TRP A 479 -39.67 -26.73 -12.60
C TRP A 479 -39.99 -25.28 -12.26
N LYS A 480 -39.32 -24.72 -11.25
CA LYS A 480 -39.60 -23.35 -10.81
C LYS A 480 -38.55 -22.92 -9.79
N PRO A 481 -38.04 -21.69 -9.89
CA PRO A 481 -37.08 -21.22 -8.89
C PRO A 481 -37.69 -20.95 -7.52
N SER A 482 -39.02 -21.05 -7.38
CA SER A 482 -39.67 -20.65 -6.14
C SER A 482 -39.36 -21.58 -4.97
N ASP A 483 -38.73 -22.74 -5.23
CA ASP A 483 -38.41 -23.65 -4.14
C ASP A 483 -37.34 -23.10 -3.21
N LEU A 484 -36.66 -22.02 -3.60
CA LEU A 484 -35.60 -21.44 -2.80
C LEU A 484 -36.09 -20.42 -1.78
N HIS A 485 -37.40 -20.16 -1.71
CA HIS A 485 -37.92 -19.28 -0.67
C HIS A 485 -37.74 -19.86 0.74
N PRO A 486 -38.12 -21.12 1.02
CA PRO A 486 -37.95 -21.61 2.40
C PRO A 486 -36.50 -21.64 2.87
N THR A 487 -35.55 -21.91 1.98
CA THR A 487 -34.15 -21.93 2.40
C THR A 487 -33.62 -20.53 2.64
N MET A 488 -34.09 -19.55 1.86
CA MET A 488 -33.62 -18.18 2.09
C MET A 488 -34.28 -17.57 3.33
N THR A 489 -35.45 -18.06 3.73
CA THR A 489 -36.00 -17.69 5.03
C THR A 489 -35.02 -18.01 6.15
N ALA A 490 -34.46 -19.22 6.13
CA ALA A 490 -33.48 -19.60 7.14
C ALA A 490 -32.13 -18.92 6.90
N ALA A 491 -31.82 -18.60 5.64
CA ALA A 491 -30.59 -17.88 5.35
C ALA A 491 -30.60 -16.48 5.98
N LEU A 492 -31.75 -15.81 5.94
CA LEU A 492 -31.86 -14.49 6.55
C LEU A 492 -31.65 -14.56 8.06
N ILE A 493 -32.21 -15.58 8.72
CA ILE A 493 -32.03 -15.71 10.16
C ILE A 493 -30.59 -16.10 10.50
N SER A 494 -29.97 -16.97 9.68
CA SER A 494 -28.55 -17.23 9.82
C SER A 494 -27.73 -16.00 9.47
N ASN A 495 -28.30 -15.11 8.65
CA ASN A 495 -27.81 -13.76 8.36
C ASN A 495 -26.60 -13.72 7.44
N LYS A 496 -26.22 -14.83 6.83
CA LYS A 496 -25.08 -14.80 5.93
C LYS A 496 -25.49 -14.18 4.61
N PRO A 497 -24.88 -13.07 4.19
CA PRO A 497 -25.39 -12.33 3.02
C PRO A 497 -24.98 -12.91 1.68
N GLU A 498 -23.92 -13.72 1.66
CA GLU A 498 -23.50 -14.29 0.38
C GLU A 498 -24.55 -15.24 -0.18
N PHE A 499 -25.27 -15.96 0.67
CA PHE A 499 -26.30 -16.87 0.19
C PHE A 499 -27.47 -16.12 -0.41
N VAL A 500 -27.92 -15.04 0.23
CA VAL A 500 -29.01 -14.27 -0.36
C VAL A 500 -28.53 -13.52 -1.61
N LYS A 501 -27.25 -13.17 -1.67
CA LYS A 501 -26.69 -12.62 -2.90
C LYS A 501 -26.74 -13.64 -4.03
N LEU A 502 -26.39 -14.90 -3.74
CA LEU A 502 -26.53 -15.96 -4.73
C LEU A 502 -27.98 -16.12 -5.15
N PHE A 503 -28.90 -16.08 -4.18
CA PHE A 503 -30.32 -16.22 -4.49
C PHE A 503 -30.82 -15.11 -5.40
N LEU A 504 -30.43 -13.86 -5.14
CA LEU A 504 -30.88 -12.77 -5.99
C LEU A 504 -30.24 -12.86 -7.37
N GLU A 505 -28.96 -13.27 -7.44
CA GLU A 505 -28.34 -13.39 -8.76
C GLU A 505 -28.83 -14.63 -9.50
N ASN A 506 -29.33 -15.62 -8.77
CA ASN A 506 -30.00 -16.75 -9.42
C ASN A 506 -31.32 -16.35 -10.02
N GLY A 507 -32.01 -15.39 -9.42
CA GLY A 507 -33.21 -14.82 -9.99
C GLY A 507 -34.49 -15.00 -9.19
N VAL A 508 -34.40 -15.35 -7.91
CA VAL A 508 -35.63 -15.42 -7.14
C VAL A 508 -36.04 -14.00 -6.77
N GLN A 509 -37.27 -13.62 -7.12
CA GLN A 509 -37.70 -12.24 -6.95
C GLN A 509 -38.22 -12.03 -5.54
N LEU A 510 -37.67 -11.02 -4.84
CA LEU A 510 -38.09 -10.72 -3.48
C LEU A 510 -39.47 -10.08 -3.43
N LYS A 511 -40.03 -9.69 -4.58
CA LYS A 511 -41.36 -9.08 -4.59
C LYS A 511 -42.43 -10.04 -4.09
N GLU A 512 -42.38 -11.31 -4.51
CA GLU A 512 -43.36 -12.29 -4.09
C GLU A 512 -42.88 -13.14 -2.93
N PHE A 513 -41.71 -12.86 -2.37
CA PHE A 513 -41.19 -13.66 -1.26
C PHE A 513 -41.85 -13.26 0.06
N VAL A 514 -41.68 -11.99 0.46
CA VAL A 514 -42.19 -11.53 1.75
C VAL A 514 -43.70 -11.39 1.63
N THR A 515 -44.43 -12.35 2.22
CA THR A 515 -45.87 -12.27 2.36
C THR A 515 -46.19 -11.89 3.80
N TRP A 516 -47.49 -11.78 4.10
CA TRP A 516 -47.90 -11.41 5.45
C TRP A 516 -47.42 -12.42 6.49
N ASP A 517 -47.71 -13.70 6.25
CA ASP A 517 -47.22 -14.73 7.17
C ASP A 517 -45.70 -14.83 7.13
N THR A 518 -45.10 -14.62 5.95
CA THR A 518 -43.64 -14.67 5.86
C THR A 518 -43.00 -13.56 6.69
N LEU A 519 -43.51 -12.33 6.58
CA LEU A 519 -42.93 -11.24 7.35
C LEU A 519 -43.23 -11.41 8.83
N LEU A 520 -44.40 -11.97 9.18
CA LEU A 520 -44.69 -12.23 10.58
C LEU A 520 -43.72 -13.26 11.15
N TYR A 521 -43.42 -14.31 10.39
CA TYR A 521 -42.44 -15.30 10.83
C TYR A 521 -41.05 -14.68 10.97
N LEU A 522 -40.67 -13.83 10.02
CA LEU A 522 -39.37 -13.16 10.12
C LEU A 522 -39.31 -12.24 11.34
N TYR A 523 -40.40 -11.54 11.64
CA TYR A 523 -40.50 -10.72 12.84
C TYR A 523 -40.58 -11.55 14.11
N GLU A 524 -40.89 -12.84 13.99
CA GLU A 524 -40.89 -13.73 15.14
C GLU A 524 -39.49 -14.13 15.58
N ASN A 525 -38.49 -13.94 14.73
CA ASN A 525 -37.15 -14.47 14.96
C ASN A 525 -36.10 -13.36 14.93
N LEU A 526 -36.37 -12.27 15.66
CA LEU A 526 -35.36 -11.24 15.83
C LEU A 526 -34.21 -11.76 16.71
N ASP A 527 -33.10 -11.04 16.67
CA ASP A 527 -31.92 -11.41 17.44
C ASP A 527 -32.07 -10.94 18.88
N PRO A 528 -32.09 -11.85 19.86
CA PRO A 528 -32.26 -11.41 21.26
C PRO A 528 -31.12 -10.54 21.78
N SER A 529 -29.94 -10.60 21.16
CA SER A 529 -28.80 -9.83 21.65
C SER A 529 -29.07 -8.33 21.56
N CYS A 530 -29.66 -7.89 20.46
CA CYS A 530 -29.94 -6.47 20.29
C CYS A 530 -31.09 -6.03 21.21
N LEU A 531 -31.15 -4.73 21.47
CA LEU A 531 -32.20 -4.17 22.30
C LEU A 531 -33.58 -4.26 21.65
N PHE A 532 -33.63 -4.41 20.33
CA PHE A 532 -34.93 -4.45 19.64
C PHE A 532 -35.76 -5.65 20.08
N HIS A 533 -35.14 -6.83 20.21
CA HIS A 533 -35.88 -7.99 20.68
C HIS A 533 -36.36 -7.81 22.11
N SER A 534 -35.56 -7.18 22.97
CA SER A 534 -36.03 -6.89 24.32
C SER A 534 -37.23 -5.96 24.29
N LYS A 535 -37.20 -4.95 23.41
CA LYS A 535 -38.36 -4.07 23.24
C LYS A 535 -39.59 -4.86 22.80
N LEU A 536 -39.39 -5.82 21.89
CA LEU A 536 -40.51 -6.66 21.46
C LEU A 536 -41.08 -7.49 22.61
N GLN A 537 -40.22 -8.09 23.42
CA GLN A 537 -40.74 -8.82 24.58
C GLN A 537 -41.50 -7.89 25.52
N LYS A 538 -40.97 -6.68 25.73
CA LYS A 538 -41.66 -5.72 26.60
C LYS A 538 -43.03 -5.34 26.04
N VAL A 539 -43.11 -5.06 24.74
CA VAL A 539 -44.40 -4.63 24.19
C VAL A 539 -45.39 -5.79 24.15
N LEU A 540 -44.90 -7.01 23.95
CA LEU A 540 -45.78 -8.18 24.05
C LEU A 540 -46.26 -8.44 25.47
N VAL A 541 -45.48 -8.10 26.50
CA VAL A 541 -45.97 -8.29 27.86
C VAL A 541 -46.73 -7.08 28.39
N GLU A 542 -46.68 -5.94 27.71
CA GLU A 542 -47.47 -4.78 28.14
C GLU A 542 -48.95 -4.96 27.82
N ASP A 543 -49.26 -5.51 26.64
CA ASP A 543 -50.65 -5.68 26.21
C ASP A 543 -50.94 -7.11 25.75
N PRO A 544 -50.77 -8.11 26.64
CA PRO A 544 -51.26 -9.46 26.32
C PRO A 544 -52.66 -9.69 26.86
N GLU A 545 -53.18 -10.91 26.67
CA GLU A 545 -54.38 -11.33 27.40
C GLU A 545 -54.08 -12.63 28.14
N ARG A 546 -54.98 -13.03 29.04
CA ARG A 546 -54.73 -14.21 29.85
C ARG A 546 -54.94 -15.52 29.09
N PRO A 547 -56.11 -15.79 28.48
CA PRO A 547 -56.39 -17.16 28.03
C PRO A 547 -55.62 -17.61 26.78
N ALA A 548 -55.20 -16.66 25.93
CA ALA A 548 -54.64 -17.02 24.64
C ALA A 548 -53.40 -17.92 24.78
N CYS A 549 -52.44 -17.53 25.59
CA CYS A 549 -51.27 -18.35 25.89
C CYS A 549 -50.85 -18.06 27.32
N ALA A 550 -50.24 -19.06 27.98
CA ALA A 550 -50.08 -18.96 29.43
C ALA A 550 -49.09 -17.89 29.87
N PRO A 551 -47.75 -18.02 29.63
CA PRO A 551 -46.85 -17.04 30.26
C PRO A 551 -47.06 -15.61 29.77
N ALA A 552 -46.71 -15.35 28.50
CA ALA A 552 -47.17 -14.18 27.76
C ALA A 552 -46.90 -14.38 26.27
N ALA A 553 -47.90 -14.82 25.51
CA ALA A 553 -47.70 -14.95 24.07
C ALA A 553 -49.02 -15.10 23.32
N PRO A 554 -49.91 -14.11 23.36
CA PRO A 554 -51.19 -14.24 22.64
C PRO A 554 -51.07 -14.33 21.14
N ARG A 555 -50.43 -13.35 20.50
CA ARG A 555 -50.25 -13.33 19.06
C ARG A 555 -49.30 -12.20 18.67
N LEU A 556 -48.78 -12.24 17.45
CA LEU A 556 -48.03 -11.13 16.88
C LEU A 556 -48.93 -10.41 15.89
N GLN A 557 -49.40 -9.23 16.28
CA GLN A 557 -50.41 -8.50 15.54
C GLN A 557 -49.82 -7.17 15.07
N MET A 558 -50.66 -6.35 14.46
CA MET A 558 -50.23 -5.00 14.11
C MET A 558 -50.06 -4.15 15.36
N HIS A 559 -50.65 -4.58 16.47
CA HIS A 559 -50.53 -3.82 17.72
C HIS A 559 -49.09 -3.73 18.19
N HIS A 560 -48.39 -4.86 18.27
CA HIS A 560 -47.07 -4.88 18.90
C HIS A 560 -46.05 -4.15 18.04
N VAL A 561 -46.05 -4.43 16.74
CA VAL A 561 -45.18 -3.70 15.82
C VAL A 561 -45.57 -2.23 15.80
N ALA A 562 -46.86 -1.93 15.92
CA ALA A 562 -47.31 -0.54 15.96
C ALA A 562 -46.73 0.21 17.14
N GLN A 563 -46.78 -0.37 18.34
CA GLN A 563 -46.17 0.30 19.49
C GLN A 563 -44.65 0.38 19.37
N VAL A 564 -43.99 -0.69 18.92
CA VAL A 564 -42.54 -0.64 18.81
C VAL A 564 -42.11 0.37 17.75
N LEU A 565 -43.01 0.71 16.82
CA LEU A 565 -42.73 1.79 15.88
C LEU A 565 -43.03 3.16 16.50
N ARG A 566 -44.20 3.31 17.14
CA ARG A 566 -44.58 4.58 17.75
C ARG A 566 -43.61 5.03 18.83
N GLU A 567 -42.90 4.10 19.48
CA GLU A 567 -41.84 4.51 20.38
C GLU A 567 -40.59 4.94 19.62
N LEU A 568 -40.57 4.72 18.30
CA LEU A 568 -39.49 5.18 17.43
C LEU A 568 -39.96 6.19 16.38
N LEU A 569 -41.13 6.81 16.57
CA LEU A 569 -41.64 7.78 15.60
C LEU A 569 -42.57 8.75 16.30
N GLY A 570 -43.16 9.65 15.51
CA GLY A 570 -44.08 10.64 16.03
C GLY A 570 -45.54 10.43 15.66
N ASP A 571 -46.00 11.18 14.66
CA ASP A 571 -47.41 11.26 14.30
C ASP A 571 -47.76 10.48 13.05
N PHE A 572 -47.17 9.29 12.85
CA PHE A 572 -47.26 8.63 11.57
C PHE A 572 -48.57 7.85 11.47
N THR A 573 -48.69 7.00 10.44
CA THR A 573 -49.91 6.28 10.15
C THR A 573 -49.82 4.84 10.67
N GLN A 574 -50.97 4.26 11.02
CA GLN A 574 -51.06 2.89 11.52
C GLN A 574 -51.39 1.98 10.34
N PRO A 575 -50.56 0.96 10.07
CA PRO A 575 -50.63 0.30 8.75
C PRO A 575 -51.59 -0.88 8.60
N LEU A 576 -52.41 -0.77 7.56
CA LEU A 576 -53.10 -1.80 6.78
C LEU A 576 -54.32 -2.43 7.44
N TYR A 577 -54.57 -2.24 8.73
CA TYR A 577 -55.86 -2.69 9.25
C TYR A 577 -56.19 -2.07 10.61
N PRO A 578 -56.85 -0.92 10.61
CA PRO A 578 -57.42 -0.41 11.87
C PRO A 578 -58.46 -1.38 12.41
N ARG A 579 -58.79 -1.21 13.68
CA ARG A 579 -59.71 -2.08 14.40
C ARG A 579 -61.12 -2.17 13.83
N PRO A 580 -61.82 -1.04 13.56
CA PRO A 580 -63.29 -1.09 13.48
C PRO A 580 -63.87 -1.93 12.35
N ARG A 581 -65.21 -1.94 12.30
CA ARG A 581 -65.99 -2.92 11.54
C ARG A 581 -65.58 -3.03 10.08
N HIS A 582 -65.20 -1.93 9.43
CA HIS A 582 -64.83 -1.99 8.02
C HIS A 582 -63.62 -2.87 7.76
N ASN A 583 -62.68 -2.96 8.70
CA ASN A 583 -61.49 -3.79 8.57
C ASN A 583 -61.30 -4.56 9.88
N ASP A 584 -62.37 -5.20 10.34
CA ASP A 584 -62.48 -5.71 11.70
C ASP A 584 -61.45 -6.81 11.97
N ARG A 585 -60.45 -6.47 12.79
CA ARG A 585 -59.60 -7.46 13.47
C ARG A 585 -59.74 -7.18 14.96
N LEU A 586 -60.81 -7.72 15.57
CA LEU A 586 -61.00 -7.58 17.02
C LEU A 586 -60.92 -8.93 17.73
N ARG A 587 -61.79 -9.88 17.37
CA ARG A 587 -61.96 -11.12 18.11
C ARG A 587 -61.31 -12.30 17.39
N LEU A 588 -60.41 -12.05 16.45
CA LEU A 588 -59.79 -13.13 15.69
C LEU A 588 -58.66 -13.79 16.48
N LEU A 589 -58.98 -14.10 17.74
CA LEU A 589 -58.12 -14.87 18.62
C LEU A 589 -58.88 -15.94 19.38
N LEU A 590 -60.21 -15.95 19.30
CA LEU A 590 -61.13 -16.97 19.77
C LEU A 590 -62.12 -17.26 18.65
N PRO A 591 -62.79 -18.42 18.68
CA PRO A 591 -63.79 -18.72 17.65
C PRO A 591 -64.88 -17.67 17.61
N VAL A 592 -65.33 -17.35 16.40
CA VAL A 592 -66.27 -16.25 16.18
C VAL A 592 -67.49 -16.78 15.42
N PRO A 593 -68.64 -16.11 15.51
CA PRO A 593 -69.82 -16.57 14.76
C PRO A 593 -69.59 -16.50 13.26
N HIS A 594 -70.31 -17.36 12.54
CA HIS A 594 -70.12 -17.55 11.12
C HIS A 594 -71.00 -16.57 10.33
N VAL A 595 -71.16 -16.82 9.03
CA VAL A 595 -71.70 -15.82 8.10
C VAL A 595 -73.12 -15.42 8.46
N LYS A 596 -73.86 -16.32 9.12
CA LYS A 596 -75.30 -16.11 9.34
C LYS A 596 -75.60 -14.80 10.06
N LEU A 597 -74.64 -14.23 10.80
CA LEU A 597 -74.85 -12.92 11.40
C LEU A 597 -74.32 -11.79 10.54
N ASN A 598 -73.28 -12.05 9.74
CA ASN A 598 -72.71 -11.05 8.82
C ASN A 598 -72.22 -9.81 9.57
N VAL A 599 -71.72 -10.00 10.79
CA VAL A 599 -71.23 -8.89 11.59
C VAL A 599 -69.85 -9.15 12.18
N GLN A 600 -69.35 -10.38 12.19
CA GLN A 600 -68.07 -10.70 12.81
C GLN A 600 -67.26 -11.60 11.88
N GLY A 601 -65.95 -11.39 11.88
CA GLY A 601 -65.03 -12.20 11.09
C GLY A 601 -64.81 -11.62 9.69
N VAL A 602 -64.96 -12.46 8.66
CA VAL A 602 -64.82 -12.05 7.28
C VAL A 602 -66.17 -11.90 6.59
N SER A 603 -67.16 -12.70 6.98
CA SER A 603 -68.53 -12.64 6.48
C SER A 603 -68.60 -12.89 4.97
N LEU A 604 -67.59 -13.53 4.40
CA LEU A 604 -67.58 -13.89 2.99
C LEU A 604 -67.47 -15.39 2.76
N ARG A 605 -66.64 -16.09 3.52
CA ARG A 605 -66.49 -17.53 3.42
C ARG A 605 -67.12 -18.18 4.65
N SER A 606 -67.94 -19.20 4.43
CA SER A 606 -68.65 -19.89 5.50
C SER A 606 -67.84 -21.03 6.11
N LEU A 607 -66.61 -21.25 5.66
CA LEU A 607 -65.76 -22.32 6.14
C LEU A 607 -64.62 -21.75 6.97
N TYR A 608 -64.23 -22.48 8.01
CA TYR A 608 -63.14 -22.10 8.89
C TYR A 608 -62.10 -23.20 8.92
N LYS A 609 -60.83 -22.83 8.69
CA LYS A 609 -59.73 -23.77 8.57
C LYS A 609 -58.61 -23.38 9.53
N ARG A 610 -58.98 -23.13 10.79
CA ARG A 610 -58.06 -22.79 11.88
C ARG A 610 -57.09 -21.66 11.52
N SER A 611 -57.47 -20.83 10.55
CA SER A 611 -56.65 -19.70 10.14
C SER A 611 -57.55 -18.59 9.62
N SER A 612 -57.01 -17.38 9.61
CA SER A 612 -57.74 -16.20 9.18
C SER A 612 -57.51 -15.87 7.70
N GLY A 613 -56.77 -16.71 6.99
CA GLY A 613 -56.47 -16.46 5.59
C GLY A 613 -55.04 -16.03 5.38
N HIS A 614 -54.78 -15.58 4.15
CA HIS A 614 -53.43 -15.15 3.76
C HIS A 614 -53.55 -14.10 2.67
N VAL A 615 -53.11 -12.88 2.98
CA VAL A 615 -53.02 -11.83 1.97
C VAL A 615 -51.69 -11.95 1.26
N THR A 616 -51.74 -12.07 -0.08
CA THR A 616 -50.53 -12.34 -0.84
C THR A 616 -49.53 -11.19 -0.77
N PHE A 617 -50.01 -9.95 -0.85
CA PHE A 617 -49.16 -8.77 -0.81
C PHE A 617 -49.75 -7.80 0.21
N THR A 618 -49.02 -7.56 1.31
CA THR A 618 -49.51 -6.67 2.34
C THR A 618 -49.67 -5.26 1.80
N MET A 619 -48.56 -4.58 1.53
CA MET A 619 -48.56 -3.49 0.57
C MET A 619 -47.45 -3.74 -0.46
N ASP A 620 -46.26 -4.05 0.03
CA ASP A 620 -45.01 -4.22 -0.70
C ASP A 620 -43.99 -4.82 0.26
N PRO A 621 -43.13 -5.72 -0.22
CA PRO A 621 -42.16 -6.36 0.68
C PRO A 621 -40.93 -5.56 1.10
N ILE A 622 -40.29 -4.84 0.17
CA ILE A 622 -39.00 -4.23 0.42
C ILE A 622 -39.08 -3.15 1.51
N ARG A 623 -40.15 -2.34 1.49
CA ARG A 623 -40.27 -1.24 2.45
C ARG A 623 -40.27 -1.75 3.89
N ASP A 624 -40.94 -2.87 4.15
CA ASP A 624 -40.95 -3.45 5.48
C ASP A 624 -39.74 -4.32 5.76
N LEU A 625 -39.12 -4.89 4.72
CA LEU A 625 -37.95 -5.73 4.95
C LEU A 625 -36.73 -4.88 5.32
N LEU A 626 -36.63 -3.67 4.77
CA LEU A 626 -35.62 -2.73 5.29
C LEU A 626 -35.86 -2.43 6.76
N ILE A 627 -37.11 -2.21 7.16
CA ILE A 627 -37.41 -1.95 8.56
C ILE A 627 -36.99 -3.13 9.43
N TRP A 628 -37.27 -4.35 8.97
CA TRP A 628 -36.88 -5.54 9.71
C TRP A 628 -35.37 -5.63 9.83
N ALA A 629 -34.64 -5.36 8.74
CA ALA A 629 -33.20 -5.59 8.73
C ALA A 629 -32.42 -4.51 9.47
N ILE A 630 -32.88 -3.26 9.42
CA ILE A 630 -32.10 -2.14 9.97
C ILE A 630 -31.95 -2.29 11.48
N VAL A 631 -33.04 -2.57 12.19
CA VAL A 631 -32.96 -2.69 13.64
C VAL A 631 -32.08 -3.86 14.06
N GLN A 632 -31.68 -4.72 13.10
CA GLN A 632 -30.88 -5.89 13.40
C GLN A 632 -29.37 -5.65 13.22
N ASN A 633 -28.96 -4.48 12.73
CA ASN A 633 -27.57 -4.01 12.84
C ASN A 633 -26.58 -4.77 11.97
N ARG A 634 -26.80 -4.86 10.65
CA ARG A 634 -25.79 -5.44 9.76
C ARG A 634 -25.33 -4.49 8.67
N ARG A 635 -24.19 -4.86 8.05
CA ARG A 635 -23.67 -4.17 6.88
C ARG A 635 -24.42 -4.57 5.62
N GLU A 636 -24.33 -5.85 5.25
CA GLU A 636 -24.62 -6.20 3.87
C GLU A 636 -26.11 -6.20 3.59
N LEU A 637 -26.90 -6.80 4.48
CA LEU A 637 -28.29 -7.11 4.19
C LEU A 637 -29.10 -5.85 3.87
N ALA A 638 -28.86 -4.77 4.61
CA ALA A 638 -29.64 -3.55 4.39
C ALA A 638 -29.47 -3.03 2.97
N GLY A 639 -28.24 -2.88 2.51
CA GLY A 639 -28.00 -2.43 1.15
C GLY A 639 -28.47 -3.44 0.12
N ILE A 640 -28.29 -4.73 0.41
CA ILE A 640 -28.72 -5.78 -0.50
C ILE A 640 -30.22 -5.67 -0.77
N ILE A 641 -31.01 -5.48 0.29
CA ILE A 641 -32.45 -5.33 0.11
C ILE A 641 -32.77 -4.00 -0.56
N TRP A 642 -32.05 -2.93 -0.19
CA TRP A 642 -32.41 -1.62 -0.73
C TRP A 642 -32.16 -1.53 -2.23
N ALA A 643 -31.17 -2.27 -2.74
CA ALA A 643 -30.76 -2.14 -4.14
C ALA A 643 -31.94 -2.28 -5.11
N GLN A 644 -33.04 -2.89 -4.67
CA GLN A 644 -34.23 -3.02 -5.49
C GLN A 644 -35.45 -2.40 -4.79
N SER A 645 -35.26 -1.26 -4.13
CA SER A 645 -36.36 -0.61 -3.44
C SER A 645 -37.17 0.25 -4.41
N GLN A 646 -38.50 0.07 -4.37
CA GLN A 646 -39.38 0.90 -5.16
C GLN A 646 -39.34 2.35 -4.67
N ASP A 647 -39.42 2.55 -3.36
CA ASP A 647 -39.37 3.88 -2.76
C ASP A 647 -37.91 4.21 -2.47
N CYS A 648 -37.31 5.00 -3.37
CA CYS A 648 -35.87 5.19 -3.35
C CYS A 648 -35.41 6.07 -2.20
N ILE A 649 -36.09 7.19 -1.94
CA ILE A 649 -35.56 8.21 -1.04
C ILE A 649 -36.12 8.08 0.38
N ALA A 650 -37.43 7.88 0.52
CA ALA A 650 -38.04 7.91 1.85
C ALA A 650 -37.63 6.72 2.71
N ALA A 651 -37.42 5.54 2.10
CA ALA A 651 -37.04 4.37 2.87
C ALA A 651 -35.69 4.58 3.54
N ALA A 652 -34.72 5.16 2.81
CA ALA A 652 -33.41 5.41 3.39
C ALA A 652 -33.49 6.39 4.56
N LEU A 653 -34.30 7.44 4.40
CA LEU A 653 -34.47 8.41 5.47
C LEU A 653 -35.10 7.76 6.70
N ALA A 654 -36.13 6.94 6.49
CA ALA A 654 -36.78 6.27 7.61
C ALA A 654 -35.81 5.33 8.33
N CYS A 655 -35.02 4.57 7.56
CA CYS A 655 -34.01 3.70 8.15
C CYS A 655 -32.98 4.50 8.94
N SER A 656 -32.52 5.62 8.40
CA SER A 656 -31.57 6.47 9.11
C SER A 656 -32.15 6.97 10.42
N LYS A 657 -33.42 7.40 10.41
CA LYS A 657 -34.05 7.89 11.64
C LYS A 657 -34.19 6.78 12.68
N ILE A 658 -34.70 5.63 12.26
CA ILE A 658 -34.85 4.52 13.21
C ILE A 658 -33.48 4.12 13.78
N LEU A 659 -32.47 4.07 12.92
CA LEU A 659 -31.16 3.62 13.37
C LEU A 659 -30.50 4.64 14.30
N LYS A 660 -30.69 5.94 14.04
CA LYS A 660 -30.14 6.92 14.96
C LYS A 660 -30.85 6.88 16.31
N GLU A 661 -32.17 6.61 16.31
CA GLU A 661 -32.86 6.46 17.59
C GLU A 661 -32.33 5.24 18.35
N LEU A 662 -32.14 4.12 17.67
CA LEU A 662 -31.53 2.96 18.32
C LEU A 662 -30.12 3.26 18.82
N SER A 663 -29.36 4.10 18.11
CA SER A 663 -28.04 4.51 18.60
C SER A 663 -28.17 5.28 19.90
N LYS A 664 -29.05 6.27 19.92
CA LYS A 664 -29.20 7.12 21.09
C LYS A 664 -29.95 6.43 22.23
N GLU A 665 -30.51 5.24 22.02
CA GLU A 665 -31.17 4.56 23.13
C GLU A 665 -30.19 3.85 24.04
N GLU A 666 -29.62 2.71 23.61
CA GLU A 666 -28.65 2.03 24.47
C GLU A 666 -27.86 0.99 23.68
N GLU A 667 -26.60 1.31 23.38
CA GLU A 667 -25.56 0.29 23.29
C GLU A 667 -24.30 0.65 24.10
N ASP A 668 -23.90 1.92 24.12
CA ASP A 668 -22.95 2.59 25.02
C ASP A 668 -21.49 2.15 24.91
N THR A 669 -21.20 1.16 24.07
CA THR A 669 -19.81 0.75 23.87
C THR A 669 -19.71 -0.16 22.66
N ASP A 670 -18.60 -0.04 21.94
CA ASP A 670 -18.15 -0.94 20.89
C ASP A 670 -19.06 -0.99 19.67
N SER A 671 -20.21 -0.29 19.66
CA SER A 671 -21.06 -0.33 18.47
C SER A 671 -21.65 1.02 18.11
N SER A 672 -21.80 1.92 19.10
CA SER A 672 -22.59 3.13 18.87
C SER A 672 -21.97 3.98 17.77
N GLU A 673 -20.67 4.23 17.83
CA GLU A 673 -20.02 5.06 16.82
C GLU A 673 -19.99 4.41 15.45
N GLU A 674 -19.79 3.09 15.39
CA GLU A 674 -19.73 2.41 14.09
C GLU A 674 -21.07 2.48 13.36
N MET A 675 -22.16 2.21 14.08
CA MET A 675 -23.46 2.27 13.44
C MET A 675 -24.00 3.70 13.31
N LEU A 676 -23.47 4.66 14.07
CA LEU A 676 -23.67 6.07 13.68
C LEU A 676 -22.98 6.39 12.37
N ALA A 677 -21.77 5.86 12.16
CA ALA A 677 -21.10 6.01 10.88
C ALA A 677 -21.90 5.38 9.76
N LEU A 678 -22.50 4.22 10.03
CA LEU A 678 -23.41 3.61 9.08
C LEU A 678 -24.63 4.50 8.80
N ALA A 679 -25.20 5.12 9.84
CA ALA A 679 -26.31 6.04 9.63
C ALA A 679 -25.91 7.18 8.71
N GLU A 680 -24.88 7.92 9.08
CA GLU A 680 -24.41 9.01 8.25
C GLU A 680 -23.93 8.53 6.87
N GLU A 681 -23.64 7.24 6.73
CA GLU A 681 -23.47 6.66 5.40
C GLU A 681 -24.81 6.61 4.65
N TYR A 682 -25.90 6.27 5.35
CA TYR A 682 -27.21 6.35 4.70
C TYR A 682 -27.55 7.78 4.30
N GLU A 683 -27.16 8.76 5.11
CA GLU A 683 -27.24 10.15 4.67
C GLU A 683 -26.35 10.45 3.47
N HIS A 684 -25.11 9.94 3.44
CA HIS A 684 -24.29 10.05 2.22
C HIS A 684 -25.01 9.51 1.00
N ARG A 685 -25.63 8.34 1.14
CA ARG A 685 -26.30 7.65 0.04
C ARG A 685 -27.60 8.33 -0.38
N ALA A 686 -28.35 8.89 0.56
CA ALA A 686 -29.48 9.74 0.22
C ALA A 686 -29.03 10.98 -0.52
N ILE A 687 -27.92 11.59 -0.09
CA ILE A 687 -27.34 12.70 -0.84
C ILE A 687 -26.94 12.27 -2.23
N GLY A 688 -26.42 11.05 -2.38
CA GLY A 688 -26.03 10.58 -3.71
C GLY A 688 -27.23 10.43 -4.64
N VAL A 689 -28.30 9.81 -4.15
CA VAL A 689 -29.49 9.67 -5.00
C VAL A 689 -30.10 11.03 -5.28
N PHE A 690 -30.07 11.95 -4.32
CA PHE A 690 -30.60 13.29 -4.59
C PHE A 690 -29.71 14.02 -5.59
N THR A 691 -28.40 13.75 -5.55
CA THR A 691 -27.49 14.28 -6.56
C THR A 691 -27.88 13.82 -7.95
N GLU A 692 -28.15 12.52 -8.09
CA GLU A 692 -28.41 12.01 -9.43
C GLU A 692 -29.82 12.32 -9.90
N CYS A 693 -30.73 12.63 -8.98
CA CYS A 693 -32.03 13.11 -9.42
C CYS A 693 -32.05 14.62 -9.63
N TYR A 694 -31.06 15.35 -9.13
CA TYR A 694 -30.88 16.75 -9.50
C TYR A 694 -29.94 16.92 -10.69
N ARG A 695 -29.27 15.84 -11.11
CA ARG A 695 -28.62 15.79 -12.42
C ARG A 695 -29.65 15.97 -13.53
N LYS A 696 -30.80 15.31 -13.40
CA LYS A 696 -31.79 15.24 -14.46
C LYS A 696 -33.15 15.70 -13.97
N ASP A 697 -33.86 16.42 -14.84
CA ASP A 697 -35.28 16.74 -14.65
C ASP A 697 -35.49 17.54 -13.36
N GLU A 698 -34.98 18.78 -13.40
CA GLU A 698 -35.00 19.62 -12.20
C GLU A 698 -36.42 19.83 -11.68
N GLU A 699 -37.39 20.06 -12.57
CA GLU A 699 -38.77 20.32 -12.16
C GLU A 699 -39.30 19.17 -11.29
N ARG A 700 -39.37 17.98 -11.85
CA ARG A 700 -39.80 16.82 -11.07
C ARG A 700 -38.84 16.55 -9.92
N ALA A 701 -37.59 17.01 -10.02
CA ALA A 701 -36.67 16.87 -8.90
C ALA A 701 -37.11 17.67 -7.68
N GLN A 702 -37.55 18.92 -7.88
CA GLN A 702 -38.03 19.66 -6.72
C GLN A 702 -39.39 19.17 -6.27
N LYS A 703 -40.24 18.71 -7.20
CA LYS A 703 -41.53 18.18 -6.74
C LYS A 703 -41.37 16.83 -6.05
N LEU A 704 -40.20 16.19 -6.19
CA LEU A 704 -39.90 14.96 -5.46
C LEU A 704 -39.96 15.17 -3.96
N LEU A 705 -39.56 16.35 -3.48
CA LEU A 705 -39.37 16.57 -2.06
C LEU A 705 -40.68 16.71 -1.29
N THR A 706 -41.81 16.35 -1.90
CA THR A 706 -43.09 16.22 -1.21
C THR A 706 -43.64 14.81 -1.30
N ARG A 707 -42.76 13.81 -1.27
CA ARG A 707 -43.15 12.41 -1.42
C ARG A 707 -44.02 11.98 -0.23
N VAL A 708 -45.25 11.59 -0.52
CA VAL A 708 -46.16 11.12 0.52
C VAL A 708 -46.25 9.60 0.55
N SER A 709 -46.41 8.97 -0.63
CA SER A 709 -46.35 7.52 -0.83
C SER A 709 -47.54 6.80 -0.24
N GLU A 710 -48.38 7.51 0.52
CA GLU A 710 -49.61 6.97 1.13
C GLU A 710 -49.35 5.69 1.94
N ALA A 711 -48.09 5.37 2.23
CA ALA A 711 -47.78 4.16 2.98
C ALA A 711 -46.69 4.32 4.03
N TRP A 712 -45.97 5.44 4.08
CA TRP A 712 -44.83 5.60 4.98
C TRP A 712 -45.15 6.53 6.14
N GLY A 713 -46.42 6.91 6.33
CA GLY A 713 -46.65 8.00 7.24
C GLY A 713 -46.12 9.27 6.60
N LYS A 714 -46.85 9.79 5.62
CA LYS A 714 -46.35 10.60 4.51
C LYS A 714 -45.16 11.49 4.84
N THR A 715 -45.31 12.38 5.82
CA THR A 715 -44.28 13.31 6.26
C THR A 715 -43.68 14.15 5.14
N THR A 716 -44.31 14.19 3.97
CA THR A 716 -43.86 15.01 2.83
C THR A 716 -42.42 14.69 2.41
N CYS A 717 -41.86 13.60 2.94
CA CYS A 717 -40.48 13.16 2.70
C CYS A 717 -39.48 14.11 3.37
N LEU A 718 -39.98 15.14 4.04
CA LEU A 718 -39.12 16.09 4.72
C LEU A 718 -39.28 16.10 6.22
N GLN A 719 -40.51 15.94 6.73
CA GLN A 719 -40.68 15.86 8.18
C GLN A 719 -39.98 14.63 8.74
N LEU A 720 -40.11 13.50 8.05
CA LEU A 720 -39.33 12.31 8.39
C LEU A 720 -37.83 12.60 8.25
N ALA A 721 -37.46 13.34 7.21
CA ALA A 721 -36.05 13.70 7.02
C ALA A 721 -35.54 14.56 8.17
N LEU A 722 -36.27 15.65 8.49
CA LEU A 722 -35.82 16.53 9.56
C LEU A 722 -35.88 15.84 10.92
N GLU A 723 -36.71 14.81 11.07
CA GLU A 723 -36.67 14.04 12.30
C GLU A 723 -35.45 13.12 12.35
N ALA A 724 -34.81 12.89 11.19
CA ALA A 724 -33.55 12.17 11.13
C ALA A 724 -32.35 13.07 11.38
N LYS A 725 -32.58 14.37 11.55
CA LYS A 725 -31.68 15.41 12.05
C LYS A 725 -30.64 15.87 10.99
N ASP A 726 -30.53 15.18 9.85
CA ASP A 726 -29.93 15.73 8.63
C ASP A 726 -28.64 16.52 8.80
N MET A 727 -27.54 15.86 9.19
CA MET A 727 -26.25 16.54 9.25
C MET A 727 -25.84 17.16 7.92
N LYS A 728 -25.83 16.39 6.83
CA LYS A 728 -25.52 16.92 5.52
C LYS A 728 -26.70 17.06 4.58
N PHE A 729 -27.88 16.54 4.93
CA PHE A 729 -28.94 16.42 3.93
C PHE A 729 -29.58 17.77 3.61
N VAL A 730 -29.58 18.71 4.55
CA VAL A 730 -30.33 19.94 4.39
C VAL A 730 -29.54 21.03 3.67
N SER A 731 -28.39 20.67 3.10
CA SER A 731 -27.54 21.66 2.43
C SER A 731 -27.10 21.21 1.04
N HIS A 732 -27.93 20.43 0.35
CA HIS A 732 -27.54 19.87 -0.94
C HIS A 732 -28.06 20.71 -2.12
N GLY A 733 -27.85 22.02 -2.08
CA GLY A 733 -28.03 22.84 -3.26
C GLY A 733 -29.47 23.01 -3.71
N GLY A 734 -30.05 21.91 -4.18
CA GLY A 734 -31.46 21.94 -4.56
C GLY A 734 -32.36 22.27 -3.39
N ILE A 735 -31.98 21.83 -2.20
CA ILE A 735 -32.76 22.17 -1.01
C ILE A 735 -32.58 23.65 -0.66
N GLN A 736 -31.40 24.21 -0.95
CA GLN A 736 -31.27 25.67 -0.85
C GLN A 736 -32.22 26.40 -1.79
N ALA A 737 -32.27 25.97 -3.06
CA ALA A 737 -33.22 26.59 -3.98
C ALA A 737 -34.66 26.42 -3.50
N PHE A 738 -34.98 25.23 -2.99
CA PHE A 738 -36.30 24.93 -2.47
C PHE A 738 -36.67 25.86 -1.31
N LEU A 739 -35.82 25.92 -0.28
CA LEU A 739 -36.15 26.70 0.90
C LEU A 739 -36.00 28.19 0.64
N THR A 740 -35.35 28.57 -0.46
CA THR A 740 -35.32 29.97 -0.85
C THR A 740 -36.57 30.38 -1.60
N LYS A 741 -37.06 29.53 -2.51
CA LYS A 741 -38.26 29.86 -3.26
C LYS A 741 -39.53 29.66 -2.45
N VAL A 742 -39.49 28.89 -1.37
CA VAL A 742 -40.65 28.80 -0.49
C VAL A 742 -40.58 29.87 0.60
N TRP A 743 -39.38 30.36 0.92
CA TRP A 743 -39.24 31.46 1.87
C TRP A 743 -39.87 32.74 1.34
N TRP A 744 -39.90 32.91 0.01
CA TRP A 744 -40.47 34.09 -0.63
C TRP A 744 -41.70 33.66 -1.42
N GLY A 745 -42.88 34.03 -0.91
CA GLY A 745 -44.13 33.75 -1.59
C GLY A 745 -44.53 34.91 -2.48
N GLN A 746 -44.58 34.67 -3.79
CA GLN A 746 -44.84 35.72 -4.78
C GLN A 746 -43.81 36.85 -4.63
N LEU A 747 -42.54 36.45 -4.73
CA LEU A 747 -41.42 37.38 -4.59
C LEU A 747 -40.22 36.74 -5.29
N SER A 748 -39.84 37.31 -6.43
CA SER A 748 -38.81 36.70 -7.26
C SER A 748 -37.43 37.26 -6.93
N VAL A 749 -36.47 36.93 -7.79
CA VAL A 749 -35.07 37.35 -7.65
C VAL A 749 -34.98 38.85 -7.92
N ASP A 750 -33.80 39.42 -7.67
CA ASP A 750 -33.45 40.85 -7.80
C ASP A 750 -33.96 41.65 -6.61
N ASN A 751 -34.25 41.00 -5.49
CA ASN A 751 -34.63 41.69 -4.26
C ASN A 751 -33.46 41.60 -3.28
N GLY A 752 -33.09 42.73 -2.70
CA GLY A 752 -31.99 42.80 -1.76
C GLY A 752 -32.50 42.96 -0.34
N LEU A 753 -31.67 42.55 0.63
CA LEU A 753 -32.03 42.67 2.03
C LEU A 753 -32.25 44.13 2.42
N TRP A 754 -31.39 45.02 1.92
CA TRP A 754 -31.55 46.45 2.20
C TRP A 754 -32.69 47.07 1.42
N ARG A 755 -33.17 46.43 0.35
CA ARG A 755 -34.16 47.00 -0.54
C ARG A 755 -35.57 46.48 -0.29
N VAL A 756 -35.73 45.37 0.42
CA VAL A 756 -37.07 44.90 0.74
C VAL A 756 -37.69 45.73 1.86
N THR A 757 -36.86 46.32 2.73
CA THR A 757 -37.37 47.18 3.78
C THR A 757 -38.06 48.41 3.18
N LEU A 758 -37.46 49.01 2.16
CA LEU A 758 -38.11 50.13 1.47
C LEU A 758 -39.38 49.68 0.76
N CYS A 759 -39.37 48.47 0.19
CA CYS A 759 -40.55 47.98 -0.51
C CYS A 759 -41.72 47.79 0.44
N MET A 760 -41.47 47.27 1.64
CA MET A 760 -42.58 47.01 2.55
C MET A 760 -42.97 48.24 3.35
N LEU A 761 -41.99 49.07 3.75
CA LEU A 761 -42.31 50.24 4.56
C LEU A 761 -43.12 51.28 3.80
N ALA A 762 -42.72 51.58 2.57
CA ALA A 762 -43.35 52.63 1.78
C ALA A 762 -44.40 51.98 0.88
N PHE A 763 -45.66 52.18 1.24
CA PHE A 763 -46.72 51.23 0.90
C PHE A 763 -47.21 51.39 -0.54
N PRO A 764 -47.57 52.59 -0.99
CA PRO A 764 -47.82 52.76 -2.44
C PRO A 764 -46.56 52.63 -3.28
N LEU A 765 -45.38 52.79 -2.68
CA LEU A 765 -44.13 52.81 -3.45
C LEU A 765 -43.92 51.54 -4.24
N LEU A 766 -44.50 50.43 -3.81
CA LEU A 766 -44.33 49.17 -4.53
C LEU A 766 -44.88 49.25 -5.95
N LEU A 767 -45.87 50.11 -6.18
CA LEU A 767 -46.48 50.27 -7.49
C LEU A 767 -45.67 51.17 -8.42
N THR A 768 -44.62 51.82 -7.93
CA THR A 768 -43.81 52.71 -8.74
C THR A 768 -42.81 51.90 -9.56
N GLY A 769 -41.82 52.59 -10.13
CA GLY A 769 -40.81 51.94 -10.94
C GLY A 769 -39.76 51.18 -10.15
N LEU A 770 -40.13 50.78 -8.93
CA LEU A 770 -39.23 50.04 -8.05
C LEU A 770 -39.23 48.57 -8.48
N ILE A 771 -38.70 47.70 -7.61
CA ILE A 771 -38.60 46.27 -7.92
C ILE A 771 -39.97 45.74 -8.34
N SER A 772 -40.02 45.11 -9.51
CA SER A 772 -41.24 44.55 -10.06
C SER A 772 -41.26 43.04 -9.88
N PHE A 773 -42.45 42.50 -9.69
CA PHE A 773 -42.66 41.07 -9.48
C PHE A 773 -43.16 40.43 -10.77
N ARG A 774 -43.33 39.11 -10.72
CA ARG A 774 -43.86 38.40 -11.89
C ARG A 774 -45.34 38.73 -12.11
N GLU A 775 -46.04 39.12 -11.03
CA GLU A 775 -47.41 39.59 -11.18
C GLU A 775 -47.46 40.84 -12.04
N LYS A 776 -46.57 41.80 -11.78
CA LYS A 776 -46.51 42.99 -12.63
C LYS A 776 -45.91 42.67 -13.99
N ARG A 777 -44.94 41.75 -14.04
CA ARG A 777 -44.36 41.35 -15.32
C ARG A 777 -45.39 40.66 -16.21
N LEU A 778 -46.21 39.79 -15.61
CA LEU A 778 -47.28 39.12 -16.34
C LEU A 778 -48.59 39.91 -16.34
N GLN A 779 -48.57 41.15 -15.83
CA GLN A 779 -49.74 42.02 -15.77
C GLN A 779 -50.87 41.38 -14.94
N ASP A 780 -50.49 40.69 -13.87
CA ASP A 780 -51.46 40.14 -12.94
C ASP A 780 -51.91 41.15 -11.90
N VAL A 781 -51.27 42.32 -11.83
CA VAL A 781 -51.66 43.36 -10.87
C VAL A 781 -52.67 44.24 -11.59
N GLY A 782 -53.93 43.82 -11.53
CA GLY A 782 -55.01 44.58 -12.14
C GLY A 782 -55.71 45.50 -11.17
N THR A 783 -55.38 45.38 -9.89
CA THR A 783 -56.00 46.16 -8.83
C THR A 783 -55.00 46.36 -7.70
N PRO A 784 -54.91 47.57 -7.14
CA PRO A 784 -54.08 47.76 -5.94
C PRO A 784 -54.47 46.86 -4.79
N ALA A 785 -55.76 46.52 -4.66
CA ALA A 785 -56.17 45.55 -3.65
C ALA A 785 -55.56 44.18 -3.91
N ALA A 786 -55.47 43.79 -5.18
CA ALA A 786 -54.80 42.54 -5.52
C ALA A 786 -53.34 42.57 -5.14
N ARG A 787 -52.67 43.70 -5.40
CA ARG A 787 -51.27 43.85 -4.99
C ARG A 787 -51.12 43.74 -3.48
N ALA A 788 -52.01 44.40 -2.73
CA ALA A 788 -51.94 44.34 -1.27
C ALA A 788 -52.16 42.91 -0.77
N ARG A 789 -53.14 42.20 -1.34
CA ARG A 789 -53.37 40.82 -0.94
C ARG A 789 -52.19 39.92 -1.27
N ALA A 790 -51.61 40.07 -2.46
CA ALA A 790 -50.46 39.27 -2.82
C ALA A 790 -49.26 39.56 -1.91
N PHE A 791 -49.08 40.83 -1.55
CA PHE A 791 -47.94 41.18 -0.71
C PHE A 791 -48.12 40.70 0.73
N PHE A 792 -49.30 40.92 1.31
CA PHE A 792 -49.50 40.59 2.71
C PHE A 792 -49.36 39.09 2.97
N THR A 793 -49.82 38.26 2.03
CA THR A 793 -49.76 36.81 2.18
C THR A 793 -48.36 36.24 2.02
N ALA A 794 -47.39 37.06 1.62
CA ALA A 794 -46.02 36.58 1.54
C ALA A 794 -45.50 36.19 2.93
N PRO A 795 -44.80 35.06 3.05
CA PRO A 795 -44.33 34.63 4.37
C PRO A 795 -43.43 35.63 5.06
N VAL A 796 -42.55 36.30 4.31
CA VAL A 796 -41.60 37.22 4.94
C VAL A 796 -42.31 38.39 5.59
N VAL A 797 -43.49 38.75 5.10
CA VAL A 797 -44.18 39.93 5.62
C VAL A 797 -44.56 39.73 7.08
N VAL A 798 -45.07 38.55 7.43
CA VAL A 798 -45.52 38.32 8.80
C VAL A 798 -44.34 38.31 9.77
N PHE A 799 -43.16 37.89 9.30
CA PHE A 799 -41.99 37.88 10.18
C PHE A 799 -41.58 39.30 10.55
N HIS A 800 -41.44 40.18 9.57
CA HIS A 800 -41.09 41.56 9.92
C HIS A 800 -42.26 42.24 10.61
N LEU A 801 -43.49 41.76 10.38
CA LEU A 801 -44.64 42.29 11.10
C LEU A 801 -44.58 41.98 12.58
N ASN A 802 -44.17 40.75 12.94
CA ASN A 802 -44.05 40.44 14.37
C ASN A 802 -42.78 41.05 14.95
N ILE A 803 -41.79 41.32 14.10
CA ILE A 803 -40.65 42.14 14.53
C ILE A 803 -41.13 43.53 14.92
N LEU A 804 -41.98 44.13 14.09
CA LEU A 804 -42.54 45.46 14.37
C LEU A 804 -43.43 45.45 15.60
N SER A 805 -44.47 44.61 15.58
CA SER A 805 -45.51 44.66 16.60
C SER A 805 -45.01 44.28 17.98
N TYR A 806 -44.02 43.40 18.08
CA TYR A 806 -43.54 43.01 19.41
C TYR A 806 -42.84 44.19 20.08
N PHE A 807 -41.93 44.85 19.37
CA PHE A 807 -41.27 46.03 19.92
C PHE A 807 -42.27 47.18 20.13
N ALA A 808 -43.26 47.31 19.25
CA ALA A 808 -44.28 48.33 19.44
C ALA A 808 -45.09 48.06 20.71
N PHE A 809 -45.38 46.79 20.97
CA PHE A 809 -46.09 46.43 22.20
C PHE A 809 -45.23 46.67 23.43
N LEU A 810 -43.92 46.43 23.32
CA LEU A 810 -43.02 46.78 24.42
C LEU A 810 -43.03 48.28 24.70
N CYS A 811 -42.95 49.09 23.65
CA CYS A 811 -43.00 50.55 23.81
C CYS A 811 -44.36 50.97 24.38
N LEU A 812 -45.43 50.31 23.97
CA LEU A 812 -46.76 50.63 24.51
C LEU A 812 -46.88 50.24 25.97
N PHE A 813 -46.24 49.13 26.37
CA PHE A 813 -46.18 48.78 27.79
C PHE A 813 -45.46 49.86 28.58
N ALA A 814 -44.35 50.35 28.04
CA ALA A 814 -43.64 51.45 28.70
C ALA A 814 -44.53 52.68 28.80
N TYR A 815 -45.26 52.99 27.73
CA TYR A 815 -46.13 54.15 27.70
C TYR A 815 -47.26 54.03 28.72
N VAL A 816 -47.86 52.85 28.85
CA VAL A 816 -49.00 52.68 29.75
C VAL A 816 -48.56 52.54 31.21
N LEU A 817 -47.41 51.92 31.48
CA LEU A 817 -46.88 51.92 32.83
C LEU A 817 -46.46 53.31 33.26
N MET A 818 -45.94 54.09 32.32
CA MET A 818 -45.29 55.36 32.60
C MET A 818 -46.28 56.46 32.96
N VAL A 819 -47.42 56.50 32.28
CA VAL A 819 -48.43 57.52 32.55
C VAL A 819 -49.69 56.92 33.17
N ASP A 820 -50.24 55.89 32.55
CA ASP A 820 -51.50 55.31 32.97
C ASP A 820 -51.35 54.42 34.19
N PHE A 821 -51.06 55.01 35.35
CA PHE A 821 -51.05 54.28 36.61
C PHE A 821 -52.40 54.43 37.31
N GLN A 822 -53.45 54.01 36.60
CA GLN A 822 -54.82 54.12 37.07
C GLN A 822 -55.43 52.73 37.11
N PRO A 823 -55.87 52.24 38.28
CA PRO A 823 -56.51 50.93 38.33
C PRO A 823 -57.79 50.85 37.50
N VAL A 824 -58.52 51.96 37.37
CA VAL A 824 -59.76 51.99 36.61
C VAL A 824 -59.45 51.79 35.13
N PRO A 825 -60.35 51.18 34.36
CA PRO A 825 -60.07 50.98 32.93
C PRO A 825 -60.15 52.27 32.13
N SER A 826 -59.00 52.75 31.69
CA SER A 826 -58.92 53.97 30.89
C SER A 826 -58.68 53.61 29.42
N TRP A 827 -58.44 54.63 28.60
CA TRP A 827 -58.19 54.41 27.18
C TRP A 827 -56.89 53.64 26.97
N CYS A 828 -55.81 54.12 27.58
CA CYS A 828 -54.51 53.46 27.42
C CYS A 828 -54.49 52.11 28.13
N GLU A 829 -55.21 51.98 29.23
CA GLU A 829 -55.27 50.68 29.92
C GLU A 829 -55.91 49.63 29.02
N CYS A 830 -57.04 49.95 28.39
CA CYS A 830 -57.65 49.02 27.46
C CYS A 830 -56.78 48.81 26.23
N ALA A 831 -56.08 49.85 25.78
CA ALA A 831 -55.20 49.71 24.63
C ALA A 831 -54.08 48.71 24.90
N ILE A 832 -53.47 48.77 26.08
CA ILE A 832 -52.41 47.80 26.40
C ILE A 832 -53.02 46.44 26.72
N TYR A 833 -54.25 46.40 27.21
CA TYR A 833 -54.92 45.12 27.41
C TYR A 833 -55.16 44.41 26.08
N LEU A 834 -55.47 45.17 25.03
CA LEU A 834 -55.83 44.58 23.74
C LEU A 834 -54.71 43.68 23.20
N TRP A 835 -53.52 44.25 23.01
CA TRP A 835 -52.44 43.49 22.41
C TRP A 835 -51.86 42.44 23.35
N LEU A 836 -51.87 42.70 24.66
CA LEU A 836 -51.47 41.67 25.60
C LEU A 836 -52.41 40.48 25.53
N PHE A 837 -53.72 40.73 25.43
CA PHE A 837 -54.68 39.66 25.28
C PHE A 837 -54.50 38.95 23.94
N SER A 838 -54.12 39.69 22.89
CA SER A 838 -53.84 39.07 21.62
C SER A 838 -52.62 38.15 21.69
N LEU A 839 -51.56 38.59 22.38
CA LEU A 839 -50.39 37.72 22.56
C LEU A 839 -50.75 36.50 23.40
N VAL A 840 -51.59 36.69 24.43
CA VAL A 840 -52.07 35.55 25.20
C VAL A 840 -52.89 34.61 24.32
N CYS A 841 -53.66 35.16 23.38
CA CYS A 841 -54.41 34.32 22.46
C CYS A 841 -53.50 33.53 21.53
N GLU A 842 -52.40 34.15 21.09
CA GLU A 842 -51.46 33.44 20.23
C GLU A 842 -50.74 32.32 20.98
N GLU A 843 -50.27 32.60 22.20
CA GLU A 843 -49.66 31.55 23.00
C GLU A 843 -50.71 30.51 23.42
N MET A 844 -51.97 30.93 23.52
CA MET A 844 -53.14 30.07 23.72
C MET A 844 -53.26 29.05 22.60
N ARG A 845 -53.22 29.55 21.37
CA ARG A 845 -53.37 28.70 20.19
C ARG A 845 -52.17 27.76 20.05
N GLN A 846 -50.96 28.27 20.31
CA GLN A 846 -49.80 27.39 20.28
C GLN A 846 -49.91 26.29 21.33
N LEU A 847 -50.45 26.61 22.51
CA LEU A 847 -50.59 25.59 23.56
C LEU A 847 -51.62 24.51 23.21
N PHE A 848 -52.76 24.86 22.59
CA PHE A 848 -53.60 23.76 22.09
C PHE A 848 -52.99 23.03 20.90
N TYR A 849 -52.24 23.70 20.03
CA TYR A 849 -51.66 22.97 18.92
C TYR A 849 -50.49 22.09 19.33
N ASP A 850 -49.91 22.31 20.51
CA ASP A 850 -48.77 21.50 20.94
C ASP A 850 -49.13 20.03 21.14
N PRO A 851 -50.19 19.66 21.87
CA PRO A 851 -50.46 18.24 22.09
C PRO A 851 -51.33 17.64 20.98
N ASP A 852 -51.54 16.34 21.09
CA ASP A 852 -52.40 15.61 20.16
C ASP A 852 -53.85 15.71 20.61
N GLU A 853 -54.73 14.95 19.95
CA GLU A 853 -56.16 15.04 20.24
C GLU A 853 -56.54 14.34 21.54
N CYS A 854 -55.72 13.42 22.03
CA CYS A 854 -56.03 12.65 23.23
C CYS A 854 -55.25 13.09 24.45
N GLY A 855 -53.92 13.12 24.38
CA GLY A 855 -53.12 13.48 25.53
C GLY A 855 -52.85 14.98 25.62
N LEU A 856 -53.63 15.68 26.44
CA LEU A 856 -53.52 17.12 26.59
C LEU A 856 -52.42 17.53 27.55
N MET A 857 -52.39 16.91 28.75
CA MET A 857 -51.43 17.32 29.76
C MET A 857 -50.04 16.77 29.48
N LYS A 858 -49.94 15.52 29.02
CA LYS A 858 -48.66 14.80 29.06
C LYS A 858 -47.64 15.40 28.12
N LYS A 859 -47.89 15.37 26.82
CA LYS A 859 -46.88 15.82 25.86
C LYS A 859 -46.76 17.34 25.83
N ALA A 860 -47.85 18.06 26.14
CA ALA A 860 -47.74 19.51 26.28
C ALA A 860 -46.82 19.87 27.43
N ALA A 861 -46.95 19.17 28.56
CA ALA A 861 -46.03 19.40 29.67
C ALA A 861 -44.61 18.97 29.34
N LEU A 862 -44.46 17.90 28.55
CA LEU A 862 -43.13 17.48 28.13
C LEU A 862 -42.46 18.56 27.28
N TYR A 863 -43.19 19.15 26.34
CA TYR A 863 -42.65 20.24 25.55
C TYR A 863 -42.42 21.49 26.38
N PHE A 864 -43.28 21.78 27.34
CA PHE A 864 -43.16 22.98 28.16
C PHE A 864 -42.18 22.84 29.30
N SER A 865 -41.63 21.64 29.52
CA SER A 865 -40.54 21.48 30.47
C SER A 865 -39.28 22.21 30.03
N ASP A 866 -39.19 22.56 28.75
CA ASP A 866 -38.08 23.37 28.28
C ASP A 866 -38.11 24.74 28.96
N PHE A 867 -36.92 25.32 29.16
CA PHE A 867 -36.83 26.57 29.92
C PHE A 867 -37.57 27.71 29.21
N TRP A 868 -37.49 27.75 27.88
CA TRP A 868 -38.16 28.82 27.14
C TRP A 868 -39.67 28.74 27.29
N ASN A 869 -40.24 27.54 27.20
CA ASN A 869 -41.69 27.41 27.35
C ASN A 869 -42.12 27.58 28.81
N LYS A 870 -41.27 27.16 29.75
CA LYS A 870 -41.55 27.44 31.16
C LYS A 870 -41.60 28.94 31.42
N LEU A 871 -40.66 29.68 30.82
CA LEU A 871 -40.72 31.14 30.91
C LEU A 871 -41.92 31.71 30.16
N ASP A 872 -42.37 31.04 29.11
CA ASP A 872 -43.59 31.46 28.42
C ASP A 872 -44.79 31.38 29.35
N VAL A 873 -44.89 30.30 30.11
CA VAL A 873 -45.94 30.19 31.13
C VAL A 873 -45.74 31.25 32.22
N GLY A 874 -44.49 31.43 32.66
CA GLY A 874 -44.22 32.37 33.72
C GLY A 874 -44.54 33.82 33.36
N ALA A 875 -44.35 34.18 32.09
CA ALA A 875 -44.62 35.55 31.68
C ALA A 875 -46.09 35.92 31.88
N ILE A 876 -46.98 34.95 31.78
CA ILE A 876 -48.40 35.19 32.04
C ILE A 876 -48.73 35.03 33.51
N LEU A 877 -48.17 34.01 34.17
CA LEU A 877 -48.49 33.78 35.58
C LEU A 877 -48.00 34.94 36.46
N LEU A 878 -46.80 35.44 36.19
CA LEU A 878 -46.28 36.56 36.97
C LEU A 878 -47.10 37.82 36.74
N PHE A 879 -47.55 38.06 35.50
CA PHE A 879 -48.41 39.22 35.25
C PHE A 879 -49.72 39.10 36.01
N VAL A 880 -50.32 37.90 36.01
CA VAL A 880 -51.58 37.69 36.73
C VAL A 880 -51.37 37.91 38.22
N ALA A 881 -50.28 37.36 38.78
CA ALA A 881 -50.00 37.52 40.20
C ALA A 881 -49.76 38.99 40.56
N GLY A 882 -49.02 39.71 39.71
CA GLY A 882 -48.77 41.11 39.97
C GLY A 882 -50.04 41.95 39.90
N LEU A 883 -50.91 41.67 38.94
CA LEU A 883 -52.18 42.38 38.87
C LEU A 883 -53.03 42.09 40.11
N THR A 884 -53.10 40.83 40.54
CA THR A 884 -53.88 40.50 41.73
C THR A 884 -53.30 41.19 42.96
N CYS A 885 -51.97 41.23 43.07
CA CYS A 885 -51.35 41.92 44.20
C CYS A 885 -51.63 43.42 44.16
N ARG A 886 -51.61 44.02 42.96
CA ARG A 886 -51.90 45.44 42.85
C ARG A 886 -53.35 45.75 43.24
N LEU A 887 -54.30 44.90 42.85
CA LEU A 887 -55.66 45.08 43.31
C LEU A 887 -55.79 44.88 44.82
N ILE A 888 -54.95 44.03 45.40
CA ILE A 888 -54.97 43.85 46.86
C ILE A 888 -54.44 45.12 47.53
N PRO A 889 -55.15 45.68 48.51
CA PRO A 889 -54.67 46.92 49.15
C PRO A 889 -53.34 46.78 49.86
N ALA A 890 -52.94 45.57 50.24
CA ALA A 890 -51.69 45.39 50.97
C ALA A 890 -50.49 45.78 50.12
N THR A 891 -50.52 45.47 48.82
CA THR A 891 -49.38 45.73 47.95
C THR A 891 -49.74 46.67 46.81
N LEU A 892 -50.40 47.79 47.14
CA LEU A 892 -50.78 48.77 46.12
C LEU A 892 -49.55 49.32 45.41
N TYR A 893 -48.54 49.73 46.17
CA TYR A 893 -47.31 50.27 45.59
C TYR A 893 -46.36 49.18 45.10
N PRO A 894 -46.11 48.11 45.86
CA PRO A 894 -45.21 47.06 45.36
C PRO A 894 -45.74 46.36 44.11
N GLY A 895 -47.03 46.47 43.79
CA GLY A 895 -47.54 45.84 42.59
C GLY A 895 -46.90 46.37 41.33
N ARG A 896 -46.69 47.68 41.27
CA ARG A 896 -46.01 48.27 40.10
C ARG A 896 -44.59 47.75 39.97
N VAL A 897 -43.86 47.66 41.09
CA VAL A 897 -42.49 47.14 41.05
C VAL A 897 -42.49 45.69 40.58
N ILE A 898 -43.43 44.89 41.07
CA ILE A 898 -43.51 43.48 40.67
C ILE A 898 -43.80 43.37 39.17
N LEU A 899 -44.74 44.18 38.69
CA LEU A 899 -45.09 44.13 37.27
C LEU A 899 -43.94 44.61 36.39
N SER A 900 -43.10 45.51 36.91
CA SER A 900 -41.98 46.01 36.13
C SER A 900 -40.98 44.90 35.82
N LEU A 901 -40.90 43.89 36.68
CA LEU A 901 -39.90 42.83 36.50
C LEU A 901 -40.24 41.93 35.32
N ASP A 902 -41.52 41.86 34.95
CA ASP A 902 -41.93 40.94 33.88
C ASP A 902 -41.39 41.37 32.53
N PHE A 903 -40.96 42.63 32.40
CA PHE A 903 -40.46 43.15 31.13
C PHE A 903 -39.14 42.47 30.74
N ILE A 904 -38.37 42.06 31.75
CA ILE A 904 -37.09 41.41 31.49
C ILE A 904 -37.30 40.08 30.76
N LEU A 905 -38.39 39.39 31.09
CA LEU A 905 -38.72 38.15 30.39
C LEU A 905 -38.96 38.40 28.91
N PHE A 906 -39.66 39.49 28.58
CA PHE A 906 -39.92 39.84 27.18
C PHE A 906 -38.62 40.24 26.48
N CYS A 907 -37.71 40.86 27.24
CA CYS A 907 -36.38 41.13 26.71
C CYS A 907 -35.72 39.85 26.21
N LEU A 908 -35.98 38.72 26.88
CA LEU A 908 -35.43 37.44 26.41
C LEU A 908 -35.98 37.08 25.04
N ARG A 909 -37.28 37.26 24.83
CA ARG A 909 -37.85 36.96 23.51
C ARG A 909 -37.25 37.85 22.45
N LEU A 910 -36.87 39.08 22.83
CA LEU A 910 -36.25 39.99 21.87
C LEU A 910 -35.12 39.32 21.09
N MET A 911 -34.10 38.80 21.78
CA MET A 911 -33.05 38.12 21.04
C MET A 911 -33.33 36.65 20.83
N HIS A 912 -34.41 36.10 21.39
CA HIS A 912 -34.79 34.74 21.03
C HIS A 912 -35.34 34.67 19.61
N ILE A 913 -36.07 35.70 19.16
CA ILE A 913 -36.73 35.65 17.85
C ILE A 913 -35.90 36.24 16.72
N PHE A 914 -34.73 36.82 17.01
CA PHE A 914 -33.98 37.56 16.00
C PHE A 914 -32.97 36.65 15.29
N THR A 915 -33.49 35.54 14.77
CA THR A 915 -32.67 34.60 14.01
C THR A 915 -32.83 34.80 12.51
N ILE A 916 -32.53 36.00 12.02
CA ILE A 916 -32.72 36.35 10.61
C ILE A 916 -31.43 36.78 9.94
N SER A 917 -30.59 37.55 10.62
CA SER A 917 -29.40 38.15 10.01
C SER A 917 -28.47 37.07 9.46
N LYS A 918 -27.86 37.37 8.31
CA LYS A 918 -27.04 36.39 7.62
C LYS A 918 -25.78 36.03 8.41
N THR A 919 -25.09 37.04 8.95
CA THR A 919 -23.86 36.80 9.69
C THR A 919 -24.06 36.79 11.21
N LEU A 920 -24.98 37.60 11.72
CA LEU A 920 -25.28 37.60 13.15
C LEU A 920 -26.19 36.46 13.56
N GLY A 921 -26.99 35.94 12.64
CA GLY A 921 -27.92 34.87 12.93
C GLY A 921 -27.27 33.58 13.43
N PRO A 922 -26.28 33.06 12.70
CA PRO A 922 -25.57 31.88 13.21
C PRO A 922 -24.92 32.14 14.56
N LYS A 923 -24.40 33.35 14.77
CA LYS A 923 -23.86 33.69 16.08
C LYS A 923 -24.96 33.73 17.13
N ILE A 924 -26.18 34.09 16.71
CA ILE A 924 -27.31 34.09 17.65
C ILE A 924 -27.72 32.66 18.00
N ILE A 925 -27.64 31.72 17.05
CA ILE A 925 -27.84 30.32 17.39
C ILE A 925 -26.76 29.87 18.38
N ILE A 926 -25.53 30.34 18.17
CA ILE A 926 -24.43 29.99 19.08
C ILE A 926 -24.72 30.53 20.48
N VAL A 927 -25.19 31.78 20.59
CA VAL A 927 -25.51 32.30 21.92
C VAL A 927 -26.69 31.58 22.55
N LYS A 928 -27.68 31.18 21.75
CA LYS A 928 -28.79 30.37 22.26
C LYS A 928 -28.27 29.08 22.89
N ARG A 929 -27.45 28.34 22.14
CA ARG A 929 -26.96 27.06 22.67
C ARG A 929 -26.04 27.27 23.86
N MET A 930 -25.20 28.32 23.86
CA MET A 930 -24.29 28.50 24.98
C MET A 930 -25.04 28.88 26.24
N MET A 931 -26.09 29.70 26.12
CA MET A 931 -26.85 30.04 27.32
C MET A 931 -27.65 28.85 27.81
N LYS A 932 -28.16 28.02 26.88
CA LYS A 932 -28.81 26.78 27.30
C LYS A 932 -27.83 25.88 28.04
N ASP A 933 -26.55 25.90 27.64
CA ASP A 933 -25.55 25.09 28.31
C ASP A 933 -25.17 25.65 29.68
N VAL A 934 -25.04 26.98 29.78
CA VAL A 934 -24.58 27.62 31.02
C VAL A 934 -25.78 28.07 31.85
N PHE A 935 -26.95 27.51 31.55
CA PHE A 935 -28.11 27.72 32.42
C PHE A 935 -27.83 27.34 33.86
N PHE A 936 -26.94 26.37 34.09
CA PHE A 936 -26.59 25.99 35.45
C PHE A 936 -25.40 26.78 35.99
N PHE A 937 -24.49 27.21 35.13
CA PHE A 937 -23.50 28.20 35.55
C PHE A 937 -24.17 29.49 36.01
N LEU A 938 -25.34 29.80 35.44
CA LEU A 938 -26.12 30.93 35.89
C LEU A 938 -26.44 30.82 37.38
N PHE A 939 -26.97 29.67 37.79
CA PHE A 939 -27.32 29.46 39.19
C PHE A 939 -26.08 29.34 40.06
N LEU A 940 -25.01 28.73 39.55
CA LEU A 940 -23.75 28.71 40.30
C LEU A 940 -23.30 30.13 40.62
N LEU A 941 -23.26 30.99 39.60
CA LEU A 941 -22.84 32.38 39.79
C LEU A 941 -23.77 33.11 40.76
N ALA A 942 -25.08 32.93 40.59
CA ALA A 942 -26.04 33.65 41.41
C ALA A 942 -25.96 33.23 42.88
N VAL A 943 -25.91 31.91 43.13
CA VAL A 943 -25.87 31.42 44.50
C VAL A 943 -24.54 31.77 45.16
N TRP A 944 -23.45 31.71 44.39
CA TRP A 944 -22.14 32.03 44.95
C TRP A 944 -22.09 33.48 45.42
N VAL A 945 -22.70 34.40 44.66
CA VAL A 945 -22.67 35.82 45.02
C VAL A 945 -23.38 36.09 46.34
N VAL A 946 -24.30 35.22 46.77
CA VAL A 946 -24.99 35.40 48.03
C VAL A 946 -24.02 35.59 49.19
N SER A 947 -22.77 35.14 49.02
CA SER A 947 -21.71 35.35 50.00
C SER A 947 -21.01 36.69 49.83
N PHE A 948 -21.64 37.66 49.16
CA PHE A 948 -21.11 39.02 49.06
C PHE A 948 -21.76 39.95 50.07
N GLY A 949 -23.09 40.12 49.99
CA GLY A 949 -23.77 41.01 50.91
C GLY A 949 -23.75 40.50 52.33
N VAL A 950 -23.91 39.19 52.51
CA VAL A 950 -23.84 38.60 53.85
C VAL A 950 -22.44 38.75 54.42
N ALA A 951 -21.39 38.52 53.61
CA ALA A 951 -20.03 38.66 54.09
C ALA A 951 -19.71 40.10 54.48
N LYS A 952 -20.15 41.06 53.66
CA LYS A 952 -19.88 42.46 53.97
C LYS A 952 -20.71 42.94 55.16
N GLN A 953 -21.90 42.37 55.34
CA GLN A 953 -22.82 42.77 56.39
C GLN A 953 -22.64 42.00 57.69
N ALA A 954 -21.61 41.15 57.79
CA ALA A 954 -21.37 40.40 59.01
C ALA A 954 -20.92 41.29 60.17
N ILE A 955 -20.56 42.54 59.90
CA ILE A 955 -20.08 43.42 60.96
C ILE A 955 -21.20 43.78 61.94
N LEU A 956 -22.41 44.00 61.42
CA LEU A 956 -23.52 44.49 62.23
C LEU A 956 -24.52 43.37 62.50
N ILE A 957 -25.29 43.56 63.57
CA ILE A 957 -26.23 42.55 64.05
C ILE A 957 -27.41 42.46 63.08
N HIS A 958 -27.86 41.23 62.81
CA HIS A 958 -29.01 41.05 61.94
C HIS A 958 -30.27 41.53 62.64
N ASN A 959 -31.34 41.63 61.87
CA ASN A 959 -32.65 42.02 62.39
C ASN A 959 -33.68 41.06 61.80
N GLU A 960 -33.92 39.94 62.49
CA GLU A 960 -34.88 38.94 62.05
C GLU A 960 -36.29 39.20 62.58
N ARG A 961 -36.42 39.70 63.80
CA ARG A 961 -37.71 40.15 64.31
C ARG A 961 -37.45 41.55 64.91
N ARG A 962 -37.55 42.56 64.06
CA ARG A 962 -37.06 43.91 64.36
C ARG A 962 -37.75 44.94 63.47
N VAL A 963 -37.13 46.11 63.34
CA VAL A 963 -37.59 47.18 62.45
C VAL A 963 -36.76 47.12 61.17
N ASP A 964 -36.31 45.90 60.85
CA ASP A 964 -35.30 45.68 59.80
C ASP A 964 -35.66 46.33 58.48
N TRP A 965 -36.92 46.16 58.05
CA TRP A 965 -37.30 46.42 56.66
C TRP A 965 -36.93 47.84 56.23
N LEU A 966 -37.60 48.82 56.86
CA LEU A 966 -38.32 49.91 56.21
C LEU A 966 -37.47 50.77 55.30
N PHE A 967 -36.20 50.97 55.60
CA PHE A 967 -35.44 51.92 54.81
C PHE A 967 -34.21 51.33 54.13
N ARG A 968 -33.59 50.28 54.67
CA ARG A 968 -32.34 49.81 54.12
C ARG A 968 -32.19 48.30 54.06
N GLY A 969 -33.06 47.50 54.67
CA GLY A 969 -32.53 46.35 55.39
C GLY A 969 -31.37 45.53 54.84
N ALA A 970 -31.53 44.66 53.83
CA ALA A 970 -30.32 44.02 53.29
C ALA A 970 -30.35 43.63 51.81
N VAL A 971 -31.50 43.35 51.21
CA VAL A 971 -31.51 42.56 49.96
C VAL A 971 -32.23 43.14 48.75
N TYR A 972 -33.52 43.48 48.86
CA TYR A 972 -34.45 43.16 47.76
C TYR A 972 -34.36 43.99 46.47
N HIS A 973 -34.66 45.31 46.47
CA HIS A 973 -34.66 45.84 45.10
C HIS A 973 -34.03 47.20 44.73
N SER A 974 -34.10 48.29 45.51
CA SER A 974 -33.92 49.55 44.76
C SER A 974 -32.90 50.60 45.19
N TYR A 975 -32.68 50.81 46.48
CA TYR A 975 -32.03 52.04 46.96
C TYR A 975 -30.53 51.92 47.19
N LEU A 976 -29.78 51.18 46.36
CA LEU A 976 -28.34 51.09 46.60
C LEU A 976 -27.66 52.44 46.48
N THR A 977 -27.01 52.87 47.57
CA THR A 977 -26.07 53.99 47.54
C THR A 977 -24.64 53.55 47.84
N ILE A 978 -24.35 52.26 47.74
CA ILE A 978 -23.03 51.70 48.03
C ILE A 978 -22.47 51.13 46.73
N PHE A 979 -22.78 51.81 45.63
CA PHE A 979 -22.34 51.47 44.28
C PHE A 979 -20.82 51.61 44.16
N GLY A 980 -20.15 51.86 45.28
CA GLY A 980 -18.82 52.41 45.33
C GLY A 980 -18.80 53.81 45.89
N GLN A 981 -19.98 54.41 46.09
CA GLN A 981 -20.12 55.76 46.62
C GLN A 981 -20.48 55.68 48.10
N ILE A 982 -19.48 55.30 48.90
CA ILE A 982 -19.75 55.17 50.34
C ILE A 982 -20.06 56.55 50.91
N PRO A 983 -21.16 56.73 51.64
CA PRO A 983 -21.52 58.08 52.11
C PRO A 983 -20.59 58.60 53.19
N GLY A 984 -19.44 59.10 52.78
CA GLY A 984 -18.48 59.68 53.71
C GLY A 984 -18.71 61.16 53.92
N TYR A 985 -19.82 61.68 53.40
CA TYR A 985 -20.15 63.09 53.54
C TYR A 985 -20.36 63.52 54.99
N ILE A 986 -20.65 62.58 55.88
CA ILE A 986 -20.87 62.92 57.29
C ILE A 986 -19.56 62.99 58.05
N ASP A 987 -18.50 62.40 57.49
CA ASP A 987 -17.19 62.36 58.15
C ASP A 987 -16.63 63.75 58.36
N GLY A 988 -16.41 64.49 57.28
CA GLY A 988 -15.87 65.83 57.37
C GLY A 988 -15.51 66.43 56.02
N PHE A 1020 1.04 50.30 60.98
CA PHE A 1020 1.04 49.21 60.02
C PHE A 1020 -0.34 48.73 59.55
N PRO A 1021 -1.31 48.54 60.46
CA PRO A 1021 -2.62 48.04 59.99
C PRO A 1021 -3.70 49.08 59.68
N GLU A 1022 -4.13 49.28 58.41
CA GLU A 1022 -5.47 48.88 57.95
C GLU A 1022 -5.80 49.21 56.49
N TRP A 1023 -5.48 48.35 55.48
CA TRP A 1023 -5.95 48.57 54.09
C TRP A 1023 -6.33 47.33 53.26
N LEU A 1024 -5.76 46.16 53.57
CA LEU A 1024 -5.54 45.15 52.53
C LEU A 1024 -6.70 44.17 52.38
N THR A 1025 -7.57 44.00 53.36
CA THR A 1025 -8.72 43.14 53.09
C THR A 1025 -9.68 43.80 52.11
N VAL A 1026 -9.76 45.13 52.13
CA VAL A 1026 -10.56 45.81 51.12
C VAL A 1026 -9.75 46.03 49.84
N LEU A 1027 -8.42 45.96 49.90
CA LEU A 1027 -7.68 45.68 48.66
C LEU A 1027 -8.07 44.33 48.08
N LEU A 1028 -8.15 43.31 48.93
CA LEU A 1028 -8.48 41.96 48.51
C LEU A 1028 -9.95 41.80 48.13
N LEU A 1029 -10.81 42.76 48.45
CA LEU A 1029 -12.14 42.72 47.84
C LEU A 1029 -12.05 42.85 46.32
N CYS A 1030 -11.32 43.85 45.84
CA CYS A 1030 -11.12 43.96 44.39
C CYS A 1030 -10.23 42.85 43.86
N LEU A 1031 -9.23 42.40 44.64
CA LEU A 1031 -8.49 41.23 44.20
C LEU A 1031 -9.38 40.00 44.09
N TYR A 1032 -10.35 39.87 44.99
CA TYR A 1032 -11.28 38.75 44.93
C TYR A 1032 -12.21 38.90 43.74
N LEU A 1033 -12.50 40.14 43.34
CA LEU A 1033 -13.19 40.35 42.07
C LEU A 1033 -12.34 39.85 40.90
N LEU A 1034 -11.03 40.13 40.94
CA LEU A 1034 -10.13 39.55 39.94
C LEU A 1034 -10.17 38.03 39.98
N PHE A 1035 -10.29 37.46 41.17
CA PHE A 1035 -10.51 36.02 41.33
C PHE A 1035 -11.84 35.56 40.74
N THR A 1036 -12.87 36.40 40.81
CA THR A 1036 -14.12 36.09 40.11
C THR A 1036 -13.86 36.00 38.62
N ASN A 1037 -13.04 36.90 38.09
CA ASN A 1037 -12.61 36.77 36.71
C ASN A 1037 -11.81 35.49 36.49
N ILE A 1038 -11.21 34.94 37.55
CA ILE A 1038 -10.43 33.72 37.42
C ILE A 1038 -11.35 32.49 37.35
N LEU A 1039 -12.18 32.30 38.38
CA LEU A 1039 -12.96 31.07 38.46
C LEU A 1039 -14.09 31.03 37.44
N LEU A 1040 -14.58 32.18 37.00
CA LEU A 1040 -15.86 32.23 36.30
C LEU A 1040 -15.76 32.66 34.85
N LEU A 1041 -15.00 33.71 34.53
CA LEU A 1041 -14.79 34.07 33.14
C LEU A 1041 -14.07 32.98 32.38
N ASN A 1042 -13.29 32.15 33.07
CA ASN A 1042 -12.67 30.99 32.45
C ASN A 1042 -13.72 30.04 31.91
N LEU A 1043 -14.85 29.89 32.61
CA LEU A 1043 -15.89 28.96 32.18
C LEU A 1043 -16.46 29.32 30.83
N LEU A 1044 -16.59 30.61 30.53
CA LEU A 1044 -17.12 31.05 29.25
C LEU A 1044 -16.29 30.52 28.09
N ILE A 1045 -15.03 30.97 28.00
CA ILE A 1045 -14.14 30.54 26.92
C ILE A 1045 -13.98 29.03 26.97
N ALA A 1046 -14.00 28.45 28.16
CA ALA A 1046 -13.84 27.01 28.28
C ALA A 1046 -14.97 26.26 27.58
N MET A 1047 -16.23 26.60 27.90
CA MET A 1047 -17.32 25.87 27.28
C MET A 1047 -17.45 26.21 25.81
N PHE A 1048 -17.06 27.41 25.39
CA PHE A 1048 -17.07 27.70 23.96
C PHE A 1048 -16.04 26.85 23.22
N ASN A 1049 -14.89 26.63 23.84
CA ASN A 1049 -13.75 26.00 23.17
C ASN A 1049 -13.85 24.48 23.13
N TYR A 1050 -15.06 23.94 23.21
CA TYR A 1050 -15.29 22.51 23.00
C TYR A 1050 -15.88 22.21 21.63
N THR A 1051 -16.55 23.18 21.01
CA THR A 1051 -17.14 23.02 19.68
C THR A 1051 -16.58 24.08 18.74
N PHE A 1052 -15.26 24.22 18.71
CA PHE A 1052 -14.59 25.36 18.10
C PHE A 1052 -14.09 25.09 16.69
N GLN A 1053 -14.26 23.88 16.16
CA GLN A 1053 -13.65 23.48 14.90
C GLN A 1053 -14.67 23.53 13.76
N GLN A 1054 -14.20 24.01 12.60
CA GLN A 1054 -14.93 23.97 11.32
C GLN A 1054 -16.38 24.45 11.44
N VAL A 1055 -16.65 25.30 12.44
CA VAL A 1055 -18.02 25.77 12.62
C VAL A 1055 -18.40 26.80 11.56
N GLN A 1056 -17.46 27.67 11.15
CA GLN A 1056 -17.79 28.78 10.27
C GLN A 1056 -18.46 28.27 8.99
N GLU A 1057 -18.03 27.12 8.49
CA GLU A 1057 -18.65 26.52 7.31
C GLU A 1057 -19.75 25.52 7.65
N HIS A 1058 -19.73 24.93 8.85
CA HIS A 1058 -20.72 23.92 9.24
C HIS A 1058 -21.69 24.45 10.29
N THR A 1059 -21.62 25.75 10.60
CA THR A 1059 -22.73 26.38 11.29
C THR A 1059 -23.87 26.70 10.33
N ASP A 1060 -23.60 26.62 9.02
CA ASP A 1060 -24.68 26.76 8.05
C ASP A 1060 -25.67 25.61 8.15
N GLN A 1061 -25.18 24.39 8.43
CA GLN A 1061 -26.07 23.26 8.66
C GLN A 1061 -26.99 23.50 9.84
N ILE A 1062 -26.42 23.91 10.98
CA ILE A 1062 -27.20 24.18 12.17
C ILE A 1062 -28.18 25.33 11.94
N TRP A 1063 -27.69 26.41 11.34
CA TRP A 1063 -28.55 27.48 10.83
C TRP A 1063 -29.74 26.96 10.06
N LYS A 1064 -29.53 26.21 8.99
CA LYS A 1064 -30.65 25.77 8.17
C LYS A 1064 -31.59 24.88 8.96
N PHE A 1065 -31.04 24.06 9.86
CA PHE A 1065 -31.89 23.14 10.61
C PHE A 1065 -32.82 23.86 11.59
N GLN A 1066 -32.27 24.75 12.43
CA GLN A 1066 -33.22 25.47 13.27
C GLN A 1066 -34.09 26.43 12.49
N ARG A 1067 -33.64 26.93 11.33
CA ARG A 1067 -34.56 27.71 10.51
C ARG A 1067 -35.78 26.88 10.12
N HIS A 1068 -35.56 25.68 9.58
CA HIS A 1068 -36.68 24.86 9.15
C HIS A 1068 -37.52 24.39 10.32
N ASP A 1069 -36.90 24.05 11.45
CA ASP A 1069 -37.65 23.64 12.63
C ASP A 1069 -38.53 24.78 13.13
N LEU A 1070 -38.00 26.00 13.13
CA LEU A 1070 -38.79 27.15 13.53
C LEU A 1070 -39.93 27.41 12.57
N ILE A 1071 -39.63 27.47 11.26
CA ILE A 1071 -40.64 27.78 10.25
C ILE A 1071 -41.72 26.72 10.16
N GLU A 1072 -41.42 25.47 10.53
CA GLU A 1072 -42.41 24.40 10.40
C GLU A 1072 -43.66 24.70 11.22
N GLU A 1073 -43.50 25.25 12.42
CA GLU A 1073 -44.65 25.63 13.24
C GLU A 1073 -44.91 27.13 13.27
N TYR A 1074 -43.96 27.98 12.91
CA TYR A 1074 -44.22 29.41 12.86
C TYR A 1074 -44.77 29.86 11.52
N HIS A 1075 -44.85 28.96 10.53
CA HIS A 1075 -45.37 29.33 9.23
C HIS A 1075 -46.89 29.35 9.22
N GLY A 1076 -47.52 28.61 10.12
CA GLY A 1076 -48.97 28.58 10.20
C GLY A 1076 -49.55 29.76 10.96
N ARG A 1077 -49.09 30.96 10.64
CA ARG A 1077 -49.57 32.19 11.24
C ARG A 1077 -50.34 33.01 10.21
N PRO A 1078 -51.43 33.66 10.62
CA PRO A 1078 -52.24 34.41 9.65
C PRO A 1078 -51.48 35.57 9.05
N ALA A 1079 -51.83 35.89 7.81
CA ALA A 1079 -51.24 37.02 7.10
C ALA A 1079 -51.86 38.36 7.47
N ALA A 1080 -52.97 38.35 8.19
CA ALA A 1080 -53.60 39.60 8.60
C ALA A 1080 -52.74 40.29 9.65
N PRO A 1081 -52.46 41.58 9.49
CA PRO A 1081 -51.65 42.30 10.48
C PRO A 1081 -52.41 42.49 11.77
N PRO A 1082 -51.72 42.76 12.87
CA PRO A 1082 -52.39 42.99 14.16
C PRO A 1082 -53.41 44.10 14.09
N PRO A 1083 -53.17 45.19 13.34
CA PRO A 1083 -54.25 46.18 13.14
C PRO A 1083 -55.47 45.60 12.46
N PHE A 1084 -55.32 44.60 11.59
CA PHE A 1084 -56.44 43.99 10.87
C PHE A 1084 -56.67 42.56 11.36
N ILE A 1085 -56.49 42.33 12.67
CA ILE A 1085 -56.70 41.01 13.25
C ILE A 1085 -58.15 40.77 13.64
N LEU A 1086 -58.98 41.81 13.67
CA LEU A 1086 -60.38 41.63 14.05
C LEU A 1086 -61.14 40.82 13.01
N LEU A 1087 -60.79 40.95 11.74
CA LEU A 1087 -61.43 40.14 10.70
C LEU A 1087 -61.15 38.66 10.92
N SER A 1088 -59.88 38.31 11.14
CA SER A 1088 -59.54 36.91 11.41
C SER A 1088 -60.18 36.44 12.71
N HIS A 1089 -60.29 37.33 13.70
CA HIS A 1089 -60.96 36.98 14.94
C HIS A 1089 -62.43 36.60 14.69
N LEU A 1090 -63.16 37.48 14.01
CA LEU A 1090 -64.57 37.20 13.72
C LEU A 1090 -64.72 36.02 12.77
N GLN A 1091 -63.66 35.67 12.03
CA GLN A 1091 -63.74 34.52 11.13
C GLN A 1091 -63.49 33.19 11.83
N LEU A 1092 -62.60 33.16 12.82
CA LEU A 1092 -62.17 31.88 13.38
C LEU A 1092 -62.41 31.73 14.87
N PHE A 1093 -62.21 32.79 15.67
CA PHE A 1093 -62.30 32.64 17.11
C PHE A 1093 -63.72 32.44 17.62
N ILE A 1094 -64.72 33.06 16.98
CA ILE A 1094 -66.10 32.75 17.30
C ILE A 1094 -66.55 31.45 16.62
N LYS A 1095 -65.87 31.03 15.56
CA LYS A 1095 -66.13 29.76 14.90
C LYS A 1095 -65.62 28.59 15.73
N ARG A 1096 -64.64 28.83 16.61
CA ARG A 1096 -64.08 27.75 17.43
C ARG A 1096 -65.14 27.08 18.29
N VAL A 1097 -66.01 27.86 18.94
CA VAL A 1097 -66.85 27.33 20.00
C VAL A 1097 -67.83 26.26 19.53
N VAL A 1098 -68.26 26.31 18.26
CA VAL A 1098 -69.21 25.31 17.77
C VAL A 1098 -68.59 23.95 17.56
N LEU A 1099 -67.26 23.84 17.61
CA LEU A 1099 -66.57 22.57 17.43
C LEU A 1099 -65.72 22.25 18.65
N LYS A 1100 -65.63 20.97 18.99
CA LYS A 1100 -64.77 20.54 20.09
C LYS A 1100 -63.31 20.80 19.78
N THR A 1101 -62.88 20.53 18.55
CA THR A 1101 -61.50 20.71 18.14
C THR A 1101 -61.45 21.57 16.88
N PRO A 1102 -60.59 22.59 16.82
CA PRO A 1102 -60.49 23.41 15.61
C PRO A 1102 -60.02 22.60 14.42
N ALA A 1103 -60.87 22.49 13.39
CA ALA A 1103 -60.59 21.70 12.20
C ALA A 1103 -60.27 22.56 10.99
N LYS A 1104 -59.57 23.67 11.21
CA LYS A 1104 -59.17 24.52 10.09
C LYS A 1104 -58.15 23.80 9.20
N ARG A 1105 -58.12 24.18 7.93
CA ARG A 1105 -57.18 23.58 7.00
C ARG A 1105 -55.76 23.87 7.45
N HIS A 1106 -54.94 22.81 7.51
CA HIS A 1106 -53.60 22.93 8.05
C HIS A 1106 -52.66 23.49 6.98
N LYS A 1107 -51.90 24.51 7.36
CA LYS A 1107 -51.05 25.24 6.43
C LYS A 1107 -49.74 24.48 6.25
N GLN A 1108 -49.62 23.74 5.15
CA GLN A 1108 -48.40 23.02 4.82
C GLN A 1108 -48.15 23.10 3.32
N LEU A 1109 -46.96 22.63 2.95
CA LEU A 1109 -46.48 22.63 1.57
C LEU A 1109 -46.61 21.27 0.92
N LYS A 1110 -47.33 20.34 1.54
CA LYS A 1110 -47.56 19.03 0.96
C LYS A 1110 -48.57 19.12 -0.19
N ASN A 1111 -48.49 18.15 -1.10
CA ASN A 1111 -49.38 18.07 -2.25
C ASN A 1111 -49.93 16.66 -2.38
N LYS A 1112 -51.13 16.55 -2.93
CA LYS A 1112 -51.75 15.25 -3.19
C LYS A 1112 -51.24 14.73 -4.53
N LEU A 1113 -50.79 13.48 -4.55
CA LEU A 1113 -50.20 12.87 -5.73
C LEU A 1113 -51.22 11.98 -6.42
N GLU A 1114 -51.29 12.08 -7.74
CA GLU A 1114 -52.16 11.22 -8.53
C GLU A 1114 -51.41 9.94 -8.90
N LYS A 1115 -52.17 8.92 -9.32
CA LYS A 1115 -51.59 7.61 -9.60
C LYS A 1115 -50.61 7.67 -10.76
N ASN A 1116 -51.00 8.31 -11.86
CA ASN A 1116 -50.15 8.35 -13.04
C ASN A 1116 -48.84 9.09 -12.75
N GLU A 1117 -48.91 10.25 -12.11
CA GLU A 1117 -47.68 10.96 -11.76
C GLU A 1117 -46.88 10.19 -10.73
N GLU A 1118 -47.54 9.47 -9.83
CA GLU A 1118 -46.82 8.63 -8.87
C GLU A 1118 -45.97 7.60 -9.59
N ALA A 1119 -46.58 6.84 -10.51
CA ALA A 1119 -45.83 5.80 -11.22
C ALA A 1119 -44.75 6.41 -12.10
N ALA A 1120 -45.09 7.51 -12.80
CA ALA A 1120 -44.13 8.14 -13.70
C ALA A 1120 -42.91 8.65 -12.95
N LEU A 1121 -43.11 9.24 -11.77
CA LEU A 1121 -41.97 9.57 -10.94
C LEU A 1121 -41.22 8.33 -10.47
N LEU A 1122 -41.92 7.37 -9.85
CA LEU A 1122 -41.25 6.28 -9.17
C LEU A 1122 -40.36 5.49 -10.12
N SER A 1123 -40.82 5.26 -11.35
CA SER A 1123 -39.95 4.63 -12.34
C SER A 1123 -38.69 5.46 -12.57
N TRP A 1124 -38.83 6.79 -12.55
CA TRP A 1124 -37.69 7.66 -12.80
C TRP A 1124 -36.68 7.60 -11.66
N GLU A 1125 -37.16 7.63 -10.41
CA GLU A 1125 -36.21 7.46 -9.31
C GLU A 1125 -35.54 6.08 -9.36
N ILE A 1126 -36.28 5.05 -9.78
CA ILE A 1126 -35.65 3.74 -9.91
C ILE A 1126 -34.55 3.75 -10.96
N TYR A 1127 -34.81 4.41 -12.10
CA TYR A 1127 -33.81 4.44 -13.17
C TYR A 1127 -32.57 5.22 -12.74
N LEU A 1128 -32.76 6.38 -12.13
CA LEU A 1128 -31.61 7.13 -11.64
C LEU A 1128 -30.94 6.44 -10.45
N LYS A 1129 -31.67 5.59 -9.73
CA LYS A 1129 -31.05 4.76 -8.70
C LYS A 1129 -30.14 3.72 -9.32
N GLU A 1130 -30.56 3.13 -10.44
CA GLU A 1130 -29.65 2.25 -11.17
C GLU A 1130 -28.42 3.01 -11.64
N ASN A 1131 -28.63 4.25 -12.11
CA ASN A 1131 -27.50 5.07 -12.54
C ASN A 1131 -26.57 5.36 -11.37
N TYR A 1132 -27.12 5.57 -10.19
CA TYR A 1132 -26.31 5.81 -9.01
C TYR A 1132 -25.58 4.55 -8.58
N LEU A 1133 -26.24 3.40 -8.68
CA LEU A 1133 -25.63 2.15 -8.24
C LEU A 1133 -24.46 1.74 -9.12
N GLN A 1134 -24.57 1.89 -10.43
CA GLN A 1134 -23.44 1.57 -11.30
C GLN A 1134 -22.28 2.54 -11.07
N ASN A 1135 -22.58 3.83 -10.89
CA ASN A 1135 -21.54 4.78 -10.55
C ASN A 1135 -20.89 4.42 -9.23
N ARG A 1136 -21.69 4.03 -8.24
CA ARG A 1136 -21.22 3.60 -6.94
C ARG A 1136 -20.19 2.49 -7.08
N GLN A 1137 -20.54 1.45 -7.87
CA GLN A 1137 -19.57 0.40 -8.16
C GLN A 1137 -18.29 0.98 -8.74
N PHE A 1138 -18.43 1.96 -9.63
CA PHE A 1138 -17.23 2.59 -10.21
C PHE A 1138 -16.36 3.21 -9.13
N GLN A 1139 -16.95 3.87 -8.13
CA GLN A 1139 -16.10 4.40 -7.05
C GLN A 1139 -15.59 3.28 -6.13
N GLN A 1140 -16.37 2.22 -5.92
CA GLN A 1140 -15.85 1.15 -5.07
C GLN A 1140 -14.68 0.44 -5.73
N LYS A 1141 -14.49 0.64 -7.04
CA LYS A 1141 -13.25 0.17 -7.64
C LYS A 1141 -12.06 1.02 -7.20
N GLN A 1142 -12.30 2.31 -6.94
CA GLN A 1142 -11.22 3.30 -6.86
C GLN A 1142 -10.33 3.20 -5.62
N ARG A 1143 -10.89 3.08 -4.41
CA ARG A 1143 -10.04 3.25 -3.23
C ARG A 1143 -9.01 2.11 -3.16
N PRO A 1144 -7.80 2.37 -2.66
CA PRO A 1144 -6.73 1.37 -2.77
C PRO A 1144 -6.97 0.10 -1.98
N GLU A 1145 -8.02 0.05 -1.15
CA GLU A 1145 -8.30 -1.17 -0.40
C GLU A 1145 -8.65 -2.32 -1.35
N GLN A 1146 -9.55 -2.07 -2.31
CA GLN A 1146 -9.84 -3.10 -3.30
C GLN A 1146 -8.59 -3.48 -4.08
N LYS A 1147 -7.70 -2.52 -4.32
CA LYS A 1147 -6.44 -2.85 -4.98
C LYS A 1147 -5.59 -3.80 -4.13
N ILE A 1148 -5.49 -3.57 -2.82
CA ILE A 1148 -4.61 -4.41 -2.01
C ILE A 1148 -5.20 -5.81 -1.86
N GLU A 1149 -6.52 -5.93 -1.66
CA GLU A 1149 -7.03 -7.30 -1.62
C GLU A 1149 -7.11 -7.94 -3.01
N ASP A 1150 -7.16 -7.15 -4.08
CA ASP A 1150 -7.05 -7.72 -5.41
C ASP A 1150 -5.67 -8.33 -5.61
N ILE A 1151 -4.63 -7.65 -5.14
CA ILE A 1151 -3.30 -8.24 -5.17
C ILE A 1151 -3.26 -9.51 -4.31
N SER A 1152 -3.87 -9.42 -3.12
CA SER A 1152 -3.80 -10.54 -2.17
C SER A 1152 -4.52 -11.78 -2.67
N ASN A 1153 -5.59 -11.63 -3.44
CA ASN A 1153 -6.29 -12.82 -3.91
C ASN A 1153 -5.83 -13.22 -5.33
N LYS A 1154 -5.28 -12.28 -6.09
CA LYS A 1154 -4.73 -12.63 -7.39
C LYS A 1154 -3.41 -13.37 -7.26
N VAL A 1155 -2.61 -13.09 -6.23
CA VAL A 1155 -1.45 -13.95 -6.00
C VAL A 1155 -1.89 -15.35 -5.62
N ASP A 1156 -3.00 -15.49 -4.89
CA ASP A 1156 -3.52 -16.82 -4.57
C ASP A 1156 -3.96 -17.54 -5.84
N ALA A 1157 -4.70 -16.86 -6.72
CA ALA A 1157 -5.08 -17.47 -7.99
C ALA A 1157 -3.87 -17.76 -8.87
N MET A 1158 -2.77 -17.03 -8.67
CA MET A 1158 -1.54 -17.25 -9.43
C MET A 1158 -0.78 -18.47 -8.92
N VAL A 1159 -0.84 -18.74 -7.62
CA VAL A 1159 -0.04 -19.82 -7.04
C VAL A 1159 -0.41 -21.18 -7.64
N ASP A 1160 -1.71 -21.41 -7.85
CA ASP A 1160 -2.20 -22.78 -8.04
C ASP A 1160 -1.62 -23.44 -9.29
N LEU A 1161 -1.61 -22.73 -10.42
CA LEU A 1161 -1.41 -23.38 -11.72
C LEU A 1161 0.04 -23.50 -12.14
N LEU A 1162 0.94 -22.66 -11.64
CA LEU A 1162 2.35 -22.81 -11.99
C LEU A 1162 3.06 -23.83 -11.11
N ASP A 1163 2.39 -24.36 -10.09
CA ASP A 1163 2.93 -25.52 -9.39
C ASP A 1163 3.01 -26.73 -10.30
N LEU A 1164 2.15 -26.79 -11.31
CA LEU A 1164 2.15 -27.85 -12.31
C LEU A 1164 2.76 -27.43 -13.63
N ASP A 1165 2.47 -26.23 -14.11
CA ASP A 1165 3.02 -25.74 -15.38
C ASP A 1165 4.33 -24.98 -15.15
N GLY A 1235 -2.81 -58.47 -6.36
CA GLY A 1235 -3.61 -57.67 -7.27
C GLY A 1235 -4.68 -58.48 -7.98
N ASP A 1236 -5.79 -58.75 -7.29
CA ASP A 1236 -6.90 -59.51 -7.83
C ASP A 1236 -8.19 -58.74 -7.63
N SER A 1237 -8.86 -58.40 -8.73
CA SER A 1237 -10.14 -57.70 -8.68
C SER A 1237 -11.20 -58.63 -9.27
N TYR A 1238 -11.76 -59.47 -8.41
CA TYR A 1238 -12.75 -60.46 -8.79
C TYR A 1238 -14.02 -60.26 -7.97
N HIS A 1239 -14.94 -61.22 -8.09
CA HIS A 1239 -16.23 -61.16 -7.41
C HIS A 1239 -16.06 -61.09 -5.90
N VAL A 1240 -16.74 -60.12 -5.28
CA VAL A 1240 -16.77 -60.04 -3.83
C VAL A 1240 -18.20 -60.14 -3.29
N ASN A 1241 -19.19 -59.73 -4.10
CA ASN A 1241 -20.58 -59.78 -3.65
C ASN A 1241 -21.04 -61.20 -3.34
N ALA A 1242 -20.46 -62.20 -4.01
CA ALA A 1242 -20.76 -63.59 -3.67
C ALA A 1242 -20.31 -63.91 -2.25
N ARG A 1243 -19.12 -63.45 -1.86
CA ARG A 1243 -18.64 -63.61 -0.50
C ARG A 1243 -19.11 -62.41 0.34
N HIS A 1244 -20.41 -62.36 0.53
CA HIS A 1244 -21.07 -61.23 1.20
C HIS A 1244 -20.99 -61.43 2.70
N LEU A 1245 -20.27 -60.53 3.38
CA LEU A 1245 -20.20 -60.58 4.83
C LEU A 1245 -21.58 -60.29 5.44
N LEU A 1246 -21.81 -60.85 6.62
CA LEU A 1246 -23.11 -60.75 7.31
C LEU A 1246 -24.22 -61.31 6.42
N TYR A 1247 -24.14 -62.62 6.21
CA TYR A 1247 -25.03 -63.30 5.28
C TYR A 1247 -26.50 -63.05 5.64
N PRO A 1248 -27.32 -62.61 4.70
CA PRO A 1248 -28.72 -62.29 5.03
C PRO A 1248 -29.50 -63.53 5.46
N ASN A 1249 -30.49 -63.29 6.33
CA ASN A 1249 -31.43 -64.30 6.80
C ASN A 1249 -30.76 -65.42 7.57
N CYS A 1250 -29.51 -65.24 7.99
CA CYS A 1250 -28.79 -66.24 8.76
C CYS A 1250 -27.91 -65.53 9.78
N PRO A 1251 -27.93 -65.95 11.05
CA PRO A 1251 -27.07 -65.33 12.08
C PRO A 1251 -25.70 -65.99 12.15
N VAL A 1252 -24.86 -65.72 11.15
CA VAL A 1252 -23.54 -66.32 11.06
C VAL A 1252 -22.55 -65.26 10.56
N THR A 1253 -21.30 -65.39 11.01
CA THR A 1253 -20.22 -64.52 10.57
C THR A 1253 -19.14 -65.36 9.90
N ARG A 1254 -18.50 -64.78 8.89
CA ARG A 1254 -17.50 -65.48 8.08
C ARG A 1254 -16.09 -65.16 8.55
N PHE A 1255 -15.17 -66.09 8.33
CA PHE A 1255 -13.75 -65.84 8.46
C PHE A 1255 -13.31 -64.96 7.29
N PRO A 1256 -12.29 -64.12 7.48
CA PRO A 1256 -11.85 -63.26 6.37
C PRO A 1256 -11.27 -64.09 5.22
N VAL A 1257 -11.77 -63.80 4.02
CA VAL A 1257 -11.29 -64.47 2.80
C VAL A 1257 -10.87 -63.38 1.82
N PRO A 1258 -9.61 -62.93 1.88
CA PRO A 1258 -9.20 -61.74 1.11
C PRO A 1258 -9.31 -61.90 -0.40
N ASN A 1259 -9.13 -60.80 -1.12
CA ASN A 1259 -9.16 -60.80 -2.58
C ASN A 1259 -8.02 -61.58 -3.20
N GLU A 1260 -6.92 -61.76 -2.46
CA GLU A 1260 -5.85 -62.65 -2.89
C GLU A 1260 -6.25 -64.11 -2.64
N LYS A 1261 -7.36 -64.30 -1.93
CA LYS A 1261 -7.83 -65.62 -1.57
C LYS A 1261 -9.16 -65.90 -2.24
N VAL A 1262 -9.43 -65.26 -3.37
CA VAL A 1262 -10.62 -65.58 -4.17
C VAL A 1262 -10.41 -66.83 -5.02
N PRO A 1263 -9.24 -67.09 -5.63
CA PRO A 1263 -9.13 -68.29 -6.46
C PRO A 1263 -9.04 -69.55 -5.61
N TRP A 1264 -9.37 -70.68 -6.24
CA TRP A 1264 -9.42 -71.95 -5.51
C TRP A 1264 -8.01 -72.48 -5.24
N GLU A 1265 -7.06 -72.20 -6.13
CA GLU A 1265 -5.73 -72.79 -6.00
C GLU A 1265 -4.98 -72.26 -4.78
N THR A 1266 -5.28 -71.04 -4.34
CA THR A 1266 -4.64 -70.50 -3.15
C THR A 1266 -5.07 -71.27 -1.92
N GLU A 1267 -4.12 -71.50 -1.01
CA GLU A 1267 -4.39 -72.27 0.19
C GLU A 1267 -5.26 -71.46 1.15
N PHE A 1268 -6.35 -72.06 1.61
CA PHE A 1268 -7.26 -71.43 2.56
C PHE A 1268 -6.83 -71.86 3.96
N LEU A 1269 -5.98 -71.05 4.60
CA LEU A 1269 -5.43 -71.42 5.90
C LEU A 1269 -6.52 -71.48 6.98
N ILE A 1270 -7.46 -70.55 6.94
CA ILE A 1270 -8.46 -70.42 7.99
C ILE A 1270 -9.82 -70.89 7.50
N TYR A 1271 -9.83 -71.85 6.57
CA TYR A 1271 -11.07 -72.32 5.99
C TYR A 1271 -11.90 -73.15 6.97
N ASP A 1272 -12.83 -72.49 7.67
CA ASP A 1272 -13.81 -73.15 8.51
C ASP A 1272 -15.18 -72.60 8.13
N PRO A 1273 -15.69 -72.98 6.96
CA PRO A 1273 -16.91 -72.36 6.45
C PRO A 1273 -18.13 -72.80 7.24
N PRO A 1274 -19.20 -72.02 7.24
CA PRO A 1274 -20.42 -72.41 7.95
C PRO A 1274 -21.07 -73.63 7.31
N PHE A 1275 -21.83 -74.35 8.14
CA PHE A 1275 -22.53 -75.56 7.70
C PHE A 1275 -24.03 -75.43 7.89
N TYR A 1276 -24.57 -74.23 7.69
CA TYR A 1276 -25.98 -73.96 7.94
C TYR A 1276 -26.83 -74.52 6.80
N THR A 1277 -27.83 -75.33 7.16
CA THR A 1277 -28.78 -75.86 6.18
C THR A 1277 -30.08 -76.14 6.94
N ALA A 1278 -31.03 -75.23 6.82
CA ALA A 1278 -32.32 -75.37 7.51
C ALA A 1278 -33.41 -75.84 6.56
N LEU A 1293 -27.44 -81.11 4.37
CA LEU A 1293 -28.27 -82.25 4.73
C LEU A 1293 -28.03 -83.42 3.78
N GLU A 1294 -27.30 -83.14 2.70
CA GLU A 1294 -26.95 -84.11 1.66
C GLU A 1294 -28.16 -84.83 1.10
N PRO A 1295 -29.11 -84.11 0.44
CA PRO A 1295 -30.24 -84.77 -0.25
C PRO A 1295 -29.91 -85.18 -1.68
N LEU A 1296 -28.77 -85.85 -1.86
CA LEU A 1296 -28.27 -86.20 -3.17
C LEU A 1296 -28.85 -87.50 -3.72
N SER A 1297 -29.63 -88.23 -2.91
CA SER A 1297 -30.23 -89.47 -3.38
C SER A 1297 -31.28 -89.20 -4.45
N THR A 1298 -31.27 -90.03 -5.49
CA THR A 1298 -32.20 -89.97 -6.62
C THR A 1298 -32.14 -88.65 -7.36
N ILE A 1299 -31.10 -87.85 -7.15
CA ILE A 1299 -30.95 -86.56 -7.83
C ILE A 1299 -29.50 -86.47 -8.31
N GLN A 1300 -29.31 -86.53 -9.64
CA GLN A 1300 -27.98 -86.46 -10.23
C GLN A 1300 -27.60 -85.01 -10.42
N TYR A 1301 -26.61 -84.55 -9.67
CA TYR A 1301 -26.16 -83.16 -9.76
C TYR A 1301 -25.16 -83.00 -10.90
N ASN A 1302 -25.30 -81.87 -11.62
CA ASN A 1302 -24.44 -81.57 -12.76
C ASN A 1302 -24.48 -82.67 -13.82
N VAL A 1303 -25.69 -83.18 -14.10
CA VAL A 1303 -25.89 -84.26 -15.05
C VAL A 1303 -27.03 -83.88 -15.97
N VAL A 1304 -27.43 -84.82 -16.83
CA VAL A 1304 -28.58 -84.62 -17.73
C VAL A 1304 -29.71 -85.49 -17.16
N ASP A 1305 -30.57 -84.87 -16.35
CA ASP A 1305 -31.67 -85.56 -15.68
C ASP A 1305 -32.99 -84.91 -16.10
N GLY A 1306 -33.55 -85.38 -17.22
CA GLY A 1306 -34.84 -84.93 -17.67
C GLY A 1306 -34.86 -83.47 -18.09
N LEU A 1307 -36.06 -82.90 -18.12
CA LEU A 1307 -36.27 -81.50 -18.47
C LEU A 1307 -36.21 -80.63 -17.22
N ARG A 1308 -35.12 -80.79 -16.46
CA ARG A 1308 -34.91 -80.07 -15.22
C ARG A 1308 -33.78 -79.06 -15.29
N ASP A 1309 -33.06 -78.98 -16.41
CA ASP A 1309 -31.88 -78.11 -16.55
C ASP A 1309 -30.85 -78.42 -15.47
N ARG A 1310 -30.35 -79.66 -15.48
CA ARG A 1310 -29.43 -80.15 -14.46
C ARG A 1310 -27.97 -79.99 -14.86
N ARG A 1311 -27.68 -79.35 -15.99
CA ARG A 1311 -26.31 -79.25 -16.48
C ARG A 1311 -25.77 -77.85 -16.18
N SER A 1312 -24.48 -77.78 -15.84
CA SER A 1312 -23.81 -76.51 -15.63
C SER A 1312 -23.23 -76.04 -16.96
N PHE A 1313 -23.65 -74.86 -17.41
CA PHE A 1313 -23.25 -74.36 -18.73
C PHE A 1313 -21.78 -73.98 -18.80
N HIS A 1314 -21.10 -73.83 -17.66
CA HIS A 1314 -19.69 -73.43 -17.65
C HIS A 1314 -18.75 -74.64 -17.70
N GLY A 1315 -18.99 -75.52 -18.67
CA GLY A 1315 -18.12 -76.65 -18.88
C GLY A 1315 -18.19 -77.67 -17.76
N PRO A 1316 -17.23 -78.59 -17.73
CA PRO A 1316 -17.19 -79.59 -16.65
C PRO A 1316 -16.90 -78.94 -15.31
N TYR A 1317 -17.37 -79.61 -14.25
CA TYR A 1317 -17.24 -79.15 -12.89
C TYR A 1317 -16.04 -79.82 -12.22
N THR A 1318 -15.69 -79.33 -11.04
CA THR A 1318 -14.60 -79.87 -10.25
C THR A 1318 -15.10 -80.25 -8.86
N VAL A 1319 -14.48 -81.27 -8.28
CA VAL A 1319 -14.87 -81.78 -6.97
C VAL A 1319 -13.69 -81.62 -6.02
N GLN A 1320 -13.97 -81.15 -4.80
CA GLN A 1320 -12.97 -81.04 -3.74
C GLN A 1320 -13.26 -82.13 -2.71
N ALA A 1321 -12.53 -83.23 -2.80
CA ALA A 1321 -12.72 -84.41 -1.95
C ALA A 1321 -14.16 -84.89 -2.18
N GLY A 1322 -14.95 -85.12 -1.13
CA GLY A 1322 -16.31 -85.58 -1.30
C GLY A 1322 -17.36 -84.50 -1.49
N LEU A 1323 -17.03 -83.26 -1.15
CA LEU A 1323 -17.98 -82.16 -1.29
C LEU A 1323 -17.59 -81.30 -2.47
N PRO A 1324 -18.39 -81.26 -3.54
CA PRO A 1324 -18.05 -80.43 -4.70
C PRO A 1324 -18.13 -78.95 -4.36
N LEU A 1325 -17.35 -78.16 -5.11
CA LEU A 1325 -17.29 -76.72 -4.91
C LEU A 1325 -18.13 -76.04 -5.99
N ASN A 1326 -18.93 -75.07 -5.58
CA ASN A 1326 -19.70 -74.29 -6.54
C ASN A 1326 -18.73 -73.46 -7.37
N PRO A 1327 -18.83 -73.50 -8.70
CA PRO A 1327 -17.98 -72.65 -9.53
C PRO A 1327 -18.16 -71.18 -9.17
N MET A 1328 -17.15 -70.38 -9.53
CA MET A 1328 -17.11 -68.94 -9.28
C MET A 1328 -16.89 -68.69 -7.79
N GLY A 1329 -17.81 -69.13 -6.95
CA GLY A 1329 -17.60 -69.05 -5.52
C GLY A 1329 -18.83 -69.51 -4.76
N ARG A 1330 -18.61 -69.78 -3.47
CA ARG A 1330 -19.71 -70.09 -2.57
C ARG A 1330 -20.27 -68.82 -1.93
N THR A 1331 -21.41 -68.98 -1.26
CA THR A 1331 -22.03 -67.89 -0.53
C THR A 1331 -22.29 -68.19 0.94
N GLY A 1332 -22.42 -69.46 1.32
CA GLY A 1332 -22.58 -69.80 2.72
C GLY A 1332 -23.74 -70.72 3.03
N LEU A 1333 -24.34 -71.32 2.01
CA LEU A 1333 -25.42 -72.28 2.20
C LEU A 1333 -25.15 -73.50 1.35
N ARG A 1334 -25.47 -74.67 1.89
CA ARG A 1334 -25.23 -75.94 1.21
C ARG A 1334 -26.52 -76.74 1.16
N GLY A 1335 -26.58 -77.66 0.20
CA GLY A 1335 -27.78 -78.46 0.04
C GLY A 1335 -28.90 -77.65 -0.58
N ARG A 1336 -30.10 -77.83 -0.05
CA ARG A 1336 -31.28 -77.11 -0.52
C ARG A 1336 -31.62 -75.90 0.34
N GLY A 1337 -31.63 -76.07 1.66
CA GLY A 1337 -32.01 -75.00 2.55
C GLY A 1337 -33.52 -74.82 2.64
N SER A 1338 -33.91 -73.75 3.34
CA SER A 1338 -35.31 -73.43 3.52
C SER A 1338 -35.84 -72.73 2.26
N LEU A 1339 -35.98 -73.53 1.21
CA LEU A 1339 -36.42 -73.05 -0.09
C LEU A 1339 -37.59 -73.92 -0.57
N SER A 1340 -37.97 -73.72 -1.83
CA SER A 1340 -39.16 -74.38 -2.36
C SER A 1340 -38.94 -75.88 -2.53
N CYS A 1341 -38.00 -76.26 -3.38
CA CYS A 1341 -37.75 -77.67 -3.69
C CYS A 1341 -36.31 -77.81 -4.16
N PHE A 1342 -35.95 -79.00 -4.61
CA PHE A 1342 -34.59 -79.26 -5.07
C PHE A 1342 -34.39 -78.64 -6.46
N GLY A 1343 -33.22 -78.91 -7.04
CA GLY A 1343 -32.89 -78.35 -8.33
C GLY A 1343 -32.41 -76.92 -8.24
N PRO A 1344 -32.54 -76.18 -9.34
CA PRO A 1344 -31.97 -74.83 -9.39
C PRO A 1344 -32.97 -73.79 -8.89
N ASN A 1345 -32.46 -72.73 -8.28
CA ASN A 1345 -33.30 -71.59 -7.94
C ASN A 1345 -33.45 -70.72 -9.18
N HIS A 1346 -34.29 -71.16 -10.13
CA HIS A 1346 -34.41 -70.48 -11.41
C HIS A 1346 -34.86 -69.03 -11.24
N THR A 1347 -34.67 -68.24 -12.29
CA THR A 1347 -35.22 -66.91 -12.40
C THR A 1347 -35.75 -66.71 -13.81
N LEU A 1348 -36.86 -65.98 -13.91
CA LEU A 1348 -37.52 -65.76 -15.19
C LEU A 1348 -38.13 -64.35 -15.13
N TYR A 1349 -37.39 -63.37 -15.64
CA TYR A 1349 -37.76 -61.98 -15.48
C TYR A 1349 -38.54 -61.50 -16.69
N PRO A 1350 -39.83 -61.18 -16.55
CA PRO A 1350 -40.57 -60.59 -17.67
C PRO A 1350 -40.49 -59.07 -17.64
N MET A 1351 -41.06 -58.43 -18.66
CA MET A 1351 -41.07 -56.97 -18.71
C MET A 1351 -42.17 -56.51 -19.66
N VAL A 1352 -42.77 -55.37 -19.35
CA VAL A 1352 -43.88 -54.82 -20.12
C VAL A 1352 -43.62 -53.34 -20.37
N THR A 1353 -44.10 -52.85 -21.51
CA THR A 1353 -43.92 -51.45 -21.89
C THR A 1353 -45.26 -50.87 -22.32
N ARG A 1354 -45.55 -49.67 -21.83
CA ARG A 1354 -46.73 -48.92 -22.24
C ARG A 1354 -46.33 -47.47 -22.50
N TRP A 1355 -46.85 -46.93 -23.61
CA TRP A 1355 -46.51 -45.58 -24.01
C TRP A 1355 -47.06 -44.56 -23.00
N ARG A 1356 -46.36 -43.43 -22.90
CA ARG A 1356 -46.69 -42.39 -21.93
C ARG A 1356 -47.83 -41.54 -22.49
N ARG A 1357 -49.01 -41.66 -21.88
CA ARG A 1357 -50.17 -40.89 -22.30
C ARG A 1357 -50.18 -39.54 -21.59
N ASN A 1358 -50.20 -38.46 -22.37
CA ASN A 1358 -50.49 -37.13 -21.83
C ASN A 1358 -51.78 -36.55 -22.41
N GLU A 1359 -51.83 -36.37 -23.73
CA GLU A 1359 -53.09 -36.12 -24.43
C GLU A 1359 -53.25 -36.96 -25.70
N ASP A 1360 -52.16 -37.33 -26.36
CA ASP A 1360 -52.20 -38.23 -27.51
C ASP A 1360 -51.09 -39.26 -27.52
N GLY A 1361 -50.14 -39.19 -26.58
CA GLY A 1361 -49.06 -40.15 -26.53
C GLY A 1361 -47.71 -39.63 -26.97
N ALA A 1362 -47.38 -38.40 -26.61
CA ALA A 1362 -46.06 -37.87 -26.90
C ALA A 1362 -45.01 -38.57 -26.04
N ILE A 1363 -43.77 -38.57 -26.51
CA ILE A 1363 -42.68 -39.30 -25.89
C ILE A 1363 -41.68 -38.31 -25.32
N CYS A 1364 -41.32 -38.51 -24.04
CA CYS A 1364 -40.26 -37.73 -23.40
C CYS A 1364 -38.97 -38.54 -23.49
N ARG A 1365 -38.12 -38.13 -24.43
CA ARG A 1365 -36.86 -38.82 -24.65
C ARG A 1365 -35.92 -38.63 -23.47
N LYS A 1366 -34.74 -39.25 -23.56
CA LYS A 1366 -33.68 -39.03 -22.59
C LYS A 1366 -32.85 -37.82 -23.02
N SER A 1367 -31.71 -37.62 -22.37
CA SER A 1367 -30.83 -36.52 -22.74
C SER A 1367 -30.18 -36.76 -24.10
N ILE A 1368 -29.81 -38.00 -24.38
CA ILE A 1368 -29.05 -38.35 -25.58
C ILE A 1368 -29.88 -39.17 -26.56
N LYS A 1369 -30.33 -40.35 -26.14
CA LYS A 1369 -30.99 -41.29 -27.02
C LYS A 1369 -32.38 -41.63 -26.51
N LYS A 1370 -33.06 -42.50 -27.24
CA LYS A 1370 -34.40 -42.93 -26.86
C LYS A 1370 -34.33 -43.86 -25.65
N MET A 1371 -34.92 -43.43 -24.55
CA MET A 1371 -34.97 -44.20 -23.31
C MET A 1371 -36.38 -44.77 -23.18
N LEU A 1372 -36.57 -46.01 -23.65
CA LEU A 1372 -37.89 -46.61 -23.66
C LEU A 1372 -38.32 -46.94 -22.23
N GLU A 1373 -39.62 -46.75 -21.98
CA GLU A 1373 -40.15 -46.78 -20.61
C GLU A 1373 -40.18 -48.20 -20.05
N VAL A 1374 -39.02 -48.69 -19.61
CA VAL A 1374 -38.98 -49.95 -18.88
C VAL A 1374 -39.75 -49.80 -17.57
N LEU A 1375 -40.48 -50.86 -17.20
CA LEU A 1375 -41.34 -50.83 -16.02
C LEU A 1375 -41.16 -52.12 -15.24
N VAL A 1376 -41.23 -52.02 -13.91
CA VAL A 1376 -41.20 -53.17 -13.02
C VAL A 1376 -42.33 -53.01 -12.00
N VAL A 1377 -42.64 -54.12 -11.32
CA VAL A 1377 -43.64 -54.13 -10.27
C VAL A 1377 -42.96 -54.50 -8.95
N LYS A 1378 -43.73 -54.43 -7.88
CA LYS A 1378 -43.22 -54.70 -6.54
C LYS A 1378 -43.99 -55.85 -5.90
N LEU A 1379 -43.28 -56.65 -5.11
CA LEU A 1379 -43.91 -57.73 -4.37
C LEU A 1379 -44.85 -57.15 -3.31
N PRO A 1380 -46.00 -57.80 -3.07
CA PRO A 1380 -47.00 -57.19 -2.17
C PRO A 1380 -46.48 -56.86 -0.78
N LEU A 1381 -45.60 -57.69 -0.22
CA LEU A 1381 -45.02 -57.45 1.11
C LEU A 1381 -43.51 -57.57 0.99
N SER A 1382 -42.85 -56.48 0.61
CA SER A 1382 -41.40 -56.48 0.46
C SER A 1382 -40.91 -55.04 0.49
N GLU A 1383 -39.62 -54.89 0.77
CA GLU A 1383 -38.95 -53.59 0.75
C GLU A 1383 -38.29 -53.28 -0.59
N HIS A 1384 -38.41 -54.18 -1.56
CA HIS A 1384 -37.72 -54.07 -2.84
C HIS A 1384 -38.69 -54.36 -3.97
N TRP A 1385 -38.43 -53.76 -5.12
CA TRP A 1385 -39.20 -54.08 -6.32
C TRP A 1385 -38.77 -55.43 -6.87
N ALA A 1386 -39.74 -56.28 -7.15
CA ALA A 1386 -39.49 -57.64 -7.63
C ALA A 1386 -40.32 -57.90 -8.88
N LEU A 1387 -39.66 -58.33 -9.96
CA LEU A 1387 -40.37 -58.73 -11.16
C LEU A 1387 -41.07 -60.07 -10.94
N PRO A 1388 -42.18 -60.33 -11.65
CA PRO A 1388 -42.89 -61.60 -11.45
C PRO A 1388 -42.11 -62.79 -11.98
N GLY A 1389 -41.10 -63.22 -11.22
CA GLY A 1389 -40.28 -64.35 -11.61
C GLY A 1389 -39.76 -65.09 -10.40
N GLY A 1390 -39.13 -66.22 -10.66
CA GLY A 1390 -38.61 -67.06 -9.59
C GLY A 1390 -38.26 -68.44 -10.09
N SER A 1391 -38.27 -69.40 -9.17
CA SER A 1391 -37.93 -70.78 -9.50
C SER A 1391 -38.99 -71.36 -10.44
N ARG A 1392 -38.56 -71.80 -11.61
CA ARG A 1392 -39.49 -72.36 -12.59
C ARG A 1392 -39.99 -73.73 -12.12
N GLU A 1393 -41.31 -73.83 -11.92
CA GLU A 1393 -41.89 -75.11 -11.55
C GLU A 1393 -41.77 -76.08 -12.72
N PRO A 1394 -41.43 -77.34 -12.46
CA PRO A 1394 -41.31 -78.31 -13.55
C PRO A 1394 -42.62 -78.46 -14.32
N GLY A 1395 -42.50 -78.54 -15.65
CA GLY A 1395 -43.65 -78.72 -16.51
C GLY A 1395 -44.51 -77.49 -16.71
N GLU A 1396 -44.33 -76.44 -15.92
CA GLU A 1396 -45.20 -75.26 -16.01
C GLU A 1396 -44.48 -74.06 -16.65
N MET A 1397 -43.22 -73.84 -16.29
CA MET A 1397 -42.38 -72.71 -16.69
C MET A 1397 -42.84 -71.40 -16.05
N LEU A 1398 -43.87 -71.41 -15.21
CA LEU A 1398 -44.37 -70.20 -14.56
C LEU A 1398 -44.02 -70.24 -13.07
N PRO A 1399 -43.18 -69.33 -12.59
CA PRO A 1399 -42.70 -69.44 -11.21
C PRO A 1399 -43.67 -68.90 -10.18
N ARG A 1400 -44.96 -69.26 -10.29
CA ARG A 1400 -46.00 -69.01 -9.31
C ARG A 1400 -46.27 -67.54 -9.07
N LYS A 1401 -45.58 -66.62 -9.77
CA LYS A 1401 -45.75 -65.20 -9.53
C LYS A 1401 -46.25 -64.42 -10.74
N LEU A 1402 -46.18 -65.00 -11.95
CA LEU A 1402 -46.68 -64.33 -13.14
C LEU A 1402 -48.16 -64.60 -13.38
N LYS A 1403 -48.62 -65.82 -13.10
CA LYS A 1403 -50.00 -66.20 -13.36
C LYS A 1403 -50.96 -65.72 -12.28
N ARG A 1404 -50.46 -65.33 -11.11
CA ARG A 1404 -51.31 -64.95 -9.99
C ARG A 1404 -50.89 -63.59 -9.46
N ILE A 1405 -51.82 -62.95 -8.76
CA ILE A 1405 -51.63 -61.62 -8.17
C ILE A 1405 -51.32 -60.63 -9.28
N LEU A 1406 -51.84 -60.90 -10.47
CA LEU A 1406 -51.59 -60.10 -11.66
C LEU A 1406 -52.83 -60.17 -12.54
N ARG A 1407 -52.65 -59.81 -13.82
CA ARG A 1407 -53.73 -59.86 -14.80
C ARG A 1407 -54.41 -61.23 -14.81
N GLN A 1408 -55.66 -61.24 -15.27
CA GLN A 1408 -56.44 -62.45 -15.40
C GLN A 1408 -56.96 -62.58 -16.83
N GLU A 1409 -57.25 -63.82 -17.23
CA GLU A 1409 -57.74 -64.19 -18.55
C GLU A 1409 -56.75 -63.90 -19.66
N HIS A 1410 -55.50 -63.58 -19.34
CA HIS A 1410 -54.46 -63.35 -20.34
C HIS A 1410 -53.24 -64.22 -20.10
N TRP A 1411 -53.36 -65.25 -19.26
CA TRP A 1411 -52.22 -66.10 -18.94
C TRP A 1411 -51.64 -66.82 -20.16
N PRO A 1412 -52.42 -67.50 -21.01
CA PRO A 1412 -51.80 -68.26 -22.11
C PRO A 1412 -51.08 -67.39 -23.14
N SER A 1413 -51.46 -66.12 -23.26
CA SER A 1413 -50.89 -65.28 -24.32
C SER A 1413 -49.43 -64.94 -24.07
N PHE A 1414 -49.11 -64.48 -22.84
CA PHE A 1414 -47.76 -64.04 -22.55
C PHE A 1414 -46.79 -65.19 -22.34
N GLU A 1415 -47.28 -66.40 -22.06
CA GLU A 1415 -46.39 -67.53 -21.86
C GLU A 1415 -45.65 -67.88 -23.14
N ASN A 1416 -46.32 -67.79 -24.29
CA ASN A 1416 -45.66 -68.05 -25.56
C ASN A 1416 -44.57 -67.02 -25.84
N LEU A 1417 -44.84 -65.75 -25.54
CA LEU A 1417 -43.86 -64.70 -25.79
C LEU A 1417 -42.68 -64.81 -24.81
N LEU A 1418 -42.94 -65.26 -23.58
CA LEU A 1418 -41.89 -65.31 -22.57
C LEU A 1418 -40.85 -66.38 -22.85
N LYS A 1419 -41.13 -67.32 -23.75
CA LYS A 1419 -40.17 -68.33 -24.17
C LYS A 1419 -39.61 -68.04 -25.56
N CYS A 1420 -39.77 -66.81 -26.05
CA CYS A 1420 -39.30 -66.40 -27.37
C CYS A 1420 -38.49 -65.12 -27.20
N GLY A 1421 -37.17 -65.26 -27.04
CA GLY A 1421 -36.31 -64.11 -26.91
C GLY A 1421 -34.88 -64.53 -26.68
N MET A 1422 -34.00 -63.53 -26.66
CA MET A 1422 -32.58 -63.74 -26.45
C MET A 1422 -32.23 -63.37 -25.01
N GLU A 1423 -31.32 -64.14 -24.43
CA GLU A 1423 -30.97 -64.03 -23.03
C GLU A 1423 -30.12 -62.78 -22.77
N VAL A 1424 -30.13 -62.34 -21.52
CA VAL A 1424 -29.23 -61.30 -21.06
C VAL A 1424 -27.97 -61.89 -20.43
N TYR A 1425 -28.13 -62.96 -19.65
CA TYR A 1425 -27.00 -63.71 -19.08
C TYR A 1425 -27.46 -65.02 -18.49
N LYS A 1426 -26.77 -66.11 -18.84
CA LYS A 1426 -27.04 -67.44 -18.28
C LYS A 1426 -25.80 -67.91 -17.54
N GLY A 1427 -25.88 -67.94 -16.22
CA GLY A 1427 -24.77 -68.43 -15.43
C GLY A 1427 -24.90 -68.00 -13.97
N TYR A 1428 -23.91 -68.43 -13.18
CA TYR A 1428 -23.84 -68.03 -11.79
C TYR A 1428 -23.61 -66.53 -11.69
N MET A 1429 -24.23 -65.90 -10.69
CA MET A 1429 -24.21 -64.46 -10.59
C MET A 1429 -24.00 -64.04 -9.13
N ASP A 1430 -23.45 -62.83 -8.95
CA ASP A 1430 -23.08 -62.31 -7.64
C ASP A 1430 -24.31 -61.87 -6.87
N ASP A 1431 -24.82 -62.79 -6.05
CA ASP A 1431 -25.91 -62.48 -5.15
C ASP A 1431 -25.67 -63.11 -3.78
N PRO A 1432 -26.08 -62.45 -2.69
CA PRO A 1432 -25.87 -63.03 -1.36
C PRO A 1432 -26.93 -64.06 -0.97
N ARG A 1433 -27.68 -64.55 -1.95
CA ARG A 1433 -28.74 -65.53 -1.71
C ARG A 1433 -28.57 -66.73 -2.63
N ASN A 1434 -27.36 -67.24 -2.72
CA ASN A 1434 -27.02 -68.40 -3.52
C ASN A 1434 -26.74 -69.59 -2.61
N THR A 1435 -26.56 -70.76 -3.22
CA THR A 1435 -26.28 -71.99 -2.49
C THR A 1435 -25.06 -72.66 -3.10
N ASP A 1436 -24.41 -73.52 -2.30
CA ASP A 1436 -23.26 -74.28 -2.76
C ASP A 1436 -23.65 -75.46 -3.64
N ASN A 1437 -24.84 -76.03 -3.43
CA ASN A 1437 -25.26 -77.25 -4.13
C ASN A 1437 -26.19 -76.92 -5.30
N ALA A 1438 -26.66 -75.68 -5.39
CA ALA A 1438 -27.55 -75.27 -6.47
C ALA A 1438 -27.30 -73.80 -6.77
N TRP A 1439 -27.72 -73.38 -7.96
CA TRP A 1439 -27.46 -72.04 -8.44
C TRP A 1439 -28.58 -71.62 -9.38
N ILE A 1440 -28.48 -70.41 -9.91
CA ILE A 1440 -29.56 -69.77 -10.65
C ILE A 1440 -29.28 -69.86 -12.14
N GLU A 1441 -30.22 -70.44 -12.88
CA GLU A 1441 -30.21 -70.44 -14.34
C GLU A 1441 -31.33 -69.54 -14.83
N THR A 1442 -30.99 -68.54 -15.63
CA THR A 1442 -31.90 -67.46 -15.96
C THR A 1442 -32.46 -67.60 -17.38
N VAL A 1443 -33.67 -67.11 -17.56
CA VAL A 1443 -34.29 -66.96 -18.88
C VAL A 1443 -34.90 -65.57 -18.94
N ALA A 1444 -34.50 -64.79 -19.95
CA ALA A 1444 -34.97 -63.42 -20.09
C ALA A 1444 -35.38 -63.16 -21.54
N VAL A 1445 -36.39 -62.30 -21.70
CA VAL A 1445 -36.89 -61.93 -23.02
C VAL A 1445 -37.07 -60.42 -23.06
N SER A 1446 -36.52 -59.79 -24.10
CA SER A 1446 -36.66 -58.36 -24.31
C SER A 1446 -37.67 -58.12 -25.44
N VAL A 1447 -38.76 -57.43 -25.12
CA VAL A 1447 -39.84 -57.20 -26.06
C VAL A 1447 -40.31 -55.76 -25.94
N HIS A 1448 -40.59 -55.13 -27.09
CA HIS A 1448 -41.12 -53.77 -27.13
C HIS A 1448 -42.41 -53.76 -27.92
N PHE A 1449 -43.38 -53.01 -27.42
CA PHE A 1449 -44.69 -52.89 -28.05
C PHE A 1449 -44.76 -51.58 -28.81
N GLN A 1450 -45.14 -51.65 -30.10
CA GLN A 1450 -45.22 -50.45 -30.91
C GLN A 1450 -46.34 -49.52 -30.44
N ASP A 1451 -47.34 -50.06 -29.75
CA ASP A 1451 -48.44 -49.28 -29.23
C ASP A 1451 -48.84 -49.81 -27.85
N GLN A 1452 -49.40 -48.93 -27.04
CA GLN A 1452 -49.91 -49.35 -25.72
C GLN A 1452 -51.11 -50.28 -25.85
N ASN A 1453 -51.78 -50.29 -27.00
CA ASN A 1453 -52.89 -51.18 -27.27
C ASN A 1453 -52.49 -52.33 -28.20
N ASP A 1454 -51.28 -52.85 -28.03
CA ASP A 1454 -50.77 -53.94 -28.88
C ASP A 1454 -51.47 -55.24 -28.46
N VAL A 1455 -52.62 -55.49 -29.11
CA VAL A 1455 -53.47 -56.64 -28.82
C VAL A 1455 -53.87 -56.61 -27.35
N GLU A 1456 -53.84 -57.76 -26.69
CA GLU A 1456 -54.19 -57.88 -25.29
C GLU A 1456 -52.98 -57.94 -24.37
N LEU A 1457 -51.77 -57.81 -24.93
CA LEU A 1457 -50.57 -57.92 -24.11
C LEU A 1457 -50.44 -56.77 -23.11
N ASN A 1458 -50.80 -55.56 -23.52
CA ASN A 1458 -50.64 -54.38 -22.69
C ASN A 1458 -51.95 -53.71 -22.31
N ARG A 1459 -52.87 -53.57 -23.26
CA ARG A 1459 -54.11 -52.84 -22.99
C ARG A 1459 -55.12 -53.71 -22.24
N LEU A 1460 -55.53 -54.82 -22.84
CA LEU A 1460 -56.51 -55.69 -22.20
C LEU A 1460 -55.95 -56.36 -20.95
N ASN A 1461 -54.64 -56.63 -20.94
CA ASN A 1461 -54.02 -57.20 -19.75
C ASN A 1461 -54.13 -56.26 -18.56
N SER A 1462 -53.87 -54.97 -18.78
CA SER A 1462 -54.03 -53.99 -17.71
C SER A 1462 -55.50 -53.78 -17.37
N ASN A 1463 -56.38 -53.84 -18.37
CA ASN A 1463 -57.80 -53.66 -18.12
C ASN A 1463 -58.39 -54.80 -17.30
N LEU A 1464 -57.83 -56.01 -17.42
CA LEU A 1464 -58.31 -57.16 -16.69
C LEU A 1464 -57.48 -57.47 -15.44
N HIS A 1465 -56.59 -56.56 -15.07
CA HIS A 1465 -55.74 -56.74 -13.89
C HIS A 1465 -56.31 -55.95 -12.72
N ALA A 1466 -56.51 -56.64 -11.60
CA ALA A 1466 -57.05 -56.00 -10.40
C ALA A 1466 -56.55 -56.76 -9.18
N CYS A 1467 -55.81 -56.07 -8.32
CA CYS A 1467 -55.30 -56.68 -7.09
C CYS A 1467 -56.27 -56.49 -5.92
N ASP A 1468 -56.62 -55.24 -5.63
CA ASP A 1468 -57.55 -54.86 -4.58
C ASP A 1468 -57.11 -55.30 -3.19
N SER A 1469 -55.84 -55.65 -3.01
CA SER A 1469 -55.32 -56.09 -1.73
C SER A 1469 -54.04 -55.36 -1.32
N GLY A 1470 -53.25 -54.91 -2.30
CA GLY A 1470 -52.02 -54.23 -1.96
C GLY A 1470 -52.27 -52.92 -1.24
N ALA A 1471 -51.46 -52.66 -0.21
CA ALA A 1471 -51.62 -51.44 0.57
C ALA A 1471 -51.12 -50.21 -0.18
N SER A 1472 -49.98 -50.33 -0.87
CA SER A 1472 -49.36 -49.22 -1.56
C SER A 1472 -49.11 -49.58 -3.02
N ILE A 1473 -49.27 -48.60 -3.91
CA ILE A 1473 -49.01 -48.77 -5.32
C ILE A 1473 -48.50 -47.45 -5.89
N ARG A 1474 -47.58 -47.53 -6.83
CA ARG A 1474 -47.02 -46.36 -7.49
C ARG A 1474 -46.43 -46.78 -8.83
N TRP A 1475 -46.45 -45.84 -9.78
CA TRP A 1475 -45.96 -46.11 -11.13
C TRP A 1475 -44.91 -45.08 -11.50
N GLN A 1476 -43.72 -45.55 -11.86
CA GLN A 1476 -42.63 -44.71 -12.32
C GLN A 1476 -41.84 -45.45 -13.38
N VAL A 1477 -41.16 -44.69 -14.24
CA VAL A 1477 -40.19 -45.29 -15.14
C VAL A 1477 -38.92 -45.62 -14.37
N VAL A 1478 -38.46 -46.86 -14.49
CA VAL A 1478 -37.39 -47.36 -13.64
C VAL A 1478 -36.05 -47.00 -14.30
N ASP A 1479 -35.61 -45.78 -14.02
CA ASP A 1479 -34.30 -45.29 -14.40
C ASP A 1479 -33.32 -45.61 -13.28
N ARG A 1480 -32.17 -44.94 -13.26
CA ARG A 1480 -31.16 -45.15 -12.23
C ARG A 1480 -31.69 -44.98 -10.81
N ARG A 1481 -32.92 -44.48 -10.68
CA ARG A 1481 -33.57 -44.25 -9.40
C ARG A 1481 -34.26 -45.48 -8.83
N ILE A 1482 -34.27 -46.60 -9.54
CA ILE A 1482 -34.98 -47.79 -9.08
C ILE A 1482 -34.12 -48.54 -8.08
N PRO A 1483 -34.63 -48.82 -6.87
CA PRO A 1483 -33.87 -49.61 -5.88
C PRO A 1483 -34.11 -51.12 -6.02
N LEU A 1484 -33.61 -51.69 -7.12
CA LEU A 1484 -33.67 -53.13 -7.32
C LEU A 1484 -32.58 -53.82 -6.50
N TYR A 1485 -32.40 -55.12 -6.76
CA TYR A 1485 -31.29 -55.84 -6.15
C TYR A 1485 -29.96 -55.29 -6.62
N ALA A 1486 -28.95 -55.36 -5.74
CA ALA A 1486 -27.59 -55.11 -6.18
C ALA A 1486 -27.13 -56.16 -7.18
N ASN A 1487 -27.81 -57.30 -7.20
CA ASN A 1487 -27.59 -58.29 -8.25
C ASN A 1487 -27.97 -57.72 -9.62
N HIS A 1488 -29.11 -57.02 -9.69
CA HIS A 1488 -29.66 -56.66 -10.99
C HIS A 1488 -28.91 -55.51 -11.65
N LYS A 1489 -28.16 -54.72 -10.89
CA LYS A 1489 -27.46 -53.58 -11.49
C LYS A 1489 -26.34 -54.06 -12.41
N THR A 1490 -25.59 -55.08 -11.98
CA THR A 1490 -24.55 -55.62 -12.85
C THR A 1490 -25.14 -56.33 -14.06
N LEU A 1491 -26.28 -57.00 -13.88
CA LEU A 1491 -26.96 -57.60 -15.03
C LEU A 1491 -27.40 -56.55 -16.02
N LEU A 1492 -27.95 -55.43 -15.55
CA LEU A 1492 -28.38 -54.36 -16.43
C LEU A 1492 -27.19 -53.69 -17.12
N GLN A 1493 -26.05 -53.60 -16.44
CA GLN A 1493 -24.86 -53.02 -17.06
C GLN A 1493 -24.48 -53.75 -18.34
N LYS A 1494 -24.71 -55.07 -18.39
CA LYS A 1494 -24.43 -55.84 -19.60
C LYS A 1494 -25.65 -55.96 -20.50
N ALA A 1495 -26.87 -55.89 -19.96
CA ALA A 1495 -28.08 -56.01 -20.74
C ALA A 1495 -28.49 -54.70 -21.41
N ALA A 1496 -27.80 -53.60 -21.13
CA ALA A 1496 -28.08 -52.35 -21.83
C ALA A 1496 -27.87 -52.49 -23.33
N ALA A 1497 -27.07 -53.49 -23.74
CA ALA A 1497 -26.85 -53.76 -25.17
C ALA A 1497 -28.05 -54.41 -25.84
N GLU A 1498 -29.07 -54.82 -25.08
CA GLU A 1498 -30.24 -55.45 -25.68
C GLU A 1498 -30.94 -54.49 -26.65
N PHE A 1499 -31.06 -53.22 -26.27
CA PHE A 1499 -31.61 -52.20 -27.15
C PHE A 1499 -30.56 -51.29 -27.74
N GLY A 1500 -29.36 -51.24 -27.16
CA GLY A 1500 -28.30 -50.39 -27.68
C GLY A 1500 -28.43 -48.93 -27.30
N ALA A 1501 -29.41 -48.57 -26.47
CA ALA A 1501 -29.59 -47.18 -26.08
C ALA A 1501 -28.59 -46.79 -25.00
N HIS A 1502 -28.46 -45.48 -24.81
CA HIS A 1502 -27.55 -44.92 -23.80
C HIS A 1502 -28.32 -44.75 -22.50
N TYR A 1503 -27.92 -45.49 -21.48
CA TYR A 1503 -28.58 -45.43 -20.17
C TYR A 1503 -28.13 -44.21 -19.38
N SER B 60 52.48 -22.56 40.34
CA SER B 60 53.86 -22.21 40.06
C SER B 60 54.81 -23.33 40.48
N SER B 61 54.27 -24.31 41.20
CA SER B 61 55.05 -25.45 41.68
C SER B 61 54.60 -26.77 41.06
N TRP B 62 53.58 -26.74 40.20
CA TRP B 62 53.10 -27.96 39.55
C TRP B 62 53.73 -28.18 38.19
N ILE B 63 54.07 -27.10 37.49
CA ILE B 63 54.71 -27.15 36.18
C ILE B 63 56.21 -27.19 36.48
N PRO B 64 57.12 -27.14 35.49
CA PRO B 64 58.31 -28.02 35.51
C PRO B 64 58.30 -29.21 36.47
N GLU B 65 57.12 -29.78 36.74
CA GLU B 65 57.01 -31.05 37.46
C GLU B 65 56.09 -32.05 36.78
N ASN B 66 55.07 -31.58 36.05
CA ASN B 66 54.18 -32.48 35.32
C ASN B 66 54.17 -32.20 33.82
N ILE B 67 54.80 -31.12 33.36
CA ILE B 67 54.89 -30.80 31.94
C ILE B 67 56.37 -30.79 31.56
N LYS B 68 56.71 -31.53 30.51
CA LYS B 68 58.08 -31.75 30.10
C LYS B 68 58.33 -31.13 28.72
N LYS B 69 59.57 -31.27 28.24
CA LYS B 69 60.00 -30.71 26.98
C LYS B 69 60.91 -31.70 26.28
N LYS B 70 60.99 -31.60 24.96
CA LYS B 70 61.83 -32.49 24.17
C LYS B 70 62.87 -31.66 23.43
N GLU B 71 64.13 -32.05 23.55
CA GLU B 71 65.26 -31.34 22.96
C GLU B 71 66.13 -32.33 22.19
N CYS B 72 67.14 -31.80 21.50
CA CYS B 72 68.08 -32.61 20.74
C CYS B 72 69.38 -32.73 21.53
N VAL B 73 69.82 -33.98 21.77
CA VAL B 73 70.89 -34.24 22.74
C VAL B 73 72.28 -34.27 22.11
N TYR B 74 72.40 -34.19 20.79
CA TYR B 74 73.71 -34.13 20.17
C TYR B 74 73.59 -33.43 18.82
N PHE B 75 74.73 -32.97 18.33
CA PHE B 75 74.79 -32.15 17.13
C PHE B 75 75.47 -32.91 16.00
N VAL B 76 75.01 -32.68 14.77
CA VAL B 76 75.59 -33.32 13.60
C VAL B 76 76.27 -32.34 12.66
N GLU B 77 76.14 -31.02 12.91
CA GLU B 77 76.67 -29.94 12.07
C GLU B 77 76.63 -30.27 10.58
N SER B 78 75.45 -30.62 10.05
CA SER B 78 75.31 -30.82 8.61
C SER B 78 75.50 -29.49 7.88
N SER B 79 76.08 -29.57 6.68
CA SER B 79 76.46 -28.38 5.91
C SER B 79 75.19 -27.69 5.41
N LYS B 80 74.61 -26.85 6.27
CA LYS B 80 73.47 -26.02 5.91
C LYS B 80 73.71 -24.62 6.45
N LEU B 81 73.46 -23.61 5.60
CA LEU B 81 73.71 -22.22 5.95
C LEU B 81 72.51 -21.54 6.60
N SER B 82 71.34 -22.18 6.60
CA SER B 82 70.12 -21.62 7.18
C SER B 82 69.82 -20.23 6.60
N ASP B 83 69.90 -20.14 5.27
CA ASP B 83 69.69 -18.89 4.54
C ASP B 83 70.66 -17.82 5.04
N ALA B 84 70.15 -16.82 5.75
CA ALA B 84 70.98 -15.77 6.32
C ALA B 84 71.41 -16.22 7.72
N GLY B 85 72.61 -16.79 7.81
CA GLY B 85 73.11 -17.29 9.07
C GLY B 85 74.50 -17.84 8.92
N LYS B 86 75.02 -18.38 10.03
CA LYS B 86 76.38 -18.93 10.09
C LYS B 86 76.29 -20.34 10.67
N VAL B 87 76.19 -21.33 9.77
CA VAL B 87 76.20 -22.78 10.00
C VAL B 87 75.14 -23.23 11.00
N VAL B 88 74.57 -24.41 10.78
CA VAL B 88 73.56 -24.98 11.66
C VAL B 88 73.82 -26.48 11.78
N CYS B 89 73.42 -27.04 12.92
CA CYS B 89 73.54 -28.48 13.13
C CYS B 89 72.66 -29.25 12.16
N GLN B 90 71.35 -29.00 12.25
CA GLN B 90 70.22 -29.78 11.73
C GLN B 90 69.21 -29.77 12.88
N CYS B 91 69.74 -29.64 14.10
CA CYS B 91 68.89 -29.39 15.26
C CYS B 91 68.12 -28.09 15.13
N GLY B 92 68.65 -27.16 14.33
CA GLY B 92 68.10 -25.83 14.19
C GLY B 92 68.81 -24.78 15.02
N TYR B 93 69.55 -25.18 16.05
CA TYR B 93 70.35 -24.26 16.84
C TYR B 93 71.79 -24.28 16.34
N THR B 94 72.67 -23.56 17.03
CA THR B 94 74.09 -23.50 16.68
C THR B 94 74.91 -24.16 17.78
N HIS B 95 76.20 -24.34 17.48
CA HIS B 95 77.10 -24.97 18.45
C HIS B 95 77.26 -24.11 19.70
N GLU B 96 77.20 -22.78 19.54
CA GLU B 96 77.37 -21.89 20.68
C GLU B 96 76.25 -22.08 21.69
N GLN B 97 75.02 -22.24 21.22
CA GLN B 97 73.86 -22.49 22.09
C GLN B 97 73.17 -23.78 21.63
N HIS B 98 73.68 -24.92 22.09
CA HIS B 98 73.07 -26.23 21.83
C HIS B 98 73.06 -26.96 23.17
N LEU B 99 72.01 -26.72 23.96
CA LEU B 99 71.94 -27.14 25.37
C LEU B 99 73.22 -26.77 26.12
N GLU B 100 73.63 -27.63 27.05
CA GLU B 100 74.82 -27.39 27.85
C GLU B 100 75.95 -28.35 27.52
N GLU B 101 75.66 -29.65 27.39
CA GLU B 101 76.67 -30.64 27.00
C GLU B 101 76.39 -31.25 25.64
N ALA B 102 75.27 -30.88 25.00
CA ALA B 102 74.92 -31.48 23.71
C ALA B 102 75.81 -30.97 22.59
N THR B 103 76.48 -29.84 22.78
CA THR B 103 77.41 -29.34 21.78
C THR B 103 78.55 -30.33 21.56
N LYS B 104 79.12 -30.84 22.65
CA LYS B 104 80.14 -31.88 22.52
C LYS B 104 79.50 -33.18 22.05
N PRO B 105 80.19 -33.97 21.22
CA PRO B 105 79.60 -35.21 20.72
C PRO B 105 79.61 -36.29 21.80
N HIS B 106 78.45 -36.91 22.00
CA HIS B 106 78.32 -37.99 22.99
C HIS B 106 78.79 -39.29 22.35
N THR B 107 80.11 -39.47 22.35
CA THR B 107 80.78 -40.62 21.72
C THR B 107 80.39 -40.61 20.24
N PHE B 108 79.92 -41.73 19.69
CA PHE B 108 79.47 -41.79 18.29
C PHE B 108 78.08 -42.42 18.27
N GLN B 109 77.05 -41.58 18.46
CA GLN B 109 75.68 -42.09 18.43
C GLN B 109 75.24 -42.39 17.00
N GLY B 110 75.60 -41.52 16.05
CA GLY B 110 75.24 -41.70 14.66
C GLY B 110 75.72 -40.58 13.77
N THR B 111 76.11 -40.92 12.54
CA THR B 111 76.59 -39.94 11.58
C THR B 111 75.49 -39.36 10.70
N GLN B 112 74.25 -39.80 10.89
CA GLN B 112 73.12 -39.29 10.12
C GLN B 112 72.06 -38.82 11.09
N TRP B 113 71.28 -37.82 10.66
CA TRP B 113 70.32 -37.15 11.52
C TRP B 113 68.94 -37.73 11.30
N ASP B 114 68.33 -38.23 12.39
CA ASP B 114 66.92 -38.55 12.44
C ASP B 114 66.54 -38.31 13.90
N PRO B 115 65.60 -37.41 14.17
CA PRO B 115 65.45 -36.86 15.53
C PRO B 115 65.02 -37.86 16.59
N LYS B 116 63.97 -38.64 16.29
CA LYS B 116 63.24 -39.33 17.36
C LYS B 116 64.07 -40.41 18.05
N LYS B 117 65.11 -40.93 17.39
CA LYS B 117 65.79 -42.10 17.94
C LYS B 117 66.70 -41.75 19.11
N HIS B 118 67.20 -40.51 19.17
CA HIS B 118 68.21 -40.16 20.15
C HIS B 118 67.73 -39.17 21.21
N VAL B 119 66.61 -38.50 21.00
CA VAL B 119 66.17 -37.42 21.86
C VAL B 119 65.60 -37.98 23.15
N GLN B 120 65.85 -37.28 24.26
CA GLN B 120 65.30 -37.62 25.56
C GLN B 120 64.71 -36.36 26.20
N GLU B 121 64.16 -36.53 27.40
CA GLU B 121 63.27 -35.54 27.98
C GLU B 121 63.99 -34.68 29.03
N MET B 122 63.75 -33.38 28.96
CA MET B 122 64.13 -32.41 29.97
C MET B 122 62.94 -31.52 30.27
N PRO B 123 62.85 -30.98 31.49
CA PRO B 123 61.66 -30.19 31.87
C PRO B 123 61.61 -28.85 31.16
N THR B 124 60.45 -28.21 31.27
CA THR B 124 60.18 -26.93 30.64
C THR B 124 60.81 -25.79 31.44
N ASP B 125 60.98 -24.65 30.76
CA ASP B 125 61.52 -23.47 31.41
C ASP B 125 60.82 -22.17 30.97
N ALA B 126 59.69 -22.27 30.26
CA ALA B 126 58.95 -21.09 29.79
C ALA B 126 57.55 -21.14 30.39
N PHE B 127 57.30 -20.27 31.37
CA PHE B 127 56.02 -20.21 32.06
C PHE B 127 55.85 -18.81 32.64
N GLY B 128 54.61 -18.37 32.73
CA GLY B 128 54.33 -17.09 33.35
C GLY B 128 53.18 -16.40 32.66
N ASP B 129 53.12 -15.08 32.85
CA ASP B 129 52.08 -14.24 32.28
C ASP B 129 52.72 -13.05 31.58
N ILE B 130 52.36 -12.84 30.31
CA ILE B 130 52.96 -11.79 29.50
C ILE B 130 52.18 -10.49 29.68
N VAL B 131 52.91 -9.40 29.90
CA VAL B 131 52.36 -8.05 29.95
C VAL B 131 53.13 -7.20 28.96
N PHE B 132 52.42 -6.50 28.09
CA PHE B 132 53.10 -5.72 27.06
C PHE B 132 53.30 -4.28 27.52
N THR B 133 54.26 -3.61 26.87
CA THR B 133 54.65 -2.26 27.28
C THR B 133 53.49 -1.28 27.15
N GLY B 134 53.02 -1.06 25.92
CA GLY B 134 51.98 -0.09 25.69
C GLY B 134 50.80 -0.61 24.91
N LEU B 135 50.97 -1.73 24.22
CA LEU B 135 49.90 -2.28 23.39
C LEU B 135 48.70 -2.69 24.23
N SER B 136 48.95 -3.36 25.36
CA SER B 136 47.88 -3.81 26.24
C SER B 136 48.42 -3.96 27.65
N GLN B 137 47.80 -3.27 28.60
CA GLN B 137 48.20 -3.35 30.01
C GLN B 137 47.26 -4.34 30.71
N LYS B 138 47.49 -5.63 30.44
CA LYS B 138 46.67 -6.69 31.01
C LYS B 138 47.50 -7.95 31.16
N VAL B 139 47.00 -8.86 31.99
CA VAL B 139 47.67 -10.12 32.26
C VAL B 139 47.21 -11.17 31.25
N LYS B 140 48.17 -11.84 30.62
CA LYS B 140 47.89 -12.89 29.64
C LYS B 140 48.81 -14.06 29.91
N LYS B 141 48.22 -15.25 30.11
CA LYS B 141 48.97 -16.41 30.55
C LYS B 141 49.53 -17.18 29.36
N TYR B 142 50.70 -17.79 29.55
CA TYR B 142 51.32 -18.62 28.52
C TYR B 142 52.06 -19.77 29.18
N VAL B 143 52.08 -20.92 28.49
CA VAL B 143 52.75 -22.12 28.96
C VAL B 143 53.50 -22.74 27.78
N ARG B 144 54.52 -23.52 28.10
CA ARG B 144 55.31 -24.24 27.10
C ARG B 144 55.03 -25.74 27.20
N VAL B 145 54.76 -26.36 26.06
CA VAL B 145 54.32 -27.75 26.00
C VAL B 145 55.25 -28.51 25.05
N SER B 146 55.36 -29.82 25.26
CA SER B 146 56.14 -30.69 24.40
C SER B 146 55.24 -31.33 23.35
N GLN B 147 55.88 -31.98 22.36
CA GLN B 147 55.13 -32.59 21.26
C GLN B 147 54.43 -33.87 21.67
N ASP B 148 55.01 -34.64 22.60
CA ASP B 148 54.45 -35.89 23.05
C ASP B 148 53.58 -35.74 24.29
N THR B 149 53.36 -34.51 24.75
CA THR B 149 52.57 -34.28 25.95
C THR B 149 51.12 -34.69 25.71
N PRO B 150 50.56 -35.58 26.53
CA PRO B 150 49.16 -35.94 26.37
C PRO B 150 48.24 -34.76 26.67
N SER B 151 47.10 -34.73 25.98
CA SER B 151 46.16 -33.65 26.18
C SER B 151 45.46 -33.74 27.54
N SER B 152 45.53 -34.89 28.19
CA SER B 152 44.88 -35.04 29.50
C SER B 152 45.50 -34.12 30.54
N VAL B 153 46.84 -34.11 30.64
CA VAL B 153 47.49 -33.24 31.60
C VAL B 153 47.34 -31.77 31.19
N ILE B 154 47.22 -31.49 29.90
CA ILE B 154 47.02 -30.11 29.46
C ILE B 154 45.64 -29.62 29.90
N TYR B 155 44.61 -30.44 29.72
CA TYR B 155 43.28 -30.08 30.22
C TYR B 155 43.28 -29.98 31.74
N HIS B 156 44.05 -30.85 32.41
CA HIS B 156 44.28 -30.72 33.85
C HIS B 156 44.84 -29.34 34.18
N LEU B 157 45.75 -28.84 33.35
CA LEU B 157 46.32 -27.52 33.56
C LEU B 157 45.29 -26.41 33.35
N MET B 158 44.44 -26.54 32.34
CA MET B 158 43.49 -25.46 32.04
C MET B 158 42.47 -25.26 33.15
N THR B 159 41.95 -26.34 33.74
CA THR B 159 40.74 -26.22 34.55
C THR B 159 41.00 -25.51 35.87
N GLN B 160 41.84 -26.08 36.73
CA GLN B 160 42.06 -25.50 38.06
C GLN B 160 43.42 -24.87 38.23
N HIS B 161 44.37 -25.08 37.32
CA HIS B 161 45.65 -24.40 37.38
C HIS B 161 45.64 -23.04 36.70
N TRP B 162 44.67 -22.80 35.81
CA TRP B 162 44.48 -21.49 35.21
C TRP B 162 43.14 -20.85 35.58
N GLY B 163 42.30 -21.55 36.35
CA GLY B 163 41.02 -21.00 36.74
C GLY B 163 40.04 -20.80 35.60
N LEU B 164 39.93 -21.78 34.70
CA LEU B 164 39.05 -21.69 33.54
C LEU B 164 37.93 -22.71 33.68
N ASP B 165 36.71 -22.28 33.38
CA ASP B 165 35.53 -23.13 33.52
C ASP B 165 35.38 -24.06 32.32
N VAL B 166 34.38 -24.93 32.40
CA VAL B 166 34.16 -25.94 31.35
C VAL B 166 33.70 -25.24 30.07
N PRO B 167 34.21 -25.63 28.91
CA PRO B 167 33.77 -25.01 27.66
C PRO B 167 32.34 -25.40 27.30
N ASN B 168 31.70 -24.52 26.52
CA ASN B 168 30.40 -24.79 25.93
C ASN B 168 30.44 -24.81 24.40
N LEU B 169 31.45 -24.19 23.79
CA LEU B 169 31.63 -24.23 22.35
C LEU B 169 33.12 -24.08 22.06
N LEU B 170 33.58 -24.78 21.02
CA LEU B 170 35.01 -24.91 20.75
C LEU B 170 35.31 -24.62 19.29
N ILE B 171 34.81 -23.49 18.80
CA ILE B 171 35.08 -23.09 17.42
C ILE B 171 36.57 -22.85 17.23
N SER B 172 37.11 -23.37 16.14
CA SER B 172 38.53 -23.24 15.83
C SER B 172 38.71 -22.49 14.52
N VAL B 173 39.70 -21.60 14.50
CA VAL B 173 40.00 -20.77 13.33
C VAL B 173 41.42 -21.07 12.87
N THR B 174 41.56 -21.43 11.59
CA THR B 174 42.85 -21.62 10.97
C THR B 174 42.87 -20.89 9.64
N GLY B 175 44.04 -20.36 9.28
CA GLY B 175 44.16 -19.61 8.05
C GLY B 175 45.61 -19.40 7.68
N GLY B 176 45.81 -18.62 6.61
CA GLY B 176 47.14 -18.38 6.10
C GLY B 176 47.89 -17.32 6.90
N ALA B 177 49.20 -17.50 6.96
CA ALA B 177 50.08 -16.55 7.66
C ALA B 177 51.13 -16.07 6.68
N LYS B 178 51.32 -14.75 6.62
CA LYS B 178 52.22 -13.98 5.75
C LYS B 178 51.94 -14.20 4.27
N ASN B 179 50.95 -15.02 3.92
CA ASN B 179 50.46 -15.18 2.55
C ASN B 179 48.95 -14.97 2.62
N PHE B 180 48.51 -13.71 2.55
CA PHE B 180 47.10 -13.42 2.73
C PHE B 180 46.75 -12.13 2.02
N ASN B 181 45.46 -11.93 1.76
CA ASN B 181 44.96 -10.73 1.10
C ASN B 181 43.62 -10.36 1.72
N MET B 182 43.26 -9.08 1.62
CA MET B 182 42.05 -8.56 2.25
C MET B 182 41.07 -8.00 1.23
N LYS B 183 39.79 -8.24 1.49
CA LYS B 183 38.64 -7.66 0.80
C LYS B 183 37.55 -7.36 1.82
N PRO B 184 36.72 -6.33 1.58
CA PRO B 184 35.88 -5.79 2.66
C PRO B 184 34.83 -6.73 3.23
N ARG B 185 33.94 -7.25 2.38
CA ARG B 185 32.78 -7.96 2.92
C ARG B 185 33.16 -9.31 3.53
N LEU B 186 34.24 -9.94 3.08
CA LEU B 186 34.74 -11.12 3.78
C LEU B 186 35.19 -10.76 5.19
N LYS B 187 35.87 -9.62 5.34
CA LYS B 187 36.26 -9.15 6.67
C LYS B 187 35.03 -8.88 7.54
N SER B 188 34.02 -8.25 6.96
CA SER B 188 32.81 -7.96 7.72
C SER B 188 32.13 -9.25 8.18
N ILE B 189 32.03 -10.24 7.28
CA ILE B 189 31.41 -11.51 7.63
C ILE B 189 32.19 -12.20 8.74
N PHE B 190 33.52 -12.24 8.59
CA PHE B 190 34.35 -12.91 9.59
C PHE B 190 34.22 -12.24 10.96
N ARG B 191 34.29 -10.90 10.99
CA ARG B 191 34.18 -10.19 12.27
C ARG B 191 32.81 -10.40 12.90
N ARG B 192 31.74 -10.24 12.11
CA ARG B 192 30.40 -10.38 12.66
C ARG B 192 30.18 -11.79 13.21
N GLY B 193 30.60 -12.81 12.46
CA GLY B 193 30.50 -14.16 12.95
C GLY B 193 31.30 -14.37 14.22
N LEU B 194 32.51 -13.79 14.29
CA LEU B 194 33.33 -13.95 15.48
C LEU B 194 32.65 -13.39 16.71
N VAL B 195 32.20 -12.13 16.65
CA VAL B 195 31.61 -11.56 17.86
C VAL B 195 30.30 -12.25 18.20
N LYS B 196 29.49 -12.61 17.20
CA LYS B 196 28.22 -13.25 17.52
C LYS B 196 28.43 -14.61 18.17
N VAL B 197 29.47 -15.34 17.73
CA VAL B 197 29.68 -16.69 18.28
C VAL B 197 30.40 -16.60 19.62
N ALA B 198 31.19 -15.56 19.85
CA ALA B 198 32.01 -15.50 21.05
C ALA B 198 31.27 -14.81 22.19
N GLN B 199 30.43 -13.82 21.88
CA GLN B 199 29.77 -13.06 22.93
C GLN B 199 28.70 -13.89 23.64
N THR B 200 28.05 -14.79 22.93
CA THR B 200 27.02 -15.63 23.53
C THR B 200 27.63 -16.93 24.05
N THR B 201 26.97 -17.50 25.06
CA THR B 201 27.40 -18.74 25.70
C THR B 201 28.84 -18.63 26.20
N GLY B 202 29.53 -19.77 26.29
CA GLY B 202 30.90 -19.79 26.73
C GLY B 202 31.84 -20.30 25.66
N ALA B 203 31.67 -19.84 24.43
CA ALA B 203 32.44 -20.35 23.31
C ALA B 203 33.93 -20.09 23.49
N TRP B 204 34.74 -21.11 23.20
CA TRP B 204 36.19 -21.01 23.21
C TRP B 204 36.70 -20.99 21.78
N ILE B 205 37.40 -19.93 21.40
CA ILE B 205 37.92 -19.78 20.05
C ILE B 205 39.38 -20.20 20.10
N ILE B 206 39.73 -21.18 19.26
CA ILE B 206 41.09 -21.71 19.22
C ILE B 206 41.78 -21.24 17.95
N THR B 207 42.96 -20.66 18.08
CA THR B 207 43.68 -20.08 16.95
C THR B 207 45.16 -20.10 17.29
N GLY B 208 46.01 -19.91 16.28
CA GLY B 208 47.44 -20.00 16.48
C GLY B 208 47.99 -18.81 17.27
N GLY B 209 49.31 -18.66 17.24
CA GLY B 209 49.95 -17.43 17.67
C GLY B 209 50.73 -16.68 16.61
N SER B 210 50.19 -15.55 16.12
CA SER B 210 50.87 -14.65 15.19
C SER B 210 49.95 -13.48 14.88
N HIS B 211 50.53 -12.33 14.55
CA HIS B 211 49.77 -11.17 14.11
C HIS B 211 49.88 -10.94 12.60
N THR B 212 49.30 -11.86 11.82
CA THR B 212 49.38 -11.76 10.36
C THR B 212 48.03 -12.03 9.71
N GLY B 213 47.52 -11.05 8.98
CA GLY B 213 46.32 -11.24 8.16
C GLY B 213 45.06 -11.45 8.99
N VAL B 214 44.20 -12.36 8.51
CA VAL B 214 42.98 -12.68 9.24
C VAL B 214 43.32 -13.26 10.60
N MET B 215 44.50 -13.87 10.72
CA MET B 215 45.00 -14.32 11.99
C MET B 215 45.19 -13.18 12.99
N LYS B 216 45.60 -12.00 12.52
CA LYS B 216 45.62 -10.80 13.35
C LYS B 216 44.24 -10.18 13.51
N GLN B 217 43.41 -10.32 12.49
CA GLN B 217 42.09 -9.70 12.47
C GLN B 217 41.11 -10.36 13.43
N VAL B 218 41.25 -11.66 13.70
CA VAL B 218 40.44 -12.29 14.73
C VAL B 218 40.69 -11.61 16.08
N GLY B 219 41.96 -11.36 16.41
CA GLY B 219 42.26 -10.65 17.64
C GLY B 219 41.82 -9.20 17.64
N GLU B 220 41.98 -8.51 16.51
CA GLU B 220 41.57 -7.12 16.48
C GLU B 220 40.06 -7.00 16.64
N ALA B 221 39.32 -7.98 16.12
CA ALA B 221 37.89 -8.07 16.42
C ALA B 221 37.65 -8.37 17.89
N VAL B 222 38.50 -9.20 18.49
CA VAL B 222 38.38 -9.50 19.92
C VAL B 222 38.43 -8.22 20.74
N ARG B 223 39.43 -7.37 20.50
CA ARG B 223 39.49 -6.11 21.26
C ARG B 223 38.46 -5.09 20.77
N ASP B 224 38.06 -5.15 19.50
CA ASP B 224 36.98 -4.28 19.05
C ASP B 224 35.72 -4.53 19.86
N PHE B 225 35.45 -5.79 20.19
CA PHE B 225 34.34 -6.12 21.08
C PHE B 225 34.66 -5.82 22.55
N SER B 226 35.90 -6.09 22.98
CA SER B 226 36.23 -6.02 24.40
C SER B 226 36.41 -4.60 24.91
N LEU B 227 36.71 -3.64 24.02
CA LEU B 227 36.89 -2.26 24.46
C LEU B 227 35.60 -1.71 25.05
N SER B 228 34.46 -2.07 24.47
CA SER B 228 33.15 -1.70 25.00
C SER B 228 32.46 -2.98 25.46
N SER B 229 32.55 -3.25 26.77
CA SER B 229 31.96 -4.44 27.35
C SER B 229 31.45 -4.12 28.75
N SER B 230 30.26 -4.63 29.07
CA SER B 230 29.65 -4.35 30.36
C SER B 230 30.45 -4.96 31.50
N TYR B 231 30.78 -6.25 31.39
CA TYR B 231 31.60 -6.89 32.41
C TYR B 231 33.04 -6.38 32.38
N LYS B 232 33.46 -5.81 31.25
CA LYS B 232 34.81 -5.26 31.08
C LYS B 232 35.87 -6.35 31.27
N GLU B 233 37.13 -5.93 31.38
CA GLU B 233 38.27 -6.84 31.56
C GLU B 233 38.26 -7.83 30.40
N GLY B 234 38.35 -9.13 30.65
CA GLY B 234 38.31 -10.09 29.55
C GLY B 234 37.07 -10.95 29.56
N GLU B 235 36.18 -10.71 28.59
CA GLU B 235 34.99 -11.52 28.41
C GLU B 235 35.21 -12.66 27.43
N LEU B 236 36.42 -12.81 26.90
CA LEU B 236 36.73 -13.83 25.91
C LEU B 236 38.01 -14.55 26.31
N ILE B 237 38.06 -15.84 25.99
CA ILE B 237 39.24 -16.68 26.26
C ILE B 237 39.74 -17.16 24.91
N THR B 238 40.71 -16.45 24.36
CA THR B 238 41.29 -16.76 23.04
C THR B 238 42.65 -17.41 23.28
N ILE B 239 42.79 -18.67 22.91
CA ILE B 239 44.01 -19.42 23.15
C ILE B 239 44.86 -19.41 21.88
N GLY B 240 46.14 -19.11 22.03
CA GLY B 240 47.08 -19.10 20.92
C GLY B 240 48.01 -20.30 20.99
N VAL B 241 48.22 -20.94 19.85
CA VAL B 241 49.12 -22.08 19.73
C VAL B 241 50.22 -21.75 18.74
N ALA B 242 51.46 -21.99 19.14
CA ALA B 242 52.61 -21.71 18.29
C ALA B 242 53.76 -22.64 18.68
N THR B 243 54.75 -22.71 17.81
CA THR B 243 55.93 -23.56 18.03
C THR B 243 57.05 -22.71 18.60
N TRP B 244 57.70 -23.23 19.66
CA TRP B 244 58.82 -22.50 20.26
C TRP B 244 59.91 -22.21 19.24
N GLY B 245 60.11 -23.11 18.29
CA GLY B 245 61.10 -22.87 17.25
C GLY B 245 60.80 -21.63 16.45
N THR B 246 59.51 -21.36 16.20
CA THR B 246 59.09 -20.19 15.43
C THR B 246 58.67 -19.05 16.35
N VAL B 247 59.64 -18.56 17.13
CA VAL B 247 59.43 -17.41 18.01
C VAL B 247 60.61 -16.46 17.83
N HIS B 248 60.31 -15.20 17.51
CA HIS B 248 61.36 -14.21 17.27
C HIS B 248 62.18 -13.93 18.52
N ARG B 249 61.55 -13.38 19.55
CA ARG B 249 62.26 -12.93 20.74
C ARG B 249 62.17 -13.97 21.85
N ARG B 250 62.84 -15.11 21.60
CA ARG B 250 62.92 -16.15 22.62
C ARG B 250 63.83 -15.73 23.77
N GLU B 251 64.83 -14.90 23.49
CA GLU B 251 65.72 -14.43 24.54
C GLU B 251 64.95 -13.59 25.55
N GLY B 252 64.90 -14.06 26.79
CA GLY B 252 64.12 -13.43 27.84
C GLY B 252 62.84 -14.16 28.19
N LEU B 253 62.43 -15.14 27.39
CA LEU B 253 61.25 -15.94 27.68
C LEU B 253 61.56 -17.19 28.47
N ILE B 254 62.82 -17.39 28.86
CA ILE B 254 63.25 -18.58 29.60
C ILE B 254 63.63 -18.16 31.02
N HIS B 255 63.06 -18.84 32.01
CA HIS B 255 63.37 -18.62 33.40
C HIS B 255 63.61 -19.95 34.10
N PRO B 256 64.52 -19.99 35.08
CA PRO B 256 64.81 -21.25 35.77
C PRO B 256 63.61 -21.78 36.54
N THR B 257 63.09 -20.98 37.47
CA THR B 257 61.91 -21.36 38.24
C THR B 257 60.74 -20.41 38.00
N GLY B 258 60.94 -19.10 38.23
CA GLY B 258 59.91 -18.14 37.90
C GLY B 258 60.23 -16.72 38.32
N SER B 259 60.05 -15.78 37.40
CA SER B 259 60.07 -14.35 37.69
C SER B 259 58.77 -13.68 37.27
N PHE B 260 58.24 -14.06 36.12
CA PHE B 260 56.94 -13.67 35.57
C PHE B 260 56.76 -12.17 35.34
N PRO B 261 57.70 -11.45 34.71
CA PRO B 261 57.30 -10.23 34.00
C PRO B 261 56.97 -10.55 32.56
N ALA B 262 57.57 -11.63 32.05
CA ALA B 262 57.39 -12.14 30.70
C ALA B 262 57.23 -11.04 29.65
N GLU B 263 58.18 -10.11 29.62
CA GLU B 263 58.10 -9.02 28.67
C GLU B 263 58.33 -9.52 27.25
N TYR B 264 57.44 -9.16 26.33
CA TYR B 264 57.55 -9.51 24.91
C TYR B 264 57.13 -8.28 24.11
N ILE B 265 58.10 -7.44 23.76
CA ILE B 265 57.82 -6.28 22.93
C ILE B 265 57.53 -6.75 21.51
N LEU B 266 56.52 -6.17 20.88
CA LEU B 266 56.12 -6.53 19.51
C LEU B 266 56.99 -5.74 18.55
N ASP B 267 58.17 -6.29 18.25
CA ASP B 267 59.12 -5.67 17.33
C ASP B 267 59.04 -6.40 15.99
N GLU B 268 58.04 -6.02 15.20
CA GLU B 268 57.84 -6.64 13.90
C GLU B 268 58.92 -6.24 12.89
N ASP B 269 59.65 -5.15 13.16
CA ASP B 269 60.70 -4.73 12.24
C ASP B 269 61.89 -5.67 12.26
N GLY B 270 62.28 -6.13 13.44
CA GLY B 270 63.43 -6.98 13.62
C GLY B 270 63.18 -8.47 13.54
N GLN B 271 61.97 -8.88 13.15
CA GLN B 271 61.67 -10.30 13.08
C GLN B 271 62.51 -11.00 12.02
N GLY B 272 62.70 -10.36 10.87
CA GLY B 272 63.57 -10.88 9.83
C GLY B 272 62.98 -12.06 9.08
N ASN B 273 62.88 -13.21 9.75
CA ASN B 273 62.31 -14.41 9.14
C ASN B 273 61.32 -15.14 10.02
N LEU B 274 61.35 -14.97 11.34
CA LEU B 274 60.43 -15.63 12.26
C LEU B 274 59.42 -14.60 12.73
N THR B 275 58.15 -14.84 12.41
CA THR B 275 57.09 -13.89 12.77
C THR B 275 56.99 -13.75 14.27
N CYS B 276 56.91 -12.51 14.74
CA CYS B 276 56.77 -12.24 16.16
C CYS B 276 55.42 -12.72 16.66
N LEU B 277 55.37 -13.09 17.93
CA LEU B 277 54.11 -13.47 18.53
C LEU B 277 53.16 -12.29 18.59
N ASP B 278 51.88 -12.58 18.44
CA ASP B 278 50.87 -11.54 18.47
C ASP B 278 50.72 -11.00 19.90
N SER B 279 50.18 -9.78 19.98
CA SER B 279 49.75 -9.20 21.25
C SER B 279 48.27 -9.46 21.48
N ASN B 280 47.77 -10.60 21.03
CA ASN B 280 46.37 -10.69 20.67
C ASN B 280 45.62 -11.87 21.29
N HIS B 281 46.32 -12.86 21.84
CA HIS B 281 45.64 -14.02 22.40
C HIS B 281 45.71 -14.01 23.92
N SER B 282 44.57 -14.25 24.56
CA SER B 282 44.50 -14.19 26.02
C SER B 282 45.36 -15.27 26.66
N HIS B 283 45.24 -16.50 26.18
CA HIS B 283 46.09 -17.61 26.63
C HIS B 283 46.95 -18.06 25.46
N PHE B 284 48.15 -18.55 25.78
CA PHE B 284 49.12 -18.93 24.76
C PHE B 284 49.66 -20.31 25.05
N ILE B 285 49.69 -21.16 24.02
CA ILE B 285 50.28 -22.49 24.10
C ILE B 285 51.48 -22.50 23.15
N LEU B 286 52.66 -22.78 23.69
CA LEU B 286 53.90 -22.72 22.92
C LEU B 286 54.54 -24.11 22.95
N VAL B 287 54.46 -24.83 21.83
CA VAL B 287 54.92 -26.20 21.74
C VAL B 287 56.37 -26.21 21.30
N ASP B 288 57.08 -27.28 21.67
CA ASP B 288 58.45 -27.51 21.25
C ASP B 288 58.64 -28.96 20.86
N ASP B 289 59.35 -29.18 19.74
CA ASP B 289 59.68 -30.52 19.27
C ASP B 289 61.17 -30.74 19.14
N GLY B 290 61.99 -29.71 19.35
CA GLY B 290 63.40 -29.77 19.05
C GLY B 290 63.78 -29.11 17.74
N THR B 291 62.81 -28.56 17.01
CA THR B 291 63.04 -27.89 15.74
C THR B 291 63.05 -26.38 15.94
N HIS B 292 63.86 -25.70 15.12
CA HIS B 292 64.05 -24.25 15.20
C HIS B 292 63.53 -23.64 13.91
N GLY B 293 62.52 -22.78 14.02
CA GLY B 293 61.98 -22.11 12.87
C GLY B 293 61.21 -22.99 11.91
N GLN B 294 60.69 -24.12 12.37
CA GLN B 294 59.93 -25.03 11.53
C GLN B 294 58.45 -24.91 11.89
N TYR B 295 57.65 -24.44 10.94
CA TYR B 295 56.21 -24.32 11.12
C TYR B 295 55.53 -25.66 10.81
N GLY B 296 54.24 -25.74 11.15
CA GLY B 296 53.48 -26.94 10.88
C GLY B 296 53.76 -28.10 11.81
N VAL B 297 54.49 -27.88 12.90
CA VAL B 297 54.81 -28.94 13.84
C VAL B 297 53.64 -29.24 14.76
N GLU B 298 52.93 -28.21 15.21
CA GLU B 298 51.86 -28.34 16.20
C GLU B 298 50.54 -28.78 15.61
N ILE B 299 50.53 -29.23 14.35
CA ILE B 299 49.28 -29.61 13.70
C ILE B 299 48.67 -30.85 14.33
N PRO B 300 49.41 -31.97 14.52
CA PRO B 300 48.79 -33.14 15.15
C PRO B 300 48.38 -32.90 16.61
N LEU B 301 49.27 -32.22 17.36
CA LEU B 301 49.01 -31.99 18.77
C LEU B 301 47.79 -31.10 18.98
N ARG B 302 47.63 -30.07 18.14
CA ARG B 302 46.47 -29.19 18.27
C ARG B 302 45.18 -29.97 18.03
N THR B 303 45.16 -30.83 17.00
CA THR B 303 43.97 -31.63 16.72
C THR B 303 43.68 -32.59 17.87
N ARG B 304 44.71 -33.24 18.41
CA ARG B 304 44.50 -34.15 19.53
C ARG B 304 43.96 -33.40 20.75
N LEU B 305 44.52 -32.23 21.04
CA LEU B 305 44.08 -31.44 22.19
C LEU B 305 42.63 -31.00 22.04
N GLU B 306 42.26 -30.46 20.88
CA GLU B 306 40.90 -30.00 20.68
C GLU B 306 39.92 -31.17 20.73
N LYS B 307 40.32 -32.33 20.19
CA LYS B 307 39.47 -33.51 20.30
C LYS B 307 39.24 -33.87 21.77
N PHE B 308 40.32 -34.01 22.53
CA PHE B 308 40.21 -34.40 23.93
C PHE B 308 39.32 -33.43 24.70
N ILE B 309 39.49 -32.12 24.47
CA ILE B 309 38.61 -31.17 25.14
C ILE B 309 37.23 -31.19 24.51
N SER B 310 37.06 -31.88 23.37
CA SER B 310 35.74 -32.00 22.78
C SER B 310 34.88 -33.03 23.50
N GLU B 311 35.27 -34.31 23.48
CA GLU B 311 34.24 -35.29 23.88
C GLU B 311 34.09 -35.49 25.39
N GLN B 312 35.14 -35.33 26.19
CA GLN B 312 35.10 -35.84 27.57
C GLN B 312 35.45 -34.78 28.61
N THR B 313 34.80 -33.61 28.53
CA THR B 313 34.93 -32.62 29.60
C THR B 313 33.69 -32.46 30.47
N LYS B 314 32.60 -33.18 30.20
CA LYS B 314 31.38 -33.09 30.99
C LYS B 314 30.74 -34.47 31.13
N GLU B 315 30.00 -34.66 32.23
CA GLU B 315 29.40 -35.95 32.54
C GLU B 315 27.89 -35.87 32.77
N ARG B 316 27.22 -34.91 32.15
CA ARG B 316 25.77 -34.81 32.31
C ARG B 316 25.08 -36.06 31.75
N GLY B 317 24.01 -36.47 32.42
CA GLY B 317 23.27 -37.64 32.01
C GLY B 317 23.82 -38.96 32.49
N GLY B 318 24.98 -38.95 33.16
CA GLY B 318 25.56 -40.15 33.71
C GLY B 318 26.45 -40.95 32.78
N VAL B 319 26.55 -40.57 31.51
CA VAL B 319 27.39 -41.33 30.58
C VAL B 319 28.44 -40.43 29.92
N ALA B 320 28.01 -39.46 29.13
CA ALA B 320 28.94 -38.60 28.38
C ALA B 320 28.22 -37.47 27.67
N ILE B 321 28.88 -36.32 27.54
CA ILE B 321 28.38 -35.18 26.79
C ILE B 321 29.45 -34.71 25.81
N LYS B 322 29.06 -34.60 24.54
CA LYS B 322 29.98 -34.20 23.48
C LYS B 322 29.74 -32.73 23.15
N ILE B 323 30.72 -31.89 23.47
CA ILE B 323 30.59 -30.45 23.23
C ILE B 323 30.72 -30.18 21.75
N PRO B 324 29.81 -29.42 21.14
CA PRO B 324 29.90 -29.16 19.70
C PRO B 324 31.19 -28.46 19.33
N ILE B 325 31.77 -28.87 18.21
CA ILE B 325 33.08 -28.41 17.77
C ILE B 325 33.07 -28.21 16.26
N VAL B 326 33.63 -27.08 15.82
CA VAL B 326 33.79 -26.80 14.39
C VAL B 326 35.12 -26.08 14.20
N CYS B 327 35.84 -26.45 13.15
CA CYS B 327 37.04 -25.75 12.70
C CYS B 327 36.78 -25.12 11.35
N VAL B 328 37.01 -23.81 11.24
CA VAL B 328 36.75 -23.04 10.03
C VAL B 328 38.09 -22.60 9.44
N VAL B 329 38.20 -22.68 8.12
CA VAL B 329 39.43 -22.36 7.40
C VAL B 329 39.17 -21.19 6.45
N LEU B 330 40.11 -20.25 6.42
CA LEU B 330 40.05 -19.12 5.49
C LEU B 330 41.39 -19.03 4.76
N GLU B 331 41.35 -19.09 3.44
CA GLU B 331 42.55 -19.15 2.58
C GLU B 331 43.39 -20.33 3.06
N GLY B 332 44.71 -20.21 3.12
CA GLY B 332 45.56 -21.27 3.63
C GLY B 332 46.57 -21.74 2.61
N GLY B 333 47.28 -22.80 2.98
CA GLY B 333 48.24 -23.44 2.11
C GLY B 333 48.47 -24.88 2.49
N PRO B 334 49.73 -25.33 2.45
CA PRO B 334 50.03 -26.71 2.85
C PRO B 334 49.77 -26.98 4.32
N GLY B 335 50.14 -26.04 5.20
CA GLY B 335 49.88 -26.23 6.62
C GLY B 335 48.40 -26.29 6.93
N THR B 336 47.60 -25.45 6.27
CA THR B 336 46.16 -25.52 6.44
C THR B 336 45.62 -26.86 5.93
N LEU B 337 46.16 -27.36 4.83
CA LEU B 337 45.74 -28.66 4.32
C LEU B 337 46.04 -29.76 5.32
N HIS B 338 47.23 -29.73 5.91
CA HIS B 338 47.58 -30.72 6.95
C HIS B 338 46.67 -30.59 8.16
N THR B 339 46.35 -29.35 8.55
CA THR B 339 45.45 -29.14 9.69
C THR B 339 44.08 -29.74 9.41
N ILE B 340 43.54 -29.49 8.21
CA ILE B 340 42.22 -30.03 7.87
C ILE B 340 42.27 -31.55 7.80
N ASP B 341 43.36 -32.11 7.25
CA ASP B 341 43.47 -33.56 7.14
C ASP B 341 43.50 -34.21 8.52
N ASN B 342 44.36 -33.70 9.42
CA ASN B 342 44.42 -34.26 10.77
C ASN B 342 43.11 -34.05 11.51
N ALA B 343 42.46 -32.90 11.32
CA ALA B 343 41.18 -32.64 11.96
C ALA B 343 40.12 -33.63 11.48
N THR B 344 40.09 -33.91 10.18
CA THR B 344 39.11 -34.85 9.65
C THR B 344 39.39 -36.26 10.12
N THR B 345 40.66 -36.64 10.21
CA THR B 345 41.00 -37.97 10.72
C THR B 345 40.57 -38.12 12.18
N ASN B 346 40.78 -37.07 12.99
CA ASN B 346 40.41 -37.17 14.40
C ASN B 346 38.90 -37.18 14.60
N GLY B 347 38.13 -36.56 13.70
CA GLY B 347 36.69 -36.59 13.84
C GLY B 347 36.03 -35.25 14.10
N THR B 348 36.51 -34.19 13.44
CA THR B 348 36.01 -32.83 13.67
C THR B 348 35.25 -32.34 12.45
N PRO B 349 34.01 -31.86 12.62
CA PRO B 349 33.35 -31.15 11.51
C PRO B 349 34.16 -29.92 11.09
N CYS B 350 34.23 -29.71 9.77
CA CYS B 350 34.96 -28.59 9.22
C CYS B 350 34.08 -27.85 8.22
N VAL B 351 34.23 -26.53 8.21
CA VAL B 351 33.49 -25.66 7.30
C VAL B 351 34.49 -24.75 6.59
N VAL B 352 34.30 -24.58 5.28
CA VAL B 352 35.15 -23.71 4.48
C VAL B 352 34.29 -22.56 3.94
N VAL B 353 34.75 -21.34 4.14
CA VAL B 353 34.08 -20.15 3.66
C VAL B 353 34.61 -19.84 2.26
N GLU B 354 33.74 -19.98 1.26
CA GLU B 354 34.19 -19.80 -0.11
C GLU B 354 34.48 -18.33 -0.40
N GLY B 355 35.34 -18.11 -1.39
CA GLY B 355 35.72 -16.78 -1.79
C GLY B 355 36.97 -16.24 -1.10
N SER B 356 37.44 -16.90 -0.03
CA SER B 356 38.61 -16.41 0.68
C SER B 356 39.82 -16.35 -0.24
N GLY B 357 40.10 -17.43 -0.96
CA GLY B 357 41.14 -17.36 -1.96
C GLY B 357 42.13 -18.49 -1.84
N ARG B 358 42.37 -19.17 -2.96
CA ARG B 358 43.48 -20.08 -3.19
C ARG B 358 43.32 -21.41 -2.44
N VAL B 359 42.38 -21.48 -1.52
CA VAL B 359 42.04 -22.76 -0.88
C VAL B 359 40.54 -23.03 -0.83
N ALA B 360 39.69 -21.99 -0.84
CA ALA B 360 38.27 -22.19 -0.59
C ALA B 360 37.59 -22.86 -1.78
N ASP B 361 37.89 -22.39 -2.99
CA ASP B 361 37.21 -22.93 -4.17
C ASP B 361 37.59 -24.39 -4.43
N VAL B 362 38.86 -24.74 -4.21
CA VAL B 362 39.32 -26.10 -4.47
C VAL B 362 38.57 -27.09 -3.60
N ILE B 363 38.45 -26.80 -2.31
CA ILE B 363 37.69 -27.66 -1.41
C ILE B 363 36.20 -27.58 -1.74
N ALA B 364 35.71 -26.41 -2.15
CA ALA B 364 34.28 -26.25 -2.41
C ALA B 364 33.83 -27.13 -3.58
N GLN B 365 34.63 -27.21 -4.63
CA GLN B 365 34.26 -27.96 -5.83
C GLN B 365 34.77 -29.39 -5.82
N VAL B 366 35.24 -29.90 -4.68
CA VAL B 366 35.55 -31.31 -4.52
C VAL B 366 34.88 -31.91 -3.29
N ALA B 367 34.16 -31.11 -2.51
CA ALA B 367 33.57 -31.59 -1.27
C ALA B 367 32.55 -32.70 -1.51
N ASN B 368 31.49 -32.39 -2.24
CA ASN B 368 30.43 -33.36 -2.52
C ASN B 368 30.69 -34.16 -3.80
N LEU B 369 31.74 -33.83 -4.55
CA LEU B 369 32.05 -34.56 -5.76
C LEU B 369 32.66 -35.91 -5.43
N PRO B 370 32.50 -36.90 -6.31
CA PRO B 370 33.08 -38.22 -6.06
C PRO B 370 34.59 -38.16 -5.93
N VAL B 371 35.12 -39.01 -5.04
CA VAL B 371 36.55 -39.03 -4.77
C VAL B 371 37.32 -39.62 -5.95
N SER B 372 36.72 -40.58 -6.67
CA SER B 372 37.45 -41.31 -7.70
C SER B 372 37.88 -40.39 -8.84
N ASP B 373 36.96 -39.55 -9.35
CA ASP B 373 37.29 -38.70 -10.48
C ASP B 373 38.30 -37.62 -10.15
N ILE B 374 38.53 -37.34 -8.87
CA ILE B 374 39.58 -36.40 -8.47
C ILE B 374 40.92 -37.07 -8.77
N THR B 375 41.58 -36.62 -9.82
CA THR B 375 42.84 -37.19 -10.29
C THR B 375 43.97 -36.19 -10.03
N ILE B 376 45.20 -36.63 -10.30
CA ILE B 376 46.32 -35.72 -10.27
C ILE B 376 46.15 -34.64 -11.34
N SER B 377 45.69 -35.04 -12.53
CA SER B 377 45.50 -34.08 -13.61
C SER B 377 44.53 -32.98 -13.19
N LEU B 378 43.42 -33.36 -12.53
CA LEU B 378 42.52 -32.37 -11.95
C LEU B 378 43.26 -31.46 -10.98
N ILE B 379 44.27 -31.99 -10.28
CA ILE B 379 45.04 -31.16 -9.36
C ILE B 379 45.84 -30.11 -10.14
N GLN B 380 46.48 -30.50 -11.25
CA GLN B 380 47.16 -29.47 -12.04
C GLN B 380 46.18 -28.46 -12.66
N GLN B 381 44.99 -28.91 -13.09
CA GLN B 381 44.04 -27.89 -13.55
C GLN B 381 43.57 -27.01 -12.40
N LYS B 382 43.63 -27.50 -11.17
CA LYS B 382 43.39 -26.67 -9.99
C LYS B 382 44.66 -26.02 -9.46
N LEU B 383 45.81 -26.27 -10.09
CA LEU B 383 47.09 -25.71 -9.69
C LEU B 383 47.41 -24.38 -10.37
N SER B 384 46.61 -23.99 -11.37
CA SER B 384 46.94 -22.82 -12.18
C SER B 384 46.12 -21.57 -11.86
N VAL B 385 44.99 -21.72 -11.17
CA VAL B 385 44.10 -20.60 -10.90
C VAL B 385 44.10 -20.23 -9.41
N PHE B 386 44.19 -21.22 -8.53
CA PHE B 386 44.21 -20.97 -7.08
C PHE B 386 45.48 -21.46 -6.41
N PHE B 387 46.54 -21.69 -7.19
CA PHE B 387 47.88 -21.95 -6.68
C PHE B 387 48.89 -21.07 -7.42
N GLN B 388 48.50 -19.83 -7.71
CA GLN B 388 49.31 -18.96 -8.55
C GLN B 388 50.55 -18.48 -7.81
N GLU B 389 50.36 -17.77 -6.69
CA GLU B 389 51.47 -17.19 -5.95
C GLU B 389 52.28 -18.21 -5.17
N MET B 390 51.72 -19.39 -4.89
CA MET B 390 52.43 -20.44 -4.18
C MET B 390 52.99 -21.52 -5.11
N PHE B 391 52.90 -21.32 -6.43
CA PHE B 391 53.41 -22.32 -7.35
C PHE B 391 54.93 -22.43 -7.26
N GLU B 392 55.60 -21.32 -6.96
CA GLU B 392 57.06 -21.33 -6.89
C GLU B 392 57.56 -22.25 -5.78
N THR B 393 56.93 -22.19 -4.60
CA THR B 393 57.37 -23.02 -3.49
C THR B 393 56.91 -24.46 -3.64
N PHE B 394 55.91 -24.71 -4.49
CA PHE B 394 55.43 -26.07 -4.70
C PHE B 394 56.25 -26.76 -5.79
N THR B 395 56.85 -27.89 -5.44
CA THR B 395 57.60 -28.71 -6.38
C THR B 395 56.79 -29.94 -6.75
N GLU B 396 57.29 -30.68 -7.76
CA GLU B 396 56.57 -31.86 -8.23
C GLU B 396 56.42 -32.90 -7.13
N SER B 397 57.48 -33.13 -6.36
CA SER B 397 57.38 -34.02 -5.21
C SER B 397 56.52 -33.44 -4.10
N ARG B 398 56.27 -32.13 -4.13
CA ARG B 398 55.45 -31.46 -3.13
C ARG B 398 54.04 -31.15 -3.62
N ILE B 399 53.83 -31.08 -4.95
CA ILE B 399 52.50 -30.84 -5.48
C ILE B 399 51.59 -32.04 -5.22
N VAL B 400 52.11 -33.26 -5.40
CA VAL B 400 51.30 -34.46 -5.36
C VAL B 400 50.82 -34.82 -3.95
N GLU B 401 51.29 -34.13 -2.91
CA GLU B 401 50.74 -34.36 -1.59
C GLU B 401 49.38 -33.69 -1.39
N TRP B 402 48.94 -32.88 -2.34
CA TRP B 402 47.67 -32.18 -2.25
C TRP B 402 46.49 -33.04 -2.63
N THR B 403 46.71 -34.28 -3.08
CA THR B 403 45.60 -35.15 -3.47
C THR B 403 45.24 -36.15 -2.39
N LYS B 404 46.21 -36.61 -1.60
CA LYS B 404 45.91 -37.53 -0.50
C LYS B 404 45.07 -36.85 0.58
N LYS B 405 45.49 -35.66 1.03
CA LYS B 405 44.78 -35.02 2.13
C LYS B 405 43.37 -34.61 1.71
N ILE B 406 43.23 -34.06 0.50
CA ILE B 406 41.90 -33.68 0.02
C ILE B 406 41.00 -34.90 -0.10
N GLN B 407 41.52 -36.00 -0.64
CA GLN B 407 40.70 -37.22 -0.73
C GLN B 407 40.30 -37.71 0.66
N ASP B 408 41.23 -37.67 1.61
CA ASP B 408 40.92 -38.12 2.97
C ASP B 408 39.82 -37.27 3.60
N ILE B 409 39.89 -35.95 3.42
CA ILE B 409 38.86 -35.09 3.99
C ILE B 409 37.53 -35.28 3.27
N VAL B 410 37.56 -35.40 1.93
CA VAL B 410 36.32 -35.49 1.16
C VAL B 410 35.58 -36.79 1.44
N ARG B 411 36.30 -37.92 1.46
CA ARG B 411 35.61 -39.20 1.61
C ARG B 411 34.89 -39.31 2.97
N ARG B 412 35.23 -38.45 3.93
CA ARG B 412 34.46 -38.32 5.16
C ARG B 412 33.53 -37.12 5.03
N ARG B 413 32.46 -37.31 4.24
CA ARG B 413 31.52 -36.24 3.94
C ARG B 413 30.71 -35.79 5.15
N GLN B 414 30.71 -36.56 6.24
CA GLN B 414 29.94 -36.20 7.42
C GLN B 414 30.63 -35.13 8.27
N LEU B 415 31.88 -34.77 7.95
CA LEU B 415 32.65 -33.83 8.76
C LEU B 415 33.15 -32.64 7.96
N LEU B 416 32.64 -32.41 6.75
CA LEU B 416 33.03 -31.24 5.97
C LEU B 416 31.80 -30.65 5.29
N THR B 417 31.69 -29.34 5.33
CA THR B 417 30.63 -28.62 4.64
C THR B 417 31.21 -27.35 4.03
N VAL B 418 30.53 -26.84 3.02
CA VAL B 418 30.95 -25.64 2.30
C VAL B 418 29.91 -24.55 2.51
N PHE B 419 30.38 -23.33 2.81
CA PHE B 419 29.50 -22.20 3.08
C PHE B 419 29.53 -21.27 1.88
N ARG B 420 28.42 -21.22 1.15
CA ARG B 420 28.32 -20.30 0.02
C ARG B 420 28.31 -18.86 0.49
N GLU B 421 29.12 -18.03 -0.17
CA GLU B 421 29.20 -16.63 0.23
C GLU B 421 28.02 -15.82 -0.27
N GLY B 422 27.48 -16.16 -1.45
CA GLY B 422 26.46 -15.34 -2.07
C GLY B 422 25.05 -15.88 -2.13
N LYS B 423 24.90 -17.19 -2.37
CA LYS B 423 23.60 -17.74 -2.72
C LYS B 423 22.99 -18.66 -1.66
N ASP B 424 23.80 -19.28 -0.81
CA ASP B 424 23.29 -20.17 0.23
C ASP B 424 23.77 -19.69 1.59
N GLY B 425 22.85 -19.61 2.54
CA GLY B 425 23.19 -19.14 3.87
C GLY B 425 23.69 -17.72 3.87
N GLN B 426 22.97 -16.81 3.20
CA GLN B 426 23.42 -15.43 3.09
C GLN B 426 23.26 -14.72 4.43
N GLN B 427 24.09 -15.10 5.39
CA GLN B 427 24.08 -14.53 6.73
C GLN B 427 25.45 -14.80 7.33
N ASP B 428 25.59 -14.51 8.62
CA ASP B 428 26.84 -14.80 9.31
C ASP B 428 27.05 -16.31 9.42
N VAL B 429 28.21 -16.69 9.95
CA VAL B 429 28.69 -18.06 9.90
C VAL B 429 27.90 -19.00 10.80
N ASP B 430 26.92 -18.45 11.54
CA ASP B 430 26.14 -19.27 12.46
C ASP B 430 25.39 -20.38 11.73
N VAL B 431 24.81 -20.06 10.57
CA VAL B 431 24.01 -21.06 9.84
C VAL B 431 24.90 -22.22 9.40
N ALA B 432 26.07 -21.91 8.84
CA ALA B 432 26.97 -22.96 8.40
C ALA B 432 27.48 -23.79 9.56
N ILE B 433 27.86 -23.14 10.67
CA ILE B 433 28.37 -23.87 11.82
C ILE B 433 27.30 -24.80 12.39
N LEU B 434 26.07 -24.31 12.54
CA LEU B 434 25.02 -25.14 13.10
C LEU B 434 24.64 -26.27 12.14
N GLN B 435 24.68 -26.01 10.84
CA GLN B 435 24.43 -27.07 9.87
C GLN B 435 25.47 -28.17 9.99
N ALA B 436 26.74 -27.78 10.12
CA ALA B 436 27.79 -28.77 10.31
C ALA B 436 27.59 -29.55 11.61
N LEU B 437 27.24 -28.86 12.70
CA LEU B 437 27.02 -29.53 13.98
C LEU B 437 25.87 -30.53 13.91
N LEU B 438 24.75 -30.14 13.30
CA LEU B 438 23.64 -31.06 13.18
C LEU B 438 23.92 -32.21 12.23
N LYS B 439 24.69 -31.97 11.17
CA LYS B 439 25.02 -33.06 10.24
C LYS B 439 25.96 -34.07 10.90
N ALA B 440 26.96 -33.60 11.64
CA ALA B 440 27.95 -34.48 12.25
C ALA B 440 27.59 -34.89 13.67
N SER B 441 26.44 -34.48 14.19
CA SER B 441 26.05 -34.77 15.55
C SER B 441 24.81 -35.63 15.66
N ARG B 442 23.75 -35.28 14.93
CA ARG B 442 22.49 -36.03 14.99
C ARG B 442 22.45 -37.17 13.98
N SER B 443 22.85 -36.90 12.75
CA SER B 443 22.83 -37.92 11.70
C SER B 443 24.01 -38.88 11.79
N GLN B 444 25.02 -38.58 12.60
CA GLN B 444 26.18 -39.45 12.71
C GLN B 444 25.82 -40.74 13.45
N ASP B 445 26.51 -41.82 13.08
CA ASP B 445 26.23 -43.13 13.66
C ASP B 445 26.83 -43.29 15.05
N HIS B 446 27.76 -42.41 15.45
CA HIS B 446 28.48 -42.59 16.71
C HIS B 446 27.81 -41.91 17.90
N PHE B 447 27.36 -40.67 17.73
CA PHE B 447 26.88 -39.89 18.86
C PHE B 447 25.53 -40.41 19.33
N GLY B 448 25.27 -40.25 20.63
CA GLY B 448 24.05 -40.73 21.25
C GLY B 448 22.97 -39.67 21.29
N HIS B 449 22.00 -39.89 22.18
CA HIS B 449 20.82 -39.03 22.28
C HIS B 449 20.97 -37.94 23.34
N GLU B 450 22.06 -37.95 24.12
CA GLU B 450 22.19 -36.98 25.20
C GLU B 450 22.50 -35.59 24.68
N ASN B 451 23.33 -35.49 23.63
CA ASN B 451 23.79 -34.19 23.16
C ASN B 451 22.70 -33.45 22.39
N TRP B 452 21.60 -34.15 22.05
CA TRP B 452 20.49 -33.51 21.36
C TRP B 452 20.06 -32.27 22.12
N ASP B 453 19.89 -32.43 23.43
CA ASP B 453 19.45 -31.33 24.28
C ASP B 453 20.42 -30.17 24.22
N HIS B 454 21.66 -30.42 23.80
CA HIS B 454 22.66 -29.35 23.72
C HIS B 454 22.71 -28.66 22.36
N GLN B 455 22.41 -29.36 21.25
CA GLN B 455 22.30 -28.61 20.00
C GLN B 455 21.20 -27.55 20.07
N LEU B 456 20.06 -27.88 20.68
CA LEU B 456 19.00 -26.89 20.80
C LEU B 456 19.38 -25.73 21.70
N LYS B 457 20.07 -26.01 22.82
CA LYS B 457 20.53 -24.94 23.69
C LYS B 457 21.51 -24.03 22.96
N LEU B 458 22.36 -24.62 22.10
CA LEU B 458 23.22 -23.81 21.26
C LEU B 458 22.44 -23.02 20.22
N ALA B 459 21.38 -23.60 19.66
CA ALA B 459 20.64 -22.97 18.58
C ALA B 459 19.76 -21.82 19.05
N VAL B 460 19.22 -21.89 20.27
CA VAL B 460 18.39 -20.79 20.75
C VAL B 460 19.20 -19.52 20.89
N ALA B 461 20.51 -19.64 21.14
CA ALA B 461 21.37 -18.46 21.16
C ALA B 461 21.50 -17.86 19.76
N TRP B 462 21.52 -18.70 18.73
CA TRP B 462 21.62 -18.23 17.36
C TRP B 462 20.27 -17.97 16.71
N ASN B 463 19.17 -18.10 17.47
CA ASN B 463 17.83 -17.68 17.06
C ASN B 463 17.44 -18.21 15.69
N ARG B 464 17.77 -19.48 15.43
CA ARG B 464 17.40 -20.15 14.18
C ARG B 464 16.26 -21.11 14.50
N VAL B 465 15.04 -20.72 14.13
CA VAL B 465 13.87 -21.53 14.48
C VAL B 465 13.45 -22.42 13.32
N ASP B 466 13.79 -22.06 12.08
CA ASP B 466 13.54 -22.94 10.96
C ASP B 466 14.33 -24.24 11.09
N ILE B 467 15.59 -24.13 11.54
CA ILE B 467 16.39 -25.33 11.80
C ILE B 467 15.80 -26.12 12.95
N ALA B 468 15.23 -25.45 13.95
CA ALA B 468 14.56 -26.16 15.04
C ALA B 468 13.36 -26.93 14.52
N ARG B 469 12.60 -26.34 13.61
CA ARG B 469 11.49 -27.06 12.96
C ARG B 469 12.02 -28.25 12.17
N SER B 470 13.14 -28.07 11.47
CA SER B 470 13.71 -29.14 10.65
C SER B 470 14.23 -30.31 11.48
N GLU B 471 14.85 -30.07 12.63
CA GLU B 471 15.48 -31.14 13.39
C GLU B 471 14.46 -32.03 14.10
N ILE B 472 13.22 -31.55 14.25
CA ILE B 472 12.20 -32.33 14.93
C ILE B 472 11.85 -33.59 14.14
N PHE B 473 11.87 -33.49 12.81
CA PHE B 473 11.27 -34.52 11.96
C PHE B 473 12.03 -35.85 11.98
N MET B 474 13.27 -35.89 12.47
CA MET B 474 14.04 -37.12 12.42
C MET B 474 14.41 -37.68 13.79
N ASP B 475 14.31 -36.89 14.86
CA ASP B 475 14.53 -37.39 16.20
C ASP B 475 13.19 -37.53 16.94
N GLU B 476 13.18 -38.35 17.99
CA GLU B 476 11.96 -38.60 18.73
C GLU B 476 12.26 -38.64 20.23
N TRP B 477 11.55 -37.80 20.98
CA TRP B 477 11.62 -37.80 22.45
C TRP B 477 10.40 -38.53 23.01
N GLN B 478 10.33 -39.83 22.72
CA GLN B 478 9.13 -40.59 23.06
C GLN B 478 8.99 -40.78 24.57
N TRP B 479 10.09 -40.66 25.33
CA TRP B 479 10.04 -40.93 26.76
C TRP B 479 9.13 -39.93 27.48
N LYS B 480 9.39 -38.64 27.30
CA LYS B 480 8.64 -37.60 28.00
C LYS B 480 9.01 -36.23 27.44
N PRO B 481 8.02 -35.35 27.20
CA PRO B 481 8.36 -33.99 26.74
C PRO B 481 9.03 -33.12 27.79
N SER B 482 9.14 -33.59 29.04
CA SER B 482 9.61 -32.74 30.12
C SER B 482 11.09 -32.38 30.00
N ASP B 483 11.82 -33.02 29.08
CA ASP B 483 13.25 -32.71 28.93
C ASP B 483 13.47 -31.32 28.35
N LEU B 484 12.43 -30.67 27.84
CA LEU B 484 12.54 -29.36 27.24
C LEU B 484 12.42 -28.22 28.24
N HIS B 485 12.21 -28.52 29.52
CA HIS B 485 12.20 -27.44 30.52
C HIS B 485 13.55 -26.76 30.66
N PRO B 486 14.68 -27.47 30.83
CA PRO B 486 15.97 -26.76 30.99
C PRO B 486 16.35 -25.91 29.80
N THR B 487 16.01 -26.32 28.58
CA THR B 487 16.36 -25.50 27.42
C THR B 487 15.46 -24.28 27.31
N MET B 488 14.19 -24.40 27.72
CA MET B 488 13.32 -23.23 27.66
C MET B 488 13.64 -22.25 28.78
N THR B 489 14.23 -22.71 29.88
CA THR B 489 14.76 -21.78 30.88
C THR B 489 15.78 -20.84 30.26
N ALA B 490 16.70 -21.38 29.46
CA ALA B 490 17.69 -20.55 28.80
C ALA B 490 17.07 -19.78 27.63
N ALA B 491 16.03 -20.33 27.01
CA ALA B 491 15.33 -19.62 25.94
C ALA B 491 14.69 -18.34 26.46
N LEU B 492 14.10 -18.39 27.65
CA LEU B 492 13.50 -17.20 28.24
C LEU B 492 14.54 -16.12 28.49
N ILE B 493 15.72 -16.51 28.99
CA ILE B 493 16.77 -15.52 29.26
C ILE B 493 17.33 -14.98 27.95
N SER B 494 17.48 -15.84 26.93
CA SER B 494 17.83 -15.35 25.60
C SER B 494 16.70 -14.53 25.00
N ASN B 495 15.47 -14.78 25.46
CA ASN B 495 14.28 -13.96 25.23
C ASN B 495 13.70 -14.11 23.83
N LYS B 496 14.16 -15.07 23.04
CA LYS B 496 13.60 -15.25 21.70
C LYS B 496 12.25 -15.94 21.81
N PRO B 497 11.16 -15.31 21.35
CA PRO B 497 9.82 -15.85 21.63
C PRO B 497 9.41 -16.98 20.69
N GLU B 498 10.05 -17.10 19.54
CA GLU B 498 9.67 -18.18 18.62
C GLU B 498 9.98 -19.55 19.20
N PHE B 499 11.06 -19.66 19.98
CA PHE B 499 11.39 -20.95 20.58
C PHE B 499 10.38 -21.36 21.64
N VAL B 500 9.96 -20.41 22.49
CA VAL B 500 8.95 -20.77 23.49
C VAL B 500 7.60 -21.00 22.81
N LYS B 501 7.34 -20.33 21.68
CA LYS B 501 6.14 -20.63 20.91
C LYS B 501 6.18 -22.06 20.38
N LEU B 502 7.33 -22.48 19.86
CA LEU B 502 7.50 -23.88 19.45
C LEU B 502 7.29 -24.82 20.63
N PHE B 503 7.85 -24.48 21.79
CA PHE B 503 7.70 -25.32 22.97
C PHE B 503 6.24 -25.46 23.39
N LEU B 504 5.48 -24.36 23.39
CA LEU B 504 4.07 -24.45 23.77
C LEU B 504 3.28 -25.23 22.72
N GLU B 505 3.58 -25.04 21.44
CA GLU B 505 2.84 -25.79 20.42
C GLU B 505 3.28 -27.25 20.38
N ASN B 506 4.50 -27.55 20.84
CA ASN B 506 4.91 -28.94 21.01
C ASN B 506 4.17 -29.62 22.13
N GLY B 507 3.79 -28.87 23.17
CA GLY B 507 2.94 -29.37 24.23
C GLY B 507 3.54 -29.42 25.61
N VAL B 508 4.65 -28.71 25.87
CA VAL B 508 5.16 -28.68 27.23
C VAL B 508 4.29 -27.72 28.03
N GLN B 509 3.74 -28.20 29.14
CA GLN B 509 2.78 -27.40 29.89
C GLN B 509 3.52 -26.48 30.87
N LEU B 510 3.22 -25.18 30.79
CA LEU B 510 3.86 -24.21 31.67
C LEU B 510 3.35 -24.30 33.10
N LYS B 511 2.29 -25.08 33.35
CA LYS B 511 1.77 -25.22 34.71
C LYS B 511 2.78 -25.87 35.63
N GLU B 512 3.46 -26.92 35.18
CA GLU B 512 4.44 -27.61 36.00
C GLU B 512 5.88 -27.13 35.74
N PHE B 513 6.06 -26.13 34.89
CA PHE B 513 7.41 -25.65 34.59
C PHE B 513 7.93 -24.74 35.70
N VAL B 514 7.25 -23.63 35.94
CA VAL B 514 7.70 -22.63 36.92
C VAL B 514 7.47 -23.22 38.31
N THR B 515 8.54 -23.67 38.96
CA THR B 515 8.53 -24.07 40.35
C THR B 515 9.17 -22.97 41.18
N TRP B 516 9.21 -23.18 42.50
CA TRP B 516 9.79 -22.17 43.39
C TRP B 516 11.25 -21.90 43.04
N ASP B 517 12.06 -22.96 42.96
CA ASP B 517 13.46 -22.77 42.56
C ASP B 517 13.57 -22.28 41.13
N THR B 518 12.67 -22.73 40.24
CA THR B 518 12.70 -22.27 38.86
C THR B 518 12.44 -20.78 38.78
N LEU B 519 11.41 -20.30 39.48
CA LEU B 519 11.11 -18.87 39.42
C LEU B 519 12.17 -18.06 40.14
N LEU B 520 12.77 -18.61 41.19
CA LEU B 520 13.89 -17.91 41.84
C LEU B 520 15.08 -17.77 40.90
N TYR B 521 15.38 -18.84 40.15
CA TYR B 521 16.46 -18.77 39.17
C TYR B 521 16.14 -17.76 38.07
N LEU B 522 14.89 -17.74 37.60
CA LEU B 522 14.50 -16.77 36.59
C LEU B 522 14.59 -15.34 37.12
N TYR B 523 14.22 -15.12 38.37
CA TYR B 523 14.37 -13.82 39.02
C TYR B 523 15.82 -13.49 39.32
N GLU B 524 16.71 -14.47 39.28
CA GLU B 524 18.13 -14.22 39.45
C GLU B 524 18.78 -13.63 38.20
N ASN B 525 18.12 -13.73 37.04
CA ASN B 525 18.72 -13.38 35.76
C ASN B 525 17.91 -12.33 35.04
N LEU B 526 17.55 -11.25 35.74
CA LEU B 526 16.92 -10.11 35.09
C LEU B 526 17.93 -9.39 34.19
N ASP B 527 17.39 -8.55 33.31
CA ASP B 527 18.24 -7.80 32.38
C ASP B 527 18.80 -6.57 33.08
N PRO B 528 20.13 -6.45 33.20
CA PRO B 528 20.71 -5.27 33.89
C PRO B 528 20.42 -3.96 33.19
N SER B 529 20.11 -3.97 31.89
CA SER B 529 19.89 -2.72 31.17
C SER B 529 18.68 -1.97 31.71
N CYS B 530 17.60 -2.68 32.01
CA CYS B 530 16.40 -2.05 32.53
C CYS B 530 16.63 -1.58 33.97
N LEU B 531 15.80 -0.63 34.39
CA LEU B 531 15.87 -0.10 35.75
C LEU B 531 15.48 -1.13 36.80
N PHE B 532 14.73 -2.17 36.40
CA PHE B 532 14.25 -3.15 37.37
C PHE B 532 15.41 -3.90 38.02
N HIS B 533 16.42 -4.29 37.23
CA HIS B 533 17.59 -4.96 37.80
C HIS B 533 18.35 -4.05 38.74
N SER B 534 18.46 -2.76 38.41
CA SER B 534 19.10 -1.82 39.32
C SER B 534 18.32 -1.73 40.63
N LYS B 535 16.99 -1.73 40.55
CA LYS B 535 16.17 -1.74 41.75
C LYS B 535 16.42 -2.99 42.58
N LEU B 536 16.57 -4.13 41.90
CA LEU B 536 16.88 -5.38 42.62
C LEU B 536 18.23 -5.30 43.33
N GLN B 537 19.26 -4.78 42.65
CA GLN B 537 20.55 -4.62 43.34
C GLN B 537 20.41 -3.68 44.54
N LYS B 538 19.65 -2.59 44.38
CA LYS B 538 19.47 -1.68 45.49
C LYS B 538 18.77 -2.35 46.67
N VAL B 539 17.70 -3.11 46.41
CA VAL B 539 16.96 -3.72 47.52
C VAL B 539 17.78 -4.83 48.16
N LEU B 540 18.60 -5.53 47.38
CA LEU B 540 19.51 -6.51 47.96
C LEU B 540 20.61 -5.87 48.80
N VAL B 541 21.05 -4.66 48.48
CA VAL B 541 22.06 -4.02 49.31
C VAL B 541 21.46 -3.19 50.44
N GLU B 542 20.14 -2.95 50.44
CA GLU B 542 19.52 -2.24 51.56
C GLU B 542 19.40 -3.15 52.78
N ASP B 543 19.03 -4.41 52.58
CA ASP B 543 18.83 -5.34 53.70
C ASP B 543 19.60 -6.64 53.49
N PRO B 544 20.94 -6.57 53.41
CA PRO B 544 21.74 -7.81 53.45
C PRO B 544 22.21 -8.12 54.87
N GLU B 545 22.99 -9.19 55.02
CA GLU B 545 23.73 -9.40 56.26
C GLU B 545 25.21 -9.57 55.94
N ARG B 546 26.06 -9.54 56.97
CA ARG B 546 27.50 -9.59 56.73
C ARG B 546 28.00 -11.00 56.40
N PRO B 547 27.75 -12.04 57.23
CA PRO B 547 28.48 -13.30 57.05
C PRO B 547 28.05 -14.14 55.85
N ALA B 548 26.79 -13.99 55.40
CA ALA B 548 26.25 -14.89 54.39
C ALA B 548 27.07 -14.88 53.10
N CYS B 549 27.33 -13.70 52.54
CA CYS B 549 28.21 -13.57 51.38
C CYS B 549 28.94 -12.23 51.50
N ALA B 550 30.14 -12.15 50.94
CA ALA B 550 31.02 -11.03 51.27
C ALA B 550 30.53 -9.70 50.72
N PRO B 551 30.52 -9.43 49.38
CA PRO B 551 30.23 -8.04 48.95
C PRO B 551 28.82 -7.59 49.31
N ALA B 552 27.81 -8.17 48.64
CA ALA B 552 26.43 -8.15 49.10
C ALA B 552 25.62 -9.20 48.35
N ALA B 553 25.42 -10.39 48.93
CA ALA B 553 24.58 -11.38 48.26
C ALA B 553 24.16 -12.49 49.21
N PRO B 554 23.40 -12.20 50.27
CA PRO B 554 22.99 -13.26 51.20
C PRO B 554 22.07 -14.31 50.59
N ARG B 555 20.94 -13.90 50.02
CA ARG B 555 19.99 -14.83 49.39
C ARG B 555 18.93 -14.04 48.64
N LEU B 556 18.19 -14.72 47.78
CA LEU B 556 17.00 -14.15 47.15
C LEU B 556 15.78 -14.73 47.83
N GLN B 557 15.12 -13.91 48.64
CA GLN B 557 14.04 -14.37 49.51
C GLN B 557 12.75 -13.65 49.11
N MET B 558 11.70 -13.89 49.87
CA MET B 558 10.46 -13.14 49.66
C MET B 558 10.64 -11.69 50.07
N HIS B 559 11.67 -11.40 50.88
CA HIS B 559 11.90 -10.04 51.33
C HIS B 559 12.19 -9.10 50.16
N HIS B 560 13.14 -9.48 49.29
CA HIS B 560 13.61 -8.55 48.27
C HIS B 560 12.54 -8.31 47.21
N VAL B 561 11.91 -9.38 46.74
CA VAL B 561 10.79 -9.23 45.81
C VAL B 561 9.64 -8.50 46.48
N ALA B 562 9.44 -8.72 47.78
CA ALA B 562 8.40 -8.02 48.52
C ALA B 562 8.62 -6.52 48.52
N GLN B 563 9.85 -6.06 48.81
CA GLN B 563 10.09 -4.62 48.75
C GLN B 563 10.03 -4.08 47.33
N VAL B 564 10.57 -4.80 46.35
CA VAL B 564 10.51 -4.28 44.98
C VAL B 564 9.08 -4.25 44.47
N LEU B 565 8.18 -5.01 45.09
CA LEU B 565 6.76 -4.90 44.77
C LEU B 565 6.11 -3.75 45.55
N ARG B 566 6.37 -3.65 46.85
CA ARG B 566 5.79 -2.60 47.68
C ARG B 566 6.18 -1.20 47.21
N GLU B 567 7.34 -1.06 46.57
CA GLU B 567 7.65 0.23 45.96
C GLU B 567 6.89 0.42 44.66
N LEU B 568 6.19 -0.61 44.18
CA LEU B 568 5.32 -0.52 43.02
C LEU B 568 3.86 -0.79 43.34
N LEU B 569 3.46 -0.72 44.60
CA LEU B 569 2.09 -1.01 44.99
C LEU B 569 1.75 -0.28 46.29
N GLY B 570 0.53 -0.51 46.78
CA GLY B 570 0.09 0.12 48.00
C GLY B 570 -0.06 -0.81 49.19
N ASP B 571 -1.29 -1.23 49.47
CA ASP B 571 -1.65 -1.97 50.68
C ASP B 571 -1.87 -3.45 50.44
N PHE B 572 -1.08 -4.09 49.57
CA PHE B 572 -1.42 -5.42 49.10
C PHE B 572 -0.94 -6.46 50.11
N THR B 573 -0.97 -7.73 49.72
CA THR B 573 -0.66 -8.85 50.60
C THR B 573 0.78 -9.34 50.36
N GLN B 574 1.39 -9.88 51.40
CA GLN B 574 2.76 -10.41 51.34
C GLN B 574 2.67 -11.91 51.08
N PRO B 575 3.29 -12.42 50.01
CA PRO B 575 2.94 -13.76 49.50
C PRO B 575 3.69 -14.95 50.09
N LEU B 576 2.90 -15.92 50.55
CA LEU B 576 3.16 -17.34 50.71
C LEU B 576 4.02 -17.75 51.90
N TYR B 577 4.71 -16.83 52.59
CA TYR B 577 5.32 -17.23 53.83
C TYR B 577 5.72 -16.04 54.70
N PRO B 578 4.83 -15.58 55.58
CA PRO B 578 5.24 -14.62 56.60
C PRO B 578 6.27 -15.23 57.53
N ARG B 579 6.96 -14.36 58.27
CA ARG B 579 8.06 -14.76 59.14
C ARG B 579 7.68 -15.74 60.26
N PRO B 580 6.63 -15.50 61.06
CA PRO B 580 6.57 -16.15 62.38
C PRO B 580 6.44 -17.67 62.38
N ARG B 581 6.36 -18.23 63.60
CA ARG B 581 6.58 -19.64 63.87
C ARG B 581 5.72 -20.57 63.01
N HIS B 582 4.49 -20.20 62.69
CA HIS B 582 3.63 -21.07 61.90
C HIS B 582 4.17 -21.33 60.50
N ASN B 583 4.90 -20.37 59.92
CA ASN B 583 5.49 -20.52 58.60
C ASN B 583 6.93 -20.00 58.65
N ASP B 584 7.67 -20.49 59.65
CA ASP B 584 8.94 -19.91 60.06
C ASP B 584 9.99 -20.00 58.96
N ARG B 585 10.31 -18.85 58.36
CA ARG B 585 11.53 -18.67 57.58
C ARG B 585 12.28 -17.51 58.23
N LEU B 586 13.05 -17.82 59.29
CA LEU B 586 13.88 -16.82 59.95
C LEU B 586 15.36 -17.11 59.81
N ARG B 587 15.81 -18.27 60.29
CA ARG B 587 17.23 -18.58 60.40
C ARG B 587 17.69 -19.56 59.33
N LEU B 588 16.92 -19.71 58.25
CA LEU B 588 17.28 -20.66 57.20
C LEU B 588 18.34 -20.09 56.27
N LEU B 589 19.38 -19.53 56.88
CA LEU B 589 20.56 -19.08 56.19
C LEU B 589 21.84 -19.48 56.90
N LEU B 590 21.74 -20.05 58.10
CA LEU B 590 22.78 -20.71 58.88
C LEU B 590 22.24 -22.05 59.38
N PRO B 591 23.11 -22.98 59.75
CA PRO B 591 22.63 -24.26 60.28
C PRO B 591 21.76 -24.05 61.51
N VAL B 592 20.71 -24.87 61.62
CA VAL B 592 19.70 -24.72 62.67
C VAL B 592 19.56 -26.02 63.44
N PRO B 593 19.06 -25.99 64.68
CA PRO B 593 18.88 -27.23 65.42
C PRO B 593 17.86 -28.14 64.77
N HIS B 594 18.02 -29.44 65.01
CA HIS B 594 17.25 -30.48 64.34
C HIS B 594 15.95 -30.75 65.12
N VAL B 595 15.29 -31.87 64.81
CA VAL B 595 13.90 -32.11 65.23
C VAL B 595 13.78 -32.15 66.75
N LYS B 596 14.85 -32.53 67.44
CA LYS B 596 14.78 -32.79 68.88
C LYS B 596 14.25 -31.60 69.68
N LEU B 597 14.33 -30.38 69.15
CA LEU B 597 13.72 -29.24 69.82
C LEU B 597 12.32 -28.93 69.30
N ASN B 598 12.04 -29.26 68.04
CA ASN B 598 10.71 -29.07 67.44
C ASN B 598 10.28 -27.61 67.50
N VAL B 599 11.23 -26.69 67.37
CA VAL B 599 10.93 -25.26 67.41
C VAL B 599 11.57 -24.49 66.27
N GLN B 600 12.53 -25.05 65.54
CA GLN B 600 13.23 -24.33 64.49
C GLN B 600 13.34 -25.21 63.24
N GLY B 601 13.23 -24.58 62.08
CA GLY B 601 13.37 -25.29 60.80
C GLY B 601 12.03 -25.81 60.30
N VAL B 602 11.99 -27.09 59.92
CA VAL B 602 10.78 -27.74 59.45
C VAL B 602 10.17 -28.64 60.52
N SER B 603 11.00 -29.23 61.38
CA SER B 603 10.56 -30.07 62.49
C SER B 603 9.77 -31.30 62.03
N LEU B 604 9.93 -31.70 60.78
CA LEU B 604 9.29 -32.89 60.24
C LEU B 604 10.27 -33.93 59.74
N ARG B 605 11.34 -33.51 59.07
CA ARG B 605 12.38 -34.41 58.58
C ARG B 605 13.64 -34.20 59.40
N SER B 606 14.23 -35.29 59.87
CA SER B 606 15.43 -35.24 60.70
C SER B 606 16.72 -35.21 59.91
N LEU B 607 16.64 -35.18 58.58
CA LEU B 607 17.81 -35.19 57.71
C LEU B 607 17.96 -33.84 57.03
N TYR B 608 19.21 -33.41 56.84
CA TYR B 608 19.53 -32.14 56.21
C TYR B 608 20.42 -32.41 55.00
N LYS B 609 20.05 -31.86 53.85
CA LYS B 609 20.73 -32.10 52.58
C LYS B 609 21.10 -30.77 51.93
N ARG B 610 21.71 -29.88 52.72
CA ARG B 610 22.21 -28.56 52.28
C ARG B 610 21.14 -27.75 51.53
N SER B 611 19.88 -28.07 51.75
CA SER B 611 18.78 -27.34 51.11
C SER B 611 17.57 -27.36 52.04
N SER B 612 16.66 -26.42 51.79
CA SER B 612 15.45 -26.28 52.60
C SER B 612 14.26 -27.01 51.99
N GLY B 613 14.45 -27.74 50.90
CA GLY B 613 13.37 -28.44 50.25
C GLY B 613 12.96 -27.78 48.94
N HIS B 614 11.84 -28.25 48.41
CA HIS B 614 11.32 -27.75 47.14
C HIS B 614 9.80 -27.90 47.14
N VAL B 615 9.09 -26.78 47.10
CA VAL B 615 7.64 -26.80 46.94
C VAL B 615 7.32 -26.86 45.45
N THR B 616 6.55 -27.87 45.05
CA THR B 616 6.31 -28.10 43.63
C THR B 616 5.52 -26.97 42.99
N PHE B 617 4.51 -26.45 43.69
CA PHE B 617 3.68 -25.37 43.17
C PHE B 617 3.58 -24.30 44.24
N THR B 618 4.14 -23.12 43.96
CA THR B 618 4.11 -22.04 44.94
C THR B 618 2.68 -21.62 45.22
N MET B 619 2.04 -20.96 44.27
CA MET B 619 0.58 -20.94 44.20
C MET B 619 0.15 -21.40 42.81
N ASP B 620 0.76 -20.79 41.78
CA ASP B 620 0.46 -20.93 40.36
C ASP B 620 1.57 -20.25 39.58
N PRO B 621 1.98 -20.80 38.44
CA PRO B 621 3.09 -20.20 37.69
C PRO B 621 2.80 -18.95 36.86
N ILE B 622 1.67 -18.92 36.14
CA ILE B 622 1.43 -17.87 35.15
C ILE B 622 1.32 -16.49 35.82
N ARG B 623 0.65 -16.42 36.97
CA ARG B 623 0.43 -15.13 37.62
C ARG B 623 1.75 -14.44 37.97
N ASP B 624 2.75 -15.20 38.43
CA ASP B 624 4.06 -14.63 38.72
C ASP B 624 4.94 -14.52 37.49
N LEU B 625 4.72 -15.35 36.47
CA LEU B 625 5.55 -15.26 35.29
C LEU B 625 5.21 -14.03 34.45
N LEU B 626 3.94 -13.61 34.45
CA LEU B 626 3.60 -12.30 33.89
C LEU B 626 4.32 -11.19 34.63
N ILE B 627 4.36 -11.26 35.97
CA ILE B 627 5.05 -10.24 36.75
C ILE B 627 6.53 -10.20 36.37
N TRP B 628 7.14 -11.37 36.22
CA TRP B 628 8.55 -11.43 35.83
C TRP B 628 8.77 -10.83 34.44
N ALA B 629 7.87 -11.15 33.50
CA ALA B 629 8.10 -10.75 32.10
C ALA B 629 7.79 -9.28 31.86
N ILE B 630 6.79 -8.72 32.55
CA ILE B 630 6.34 -7.36 32.23
C ILE B 630 7.42 -6.34 32.53
N VAL B 631 8.06 -6.44 33.70
CA VAL B 631 9.10 -5.48 34.06
C VAL B 631 10.29 -5.58 33.12
N GLN B 632 10.34 -6.60 32.27
CA GLN B 632 11.45 -6.81 31.35
C GLN B 632 11.22 -6.22 29.97
N ASN B 633 10.02 -5.68 29.69
CA ASN B 633 9.79 -4.79 28.55
C ASN B 633 9.85 -5.48 27.18
N ARG B 634 9.05 -6.53 26.96
CA ARG B 634 8.96 -7.13 25.62
C ARG B 634 7.54 -7.13 25.05
N ARG B 635 7.47 -7.34 23.74
CA ARG B 635 6.21 -7.53 23.04
C ARG B 635 5.66 -8.94 23.24
N GLU B 636 6.39 -9.94 22.76
CA GLU B 636 5.75 -11.22 22.51
C GLU B 636 5.50 -11.99 23.81
N LEU B 637 6.51 -12.03 24.69
CA LEU B 637 6.50 -12.96 25.82
C LEU B 637 5.31 -12.72 26.74
N ALA B 638 4.97 -11.44 26.98
CA ALA B 638 3.88 -11.15 27.91
C ALA B 638 2.56 -11.75 27.42
N GLY B 639 2.20 -11.50 26.16
CA GLY B 639 0.99 -12.08 25.62
C GLY B 639 1.06 -13.60 25.51
N ILE B 640 2.25 -14.11 25.15
CA ILE B 640 2.42 -15.56 25.02
C ILE B 640 2.11 -16.24 26.36
N ILE B 641 2.62 -15.69 27.46
CA ILE B 641 2.32 -16.27 28.77
C ILE B 641 0.87 -16.04 29.15
N TRP B 642 0.33 -14.85 28.84
CA TRP B 642 -1.03 -14.57 29.28
C TRP B 642 -2.06 -15.46 28.60
N ALA B 643 -1.79 -15.89 27.36
CA ALA B 643 -2.79 -16.61 26.58
C ALA B 643 -3.36 -17.82 27.32
N GLN B 644 -2.65 -18.30 28.35
CA GLN B 644 -3.12 -19.41 29.17
C GLN B 644 -3.20 -19.01 30.64
N SER B 645 -3.62 -17.78 30.92
CA SER B 645 -3.72 -17.32 32.30
C SER B 645 -5.02 -17.78 32.94
N GLN B 646 -4.91 -18.37 34.13
CA GLN B 646 -6.10 -18.74 34.88
C GLN B 646 -6.88 -17.50 35.31
N ASP B 647 -6.18 -16.49 35.85
CA ASP B 647 -6.80 -15.24 36.28
C ASP B 647 -6.81 -14.29 35.09
N CYS B 648 -7.97 -14.20 34.44
CA CYS B 648 -8.05 -13.52 33.15
C CYS B 648 -7.94 -12.01 33.28
N ILE B 649 -8.65 -11.41 34.23
CA ILE B 649 -8.82 -9.95 34.26
C ILE B 649 -7.82 -9.26 35.18
N ALA B 650 -7.63 -9.78 36.40
CA ALA B 650 -6.82 -9.08 37.38
C ALA B 650 -5.33 -9.07 37.01
N ALA B 651 -4.83 -10.12 36.37
CA ALA B 651 -3.43 -10.15 36.00
C ALA B 651 -3.09 -9.05 35.00
N ALA B 652 -3.96 -8.84 34.02
CA ALA B 652 -3.72 -7.79 33.04
C ALA B 652 -3.72 -6.41 33.70
N LEU B 653 -4.65 -6.18 34.63
CA LEU B 653 -4.70 -4.91 35.32
C LEU B 653 -3.43 -4.69 36.15
N ALA B 654 -2.98 -5.73 36.85
CA ALA B 654 -1.77 -5.61 37.66
C ALA B 654 -0.55 -5.33 36.78
N CYS B 655 -0.45 -6.03 35.65
CA CYS B 655 0.63 -5.76 34.72
C CYS B 655 0.59 -4.33 34.18
N SER B 656 -0.60 -3.84 33.84
CA SER B 656 -0.74 -2.47 33.37
C SER B 656 -0.29 -1.48 34.43
N LYS B 657 -0.68 -1.70 35.68
CA LYS B 657 -0.28 -0.80 36.76
C LYS B 657 1.23 -0.80 36.97
N ILE B 658 1.82 -1.99 37.06
CA ILE B 658 3.27 -2.07 37.25
C ILE B 658 4.00 -1.41 36.09
N LEU B 659 3.52 -1.64 34.86
CA LEU B 659 4.20 -1.11 33.69
C LEU B 659 4.06 0.40 33.60
N LYS B 660 2.91 0.95 33.98
CA LYS B 660 2.77 2.41 33.98
C LYS B 660 3.67 3.03 35.05
N GLU B 661 3.81 2.37 36.20
CA GLU B 661 4.73 2.90 37.20
C GLU B 661 6.17 2.88 36.70
N LEU B 662 6.58 1.80 36.05
CA LEU B 662 7.91 1.78 35.44
C LEU B 662 8.06 2.83 34.36
N SER B 663 6.99 3.15 33.63
CA SER B 663 7.06 4.24 32.65
C SER B 663 7.32 5.56 33.34
N LYS B 664 6.54 5.85 34.38
CA LYS B 664 6.64 7.13 35.08
C LYS B 664 7.88 7.21 35.98
N GLU B 665 8.62 6.11 36.17
CA GLU B 665 9.83 6.22 36.98
C GLU B 665 11.01 6.79 36.19
N GLU B 666 11.61 6.01 35.29
CA GLU B 666 12.73 6.55 34.52
C GLU B 666 13.03 5.67 33.31
N GLU B 667 12.64 6.14 32.11
CA GLU B 667 13.40 5.85 30.90
C GLU B 667 13.71 7.10 30.08
N ASP B 668 12.78 8.06 29.99
CA ASP B 668 12.88 9.45 29.54
C ASP B 668 13.21 9.65 28.06
N THR B 669 13.42 8.58 27.31
CA THR B 669 13.67 8.72 25.88
C THR B 669 13.57 7.36 25.21
N ASP B 670 13.05 7.36 23.98
CA ASP B 670 13.08 6.25 23.04
C ASP B 670 12.28 5.03 23.49
N SER B 671 11.72 5.02 24.69
CA SER B 671 10.93 3.86 25.10
C SER B 671 9.64 4.20 25.83
N SER B 672 9.60 5.37 26.47
CA SER B 672 8.50 5.66 27.39
C SER B 672 7.16 5.65 26.67
N GLU B 673 7.07 6.35 25.53
CA GLU B 673 5.80 6.41 24.81
C GLU B 673 5.41 5.05 24.21
N GLU B 674 6.39 4.28 23.70
CA GLU B 674 6.06 2.99 23.09
C GLU B 674 5.47 2.03 24.11
N MET B 675 6.10 1.94 25.29
CA MET B 675 5.58 1.04 26.31
C MET B 675 4.39 1.62 27.08
N LEU B 676 4.17 2.93 27.04
CA LEU B 676 2.85 3.45 27.41
C LEU B 676 1.78 3.00 26.43
N ALA B 677 2.10 3.00 25.14
CA ALA B 677 1.17 2.46 24.15
C ALA B 677 0.90 0.99 24.40
N LEU B 678 1.93 0.23 24.78
CA LEU B 678 1.73 -1.15 25.19
C LEU B 678 0.83 -1.26 26.42
N ALA B 679 1.02 -0.38 27.42
CA ALA B 679 0.13 -0.37 28.58
C ALA B 679 -1.32 -0.15 28.17
N GLU B 680 -1.59 0.95 27.49
CA GLU B 680 -2.94 1.21 27.03
C GLU B 680 -3.45 0.14 26.06
N GLU B 681 -2.55 -0.63 25.46
CA GLU B 681 -2.97 -1.84 24.76
C GLU B 681 -3.47 -2.90 25.75
N TYR B 682 -2.80 -3.03 26.90
CA TYR B 682 -3.34 -3.94 27.92
C TYR B 682 -4.69 -3.47 28.43
N GLU B 683 -4.90 -2.17 28.54
CA GLU B 683 -6.24 -1.65 28.78
C GLU B 683 -7.22 -1.95 27.65
N HIS B 684 -6.80 -1.82 26.37
CA HIS B 684 -7.64 -2.28 25.26
C HIS B 684 -8.06 -3.73 25.43
N ARG B 685 -7.11 -4.59 25.78
CA ARG B 685 -7.32 -6.03 25.91
C ARG B 685 -8.17 -6.40 27.13
N ALA B 686 -8.00 -5.68 28.24
CA ALA B 686 -8.91 -5.84 29.37
C ALA B 686 -10.32 -5.41 28.99
N ILE B 687 -10.45 -4.32 28.23
CA ILE B 687 -11.76 -3.94 27.71
C ILE B 687 -12.33 -5.01 26.79
N GLY B 688 -11.48 -5.66 26.00
CA GLY B 688 -11.96 -6.72 25.13
C GLY B 688 -12.50 -7.92 25.90
N VAL B 689 -11.76 -8.36 26.92
CA VAL B 689 -12.25 -9.49 27.71
C VAL B 689 -13.50 -9.08 28.50
N PHE B 690 -13.57 -7.84 28.98
CA PHE B 690 -14.78 -7.41 29.67
C PHE B 690 -15.95 -7.32 28.69
N THR B 691 -15.67 -6.96 27.44
CA THR B 691 -16.69 -6.98 26.40
C THR B 691 -17.25 -8.37 26.22
N GLU B 692 -16.38 -9.37 26.15
CA GLU B 692 -16.86 -10.71 25.84
C GLU B 692 -17.48 -11.38 27.07
N CYS B 693 -17.14 -10.90 28.27
CA CYS B 693 -17.85 -11.42 29.44
C CYS B 693 -19.13 -10.63 29.73
N TYR B 694 -19.31 -9.47 29.12
CA TYR B 694 -20.61 -8.80 29.14
C TYR B 694 -21.47 -9.16 27.95
N ARG B 695 -20.90 -9.85 26.96
CA ARG B 695 -21.68 -10.55 25.94
C ARG B 695 -22.59 -11.60 26.57
N LYS B 696 -22.04 -12.33 27.54
CA LYS B 696 -22.72 -13.50 28.09
C LYS B 696 -22.81 -13.40 29.61
N ASP B 697 -23.95 -13.83 30.15
CA ASP B 697 -24.13 -14.04 31.59
C ASP B 697 -23.91 -12.74 32.37
N GLU B 698 -24.85 -11.82 32.16
CA GLU B 698 -24.71 -10.48 32.74
C GLU B 698 -24.59 -10.52 34.26
N GLU B 699 -25.37 -11.37 34.93
CA GLU B 699 -25.35 -11.45 36.39
C GLU B 699 -23.95 -11.75 36.90
N ARG B 700 -23.41 -12.91 36.52
CA ARG B 700 -22.05 -13.22 36.91
C ARG B 700 -21.05 -12.23 36.33
N ALA B 701 -21.42 -11.55 35.24
CA ALA B 701 -20.54 -10.51 34.71
C ALA B 701 -20.38 -9.35 35.68
N GLN B 702 -21.47 -8.89 36.30
CA GLN B 702 -21.30 -7.80 37.27
C GLN B 702 -20.68 -8.31 38.56
N LYS B 703 -20.98 -9.56 38.95
CA LYS B 703 -20.32 -10.05 40.16
C LYS B 703 -18.85 -10.34 39.93
N LEU B 704 -18.42 -10.39 38.68
CA LEU B 704 -16.99 -10.53 38.36
C LEU B 704 -16.17 -9.39 38.93
N LEU B 705 -16.75 -8.18 38.97
CA LEU B 705 -15.98 -6.98 39.29
C LEU B 705 -15.64 -6.87 40.77
N THR B 706 -15.81 -7.95 41.54
CA THR B 706 -15.31 -8.02 42.91
C THR B 706 -14.32 -9.16 43.08
N ARG B 707 -13.51 -9.43 42.06
CA ARG B 707 -12.56 -10.53 42.07
C ARG B 707 -11.50 -10.30 43.15
N VAL B 708 -11.43 -11.21 44.11
CA VAL B 708 -10.43 -11.12 45.18
C VAL B 708 -9.27 -12.07 44.93
N SER B 709 -9.57 -13.33 44.58
CA SER B 709 -8.60 -14.32 44.13
C SER B 709 -7.71 -14.81 45.27
N GLU B 710 -7.79 -14.17 46.43
CA GLU B 710 -7.03 -14.56 47.64
C GLU B 710 -5.53 -14.68 47.38
N ALA B 711 -5.04 -14.19 46.23
CA ALA B 711 -3.62 -14.30 45.91
C ALA B 711 -3.02 -13.06 45.28
N TRP B 712 -3.81 -12.07 44.86
CA TRP B 712 -3.30 -10.91 44.14
C TRP B 712 -3.27 -9.66 45.00
N GLY B 713 -3.47 -9.77 46.31
CA GLY B 713 -3.73 -8.56 47.05
C GLY B 713 -5.09 -8.03 46.63
N LYS B 714 -6.14 -8.67 47.11
CA LYS B 714 -7.46 -8.75 46.48
C LYS B 714 -7.88 -7.52 45.68
N THR B 715 -7.92 -6.36 46.33
CA THR B 715 -8.30 -5.08 45.71
C THR B 715 -9.65 -5.12 44.99
N THR B 716 -10.46 -6.15 45.22
CA THR B 716 -11.80 -6.27 44.63
C THR B 716 -11.78 -6.19 43.09
N CYS B 717 -10.58 -6.28 42.50
CA CYS B 717 -10.34 -6.20 41.06
C CYS B 717 -10.59 -4.78 40.55
N LEU B 718 -10.96 -3.87 41.45
CA LEU B 718 -11.21 -2.48 41.07
C LEU B 718 -10.23 -1.50 41.69
N GLN B 719 -9.84 -1.70 42.95
CA GLN B 719 -8.84 -0.82 43.56
C GLN B 719 -7.52 -0.93 42.81
N LEU B 720 -7.11 -2.15 42.46
CA LEU B 720 -5.96 -2.34 41.59
C LEU B 720 -6.20 -1.70 40.23
N ALA B 721 -7.43 -1.81 39.71
CA ALA B 721 -7.77 -1.19 38.44
C ALA B 721 -7.65 0.32 38.52
N LEU B 722 -8.31 0.93 39.52
CA LEU B 722 -8.26 2.38 39.64
C LEU B 722 -6.86 2.88 39.98
N GLU B 723 -6.00 2.04 40.55
CA GLU B 723 -4.61 2.45 40.74
C GLU B 723 -3.84 2.36 39.43
N ALA B 724 -4.38 1.67 38.43
CA ALA B 724 -3.84 1.66 37.07
C ALA B 724 -4.31 2.85 36.24
N LYS B 725 -5.19 3.68 36.80
CA LYS B 725 -5.62 5.00 36.35
C LYS B 725 -6.61 4.94 35.16
N ASP B 726 -6.83 3.78 34.55
CA ASP B 726 -8.02 3.49 33.73
C ASP B 726 -8.45 4.59 32.76
N MET B 727 -7.66 4.86 31.72
CA MET B 727 -8.08 5.82 30.71
C MET B 727 -9.40 5.44 30.05
N LYS B 728 -9.52 4.21 29.52
CA LYS B 728 -10.76 3.75 28.94
C LYS B 728 -11.54 2.73 29.77
N PHE B 729 -10.96 2.21 30.86
CA PHE B 729 -11.56 1.04 31.50
C PHE B 729 -12.82 1.39 32.27
N VAL B 730 -12.91 2.62 32.78
CA VAL B 730 -13.99 2.99 33.70
C VAL B 730 -15.25 3.45 32.97
N SER B 731 -15.30 3.27 31.65
CA SER B 731 -16.45 3.75 30.88
C SER B 731 -16.99 2.68 29.93
N HIS B 732 -16.88 1.40 30.31
CA HIS B 732 -17.29 0.31 29.43
C HIS B 732 -18.71 -0.19 29.73
N GLY B 733 -19.66 0.73 29.84
CA GLY B 733 -21.07 0.34 29.81
C GLY B 733 -21.54 -0.41 31.03
N GLY B 734 -21.04 -1.64 31.19
CA GLY B 734 -21.37 -2.41 32.37
C GLY B 734 -20.89 -1.75 33.64
N ILE B 735 -19.76 -1.04 33.57
CA ILE B 735 -19.28 -0.31 34.74
C ILE B 735 -20.17 0.90 35.00
N GLN B 736 -20.75 1.50 33.96
CA GLN B 736 -21.79 2.51 34.18
C GLN B 736 -22.98 1.94 34.92
N ALA B 737 -23.48 0.78 34.48
CA ALA B 737 -24.59 0.16 35.20
C ALA B 737 -24.20 -0.16 36.64
N PHE B 738 -22.98 -0.65 36.83
CA PHE B 738 -22.47 -0.98 38.16
C PHE B 738 -22.44 0.25 39.07
N LEU B 739 -21.78 1.32 38.62
CA LEU B 739 -21.62 2.50 39.46
C LEU B 739 -22.91 3.29 39.57
N THR B 740 -23.89 3.01 38.71
CA THR B 740 -25.20 3.61 38.86
C THR B 740 -26.05 2.87 39.87
N LYS B 741 -26.02 1.53 39.86
CA LYS B 741 -26.81 0.76 40.80
C LYS B 741 -26.19 0.71 42.18
N VAL B 742 -24.89 1.01 42.31
CA VAL B 742 -24.30 1.12 43.64
C VAL B 742 -24.39 2.55 44.15
N TRP B 743 -24.51 3.53 43.25
CA TRP B 743 -24.73 4.91 43.66
C TRP B 743 -26.07 5.10 44.35
N TRP B 744 -27.06 4.26 44.01
CA TRP B 744 -28.39 4.32 44.60
C TRP B 744 -28.62 3.05 45.40
N GLY B 745 -28.62 3.18 46.72
CA GLY B 745 -28.91 2.06 47.58
C GLY B 745 -30.38 2.00 47.95
N GLN B 746 -31.06 0.93 47.52
CA GLN B 746 -32.50 0.78 47.68
C GLN B 746 -33.22 1.97 47.02
N LEU B 747 -32.93 2.14 45.74
CA LEU B 747 -33.51 3.23 44.95
C LEU B 747 -33.43 2.83 43.48
N SER B 748 -34.58 2.53 42.89
CA SER B 748 -34.62 1.96 41.55
C SER B 748 -34.76 3.06 40.50
N VAL B 749 -35.04 2.64 39.27
CA VAL B 749 -35.21 3.52 38.12
C VAL B 749 -36.52 4.28 38.27
N ASP B 750 -36.75 5.27 37.39
CA ASP B 750 -37.90 6.18 37.34
C ASP B 750 -37.76 7.29 38.36
N ASN B 751 -36.55 7.56 38.84
CA ASN B 751 -36.27 8.69 39.72
C ASN B 751 -35.53 9.76 38.93
N GLY B 752 -36.00 11.00 39.03
CA GLY B 752 -35.40 12.10 38.32
C GLY B 752 -34.62 13.00 39.27
N LEU B 753 -33.64 13.73 38.70
CA LEU B 753 -32.84 14.64 39.52
C LEU B 753 -33.70 15.72 40.16
N TRP B 754 -34.67 16.25 39.40
CA TRP B 754 -35.57 17.25 39.94
C TRP B 754 -36.61 16.66 40.90
N ARG B 755 -36.83 15.35 40.85
CA ARG B 755 -37.89 14.71 41.62
C ARG B 755 -37.39 14.02 42.89
N VAL B 756 -36.08 13.77 43.01
CA VAL B 756 -35.57 13.20 44.24
C VAL B 756 -35.50 14.25 45.36
N THR B 757 -35.34 15.52 44.98
CA THR B 757 -35.35 16.58 45.98
C THR B 757 -36.69 16.66 46.70
N LEU B 758 -37.79 16.55 45.96
CA LEU B 758 -39.11 16.51 46.59
C LEU B 758 -39.29 15.26 47.44
N CYS B 759 -38.74 14.13 46.98
CA CYS B 759 -38.86 12.89 47.75
C CYS B 759 -38.15 12.99 49.08
N MET B 760 -36.96 13.60 49.11
CA MET B 760 -36.22 13.63 50.37
C MET B 760 -36.65 14.81 51.25
N LEU B 761 -36.99 15.96 50.66
CA LEU B 761 -37.36 17.13 51.46
C LEU B 761 -38.68 16.92 52.20
N ALA B 762 -39.69 16.41 51.50
CA ALA B 762 -41.02 16.26 52.08
C ALA B 762 -41.14 14.85 52.62
N PHE B 763 -41.12 14.73 53.95
CA PHE B 763 -40.66 13.50 54.61
C PHE B 763 -41.74 12.43 54.64
N PRO B 764 -42.97 12.72 55.10
CA PRO B 764 -44.04 11.73 54.91
C PRO B 764 -44.44 11.54 53.46
N LEU B 765 -44.11 12.51 52.58
CA LEU B 765 -44.59 12.46 51.19
C LEU B 765 -44.13 11.21 50.47
N LEU B 766 -43.02 10.60 50.90
CA LEU B 766 -42.52 9.40 50.24
C LEU B 766 -43.54 8.26 50.32
N LEU B 767 -44.38 8.25 51.35
CA LEU B 767 -45.38 7.21 51.54
C LEU B 767 -46.63 7.42 50.69
N THR B 768 -46.76 8.56 50.02
CA THR B 768 -47.93 8.86 49.22
C THR B 768 -47.81 8.17 47.86
N GLY B 769 -48.66 8.57 46.92
CA GLY B 769 -48.66 7.99 45.58
C GLY B 769 -47.52 8.48 44.71
N LEU B 770 -46.45 8.94 45.33
CA LEU B 770 -45.27 9.44 44.62
C LEU B 770 -44.43 8.25 44.16
N ILE B 771 -43.19 8.50 43.76
CA ILE B 771 -42.30 7.45 43.26
C ILE B 771 -42.22 6.32 44.26
N SER B 772 -42.51 5.10 43.80
CA SER B 772 -42.49 3.91 44.63
C SER B 772 -41.22 3.11 44.38
N PHE B 773 -40.75 2.45 45.43
CA PHE B 773 -39.54 1.64 45.38
C PHE B 773 -39.91 0.17 45.29
N ARG B 774 -38.88 -0.68 45.17
CA ARG B 774 -39.12 -2.12 45.14
C ARG B 774 -39.57 -2.63 46.51
N GLU B 775 -39.20 -1.91 47.58
CA GLU B 775 -39.71 -2.25 48.91
C GLU B 775 -41.22 -2.10 48.96
N LYS B 776 -41.75 -1.00 48.43
CA LYS B 776 -43.19 -0.83 48.36
C LYS B 776 -43.81 -1.74 47.31
N ARG B 777 -43.10 -1.97 46.19
CA ARG B 777 -43.60 -2.88 45.17
C ARG B 777 -43.69 -4.31 45.68
N LEU B 778 -42.69 -4.74 46.45
CA LEU B 778 -42.70 -6.06 47.07
C LEU B 778 -43.34 -6.07 48.45
N GLN B 779 -43.95 -4.95 48.85
CA GLN B 779 -44.62 -4.83 50.16
C GLN B 779 -43.65 -5.08 51.31
N ASP B 780 -42.42 -4.61 51.15
CA ASP B 780 -41.43 -4.67 52.22
C ASP B 780 -41.54 -3.50 53.18
N VAL B 781 -42.35 -2.50 52.87
CA VAL B 781 -42.54 -1.34 53.74
C VAL B 781 -43.72 -1.69 54.66
N GLY B 782 -43.41 -2.38 55.75
CA GLY B 782 -44.42 -2.76 56.71
C GLY B 782 -44.52 -1.79 57.87
N THR B 783 -43.58 -0.83 57.93
CA THR B 783 -43.51 0.14 59.02
C THR B 783 -42.88 1.43 58.49
N PRO B 784 -43.44 2.58 58.85
CA PRO B 784 -42.77 3.85 58.49
C PRO B 784 -41.35 3.94 59.02
N ALA B 785 -41.06 3.33 60.17
CA ALA B 785 -39.69 3.29 60.67
C ALA B 785 -38.79 2.51 59.71
N ALA B 786 -39.31 1.41 59.15
CA ALA B 786 -38.56 0.66 58.15
C ALA B 786 -38.29 1.50 56.92
N ARG B 787 -39.28 2.28 56.47
CA ARG B 787 -39.08 3.18 55.34
C ARG B 787 -38.00 4.21 55.65
N ALA B 788 -38.05 4.79 56.86
CA ALA B 788 -37.05 5.79 57.23
C ALA B 788 -35.65 5.19 57.28
N ARG B 789 -35.53 3.98 57.85
CA ARG B 789 -34.22 3.33 57.90
C ARG B 789 -33.71 2.99 56.50
N ALA B 790 -34.58 2.50 55.62
CA ALA B 790 -34.15 2.19 54.26
C ALA B 790 -33.73 3.44 53.51
N PHE B 791 -34.45 4.55 53.73
CA PHE B 791 -34.13 5.78 53.01
C PHE B 791 -32.84 6.41 53.52
N PHE B 792 -32.68 6.49 54.85
CA PHE B 792 -31.52 7.19 55.41
C PHE B 792 -30.21 6.50 55.02
N THR B 793 -30.21 5.17 54.97
CA THR B 793 -29.00 4.41 54.65
C THR B 793 -28.62 4.49 53.19
N ALA B 794 -29.46 5.07 52.33
CA ALA B 794 -29.10 5.24 50.94
C ALA B 794 -27.89 6.16 50.81
N PRO B 795 -26.93 5.82 49.96
CA PRO B 795 -25.72 6.64 49.85
C PRO B 795 -25.98 8.08 49.45
N VAL B 796 -26.95 8.31 48.55
CA VAL B 796 -27.20 9.67 48.06
C VAL B 796 -27.69 10.58 49.18
N VAL B 797 -28.33 10.01 50.20
CA VAL B 797 -28.91 10.82 51.26
C VAL B 797 -27.83 11.56 52.03
N VAL B 798 -26.72 10.89 52.34
CA VAL B 798 -25.69 11.53 53.14
C VAL B 798 -24.99 12.64 52.35
N PHE B 799 -24.94 12.51 51.03
CA PHE B 799 -24.31 13.55 50.22
C PHE B 799 -25.13 14.85 50.27
N HIS B 800 -26.43 14.75 50.02
CA HIS B 800 -27.24 15.96 50.11
C HIS B 800 -27.36 16.42 51.56
N LEU B 801 -27.19 15.50 52.52
CA LEU B 801 -27.18 15.88 53.92
C LEU B 801 -25.96 16.74 54.26
N ASN B 802 -24.79 16.40 53.73
CA ASN B 802 -23.62 17.24 54.00
C ASN B 802 -23.65 18.49 53.14
N ILE B 803 -24.37 18.46 52.02
CA ILE B 803 -24.66 19.69 51.28
C ILE B 803 -25.49 20.63 52.15
N LEU B 804 -26.51 20.11 52.81
CA LEU B 804 -27.36 20.89 53.70
C LEU B 804 -26.60 21.40 54.91
N SER B 805 -26.02 20.48 55.68
CA SER B 805 -25.43 20.81 56.97
C SER B 805 -24.23 21.73 56.85
N TYR B 806 -23.44 21.64 55.78
CA TYR B 806 -22.28 22.51 55.66
C TYR B 806 -22.69 23.95 55.49
N PHE B 807 -23.63 24.22 54.57
CA PHE B 807 -24.14 25.57 54.40
C PHE B 807 -24.91 26.04 55.63
N ALA B 808 -25.63 25.13 56.29
CA ALA B 808 -26.32 25.50 57.53
C ALA B 808 -25.33 25.91 58.61
N PHE B 809 -24.20 25.20 58.70
CA PHE B 809 -23.15 25.56 59.65
C PHE B 809 -22.50 26.88 59.30
N LEU B 810 -22.34 27.16 57.99
CA LEU B 810 -21.86 28.48 57.58
C LEU B 810 -22.82 29.59 58.01
N CYS B 811 -24.11 29.39 57.78
CA CYS B 811 -25.10 30.37 58.21
C CYS B 811 -25.11 30.52 59.73
N LEU B 812 -24.93 29.42 60.45
CA LEU B 812 -24.87 29.47 61.91
C LEU B 812 -23.62 30.21 62.39
N PHE B 813 -22.49 30.05 61.69
CA PHE B 813 -21.31 30.84 62.00
C PHE B 813 -21.59 32.32 61.82
N ALA B 814 -22.27 32.67 60.73
CA ALA B 814 -22.63 34.07 60.53
C ALA B 814 -23.54 34.56 61.65
N TYR B 815 -24.50 33.72 62.06
CA TYR B 815 -25.45 34.08 63.11
C TYR B 815 -24.74 34.29 64.44
N VAL B 816 -23.78 33.42 64.78
CA VAL B 816 -23.11 33.51 66.07
C VAL B 816 -22.05 34.60 66.10
N LEU B 817 -21.35 34.85 64.98
CA LEU B 817 -20.44 35.99 64.92
C LEU B 817 -21.21 37.30 64.97
N MET B 818 -22.40 37.31 64.37
CA MET B 818 -23.14 38.55 64.13
C MET B 818 -23.78 39.09 65.41
N VAL B 819 -24.31 38.21 66.25
CA VAL B 819 -24.95 38.64 67.50
C VAL B 819 -24.14 38.22 68.71
N ASP B 820 -23.78 36.94 68.79
CA ASP B 820 -23.12 36.40 69.98
C ASP B 820 -21.64 36.76 70.03
N PHE B 821 -21.33 38.04 70.24
CA PHE B 821 -19.95 38.47 70.47
C PHE B 821 -19.67 38.52 71.98
N GLN B 822 -19.85 37.37 72.62
CA GLN B 822 -19.69 37.25 74.07
C GLN B 822 -18.62 36.19 74.34
N PRO B 823 -17.52 36.54 74.99
CA PRO B 823 -16.51 35.51 75.32
C PRO B 823 -17.04 34.41 76.23
N VAL B 824 -18.00 34.72 77.10
CA VAL B 824 -18.57 33.74 78.02
C VAL B 824 -19.36 32.72 77.22
N PRO B 825 -19.43 31.46 77.67
CA PRO B 825 -20.20 30.45 76.93
C PRO B 825 -21.70 30.66 77.03
N SER B 826 -22.32 31.09 75.94
CA SER B 826 -23.75 31.32 75.88
C SER B 826 -24.42 30.17 75.12
N TRP B 827 -25.72 30.31 74.87
CA TRP B 827 -26.47 29.29 74.15
C TRP B 827 -25.96 29.17 72.70
N CYS B 828 -25.90 30.30 71.99
CA CYS B 828 -25.44 30.27 70.61
C CYS B 828 -23.96 29.95 70.51
N GLU B 829 -23.16 30.36 71.50
CA GLU B 829 -21.75 30.01 71.49
C GLU B 829 -21.55 28.51 71.56
N CYS B 830 -22.25 27.85 72.48
CA CYS B 830 -22.17 26.38 72.55
C CYS B 830 -22.78 25.73 71.31
N ALA B 831 -23.82 26.34 70.75
CA ALA B 831 -24.44 25.79 69.54
C ALA B 831 -23.45 25.78 68.37
N ILE B 832 -22.70 26.88 68.20
CA ILE B 832 -21.73 26.91 67.11
C ILE B 832 -20.50 26.07 67.47
N TYR B 833 -20.20 25.91 68.76
CA TYR B 833 -19.13 25.00 69.16
C TYR B 833 -19.46 23.55 68.81
N LEU B 834 -20.73 23.18 68.93
CA LEU B 834 -21.15 21.79 68.73
C LEU B 834 -20.77 21.29 67.33
N TRP B 835 -21.28 21.95 66.29
CA TRP B 835 -21.04 21.48 64.93
C TRP B 835 -19.62 21.73 64.46
N LEU B 836 -18.96 22.78 64.95
CA LEU B 836 -17.55 22.95 64.64
C LEU B 836 -16.72 21.81 65.23
N PHE B 837 -17.04 21.40 66.46
CA PHE B 837 -16.36 20.27 67.07
C PHE B 837 -16.69 18.98 66.32
N SER B 838 -17.92 18.86 65.81
CA SER B 838 -18.27 17.69 65.01
C SER B 838 -17.47 17.65 63.71
N LEU B 839 -17.31 18.79 63.04
CA LEU B 839 -16.49 18.84 61.83
C LEU B 839 -15.03 18.53 62.15
N VAL B 840 -14.53 19.03 63.29
CA VAL B 840 -13.19 18.70 63.74
C VAL B 840 -13.07 17.20 64.00
N CYS B 841 -14.14 16.60 64.53
CA CYS B 841 -14.12 15.14 64.77
C CYS B 841 -14.10 14.37 63.45
N GLU B 842 -14.81 14.87 62.44
CA GLU B 842 -14.79 14.19 61.14
C GLU B 842 -13.42 14.30 60.48
N GLU B 843 -12.83 15.49 60.49
CA GLU B 843 -11.49 15.63 59.94
C GLU B 843 -10.48 14.89 60.80
N MET B 844 -10.77 14.74 62.10
CA MET B 844 -10.04 13.90 63.05
C MET B 844 -9.99 12.46 62.58
N ARG B 845 -11.17 11.92 62.28
CA ARG B 845 -11.29 10.54 61.85
C ARG B 845 -10.64 10.32 60.50
N GLN B 846 -10.79 11.27 59.57
CA GLN B 846 -10.09 11.15 58.30
C GLN B 846 -8.58 11.16 58.49
N LEU B 847 -8.07 11.97 59.43
CA LEU B 847 -6.64 12.01 59.66
C LEU B 847 -6.09 10.72 60.27
N PHE B 848 -6.80 10.08 61.21
CA PHE B 848 -6.32 8.73 61.58
C PHE B 848 -6.52 7.69 60.49
N TYR B 849 -7.56 7.79 59.67
CA TYR B 849 -7.71 6.78 58.61
C TYR B 849 -6.72 6.97 57.48
N ASP B 850 -6.11 8.15 57.36
CA ASP B 850 -5.16 8.38 56.27
C ASP B 850 -3.93 7.49 56.34
N PRO B 851 -3.22 7.37 57.46
CA PRO B 851 -2.00 6.54 57.47
C PRO B 851 -2.30 5.08 57.79
N ASP B 852 -1.25 4.28 57.75
CA ASP B 852 -1.34 2.86 58.07
C ASP B 852 -1.18 2.68 59.58
N GLU B 853 -1.07 1.42 60.03
CA GLU B 853 -1.00 1.13 61.46
C GLU B 853 0.36 1.45 62.06
N CYS B 854 1.40 1.55 61.25
CA CYS B 854 2.75 1.79 61.75
C CYS B 854 3.25 3.21 61.50
N GLY B 855 3.23 3.68 60.26
CA GLY B 855 3.73 5.00 59.96
C GLY B 855 2.67 6.07 60.08
N LEU B 856 2.64 6.77 61.21
CA LEU B 856 1.64 7.81 61.46
C LEU B 856 2.01 9.14 60.84
N MET B 857 3.25 9.60 61.05
CA MET B 857 3.64 10.92 60.57
C MET B 857 3.93 10.92 59.08
N LYS B 858 4.58 9.87 58.57
CA LYS B 858 5.21 9.95 57.25
C LYS B 858 4.18 10.06 56.13
N LYS B 859 3.35 9.03 55.95
CA LYS B 859 2.43 9.03 54.82
C LYS B 859 1.25 9.99 55.04
N ALA B 860 0.86 10.22 56.29
CA ALA B 860 -0.14 11.25 56.56
C ALA B 860 0.37 12.63 56.15
N ALA B 861 1.63 12.93 56.46
CA ALA B 861 2.22 14.19 56.01
C ALA B 861 2.38 14.23 54.50
N LEU B 862 2.69 13.09 53.88
CA LEU B 862 2.79 13.05 52.42
C LEU B 862 1.45 13.38 51.77
N TYR B 863 0.37 12.81 52.29
CA TYR B 863 -0.96 13.13 51.77
C TYR B 863 -1.37 14.57 52.10
N PHE B 864 -1.00 15.09 53.27
CA PHE B 864 -1.37 16.43 53.68
C PHE B 864 -0.47 17.51 53.08
N SER B 865 0.59 17.13 52.38
CA SER B 865 1.38 18.10 51.65
C SER B 865 0.60 18.73 50.51
N ASP B 866 -0.50 18.10 50.09
CA ASP B 866 -1.38 18.69 49.09
C ASP B 866 -1.98 19.98 49.64
N PHE B 867 -2.23 20.93 48.73
CA PHE B 867 -2.69 22.25 49.17
C PHE B 867 -4.04 22.18 49.86
N TRP B 868 -4.94 21.31 49.39
CA TRP B 868 -6.26 21.21 50.01
C TRP B 868 -6.16 20.70 51.44
N ASN B 869 -5.33 19.66 51.67
CA ASN B 869 -5.18 19.14 53.02
C ASN B 869 -4.40 20.09 53.91
N LYS B 870 -3.43 20.82 53.33
CA LYS B 870 -2.73 21.85 54.09
C LYS B 870 -3.71 22.93 54.54
N LEU B 871 -4.63 23.33 53.67
CA LEU B 871 -5.67 24.27 54.07
C LEU B 871 -6.64 23.63 55.06
N ASP B 872 -6.84 22.32 55.00
CA ASP B 872 -7.65 21.64 56.01
C ASP B 872 -7.04 21.78 57.39
N VAL B 873 -5.72 21.61 57.48
CA VAL B 873 -5.02 21.85 58.74
C VAL B 873 -5.11 23.32 59.14
N GLY B 874 -4.91 24.21 58.16
CA GLY B 874 -4.93 25.64 58.45
C GLY B 874 -6.27 26.15 58.95
N ALA B 875 -7.36 25.56 58.46
CA ALA B 875 -8.69 26.01 58.88
C ALA B 875 -8.89 25.82 60.38
N ILE B 876 -8.24 24.81 60.96
CA ILE B 876 -8.32 24.60 62.40
C ILE B 876 -7.26 25.40 63.14
N LEU B 877 -6.03 25.45 62.61
CA LEU B 877 -4.97 26.16 63.29
C LEU B 877 -5.24 27.65 63.36
N LEU B 878 -5.75 28.24 62.29
CA LEU B 878 -6.09 29.66 62.29
C LEU B 878 -7.22 29.97 63.26
N PHE B 879 -8.22 29.09 63.34
CA PHE B 879 -9.29 29.29 64.31
C PHE B 879 -8.76 29.24 65.73
N VAL B 880 -7.88 28.27 66.01
CA VAL B 880 -7.31 28.18 67.35
C VAL B 880 -6.49 29.43 67.68
N ALA B 881 -5.67 29.88 66.73
CA ALA B 881 -4.86 31.07 66.95
C ALA B 881 -5.73 32.31 67.16
N GLY B 882 -6.79 32.45 66.37
CA GLY B 882 -7.68 33.58 66.54
C GLY B 882 -8.41 33.57 67.87
N LEU B 883 -8.86 32.39 68.31
CA LEU B 883 -9.48 32.30 69.62
C LEU B 883 -8.51 32.66 70.74
N THR B 884 -7.28 32.15 70.66
CA THR B 884 -6.28 32.48 71.67
C THR B 884 -5.98 33.98 71.67
N CYS B 885 -5.89 34.59 70.49
CA CYS B 885 -5.65 36.03 70.41
C CYS B 885 -6.83 36.81 71.00
N ARG B 886 -8.05 36.36 70.74
CA ARG B 886 -9.22 37.04 71.28
C ARG B 886 -9.26 36.95 72.80
N LEU B 887 -8.90 35.80 73.37
CA LEU B 887 -8.80 35.70 74.83
C LEU B 887 -7.67 36.58 75.36
N ILE B 888 -6.62 36.79 74.59
CA ILE B 888 -5.53 37.68 75.02
C ILE B 888 -6.03 39.12 75.02
N PRO B 889 -5.85 39.87 76.10
CA PRO B 889 -6.36 41.25 76.14
C PRO B 889 -5.74 42.17 75.10
N ALA B 890 -4.56 41.84 74.58
CA ALA B 890 -3.90 42.71 73.61
C ALA B 890 -4.71 42.82 72.32
N THR B 891 -5.31 41.72 71.88
CA THR B 891 -6.02 41.71 70.61
C THR B 891 -7.49 41.36 70.80
N LEU B 892 -8.16 42.03 71.75
CA LEU B 892 -9.57 41.77 71.99
C LEU B 892 -10.41 42.08 70.76
N TYR B 893 -10.18 43.24 70.15
CA TYR B 893 -10.93 43.65 68.96
C TYR B 893 -10.38 43.00 67.68
N PRO B 894 -9.06 42.96 67.46
CA PRO B 894 -8.55 42.31 66.24
C PRO B 894 -8.85 40.82 66.18
N GLY B 895 -9.19 40.19 67.29
CA GLY B 895 -9.52 38.77 67.26
C GLY B 895 -10.71 38.46 66.38
N ARG B 896 -11.75 39.30 66.46
CA ARG B 896 -12.92 39.12 65.60
C ARG B 896 -12.56 39.24 64.13
N VAL B 897 -11.72 40.24 63.78
CA VAL B 897 -11.30 40.42 62.39
C VAL B 897 -10.51 39.21 61.92
N ILE B 898 -9.61 38.70 62.77
CA ILE B 898 -8.81 37.53 62.41
C ILE B 898 -9.71 36.32 62.19
N LEU B 899 -10.68 36.11 63.09
CA LEU B 899 -11.57 34.96 62.95
C LEU B 899 -12.47 35.09 61.72
N SER B 900 -12.78 36.32 61.31
CA SER B 900 -13.62 36.51 60.12
C SER B 900 -12.94 36.00 58.86
N LEU B 901 -11.60 36.00 58.83
CA LEU B 901 -10.88 35.61 57.63
C LEU B 901 -10.98 34.10 57.37
N ASP B 902 -11.23 33.32 58.43
CA ASP B 902 -11.24 31.86 58.27
C ASP B 902 -12.43 31.39 57.43
N PHE B 903 -13.44 32.25 57.28
CA PHE B 903 -14.64 31.87 56.53
C PHE B 903 -14.32 31.70 55.04
N ILE B 904 -13.33 32.43 54.55
CA ILE B 904 -12.95 32.34 53.14
C ILE B 904 -12.42 30.94 52.83
N LEU B 905 -11.72 30.33 53.79
CA LEU B 905 -11.25 28.96 53.58
C LEU B 905 -12.42 28.00 53.41
N PHE B 906 -13.48 28.17 54.18
CA PHE B 906 -14.66 27.31 54.07
C PHE B 906 -15.37 27.57 52.74
N CYS B 907 -15.31 28.82 52.27
CA CYS B 907 -15.81 29.13 50.93
C CYS B 907 -15.14 28.25 49.88
N LEU B 908 -13.86 27.92 50.08
CA LEU B 908 -13.16 27.02 49.15
C LEU B 908 -13.81 25.64 49.14
N ARG B 909 -14.13 25.11 50.33
CA ARG B 909 -14.78 23.80 50.38
C ARG B 909 -16.13 23.84 49.68
N LEU B 910 -16.80 24.99 49.71
CA LEU B 910 -18.09 25.13 49.04
C LEU B 910 -18.04 24.61 47.60
N MET B 911 -17.15 25.16 46.77
CA MET B 911 -17.08 24.63 45.41
C MET B 911 -16.11 23.46 45.28
N HIS B 912 -15.37 23.11 46.34
CA HIS B 912 -14.59 21.88 46.28
C HIS B 912 -15.48 20.65 46.33
N ILE B 913 -16.58 20.69 47.08
CA ILE B 913 -17.42 19.51 47.28
C ILE B 913 -18.57 19.40 46.28
N PHE B 914 -18.77 20.40 45.42
CA PHE B 914 -19.96 20.45 44.56
C PHE B 914 -19.69 19.77 43.22
N THR B 915 -19.21 18.53 43.29
CA THR B 915 -18.96 17.74 42.09
C THR B 915 -20.09 16.76 41.80
N ILE B 916 -21.31 17.28 41.63
CA ILE B 916 -22.49 16.44 41.45
C ILE B 916 -23.21 16.73 40.14
N SER B 917 -23.31 18.00 39.76
CA SER B 917 -24.11 18.39 38.59
C SER B 917 -23.61 17.71 37.32
N LYS B 918 -24.57 17.33 36.46
CA LYS B 918 -24.23 16.55 35.27
C LYS B 918 -23.40 17.37 34.28
N THR B 919 -23.79 18.62 34.03
CA THR B 919 -23.08 19.46 33.08
C THR B 919 -22.10 20.42 33.73
N LEU B 920 -22.41 20.92 34.93
CA LEU B 920 -21.50 21.80 35.65
C LEU B 920 -20.40 21.03 36.36
N GLY B 921 -20.64 19.78 36.71
CA GLY B 921 -19.66 18.97 37.42
C GLY B 921 -18.34 18.77 36.70
N PRO B 922 -18.38 18.32 35.43
CA PRO B 922 -17.12 18.23 34.68
C PRO B 922 -16.41 19.57 34.56
N LYS B 923 -17.18 20.65 34.42
CA LYS B 923 -16.56 21.97 34.40
C LYS B 923 -15.96 22.31 35.76
N ILE B 924 -16.55 21.78 36.83
CA ILE B 924 -15.99 21.98 38.16
C ILE B 924 -14.69 21.20 38.34
N ILE B 925 -14.61 19.99 37.76
CA ILE B 925 -13.32 19.30 37.74
C ILE B 925 -12.29 20.12 36.96
N ILE B 926 -12.73 20.73 35.86
CA ILE B 926 -11.84 21.57 35.06
C ILE B 926 -11.34 22.76 35.87
N VAL B 927 -12.23 23.42 36.63
CA VAL B 927 -11.78 24.53 37.45
C VAL B 927 -10.87 24.08 38.58
N LYS B 928 -11.13 22.90 39.15
CA LYS B 928 -10.23 22.34 40.16
C LYS B 928 -8.83 22.18 39.60
N ARG B 929 -8.71 21.52 38.44
CA ARG B 929 -7.38 21.30 37.87
C ARG B 929 -6.72 22.60 37.44
N MET B 930 -7.49 23.55 36.90
CA MET B 930 -6.86 24.79 36.44
C MET B 930 -6.35 25.61 37.63
N MET B 931 -7.10 25.64 38.73
CA MET B 931 -6.61 26.38 39.88
C MET B 931 -5.42 25.67 40.52
N LYS B 932 -5.42 24.34 40.52
CA LYS B 932 -4.23 23.62 40.97
C LYS B 932 -3.03 23.95 40.10
N ASP B 933 -3.25 24.18 38.80
CA ASP B 933 -2.16 24.52 37.91
C ASP B 933 -1.69 25.97 38.12
N VAL B 934 -2.61 26.90 38.32
CA VAL B 934 -2.28 28.32 38.42
C VAL B 934 -2.12 28.71 39.88
N PHE B 935 -1.95 27.72 40.75
CA PHE B 935 -1.60 28.01 42.15
C PHE B 935 -0.36 28.88 42.25
N PHE B 936 0.56 28.79 41.28
CA PHE B 936 1.76 29.62 41.31
C PHE B 936 1.56 30.94 40.55
N PHE B 937 0.69 30.95 39.54
CA PHE B 937 0.28 32.23 38.97
C PHE B 937 -0.43 33.07 40.01
N LEU B 938 -1.09 32.43 40.98
CA LEU B 938 -1.70 33.14 42.10
C LEU B 938 -0.65 33.98 42.83
N PHE B 939 0.47 33.34 43.20
CA PHE B 939 1.52 34.06 43.91
C PHE B 939 2.22 35.07 43.02
N LEU B 940 2.40 34.75 41.73
CA LEU B 940 2.95 35.74 40.80
C LEU B 940 2.11 37.00 40.80
N LEU B 941 0.79 36.84 40.63
CA LEU B 941 -0.11 37.99 40.60
C LEU B 941 -0.08 38.73 41.93
N ALA B 942 -0.11 38.01 43.04
CA ALA B 942 -0.16 38.66 44.35
C ALA B 942 1.12 39.44 44.64
N VAL B 943 2.28 38.84 44.39
CA VAL B 943 3.54 39.50 44.67
C VAL B 943 3.76 40.67 43.73
N TRP B 944 3.35 40.53 42.47
CA TRP B 944 3.52 41.60 41.50
C TRP B 944 2.72 42.84 41.90
N VAL B 945 1.52 42.65 42.44
CA VAL B 945 0.67 43.77 42.83
C VAL B 945 1.29 44.58 43.97
N VAL B 946 2.19 43.99 44.75
CA VAL B 946 2.85 44.71 45.84
C VAL B 946 3.50 46.00 45.34
N SER B 947 3.78 46.08 44.03
CA SER B 947 4.30 47.29 43.42
C SER B 947 3.21 48.27 43.00
N PHE B 948 2.01 48.17 43.60
CA PHE B 948 0.94 49.13 43.37
C PHE B 948 0.85 50.15 44.49
N GLY B 949 0.62 49.68 45.72
CA GLY B 949 0.51 50.60 46.84
C GLY B 949 1.83 51.29 47.16
N VAL B 950 2.93 50.55 47.08
CA VAL B 950 4.25 51.14 47.29
C VAL B 950 4.56 52.17 46.22
N ALA B 951 4.25 51.85 44.95
CA ALA B 951 4.52 52.80 43.87
C ALA B 951 3.68 54.06 44.02
N LYS B 952 2.41 53.92 44.37
CA LYS B 952 1.56 55.10 44.53
C LYS B 952 1.93 55.90 45.77
N GLN B 953 2.44 55.22 46.79
CA GLN B 953 2.77 55.85 48.07
C GLN B 953 4.21 56.35 48.13
N ALA B 954 4.96 56.28 47.03
CA ALA B 954 6.33 56.76 47.03
C ALA B 954 6.43 58.27 47.18
N ILE B 955 5.32 58.99 47.04
CA ILE B 955 5.36 60.45 47.11
C ILE B 955 5.68 60.92 48.54
N LEU B 956 5.12 60.25 49.53
CA LEU B 956 5.23 60.67 50.92
C LEU B 956 6.23 59.80 51.68
N ILE B 957 6.74 60.35 52.77
CA ILE B 957 7.78 59.72 53.57
C ILE B 957 7.19 58.54 54.34
N HIS B 958 7.91 57.43 54.39
CA HIS B 958 7.44 56.28 55.15
C HIS B 958 7.48 56.59 56.65
N ASN B 959 6.86 55.69 57.42
CA ASN B 959 6.85 55.79 58.88
C ASN B 959 7.15 54.40 59.43
N GLU B 960 8.44 54.11 59.61
CA GLU B 960 8.87 52.83 60.15
C GLU B 960 8.97 52.82 61.67
N ARG B 961 9.37 53.93 62.29
CA ARG B 961 9.31 54.06 63.74
C ARG B 961 8.66 55.42 63.99
N ARG B 962 7.33 55.43 64.04
CA ARG B 962 6.51 56.64 63.98
C ARG B 962 5.13 56.40 64.56
N VAL B 963 4.18 57.26 64.20
CA VAL B 963 2.77 57.13 64.59
C VAL B 963 2.02 56.51 63.40
N ASP B 964 2.75 55.72 62.61
CA ASP B 964 2.28 55.26 61.30
C ASP B 964 0.91 54.58 61.37
N TRP B 965 0.71 53.71 62.35
CA TRP B 965 -0.40 52.76 62.33
C TRP B 965 -1.74 53.47 62.17
N LEU B 966 -2.10 54.26 63.19
CA LEU B 966 -3.38 54.20 63.90
C LEU B 966 -4.60 54.41 63.02
N PHE B 967 -4.50 55.24 61.98
CA PHE B 967 -5.71 55.55 61.23
C PHE B 967 -5.65 55.19 59.76
N ARG B 968 -4.48 55.16 59.13
CA ARG B 968 -4.43 54.96 57.70
C ARG B 968 -3.32 54.05 57.20
N GLY B 969 -2.34 53.65 58.03
CA GLY B 969 -0.98 53.65 57.52
C GLY B 969 -0.67 53.22 56.09
N ALA B 970 -0.67 51.92 55.73
CA ALA B 970 -0.48 51.62 54.30
C ALA B 970 -1.15 50.34 53.78
N VAL B 971 -1.39 49.30 54.59
CA VAL B 971 -1.58 47.96 54.03
C VAL B 971 -2.85 47.20 54.45
N TYR B 972 -3.09 46.99 55.75
CA TYR B 972 -3.59 45.68 56.19
C TYR B 972 -5.06 45.33 55.89
N HIS B 973 -6.07 46.03 56.45
CA HIS B 973 -7.36 45.41 56.14
C HIS B 973 -8.61 46.23 55.74
N SER B 974 -8.95 47.40 56.28
CA SER B 974 -10.38 47.72 56.18
C SER B 974 -10.85 49.05 55.58
N TYR B 975 -10.16 50.17 55.83
CA TYR B 975 -10.75 51.48 55.65
C TYR B 975 -10.45 52.16 54.31
N LEU B 976 -10.41 51.41 53.21
CA LEU B 976 -10.13 52.07 51.93
C LEU B 976 -11.20 53.08 51.55
N THR B 977 -10.79 54.33 51.39
CA THR B 977 -11.62 55.36 50.75
C THR B 977 -11.04 55.84 49.43
N ILE B 978 -10.10 55.09 48.85
CA ILE B 978 -9.44 55.45 47.60
C ILE B 978 -9.83 54.41 46.56
N PHE B 979 -11.08 53.95 46.64
CA PHE B 979 -11.67 52.98 45.73
C PHE B 979 -11.80 53.55 44.33
N GLY B 980 -11.23 54.74 44.12
CA GLY B 980 -11.57 55.61 43.02
C GLY B 980 -12.27 56.87 43.48
N GLN B 981 -12.63 56.92 44.76
CA GLN B 981 -13.32 58.06 45.37
C GLN B 981 -12.31 58.91 46.13
N ILE B 982 -11.46 59.61 45.38
CA ILE B 982 -10.44 60.42 46.06
C ILE B 982 -11.14 61.56 46.82
N PRO B 983 -10.85 61.75 48.11
CA PRO B 983 -11.57 62.76 48.89
C PRO B 983 -11.22 64.18 48.48
N GLY B 984 -11.83 64.64 47.39
CA GLY B 984 -11.63 66.00 46.93
C GLY B 984 -12.62 66.98 47.54
N TYR B 985 -13.40 66.51 48.52
CA TYR B 985 -14.40 67.34 49.17
C TYR B 985 -13.78 68.53 49.91
N ILE B 986 -12.50 68.47 50.25
CA ILE B 986 -11.86 69.56 50.97
C ILE B 986 -11.37 70.63 50.00
N ASP B 987 -11.24 70.29 48.72
CA ASP B 987 -10.72 71.21 47.72
C ASP B 987 -11.62 72.43 47.57
N GLY B 988 -12.87 72.21 47.19
CA GLY B 988 -13.82 73.29 47.01
C GLY B 988 -15.13 72.87 46.39
N PHE B 1020 1.02 72.71 29.12
CA PHE B 1020 1.21 71.38 28.58
C PHE B 1020 1.21 70.25 29.60
N PRO B 1021 1.91 70.38 30.75
CA PRO B 1021 1.93 69.26 31.70
C PRO B 1021 0.90 69.27 32.81
N GLU B 1022 -0.09 68.35 32.86
CA GLU B 1022 -0.15 67.28 33.86
C GLU B 1022 -1.36 66.32 33.79
N TRP B 1023 -1.35 65.23 32.99
CA TRP B 1023 -2.45 64.23 33.02
C TRP B 1023 -2.06 62.75 32.85
N LEU B 1024 -0.94 62.47 32.17
CA LEU B 1024 -0.84 61.21 31.42
C LEU B 1024 -0.24 60.06 32.22
N THR B 1025 0.50 60.31 33.31
CA THR B 1025 0.93 59.15 34.09
C THR B 1025 -0.26 58.52 34.81
N VAL B 1026 -1.25 59.32 35.19
CA VAL B 1026 -2.46 58.73 35.75
C VAL B 1026 -3.44 58.29 34.66
N LEU B 1027 -3.28 58.79 33.42
CA LEU B 1027 -3.84 58.04 32.30
C LEU B 1027 -3.21 56.66 32.17
N LEU B 1028 -1.89 56.59 32.30
CA LEU B 1028 -1.15 55.35 32.17
C LEU B 1028 -1.33 54.44 33.37
N LEU B 1029 -1.89 54.90 34.47
CA LEU B 1029 -2.30 53.97 35.51
C LEU B 1029 -3.40 53.02 34.99
N CYS B 1030 -4.44 53.57 34.38
CA CYS B 1030 -5.45 52.72 33.75
C CYS B 1030 -4.91 52.01 32.52
N LEU B 1031 -4.03 52.65 31.76
CA LEU B 1031 -3.40 51.92 30.66
C LEU B 1031 -2.58 50.75 31.18
N TYR B 1032 -1.92 50.92 32.33
CA TYR B 1032 -1.15 49.84 32.94
C TYR B 1032 -2.07 48.75 33.46
N LEU B 1033 -3.29 49.13 33.87
CA LEU B 1033 -4.31 48.11 34.14
C LEU B 1033 -4.65 47.32 32.88
N LEU B 1034 -4.79 48.01 31.75
CA LEU B 1034 -4.96 47.31 30.48
C LEU B 1034 -3.77 46.39 30.20
N PHE B 1035 -2.58 46.82 30.57
CA PHE B 1035 -1.39 45.96 30.49
C PHE B 1035 -1.47 44.77 31.43
N THR B 1036 -2.10 44.93 32.59
CA THR B 1036 -2.38 43.79 33.46
C THR B 1036 -3.27 42.80 32.74
N ASN B 1037 -4.26 43.30 32.01
CA ASN B 1037 -5.05 42.42 31.15
C ASN B 1037 -4.19 41.79 30.07
N ILE B 1038 -3.06 42.42 29.72
CA ILE B 1038 -2.17 41.88 28.69
C ILE B 1038 -1.34 40.73 29.24
N LEU B 1039 -0.56 41.01 30.30
CA LEU B 1039 0.40 40.01 30.77
C LEU B 1039 -0.27 38.85 31.48
N LEU B 1040 -1.45 39.07 32.06
CA LEU B 1040 -1.99 38.13 33.03
C LEU B 1040 -3.26 37.42 32.57
N LEU B 1041 -4.23 38.14 32.00
CA LEU B 1041 -5.41 37.47 31.46
C LEU B 1041 -5.04 36.55 30.31
N ASN B 1042 -3.93 36.82 29.62
CA ASN B 1042 -3.44 35.91 28.60
C ASN B 1042 -3.10 34.55 29.20
N LEU B 1043 -2.58 34.53 30.43
CA LEU B 1043 -2.19 33.26 31.05
C LEU B 1043 -3.37 32.32 31.22
N LEU B 1044 -4.54 32.86 31.53
CA LEU B 1044 -5.74 32.03 31.72
C LEU B 1044 -6.06 31.23 30.47
N ILE B 1045 -6.40 31.92 29.39
CA ILE B 1045 -6.73 31.25 28.13
C ILE B 1045 -5.56 30.41 27.67
N ALA B 1046 -4.33 30.87 27.93
CA ALA B 1046 -3.16 30.14 27.51
C ALA B 1046 -3.10 28.77 28.16
N MET B 1047 -3.18 28.72 29.49
CA MET B 1047 -3.08 27.42 30.16
C MET B 1047 -4.30 26.56 29.88
N PHE B 1048 -5.47 27.16 29.65
CA PHE B 1048 -6.63 26.34 29.28
C PHE B 1048 -6.42 25.70 27.91
N ASN B 1049 -5.79 26.43 26.99
CA ASN B 1049 -5.72 26.02 25.60
C ASN B 1049 -4.59 25.02 25.34
N TYR B 1050 -4.17 24.28 26.36
CA TYR B 1050 -3.23 23.17 26.20
C TYR B 1050 -3.92 21.80 26.25
N THR B 1051 -5.09 21.73 26.88
CA THR B 1051 -5.85 20.49 26.98
C THR B 1051 -7.25 20.69 26.40
N PHE B 1052 -7.32 21.26 25.20
CA PHE B 1052 -8.55 21.79 24.64
C PHE B 1052 -9.25 20.84 23.67
N GLN B 1053 -8.68 19.67 23.40
CA GLN B 1053 -9.18 18.78 22.36
C GLN B 1053 -9.99 17.63 22.94
N GLN B 1054 -11.08 17.30 22.26
CA GLN B 1054 -11.92 16.12 22.52
C GLN B 1054 -12.26 15.95 24.00
N VAL B 1055 -12.27 17.05 24.75
CA VAL B 1055 -12.57 16.95 26.17
C VAL B 1055 -14.05 16.70 26.42
N GLN B 1056 -14.93 17.31 25.62
CA GLN B 1056 -16.37 17.24 25.89
C GLN B 1056 -16.85 15.80 26.00
N GLU B 1057 -16.27 14.90 25.19
CA GLU B 1057 -16.60 13.49 25.26
C GLU B 1057 -15.68 12.70 26.17
N HIS B 1058 -14.45 13.16 26.40
CA HIS B 1058 -13.47 12.45 27.21
C HIS B 1058 -13.22 13.13 28.55
N THR B 1059 -14.00 14.16 28.86
CA THR B 1059 -14.08 14.61 30.26
C THR B 1059 -14.99 13.71 31.07
N ASP B 1060 -15.78 12.85 30.40
CA ASP B 1060 -16.56 11.85 31.12
C ASP B 1060 -15.65 10.84 31.82
N GLN B 1061 -14.54 10.48 31.18
CA GLN B 1061 -13.56 9.60 31.82
C GLN B 1061 -13.01 10.21 33.10
N ILE B 1062 -12.56 11.48 33.02
CA ILE B 1062 -12.01 12.16 34.18
C ILE B 1062 -13.08 12.33 35.26
N TRP B 1063 -14.27 12.78 34.86
CA TRP B 1063 -15.45 12.75 35.72
C TRP B 1063 -15.61 11.44 36.47
N LYS B 1064 -15.72 10.31 35.77
CA LYS B 1064 -15.97 9.05 36.46
C LYS B 1064 -14.81 8.71 37.38
N PHE B 1065 -13.58 9.03 36.97
CA PHE B 1065 -12.43 8.66 37.78
C PHE B 1065 -12.38 9.42 39.10
N GLN B 1066 -12.48 10.76 39.06
CA GLN B 1066 -12.53 11.44 40.36
C GLN B 1066 -13.80 11.13 41.13
N ARG B 1067 -14.92 10.82 40.47
CA ARG B 1067 -16.08 10.38 41.22
C ARG B 1067 -15.75 9.14 42.05
N HIS B 1068 -15.18 8.11 41.41
CA HIS B 1068 -14.89 6.88 42.13
C HIS B 1068 -13.80 7.09 43.18
N ASP B 1069 -12.78 7.89 42.87
CA ASP B 1069 -11.73 8.18 43.85
C ASP B 1069 -12.30 8.88 45.07
N LEU B 1070 -13.21 9.83 44.85
CA LEU B 1070 -13.86 10.52 45.96
C LEU B 1070 -14.74 9.58 46.77
N ILE B 1071 -15.61 8.83 46.10
CA ILE B 1071 -16.55 7.93 46.78
C ILE B 1071 -15.83 6.80 47.51
N GLU B 1072 -14.64 6.40 47.07
CA GLU B 1072 -13.95 5.29 47.72
C GLU B 1072 -13.69 5.56 49.20
N GLU B 1073 -13.33 6.79 49.55
CA GLU B 1073 -13.13 7.16 50.95
C GLU B 1073 -14.26 7.99 51.53
N TYR B 1074 -15.11 8.64 50.72
CA TYR B 1074 -16.23 9.37 51.27
C TYR B 1074 -17.46 8.51 51.46
N HIS B 1075 -17.43 7.25 51.01
CA HIS B 1075 -18.57 6.37 51.17
C HIS B 1075 -18.66 5.81 52.58
N GLY B 1076 -17.54 5.73 53.28
CA GLY B 1076 -17.52 5.22 54.64
C GLY B 1076 -17.94 6.24 55.66
N ARG B 1077 -19.05 6.93 55.40
CA ARG B 1077 -19.60 7.91 56.30
C ARG B 1077 -20.92 7.41 56.87
N PRO B 1078 -21.20 7.68 58.14
CA PRO B 1078 -22.43 7.16 58.77
C PRO B 1078 -23.67 7.75 58.13
N ALA B 1079 -24.74 6.95 58.13
CA ALA B 1079 -26.03 7.38 57.60
C ALA B 1079 -26.83 8.22 58.59
N ALA B 1080 -26.41 8.29 59.84
CA ALA B 1080 -27.11 9.10 60.82
C ALA B 1080 -26.92 10.58 60.51
N PRO B 1081 -27.99 11.36 60.48
CA PRO B 1081 -27.87 12.79 60.20
C PRO B 1081 -27.20 13.52 61.36
N PRO B 1082 -26.66 14.70 61.11
CA PRO B 1082 -26.02 15.47 62.19
C PRO B 1082 -26.96 15.73 63.36
N PRO B 1083 -28.26 15.97 63.14
CA PRO B 1083 -29.18 16.03 64.29
C PRO B 1083 -29.24 14.73 65.08
N PHE B 1084 -29.03 13.58 64.45
CA PHE B 1084 -29.08 12.28 65.12
C PHE B 1084 -27.69 11.66 65.17
N ILE B 1085 -26.66 12.49 65.37
CA ILE B 1085 -25.29 12.01 65.46
C ILE B 1085 -24.91 11.58 66.87
N LEU B 1086 -25.72 11.92 67.88
CA LEU B 1086 -25.39 11.54 69.24
C LEU B 1086 -25.48 10.03 69.45
N LEU B 1087 -26.39 9.35 68.74
CA LEU B 1087 -26.47 7.91 68.84
C LEU B 1087 -25.19 7.25 68.32
N SER B 1088 -24.73 7.67 67.14
CA SER B 1088 -23.48 7.13 66.61
C SER B 1088 -22.30 7.50 67.50
N HIS B 1089 -22.35 8.69 68.11
CA HIS B 1089 -21.29 9.08 69.05
C HIS B 1089 -21.24 8.12 70.22
N LEU B 1090 -22.38 7.90 70.89
CA LEU B 1090 -22.41 6.99 72.04
C LEU B 1090 -22.12 5.55 71.61
N GLN B 1091 -22.30 5.24 70.34
CA GLN B 1091 -22.02 3.87 69.88
C GLN B 1091 -20.55 3.65 69.57
N LEU B 1092 -19.85 4.65 69.05
CA LEU B 1092 -18.49 4.42 68.55
C LEU B 1092 -17.42 5.26 69.21
N PHE B 1093 -17.70 6.54 69.51
CA PHE B 1093 -16.64 7.42 70.00
C PHE B 1093 -16.23 7.10 71.43
N ILE B 1094 -17.15 6.66 72.28
CA ILE B 1094 -16.75 6.16 73.60
C ILE B 1094 -16.23 4.73 73.52
N LYS B 1095 -16.58 3.99 72.47
CA LYS B 1095 -16.05 2.66 72.22
C LYS B 1095 -14.60 2.71 71.75
N ARG B 1096 -14.17 3.84 71.18
CA ARG B 1096 -12.80 3.96 70.68
C ARG B 1096 -11.77 3.74 71.78
N VAL B 1097 -11.99 4.33 72.95
CA VAL B 1097 -10.93 4.44 73.96
C VAL B 1097 -10.46 3.08 74.47
N VAL B 1098 -11.33 2.06 74.48
CA VAL B 1098 -10.93 0.76 74.99
C VAL B 1098 -10.01 0.00 74.04
N LEU B 1099 -9.84 0.48 72.82
CA LEU B 1099 -8.97 -0.16 71.84
C LEU B 1099 -7.90 0.82 71.38
N LYS B 1100 -6.71 0.29 71.11
CA LYS B 1100 -5.63 1.11 70.57
C LYS B 1100 -5.97 1.62 69.18
N THR B 1101 -6.54 0.77 68.33
CA THR B 1101 -6.89 1.12 66.97
C THR B 1101 -8.37 0.79 66.72
N PRO B 1102 -9.13 1.71 66.13
CA PRO B 1102 -10.55 1.40 65.83
C PRO B 1102 -10.69 0.25 64.85
N ALA B 1103 -11.31 -0.84 65.29
CA ALA B 1103 -11.46 -2.04 64.48
C ALA B 1103 -12.89 -2.23 63.99
N LYS B 1104 -13.57 -1.13 63.66
CA LYS B 1104 -14.92 -1.23 63.13
C LYS B 1104 -14.90 -1.90 61.76
N ARG B 1105 -16.02 -2.54 61.42
CA ARG B 1105 -16.14 -3.19 60.13
C ARG B 1105 -16.01 -2.17 59.01
N HIS B 1106 -15.13 -2.46 58.05
CA HIS B 1106 -14.82 -1.50 57.00
C HIS B 1106 -15.90 -1.54 55.93
N LYS B 1107 -16.39 -0.36 55.55
CA LYS B 1107 -17.53 -0.24 54.63
C LYS B 1107 -17.00 -0.32 53.20
N GLN B 1108 -17.16 -1.50 52.59
CA GLN B 1108 -16.78 -1.70 51.20
C GLN B 1108 -17.79 -2.59 50.51
N LEU B 1109 -17.64 -2.69 49.20
CA LEU B 1109 -18.51 -3.45 48.32
C LEU B 1109 -17.91 -4.81 47.94
N LYS B 1110 -16.83 -5.22 48.60
CA LYS B 1110 -16.22 -6.51 48.34
C LYS B 1110 -17.08 -7.63 48.93
N ASN B 1111 -16.92 -8.82 48.36
CA ASN B 1111 -17.64 -10.00 48.80
C ASN B 1111 -16.68 -11.17 48.96
N LYS B 1112 -17.01 -12.07 49.87
CA LYS B 1112 -16.22 -13.29 50.08
C LYS B 1112 -16.67 -14.34 49.07
N LEU B 1113 -15.71 -14.95 48.39
CA LEU B 1113 -16.00 -15.91 47.33
C LEU B 1113 -15.81 -17.33 47.85
N GLU B 1114 -16.76 -18.20 47.53
CA GLU B 1114 -16.64 -19.61 47.89
C GLU B 1114 -15.88 -20.37 46.81
N LYS B 1115 -15.41 -21.57 47.16
CA LYS B 1115 -14.58 -22.34 46.25
C LYS B 1115 -15.33 -22.74 44.99
N ASN B 1116 -16.56 -23.25 45.15
CA ASN B 1116 -17.31 -23.72 43.99
C ASN B 1116 -17.64 -22.59 43.04
N GLU B 1117 -18.10 -21.44 43.57
CA GLU B 1117 -18.36 -20.31 42.70
C GLU B 1117 -17.07 -19.76 42.10
N GLU B 1118 -15.97 -19.82 42.85
CA GLU B 1118 -14.68 -19.41 42.29
C GLU B 1118 -14.33 -20.21 41.05
N ALA B 1119 -14.37 -21.54 41.16
CA ALA B 1119 -14.02 -22.39 40.02
C ALA B 1119 -15.02 -22.21 38.88
N ALA B 1120 -16.31 -22.16 39.21
CA ALA B 1120 -17.34 -22.02 38.19
C ALA B 1120 -17.20 -20.73 37.41
N LEU B 1121 -16.88 -19.63 38.08
CA LEU B 1121 -16.53 -18.41 37.37
C LEU B 1121 -15.26 -18.56 36.55
N LEU B 1122 -14.17 -19.00 37.18
CA LEU B 1122 -12.85 -18.93 36.53
C LEU B 1122 -12.84 -19.73 35.24
N SER B 1123 -13.48 -20.90 35.23
CA SER B 1123 -13.62 -21.64 33.98
C SER B 1123 -14.35 -20.82 32.93
N TRP B 1124 -15.36 -20.04 33.35
CA TRP B 1124 -16.13 -19.25 32.41
C TRP B 1124 -15.31 -18.10 31.83
N GLU B 1125 -14.52 -17.40 32.66
CA GLU B 1125 -13.65 -16.39 32.09
C GLU B 1125 -12.60 -17.01 31.17
N ILE B 1126 -12.13 -18.22 31.48
CA ILE B 1126 -11.19 -18.87 30.57
C ILE B 1126 -11.85 -19.17 29.23
N TYR B 1127 -13.09 -19.66 29.25
CA TYR B 1127 -13.76 -20.00 28.00
C TYR B 1127 -14.03 -18.75 27.16
N LEU B 1128 -14.52 -17.69 27.79
CA LEU B 1128 -14.73 -16.45 27.04
C LEU B 1128 -13.40 -15.80 26.64
N LYS B 1129 -12.31 -16.10 27.36
CA LYS B 1129 -11.00 -15.66 26.93
C LYS B 1129 -10.57 -16.38 25.66
N GLU B 1130 -10.87 -17.67 25.57
CA GLU B 1130 -10.64 -18.37 24.31
C GLU B 1130 -11.48 -17.76 23.20
N ASN B 1131 -12.73 -17.41 23.51
CA ASN B 1131 -13.58 -16.78 22.51
C ASN B 1131 -13.01 -15.43 22.07
N TYR B 1132 -12.42 -14.69 23.01
CA TYR B 1132 -11.79 -13.42 22.68
C TYR B 1132 -10.53 -13.62 21.87
N LEU B 1133 -9.74 -14.65 22.19
CA LEU B 1133 -8.49 -14.88 21.49
C LEU B 1133 -8.71 -15.28 20.05
N GLN B 1134 -9.68 -16.15 19.78
CA GLN B 1134 -9.95 -16.51 18.38
C GLN B 1134 -10.49 -15.32 17.59
N ASN B 1135 -11.37 -14.53 18.21
CA ASN B 1135 -11.83 -13.31 17.56
C ASN B 1135 -10.66 -12.36 17.29
N ARG B 1136 -9.76 -12.22 18.26
CA ARG B 1136 -8.57 -11.40 18.14
C ARG B 1136 -7.78 -11.80 16.91
N GLN B 1137 -7.53 -13.11 16.75
CA GLN B 1137 -6.87 -13.58 15.53
C GLN B 1137 -7.63 -13.14 14.29
N PHE B 1138 -8.97 -13.21 14.36
CA PHE B 1138 -9.77 -12.77 13.21
C PHE B 1138 -9.51 -11.31 12.87
N GLN B 1139 -9.39 -10.44 13.88
CA GLN B 1139 -9.04 -9.04 13.55
C GLN B 1139 -7.59 -8.90 13.12
N GLN B 1140 -6.67 -9.70 13.68
CA GLN B 1140 -5.29 -9.58 13.23
C GLN B 1140 -5.13 -10.02 11.78
N LYS B 1141 -6.12 -10.73 11.25
CA LYS B 1141 -6.11 -10.96 9.80
C LYS B 1141 -6.42 -9.68 9.04
N GLN B 1142 -7.24 -8.80 9.62
CA GLN B 1142 -7.89 -7.73 8.85
C GLN B 1142 -6.98 -6.59 8.41
N ARG B 1143 -6.13 -6.04 9.27
CA ARG B 1143 -5.45 -4.79 8.90
C ARG B 1143 -4.51 -5.05 7.73
N PRO B 1144 -4.31 -4.08 6.82
CA PRO B 1144 -3.59 -4.37 5.58
C PRO B 1144 -2.12 -4.69 5.77
N GLU B 1145 -1.59 -4.54 6.99
CA GLU B 1145 -0.18 -4.89 7.22
C GLU B 1145 0.06 -6.37 6.98
N GLN B 1146 -0.78 -7.24 7.56
CA GLN B 1146 -0.66 -8.66 7.30
C GLN B 1146 -0.84 -8.96 5.82
N LYS B 1147 -1.68 -8.20 5.13
CA LYS B 1147 -1.81 -8.36 3.69
C LYS B 1147 -0.51 -8.06 2.97
N ILE B 1148 0.17 -6.96 3.32
CA ILE B 1148 1.37 -6.58 2.59
C ILE B 1148 2.52 -7.56 2.87
N GLU B 1149 2.68 -7.99 4.12
CA GLU B 1149 3.73 -9.01 4.31
C GLU B 1149 3.31 -10.38 3.81
N ASP B 1150 2.01 -10.66 3.69
CA ASP B 1150 1.57 -11.89 3.05
C ASP B 1150 1.97 -11.88 1.58
N ILE B 1151 1.80 -10.75 0.91
CA ILE B 1151 2.29 -10.62 -0.46
C ILE B 1151 3.81 -10.79 -0.50
N SER B 1152 4.50 -10.14 0.45
CA SER B 1152 5.96 -10.14 0.44
C SER B 1152 6.55 -11.53 0.67
N ASN B 1153 5.89 -12.37 1.47
CA ASN B 1153 6.45 -13.70 1.70
C ASN B 1153 5.87 -14.73 0.74
N LYS B 1154 4.67 -14.49 0.20
CA LYS B 1154 4.12 -15.39 -0.80
C LYS B 1154 4.82 -15.26 -2.14
N VAL B 1155 5.31 -14.06 -2.49
CA VAL B 1155 6.16 -13.98 -3.67
C VAL B 1155 7.45 -14.76 -3.46
N ASP B 1156 7.99 -14.75 -2.23
CA ASP B 1156 9.17 -15.55 -1.95
C ASP B 1156 8.89 -17.04 -2.10
N ALA B 1157 7.77 -17.50 -1.54
CA ALA B 1157 7.39 -18.90 -1.73
C ALA B 1157 7.09 -19.24 -3.18
N MET B 1158 6.71 -18.23 -3.96
CA MET B 1158 6.43 -18.43 -5.39
C MET B 1158 7.72 -18.53 -6.20
N VAL B 1159 8.77 -17.82 -5.80
CA VAL B 1159 10.00 -17.77 -6.60
C VAL B 1159 10.62 -19.16 -6.74
N ASP B 1160 10.61 -19.94 -5.66
CA ASP B 1160 11.50 -21.10 -5.57
C ASP B 1160 11.21 -22.16 -6.64
N LEU B 1161 9.94 -22.49 -6.84
CA LEU B 1161 9.59 -23.71 -7.57
C LEU B 1161 9.48 -23.53 -9.08
N LEU B 1162 9.19 -22.32 -9.56
CA LEU B 1162 9.14 -22.12 -11.01
C LEU B 1162 10.51 -21.87 -11.62
N ASP B 1163 11.56 -21.74 -10.79
CA ASP B 1163 12.91 -21.76 -11.33
C ASP B 1163 13.24 -23.11 -11.95
N LEU B 1164 12.59 -24.17 -11.48
CA LEU B 1164 12.76 -25.51 -12.03
C LEU B 1164 11.59 -25.94 -12.92
N ASP B 1165 10.36 -25.64 -12.54
CA ASP B 1165 9.19 -26.00 -13.34
C ASP B 1165 8.82 -24.89 -14.30
N GLY B 1235 39.66 -42.05 -12.31
CA GLY B 1235 38.43 -42.50 -11.67
C GLY B 1235 38.54 -43.89 -11.08
N ASP B 1236 39.15 -43.99 -9.90
CA ASP B 1236 39.34 -45.26 -9.21
C ASP B 1236 38.83 -45.13 -7.78
N SER B 1237 37.82 -45.94 -7.44
CA SER B 1237 37.27 -45.97 -6.09
C SER B 1237 37.55 -47.35 -5.49
N TYR B 1238 38.72 -47.49 -4.90
CA TYR B 1238 39.19 -48.73 -4.31
C TYR B 1238 39.52 -48.52 -2.84
N HIS B 1239 40.14 -49.54 -2.24
CA HIS B 1239 40.48 -49.53 -0.83
C HIS B 1239 41.41 -48.38 -0.49
N VAL B 1240 41.06 -47.61 0.55
CA VAL B 1240 41.94 -46.56 1.05
C VAL B 1240 42.29 -46.80 2.52
N ASN B 1241 41.43 -47.49 3.27
CA ASN B 1241 41.70 -47.74 4.68
C ASN B 1241 42.96 -48.56 4.89
N ALA B 1242 43.31 -49.42 3.93
CA ALA B 1242 44.56 -50.14 4.01
C ALA B 1242 45.75 -49.19 3.97
N ARG B 1243 45.70 -48.19 3.09
CA ARG B 1243 46.74 -47.15 3.03
C ARG B 1243 46.35 -46.02 3.99
N HIS B 1244 46.38 -46.35 5.28
CA HIS B 1244 45.94 -45.45 6.33
C HIS B 1244 47.07 -44.50 6.69
N LEU B 1245 46.86 -43.21 6.44
CA LEU B 1245 47.84 -42.21 6.82
C LEU B 1245 47.95 -42.13 8.34
N LEU B 1246 49.14 -41.75 8.81
CA LEU B 1246 49.45 -41.71 10.24
C LEU B 1246 49.25 -43.08 10.87
N TYR B 1247 50.13 -44.00 10.44
CA TYR B 1247 50.00 -45.41 10.82
C TYR B 1247 49.99 -45.54 12.34
N PRO B 1248 49.00 -46.25 12.91
CA PRO B 1248 48.92 -46.36 14.37
C PRO B 1248 50.10 -47.11 14.96
N ASN B 1249 50.44 -46.75 16.19
CA ASN B 1249 51.48 -47.41 16.99
C ASN B 1249 52.87 -47.30 16.36
N CYS B 1250 53.05 -46.42 15.38
CA CYS B 1250 54.33 -46.23 14.74
C CYS B 1250 54.50 -44.74 14.39
N PRO B 1251 55.63 -44.13 14.73
CA PRO B 1251 55.87 -42.72 14.39
C PRO B 1251 56.48 -42.55 13.00
N VAL B 1252 55.65 -42.75 11.97
CA VAL B 1252 56.10 -42.68 10.59
C VAL B 1252 55.02 -42.00 9.75
N THR B 1253 55.46 -41.30 8.71
CA THR B 1253 54.57 -40.65 7.76
C THR B 1253 54.80 -41.21 6.37
N ARG B 1254 53.73 -41.32 5.59
CA ARG B 1254 53.78 -41.93 4.27
C ARG B 1254 53.89 -40.87 3.18
N PHE B 1255 54.49 -41.25 2.06
CA PHE B 1255 54.44 -40.47 0.83
C PHE B 1255 53.04 -40.56 0.26
N PRO B 1256 52.56 -39.53 -0.45
CA PRO B 1256 51.21 -39.61 -1.01
C PRO B 1256 51.10 -40.69 -2.09
N VAL B 1257 50.09 -41.53 -1.94
CA VAL B 1257 49.82 -42.60 -2.90
C VAL B 1257 48.38 -42.46 -3.37
N PRO B 1258 48.13 -41.67 -4.42
CA PRO B 1258 46.74 -41.30 -4.77
C PRO B 1258 45.87 -42.49 -5.18
N ASN B 1259 44.57 -42.25 -5.33
CA ASN B 1259 43.63 -43.27 -5.75
C ASN B 1259 43.87 -43.74 -7.18
N GLU B 1260 44.53 -42.93 -8.00
CA GLU B 1260 44.96 -43.37 -9.32
C GLU B 1260 46.21 -44.23 -9.19
N LYS B 1261 46.78 -44.28 -7.99
CA LYS B 1261 48.00 -45.03 -7.72
C LYS B 1261 47.72 -46.17 -6.77
N VAL B 1262 46.49 -46.65 -6.73
CA VAL B 1262 46.17 -47.85 -5.95
C VAL B 1262 46.56 -49.13 -6.69
N PRO B 1263 46.42 -49.26 -8.02
CA PRO B 1263 46.80 -50.54 -8.64
C PRO B 1263 48.31 -50.69 -8.73
N TRP B 1264 48.75 -51.94 -8.88
CA TRP B 1264 50.17 -52.23 -8.88
C TRP B 1264 50.82 -51.84 -10.21
N GLU B 1265 50.06 -51.91 -11.31
CA GLU B 1265 50.65 -51.68 -12.62
C GLU B 1265 51.07 -50.23 -12.82
N THR B 1266 50.41 -49.29 -12.14
CA THR B 1266 50.80 -47.89 -12.25
C THR B 1266 52.17 -47.67 -11.62
N GLU B 1267 52.97 -46.83 -12.27
CA GLU B 1267 54.33 -46.56 -11.82
C GLU B 1267 54.31 -45.74 -10.54
N PHE B 1268 55.02 -46.20 -9.51
CA PHE B 1268 55.11 -45.49 -8.23
C PHE B 1268 56.37 -44.64 -8.27
N LEU B 1269 56.21 -43.38 -8.69
CA LEU B 1269 57.36 -42.50 -8.88
C LEU B 1269 58.05 -42.20 -7.56
N ILE B 1270 57.29 -42.01 -6.48
CA ILE B 1270 57.84 -41.58 -5.20
C ILE B 1270 57.81 -42.73 -4.20
N TYR B 1271 57.94 -43.97 -4.69
CA TYR B 1271 57.87 -45.14 -3.83
C TYR B 1271 59.10 -45.27 -2.94
N ASP B 1272 59.01 -44.74 -1.73
CA ASP B 1272 60.03 -44.93 -0.69
C ASP B 1272 59.30 -45.38 0.57
N PRO B 1273 58.81 -46.61 0.59
CA PRO B 1273 57.96 -47.05 1.70
C PRO B 1273 58.76 -47.24 2.97
N PRO B 1274 58.12 -47.17 4.14
CA PRO B 1274 58.83 -47.38 5.40
C PRO B 1274 59.32 -48.82 5.53
N PHE B 1275 60.37 -48.98 6.33
CA PHE B 1275 60.97 -50.28 6.58
C PHE B 1275 60.94 -50.65 8.06
N TYR B 1276 59.87 -50.26 8.76
CA TYR B 1276 59.77 -50.45 10.19
C TYR B 1276 59.42 -51.90 10.50
N THR B 1277 60.24 -52.54 11.35
CA THR B 1277 59.97 -53.90 11.81
C THR B 1277 60.61 -54.04 13.19
N ALA B 1278 59.80 -53.93 14.24
CA ALA B 1278 60.30 -54.03 15.60
C ALA B 1278 60.01 -55.39 16.21
N LEU B 1293 62.82 -57.87 8.85
CA LEU B 1293 63.89 -58.64 9.49
C LEU B 1293 64.17 -59.92 8.71
N GLU B 1294 63.28 -60.21 7.75
CA GLU B 1294 63.36 -61.39 6.89
C GLU B 1294 63.49 -62.69 7.68
N PRO B 1295 62.48 -63.06 8.50
CA PRO B 1295 62.49 -64.36 9.19
C PRO B 1295 61.88 -65.49 8.34
N LEU B 1296 62.33 -65.58 7.10
CA LEU B 1296 61.75 -66.52 6.14
C LEU B 1296 62.37 -67.91 6.22
N SER B 1297 63.40 -68.11 7.04
CA SER B 1297 64.02 -69.41 7.17
C SER B 1297 63.08 -70.38 7.86
N THR B 1298 63.04 -71.61 7.35
CA THR B 1298 62.22 -72.71 7.86
C THR B 1298 60.73 -72.40 7.88
N ILE B 1299 60.30 -71.37 7.15
CA ILE B 1299 58.89 -70.98 7.07
C ILE B 1299 58.56 -70.72 5.61
N GLN B 1300 57.76 -71.59 5.00
CA GLN B 1300 57.38 -71.46 3.60
C GLN B 1300 56.16 -70.56 3.51
N TYR B 1301 56.35 -69.37 2.93
CA TYR B 1301 55.25 -68.42 2.80
C TYR B 1301 54.43 -68.73 1.55
N ASN B 1302 53.11 -68.59 1.69
CA ASN B 1302 52.16 -68.86 0.61
C ASN B 1302 52.31 -70.29 0.08
N VAL B 1303 52.46 -71.25 0.99
CA VAL B 1303 52.66 -72.65 0.64
C VAL B 1303 51.72 -73.49 1.50
N VAL B 1304 51.86 -74.81 1.38
CA VAL B 1304 51.09 -75.76 2.21
C VAL B 1304 52.07 -76.31 3.24
N ASP B 1305 52.09 -75.71 4.42
CA ASP B 1305 53.00 -76.09 5.50
C ASP B 1305 52.19 -76.49 6.73
N GLY B 1306 51.79 -77.75 6.79
CA GLY B 1306 51.10 -78.28 7.95
C GLY B 1306 49.72 -77.69 8.14
N LEU B 1307 49.22 -77.82 9.37
CA LEU B 1307 47.92 -77.28 9.76
C LEU B 1307 48.09 -75.86 10.30
N ARG B 1308 48.73 -75.02 9.48
CA ARG B 1308 49.00 -73.63 9.83
C ARG B 1308 48.24 -72.63 8.99
N ASP B 1309 47.49 -73.09 7.99
CA ASP B 1309 46.78 -72.20 7.06
C ASP B 1309 47.76 -71.25 6.38
N ARG B 1310 48.71 -71.83 5.64
CA ARG B 1310 49.77 -71.07 5.00
C ARG B 1310 49.46 -70.69 3.56
N ARG B 1311 48.25 -70.98 3.07
CA ARG B 1311 47.91 -70.73 1.68
C ARG B 1311 47.07 -69.47 1.58
N SER B 1312 47.29 -68.70 0.52
CA SER B 1312 46.48 -67.51 0.24
C SER B 1312 45.29 -67.92 -0.60
N PHE B 1313 44.08 -67.67 -0.10
CA PHE B 1313 42.86 -68.13 -0.78
C PHE B 1313 42.59 -67.38 -2.08
N HIS B 1314 43.24 -66.25 -2.31
CA HIS B 1314 43.00 -65.46 -3.53
C HIS B 1314 43.92 -65.88 -4.66
N GLY B 1315 43.95 -67.18 -4.96
CA GLY B 1315 44.71 -67.68 -6.07
C GLY B 1315 46.21 -67.57 -5.88
N PRO B 1316 46.97 -67.75 -6.95
CA PRO B 1316 48.42 -67.59 -6.86
C PRO B 1316 48.82 -66.15 -6.57
N TYR B 1317 49.99 -66.01 -5.97
CA TYR B 1317 50.53 -64.72 -5.55
C TYR B 1317 51.53 -64.23 -6.60
N THR B 1318 51.94 -62.97 -6.44
CA THR B 1318 52.90 -62.34 -7.32
C THR B 1318 54.07 -61.80 -6.51
N VAL B 1319 55.25 -61.78 -7.11
CA VAL B 1319 56.47 -61.34 -6.47
C VAL B 1319 57.02 -60.14 -7.22
N GLN B 1320 57.45 -59.12 -6.48
CA GLN B 1320 58.09 -57.93 -7.04
C GLN B 1320 59.57 -58.00 -6.68
N ALA B 1321 60.38 -58.45 -7.64
CA ALA B 1321 61.82 -58.67 -7.45
C ALA B 1321 61.98 -59.65 -6.30
N GLY B 1322 62.80 -59.38 -5.29
CA GLY B 1322 62.99 -60.29 -4.18
C GLY B 1322 62.00 -60.16 -3.05
N LEU B 1323 61.29 -59.05 -2.96
CA LEU B 1323 60.33 -58.82 -1.89
C LEU B 1323 58.91 -58.97 -2.43
N PRO B 1324 58.16 -59.99 -2.02
CA PRO B 1324 56.79 -60.15 -2.52
C PRO B 1324 55.89 -59.04 -2.01
N LEU B 1325 54.84 -58.78 -2.78
CA LEU B 1325 53.87 -57.74 -2.46
C LEU B 1325 52.62 -58.39 -1.89
N ASN B 1326 52.12 -57.82 -0.79
CA ASN B 1326 50.87 -58.29 -0.22
C ASN B 1326 49.73 -58.00 -1.19
N PRO B 1327 48.89 -58.98 -1.53
CA PRO B 1327 47.74 -58.70 -2.39
C PRO B 1327 46.86 -57.62 -1.80
N MET B 1328 46.06 -57.00 -2.66
CA MET B 1328 45.14 -55.93 -2.30
C MET B 1328 45.91 -54.66 -1.98
N GLY B 1329 46.76 -54.70 -0.96
CA GLY B 1329 47.65 -53.58 -0.69
C GLY B 1329 48.44 -53.80 0.59
N ARG B 1330 49.48 -52.99 0.72
CA ARG B 1330 50.27 -52.97 1.95
C ARG B 1330 49.69 -51.97 2.94
N THR B 1331 50.20 -52.03 4.17
CA THR B 1331 49.83 -51.10 5.22
C THR B 1331 50.99 -50.36 5.85
N GLY B 1332 52.20 -50.92 5.82
CA GLY B 1332 53.36 -50.22 6.33
C GLY B 1332 54.22 -51.01 7.30
N LEU B 1333 53.98 -52.32 7.41
CA LEU B 1333 54.80 -53.18 8.25
C LEU B 1333 55.18 -54.42 7.45
N ARG B 1334 56.40 -54.89 7.68
CA ARG B 1334 56.94 -56.04 6.95
C ARG B 1334 57.46 -57.05 7.96
N GLY B 1335 57.53 -58.31 7.51
CA GLY B 1335 57.98 -59.37 8.39
C GLY B 1335 56.92 -59.73 9.41
N ARG B 1336 57.35 -59.93 10.65
CA ARG B 1336 56.45 -60.27 11.75
C ARG B 1336 56.09 -59.06 12.60
N GLY B 1337 57.07 -58.25 12.99
CA GLY B 1337 56.82 -57.12 13.86
C GLY B 1337 56.68 -57.52 15.31
N SER B 1338 56.31 -56.53 16.12
CA SER B 1338 56.12 -56.73 17.55
C SER B 1338 54.76 -57.38 17.79
N LEU B 1339 54.67 -58.66 17.42
CA LEU B 1339 53.45 -59.44 17.53
C LEU B 1339 53.74 -60.74 18.26
N SER B 1340 52.76 -61.64 18.26
CA SER B 1340 52.87 -62.86 19.05
C SER B 1340 53.90 -63.82 18.47
N CYS B 1341 53.68 -64.27 17.24
CA CYS B 1341 54.56 -65.25 16.61
C CYS B 1341 54.42 -65.12 15.10
N PHE B 1342 55.04 -66.04 14.36
CA PHE B 1342 55.00 -65.99 12.91
C PHE B 1342 53.63 -66.49 12.42
N GLY B 1343 53.50 -66.61 11.10
CA GLY B 1343 52.26 -67.04 10.52
C GLY B 1343 51.26 -65.92 10.42
N PRO B 1344 49.97 -66.27 10.35
CA PRO B 1344 48.93 -65.27 10.09
C PRO B 1344 48.42 -64.67 11.41
N ASN B 1345 48.04 -63.40 11.37
CA ASN B 1345 47.37 -62.79 12.49
C ASN B 1345 45.89 -63.17 12.45
N HIS B 1346 45.58 -64.41 12.81
CA HIS B 1346 44.22 -64.92 12.67
C HIS B 1346 43.22 -64.09 13.47
N THR B 1347 41.95 -64.26 13.13
CA THR B 1347 40.83 -63.73 13.89
C THR B 1347 39.75 -64.79 13.99
N LEU B 1348 39.09 -64.83 15.15
CA LEU B 1348 38.06 -65.83 15.41
C LEU B 1348 37.00 -65.17 16.29
N TYR B 1349 35.95 -64.63 15.66
CA TYR B 1349 34.99 -63.81 16.36
C TYR B 1349 33.80 -64.65 16.80
N PRO B 1350 33.60 -64.85 18.11
CA PRO B 1350 32.41 -65.54 18.58
C PRO B 1350 31.26 -64.58 18.84
N MET B 1351 30.09 -65.09 19.19
CA MET B 1351 28.96 -64.23 19.50
C MET B 1351 27.94 -65.03 20.33
N VAL B 1352 27.25 -64.35 21.22
CA VAL B 1352 26.30 -64.97 22.14
C VAL B 1352 25.03 -64.14 22.14
N THR B 1353 23.88 -64.80 22.32
CA THR B 1353 22.59 -64.15 22.36
C THR B 1353 21.81 -64.60 23.59
N ARG B 1354 21.20 -63.63 24.27
CA ARG B 1354 20.32 -63.90 25.39
C ARG B 1354 19.07 -63.05 25.26
N TRP B 1355 17.92 -63.67 25.51
CA TRP B 1355 16.65 -62.99 25.37
C TRP B 1355 16.51 -61.89 26.41
N ARG B 1356 15.73 -60.86 26.05
CA ARG B 1356 15.57 -59.67 26.89
C ARG B 1356 14.51 -59.96 27.95
N ARG B 1357 14.95 -60.07 29.21
CA ARG B 1357 14.04 -60.32 30.31
C ARG B 1357 13.48 -59.01 30.85
N ASN B 1358 12.15 -58.89 30.86
CA ASN B 1358 11.49 -57.82 31.58
C ASN B 1358 10.62 -58.36 32.71
N GLU B 1359 9.62 -59.18 32.39
CA GLU B 1359 8.93 -59.99 33.39
C GLU B 1359 8.73 -61.44 32.96
N ASP B 1360 8.63 -61.71 31.66
CA ASP B 1360 8.56 -63.07 31.13
C ASP B 1360 9.39 -63.29 29.88
N GLY B 1361 9.97 -62.24 29.30
CA GLY B 1361 10.79 -62.38 28.12
C GLY B 1361 10.16 -61.86 26.84
N ALA B 1362 9.47 -60.72 26.93
CA ALA B 1362 8.93 -60.09 25.73
C ALA B 1362 10.07 -59.53 24.88
N ILE B 1363 9.81 -59.39 23.59
CA ILE B 1363 10.82 -58.99 22.62
C ILE B 1363 10.48 -57.60 22.09
N CYS B 1364 11.46 -56.71 22.11
CA CYS B 1364 11.33 -55.38 21.51
C CYS B 1364 11.94 -55.46 20.11
N ARG B 1365 11.06 -55.52 19.12
CA ARG B 1365 11.49 -55.63 17.73
C ARG B 1365 12.15 -54.33 17.27
N LYS B 1366 12.61 -54.33 16.03
CA LYS B 1366 13.11 -53.12 15.40
C LYS B 1366 11.95 -52.36 14.76
N SER B 1367 12.27 -51.34 13.96
CA SER B 1367 11.22 -50.59 13.27
C SER B 1367 10.56 -51.43 12.19
N ILE B 1368 11.32 -52.25 11.48
CA ILE B 1368 10.84 -53.00 10.33
C ILE B 1368 10.80 -54.49 10.61
N LYS B 1369 11.95 -55.10 10.90
CA LYS B 1369 12.06 -56.54 11.02
C LYS B 1369 12.60 -56.92 12.40
N LYS B 1370 12.74 -58.23 12.61
CA LYS B 1370 13.28 -58.74 13.87
C LYS B 1370 14.76 -58.44 13.97
N MET B 1371 15.12 -57.65 14.97
CA MET B 1371 16.51 -57.28 15.22
C MET B 1371 16.98 -58.07 16.44
N LEU B 1372 17.60 -59.22 16.19
CA LEU B 1372 18.01 -60.10 17.28
C LEU B 1372 19.16 -59.48 18.06
N GLU B 1373 19.13 -59.68 19.38
CA GLU B 1373 20.03 -58.96 20.28
C GLU B 1373 21.46 -59.44 20.19
N VAL B 1374 22.17 -59.00 19.15
CA VAL B 1374 23.61 -59.25 19.07
C VAL B 1374 24.31 -58.55 20.22
N LEU B 1375 25.33 -59.22 20.77
CA LEU B 1375 26.03 -58.71 21.94
C LEU B 1375 27.52 -58.89 21.74
N VAL B 1376 28.31 -57.93 22.24
CA VAL B 1376 29.77 -58.02 22.25
C VAL B 1376 30.26 -57.64 23.63
N VAL B 1377 31.52 -57.96 23.89
CA VAL B 1377 32.18 -57.63 25.15
C VAL B 1377 33.34 -56.69 24.84
N LYS B 1378 33.96 -56.19 25.91
CA LYS B 1378 35.06 -55.24 25.80
C LYS B 1378 36.31 -55.79 26.47
N LEU B 1379 37.46 -55.47 25.88
CA LEU B 1379 38.74 -55.86 26.45
C LEU B 1379 38.94 -55.12 27.79
N PRO B 1380 39.54 -55.78 28.78
CA PRO B 1380 39.63 -55.17 30.12
C PRO B 1380 40.30 -53.80 30.14
N LEU B 1381 41.33 -53.59 29.33
CA LEU B 1381 42.03 -52.31 29.27
C LEU B 1381 42.12 -51.89 27.80
N SER B 1382 41.06 -51.24 27.32
CA SER B 1382 41.02 -50.78 25.93
C SER B 1382 39.97 -49.70 25.80
N GLU B 1383 40.09 -48.91 24.72
CA GLU B 1383 39.12 -47.88 24.40
C GLU B 1383 38.04 -48.37 23.44
N HIS B 1384 38.10 -49.63 23.03
CA HIS B 1384 37.20 -50.19 22.03
C HIS B 1384 36.65 -51.53 22.50
N TRP B 1385 35.45 -51.86 22.02
CA TRP B 1385 34.89 -53.17 22.29
C TRP B 1385 35.58 -54.22 21.42
N ALA B 1386 35.99 -55.31 22.05
CA ALA B 1386 36.72 -56.38 21.37
C ALA B 1386 36.07 -57.72 21.69
N LEU B 1387 35.73 -58.47 20.65
CA LEU B 1387 35.23 -59.82 20.85
C LEU B 1387 36.36 -60.75 21.26
N PRO B 1388 36.05 -61.83 22.00
CA PRO B 1388 37.11 -62.74 22.45
C PRO B 1388 37.70 -63.54 21.30
N GLY B 1389 38.57 -62.90 20.51
CA GLY B 1389 39.20 -63.55 19.39
C GLY B 1389 40.57 -62.96 19.12
N GLY B 1390 41.28 -63.59 18.20
CA GLY B 1390 42.64 -63.16 17.87
C GLY B 1390 43.37 -64.22 17.09
N SER B 1391 44.70 -64.18 17.18
CA SER B 1391 45.55 -65.13 16.46
C SER B 1391 45.34 -66.53 17.03
N ARG B 1392 44.93 -67.46 16.16
CA ARG B 1392 44.68 -68.83 16.59
C ARG B 1392 46.00 -69.53 16.90
N GLU B 1393 46.16 -69.96 18.15
CA GLU B 1393 47.35 -70.71 18.53
C GLU B 1393 47.33 -72.07 17.84
N PRO B 1394 48.47 -72.54 17.33
CA PRO B 1394 48.50 -73.84 16.66
C PRO B 1394 48.06 -74.96 17.60
N GLY B 1395 47.26 -75.88 17.06
CA GLY B 1395 46.79 -77.02 17.81
C GLY B 1395 45.69 -76.75 18.82
N GLU B 1396 45.41 -75.48 19.12
CA GLU B 1396 44.42 -75.16 20.15
C GLU B 1396 43.14 -74.58 19.56
N MET B 1397 43.24 -73.73 18.54
CA MET B 1397 42.16 -72.99 17.90
C MET B 1397 41.56 -71.91 18.80
N LEU B 1398 42.08 -71.72 20.02
CA LEU B 1398 41.57 -70.73 20.95
C LEU B 1398 42.57 -69.59 21.09
N PRO B 1399 42.23 -68.38 20.66
CA PRO B 1399 43.22 -67.30 20.63
C PRO B 1399 43.45 -66.63 21.97
N ARG B 1400 43.60 -67.42 23.04
CA ARG B 1400 44.01 -66.99 24.37
C ARG B 1400 43.03 -66.01 25.01
N LYS B 1401 41.91 -65.68 24.37
CA LYS B 1401 40.97 -64.71 24.90
C LYS B 1401 39.58 -65.27 25.15
N LEU B 1402 39.24 -66.42 24.59
CA LEU B 1402 37.93 -67.02 24.83
C LEU B 1402 37.92 -67.92 26.05
N LYS B 1403 39.01 -68.65 26.30
CA LYS B 1403 39.07 -69.58 27.41
C LYS B 1403 39.38 -68.91 28.74
N ARG B 1404 39.86 -67.68 28.73
CA ARG B 1404 40.27 -66.99 29.94
C ARG B 1404 39.59 -65.63 30.03
N ILE B 1405 39.53 -65.10 31.25
CA ILE B 1405 38.91 -63.80 31.55
C ILE B 1405 37.45 -63.86 31.13
N LEU B 1406 36.86 -65.04 31.18
CA LEU B 1406 35.49 -65.28 30.75
C LEU B 1406 34.91 -66.40 31.59
N ARG B 1407 33.82 -66.99 31.12
CA ARG B 1407 33.18 -68.12 31.79
C ARG B 1407 34.17 -69.22 32.12
N GLN B 1408 33.84 -70.02 33.13
CA GLN B 1408 34.65 -71.16 33.54
C GLN B 1408 33.79 -72.42 33.55
N GLU B 1409 34.46 -73.56 33.41
CA GLU B 1409 33.87 -74.90 33.38
C GLU B 1409 32.97 -75.11 32.18
N HIS B 1410 32.98 -74.22 31.19
CA HIS B 1410 32.20 -74.36 29.96
C HIS B 1410 33.07 -74.28 28.72
N TRP B 1411 34.39 -74.37 28.87
CA TRP B 1411 35.28 -74.24 27.72
C TRP B 1411 35.06 -75.30 26.65
N PRO B 1412 35.00 -76.60 26.96
CA PRO B 1412 34.89 -77.59 25.87
C PRO B 1412 33.59 -77.49 25.08
N SER B 1413 32.52 -76.95 25.67
CA SER B 1413 31.22 -76.95 25.00
C SER B 1413 31.19 -76.01 23.80
N PHE B 1414 31.64 -74.77 23.99
CA PHE B 1414 31.56 -73.77 22.92
C PHE B 1414 32.61 -73.97 21.85
N GLU B 1415 33.69 -74.69 22.14
CA GLU B 1415 34.71 -74.91 21.12
C GLU B 1415 34.17 -75.73 19.95
N ASN B 1416 33.33 -76.73 20.23
CA ASN B 1416 32.72 -77.52 19.16
C ASN B 1416 31.81 -76.66 18.31
N LEU B 1417 31.03 -75.79 18.92
CA LEU B 1417 30.11 -74.94 18.16
C LEU B 1417 30.86 -73.88 17.36
N LEU B 1418 32.01 -73.40 17.88
CA LEU B 1418 32.74 -72.33 17.22
C LEU B 1418 33.41 -72.79 15.93
N LYS B 1419 33.53 -74.09 15.71
CA LYS B 1419 34.07 -74.63 14.47
C LYS B 1419 32.97 -75.20 13.57
N CYS B 1420 31.71 -74.85 13.85
CA CYS B 1420 30.55 -75.33 13.08
C CYS B 1420 29.72 -74.12 12.67
N GLY B 1421 30.00 -73.60 11.48
CA GLY B 1421 29.23 -72.48 10.97
C GLY B 1421 29.76 -72.04 9.62
N MET B 1422 29.05 -71.08 9.05
CA MET B 1422 29.41 -70.51 7.76
C MET B 1422 30.07 -69.16 7.96
N GLU B 1423 31.07 -68.88 7.13
CA GLU B 1423 31.91 -67.71 7.28
C GLU B 1423 31.17 -66.45 6.84
N VAL B 1424 31.66 -65.31 7.34
CA VAL B 1424 31.19 -64.00 6.88
C VAL B 1424 32.11 -63.46 5.79
N TYR B 1425 33.42 -63.62 5.94
CA TYR B 1425 34.39 -63.26 4.91
C TYR B 1425 35.77 -63.85 5.23
N LYS B 1426 36.39 -64.49 4.25
CA LYS B 1426 37.74 -65.02 4.38
C LYS B 1426 38.63 -64.32 3.37
N GLY B 1427 39.52 -63.45 3.85
CA GLY B 1427 40.45 -62.78 2.96
C GLY B 1427 41.05 -61.56 3.62
N TYR B 1428 41.94 -60.91 2.88
CA TYR B 1428 42.54 -59.68 3.33
C TYR B 1428 41.48 -58.59 3.48
N MET B 1429 41.62 -57.75 4.50
CA MET B 1429 40.60 -56.78 4.83
C MET B 1429 41.23 -55.44 5.18
N ASP B 1430 40.46 -54.38 5.00
CA ASP B 1430 40.93 -53.00 5.17
C ASP B 1430 41.04 -52.66 6.67
N ASP B 1431 42.25 -52.86 7.19
CA ASP B 1431 42.56 -52.45 8.55
C ASP B 1431 43.94 -51.80 8.61
N PRO B 1432 44.12 -50.81 9.48
CA PRO B 1432 45.44 -50.16 9.58
C PRO B 1432 46.43 -50.92 10.44
N ARG B 1433 46.14 -52.18 10.73
CA ARG B 1433 47.00 -53.02 11.57
C ARG B 1433 47.32 -54.33 10.86
N ASN B 1434 47.70 -54.23 9.60
CA ASN B 1434 48.07 -55.38 8.77
C ASN B 1434 49.57 -55.36 8.54
N THR B 1435 50.08 -56.44 7.93
CA THR B 1435 51.49 -56.58 7.63
C THR B 1435 51.65 -56.95 6.17
N ASP B 1436 52.85 -56.68 5.63
CA ASP B 1436 53.18 -57.03 4.26
C ASP B 1436 53.48 -58.52 4.09
N ASN B 1437 54.01 -59.17 5.12
CA ASN B 1437 54.45 -60.55 5.03
C ASN B 1437 53.41 -61.51 5.58
N ALA B 1438 52.38 -61.00 6.26
CA ALA B 1438 51.35 -61.83 6.84
C ALA B 1438 50.04 -61.05 6.84
N TRP B 1439 48.94 -61.78 6.94
CA TRP B 1439 47.62 -61.18 6.84
C TRP B 1439 46.64 -62.01 7.69
N ILE B 1440 45.38 -61.60 7.68
CA ILE B 1440 44.37 -62.12 8.59
C ILE B 1440 43.48 -63.10 7.84
N GLU B 1441 43.39 -64.33 8.36
CA GLU B 1441 42.45 -65.34 7.88
C GLU B 1441 41.41 -65.54 8.97
N THR B 1442 40.15 -65.36 8.62
CA THR B 1442 39.07 -65.27 9.59
C THR B 1442 38.25 -66.56 9.63
N VAL B 1443 37.69 -66.84 10.81
CA VAL B 1443 36.71 -67.89 11.00
C VAL B 1443 35.58 -67.33 11.85
N ALA B 1444 34.35 -67.39 11.33
CA ALA B 1444 33.20 -66.83 12.02
C ALA B 1444 32.05 -67.82 12.00
N VAL B 1445 31.25 -67.80 13.07
CA VAL B 1445 30.08 -68.67 13.21
C VAL B 1445 28.91 -67.84 13.69
N SER B 1446 27.78 -67.97 13.00
CA SER B 1446 26.55 -67.29 13.37
C SER B 1446 25.60 -68.30 14.00
N VAL B 1447 25.24 -68.08 15.26
CA VAL B 1447 24.40 -69.00 16.02
C VAL B 1447 23.36 -68.21 16.80
N HIS B 1448 22.13 -68.73 16.83
CA HIS B 1448 21.06 -68.13 17.60
C HIS B 1448 20.48 -69.16 18.56
N PHE B 1449 20.19 -68.72 19.78
CA PHE B 1449 19.64 -69.57 20.82
C PHE B 1449 18.15 -69.33 20.92
N GLN B 1450 17.35 -70.41 20.86
CA GLN B 1450 15.91 -70.27 20.94
C GLN B 1450 15.47 -69.80 22.33
N ASP B 1451 16.29 -70.04 23.35
CA ASP B 1451 15.99 -69.60 24.70
C ASP B 1451 17.27 -69.14 25.38
N GLN B 1452 17.11 -68.24 26.35
CA GLN B 1452 18.25 -67.79 27.14
C GLN B 1452 18.83 -68.90 28.00
N ASN B 1453 18.07 -69.96 28.26
CA ASN B 1453 18.53 -71.12 29.01
C ASN B 1453 18.81 -72.31 28.10
N ASP B 1454 19.37 -72.05 26.91
CA ASP B 1454 19.66 -73.11 25.95
C ASP B 1454 20.89 -73.89 26.44
N VAL B 1455 20.61 -74.93 27.23
CA VAL B 1455 21.64 -75.75 27.87
C VAL B 1455 22.55 -74.87 28.70
N GLU B 1456 23.85 -75.12 28.62
CA GLU B 1456 24.84 -74.34 29.36
C GLU B 1456 25.53 -73.28 28.52
N LEU B 1457 25.12 -73.12 27.26
CA LEU B 1457 25.79 -72.17 26.37
C LEU B 1457 25.57 -70.74 26.82
N ASN B 1458 24.36 -70.41 27.29
CA ASN B 1458 24.02 -69.04 27.66
C ASN B 1458 23.71 -68.88 29.14
N ARG B 1459 22.94 -69.79 29.73
CA ARG B 1459 22.51 -69.63 31.11
C ARG B 1459 23.62 -70.02 32.09
N LEU B 1460 24.06 -71.28 32.04
CA LEU B 1460 25.10 -71.74 32.96
C LEU B 1460 26.43 -71.08 32.68
N ASN B 1461 26.70 -70.74 31.41
CA ASN B 1461 27.94 -70.03 31.09
C ASN B 1461 27.99 -68.67 31.77
N SER B 1462 26.87 -67.93 31.75
CA SER B 1462 26.83 -66.65 32.45
C SER B 1462 26.83 -66.85 33.96
N ASN B 1463 26.19 -67.91 34.43
CA ASN B 1463 26.15 -68.17 35.87
C ASN B 1463 27.53 -68.52 36.42
N LEU B 1464 28.38 -69.14 35.60
CA LEU B 1464 29.72 -69.52 36.02
C LEU B 1464 30.79 -68.52 35.58
N HIS B 1465 30.39 -67.36 35.08
CA HIS B 1465 31.32 -66.34 34.61
C HIS B 1465 31.46 -65.26 35.68
N ALA B 1466 32.69 -64.99 36.07
CA ALA B 1466 32.97 -63.97 37.09
C ALA B 1466 34.36 -63.39 36.83
N CYS B 1467 34.44 -62.09 36.58
CA CYS B 1467 35.71 -61.42 36.36
C CYS B 1467 36.29 -60.87 37.66
N ASP B 1468 35.52 -60.04 38.35
CA ASP B 1468 35.87 -59.43 39.63
C ASP B 1468 37.12 -58.57 39.56
N SER B 1469 37.56 -58.18 38.37
CA SER B 1469 38.74 -57.36 38.19
C SER B 1469 38.51 -56.15 37.30
N GLY B 1470 37.57 -56.24 36.35
CA GLY B 1470 37.32 -55.12 35.47
C GLY B 1470 36.78 -53.91 36.22
N ALA B 1471 37.28 -52.74 35.85
CA ALA B 1471 36.85 -51.50 36.51
C ALA B 1471 35.46 -51.08 36.08
N SER B 1472 35.15 -51.21 34.79
CA SER B 1472 33.88 -50.77 34.24
C SER B 1472 33.21 -51.90 33.47
N ILE B 1473 31.89 -51.97 33.56
CA ILE B 1473 31.10 -52.96 32.83
C ILE B 1473 29.76 -52.35 32.48
N ARG B 1474 29.25 -52.71 31.31
CA ARG B 1474 27.95 -52.22 30.85
C ARG B 1474 27.42 -53.19 29.80
N TRP B 1475 26.09 -53.28 29.72
CA TRP B 1475 25.44 -54.19 28.78
C TRP B 1475 24.46 -53.41 27.92
N GLN B 1476 24.63 -53.49 26.60
CA GLN B 1476 23.73 -52.88 25.64
C GLN B 1476 23.65 -53.77 24.40
N VAL B 1477 22.54 -53.65 23.68
CA VAL B 1477 22.44 -54.27 22.37
C VAL B 1477 23.24 -53.46 21.37
N VAL B 1478 24.12 -54.12 20.64
CA VAL B 1478 25.11 -53.43 19.80
C VAL B 1478 24.45 -53.16 18.45
N ASP B 1479 23.73 -52.06 18.39
CA ASP B 1479 23.15 -51.52 17.16
C ASP B 1479 24.17 -50.56 16.53
N ARG B 1480 23.73 -49.70 15.63
CA ARG B 1480 24.60 -48.72 14.97
C ARG B 1480 25.36 -47.85 15.95
N ARG B 1481 25.02 -47.93 17.24
CA ARG B 1481 25.65 -47.13 18.28
C ARG B 1481 26.93 -47.75 18.83
N ILE B 1482 27.31 -48.95 18.37
CA ILE B 1482 28.49 -49.63 18.92
C ILE B 1482 29.75 -49.07 18.27
N PRO B 1483 30.73 -48.59 19.05
CA PRO B 1483 32.00 -48.11 18.49
C PRO B 1483 33.04 -49.22 18.34
N LEU B 1484 32.77 -50.14 17.40
CA LEU B 1484 33.74 -51.18 17.08
C LEU B 1484 34.83 -50.62 16.17
N TYR B 1485 35.67 -51.52 15.65
CA TYR B 1485 36.66 -51.13 14.65
C TYR B 1485 35.98 -50.60 13.40
N ALA B 1486 36.64 -49.66 12.73
CA ALA B 1486 36.22 -49.29 11.38
C ALA B 1486 36.38 -50.46 10.42
N ASN B 1487 37.23 -51.43 10.78
CA ASN B 1487 37.29 -52.69 10.04
C ASN B 1487 35.97 -53.43 10.09
N HIS B 1488 35.33 -53.48 11.26
CA HIS B 1488 34.20 -54.36 11.45
C HIS B 1488 32.92 -53.83 10.81
N LYS B 1489 32.85 -52.52 10.52
CA LYS B 1489 31.63 -51.98 9.94
C LYS B 1489 31.43 -52.49 8.51
N THR B 1490 32.51 -52.53 7.72
CA THR B 1490 32.42 -53.06 6.37
C THR B 1490 32.14 -54.57 6.39
N LEU B 1491 32.71 -55.28 7.35
CA LEU B 1491 32.40 -56.71 7.49
C LEU B 1491 30.92 -56.92 7.82
N LEU B 1492 30.37 -56.10 8.71
CA LEU B 1492 28.96 -56.22 9.07
C LEU B 1492 28.06 -55.85 7.90
N GLN B 1493 28.48 -54.89 7.08
CA GLN B 1493 27.68 -54.50 5.91
C GLN B 1493 27.42 -55.70 5.00
N LYS B 1494 28.38 -56.62 4.91
CA LYS B 1494 28.19 -57.82 4.11
C LYS B 1494 27.64 -59.00 4.92
N ALA B 1495 27.89 -59.02 6.22
CA ALA B 1495 27.42 -60.11 7.08
C ALA B 1495 25.99 -59.92 7.54
N ALA B 1496 25.37 -58.79 7.23
CA ALA B 1496 23.94 -58.62 7.54
C ALA B 1496 23.09 -59.67 6.84
N ALA B 1497 23.61 -60.26 5.76
CA ALA B 1497 22.90 -61.32 5.05
C ALA B 1497 22.91 -62.66 5.80
N GLU B 1498 23.67 -62.76 6.89
CA GLU B 1498 23.71 -64.01 7.65
C GLU B 1498 22.33 -64.36 8.19
N PHE B 1499 21.61 -63.37 8.71
CA PHE B 1499 20.24 -63.55 9.17
C PHE B 1499 19.20 -63.01 8.20
N GLY B 1500 19.59 -62.13 7.29
CA GLY B 1500 18.64 -61.55 6.35
C GLY B 1500 17.78 -60.45 6.90
N ALA B 1501 18.00 -60.03 8.14
CA ALA B 1501 17.19 -58.98 8.73
C ALA B 1501 17.64 -57.61 8.24
N HIS B 1502 16.78 -56.61 8.46
CA HIS B 1502 17.05 -55.24 8.06
C HIS B 1502 17.74 -54.52 9.22
N TYR B 1503 18.98 -54.11 9.01
CA TYR B 1503 19.75 -53.43 10.05
C TYR B 1503 19.35 -51.95 10.14
N SER C 60 46.70 34.04 -39.70
CA SER C 60 46.33 34.62 -40.99
C SER C 60 47.51 34.56 -41.96
N SER C 61 48.68 34.21 -41.45
CA SER C 61 49.89 34.12 -42.27
C SER C 61 50.41 32.68 -42.36
N TRP C 62 49.76 31.73 -41.71
CA TRP C 62 50.20 30.34 -41.76
C TRP C 62 49.48 29.54 -42.83
N ILE C 63 48.24 29.90 -43.14
CA ILE C 63 47.43 29.25 -44.17
C ILE C 63 47.75 30.03 -45.46
N PRO C 64 47.11 29.76 -46.61
CA PRO C 64 47.85 29.69 -47.89
C PRO C 64 49.37 29.57 -47.83
N GLU C 65 49.91 28.92 -46.79
CA GLU C 65 51.31 28.55 -46.73
C GLU C 65 51.54 27.10 -46.35
N ASN C 66 50.65 26.50 -45.55
CA ASN C 66 50.76 25.10 -45.18
C ASN C 66 49.55 24.26 -45.61
N ILE C 67 48.49 24.90 -46.09
CA ILE C 67 47.30 24.21 -46.58
C ILE C 67 47.13 24.55 -48.05
N LYS C 68 46.98 23.51 -48.88
CA LYS C 68 46.96 23.66 -50.32
C LYS C 68 45.60 23.23 -50.87
N LYS C 69 45.46 23.32 -52.20
CA LYS C 69 44.22 23.01 -52.88
C LYS C 69 44.54 22.28 -54.18
N LYS C 70 43.57 21.49 -54.65
CA LYS C 70 43.76 20.75 -55.90
C LYS C 70 42.71 21.19 -56.91
N GLU C 71 43.16 21.53 -58.11
CA GLU C 71 42.31 22.04 -59.18
C GLU C 71 42.57 21.25 -60.45
N CYS C 72 41.79 21.53 -61.49
CA CYS C 72 41.93 20.89 -62.79
C CYS C 72 42.63 21.85 -63.75
N VAL C 73 43.73 21.40 -64.34
CA VAL C 73 44.64 22.30 -65.06
C VAL C 73 44.32 22.42 -66.55
N TYR C 74 43.40 21.63 -67.07
CA TYR C 74 43.01 21.78 -68.47
C TYR C 74 41.58 21.29 -68.65
N PHE C 75 40.98 21.71 -69.76
CA PHE C 75 39.56 21.46 -70.03
C PHE C 75 39.42 20.50 -71.19
N VAL C 76 38.41 19.64 -71.14
CA VAL C 76 38.12 18.70 -72.20
C VAL C 76 36.80 18.97 -72.91
N GLU C 77 35.99 19.91 -72.41
CA GLU C 77 34.67 20.25 -72.92
C GLU C 77 33.90 19.04 -73.46
N SER C 78 33.73 18.00 -72.64
CA SER C 78 32.91 16.87 -73.04
C SER C 78 31.45 17.30 -73.16
N SER C 79 30.73 16.68 -74.09
CA SER C 79 29.37 17.08 -74.43
C SER C 79 28.43 16.68 -73.29
N LYS C 80 28.36 17.55 -72.27
CA LYS C 80 27.44 17.39 -71.16
C LYS C 80 26.77 18.72 -70.89
N LEU C 81 25.45 18.70 -70.72
CA LEU C 81 24.67 19.91 -70.51
C LEU C 81 24.53 20.29 -69.04
N SER C 82 24.93 19.42 -68.11
CA SER C 82 24.83 19.68 -66.68
C SER C 82 23.40 20.05 -66.28
N ASP C 83 22.44 19.26 -66.78
CA ASP C 83 21.02 19.49 -66.54
C ASP C 83 20.61 20.88 -67.02
N ALA C 84 20.33 21.78 -66.09
CA ALA C 84 19.99 23.17 -66.42
C ALA C 84 21.27 23.97 -66.45
N GLY C 85 21.83 24.16 -67.65
CA GLY C 85 23.08 24.88 -67.79
C GLY C 85 23.47 24.98 -69.26
N LYS C 86 24.64 25.57 -69.48
CA LYS C 86 25.17 25.80 -70.82
C LYS C 86 26.60 25.26 -70.88
N VAL C 87 26.72 24.01 -71.30
CA VAL C 87 27.95 23.23 -71.56
C VAL C 87 28.90 23.20 -70.36
N VAL C 88 29.58 22.07 -70.18
CA VAL C 88 30.53 21.89 -69.10
C VAL C 88 31.73 21.12 -69.63
N CYS C 89 32.89 21.36 -69.01
CA CYS C 89 34.10 20.64 -69.38
C CYS C 89 33.97 19.16 -69.07
N GLN C 90 33.76 18.85 -67.79
CA GLN C 90 33.93 17.57 -67.10
C GLN C 90 34.63 17.92 -65.80
N CYS C 91 35.38 19.03 -65.84
CA CYS C 91 35.93 19.62 -64.63
C CYS C 91 34.82 20.04 -63.67
N GLY C 92 33.63 20.32 -64.20
CA GLY C 92 32.53 20.86 -63.44
C GLY C 92 32.34 22.35 -63.58
N TYR C 93 33.38 23.07 -64.02
CA TYR C 93 33.28 24.50 -64.27
C TYR C 93 33.04 24.73 -65.76
N THR C 94 33.03 25.99 -66.17
CA THR C 94 32.83 26.36 -67.56
C THR C 94 34.11 27.00 -68.10
N HIS C 95 34.13 27.20 -69.43
CA HIS C 95 35.29 27.81 -70.07
C HIS C 95 35.50 29.24 -69.60
N GLU C 96 34.41 29.95 -69.31
CA GLU C 96 34.53 31.34 -68.88
C GLU C 96 35.27 31.46 -67.56
N GLN C 97 35.01 30.54 -66.62
CA GLN C 97 35.71 30.49 -65.33
C GLN C 97 36.30 29.11 -65.15
N HIS C 98 37.50 28.89 -65.71
CA HIS C 98 38.25 27.64 -65.54
C HIS C 98 39.68 28.07 -65.25
N LEU C 99 39.97 28.33 -63.97
CA LEU C 99 41.21 28.96 -63.54
C LEU C 99 41.53 30.20 -64.36
N GLU C 100 42.82 30.44 -64.63
CA GLU C 100 43.25 31.59 -65.41
C GLU C 100 43.81 31.21 -66.77
N GLU C 101 44.66 30.19 -66.84
CA GLU C 101 45.19 29.71 -68.11
C GLU C 101 44.71 28.30 -68.44
N ALA C 102 43.94 27.67 -67.55
CA ALA C 102 43.50 26.30 -67.80
C ALA C 102 42.43 26.22 -68.87
N THR C 103 41.76 27.35 -69.17
CA THR C 103 40.78 27.36 -70.24
C THR C 103 41.42 27.05 -71.58
N LYS C 104 42.56 27.67 -71.86
CA LYS C 104 43.32 27.33 -73.05
C LYS C 104 43.92 25.94 -72.93
N PRO C 105 43.98 25.17 -74.02
CA PRO C 105 44.54 23.81 -73.92
C PRO C 105 46.05 23.85 -73.82
N HIS C 106 46.59 23.13 -72.84
CA HIS C 106 48.03 23.04 -72.63
C HIS C 106 48.59 21.98 -73.57
N THR C 107 48.81 22.39 -74.82
CA THR C 107 49.27 21.52 -75.91
C THR C 107 48.26 20.38 -76.03
N PHE C 108 48.67 19.12 -76.03
CA PHE C 108 47.76 17.98 -76.10
C PHE C 108 48.13 17.01 -74.98
N GLN C 109 47.58 17.26 -73.79
CA GLN C 109 47.85 16.37 -72.66
C GLN C 109 47.08 15.06 -72.81
N GLY C 110 45.82 15.13 -73.25
CA GLY C 110 45.01 13.94 -73.43
C GLY C 110 43.61 14.25 -73.91
N THR C 111 43.06 13.38 -74.75
CA THR C 111 41.72 13.56 -75.29
C THR C 111 40.63 12.90 -74.45
N GLN C 112 41.01 12.25 -73.35
CA GLN C 112 40.05 11.62 -72.45
C GLN C 112 40.29 12.14 -71.05
N TRP C 113 39.21 12.18 -70.26
CA TRP C 113 39.23 12.80 -68.94
C TRP C 113 39.44 11.72 -67.88
N ASP C 114 40.49 11.89 -67.08
CA ASP C 114 40.68 11.16 -65.84
C ASP C 114 41.46 12.12 -64.95
N PRO C 115 40.92 12.50 -63.79
CA PRO C 115 41.41 13.69 -63.08
C PRO C 115 42.83 13.59 -62.55
N LYS C 116 43.15 12.48 -61.88
CA LYS C 116 44.33 12.45 -61.01
C LYS C 116 45.64 12.56 -61.78
N LYS C 117 45.65 12.20 -63.07
CA LYS C 117 46.93 12.09 -63.77
C LYS C 117 47.50 13.46 -64.14
N HIS C 118 46.66 14.48 -64.30
CA HIS C 118 47.12 15.77 -64.81
C HIS C 118 47.07 16.90 -63.80
N VAL C 119 46.37 16.74 -62.69
CA VAL C 119 46.11 17.83 -61.76
C VAL C 119 47.37 18.10 -60.93
N GLN C 120 47.61 19.37 -60.64
CA GLN C 120 48.69 19.79 -59.77
C GLN C 120 48.15 20.77 -58.73
N GLU C 121 49.05 21.25 -57.88
CA GLU C 121 48.65 21.92 -56.64
C GLU C 121 48.77 23.43 -56.75
N MET C 122 47.74 24.13 -56.26
CA MET C 122 47.73 25.57 -56.06
C MET C 122 47.21 25.84 -54.66
N PRO C 123 47.61 26.96 -54.05
CA PRO C 123 47.22 27.24 -52.66
C PRO C 123 45.74 27.60 -52.54
N THR C 124 45.28 27.61 -51.30
CA THR C 124 43.89 27.91 -50.98
C THR C 124 43.62 29.40 -51.02
N ASP C 125 42.33 29.75 -51.15
CA ASP C 125 41.92 31.15 -51.15
C ASP C 125 40.63 31.39 -50.36
N ALA C 126 40.15 30.41 -49.59
CA ALA C 126 38.94 30.55 -48.81
C ALA C 126 39.28 30.36 -47.33
N PHE C 127 39.29 31.46 -46.59
CA PHE C 127 39.61 31.45 -45.17
C PHE C 127 38.96 32.65 -44.51
N GLY C 128 38.62 32.50 -43.23
CA GLY C 128 38.08 33.61 -42.48
C GLY C 128 37.03 33.13 -41.50
N ASP C 129 36.18 34.07 -41.09
CA ASP C 129 35.12 33.81 -40.12
C ASP C 129 33.81 34.35 -40.68
N ILE C 130 32.78 33.51 -40.73
CA ILE C 130 31.50 33.88 -41.31
C ILE C 130 30.61 34.50 -40.25
N VAL C 131 30.00 35.63 -40.58
CA VAL C 131 28.99 36.30 -39.75
C VAL C 131 27.75 36.49 -40.60
N PHE C 132 26.60 36.07 -40.08
CA PHE C 132 25.38 36.16 -40.87
C PHE C 132 24.64 37.46 -40.58
N THR C 133 23.76 37.82 -41.51
CA THR C 133 23.07 39.11 -41.43
C THR C 133 22.18 39.18 -40.19
N GLY C 134 21.16 38.33 -40.12
CA GLY C 134 20.23 38.37 -39.02
C GLY C 134 20.02 37.06 -38.32
N LEU C 135 20.40 35.96 -38.97
CA LEU C 135 20.18 34.63 -38.38
C LEU C 135 20.99 34.46 -37.10
N SER C 136 22.24 34.88 -37.11
CA SER C 136 23.10 34.75 -35.93
C SER C 136 24.19 35.80 -36.00
N GLN C 137 24.29 36.63 -34.95
CA GLN C 137 25.31 37.66 -34.86
C GLN C 137 26.45 37.12 -34.00
N LYS C 138 27.24 36.23 -34.59
CA LYS C 138 28.35 35.59 -33.89
C LYS C 138 29.43 35.23 -34.89
N VAL C 139 30.64 35.00 -34.37
CA VAL C 139 31.80 34.65 -35.18
C VAL C 139 31.85 33.13 -35.33
N LYS C 140 31.99 32.67 -36.57
CA LYS C 140 32.08 31.24 -36.88
C LYS C 140 33.20 31.05 -37.89
N LYS C 141 34.17 30.20 -37.55
CA LYS C 141 35.38 30.04 -38.35
C LYS C 141 35.18 29.00 -39.44
N TYR C 142 35.83 29.20 -40.58
CA TYR C 142 35.79 28.24 -41.67
C TYR C 142 37.13 28.24 -42.40
N VAL C 143 37.51 27.07 -42.90
CA VAL C 143 38.75 26.88 -43.64
C VAL C 143 38.46 26.01 -44.86
N ARG C 144 39.32 26.12 -45.87
CA ARG C 144 39.23 25.32 -47.08
C ARG C 144 40.39 24.33 -47.12
N VAL C 145 40.07 23.07 -47.41
CA VAL C 145 41.03 21.97 -47.33
C VAL C 145 41.00 21.23 -48.68
N SER C 146 42.12 20.58 -49.01
CA SER C 146 42.25 19.78 -50.20
C SER C 146 41.95 18.31 -49.87
N GLN C 147 41.80 17.50 -50.93
CA GLN C 147 41.47 16.09 -50.76
C GLN C 147 42.67 15.26 -50.28
N ASP C 148 43.88 15.63 -50.67
CA ASP C 148 45.08 14.90 -50.29
C ASP C 148 45.74 15.48 -49.04
N THR C 149 45.12 16.47 -48.41
CA THR C 149 45.72 17.10 -47.24
C THR C 149 45.77 16.11 -46.08
N PRO C 150 46.95 15.86 -45.50
CA PRO C 150 47.02 14.96 -44.34
C PRO C 150 46.28 15.54 -43.15
N SER C 151 45.74 14.65 -42.32
CA SER C 151 45.01 15.10 -41.14
C SER C 151 45.94 15.67 -40.07
N SER C 152 47.25 15.40 -40.18
CA SER C 152 48.20 15.91 -39.19
C SER C 152 48.24 17.43 -39.20
N VAL C 153 48.38 18.03 -40.39
CA VAL C 153 48.42 19.48 -40.47
C VAL C 153 47.06 20.09 -40.13
N ILE C 154 45.98 19.36 -40.40
CA ILE C 154 44.66 19.86 -40.04
C ILE C 154 44.49 19.91 -38.52
N TYR C 155 44.93 18.86 -37.82
CA TYR C 155 44.92 18.89 -36.36
C TYR C 155 45.86 19.96 -35.83
N HIS C 156 46.99 20.17 -36.52
CA HIS C 156 47.87 21.29 -36.21
C HIS C 156 47.12 22.61 -36.30
N LEU C 157 46.24 22.74 -37.29
CA LEU C 157 45.43 23.94 -37.45
C LEU C 157 44.42 24.10 -36.32
N MET C 158 43.78 23.00 -35.91
CA MET C 158 42.73 23.11 -34.90
C MET C 158 43.26 23.56 -33.54
N THR C 159 44.43 23.07 -33.12
CA THR C 159 44.81 23.20 -31.72
C THR C 159 45.18 24.63 -31.35
N GLN C 160 46.24 25.18 -31.96
CA GLN C 160 46.71 26.50 -31.59
C GLN C 160 46.44 27.57 -32.64
N HIS C 161 46.05 27.19 -33.86
CA HIS C 161 45.67 28.19 -34.85
C HIS C 161 44.20 28.59 -34.76
N TRP C 162 43.36 27.77 -34.13
CA TRP C 162 41.98 28.13 -33.84
C TRP C 162 41.69 28.25 -32.35
N GLY C 163 42.65 27.98 -31.49
CA GLY C 163 42.44 28.06 -30.05
C GLY C 163 41.46 27.06 -29.50
N LEU C 164 41.58 25.79 -29.91
CA LEU C 164 40.67 24.74 -29.47
C LEU C 164 41.46 23.74 -28.63
N ASP C 165 40.86 23.32 -27.52
CA ASP C 165 41.52 22.41 -26.59
C ASP C 165 41.39 20.96 -27.06
N VAL C 166 42.02 20.06 -26.31
CA VAL C 166 42.05 18.64 -26.69
C VAL C 166 40.66 18.05 -26.54
N PRO C 167 40.19 17.23 -27.48
CA PRO C 167 38.87 16.62 -27.35
C PRO C 167 38.82 15.57 -26.25
N ASN C 168 37.61 15.36 -25.72
CA ASN C 168 37.33 14.27 -24.80
C ASN C 168 36.33 13.26 -25.35
N LEU C 169 35.52 13.65 -26.33
CA LEU C 169 34.60 12.75 -26.99
C LEU C 169 34.39 13.24 -28.41
N LEU C 170 34.24 12.30 -29.34
CA LEU C 170 34.24 12.60 -30.77
C LEU C 170 33.05 11.94 -31.46
N ILE C 171 31.86 12.13 -30.91
CA ILE C 171 30.66 11.57 -31.52
C ILE C 171 30.45 12.20 -32.90
N SER C 172 30.13 11.36 -33.88
CA SER C 172 29.92 11.80 -35.25
C SER C 172 28.49 11.49 -35.68
N VAL C 173 27.87 12.43 -36.39
CA VAL C 173 26.50 12.29 -36.86
C VAL C 173 26.50 12.36 -38.39
N THR C 174 25.92 11.35 -39.02
CA THR C 174 25.72 11.33 -40.46
C THR C 174 24.28 10.93 -40.75
N GLY C 175 23.73 11.48 -41.82
CA GLY C 175 22.36 11.20 -42.16
C GLY C 175 22.03 11.65 -43.57
N GLY C 176 20.76 11.52 -43.93
CA GLY C 176 20.31 11.86 -45.26
C GLY C 176 20.12 13.37 -45.44
N ALA C 177 20.37 13.82 -46.67
CA ALA C 177 20.19 15.23 -47.03
C ALA C 177 19.24 15.31 -48.21
N LYS C 178 18.23 16.18 -48.09
CA LYS C 178 17.15 16.45 -49.03
C LYS C 178 16.29 15.21 -49.32
N ASN C 179 16.61 14.06 -48.71
CA ASN C 179 15.77 12.87 -48.75
C ASN C 179 15.57 12.44 -47.31
N PHE C 180 14.57 13.02 -46.64
CA PHE C 180 14.40 12.76 -45.23
C PHE C 180 12.94 12.98 -44.85
N ASN C 181 12.54 12.41 -43.71
CA ASN C 181 11.18 12.53 -43.20
C ASN C 181 11.24 12.64 -41.69
N MET C 182 10.21 13.24 -41.09
CA MET C 182 10.17 13.51 -39.67
C MET C 182 9.01 12.80 -38.98
N LYS C 183 9.28 12.31 -37.77
CA LYS C 183 8.33 11.77 -36.82
C LYS C 183 8.72 12.19 -35.41
N PRO C 184 7.75 12.37 -34.51
CA PRO C 184 8.02 13.09 -33.25
C PRO C 184 9.03 12.45 -32.30
N ARG C 185 8.80 11.20 -31.90
CA ARG C 185 9.62 10.65 -30.82
C ARG C 185 11.04 10.35 -31.27
N LEU C 186 11.27 10.07 -32.55
CA LEU C 186 12.63 9.99 -33.04
C LEU C 186 13.35 11.33 -32.89
N LYS C 187 12.65 12.42 -33.22
CA LYS C 187 13.21 13.76 -33.03
C LYS C 187 13.52 14.01 -31.56
N SER C 188 12.61 13.63 -30.67
CA SER C 188 12.83 13.83 -29.24
C SER C 188 14.05 13.05 -28.77
N ILE C 189 14.17 11.80 -29.20
CA ILE C 189 15.31 10.97 -28.80
C ILE C 189 16.60 11.58 -29.31
N PHE C 190 16.63 11.98 -30.58
CA PHE C 190 17.84 12.56 -31.16
C PHE C 190 18.25 13.83 -30.43
N ARG C 191 17.29 14.73 -30.18
CA ARG C 191 17.62 15.98 -29.49
C ARG C 191 18.11 15.72 -28.07
N ARG C 192 17.40 14.88 -27.32
CA ARG C 192 17.79 14.62 -25.95
C ARG C 192 19.18 14.01 -25.88
N GLY C 193 19.46 13.03 -26.75
CA GLY C 193 20.79 12.45 -26.80
C GLY C 193 21.84 13.48 -27.15
N LEU C 194 21.53 14.37 -28.11
CA LEU C 194 22.50 15.38 -28.50
C LEU C 194 22.86 16.29 -27.34
N VAL C 195 21.86 16.87 -26.66
CA VAL C 195 22.22 17.80 -25.59
C VAL C 195 22.88 17.07 -24.44
N LYS C 196 22.43 15.85 -24.11
CA LYS C 196 23.04 15.16 -22.98
C LYS C 196 24.49 14.80 -23.27
N VAL C 197 24.80 14.46 -24.53
CA VAL C 197 26.17 14.05 -24.84
C VAL C 197 27.06 15.29 -25.04
N ALA C 198 26.48 16.41 -25.45
CA ALA C 198 27.30 17.57 -25.78
C ALA C 198 27.50 18.48 -24.57
N GLN C 199 26.52 18.56 -23.68
CA GLN C 199 26.62 19.48 -22.55
C GLN C 199 27.65 19.00 -21.54
N THR C 200 27.79 17.69 -21.38
CA THR C 200 28.75 17.15 -20.43
C THR C 200 30.10 16.91 -21.10
N THR C 201 31.16 16.96 -20.29
CA THR C 201 32.53 16.77 -20.76
C THR C 201 32.87 17.74 -21.88
N GLY C 202 33.81 17.35 -22.74
CA GLY C 202 34.21 18.17 -23.86
C GLY C 202 33.94 17.51 -25.19
N ALA C 203 32.75 16.93 -25.33
CA ALA C 203 32.42 16.17 -26.53
C ALA C 203 32.44 17.05 -27.78
N TRP C 204 33.05 16.53 -28.85
CA TRP C 204 33.08 17.18 -30.14
C TRP C 204 32.13 16.43 -31.08
N ILE C 205 31.14 17.14 -31.60
CA ILE C 205 30.15 16.55 -32.50
C ILE C 205 30.58 16.90 -33.92
N ILE C 206 30.76 15.87 -34.74
CA ILE C 206 31.21 16.04 -36.12
C ILE C 206 30.05 15.76 -37.06
N THR C 207 29.79 16.70 -37.97
CA THR C 207 28.64 16.60 -38.86
C THR C 207 28.97 17.40 -40.12
N GLY C 208 28.20 17.19 -41.18
CA GLY C 208 28.50 17.85 -42.44
C GLY C 208 28.18 19.33 -42.42
N GLY C 209 28.13 19.93 -43.61
CA GLY C 209 27.55 21.26 -43.77
C GLY C 209 26.33 21.34 -44.67
N SER C 210 25.13 21.52 -44.08
CA SER C 210 23.89 21.74 -44.81
C SER C 210 22.76 21.90 -43.80
N HIS C 211 21.72 22.66 -44.19
CA HIS C 211 20.51 22.80 -43.37
C HIS C 211 19.35 21.98 -43.92
N THR C 212 19.46 20.65 -43.85
CA THR C 212 18.42 19.78 -44.40
C THR C 212 18.10 18.63 -43.44
N GLY C 213 16.85 18.57 -42.99
CA GLY C 213 16.38 17.43 -42.21
C GLY C 213 17.01 17.34 -40.84
N VAL C 214 17.30 16.11 -40.41
CA VAL C 214 17.96 15.91 -39.12
C VAL C 214 19.32 16.58 -39.12
N MET C 215 19.92 16.73 -40.29
CA MET C 215 21.14 17.49 -40.43
C MET C 215 20.97 18.95 -40.01
N LYS C 216 19.82 19.55 -40.27
CA LYS C 216 19.48 20.87 -39.74
C LYS C 216 19.05 20.81 -38.28
N GLN C 217 18.42 19.71 -37.89
CA GLN C 217 17.87 19.58 -36.56
C GLN C 217 18.94 19.41 -35.48
N VAL C 218 20.09 18.82 -35.83
CA VAL C 218 21.20 18.79 -34.88
C VAL C 218 21.62 20.20 -34.50
N GLY C 219 21.72 21.09 -35.49
CA GLY C 219 22.05 22.47 -35.21
C GLY C 219 20.95 23.21 -34.48
N GLU C 220 19.69 22.96 -34.84
CA GLU C 220 18.61 23.66 -34.16
C GLU C 220 18.54 23.25 -32.69
N ALA C 221 18.88 21.98 -32.41
CA ALA C 221 19.05 21.55 -31.03
C ALA C 221 20.25 22.25 -30.38
N VAL C 222 21.32 22.46 -31.16
CA VAL C 222 22.49 23.16 -30.63
C VAL C 222 22.09 24.54 -30.11
N ARG C 223 21.37 25.33 -30.92
CA ARG C 223 20.95 26.64 -30.43
C ARG C 223 19.81 26.56 -29.42
N ASP C 224 18.98 25.52 -29.50
CA ASP C 224 17.97 25.35 -28.46
C ASP C 224 18.61 25.22 -27.09
N PHE C 225 19.76 24.52 -27.03
CA PHE C 225 20.53 24.47 -25.78
C PHE C 225 21.31 25.76 -25.52
N SER C 226 21.87 26.37 -26.57
CA SER C 226 22.80 27.49 -26.39
C SER C 226 22.09 28.79 -26.05
N LEU C 227 20.81 28.93 -26.41
CA LEU C 227 20.10 30.17 -26.11
C LEU C 227 20.01 30.41 -24.61
N SER C 228 19.81 29.33 -23.84
CA SER C 228 19.81 29.39 -22.38
C SER C 228 21.03 28.62 -21.89
N SER C 229 22.11 29.35 -21.59
CA SER C 229 23.35 28.74 -21.13
C SER C 229 24.01 29.67 -20.13
N SER C 230 24.54 29.08 -19.05
CA SER C 230 25.16 29.88 -17.99
C SER C 230 26.43 30.57 -18.48
N TYR C 231 27.31 29.81 -19.13
CA TYR C 231 28.53 30.41 -19.68
C TYR C 231 28.21 31.28 -20.88
N LYS C 232 27.07 31.06 -21.53
CA LYS C 232 26.62 31.83 -22.69
C LYS C 232 27.62 31.69 -23.84
N GLU C 233 27.47 32.52 -24.86
CA GLU C 233 28.32 32.53 -26.06
C GLU C 233 28.27 31.12 -26.65
N GLY C 234 29.40 30.49 -26.95
CA GLY C 234 29.40 29.16 -27.50
C GLY C 234 29.95 28.11 -26.56
N GLU C 235 29.07 27.26 -26.01
CA GLU C 235 29.47 26.16 -25.16
C GLU C 235 29.66 24.87 -25.95
N LEU C 236 29.50 24.91 -27.26
CA LEU C 236 29.61 23.73 -28.11
C LEU C 236 30.49 24.05 -29.32
N ILE C 237 31.22 23.04 -29.76
CA ILE C 237 32.10 23.16 -30.93
C ILE C 237 31.59 22.15 -31.96
N THR C 238 30.75 22.63 -32.87
CA THR C 238 30.13 21.79 -33.90
C THR C 238 30.85 22.08 -35.22
N ILE C 239 31.54 21.08 -35.75
CA ILE C 239 32.33 21.26 -36.97
C ILE C 239 31.53 20.76 -38.16
N GLY C 240 31.48 21.57 -39.21
CA GLY C 240 30.79 21.21 -40.44
C GLY C 240 31.78 20.87 -41.53
N VAL C 241 31.50 19.79 -42.25
CA VAL C 241 32.32 19.34 -43.38
C VAL C 241 31.48 19.33 -44.64
N ALA C 242 31.99 19.95 -45.71
CA ALA C 242 31.29 20.01 -46.98
C ALA C 242 32.31 20.13 -48.09
N THR C 243 31.84 19.91 -49.32
CA THR C 243 32.68 19.98 -50.52
C THR C 243 32.51 21.35 -51.15
N TRP C 244 33.63 21.98 -51.52
CA TRP C 244 33.57 23.29 -52.16
C TRP C 244 32.75 23.23 -53.44
N GLY C 245 32.78 22.11 -54.15
CA GLY C 245 31.96 21.97 -55.34
C GLY C 245 30.48 22.10 -55.06
N THR C 246 30.05 21.60 -53.90
CA THR C 246 28.64 21.65 -53.50
C THR C 246 28.38 22.83 -52.56
N VAL C 247 28.60 24.04 -53.07
CA VAL C 247 28.34 25.28 -52.33
C VAL C 247 27.58 26.22 -53.25
N HIS C 248 26.42 26.69 -52.80
CA HIS C 248 25.59 27.57 -53.61
C HIS C 248 26.27 28.90 -53.89
N ARG C 249 26.51 29.68 -52.84
CA ARG C 249 27.02 31.05 -52.99
C ARG C 249 28.54 31.08 -52.78
N ARG C 250 29.24 30.46 -53.73
CA ARG C 250 30.70 30.51 -53.71
C ARG C 250 31.23 31.90 -54.05
N GLU C 251 30.49 32.65 -54.87
CA GLU C 251 30.89 33.99 -55.23
C GLU C 251 30.90 34.88 -54.01
N GLY C 252 32.09 35.39 -53.66
CA GLY C 252 32.26 36.17 -52.45
C GLY C 252 32.97 35.44 -51.32
N LEU C 253 33.13 34.12 -51.43
CA LEU C 253 33.84 33.33 -50.44
C LEU C 253 35.33 33.20 -50.74
N ILE C 254 35.81 33.82 -51.81
CA ILE C 254 37.20 33.73 -52.23
C ILE C 254 37.86 35.09 -52.01
N HIS C 255 39.00 35.08 -51.33
CA HIS C 255 39.78 36.28 -51.09
C HIS C 255 41.26 35.99 -51.37
N PRO C 256 42.00 36.98 -51.89
CA PRO C 256 43.41 36.74 -52.20
C PRO C 256 44.26 36.44 -50.97
N THR C 257 44.26 37.36 -50.01
CA THR C 257 44.97 37.16 -48.75
C THR C 257 44.04 37.15 -47.56
N GLY C 258 43.24 38.19 -47.37
CA GLY C 258 42.24 38.18 -46.31
C GLY C 258 41.50 39.49 -46.13
N SER C 259 40.18 39.40 -46.07
CA SER C 259 39.31 40.52 -45.67
C SER C 259 38.45 40.14 -44.47
N PHE C 260 37.93 38.92 -44.45
CA PHE C 260 37.20 38.29 -43.36
C PHE C 260 35.92 39.01 -42.92
N PRO C 261 35.03 39.44 -43.83
CA PRO C 261 33.62 39.58 -43.43
C PRO C 261 32.87 38.28 -43.67
N ALA C 262 33.36 37.51 -44.65
CA ALA C 262 32.83 36.21 -45.04
C ALA C 262 31.31 36.15 -44.99
N GLU C 263 30.65 37.09 -45.67
CA GLU C 263 29.19 37.13 -45.65
C GLU C 263 28.64 35.96 -46.46
N TYR C 264 27.69 35.23 -45.86
CA TYR C 264 27.01 34.11 -46.52
C TYR C 264 25.54 34.17 -46.12
N ILE C 265 24.74 34.87 -46.94
CA ILE C 265 23.31 34.94 -46.69
C ILE C 265 22.68 33.59 -47.01
N LEU C 266 21.77 33.14 -46.15
CA LEU C 266 21.10 31.85 -46.34
C LEU C 266 19.92 32.05 -47.28
N ASP C 267 20.21 31.98 -48.57
CA ASP C 267 19.18 32.15 -49.61
C ASP C 267 18.82 30.76 -50.14
N GLU C 268 17.94 30.07 -49.41
CA GLU C 268 17.52 28.74 -49.80
C GLU C 268 16.61 28.76 -51.03
N ASP C 269 16.03 29.91 -51.37
CA ASP C 269 15.16 29.99 -52.53
C ASP C 269 15.95 29.88 -53.83
N GLY C 270 17.11 30.54 -53.89
CA GLY C 270 17.92 30.56 -55.09
C GLY C 270 18.95 29.47 -55.22
N GLN C 271 18.92 28.47 -54.33
CA GLN C 271 19.91 27.39 -54.40
C GLN C 271 19.76 26.59 -55.69
N GLY C 272 18.52 26.31 -56.11
CA GLY C 272 18.28 25.63 -57.36
C GLY C 272 18.60 24.15 -57.33
N ASN C 273 19.89 23.83 -57.29
CA ASN C 273 20.34 22.44 -57.24
C ASN C 273 21.41 22.16 -56.20
N LEU C 274 22.17 23.16 -55.76
CA LEU C 274 23.22 22.98 -54.75
C LEU C 274 22.71 23.54 -53.44
N THR C 275 22.60 22.67 -52.43
CA THR C 275 22.07 23.09 -51.14
C THR C 275 22.98 24.14 -50.50
N CYS C 276 22.36 25.20 -50.00
CA CYS C 276 23.11 26.26 -49.34
C CYS C 276 23.72 25.74 -48.05
N LEU C 277 24.84 26.34 -47.66
CA LEU C 277 25.46 25.99 -46.39
C LEU C 277 24.56 26.40 -45.23
N ASP C 278 24.59 25.60 -44.18
CA ASP C 278 23.79 25.89 -43.01
C ASP C 278 24.33 27.12 -42.27
N SER C 279 23.45 27.74 -41.48
CA SER C 279 23.86 28.77 -40.53
C SER C 279 24.11 28.17 -39.16
N ASN C 280 24.61 26.94 -39.11
CA ASN C 280 24.36 26.09 -37.96
C ASN C 280 25.60 25.46 -37.35
N HIS C 281 26.74 25.47 -38.03
CA HIS C 281 27.94 24.83 -37.49
C HIS C 281 28.95 25.87 -37.03
N SER C 282 29.50 25.69 -35.82
CA SER C 282 30.42 26.67 -35.27
C SER C 282 31.71 26.76 -36.09
N HIS C 283 32.29 25.61 -36.41
CA HIS C 283 33.44 25.54 -37.29
C HIS C 283 33.05 24.83 -38.58
N PHE C 284 33.70 25.20 -39.68
CA PHE C 284 33.36 24.67 -40.99
C PHE C 284 34.62 24.21 -41.70
N ILE C 285 34.55 23.00 -42.27
CA ILE C 285 35.62 22.44 -43.08
C ILE C 285 35.07 22.28 -44.49
N LEU C 286 35.70 22.94 -45.46
CA LEU C 286 35.22 22.94 -46.84
C LEU C 286 36.31 22.34 -47.73
N VAL C 287 36.07 21.12 -48.19
CA VAL C 287 37.06 20.38 -48.95
C VAL C 287 36.87 20.65 -50.44
N ASP C 288 37.94 20.51 -51.20
CA ASP C 288 37.91 20.63 -52.65
C ASP C 288 38.73 19.52 -53.29
N ASP C 289 38.20 18.93 -54.34
CA ASP C 289 38.88 17.89 -55.11
C ASP C 289 39.04 18.26 -56.58
N GLY C 290 38.48 19.38 -57.02
CA GLY C 290 38.41 19.71 -58.42
C GLY C 290 37.07 19.41 -59.05
N THR C 291 36.11 18.89 -58.29
CA THR C 291 34.79 18.56 -58.78
C THR C 291 33.80 19.65 -58.37
N HIS C 292 32.80 19.87 -59.23
CA HIS C 292 31.79 20.90 -59.05
C HIS C 292 30.44 20.23 -58.86
N GLY C 293 29.82 20.46 -57.70
CA GLY C 293 28.51 19.90 -57.44
C GLY C 293 28.47 18.40 -57.26
N GLN C 294 29.59 17.78 -56.89
CA GLN C 294 29.65 16.33 -56.67
C GLN C 294 29.72 16.06 -55.17
N TYR C 295 28.68 15.42 -54.65
CA TYR C 295 28.63 15.04 -53.24
C TYR C 295 29.37 13.72 -53.02
N GLY C 296 29.57 13.37 -51.75
CA GLY C 296 30.24 12.13 -51.42
C GLY C 296 31.73 12.12 -51.64
N VAL C 297 32.35 13.28 -51.88
CA VAL C 297 33.78 13.35 -52.11
C VAL C 297 34.56 13.31 -50.79
N GLU C 298 34.04 13.97 -49.76
CA GLU C 298 34.74 14.13 -48.49
C GLU C 298 34.59 12.92 -47.58
N ILE C 299 34.08 11.81 -48.08
CA ILE C 299 33.84 10.63 -47.24
C ILE C 299 35.14 10.02 -46.75
N PRO C 300 36.15 9.73 -47.62
CA PRO C 300 37.41 9.16 -47.11
C PRO C 300 38.16 10.12 -46.20
N LEU C 301 38.22 11.39 -46.60
CA LEU C 301 38.99 12.38 -45.85
C LEU C 301 38.40 12.59 -44.46
N ARG C 302 37.07 12.63 -44.36
CA ARG C 302 36.44 12.80 -43.06
C ARG C 302 36.76 11.64 -42.13
N THR C 303 36.71 10.41 -42.65
CA THR C 303 37.05 9.24 -41.84
C THR C 303 38.51 9.28 -41.40
N ARG C 304 39.42 9.64 -42.32
CA ARG C 304 40.83 9.72 -41.95
C ARG C 304 41.05 10.79 -40.89
N LEU C 305 40.41 11.95 -41.04
CA LEU C 305 40.57 13.03 -40.07
C LEU C 305 40.07 12.63 -38.70
N GLU C 306 38.86 12.06 -38.63
CA GLU C 306 38.31 11.67 -37.34
C GLU C 306 39.15 10.57 -36.69
N LYS C 307 39.67 9.64 -37.49
CA LYS C 307 40.56 8.63 -36.95
C LYS C 307 41.80 9.27 -36.33
N PHE C 308 42.48 10.12 -37.11
CA PHE C 308 43.70 10.77 -36.62
C PHE C 308 43.45 11.53 -35.33
N ILE C 309 42.34 12.27 -35.27
CA ILE C 309 42.03 12.98 -34.02
C ILE C 309 41.53 11.99 -32.97
N SER C 310 41.27 10.73 -33.36
CA SER C 310 40.88 9.74 -32.36
C SER C 310 42.07 9.22 -31.58
N GLU C 311 43.03 8.55 -32.23
CA GLU C 311 43.96 7.79 -31.38
C GLU C 311 45.11 8.60 -30.79
N GLN C 312 45.60 9.66 -31.45
CA GLN C 312 46.89 10.22 -31.05
C GLN C 312 46.82 11.73 -30.79
N THR C 313 45.88 12.17 -29.96
CA THR C 313 45.87 13.55 -29.50
C THR C 313 46.25 13.73 -28.03
N LYS C 314 46.53 12.66 -27.29
CA LYS C 314 46.92 12.76 -25.89
C LYS C 314 48.01 11.72 -25.58
N GLU C 315 48.83 12.03 -24.57
CA GLU C 315 49.97 11.18 -24.22
C GLU C 315 49.97 10.78 -22.74
N ARG C 316 48.80 10.71 -22.10
CA ARG C 316 48.74 10.31 -20.71
C ARG C 316 49.25 8.87 -20.55
N GLY C 317 49.94 8.62 -19.45
CA GLY C 317 50.48 7.31 -19.16
C GLY C 317 51.81 7.02 -19.82
N GLY C 318 52.33 7.93 -20.65
CA GLY C 318 53.63 7.76 -21.26
C GLY C 318 53.64 7.00 -22.57
N VAL C 319 52.52 6.43 -22.99
CA VAL C 319 52.50 5.67 -24.25
C VAL C 319 51.46 6.21 -25.22
N ALA C 320 50.18 6.14 -24.88
CA ALA C 320 49.10 6.56 -25.77
C ALA C 320 47.74 6.52 -25.09
N ILE C 321 46.85 7.43 -25.49
CA ILE C 321 45.47 7.45 -25.01
C ILE C 321 44.54 7.52 -26.21
N LYS C 322 43.58 6.61 -26.27
CA LYS C 322 42.63 6.51 -27.37
C LYS C 322 41.31 7.13 -26.93
N ILE C 323 40.96 8.26 -27.51
CA ILE C 323 39.73 8.97 -27.15
C ILE C 323 38.53 8.21 -27.72
N PRO C 324 37.52 7.92 -26.90
CA PRO C 324 36.35 7.17 -27.40
C PRO C 324 35.67 7.89 -28.55
N ILE C 325 35.26 7.12 -29.55
CA ILE C 325 34.71 7.63 -30.79
C ILE C 325 33.54 6.76 -31.23
N VAL C 326 32.45 7.40 -31.64
CA VAL C 326 31.28 6.71 -32.19
C VAL C 326 30.71 7.57 -33.31
N CYS C 327 30.32 6.92 -34.41
CA CYS C 327 29.58 7.55 -35.49
C CYS C 327 28.19 6.94 -35.56
N VAL C 328 27.17 7.79 -35.52
CA VAL C 328 25.77 7.37 -35.51
C VAL C 328 25.13 7.80 -36.82
N VAL C 329 24.30 6.92 -37.39
CA VAL C 329 23.66 7.14 -38.68
C VAL C 329 22.15 7.14 -38.49
N LEU C 330 21.48 8.09 -39.15
CA LEU C 330 20.03 8.18 -39.15
C LEU C 330 19.55 8.28 -40.59
N GLU C 331 18.70 7.35 -41.02
CA GLU C 331 18.25 7.22 -42.41
C GLU C 331 19.50 7.11 -43.29
N GLY C 332 19.53 7.76 -44.45
CA GLY C 332 20.71 7.77 -45.30
C GLY C 332 20.43 7.19 -46.67
N GLY C 333 21.51 7.06 -47.43
CA GLY C 333 21.45 6.46 -48.75
C GLY C 333 22.79 5.88 -49.16
N PRO C 334 23.16 6.07 -50.43
CA PRO C 334 24.47 5.57 -50.88
C PRO C 334 25.64 6.28 -50.21
N GLY C 335 25.56 7.60 -50.05
CA GLY C 335 26.62 8.32 -49.38
C GLY C 335 26.80 7.90 -47.94
N THR C 336 25.69 7.68 -47.24
CA THR C 336 25.76 7.16 -45.87
C THR C 336 26.38 5.78 -45.85
N LEU C 337 26.04 4.94 -46.82
CA LEU C 337 26.63 3.60 -46.92
C LEU C 337 28.14 3.69 -47.11
N HIS C 338 28.60 4.58 -47.99
CA HIS C 338 30.03 4.77 -48.19
C HIS C 338 30.69 5.30 -46.92
N THR C 339 30.02 6.22 -46.22
CA THR C 339 30.57 6.74 -44.97
C THR C 339 30.75 5.63 -43.94
N ILE C 340 29.73 4.79 -43.79
CA ILE C 340 29.81 3.69 -42.82
C ILE C 340 30.89 2.69 -43.23
N ASP C 341 31.01 2.41 -44.53
CA ASP C 341 32.02 1.47 -45.00
C ASP C 341 33.42 1.98 -44.72
N ASN C 342 33.70 3.24 -45.09
CA ASN C 342 35.02 3.82 -44.83
C ASN C 342 35.29 3.91 -43.33
N ALA C 343 34.26 4.25 -42.55
CA ALA C 343 34.44 4.33 -41.11
C ALA C 343 34.77 2.96 -40.51
N THR C 344 34.10 1.91 -40.98
CA THR C 344 34.38 0.58 -40.47
C THR C 344 35.77 0.11 -40.89
N THR C 345 36.18 0.43 -42.12
CA THR C 345 37.53 0.06 -42.55
C THR C 345 38.59 0.76 -41.72
N ASN C 346 38.37 2.04 -41.39
CA ASN C 346 39.36 2.77 -40.61
C ASN C 346 39.41 2.30 -39.15
N GLY C 347 38.31 1.80 -38.62
CA GLY C 347 38.33 1.29 -37.26
C GLY C 347 37.48 2.05 -36.27
N THR C 348 36.28 2.47 -36.68
CA THR C 348 35.40 3.28 -35.84
C THR C 348 34.17 2.49 -35.43
N PRO C 349 33.85 2.42 -34.14
CA PRO C 349 32.55 1.86 -33.74
C PRO C 349 31.41 2.67 -34.34
N CYS C 350 30.37 1.97 -34.79
CA CYS C 350 29.21 2.61 -35.39
C CYS C 350 27.94 2.06 -34.76
N VAL C 351 26.97 2.95 -34.59
CA VAL C 351 25.66 2.60 -34.02
C VAL C 351 24.59 3.11 -34.96
N VAL C 352 23.57 2.28 -35.20
CA VAL C 352 22.43 2.63 -36.04
C VAL C 352 21.19 2.67 -35.17
N VAL C 353 20.44 3.76 -35.26
CA VAL C 353 19.19 3.92 -34.53
C VAL C 353 18.07 3.41 -35.40
N GLU C 354 17.44 2.31 -34.98
CA GLU C 354 16.41 1.68 -35.81
C GLU C 354 15.15 2.55 -35.83
N GLY C 355 14.37 2.37 -36.90
CA GLY C 355 13.15 3.11 -37.08
C GLY C 355 13.29 4.39 -37.87
N SER C 356 14.52 4.88 -38.09
CA SER C 356 14.71 6.12 -38.82
C SER C 356 14.12 6.04 -40.22
N GLY C 357 14.45 4.99 -40.95
CA GLY C 357 13.79 4.78 -42.22
C GLY C 357 14.77 4.53 -43.35
N ARG C 358 14.53 3.45 -44.10
CA ARG C 358 15.13 3.16 -45.40
C ARG C 358 16.59 2.76 -45.31
N VAL C 359 17.21 2.96 -44.15
CA VAL C 359 18.56 2.43 -43.91
C VAL C 359 18.70 1.70 -42.58
N ALA C 360 17.88 2.01 -41.57
CA ALA C 360 18.12 1.47 -40.24
C ALA C 360 17.77 -0.01 -40.16
N ASP C 361 16.62 -0.40 -40.74
CA ASP C 361 16.19 -1.79 -40.63
C ASP C 361 17.12 -2.73 -41.39
N VAL C 362 17.60 -2.30 -42.56
CA VAL C 362 18.45 -3.16 -43.38
C VAL C 362 19.73 -3.51 -42.62
N ILE C 363 20.38 -2.50 -42.03
CA ILE C 363 21.56 -2.76 -41.22
C ILE C 363 21.21 -3.52 -39.96
N ALA C 364 20.03 -3.25 -39.37
CA ALA C 364 19.65 -3.89 -38.12
C ALA C 364 19.49 -5.40 -38.29
N GLN C 365 18.89 -5.83 -39.40
CA GLN C 365 18.62 -7.25 -39.63
C GLN C 365 19.71 -7.95 -40.41
N VAL C 366 20.88 -7.32 -40.58
CA VAL C 366 22.06 -7.99 -41.13
C VAL C 366 23.28 -7.83 -40.24
N ALA C 367 23.16 -7.09 -39.13
CA ALA C 367 24.32 -6.80 -38.29
C ALA C 367 24.91 -8.07 -37.69
N ASN C 368 24.13 -8.78 -36.89
CA ASN C 368 24.59 -10.00 -36.25
C ASN C 368 24.34 -11.26 -37.09
N LEU C 369 23.65 -11.12 -38.22
CA LEU C 369 23.40 -12.26 -39.08
C LEU C 369 24.67 -12.67 -39.83
N PRO C 370 24.79 -13.94 -40.20
CA PRO C 370 25.97 -14.38 -40.95
C PRO C 370 26.11 -13.65 -42.27
N VAL C 371 27.36 -13.39 -42.65
CA VAL C 371 27.64 -12.65 -43.88
C VAL C 371 27.33 -13.51 -45.11
N SER C 372 27.52 -14.82 -45.02
CA SER C 372 27.41 -15.69 -46.19
C SER C 372 26.00 -15.69 -46.76
N ASP C 373 24.99 -15.85 -45.90
CA ASP C 373 23.62 -15.94 -46.37
C ASP C 373 23.10 -14.62 -46.95
N ILE C 374 23.77 -13.51 -46.68
CA ILE C 374 23.41 -12.23 -47.29
C ILE C 374 23.78 -12.32 -48.76
N THR C 375 22.78 -12.47 -49.62
CA THR C 375 22.96 -12.63 -51.05
C THR C 375 22.48 -11.39 -51.78
N ILE C 376 22.69 -11.36 -53.08
CA ILE C 376 22.10 -10.31 -53.89
C ILE C 376 20.59 -10.40 -53.86
N SER C 377 20.04 -11.62 -53.91
CA SER C 377 18.60 -11.80 -53.88
C SER C 377 18.01 -11.22 -52.61
N LEU C 378 18.67 -11.47 -51.47
CA LEU C 378 18.27 -10.81 -50.22
C LEU C 378 18.29 -9.30 -50.38
N ILE C 379 19.21 -8.76 -51.18
CA ILE C 379 19.26 -7.32 -51.40
C ILE C 379 18.02 -6.85 -52.14
N GLN C 380 17.59 -7.57 -53.19
CA GLN C 380 16.34 -7.18 -53.84
C GLN C 380 15.13 -7.35 -52.93
N GLN C 381 15.10 -8.38 -52.08
CA GLN C 381 13.99 -8.43 -51.13
C GLN C 381 14.06 -7.29 -50.11
N LYS C 382 15.26 -6.76 -49.87
CA LYS C 382 15.42 -5.55 -49.07
C LYS C 382 15.38 -4.28 -49.91
N LEU C 383 15.20 -4.40 -51.23
CA LEU C 383 15.15 -3.26 -52.14
C LEU C 383 13.72 -2.76 -52.36
N SER C 384 12.71 -3.47 -51.88
CA SER C 384 11.33 -3.15 -52.18
C SER C 384 10.58 -2.46 -51.04
N VAL C 385 11.07 -2.56 -49.81
CA VAL C 385 10.38 -2.01 -48.65
C VAL C 385 11.09 -0.79 -48.07
N PHE C 386 12.43 -0.80 -48.08
CA PHE C 386 13.21 0.31 -47.56
C PHE C 386 14.09 0.95 -48.62
N PHE C 387 13.82 0.72 -49.89
CA PHE C 387 14.42 1.43 -51.01
C PHE C 387 13.35 1.89 -51.97
N GLN C 388 12.21 2.33 -51.44
CA GLN C 388 11.06 2.66 -52.26
C GLN C 388 11.27 3.95 -53.04
N GLU C 389 11.49 5.06 -52.34
CA GLU C 389 11.62 6.37 -52.97
C GLU C 389 12.95 6.55 -53.69
N MET C 390 13.97 5.76 -53.36
CA MET C 390 15.27 5.85 -54.00
C MET C 390 15.47 4.77 -55.06
N PHE C 391 14.44 3.99 -55.37
CA PHE C 391 14.58 2.95 -56.38
C PHE C 391 14.82 3.54 -57.76
N GLU C 392 14.25 4.71 -58.02
CA GLU C 392 14.39 5.33 -59.34
C GLU C 392 15.84 5.69 -59.63
N THR C 393 16.54 6.26 -58.65
CA THR C 393 17.94 6.63 -58.88
C THR C 393 18.87 5.44 -58.83
N PHE C 394 18.43 4.33 -58.26
CA PHE C 394 19.26 3.14 -58.20
C PHE C 394 19.09 2.30 -59.46
N THR C 395 20.20 2.05 -60.15
CA THR C 395 20.22 1.21 -61.34
C THR C 395 20.84 -0.15 -61.00
N GLU C 396 20.74 -1.07 -61.96
CA GLU C 396 21.24 -2.42 -61.73
C GLU C 396 22.74 -2.42 -61.47
N SER C 397 23.50 -1.63 -62.23
CA SER C 397 24.92 -1.47 -61.96
C SER C 397 25.18 -0.71 -60.66
N ARG C 398 24.17 0.00 -60.14
CA ARG C 398 24.30 0.75 -58.91
C ARG C 398 23.65 0.07 -57.71
N ILE C 399 22.70 -0.84 -57.95
CA ILE C 399 22.09 -1.58 -56.85
C ILE C 399 23.09 -2.53 -56.21
N VAL C 400 23.90 -3.21 -57.03
CA VAL C 400 24.77 -4.26 -56.53
C VAL C 400 25.95 -3.76 -55.71
N GLU C 401 26.16 -2.44 -55.63
CA GLU C 401 27.19 -1.93 -54.75
C GLU C 401 26.75 -1.91 -53.29
N TRP C 402 25.48 -2.21 -53.02
CA TRP C 402 24.94 -2.21 -51.66
C TRP C 402 25.25 -3.49 -50.91
N THR C 403 25.88 -4.48 -51.53
CA THR C 403 26.19 -5.72 -50.85
C THR C 403 27.65 -5.80 -50.38
N LYS C 404 28.57 -5.17 -51.12
CA LYS C 404 29.97 -5.14 -50.68
C LYS C 404 30.14 -4.33 -49.41
N LYS C 405 29.59 -3.12 -49.36
CA LYS C 405 29.81 -2.26 -48.20
C LYS C 405 29.13 -2.83 -46.97
N ILE C 406 27.91 -3.35 -47.11
CA ILE C 406 27.23 -3.95 -45.97
C ILE C 406 28.01 -5.16 -45.46
N GLN C 407 28.49 -6.02 -46.37
CA GLN C 407 29.27 -7.17 -45.93
C GLN C 407 30.54 -6.73 -45.20
N ASP C 408 31.21 -5.70 -45.72
CA ASP C 408 32.44 -5.22 -45.09
C ASP C 408 32.16 -4.69 -43.70
N ILE C 409 31.07 -3.95 -43.51
CA ILE C 409 30.75 -3.43 -42.19
C ILE C 409 30.33 -4.56 -41.24
N VAL C 410 29.52 -5.51 -41.74
CA VAL C 410 28.99 -6.56 -40.89
C VAL C 410 30.09 -7.49 -40.41
N ARG C 411 30.99 -7.91 -41.31
CA ARG C 411 32.00 -8.89 -40.93
C ARG C 411 32.94 -8.36 -39.85
N ARG C 412 32.97 -7.05 -39.64
CA ARG C 412 33.66 -6.46 -38.50
C ARG C 412 32.63 -6.15 -37.41
N ARG C 413 32.18 -7.21 -36.75
CA ARG C 413 31.12 -7.11 -35.74
C ARG C 413 31.55 -6.35 -34.49
N GLN C 414 32.85 -6.12 -34.30
CA GLN C 414 33.33 -5.41 -33.12
C GLN C 414 33.15 -3.90 -33.23
N LEU C 415 32.75 -3.39 -34.40
CA LEU C 415 32.65 -1.95 -34.62
C LEU C 415 31.25 -1.52 -35.07
N LEU C 416 30.25 -2.38 -34.96
CA LEU C 416 28.88 -2.00 -35.31
C LEU C 416 27.92 -2.58 -34.29
N THR C 417 26.96 -1.74 -33.86
CA THR C 417 25.90 -2.17 -32.96
C THR C 417 24.59 -1.54 -33.41
N VAL C 418 23.49 -2.16 -33.01
CA VAL C 418 22.16 -1.70 -33.36
C VAL C 418 21.42 -1.29 -32.09
N PHE C 419 20.76 -0.14 -32.14
CA PHE C 419 20.04 0.42 -31.00
C PHE C 419 18.56 0.23 -31.21
N ARG C 420 17.96 -0.67 -30.42
CA ARG C 420 16.52 -0.89 -30.50
C ARG C 420 15.76 0.34 -30.01
N GLU C 421 14.76 0.76 -30.78
CA GLU C 421 13.99 1.94 -30.41
C GLU C 421 12.99 1.65 -29.31
N GLY C 422 12.43 0.44 -29.29
CA GLY C 422 11.33 0.15 -28.37
C GLY C 422 11.60 -0.81 -27.23
N LYS C 423 12.40 -1.85 -27.45
CA LYS C 423 12.50 -2.95 -26.51
C LYS C 423 13.85 -3.07 -25.81
N ASP C 424 14.93 -2.58 -26.40
CA ASP C 424 16.25 -2.66 -25.80
C ASP C 424 16.84 -1.27 -25.68
N GLY C 425 17.37 -0.95 -24.50
CA GLY C 425 17.93 0.36 -24.26
C GLY C 425 16.91 1.47 -24.39
N GLN C 426 15.75 1.31 -23.76
CA GLN C 426 14.68 2.29 -23.89
C GLN C 426 15.05 3.56 -23.14
N GLN C 427 16.01 4.30 -23.67
CA GLN C 427 16.50 5.54 -23.07
C GLN C 427 17.19 6.31 -24.20
N ASP C 428 17.84 7.40 -23.83
CA ASP C 428 18.59 8.18 -24.81
C ASP C 428 19.79 7.37 -25.31
N VAL C 429 20.50 7.96 -26.28
CA VAL C 429 21.51 7.23 -27.05
C VAL C 429 22.76 6.92 -26.23
N ASP C 430 22.78 7.37 -24.97
CA ASP C 430 23.97 7.15 -24.13
C ASP C 430 24.25 5.66 -23.95
N VAL C 431 23.20 4.87 -23.71
CA VAL C 431 23.41 3.44 -23.46
C VAL C 431 24.01 2.76 -24.69
N ALA C 432 23.48 3.05 -25.87
CA ALA C 432 24.01 2.46 -27.09
C ALA C 432 25.45 2.90 -27.35
N ILE C 433 25.73 4.20 -27.17
CA ILE C 433 27.07 4.70 -27.43
C ILE C 433 28.08 4.06 -26.48
N LEU C 434 27.73 3.98 -25.18
CA LEU C 434 28.67 3.40 -24.22
C LEU C 434 28.83 1.91 -24.45
N GLN C 435 27.77 1.22 -24.86
CA GLN C 435 27.89 -0.20 -25.19
C GLN C 435 28.85 -0.40 -26.36
N ALA C 436 28.73 0.45 -27.39
CA ALA C 436 29.65 0.36 -28.52
C ALA C 436 31.09 0.65 -28.08
N LEU C 437 31.27 1.66 -27.23
CA LEU C 437 32.62 2.00 -26.76
C LEU C 437 33.23 0.87 -25.96
N LEU C 438 32.47 0.25 -25.05
CA LEU C 438 33.01 -0.84 -24.28
C LEU C 438 33.24 -2.10 -25.11
N LYS C 439 32.40 -2.35 -26.12
CA LYS C 439 32.61 -3.50 -26.98
C LYS C 439 33.84 -3.34 -27.84
N ALA C 440 34.06 -2.16 -28.40
CA ALA C 440 35.18 -1.91 -29.30
C ALA C 440 36.42 -1.37 -28.61
N SER C 441 36.38 -1.23 -27.28
CA SER C 441 37.49 -0.66 -26.53
C SER C 441 38.12 -1.63 -25.56
N ARG C 442 37.31 -2.33 -24.76
CA ARG C 442 37.83 -3.24 -23.76
C ARG C 442 37.99 -4.66 -24.30
N SER C 443 36.99 -5.16 -25.03
CA SER C 443 37.05 -6.50 -25.59
C SER C 443 37.89 -6.58 -26.85
N GLN C 444 38.26 -5.44 -27.44
CA GLN C 444 39.05 -5.47 -28.66
C GLN C 444 40.48 -5.93 -28.38
N ASP C 445 41.07 -6.60 -29.38
CA ASP C 445 42.41 -7.14 -29.23
C ASP C 445 43.51 -6.09 -29.35
N HIS C 446 43.18 -4.90 -29.86
CA HIS C 446 44.20 -3.89 -30.16
C HIS C 446 44.45 -2.94 -28.99
N PHE C 447 43.39 -2.43 -28.35
CA PHE C 447 43.55 -1.39 -27.35
C PHE C 447 44.17 -1.94 -26.08
N GLY C 448 44.91 -1.08 -25.38
CA GLY C 448 45.59 -1.46 -24.16
C GLY C 448 44.77 -1.20 -22.92
N HIS C 449 45.47 -1.14 -21.79
CA HIS C 449 44.84 -0.99 -20.48
C HIS C 449 44.75 0.46 -20.01
N GLU C 450 45.34 1.41 -20.76
CA GLU C 450 45.37 2.79 -20.29
C GLU C 450 44.00 3.45 -20.43
N ASN C 451 43.28 3.15 -21.52
CA ASN C 451 42.03 3.84 -21.80
C ASN C 451 40.91 3.38 -20.88
N TRP C 452 41.12 2.27 -20.16
CA TRP C 452 40.12 1.76 -19.23
C TRP C 452 39.69 2.89 -18.30
N ASP C 453 40.67 3.59 -17.73
CA ASP C 453 40.40 4.67 -16.81
C ASP C 453 39.57 5.76 -17.45
N HIS C 454 39.53 5.81 -18.79
CA HIS C 454 38.76 6.83 -19.48
C HIS C 454 37.35 6.39 -19.83
N GLN C 455 37.10 5.10 -20.08
CA GLN C 455 35.69 4.71 -20.22
C GLN C 455 34.90 4.97 -18.95
N LEU C 456 35.49 4.72 -17.78
CA LEU C 456 34.76 4.99 -16.54
C LEU C 456 34.53 6.49 -16.33
N LYS C 457 35.53 7.31 -16.65
CA LYS C 457 35.34 8.76 -16.54
C LYS C 457 34.26 9.25 -17.49
N LEU C 458 34.16 8.64 -18.66
CA LEU C 458 33.05 8.94 -19.57
C LEU C 458 31.71 8.44 -19.02
N ALA C 459 31.71 7.28 -18.35
CA ALA C 459 30.47 6.67 -17.90
C ALA C 459 29.88 7.36 -16.68
N VAL C 460 30.72 7.90 -15.79
CA VAL C 460 30.19 8.59 -14.62
C VAL C 460 29.38 9.82 -15.03
N ALA C 461 29.72 10.43 -16.17
CA ALA C 461 28.91 11.52 -16.68
C ALA C 461 27.54 11.04 -17.13
N TRP C 462 27.47 9.83 -17.68
CA TRP C 462 26.21 9.25 -18.13
C TRP C 462 25.50 8.45 -17.04
N ASN C 463 26.04 8.44 -15.83
CA ASN C 463 25.38 7.89 -14.63
C ASN C 463 24.82 6.49 -14.86
N ARG C 464 25.61 5.66 -15.53
CA ARG C 464 25.24 4.25 -15.75
C ARG C 464 26.10 3.40 -14.82
N VAL C 465 25.49 2.92 -13.74
CA VAL C 465 26.25 2.17 -12.74
C VAL C 465 26.10 0.66 -12.95
N ASP C 466 25.02 0.21 -13.58
CA ASP C 466 24.91 -1.20 -13.92
C ASP C 466 26.01 -1.61 -14.91
N ILE C 467 26.30 -0.74 -15.88
CA ILE C 467 27.40 -1.01 -16.80
C ILE C 467 28.73 -1.00 -16.06
N ALA C 468 28.88 -0.12 -15.06
CA ALA C 468 30.08 -0.13 -14.24
C ALA C 468 30.24 -1.43 -13.49
N ARG C 469 29.14 -1.96 -12.96
CA ARG C 469 29.17 -3.29 -12.33
C ARG C 469 29.55 -4.36 -13.34
N SER C 470 29.02 -4.27 -14.56
CA SER C 470 29.30 -5.26 -15.59
C SER C 470 30.76 -5.24 -16.06
N GLU C 471 31.37 -4.08 -16.19
CA GLU C 471 32.73 -4.00 -16.75
C GLU C 471 33.78 -4.50 -15.79
N ILE C 472 33.46 -4.59 -14.50
CA ILE C 472 34.43 -5.05 -13.51
C ILE C 472 34.81 -6.50 -13.74
N PHE C 473 33.85 -7.32 -14.18
CA PHE C 473 34.01 -8.77 -14.15
C PHE C 473 35.04 -9.30 -15.14
N MET C 474 35.48 -8.51 -16.12
CA MET C 474 36.40 -9.01 -17.13
C MET C 474 37.76 -8.31 -17.13
N ASP C 475 37.88 -7.14 -16.51
CA ASP C 475 39.17 -6.48 -16.37
C ASP C 475 39.68 -6.62 -14.93
N GLU C 476 40.99 -6.44 -14.76
CA GLU C 476 41.61 -6.60 -13.45
C GLU C 476 42.65 -5.52 -13.23
N TRP C 477 42.50 -4.76 -12.14
CA TRP C 477 43.48 -3.77 -11.72
C TRP C 477 44.33 -4.34 -10.58
N GLN C 478 45.08 -5.39 -10.91
CA GLN C 478 45.80 -6.12 -9.87
C GLN C 478 46.95 -5.29 -9.28
N TRP C 479 47.43 -4.28 -10.01
CA TRP C 479 48.59 -3.52 -9.55
C TRP C 479 48.29 -2.77 -8.26
N LYS C 480 47.22 -1.96 -8.25
CA LYS C 480 46.87 -1.15 -7.10
C LYS C 480 45.51 -0.49 -7.31
N PRO C 481 44.64 -0.49 -6.30
CA PRO C 481 43.35 0.20 -6.45
C PRO C 481 43.45 1.71 -6.51
N SER C 482 44.65 2.29 -6.30
CA SER C 482 44.76 3.74 -6.19
C SER C 482 44.50 4.46 -7.49
N ASP C 483 44.42 3.74 -8.62
CA ASP C 483 44.16 4.41 -9.89
C ASP C 483 42.76 4.99 -9.97
N LEU C 484 41.88 4.65 -9.04
CA LEU C 484 40.50 5.13 -9.06
C LEU C 484 40.33 6.47 -8.35
N HIS C 485 41.40 7.05 -7.79
CA HIS C 485 41.27 8.39 -7.22
C HIS C 485 40.95 9.46 -8.25
N PRO C 486 41.65 9.56 -9.39
CA PRO C 486 41.32 10.63 -10.35
C PRO C 486 39.91 10.54 -10.90
N THR C 487 39.37 9.33 -11.09
CA THR C 487 38.02 9.21 -11.61
C THR C 487 36.99 9.56 -10.55
N MET C 488 37.27 9.25 -9.28
CA MET C 488 36.31 9.61 -8.24
C MET C 488 36.35 11.10 -7.93
N THR C 489 37.48 11.77 -8.20
CA THR C 489 37.49 13.24 -8.15
C THR C 489 36.44 13.83 -9.08
N ALA C 490 36.36 13.32 -10.31
CA ALA C 490 35.35 13.80 -11.25
C ALA C 490 33.97 13.27 -10.89
N ALA C 491 33.90 12.09 -10.27
CA ALA C 491 32.61 11.56 -9.83
C ALA C 491 31.97 12.45 -8.78
N LEU C 492 32.78 12.98 -7.86
CA LEU C 492 32.25 13.88 -6.83
C LEU C 492 31.68 15.15 -7.46
N ILE C 493 32.37 15.71 -8.46
CA ILE C 493 31.89 16.93 -9.11
C ILE C 493 30.65 16.63 -9.94
N SER C 494 30.61 15.48 -10.60
CA SER C 494 29.38 15.04 -11.27
C SER C 494 28.30 14.71 -10.24
N ASN C 495 28.71 14.37 -9.02
CA ASN C 495 27.88 14.26 -7.82
C ASN C 495 27.02 13.00 -7.80
N LYS C 496 27.22 12.06 -8.69
CA LYS C 496 26.43 10.84 -8.66
C LYS C 496 26.93 9.93 -7.55
N PRO C 497 26.09 9.59 -6.56
CA PRO C 497 26.60 8.89 -5.37
C PRO C 497 26.78 7.39 -5.55
N GLU C 498 26.14 6.81 -6.55
CA GLU C 498 26.29 5.38 -6.76
C GLU C 498 27.71 5.01 -7.16
N PHE C 499 28.38 5.88 -7.92
CA PHE C 499 29.76 5.60 -8.31
C PHE C 499 30.71 5.64 -7.12
N VAL C 500 30.56 6.63 -6.24
CA VAL C 500 31.42 6.66 -5.07
C VAL C 500 31.06 5.53 -4.11
N LYS C 501 29.79 5.10 -4.10
CA LYS C 501 29.42 3.92 -3.33
C LYS C 501 30.12 2.68 -3.86
N LEU C 502 30.17 2.53 -5.19
CA LEU C 502 30.94 1.44 -5.79
C LEU C 502 32.41 1.53 -5.42
N PHE C 503 32.97 2.75 -5.47
CA PHE C 503 34.37 2.94 -5.12
C PHE C 503 34.67 2.55 -3.69
N LEU C 504 33.81 2.93 -2.75
CA LEU C 504 34.04 2.57 -1.35
C LEU C 504 33.86 1.08 -1.14
N GLU C 505 32.88 0.45 -1.81
CA GLU C 505 32.71 -0.98 -1.65
C GLU C 505 33.78 -1.77 -2.39
N ASN C 506 34.39 -1.16 -3.42
CA ASN C 506 35.55 -1.77 -4.05
C ASN C 506 36.77 -1.75 -3.15
N GLY C 507 36.88 -0.74 -2.29
CA GLY C 507 37.91 -0.70 -1.28
C GLY C 507 38.91 0.43 -1.37
N VAL C 508 38.63 1.48 -2.14
CA VAL C 508 39.56 2.62 -2.15
C VAL C 508 39.33 3.41 -0.87
N GLN C 509 40.38 3.62 -0.10
CA GLN C 509 40.24 4.25 1.20
C GLN C 509 40.27 5.76 1.06
N LEU C 510 39.24 6.43 1.61
CA LEU C 510 39.15 7.88 1.54
C LEU C 510 40.15 8.57 2.45
N LYS C 511 40.82 7.82 3.33
CA LYS C 511 41.80 8.41 4.22
C LYS C 511 42.97 9.03 3.47
N GLU C 512 43.48 8.33 2.46
CA GLU C 512 44.60 8.82 1.67
C GLU C 512 44.16 9.52 0.38
N PHE C 513 42.86 9.67 0.15
CA PHE C 513 42.39 10.31 -1.07
C PHE C 513 42.50 11.83 -0.97
N VAL C 514 41.79 12.43 -0.01
CA VAL C 514 41.74 13.89 0.12
C VAL C 514 43.09 14.34 0.67
N THR C 515 43.92 14.91 -0.20
CA THR C 515 45.15 15.57 0.19
C THR C 515 44.93 17.08 0.13
N TRP C 516 45.98 17.84 0.47
CA TRP C 516 45.86 19.30 0.47
C TRP C 516 45.52 19.82 -0.92
N ASP C 517 46.29 19.42 -1.93
CA ASP C 517 45.98 19.84 -3.29
C ASP C 517 44.66 19.24 -3.76
N THR C 518 44.34 18.01 -3.35
CA THR C 518 43.08 17.40 -3.72
C THR C 518 41.90 18.18 -3.17
N LEU C 519 41.95 18.54 -1.89
CA LEU C 519 40.84 19.29 -1.30
C LEU C 519 40.78 20.70 -1.86
N LEU C 520 41.94 21.29 -2.18
CA LEU C 520 41.92 22.61 -2.82
C LEU C 520 41.27 22.54 -4.19
N TYR C 521 41.57 21.49 -4.97
CA TYR C 521 40.92 21.32 -6.27
C TYR C 521 39.43 21.10 -6.12
N LEU C 522 39.02 20.30 -5.12
CA LEU C 522 37.59 20.09 -4.87
C LEU C 522 36.90 21.38 -4.46
N TYR C 523 37.55 22.21 -3.65
CA TYR C 523 37.03 23.52 -3.28
C TYR C 523 37.08 24.50 -4.43
N GLU C 524 37.84 24.20 -5.48
CA GLU C 524 37.85 25.04 -6.68
C GLU C 524 36.62 24.85 -7.55
N ASN C 525 35.87 23.77 -7.35
CA ASN C 525 34.79 23.37 -8.25
C ASN C 525 33.47 23.24 -7.51
N LEU C 526 33.14 24.24 -6.70
CA LEU C 526 31.82 24.29 -6.08
C LEU C 526 30.75 24.54 -7.14
N ASP C 527 29.49 24.28 -6.76
CA ASP C 527 28.36 24.47 -7.66
C ASP C 527 27.96 25.94 -7.67
N PRO C 528 28.03 26.63 -8.81
CA PRO C 528 27.66 28.06 -8.85
C PRO C 528 26.20 28.32 -8.52
N SER C 529 25.33 27.32 -8.67
CA SER C 529 23.90 27.56 -8.43
C SER C 529 23.64 27.91 -6.97
N CYS C 530 24.30 27.23 -6.04
CA CYS C 530 24.10 27.50 -4.63
C CYS C 530 24.74 28.84 -4.26
N LEU C 531 24.27 29.40 -3.13
CA LEU C 531 24.79 30.66 -2.64
C LEU C 531 26.23 30.54 -2.15
N PHE C 532 26.69 29.32 -1.83
CA PHE C 532 28.03 29.14 -1.30
C PHE C 532 29.10 29.56 -2.32
N HIS C 533 28.92 29.19 -3.59
CA HIS C 533 29.86 29.61 -4.61
C HIS C 533 29.87 31.13 -4.80
N SER C 534 28.70 31.76 -4.73
CA SER C 534 28.66 33.22 -4.79
C SER C 534 29.42 33.83 -3.62
N LYS C 535 29.28 33.25 -2.42
CA LYS C 535 30.05 33.72 -1.28
C LYS C 535 31.55 33.56 -1.52
N LEU C 536 31.95 32.46 -2.14
CA LEU C 536 33.36 32.27 -2.47
C LEU C 536 33.86 33.32 -3.45
N GLN C 537 33.09 33.62 -4.49
CA GLN C 537 33.50 34.68 -5.41
C GLN C 537 33.61 36.02 -4.68
N LYS C 538 32.66 36.30 -3.79
CA LYS C 538 32.71 37.54 -3.04
C LYS C 538 33.96 37.61 -2.15
N VAL C 539 34.28 36.53 -1.43
CA VAL C 539 35.43 36.59 -0.53
C VAL C 539 36.73 36.63 -1.32
N LEU C 540 36.78 35.99 -2.49
CA LEU C 540 37.95 36.13 -3.35
C LEU C 540 38.10 37.52 -3.94
N VAL C 541 37.01 38.26 -4.17
CA VAL C 541 37.16 39.63 -4.67
C VAL C 541 37.28 40.66 -3.55
N GLU C 542 37.01 40.28 -2.30
CA GLU C 542 37.20 41.22 -1.19
C GLU C 542 38.68 41.42 -0.87
N ASP C 543 39.46 40.33 -0.89
CA ASP C 543 40.89 40.39 -0.55
C ASP C 543 41.76 39.75 -1.62
N PRO C 544 41.73 40.27 -2.86
CA PRO C 544 42.72 39.84 -3.85
C PRO C 544 43.93 40.76 -3.88
N GLU C 545 44.88 40.50 -4.79
CA GLU C 545 45.90 41.49 -5.10
C GLU C 545 45.91 41.74 -6.61
N ARG C 546 46.63 42.79 -7.04
CA ARG C 546 46.59 43.17 -8.45
C ARG C 546 47.44 42.25 -9.32
N PRO C 547 48.75 42.05 -9.07
CA PRO C 547 49.60 41.42 -10.08
C PRO C 547 49.39 39.92 -10.27
N ALA C 548 48.90 39.23 -9.23
CA ALA C 548 48.86 37.76 -9.28
C ALA C 548 48.04 37.24 -10.46
N CYS C 549 46.81 37.73 -10.62
CA CYS C 549 45.98 37.39 -11.78
C CYS C 549 45.12 38.60 -12.09
N ALA C 550 44.75 38.75 -13.37
CA ALA C 550 44.20 40.03 -13.81
C ALA C 550 42.82 40.33 -13.24
N PRO C 551 41.72 39.61 -13.62
CA PRO C 551 40.40 40.08 -13.17
C PRO C 551 40.21 40.05 -11.66
N ALA C 552 40.14 38.83 -11.09
CA ALA C 552 40.34 38.59 -9.67
C ALA C 552 40.56 37.11 -9.42
N ALA C 553 41.81 36.67 -9.31
CA ALA C 553 42.05 35.26 -9.00
C ALA C 553 43.49 35.01 -8.54
N PRO C 554 43.94 35.59 -7.43
CA PRO C 554 45.32 35.38 -6.98
C PRO C 554 45.63 33.94 -6.59
N ARG C 555 44.88 33.37 -5.65
CA ARG C 555 45.08 32.01 -5.19
C ARG C 555 43.94 31.58 -4.29
N LEU C 556 43.80 30.28 -4.07
CA LEU C 556 42.89 29.76 -3.06
C LEU C 556 43.70 29.35 -1.84
N GLN C 557 43.61 30.14 -0.78
CA GLN C 557 44.46 30.00 0.40
C GLN C 557 43.58 29.67 1.59
N MET C 558 44.21 29.60 2.77
CA MET C 558 43.44 29.45 3.99
C MET C 558 42.65 30.72 4.30
N HIS C 559 43.05 31.84 3.69
CA HIS C 559 42.35 33.10 3.93
C HIS C 559 40.89 33.02 3.49
N HIS C 560 40.64 32.59 2.26
CA HIS C 560 39.30 32.69 1.69
C HIS C 560 38.34 31.71 2.37
N VAL C 561 38.79 30.47 2.56
CA VAL C 561 37.99 29.51 3.30
C VAL C 561 37.83 29.96 4.74
N ALA C 562 38.85 30.60 5.30
CA ALA C 562 38.76 31.11 6.67
C ALA C 562 37.66 32.16 6.81
N GLN C 563 37.59 33.13 5.89
CA GLN C 563 36.51 34.11 5.96
C GLN C 563 35.15 33.48 5.67
N VAL C 564 35.05 32.58 4.68
CA VAL C 564 33.76 31.99 4.40
C VAL C 564 33.30 31.10 5.55
N LEU C 565 34.23 30.66 6.40
CA LEU C 565 33.84 29.97 7.63
C LEU C 565 33.47 30.95 8.74
N ARG C 566 34.29 31.97 8.96
CA ARG C 566 34.03 32.96 10.00
C ARG C 566 32.71 33.69 9.80
N GLU C 567 32.24 33.82 8.57
CA GLU C 567 30.90 34.35 8.37
C GLU C 567 29.83 33.31 8.68
N LEU C 568 30.24 32.06 8.93
CA LEU C 568 29.33 31.00 9.35
C LEU C 568 29.67 30.46 10.74
N LEU C 569 30.44 31.18 11.53
CA LEU C 569 30.82 30.71 12.86
C LEU C 569 31.14 31.90 13.76
N GLY C 570 31.56 31.59 14.99
CA GLY C 570 31.89 32.62 15.95
C GLY C 570 33.37 32.76 16.26
N ASP C 571 33.79 32.19 17.40
CA ASP C 571 35.13 32.39 17.95
C ASP C 571 36.04 31.20 17.74
N PHE C 572 35.98 30.53 16.59
CA PHE C 572 36.63 29.24 16.44
C PHE C 572 38.11 29.44 16.10
N THR C 573 38.79 28.36 15.70
CA THR C 573 40.22 28.37 15.46
C THR C 573 40.50 28.47 13.95
N GLN C 574 41.65 29.06 13.61
CA GLN C 574 42.08 29.22 12.23
C GLN C 574 43.01 28.07 11.88
N PRO C 575 42.70 27.29 10.83
CA PRO C 575 43.32 25.96 10.69
C PRO C 575 44.64 25.89 9.92
N LEU C 576 45.62 25.26 10.58
CA LEU C 576 46.80 24.56 10.08
C LEU C 576 47.96 25.45 9.60
N TYR C 577 47.77 26.76 9.40
CA TYR C 577 48.96 27.57 9.16
C TYR C 577 48.68 29.06 9.36
N PRO C 578 48.87 29.58 10.57
CA PRO C 578 48.87 31.03 10.76
C PRO C 578 50.01 31.67 9.97
N ARG C 579 49.90 32.98 9.79
CA ARG C 579 50.85 33.75 8.98
C ARG C 579 52.29 33.72 9.47
N PRO C 580 52.59 33.98 10.76
CA PRO C 580 53.96 34.42 11.11
C PRO C 580 55.07 33.41 10.88
N ARG C 581 56.30 33.83 11.23
CA ARG C 581 57.54 33.19 10.80
C ARG C 581 57.59 31.70 11.08
N HIS C 582 57.03 31.24 12.20
CA HIS C 582 57.09 29.82 12.53
C HIS C 582 56.38 28.94 11.50
N ASN C 583 55.33 29.44 10.87
CA ASN C 583 54.57 28.71 9.85
C ASN C 583 54.33 29.65 8.67
N ASP C 584 55.40 30.29 8.20
CA ASP C 584 55.33 31.45 7.31
C ASP C 584 54.72 31.07 5.97
N ARG C 585 53.49 31.54 5.74
CA ARG C 585 52.89 31.62 4.40
C ARG C 585 52.53 33.09 4.19
N LEU C 586 53.51 33.89 3.77
CA LEU C 586 53.26 35.30 3.47
C LEU C 586 53.48 35.60 1.99
N ARG C 587 54.68 35.37 1.47
CA ARG C 587 55.08 35.81 0.14
C ARG C 587 55.11 34.66 -0.85
N LEU C 588 54.44 33.55 -0.55
CA LEU C 588 54.47 32.39 -1.44
C LEU C 588 53.49 32.55 -2.59
N LEU C 589 53.55 33.73 -3.21
CA LEU C 589 52.82 34.04 -4.42
C LEU C 589 53.68 34.76 -5.45
N LEU C 590 54.89 35.15 -5.08
CA LEU C 590 55.96 35.67 -5.93
C LEU C 590 57.25 34.94 -5.57
N PRO C 591 58.24 34.93 -6.46
CA PRO C 591 59.52 34.28 -6.12
C PRO C 591 60.14 34.88 -4.88
N VAL C 592 60.75 34.02 -4.07
CA VAL C 592 61.27 34.41 -2.76
C VAL C 592 62.75 34.03 -2.67
N PRO C 593 63.52 34.68 -1.80
CA PRO C 593 64.94 34.31 -1.66
C PRO C 593 65.11 32.89 -1.16
N HIS C 594 66.24 32.30 -1.52
CA HIS C 594 66.52 30.89 -1.26
C HIS C 594 67.16 30.72 0.12
N VAL C 595 67.73 29.53 0.37
CA VAL C 595 68.11 29.11 1.72
C VAL C 595 69.15 30.05 2.33
N LYS C 596 69.96 30.70 1.49
CA LYS C 596 71.12 31.45 1.98
C LYS C 596 70.74 32.52 3.01
N LEU C 597 69.49 32.97 3.03
CA LEU C 597 69.05 33.89 4.07
C LEU C 597 68.40 33.19 5.25
N ASN C 598 67.77 32.03 5.01
CA ASN C 598 67.15 31.23 6.07
C ASN C 598 66.08 32.03 6.82
N VAL C 599 65.38 32.91 6.11
CA VAL C 599 64.33 33.72 6.72
C VAL C 599 63.02 33.70 5.94
N GLN C 600 63.01 33.24 4.69
CA GLN C 600 61.82 33.27 3.86
C GLN C 600 61.64 31.95 3.15
N GLY C 601 60.39 31.52 3.00
CA GLY C 601 60.06 30.29 2.29
C GLY C 601 60.02 29.08 3.23
N VAL C 602 60.73 28.01 2.85
CA VAL C 602 60.82 26.80 3.65
C VAL C 602 62.16 26.70 4.36
N SER C 603 63.23 27.22 3.75
CA SER C 603 64.57 27.25 4.33
C SER C 603 65.11 25.86 4.62
N LEU C 604 64.58 24.84 3.97
CA LEU C 604 65.06 23.47 4.12
C LEU C 604 65.56 22.88 2.81
N ARG C 605 64.86 23.11 1.70
CA ARG C 605 65.26 22.64 0.39
C ARG C 605 65.73 23.82 -0.45
N SER C 606 66.89 23.67 -1.08
CA SER C 606 67.47 24.73 -1.88
C SER C 606 67.00 24.73 -3.33
N LEU C 607 66.09 23.84 -3.69
CA LEU C 607 65.58 23.73 -5.05
C LEU C 607 64.13 24.20 -5.10
N TYR C 608 63.77 24.84 -6.22
CA TYR C 608 62.42 25.34 -6.43
C TYR C 608 61.86 24.73 -7.72
N LYS C 609 60.67 24.17 -7.63
CA LYS C 609 60.03 23.46 -8.73
C LYS C 609 58.64 24.02 -8.99
N ARG C 610 58.55 25.34 -9.08
CA ARG C 610 57.31 26.08 -9.38
C ARG C 610 56.15 25.68 -8.48
N SER C 611 56.44 25.13 -7.30
CA SER C 611 55.41 24.72 -6.36
C SER C 611 55.97 24.84 -4.95
N SER C 612 55.06 24.91 -3.98
CA SER C 612 55.42 25.05 -2.57
C SER C 612 55.48 23.71 -1.85
N GLY C 613 55.30 22.60 -2.56
CA GLY C 613 55.31 21.29 -1.95
C GLY C 613 53.92 20.70 -1.85
N HIS C 614 53.85 19.58 -1.11
CA HIS C 614 52.60 18.86 -0.94
C HIS C 614 52.61 18.16 0.40
N VAL C 615 51.72 18.56 1.30
CA VAL C 615 51.53 17.87 2.58
C VAL C 615 50.56 16.71 2.35
N THR C 616 50.99 15.50 2.70
CA THR C 616 50.20 14.31 2.39
C THR C 616 48.89 14.29 3.17
N PHE C 617 48.91 14.68 4.44
CA PHE C 617 47.71 14.69 5.27
C PHE C 617 47.62 16.04 5.96
N THR C 618 46.59 16.82 5.62
CA THR C 618 46.46 18.15 6.22
C THR C 618 46.25 18.04 7.72
N MET C 619 45.08 17.56 8.13
CA MET C 619 44.94 16.94 9.44
C MET C 619 44.32 15.56 9.28
N ASP C 620 43.21 15.50 8.52
CA ASP C 620 42.36 14.36 8.29
C ASP C 620 41.39 14.72 7.16
N PRO C 621 41.06 13.78 6.29
CA PRO C 621 40.18 14.10 5.16
C PRO C 621 38.69 14.23 5.42
N ILE C 622 38.10 13.33 6.23
CA ILE C 622 36.65 13.24 6.36
C ILE C 622 36.07 14.50 6.99
N ARG C 623 36.75 15.05 8.01
CA ARG C 623 36.22 16.21 8.72
C ARG C 623 36.02 17.41 7.78
N ASP C 624 36.95 17.62 6.85
CA ASP C 624 36.81 18.69 5.88
C ASP C 624 35.96 18.31 4.68
N LEU C 625 35.87 17.02 4.35
CA LEU C 625 35.06 16.62 3.21
C LEU C 625 33.57 16.72 3.54
N LEU C 626 33.19 16.46 4.79
CA LEU C 626 31.83 16.80 5.22
C LEU C 626 31.54 18.28 5.06
N ILE C 627 32.49 19.13 5.45
CA ILE C 627 32.30 20.58 5.30
C ILE C 627 32.11 20.94 3.84
N TRP C 628 32.91 20.33 2.96
CA TRP C 628 32.78 20.60 1.53
C TRP C 628 31.42 20.15 1.01
N ALA C 629 30.96 18.97 1.43
CA ALA C 629 29.75 18.39 0.86
C ALA C 629 28.47 19.04 1.39
N ILE C 630 28.46 19.45 2.67
CA ILE C 630 27.23 19.92 3.28
C ILE C 630 26.74 21.20 2.61
N VAL C 631 27.63 22.17 2.40
CA VAL C 631 27.23 23.42 1.78
C VAL C 631 26.74 23.21 0.36
N GLN C 632 26.94 22.02 -0.20
CA GLN C 632 26.54 21.72 -1.57
C GLN C 632 25.16 21.09 -1.68
N ASN C 633 24.51 20.76 -0.56
CA ASN C 633 23.06 20.49 -0.52
C ASN C 633 22.67 19.16 -1.20
N ARG C 634 23.23 18.03 -0.78
CA ARG C 634 22.77 16.73 -1.27
C ARG C 634 22.30 15.79 -0.16
N ARG C 635 21.58 14.75 -0.58
CA ARG C 635 21.17 13.67 0.31
C ARG C 635 22.32 12.69 0.54
N GLU C 636 22.78 12.03 -0.51
CA GLU C 636 23.52 10.80 -0.30
C GLU C 636 24.94 11.08 0.19
N LEU C 637 25.62 12.03 -0.45
CA LEU C 637 27.07 12.19 -0.28
C LEU C 637 27.43 12.48 1.17
N ALA C 638 26.64 13.31 1.85
CA ALA C 638 26.97 13.67 3.22
C ALA C 638 27.01 12.45 4.13
N GLY C 639 25.96 11.62 4.10
CA GLY C 639 25.96 10.41 4.91
C GLY C 639 26.99 9.41 4.46
N ILE C 640 27.21 9.31 3.14
CA ILE C 640 28.21 8.39 2.62
C ILE C 640 29.59 8.71 3.17
N ILE C 641 29.96 9.99 3.20
CA ILE C 641 31.25 10.38 3.77
C ILE C 641 31.24 10.20 5.29
N TRP C 642 30.13 10.53 5.95
CA TRP C 642 30.13 10.46 7.40
C TRP C 642 30.26 9.04 7.92
N ALA C 643 29.76 8.05 7.16
CA ALA C 643 29.71 6.67 7.65
C ALA C 643 31.07 6.18 8.15
N GLN C 644 32.17 6.83 7.73
CA GLN C 644 33.50 6.48 8.19
C GLN C 644 34.19 7.68 8.83
N SER C 645 33.45 8.49 9.59
CA SER C 645 34.03 9.64 10.24
C SER C 645 34.71 9.26 11.54
N GLN C 646 35.95 9.71 11.71
CA GLN C 646 36.65 9.51 12.98
C GLN C 646 35.98 10.27 14.11
N ASP C 647 35.64 11.54 13.86
CA ASP C 647 34.97 12.37 14.87
C ASP C 647 33.47 12.19 14.69
N CYS C 648 32.88 11.34 15.55
CA CYS C 648 31.51 10.89 15.35
C CYS C 648 30.49 11.98 15.65
N ILE C 649 30.65 12.72 16.74
CA ILE C 649 29.58 13.59 17.23
C ILE C 649 29.75 15.03 16.79
N ALA C 650 30.96 15.58 16.90
CA ALA C 650 31.15 17.01 16.64
C ALA C 650 30.98 17.36 15.16
N ALA C 651 31.36 16.46 14.26
CA ALA C 651 31.23 16.76 12.83
C ALA C 651 29.76 16.93 12.45
N ALA C 652 28.88 16.06 12.96
CA ALA C 652 27.47 16.18 12.65
C ALA C 652 26.89 17.49 13.19
N LEU C 653 27.29 17.87 14.40
CA LEU C 653 26.81 19.13 14.96
C LEU C 653 27.29 20.32 14.14
N ALA C 654 28.56 20.30 13.72
CA ALA C 654 29.08 21.39 12.91
C ALA C 654 28.36 21.48 11.57
N CYS C 655 28.11 20.33 10.93
CA CYS C 655 27.36 20.31 9.69
C CYS C 655 25.95 20.84 9.88
N SER C 656 25.27 20.45 10.96
CA SER C 656 23.94 20.96 11.24
C SER C 656 23.95 22.47 11.42
N LYS C 657 24.93 23.01 12.13
CA LYS C 657 25.01 24.45 12.33
C LYS C 657 25.24 25.18 11.02
N ILE C 658 26.22 24.72 10.23
CA ILE C 658 26.49 25.38 8.96
C ILE C 658 25.27 25.32 8.06
N LEU C 659 24.59 24.17 8.04
CA LEU C 659 23.46 24.00 7.14
C LEU C 659 22.26 24.84 7.58
N LYS C 660 22.04 24.98 8.89
CA LYS C 660 20.96 25.85 9.34
C LYS C 660 21.26 27.31 9.02
N GLU C 661 22.53 27.71 9.12
CA GLU C 661 22.88 29.09 8.74
C GLU C 661 22.64 29.31 7.25
N LEU C 662 23.03 28.35 6.41
CA LEU C 662 22.72 28.47 4.98
C LEU C 662 21.22 28.48 4.72
N SER C 663 20.44 27.77 5.53
CA SER C 663 18.98 27.84 5.40
C SER C 663 18.47 29.24 5.68
N LYS C 664 18.91 29.80 6.81
CA LYS C 664 18.44 31.12 7.23
C LYS C 664 19.05 32.25 6.42
N GLU C 665 20.04 31.98 5.56
CA GLU C 665 20.58 33.07 4.74
C GLU C 665 19.70 33.38 3.53
N GLU C 666 19.72 32.52 2.50
CA GLU C 666 18.86 32.79 1.35
C GLU C 666 18.71 31.57 0.47
N GLU C 667 17.55 30.91 0.53
CA GLU C 667 16.99 30.23 -0.64
C GLU C 667 15.54 30.61 -0.91
N ASP C 668 14.71 30.77 0.14
CA ASP C 668 13.38 31.40 0.21
C ASP C 668 12.26 30.69 -0.54
N THR C 669 12.57 29.58 -1.22
CA THR C 669 11.52 28.83 -1.90
C THR C 669 12.07 27.47 -2.33
N ASP C 670 11.22 26.45 -2.27
CA ASP C 670 11.41 25.14 -2.87
C ASP C 670 12.56 24.35 -2.27
N SER C 671 13.34 24.91 -1.34
CA SER C 671 14.43 24.13 -0.76
C SER C 671 14.59 24.32 0.74
N SER C 672 14.14 25.47 1.27
CA SER C 672 14.48 25.83 2.64
C SER C 672 13.93 24.81 3.62
N GLU C 673 12.64 24.46 3.49
CA GLU C 673 12.03 23.52 4.42
C GLU C 673 12.60 22.11 4.27
N GLU C 674 12.90 21.67 3.04
CA GLU C 674 13.42 20.31 2.85
C GLU C 674 14.79 20.15 3.50
N MET C 675 15.68 21.12 3.30
CA MET C 675 17.00 21.02 3.91
C MET C 675 17.01 21.42 5.38
N LEU C 676 16.00 22.14 5.87
CA LEU C 676 15.78 22.19 7.32
C LEU C 676 15.40 20.83 7.87
N ALA C 677 14.54 20.09 7.14
CA ALA C 677 14.22 18.73 7.54
C ALA C 677 15.46 17.85 7.55
N LEU C 678 16.34 18.04 6.56
CA LEU C 678 17.63 17.35 6.56
C LEU C 678 18.48 17.74 7.76
N ALA C 679 18.50 19.03 8.13
CA ALA C 679 19.24 19.45 9.32
C ALA C 679 18.71 18.75 10.57
N GLU C 680 17.42 18.89 10.84
CA GLU C 680 16.83 18.21 11.99
C GLU C 680 16.94 16.69 11.88
N GLU C 681 17.17 16.16 10.69
CA GLU C 681 17.57 14.76 10.56
C GLU C 681 18.98 14.54 11.11
N TYR C 682 19.89 15.49 10.86
CA TYR C 682 21.21 15.37 11.48
C TYR C 682 21.12 15.47 12.99
N GLU C 683 20.22 16.30 13.51
CA GLU C 683 19.91 16.24 14.95
C GLU C 683 19.33 14.91 15.38
N HIS C 684 18.40 14.32 14.62
CA HIS C 684 17.94 12.96 14.91
C HIS C 684 19.11 11.99 15.01
N ARG C 685 20.03 12.05 14.07
CA ARG C 685 21.17 11.13 13.98
C ARG C 685 22.20 11.38 15.07
N ALA C 686 22.44 12.63 15.45
CA ALA C 686 23.25 12.92 16.63
C ALA C 686 22.59 12.36 17.89
N ILE C 687 21.27 12.51 18.01
CA ILE C 687 20.56 11.89 19.12
C ILE C 687 20.71 10.37 19.09
N GLY C 688 20.71 9.77 17.89
CA GLY C 688 20.87 8.33 17.81
C GLY C 688 22.25 7.87 18.29
N VAL C 689 23.30 8.56 17.84
CA VAL C 689 24.63 8.18 18.31
C VAL C 689 24.79 8.45 19.79
N PHE C 690 24.19 9.53 20.30
CA PHE C 690 24.26 9.78 21.75
C PHE C 690 23.47 8.72 22.51
N THR C 691 22.37 8.23 21.92
CA THR C 691 21.63 7.12 22.50
C THR C 691 22.51 5.90 22.64
N GLU C 692 23.25 5.56 21.58
CA GLU C 692 24.01 4.31 21.63
C GLU C 692 25.29 4.47 22.43
N CYS C 693 25.76 5.70 22.64
CA CYS C 693 26.88 5.87 23.56
C CYS C 693 26.42 6.04 25.01
N TYR C 694 25.14 6.30 25.24
CA TYR C 694 24.58 6.23 26.59
C TYR C 694 24.00 4.85 26.89
N ARG C 695 23.88 3.99 25.88
CA ARG C 695 23.65 2.57 26.11
C ARG C 695 24.80 1.96 26.90
N LYS C 696 26.04 2.35 26.57
CA LYS C 696 27.22 1.71 27.11
C LYS C 696 28.16 2.75 27.72
N ASP C 697 28.77 2.38 28.84
CA ASP C 697 29.88 3.13 29.44
C ASP C 697 29.46 4.55 29.78
N GLU C 698 28.57 4.64 30.78
CA GLU C 698 27.98 5.91 31.16
C GLU C 698 29.04 6.94 31.54
N GLU C 699 30.06 6.54 32.29
CA GLU C 699 31.11 7.46 32.75
C GLU C 699 31.76 8.16 31.55
N ARG C 700 32.39 7.40 30.68
CA ARG C 700 32.97 7.99 29.49
C ARG C 700 31.91 8.63 28.60
N ALA C 701 30.65 8.21 28.74
CA ALA C 701 29.58 8.85 27.99
C ALA C 701 29.38 10.31 28.43
N GLN C 702 29.39 10.57 29.74
CA GLN C 702 29.25 11.97 30.15
C GLN C 702 30.53 12.75 29.90
N LYS C 703 31.69 12.10 30.02
CA LYS C 703 32.91 12.85 29.71
C LYS C 703 33.06 13.10 28.21
N LEU C 704 32.28 12.41 27.39
CA LEU C 704 32.26 12.68 25.95
C LEU C 704 31.84 14.11 25.65
N LEU C 705 30.95 14.67 26.46
CA LEU C 705 30.32 15.94 26.14
C LEU C 705 31.25 17.14 26.35
N THR C 706 32.55 16.90 26.52
CA THR C 706 33.55 17.95 26.50
C THR C 706 34.58 17.74 25.39
N ARG C 707 34.14 17.22 24.24
CA ARG C 707 35.01 16.90 23.13
C ARG C 707 35.64 18.18 22.58
N VAL C 708 36.96 18.27 22.63
CA VAL C 708 37.67 19.43 22.09
C VAL C 708 38.27 19.13 20.72
N SER C 709 38.95 17.98 20.59
CA SER C 709 39.45 17.45 19.33
C SER C 709 40.63 18.24 18.77
N GLU C 710 40.93 19.38 19.39
CA GLU C 710 42.05 20.24 19.01
C GLU C 710 42.07 20.58 17.52
N ALA C 711 40.98 20.33 16.80
CA ALA C 711 40.93 20.62 15.37
C ALA C 711 39.62 21.22 14.89
N TRP C 712 38.56 21.26 15.70
CA TRP C 712 37.24 21.72 15.26
C TRP C 712 36.90 23.10 15.79
N GLY C 713 37.86 23.80 16.40
CA GLY C 713 37.44 24.97 17.16
C GLY C 713 36.68 24.49 18.37
N LYS C 714 37.41 23.98 19.37
CA LYS C 714 36.97 22.99 20.34
C LYS C 714 35.50 23.07 20.72
N THR C 715 35.07 24.23 21.24
CA THR C 715 33.69 24.46 21.68
C THR C 715 33.15 23.43 22.67
N THR C 716 34.02 22.60 23.25
CA THR C 716 33.63 21.60 24.25
C THR C 716 32.55 20.63 23.74
N CYS C 717 32.29 20.67 22.43
CA CYS C 717 31.27 19.86 21.74
C CYS C 717 29.87 20.33 22.13
N LEU C 718 29.77 21.35 22.97
CA LEU C 718 28.48 21.89 23.38
C LEU C 718 28.24 23.31 22.93
N GLN C 719 29.26 24.17 22.93
CA GLN C 719 29.06 25.52 22.41
C GLN C 719 28.72 25.49 20.93
N LEU C 720 29.42 24.64 20.18
CA LEU C 720 29.04 24.40 18.79
C LEU C 720 27.64 23.81 18.70
N ALA C 721 27.31 22.91 19.63
CA ALA C 721 25.96 22.33 19.66
C ALA C 721 24.91 23.39 19.93
N LEU C 722 25.10 24.18 20.99
CA LEU C 722 24.10 25.20 21.31
C LEU C 722 24.04 26.29 20.26
N GLU C 723 25.11 26.47 19.48
CA GLU C 723 25.02 27.41 18.36
C GLU C 723 24.23 26.80 17.20
N ALA C 724 24.05 25.48 17.21
CA ALA C 724 23.19 24.80 16.25
C ALA C 724 21.72 24.81 16.68
N LYS C 725 21.43 25.35 17.87
CA LYS C 725 20.12 25.71 18.40
C LYS C 725 19.32 24.51 18.89
N ASP C 726 19.74 23.27 18.64
CA ASP C 726 19.34 22.07 19.38
C ASP C 726 17.85 21.96 19.70
N MET C 727 17.00 21.76 18.69
CA MET C 727 15.58 21.52 18.96
C MET C 727 15.34 20.32 19.86
N LYS C 728 15.89 19.15 19.52
CA LYS C 728 15.76 17.97 20.36
C LYS C 728 17.02 17.58 21.11
N PHE C 729 18.17 18.19 20.83
CA PHE C 729 19.44 17.63 21.32
C PHE C 729 19.62 17.87 22.81
N VAL C 730 19.04 18.94 23.35
CA VAL C 730 19.33 19.36 24.72
C VAL C 730 18.42 18.67 25.73
N SER C 731 17.67 17.66 25.30
CA SER C 731 16.72 16.99 26.20
C SER C 731 16.85 15.47 26.15
N HIS C 732 18.04 14.96 25.88
CA HIS C 732 18.23 13.52 25.71
C HIS C 732 18.73 12.84 26.99
N GLY C 733 18.06 13.10 28.11
CA GLY C 733 18.24 12.29 29.30
C GLY C 733 19.59 12.43 29.98
N GLY C 734 20.62 11.95 29.29
CA GLY C 734 21.98 12.11 29.80
C GLY C 734 22.37 13.56 29.95
N ILE C 735 21.86 14.41 29.05
CA ILE C 735 22.13 15.84 29.16
C ILE C 735 21.36 16.44 30.34
N GLN C 736 20.18 15.89 30.66
CA GLN C 736 19.52 16.26 31.90
C GLN C 736 20.37 15.93 33.11
N ALA C 737 20.90 14.70 33.17
CA ALA C 737 21.78 14.34 34.28
C ALA C 737 23.00 15.25 34.33
N PHE C 738 23.57 15.55 33.17
CA PHE C 738 24.72 16.43 33.07
C PHE C 738 24.43 17.81 33.62
N LEU C 739 23.38 18.46 33.11
CA LEU C 739 23.09 19.82 33.51
C LEU C 739 22.49 19.89 34.91
N THR C 740 22.07 18.75 35.45
CA THR C 740 21.64 18.72 36.84
C THR C 740 22.83 18.57 37.79
N LYS C 741 23.79 17.72 37.44
CA LYS C 741 24.96 17.55 38.32
C LYS C 741 25.96 18.69 38.19
N VAL C 742 25.90 19.46 37.11
CA VAL C 742 26.75 20.65 37.05
C VAL C 742 26.03 21.87 37.62
N TRP C 743 24.69 21.85 37.65
CA TRP C 743 23.93 22.90 38.30
C TRP C 743 24.18 22.94 39.80
N TRP C 744 24.50 21.80 40.41
CA TRP C 744 24.77 21.69 41.83
C TRP C 744 26.23 21.32 42.02
N GLY C 745 27.03 22.28 42.49
CA GLY C 745 28.42 22.03 42.79
C GLY C 745 28.62 21.64 44.24
N GLN C 746 29.08 20.42 44.48
CA GLN C 746 29.21 19.86 45.82
C GLN C 746 27.84 19.89 46.53
N LEU C 747 26.88 19.26 45.87
CA LEU C 747 25.50 19.20 46.38
C LEU C 747 24.83 17.99 45.73
N SER C 748 24.59 16.95 46.52
CA SER C 748 24.09 15.69 45.98
C SER C 748 22.57 15.64 46.02
N VAL C 749 22.04 14.44 45.77
CA VAL C 749 20.61 14.18 45.74
C VAL C 749 20.07 14.24 47.16
N ASP C 750 18.73 14.18 47.30
CA ASP C 750 17.96 14.27 48.54
C ASP C 750 17.82 15.71 49.01
N ASN C 751 18.02 16.68 48.12
CA ASN C 751 17.80 18.09 48.42
C ASN C 751 16.52 18.54 47.72
N GLY C 752 15.64 19.20 48.46
CA GLY C 752 14.38 19.68 47.92
C GLY C 752 14.41 21.18 47.72
N LEU C 753 13.54 21.67 46.82
CA LEU C 753 13.46 23.09 46.55
C LEU C 753 13.05 23.86 47.80
N TRP C 754 12.09 23.31 48.55
CA TRP C 754 11.66 23.95 49.79
C TRP C 754 12.67 23.79 50.91
N ARG C 755 13.60 22.84 50.81
CA ARG C 755 14.52 22.52 51.88
C ARG C 755 15.91 23.12 51.69
N VAL C 756 16.26 23.57 50.49
CA VAL C 756 17.54 24.22 50.30
C VAL C 756 17.52 25.65 50.84
N THR C 757 16.33 26.28 50.87
CA THR C 757 16.22 27.61 51.44
C THR C 757 16.56 27.60 52.93
N LEU C 758 16.07 26.60 53.66
CA LEU C 758 16.45 26.48 55.07
C LEU C 758 17.93 26.17 55.24
N CYS C 759 18.49 25.37 54.33
CA CYS C 759 19.91 25.04 54.41
C CYS C 759 20.79 26.28 54.23
N MET C 760 20.43 27.15 53.28
CA MET C 760 21.28 28.31 53.03
C MET C 760 20.99 29.46 53.99
N LEU C 761 19.71 29.66 54.35
CA LEU C 761 19.37 30.79 55.23
C LEU C 761 19.93 30.62 56.63
N ALA C 762 19.79 29.43 57.22
CA ALA C 762 20.19 29.19 58.59
C ALA C 762 21.61 28.60 58.56
N PHE C 763 22.57 29.42 58.96
CA PHE C 763 23.95 29.26 58.48
C PHE C 763 24.71 28.17 59.23
N PRO C 764 24.73 28.16 60.57
CA PRO C 764 25.26 26.98 61.27
C PRO C 764 24.40 25.75 61.10
N LEU C 765 23.13 25.90 60.73
CA LEU C 765 22.20 24.77 60.71
C LEU C 765 22.67 23.68 59.75
N LEU C 766 23.47 24.02 58.75
CA LEU C 766 23.96 23.02 57.80
C LEU C 766 24.78 21.95 58.50
N LEU C 767 25.43 22.29 59.61
CA LEU C 767 26.26 21.36 60.35
C LEU C 767 25.46 20.43 61.25
N THR C 768 24.16 20.66 61.41
CA THR C 768 23.33 19.85 62.28
C THR C 768 22.94 18.55 61.57
N GLY C 769 21.96 17.85 62.12
CA GLY C 769 21.48 16.60 61.55
C GLY C 769 20.61 16.78 60.32
N LEU C 770 20.75 17.92 59.65
CA LEU C 770 19.99 18.22 58.45
C LEU C 770 20.61 17.50 57.26
N ILE C 771 20.22 17.89 56.05
CA ILE C 771 20.72 17.25 54.82
C ILE C 771 22.23 17.23 54.83
N SER C 772 22.80 16.03 54.67
CA SER C 772 24.24 15.84 54.66
C SER C 772 24.75 15.66 53.23
N PHE C 773 25.97 16.13 52.99
CA PHE C 773 26.59 16.07 51.68
C PHE C 773 27.61 14.93 51.66
N ARG C 774 28.22 14.72 50.48
CA ARG C 774 29.25 13.70 50.38
C ARG C 774 30.51 14.10 51.12
N GLU C 775 30.72 15.41 51.30
CA GLU C 775 31.83 15.87 52.13
C GLU C 775 31.67 15.40 53.57
N LYS C 776 30.45 15.53 54.12
CA LYS C 776 30.19 15.02 55.46
C LYS C 776 30.13 13.50 55.47
N ARG C 777 29.60 12.90 54.40
CA ARG C 777 29.55 11.45 54.31
C ARG C 777 30.95 10.85 54.24
N LEU C 778 31.85 11.47 53.48
CA LEU C 778 33.23 11.05 53.39
C LEU C 778 34.12 11.70 54.44
N GLN C 779 33.54 12.43 55.39
CA GLN C 779 34.27 13.10 56.46
C GLN C 779 35.30 14.10 55.90
N ASP C 780 34.91 14.78 54.81
CA ASP C 780 35.74 15.84 54.27
C ASP C 780 35.52 17.19 54.95
N VAL C 781 34.51 17.28 55.82
CA VAL C 781 34.24 18.52 56.55
C VAL C 781 35.03 18.44 57.84
N GLY C 782 36.29 18.85 57.77
CA GLY C 782 37.16 18.85 58.93
C GLY C 782 37.21 20.20 59.63
N THR C 783 36.61 21.21 59.00
CA THR C 783 36.61 22.57 59.52
C THR C 783 35.35 23.29 59.06
N PRO C 784 34.70 24.04 59.95
CA PRO C 784 33.58 24.87 59.51
C PRO C 784 33.94 25.85 58.41
N ALA C 785 35.18 26.34 58.40
CA ALA C 785 35.63 27.18 57.29
C ALA C 785 35.62 26.41 55.97
N ALA C 786 36.02 25.13 56.02
CA ALA C 786 35.95 24.30 54.82
C ALA C 786 34.52 24.12 54.35
N ARG C 787 33.59 23.92 55.28
CA ARG C 787 32.18 23.83 54.93
C ARG C 787 31.69 25.12 54.28
N ALA C 788 32.06 26.27 54.86
CA ALA C 788 31.64 27.55 54.30
C ALA C 788 32.20 27.76 52.90
N ARG C 789 33.47 27.42 52.70
CA ARG C 789 34.07 27.55 51.38
C ARG C 789 33.42 26.62 50.36
N ALA C 790 33.15 25.37 50.75
CA ALA C 790 32.48 24.44 49.83
C ALA C 790 31.07 24.92 49.49
N PHE C 791 30.37 25.47 50.47
CA PHE C 791 28.99 25.90 50.22
C PHE C 791 28.95 27.16 49.35
N PHE C 792 29.79 28.15 49.65
CA PHE C 792 29.72 29.43 48.94
C PHE C 792 30.05 29.25 47.46
N THR C 793 30.99 28.37 47.14
CA THR C 793 31.42 28.17 45.76
C THR C 793 30.41 27.39 44.93
N ALA C 794 29.35 26.87 45.56
CA ALA C 794 28.30 26.19 44.80
C ALA C 794 27.61 27.19 43.86
N PRO C 795 27.35 26.78 42.61
CA PRO C 795 26.74 27.71 41.66
C PRO C 795 25.39 28.25 42.10
N VAL C 796 24.56 27.42 42.73
CA VAL C 796 23.21 27.85 43.11
C VAL C 796 23.27 28.97 44.13
N VAL C 797 24.33 29.02 44.93
CA VAL C 797 24.41 30.02 46.00
C VAL C 797 24.43 31.42 45.43
N VAL C 798 25.22 31.65 44.37
CA VAL C 798 25.35 33.01 43.83
C VAL C 798 24.03 33.46 43.20
N PHE C 799 23.24 32.53 42.67
CA PHE C 799 21.97 32.90 42.07
C PHE C 799 21.00 33.42 43.13
N HIS C 800 20.82 32.68 44.21
CA HIS C 800 19.94 33.19 45.25
C HIS C 800 20.56 34.39 45.95
N LEU C 801 21.90 34.50 45.91
CA LEU C 801 22.55 35.69 46.44
C LEU C 801 22.22 36.93 45.65
N ASN C 802 22.18 36.84 44.31
CA ASN C 802 21.82 38.01 43.53
C ASN C 802 20.31 38.23 43.55
N ILE C 803 19.54 37.18 43.83
CA ILE C 803 18.13 37.35 44.13
C ILE C 803 17.95 38.20 45.39
N LEU C 804 18.73 37.88 46.43
CA LEU C 804 18.69 38.64 47.68
C LEU C 804 19.18 40.07 47.50
N SER C 805 20.41 40.23 47.02
CA SER C 805 21.07 41.53 46.98
C SER C 805 20.37 42.51 46.05
N TYR C 806 19.77 42.05 44.95
CA TYR C 806 19.13 42.99 44.05
C TYR C 806 17.90 43.63 44.69
N PHE C 807 17.04 42.81 45.31
CA PHE C 807 15.89 43.35 46.03
C PHE C 807 16.33 44.16 47.25
N ALA C 808 17.41 43.75 47.92
CA ALA C 808 17.92 44.51 49.05
C ALA C 808 18.40 45.89 48.59
N PHE C 809 19.05 45.94 47.43
CA PHE C 809 19.49 47.22 46.87
C PHE C 809 18.31 48.09 46.46
N LEU C 810 17.24 47.46 45.94
CA LEU C 810 16.02 48.22 45.65
C LEU C 810 15.43 48.82 46.92
N CYS C 811 15.35 48.03 48.00
CA CYS C 811 14.85 48.54 49.27
C CYS C 811 15.76 49.64 49.82
N LEU C 812 17.07 49.49 49.64
CA LEU C 812 18.00 50.52 50.08
C LEU C 812 17.87 51.79 49.27
N PHE C 813 17.58 51.68 47.97
CA PHE C 813 17.28 52.86 47.16
C PHE C 813 16.05 53.57 47.70
N ALA C 814 15.01 52.80 48.02
CA ALA C 814 13.81 53.41 48.62
C ALA C 814 14.15 54.10 49.94
N TYR C 815 14.98 53.45 50.75
CA TYR C 815 15.37 54.00 52.05
C TYR C 815 16.16 55.31 51.90
N VAL C 816 17.08 55.35 50.93
CA VAL C 816 17.92 56.53 50.77
C VAL C 816 17.20 57.67 50.06
N LEU C 817 16.31 57.36 49.11
CA LEU C 817 15.48 58.40 48.51
C LEU C 817 14.50 58.96 49.53
N MET C 818 14.01 58.10 50.41
CA MET C 818 12.90 58.43 51.29
C MET C 818 13.31 59.35 52.43
N VAL C 819 14.50 59.15 52.99
CA VAL C 819 14.97 60.00 54.09
C VAL C 819 16.15 60.86 53.66
N ASP C 820 17.17 60.25 53.07
CA ASP C 820 18.40 60.95 52.74
C ASP C 820 18.26 61.80 51.48
N PHE C 821 17.49 62.88 51.56
CA PHE C 821 17.40 63.86 50.47
C PHE C 821 18.39 65.00 50.73
N GLN C 822 19.66 64.62 50.84
CA GLN C 822 20.73 65.56 51.14
C GLN C 822 21.76 65.50 50.03
N PRO C 823 22.01 66.59 49.31
CA PRO C 823 23.05 66.56 48.27
C PRO C 823 24.43 66.26 48.80
N VAL C 824 24.73 66.65 50.04
CA VAL C 824 26.04 66.41 50.64
C VAL C 824 26.22 64.91 50.87
N PRO C 825 27.44 64.39 50.81
CA PRO C 825 27.64 62.95 51.02
C PRO C 825 27.46 62.55 52.48
N SER C 826 26.38 61.85 52.78
CA SER C 826 26.08 61.39 54.12
C SER C 826 26.38 59.89 54.23
N TRP C 827 26.02 59.30 55.36
CA TRP C 827 26.25 57.87 55.56
C TRP C 827 25.41 57.04 54.61
N CYS C 828 24.10 57.32 54.56
CA CYS C 828 23.21 56.56 53.68
C CYS C 828 23.47 56.88 52.21
N GLU C 829 23.89 58.11 51.91
CA GLU C 829 24.22 58.46 50.54
C GLU C 829 25.39 57.62 50.04
N CYS C 830 26.47 57.54 50.83
CA CYS C 830 27.60 56.69 50.45
C CYS C 830 27.20 55.21 50.45
N ALA C 831 26.31 54.80 51.36
CA ALA C 831 25.88 53.41 51.39
C ALA C 831 25.16 53.03 50.09
N ILE C 832 24.28 53.89 49.60
CA ILE C 832 23.59 53.59 48.35
C ILE C 832 24.52 53.78 47.16
N TYR C 833 25.53 54.65 47.28
CA TYR C 833 26.51 54.77 46.23
C TYR C 833 27.34 53.49 46.09
N LEU C 834 27.62 52.82 47.20
CA LEU C 834 28.49 51.64 47.19
C LEU C 834 27.95 50.56 46.28
N TRP C 835 26.72 50.08 46.55
CA TRP C 835 26.18 48.97 45.77
C TRP C 835 25.77 49.39 44.36
N LEU C 836 25.35 50.63 44.16
CA LEU C 836 25.10 51.10 42.81
C LEU C 836 26.39 51.11 41.99
N PHE C 837 27.50 51.53 42.60
CA PHE C 837 28.79 51.49 41.92
C PHE C 837 29.22 50.05 41.68
N SER C 838 28.89 49.14 42.60
CA SER C 838 29.20 47.73 42.39
C SER C 838 28.41 47.14 41.22
N LEU C 839 27.12 47.50 41.11
CA LEU C 839 26.32 47.06 39.97
C LEU C 839 26.86 47.65 38.67
N VAL C 840 27.28 48.92 38.72
CA VAL C 840 27.91 49.55 37.56
C VAL C 840 29.20 48.82 37.20
N CYS C 841 29.94 48.36 38.21
CA CYS C 841 31.16 47.60 37.94
C CYS C 841 30.86 46.25 37.32
N GLU C 842 29.77 45.61 37.73
CA GLU C 842 29.40 44.33 37.13
C GLU C 842 28.95 44.49 35.68
N GLU C 843 28.11 45.50 35.41
CA GLU C 843 27.73 45.76 34.03
C GLU C 843 28.92 46.26 33.22
N MET C 844 29.88 46.92 33.89
CA MET C 844 31.18 47.31 33.34
C MET C 844 31.94 46.10 32.82
N ARG C 845 32.06 45.08 33.68
CA ARG C 845 32.79 43.88 33.34
C ARG C 845 32.09 43.10 32.23
N GLN C 846 30.76 43.03 32.29
CA GLN C 846 30.02 42.39 31.20
C GLN C 846 30.24 43.13 29.88
N LEU C 847 30.30 44.46 29.91
CA LEU C 847 30.52 45.22 28.69
C LEU C 847 31.91 45.02 28.09
N PHE C 848 32.98 44.95 28.90
CA PHE C 848 34.25 44.54 28.30
C PHE C 848 34.27 43.07 27.86
N TYR C 849 33.58 42.18 28.56
CA TYR C 849 33.61 40.78 28.12
C TYR C 849 32.77 40.54 26.89
N ASP C 850 31.85 41.46 26.55
CA ASP C 850 31.01 41.26 25.38
C ASP C 850 31.79 41.22 24.07
N PRO C 851 32.67 42.17 23.76
CA PRO C 851 33.37 42.14 22.48
C PRO C 851 34.65 41.30 22.52
N ASP C 852 35.27 41.18 21.35
CA ASP C 852 36.54 40.47 21.23
C ASP C 852 37.70 41.42 21.55
N GLU C 853 38.93 40.96 21.31
CA GLU C 853 40.10 41.75 21.66
C GLU C 853 40.35 42.90 20.68
N CYS C 854 39.80 42.83 19.48
CA CYS C 854 40.04 43.85 18.47
C CYS C 854 38.86 44.79 18.25
N GLY C 855 37.67 44.26 17.96
CA GLY C 855 36.53 45.10 17.70
C GLY C 855 35.75 45.43 18.96
N LEU C 856 35.98 46.62 19.51
CA LEU C 856 35.34 47.04 20.75
C LEU C 856 33.95 47.62 20.50
N MET C 857 33.83 48.55 19.55
CA MET C 857 32.55 49.22 19.32
C MET C 857 31.57 48.35 18.57
N LYS C 858 32.04 47.60 17.56
CA LYS C 858 31.14 47.02 16.57
C LYS C 858 30.25 45.95 17.17
N LYS C 859 30.84 44.84 17.63
CA LYS C 859 30.02 43.72 18.10
C LYS C 859 29.39 44.01 19.46
N ALA C 860 30.03 44.84 20.29
CA ALA C 860 29.39 45.26 21.53
C ALA C 860 28.12 46.07 21.23
N ALA C 861 28.19 46.97 20.24
CA ALA C 861 26.99 47.71 19.86
C ALA C 861 25.96 46.80 19.21
N LEU C 862 26.40 45.78 18.46
CA LEU C 862 25.46 44.83 17.88
C LEU C 862 24.70 44.07 18.96
N TYR C 863 25.40 43.62 20.00
CA TYR C 863 24.74 42.97 21.12
C TYR C 863 23.87 43.92 21.92
N PHE C 864 24.29 45.17 22.08
CA PHE C 864 23.55 46.14 22.87
C PHE C 864 22.42 46.80 22.10
N SER C 865 22.29 46.52 20.80
CA SER C 865 21.12 46.96 20.05
C SER C 865 19.85 46.28 20.54
N ASP C 866 19.97 45.17 21.26
CA ASP C 866 18.80 44.54 21.87
C ASP C 866 18.18 45.48 22.89
N PHE C 867 16.86 45.38 23.04
CA PHE C 867 16.14 46.33 23.90
C PHE C 867 16.58 46.21 25.35
N TRP C 868 16.85 44.98 25.82
CA TRP C 868 17.27 44.80 27.21
C TRP C 868 18.61 45.46 27.48
N ASN C 869 19.57 45.29 26.57
CA ASN C 869 20.87 45.91 26.77
C ASN C 869 20.82 47.42 26.55
N LYS C 870 19.96 47.89 25.63
CA LYS C 870 19.75 49.31 25.49
C LYS C 870 19.19 49.92 26.78
N LEU C 871 18.25 49.22 27.41
CA LEU C 871 17.76 49.66 28.72
C LEU C 871 18.83 49.54 29.79
N ASP C 872 19.76 48.58 29.65
CA ASP C 872 20.87 48.50 30.58
C ASP C 872 21.74 49.75 30.50
N VAL C 873 22.02 50.23 29.29
CA VAL C 873 22.72 51.49 29.13
C VAL C 873 21.89 52.65 29.68
N GLY C 874 20.60 52.65 29.37
CA GLY C 874 19.73 53.73 29.80
C GLY C 874 19.60 53.85 31.31
N ALA C 875 19.65 52.72 32.02
CA ALA C 875 19.52 52.77 33.47
C ALA C 875 20.65 53.56 34.11
N ILE C 876 21.82 53.55 33.49
CA ILE C 876 22.94 54.34 33.99
C ILE C 876 22.91 55.76 33.45
N LEU C 877 22.59 55.92 32.16
CA LEU C 877 22.59 57.26 31.57
C LEU C 877 21.52 58.15 32.20
N LEU C 878 20.32 57.60 32.44
CA LEU C 878 19.26 58.37 33.05
C LEU C 878 19.62 58.76 34.49
N PHE C 879 20.25 57.85 35.23
CA PHE C 879 20.70 58.19 36.58
C PHE C 879 21.72 59.31 36.56
N VAL C 880 22.68 59.24 35.63
CA VAL C 880 23.69 60.30 35.52
C VAL C 880 23.02 61.64 35.17
N ALA C 881 22.10 61.61 34.21
CA ALA C 881 21.43 62.84 33.80
C ALA C 881 20.60 63.42 34.95
N GLY C 882 19.90 62.56 35.69
CA GLY C 882 19.11 63.03 36.82
C GLY C 882 19.98 63.62 37.93
N LEU C 883 21.11 62.99 38.22
CA LEU C 883 22.02 63.54 39.21
C LEU C 883 22.56 64.90 38.76
N THR C 884 22.96 65.02 37.49
CA THR C 884 23.45 66.30 37.00
C THR C 884 22.37 67.37 37.06
N CYS C 885 21.13 67.01 36.72
CA CYS C 885 20.03 67.96 36.81
C CYS C 885 19.78 68.38 38.25
N ARG C 886 19.85 67.43 39.19
CA ARG C 886 19.65 67.76 40.60
C ARG C 886 20.73 68.70 41.12
N LEU C 887 21.99 68.47 40.72
CA LEU C 887 23.04 69.43 41.09
C LEU C 887 22.82 70.79 40.44
N ILE C 888 22.21 70.83 39.25
CA ILE C 888 21.91 72.11 38.60
C ILE C 888 20.81 72.82 39.40
N PRO C 889 20.99 74.09 39.76
CA PRO C 889 19.97 74.78 40.56
C PRO C 889 18.63 74.93 39.84
N ALA C 890 18.60 74.85 38.52
CA ALA C 890 17.35 75.02 37.78
C ALA C 890 16.35 73.91 38.12
N THR C 891 16.83 72.69 38.28
CA THR C 891 15.95 71.54 38.51
C THR C 891 16.23 70.86 39.84
N LEU C 892 16.34 71.66 40.91
CA LEU C 892 16.61 71.09 42.22
C LEU C 892 15.50 70.13 42.65
N TYR C 893 14.24 70.56 42.51
CA TYR C 893 13.10 69.73 42.88
C TYR C 893 12.76 68.69 41.81
N PRO C 894 12.71 69.05 40.52
CA PRO C 894 12.41 68.02 39.51
C PRO C 894 13.44 66.91 39.41
N GLY C 895 14.66 67.12 39.96
CA GLY C 895 15.66 66.07 39.91
C GLY C 895 15.22 64.82 40.66
N ARG C 896 14.59 64.99 41.81
CA ARG C 896 14.08 63.84 42.55
C ARG C 896 13.02 63.08 41.76
N VAL C 897 12.11 63.82 41.12
CA VAL C 897 11.07 63.18 40.31
C VAL C 897 11.70 62.42 39.15
N ILE C 898 12.69 63.01 38.50
CA ILE C 898 13.36 62.35 37.38
C ILE C 898 14.06 61.08 37.85
N LEU C 899 14.75 61.16 38.99
CA LEU C 899 15.45 59.98 39.50
C LEU C 899 14.47 58.89 39.94
N SER C 900 13.27 59.28 40.37
CA SER C 900 12.28 58.27 40.79
C SER C 900 11.86 57.38 39.62
N LEU C 901 11.93 57.90 38.40
CA LEU C 901 11.45 57.13 37.25
C LEU C 901 12.38 55.98 36.91
N ASP C 902 13.66 56.08 37.30
CA ASP C 902 14.63 55.05 36.94
C ASP C 902 14.34 53.72 37.63
N PHE C 903 13.55 53.76 38.71
CA PHE C 903 13.25 52.55 39.46
C PHE C 903 12.40 51.57 38.65
N ILE C 904 11.58 52.11 37.74
CA ILE C 904 10.73 51.27 36.90
C ILE C 904 11.59 50.39 35.99
N LEU C 905 12.73 50.91 35.53
CA LEU C 905 13.64 50.10 34.72
C LEU C 905 14.15 48.91 35.52
N PHE C 906 14.48 49.10 36.79
CA PHE C 906 14.96 48.01 37.64
C PHE C 906 13.83 47.01 37.90
N CYS C 907 12.60 47.51 37.98
CA CYS C 907 11.44 46.63 38.06
C CYS C 907 11.43 45.64 36.89
N LEU C 908 11.89 46.08 35.71
CA LEU C 908 11.97 45.17 34.57
C LEU C 908 12.95 44.03 34.83
N ARG C 909 14.12 44.35 35.41
CA ARG C 909 15.08 43.30 35.72
C ARG C 909 14.50 42.32 36.72
N LEU C 910 13.63 42.82 37.61
CA LEU C 910 12.99 41.94 38.60
C LEU C 910 12.43 40.68 37.96
N MET C 911 11.50 40.82 36.99
CA MET C 911 10.99 39.61 36.36
C MET C 911 11.83 39.17 35.16
N HIS C 912 12.84 39.95 34.76
CA HIS C 912 13.77 39.44 33.75
C HIS C 912 14.65 38.33 34.29
N ILE C 913 15.05 38.42 35.56
CA ILE C 913 16.01 37.46 36.12
C ILE C 913 15.35 36.28 36.83
N PHE C 914 14.03 36.26 36.95
CA PHE C 914 13.35 35.25 37.76
C PHE C 914 12.95 34.04 36.91
N THR C 915 13.94 33.50 36.22
CA THR C 915 13.74 32.29 35.40
C THR C 915 14.21 31.03 36.13
N ILE C 916 13.64 30.76 37.31
CA ILE C 916 14.06 29.64 38.14
C ILE C 916 12.92 28.67 38.42
N SER C 917 11.72 29.18 38.67
CA SER C 917 10.61 28.34 39.11
C SER C 917 10.29 27.26 38.07
N LYS C 918 9.94 26.07 38.58
CA LYS C 918 9.73 24.92 37.70
C LYS C 918 8.52 25.12 36.80
N THR C 919 7.39 25.59 37.35
CA THR C 919 6.18 25.77 36.56
C THR C 919 5.97 27.20 36.11
N LEU C 920 6.38 28.19 36.92
CA LEU C 920 6.28 29.59 36.51
C LEU C 920 7.39 30.02 35.56
N GLY C 921 8.53 29.34 35.62
CA GLY C 921 9.66 29.70 34.78
C GLY C 921 9.40 29.62 33.28
N PRO C 922 8.88 28.48 32.80
CA PRO C 922 8.52 28.42 31.37
C PRO C 922 7.50 29.48 30.99
N LYS C 923 6.56 29.76 31.89
CA LYS C 923 5.61 30.83 31.62
C LYS C 923 6.30 32.18 31.60
N ILE C 924 7.38 32.32 32.37
CA ILE C 924 8.14 33.56 32.35
C ILE C 924 8.93 33.70 31.04
N ILE C 925 9.44 32.59 30.50
CA ILE C 925 10.02 32.66 29.16
C ILE C 925 8.95 33.05 28.14
N ILE C 926 7.73 32.54 28.32
CA ILE C 926 6.63 32.90 27.42
C ILE C 926 6.33 34.40 27.51
N VAL C 927 6.29 34.95 28.72
CA VAL C 927 6.04 36.39 28.84
C VAL C 927 7.20 37.20 28.27
N LYS C 928 8.44 36.73 28.43
CA LYS C 928 9.58 37.41 27.83
C LYS C 928 9.40 37.50 26.31
N ARG C 929 9.12 36.36 25.66
CA ARG C 929 8.99 36.37 24.22
C ARG C 929 7.77 37.17 23.76
N MET C 930 6.67 37.11 24.50
CA MET C 930 5.49 37.84 24.06
C MET C 930 5.70 39.35 24.17
N MET C 931 6.37 39.80 25.24
CA MET C 931 6.62 41.23 25.33
C MET C 931 7.64 41.67 24.29
N LYS C 932 8.64 40.83 23.99
CA LYS C 932 9.54 41.15 22.89
C LYS C 932 8.79 41.26 21.57
N ASP C 933 7.73 40.46 21.40
CA ASP C 933 6.94 40.52 20.18
C ASP C 933 6.05 41.76 20.14
N VAL C 934 5.44 42.11 21.27
CA VAL C 934 4.48 43.22 21.33
C VAL C 934 5.17 44.49 21.76
N PHE C 935 6.51 44.51 21.66
CA PHE C 935 7.24 45.76 21.87
C PHE C 935 6.74 46.87 20.96
N PHE C 936 6.22 46.54 19.78
CA PHE C 936 5.69 47.56 18.88
C PHE C 936 4.21 47.81 19.12
N PHE C 937 3.46 46.81 19.57
CA PHE C 937 2.11 47.07 20.05
C PHE C 937 2.14 48.03 21.24
N LEU C 938 3.22 47.99 22.02
CA LEU C 938 3.41 48.94 23.10
C LEU C 938 3.35 50.37 22.59
N PHE C 939 4.13 50.66 21.54
CA PHE C 939 4.15 52.01 20.98
C PHE C 939 2.84 52.33 20.26
N LEU C 940 2.23 51.35 19.60
CA LEU C 940 0.91 51.58 19.01
C LEU C 940 -0.09 52.04 20.07
N LEU C 941 -0.15 51.30 21.18
CA LEU C 941 -1.07 51.64 22.26
C LEU C 941 -0.74 53.02 22.84
N ALA C 942 0.54 53.29 23.07
CA ALA C 942 0.93 54.54 23.71
C ALA C 942 0.63 55.74 22.81
N VAL C 943 0.98 55.65 21.53
CA VAL C 943 0.76 56.76 20.61
C VAL C 943 -0.72 56.97 20.37
N TRP C 944 -1.49 55.88 20.28
CA TRP C 944 -2.93 55.99 20.05
C TRP C 944 -3.62 56.73 21.20
N VAL C 945 -3.18 56.47 22.44
CA VAL C 945 -3.80 57.11 23.60
C VAL C 945 -3.60 58.62 23.59
N VAL C 946 -2.59 59.13 22.90
CA VAL C 946 -2.35 60.57 22.82
C VAL C 946 -3.60 61.31 22.35
N SER C 947 -4.51 60.61 21.67
CA SER C 947 -5.80 61.17 21.27
C SER C 947 -6.86 61.08 22.36
N PHE C 948 -6.46 60.93 23.63
CA PHE C 948 -7.40 60.97 24.75
C PHE C 948 -7.39 62.32 25.43
N GLY C 949 -6.24 62.76 25.96
CA GLY C 949 -6.18 64.04 26.63
C GLY C 949 -6.40 65.20 25.68
N VAL C 950 -5.83 65.12 24.47
CA VAL C 950 -6.05 66.17 23.48
C VAL C 950 -7.52 66.23 23.07
N ALA C 951 -8.14 65.06 22.86
CA ALA C 951 -9.56 65.06 22.47
C ALA C 951 -10.44 65.62 23.57
N LYS C 952 -10.17 65.26 24.82
CA LYS C 952 -10.99 65.77 25.92
C LYS C 952 -10.73 67.25 26.17
N GLN C 953 -9.51 67.70 25.90
CA GLN C 953 -9.10 69.08 26.16
C GLN C 953 -9.33 70.02 24.98
N ALA C 954 -9.98 69.54 23.91
CA ALA C 954 -10.25 70.39 22.76
C ALA C 954 -11.27 71.48 23.06
N ILE C 955 -11.96 71.41 24.20
CA ILE C 955 -12.98 72.40 24.52
C ILE C 955 -12.36 73.75 24.81
N LEU C 956 -11.22 73.77 25.50
CA LEU C 956 -10.60 75.00 25.95
C LEU C 956 -9.38 75.35 25.09
N ILE C 957 -9.03 76.63 25.12
CA ILE C 957 -7.95 77.18 24.29
C ILE C 957 -6.61 76.70 24.82
N HIS C 958 -5.71 76.33 23.92
CA HIS C 958 -4.38 75.91 24.34
C HIS C 958 -3.60 77.10 24.88
N ASN C 959 -2.46 76.80 25.50
CA ASN C 959 -1.56 77.83 26.01
C ASN C 959 -0.14 77.43 25.61
N GLU C 960 0.28 77.88 24.42
CA GLU C 960 1.61 77.60 23.91
C GLU C 960 2.64 78.64 24.33
N ARG C 961 2.26 79.91 24.42
CA ARG C 961 3.14 80.93 24.99
C ARG C 961 2.25 81.71 25.97
N ARG C 962 2.21 81.21 27.22
CA ARG C 962 1.22 81.61 28.21
C ARG C 962 1.70 81.29 29.62
N VAL C 963 0.77 81.23 30.56
CA VAL C 963 1.03 80.84 31.95
C VAL C 963 0.65 79.37 32.10
N ASP C 964 0.75 78.62 30.99
CA ASP C 964 0.19 77.28 30.88
C ASP C 964 0.65 76.35 32.00
N TRP C 965 1.95 76.37 32.31
CA TRP C 965 2.55 75.30 33.11
C TRP C 965 1.85 75.11 34.45
N LEU C 966 1.93 76.15 35.29
CA LEU C 966 2.37 76.08 36.68
C LEU C 966 1.54 75.13 37.56
N PHE C 967 0.25 75.02 37.31
CA PHE C 967 -0.56 74.24 38.25
C PHE C 967 -1.28 73.06 37.61
N ARG C 968 -1.60 73.09 36.32
CA ARG C 968 -2.42 72.02 35.76
C ARG C 968 -2.02 71.57 34.36
N GLY C 969 -1.10 72.25 33.65
CA GLY C 969 -1.37 72.45 32.24
C GLY C 969 -1.99 71.35 31.38
N ALA C 970 -1.27 70.29 30.97
CA ALA C 970 -1.99 69.22 30.25
C ALA C 970 -1.43 67.81 30.40
N VAL C 971 -0.13 67.59 30.66
CA VAL C 971 0.47 66.30 30.34
C VAL C 971 1.24 65.58 31.47
N TYR C 972 2.25 66.22 32.07
CA TYR C 972 3.49 65.48 32.38
C TYR C 972 3.45 64.48 33.54
N HIS C 973 3.25 64.89 34.82
CA HIS C 973 3.43 63.77 35.76
C HIS C 973 2.47 63.52 36.95
N SER C 974 1.95 64.51 37.70
CA SER C 974 1.55 64.06 39.05
C SER C 974 0.14 64.32 39.59
N TYR C 975 -0.47 65.47 39.29
CA TYR C 975 -1.60 65.95 40.07
C TYR C 975 -2.97 65.60 39.50
N LEU C 976 -3.17 64.42 38.92
CA LEU C 976 -4.49 64.11 38.39
C LEU C 976 -5.56 64.06 39.47
N THR C 977 -6.58 64.91 39.34
CA THR C 977 -7.80 64.82 40.11
C THR C 977 -9.01 64.48 39.25
N ILE C 978 -8.80 63.98 38.04
CA ILE C 978 -9.86 63.66 37.09
C ILE C 978 -9.82 62.15 36.87
N PHE C 979 -9.49 61.42 37.93
CA PHE C 979 -9.42 59.95 37.95
C PHE C 979 -10.80 59.34 37.73
N GLY C 980 -11.78 60.18 37.41
CA GLY C 980 -13.18 59.88 37.55
C GLY C 980 -13.84 60.69 38.63
N GLN C 981 -13.04 61.44 39.40
CA GLN C 981 -13.52 62.28 40.50
C GLN C 981 -13.57 63.73 40.00
N ILE C 982 -14.54 64.01 39.15
CA ILE C 982 -14.63 65.39 38.62
C ILE C 982 -14.99 66.32 39.77
N PRO C 983 -14.26 67.42 39.97
CA PRO C 983 -14.52 68.28 41.13
C PRO C 983 -15.83 69.05 41.00
N GLY C 984 -16.94 68.39 41.29
CA GLY C 984 -18.24 69.03 41.26
C GLY C 984 -18.62 69.65 42.60
N TYR C 985 -17.66 69.69 43.53
CA TYR C 985 -17.90 70.26 44.84
C TYR C 985 -18.24 71.74 44.80
N ILE C 986 -17.88 72.44 43.73
CA ILE C 986 -18.17 73.87 43.63
C ILE C 986 -19.58 74.10 43.10
N ASP C 987 -20.19 73.08 42.48
CA ASP C 987 -21.50 73.22 41.87
C ASP C 987 -22.56 73.53 42.93
N GLY C 988 -22.73 72.64 43.90
CA GLY C 988 -23.71 72.84 44.94
C GLY C 988 -23.89 71.63 45.85
N PHE C 1020 -34.39 66.51 25.29
CA PHE C 1020 -33.75 65.38 24.62
C PHE C 1020 -32.22 65.35 24.71
N PRO C 1021 -31.51 66.46 24.48
CA PRO C 1021 -30.05 66.40 24.52
C PRO C 1021 -29.36 66.73 25.84
N GLU C 1022 -28.71 65.79 26.56
CA GLU C 1022 -27.25 65.75 26.69
C GLU C 1022 -26.67 64.61 27.57
N TRP C 1023 -26.40 63.39 27.05
CA TRP C 1023 -25.70 62.35 27.82
C TRP C 1023 -24.69 61.44 27.08
N LEU C 1024 -24.88 61.25 25.76
CA LEU C 1024 -24.44 60.00 25.15
C LEU C 1024 -23.02 60.05 24.59
N THR C 1025 -22.43 61.21 24.33
CA THR C 1025 -21.03 61.16 23.94
C THR C 1025 -20.14 60.78 25.12
N VAL C 1026 -20.54 61.13 26.34
CA VAL C 1026 -19.80 60.66 27.50
C VAL C 1026 -20.27 59.27 27.93
N LEU C 1027 -21.46 58.82 27.49
CA LEU C 1027 -21.70 57.37 27.46
C LEU C 1027 -20.72 56.67 26.53
N LEU C 1028 -20.51 57.24 25.34
CA LEU C 1028 -19.63 56.66 24.35
C LEU C 1028 -18.16 56.80 24.70
N LEU C 1029 -17.80 57.61 25.69
CA LEU C 1029 -16.43 57.53 26.20
C LEU C 1029 -16.16 56.16 26.81
N CYS C 1030 -17.04 55.68 27.69
CA CYS C 1030 -16.88 54.33 28.21
C CYS C 1030 -17.15 53.27 27.15
N LEU C 1031 -18.09 53.53 26.23
CA LEU C 1031 -18.24 52.59 25.12
C LEU C 1031 -16.97 52.53 24.27
N TYR C 1032 -16.29 53.65 24.09
CA TYR C 1032 -15.04 53.68 23.35
C TYR C 1032 -13.95 52.96 24.12
N LEU C 1033 -14.02 52.99 25.45
CA LEU C 1033 -13.15 52.13 26.25
C LEU C 1033 -13.43 50.65 25.96
N LEU C 1034 -14.71 50.28 25.86
CA LEU C 1034 -15.05 48.92 25.44
C LEU C 1034 -14.48 48.62 24.06
N PHE C 1035 -14.49 49.62 23.18
CA PHE C 1035 -13.83 49.51 21.87
C PHE C 1035 -12.32 49.34 21.99
N THR C 1036 -11.70 49.96 23.00
CA THR C 1036 -10.29 49.70 23.27
C THR C 1036 -10.10 48.23 23.62
N ASN C 1037 -11.02 47.67 24.40
CA ASN C 1037 -11.00 46.23 24.64
C ASN C 1037 -11.20 45.46 23.34
N ILE C 1038 -11.83 46.08 22.34
CA ILE C 1038 -12.07 45.40 21.07
C ILE C 1038 -10.80 45.38 20.23
N LEU C 1039 -10.25 46.55 19.92
CA LEU C 1039 -9.14 46.63 18.98
C LEU C 1039 -7.84 46.09 19.57
N LEU C 1040 -7.69 46.14 20.88
CA LEU C 1040 -6.37 45.97 21.50
C LEU C 1040 -6.23 44.71 22.34
N LEU C 1041 -7.21 44.40 23.20
CA LEU C 1041 -7.14 43.15 23.94
C LEU C 1041 -7.22 41.96 23.01
N ASN C 1042 -7.82 42.11 21.84
CA ASN C 1042 -7.79 41.05 20.83
C ASN C 1042 -6.37 40.72 20.42
N LEU C 1043 -5.50 41.73 20.34
CA LEU C 1043 -4.12 41.50 19.90
C LEU C 1043 -3.38 40.55 20.83
N LEU C 1044 -3.64 40.63 22.14
CA LEU C 1044 -2.97 39.75 23.10
C LEU C 1044 -3.23 38.29 22.79
N ILE C 1045 -4.50 37.87 22.91
CA ILE C 1045 -4.86 36.47 22.64
C ILE C 1045 -4.49 36.10 21.22
N ALA C 1046 -4.58 37.06 20.29
CA ALA C 1046 -4.25 36.79 18.90
C ALA C 1046 -2.79 36.37 18.76
N MET C 1047 -1.86 37.19 19.27
CA MET C 1047 -0.45 36.84 19.11
C MET C 1047 -0.07 35.63 19.93
N PHE C 1048 -0.74 35.40 21.06
CA PHE C 1048 -0.45 34.17 21.81
C PHE C 1048 -0.88 32.94 21.02
N ASN C 1049 -2.01 33.04 20.31
CA ASN C 1049 -2.63 31.88 19.68
C ASN C 1049 -1.99 31.52 18.33
N TYR C 1050 -0.74 31.90 18.12
CA TYR C 1050 0.02 31.46 16.96
C TYR C 1050 1.03 30.37 17.29
N THR C 1051 1.44 30.27 18.56
CA THR C 1051 2.38 29.24 19.00
C THR C 1051 1.74 28.43 20.13
N PHE C 1052 0.52 27.97 19.93
CA PHE C 1052 -0.32 27.44 21.00
C PHE C 1052 -0.31 25.92 21.10
N GLN C 1053 0.42 25.23 20.22
CA GLN C 1053 0.34 23.77 20.12
C GLN C 1053 1.52 23.11 20.80
N GLN C 1054 1.24 22.00 21.51
CA GLN C 1054 2.25 21.10 22.08
C GLN C 1054 3.34 21.84 22.85
N VAL C 1055 3.03 23.03 23.36
CA VAL C 1055 4.04 23.80 24.09
C VAL C 1055 4.30 23.21 25.46
N GLN C 1056 3.26 22.71 26.15
CA GLN C 1056 3.41 22.28 27.53
C GLN C 1056 4.51 21.23 27.68
N GLU C 1057 4.67 20.37 26.68
CA GLU C 1057 5.74 19.37 26.69
C GLU C 1057 7.00 19.85 25.96
N HIS C 1058 6.87 20.78 25.01
CA HIS C 1058 8.01 21.26 24.23
C HIS C 1058 8.42 22.68 24.61
N THR C 1059 7.82 23.24 25.67
CA THR C 1059 8.41 24.40 26.29
C THR C 1059 9.58 24.00 27.20
N ASP C 1060 9.72 22.71 27.49
CA ASP C 1060 10.89 22.24 28.23
C ASP C 1060 12.16 22.43 27.40
N GLN C 1061 12.07 22.22 26.08
CA GLN C 1061 13.21 22.47 25.20
C GLN C 1061 13.63 23.93 25.27
N ILE C 1062 12.68 24.85 25.11
CA ILE C 1062 12.98 26.28 25.15
C ILE C 1062 13.52 26.68 26.53
N TRP C 1063 12.85 26.22 27.58
CA TRP C 1063 13.38 26.31 28.95
C TRP C 1063 14.84 25.91 29.04
N LYS C 1064 15.19 24.69 28.66
CA LYS C 1064 16.57 24.24 28.83
C LYS C 1064 17.52 25.09 28.00
N PHE C 1065 17.08 25.52 26.81
CA PHE C 1065 17.96 26.28 25.94
C PHE C 1065 18.29 27.66 26.50
N GLN C 1066 17.27 28.44 26.89
CA GLN C 1066 17.63 29.72 27.52
C GLN C 1066 18.30 29.53 28.87
N ARG C 1067 18.02 28.44 29.59
CA ARG C 1067 18.78 28.20 30.82
C ARG C 1067 20.27 28.09 30.51
N HIS C 1068 20.63 27.24 29.54
CA HIS C 1068 22.05 27.06 29.23
C HIS C 1068 22.66 28.32 28.64
N ASP C 1069 21.92 29.04 27.78
CA ASP C 1069 22.44 30.27 27.21
C ASP C 1069 22.70 31.31 28.30
N LEU C 1070 21.79 31.40 29.28
CA LEU C 1070 21.98 32.32 30.40
C LEU C 1070 23.18 31.90 31.25
N ILE C 1071 23.23 30.63 31.66
CA ILE C 1071 24.29 30.15 32.53
C ILE C 1071 25.66 30.20 31.87
N GLU C 1072 25.73 30.13 30.54
CA GLU C 1072 27.03 30.12 29.88
C GLU C 1072 27.83 31.38 30.19
N GLU C 1073 27.18 32.54 30.26
CA GLU C 1073 27.86 33.78 30.63
C GLU C 1073 27.56 34.24 32.05
N TYR C 1074 26.50 33.78 32.68
CA TYR C 1074 26.25 34.16 34.06
C TYR C 1074 26.94 33.24 35.07
N HIS C 1075 27.58 32.16 34.59
CA HIS C 1075 28.27 31.25 35.50
C HIS C 1075 29.62 31.79 35.91
N GLY C 1076 30.22 32.67 35.10
CA GLY C 1076 31.51 33.24 35.42
C GLY C 1076 31.41 34.40 36.39
N ARG C 1077 30.66 34.23 37.46
CA ARG C 1077 30.51 35.23 38.50
C ARG C 1077 31.18 34.76 39.79
N PRO C 1078 31.81 35.66 40.53
CA PRO C 1078 32.54 35.25 41.74
C PRO C 1078 31.59 34.71 42.80
N ALA C 1079 32.13 33.77 43.59
CA ALA C 1079 31.37 33.19 44.69
C ALA C 1079 31.37 34.05 45.95
N ALA C 1080 32.19 35.10 45.99
CA ALA C 1080 32.20 35.98 47.14
C ALA C 1080 30.91 36.79 47.20
N PRO C 1081 30.25 36.84 48.35
CA PRO C 1081 29.01 37.61 48.47
C PRO C 1081 29.28 39.10 48.40
N PRO C 1082 28.28 39.91 48.10
CA PRO C 1082 28.47 41.38 48.05
C PRO C 1082 29.01 41.93 49.36
N PRO C 1083 28.61 41.42 50.53
CA PRO C 1083 29.28 41.85 51.76
C PRO C 1083 30.76 41.53 51.79
N PHE C 1084 31.21 40.46 51.13
CA PHE C 1084 32.61 40.07 51.10
C PHE C 1084 33.20 40.26 49.71
N ILE C 1085 32.77 41.33 49.02
CA ILE C 1085 33.27 41.63 47.68
C ILE C 1085 34.56 42.44 47.71
N LEU C 1086 34.94 43.00 48.85
CA LEU C 1086 36.16 43.80 48.93
C LEU C 1086 37.40 42.95 48.73
N LEU C 1087 37.36 41.68 49.18
CA LEU C 1087 38.50 40.80 48.96
C LEU C 1087 38.72 40.55 47.47
N SER C 1088 37.65 40.22 46.75
CA SER C 1088 37.75 40.02 45.30
C SER C 1088 38.16 41.31 44.61
N HIS C 1089 37.67 42.46 45.12
CA HIS C 1089 38.09 43.74 44.56
C HIS C 1089 39.59 43.93 44.68
N LEU C 1090 40.12 43.78 45.89
CA LEU C 1090 41.56 43.95 46.10
C LEU C 1090 42.36 42.88 45.37
N GLN C 1091 41.74 41.75 45.03
CA GLN C 1091 42.44 40.71 44.32
C GLN C 1091 42.50 40.93 42.81
N LEU C 1092 41.45 41.51 42.23
CA LEU C 1092 41.38 41.57 40.77
C LEU C 1092 41.25 42.97 40.20
N PHE C 1093 40.49 43.86 40.84
CA PHE C 1093 40.24 45.17 40.24
C PHE C 1093 41.45 46.08 40.26
N ILE C 1094 42.30 46.00 41.30
CA ILE C 1094 43.57 46.70 41.26
C ILE C 1094 44.61 45.96 40.42
N LYS C 1095 44.42 44.66 40.22
CA LYS C 1095 45.28 43.86 39.36
C LYS C 1095 45.01 44.15 37.88
N ARG C 1096 43.81 44.66 37.56
CA ARG C 1096 43.48 44.96 36.17
C ARG C 1096 44.45 45.95 35.54
N VAL C 1097 44.78 47.03 36.26
CA VAL C 1097 45.44 48.18 35.65
C VAL C 1097 46.82 47.85 35.09
N VAL C 1098 47.52 46.85 35.65
CA VAL C 1098 48.86 46.53 35.16
C VAL C 1098 48.84 45.79 33.83
N LEU C 1099 47.67 45.35 33.38
CA LEU C 1099 47.54 44.64 32.11
C LEU C 1099 46.57 45.38 31.20
N LYS C 1100 46.85 45.34 29.89
CA LYS C 1100 45.95 45.94 28.91
C LYS C 1100 44.61 45.20 28.88
N THR C 1101 44.65 43.87 28.93
CA THR C 1101 43.45 43.05 28.88
C THR C 1101 43.44 42.09 30.06
N PRO C 1102 42.32 41.98 30.78
CA PRO C 1102 42.26 41.03 31.91
C PRO C 1102 42.44 39.59 31.45
N ALA C 1103 43.50 38.94 31.91
CA ALA C 1103 43.85 37.58 31.52
C ALA C 1103 43.57 36.56 32.62
N LYS C 1104 42.49 36.77 33.38
CA LYS C 1104 42.12 35.82 34.41
C LYS C 1104 41.70 34.49 33.80
N ARG C 1105 41.87 33.42 34.55
CA ARG C 1105 41.48 32.10 34.08
C ARG C 1105 39.99 32.06 33.82
N HIS C 1106 39.61 31.58 32.63
CA HIS C 1106 38.22 31.63 32.22
C HIS C 1106 37.46 30.46 32.84
N LYS C 1107 36.32 30.76 33.43
CA LYS C 1107 35.53 29.77 34.19
C LYS C 1107 34.67 28.99 33.22
N GLN C 1108 35.12 27.78 32.88
CA GLN C 1108 34.36 26.87 32.04
C GLN C 1108 34.50 25.45 32.53
N LEU C 1109 33.68 24.57 31.93
CA LEU C 1109 33.62 23.16 32.26
C LEU C 1109 34.40 22.29 31.27
N LYS C 1110 35.21 22.90 30.41
CA LYS C 1110 36.03 22.15 29.48
C LYS C 1110 37.20 21.49 30.20
N ASN C 1111 37.71 20.41 29.61
CA ASN C 1111 38.84 19.67 30.14
C ASN C 1111 39.86 19.42 29.05
N LYS C 1112 41.13 19.32 29.44
CA LYS C 1112 42.20 19.01 28.52
C LYS C 1112 42.28 17.50 28.36
N LEU C 1113 42.32 17.03 27.12
CA LEU C 1113 42.31 15.60 26.80
C LEU C 1113 43.72 15.13 26.48
N GLU C 1114 44.10 13.99 27.05
CA GLU C 1114 45.39 13.39 26.74
C GLU C 1114 45.27 12.48 25.52
N LYS C 1115 46.42 12.15 24.93
CA LYS C 1115 46.43 11.38 23.68
C LYS C 1115 45.83 9.99 23.87
N ASN C 1116 46.25 9.28 24.92
CA ASN C 1116 45.78 7.92 25.12
C ASN C 1116 44.27 7.88 25.36
N GLU C 1117 43.75 8.76 26.22
CA GLU C 1117 42.32 8.80 26.44
C GLU C 1117 41.59 9.27 25.18
N GLU C 1118 42.20 10.17 24.40
CA GLU C 1118 41.60 10.59 23.14
C GLU C 1118 41.39 9.39 22.22
N ALA C 1119 42.44 8.60 21.99
CA ALA C 1119 42.32 7.45 21.10
C ALA C 1119 41.37 6.40 21.67
N ALA C 1120 41.46 6.14 22.98
CA ALA C 1120 40.62 5.14 23.61
C ALA C 1120 39.15 5.50 23.50
N LEU C 1121 38.80 6.78 23.69
CA LEU C 1121 37.45 7.21 23.42
C LEU C 1121 37.09 7.08 21.95
N LEU C 1122 37.90 7.65 21.05
CA LEU C 1122 37.51 7.79 19.65
C LEU C 1122 37.22 6.43 19.03
N SER C 1123 38.04 5.43 19.35
CA SER C 1123 37.74 4.07 18.89
C SER C 1123 36.38 3.60 19.40
N TRP C 1124 36.03 3.99 20.62
CA TRP C 1124 34.76 3.55 21.21
C TRP C 1124 33.58 4.21 20.52
N GLU C 1125 33.67 5.52 20.23
CA GLU C 1125 32.59 6.14 19.47
C GLU C 1125 32.49 5.55 18.07
N ILE C 1126 33.63 5.19 17.47
CA ILE C 1126 33.55 4.54 16.15
C ILE C 1126 32.83 3.20 16.24
N TYR C 1127 33.13 2.40 17.28
CA TYR C 1127 32.51 1.09 17.41
C TYR C 1127 31.01 1.23 17.64
N LEU C 1128 30.60 2.12 18.55
CA LEU C 1128 29.18 2.33 18.77
C LEU C 1128 28.52 3.00 17.57
N LYS C 1129 29.28 3.72 16.75
CA LYS C 1129 28.74 4.24 15.49
C LYS C 1129 28.45 3.11 14.52
N GLU C 1130 29.32 2.11 14.47
CA GLU C 1130 29.02 0.92 13.68
C GLU C 1130 27.77 0.24 14.21
N ASN C 1131 27.65 0.17 15.54
CA ASN C 1131 26.46 -0.43 16.13
C ASN C 1131 25.20 0.36 15.77
N TYR C 1132 25.31 1.69 15.71
CA TYR C 1132 24.19 2.53 15.32
C TYR C 1132 23.87 2.36 13.85
N LEU C 1133 24.90 2.24 13.00
CA LEU C 1133 24.68 2.13 11.57
C LEU C 1133 23.99 0.83 11.20
N GLN C 1134 24.39 -0.29 11.80
CA GLN C 1134 23.71 -1.55 11.50
C GLN C 1134 22.26 -1.54 12.00
N ASN C 1135 22.03 -0.97 13.19
CA ASN C 1135 20.67 -0.81 13.68
C ASN C 1135 19.86 0.07 12.73
N ARG C 1136 20.47 1.17 12.26
CA ARG C 1136 19.85 2.08 11.31
C ARG C 1136 19.37 1.33 10.08
N GLN C 1137 20.24 0.50 9.51
CA GLN C 1137 19.82 -0.36 8.40
C GLN C 1137 18.61 -1.20 8.79
N PHE C 1138 18.63 -1.74 10.02
CA PHE C 1138 17.49 -2.53 10.46
C PHE C 1138 16.19 -1.72 10.44
N GLN C 1139 16.23 -0.45 10.86
CA GLN C 1139 15.00 0.35 10.76
C GLN C 1139 14.69 0.73 9.30
N GLN C 1140 15.71 0.96 8.48
CA GLN C 1140 15.41 1.29 7.08
C GLN C 1140 14.77 0.11 6.36
N LYS C 1141 14.88 -1.09 6.93
CA LYS C 1141 14.08 -2.19 6.39
C LYS C 1141 12.60 -2.01 6.70
N GLN C 1142 12.29 -1.39 7.85
CA GLN C 1142 10.95 -1.48 8.43
C GLN C 1142 9.86 -0.69 7.70
N ARG C 1143 10.09 0.58 7.34
CA ARG C 1143 8.95 1.39 6.87
C ARG C 1143 8.42 0.82 5.56
N PRO C 1144 7.11 0.92 5.31
CA PRO C 1144 6.54 0.19 4.16
C PRO C 1144 6.99 0.71 2.81
N GLU C 1145 7.72 1.82 2.76
CA GLU C 1145 8.22 2.31 1.48
C GLU C 1145 9.18 1.31 0.84
N GLN C 1146 10.16 0.81 1.61
CA GLN C 1146 11.04 -0.22 1.10
C GLN C 1146 10.25 -1.46 0.69
N LYS C 1147 9.18 -1.76 1.41
CA LYS C 1147 8.32 -2.89 1.00
C LYS C 1147 7.69 -2.64 -0.36
N ILE C 1148 7.17 -1.45 -0.61
CA ILE C 1148 6.46 -1.21 -1.86
C ILE C 1148 7.44 -1.19 -3.05
N GLU C 1149 8.61 -0.57 -2.88
CA GLU C 1149 9.55 -0.67 -4.00
C GLU C 1149 10.21 -2.04 -4.10
N ASP C 1150 10.26 -2.82 -3.01
CA ASP C 1150 10.71 -4.19 -3.11
C ASP C 1150 9.74 -5.01 -3.96
N ILE C 1151 8.44 -4.79 -3.76
CA ILE C 1151 7.46 -5.43 -4.65
C ILE C 1151 7.65 -4.96 -6.08
N SER C 1152 7.84 -3.64 -6.25
CA SER C 1152 7.93 -3.06 -7.59
C SER C 1152 9.14 -3.56 -8.36
N ASN C 1153 10.26 -3.82 -7.69
CA ASN C 1153 11.43 -4.29 -8.43
C ASN C 1153 11.52 -5.82 -8.45
N LYS C 1154 10.91 -6.50 -7.48
CA LYS C 1154 10.87 -7.94 -7.52
C LYS C 1154 9.91 -8.47 -8.57
N VAL C 1155 8.83 -7.76 -8.86
CA VAL C 1155 8.02 -8.15 -10.01
C VAL C 1155 8.82 -7.98 -11.30
N ASP C 1156 9.67 -6.96 -11.39
CA ASP C 1156 10.53 -6.80 -12.55
C ASP C 1156 11.51 -7.96 -12.68
N ALA C 1157 12.15 -8.34 -11.58
CA ALA C 1157 13.05 -9.49 -11.61
C ALA C 1157 12.29 -10.79 -11.89
N MET C 1158 11.00 -10.82 -11.58
CA MET C 1158 10.17 -11.99 -11.85
C MET C 1158 9.78 -12.09 -13.32
N VAL C 1159 9.59 -10.95 -13.98
CA VAL C 1159 9.10 -10.96 -15.36
C VAL C 1159 10.07 -11.69 -16.29
N ASP C 1160 11.37 -11.48 -16.10
CA ASP C 1160 12.34 -11.79 -17.15
C ASP C 1160 12.39 -13.28 -17.48
N LEU C 1161 12.43 -14.14 -16.46
CA LEU C 1161 12.81 -15.53 -16.67
C LEU C 1161 11.66 -16.46 -17.02
N LEU C 1162 10.43 -16.13 -16.65
CA LEU C 1162 9.30 -16.98 -17.03
C LEU C 1162 8.79 -16.68 -18.43
N ASP C 1163 9.31 -15.65 -19.08
CA ASP C 1163 9.04 -15.46 -20.50
C ASP C 1163 9.64 -16.60 -21.32
N LEU C 1164 10.70 -17.22 -20.81
CA LEU C 1164 11.34 -18.37 -21.44
C LEU C 1164 10.98 -19.69 -20.79
N ASP C 1165 10.95 -19.73 -19.45
CA ASP C 1165 10.61 -20.96 -18.74
C ASP C 1165 9.12 -21.05 -18.46
N GLY C 1235 25.01 -18.32 -49.92
CA GLY C 1235 25.70 -18.67 -48.69
C GLY C 1235 27.13 -19.13 -48.90
N ASP C 1236 28.03 -18.16 -49.09
CA ASP C 1236 29.44 -18.44 -49.32
C ASP C 1236 30.27 -17.61 -48.36
N SER C 1237 31.04 -18.30 -47.50
CA SER C 1237 31.94 -17.64 -46.55
C SER C 1237 33.36 -18.01 -46.92
N TYR C 1238 33.94 -17.23 -47.83
CA TYR C 1238 35.28 -17.45 -48.34
C TYR C 1238 36.14 -16.21 -48.11
N HIS C 1239 37.32 -16.21 -48.70
CA HIS C 1239 38.29 -15.13 -48.54
C HIS C 1239 37.73 -13.80 -49.02
N VAL C 1240 37.83 -12.77 -48.18
CA VAL C 1240 37.45 -11.43 -48.59
C VAL C 1240 38.62 -10.46 -48.47
N ASN C 1241 39.58 -10.74 -47.59
CA ASN C 1241 40.74 -9.86 -47.42
C ASN C 1241 41.56 -9.74 -48.69
N ALA C 1242 41.57 -10.79 -49.53
CA ALA C 1242 42.24 -10.69 -50.82
C ALA C 1242 41.58 -9.63 -51.70
N ARG C 1243 40.24 -9.60 -51.72
CA ARG C 1243 39.51 -8.57 -52.45
C ARG C 1243 39.29 -7.38 -51.52
N HIS C 1244 40.40 -6.73 -51.19
CA HIS C 1244 40.42 -5.63 -50.23
C HIS C 1244 40.02 -4.34 -50.92
N LEU C 1245 38.88 -3.77 -50.53
CA LEU C 1245 38.46 -2.49 -51.07
C LEU C 1245 39.43 -1.39 -50.66
N LEU C 1246 39.53 -0.36 -51.50
CA LEU C 1246 40.48 0.74 -51.30
C LEU C 1246 41.90 0.21 -51.22
N TYR C 1247 42.35 -0.32 -52.37
CA TYR C 1247 43.63 -1.00 -52.44
C TYR C 1247 44.76 -0.10 -51.96
N PRO C 1248 45.60 -0.56 -51.03
CA PRO C 1248 46.66 0.31 -50.49
C PRO C 1248 47.69 0.69 -51.55
N ASN C 1249 48.26 1.89 -51.37
CA ASN C 1249 49.35 2.40 -52.20
C ASN C 1249 48.92 2.62 -53.65
N CYS C 1250 47.63 2.59 -53.94
CA CYS C 1250 47.13 2.81 -55.29
C CYS C 1250 45.82 3.57 -55.22
N PRO C 1251 45.66 4.64 -56.01
CA PRO C 1251 44.40 5.41 -56.02
C PRO C 1251 43.38 4.84 -57.00
N VAL C 1252 42.79 3.70 -56.63
CA VAL C 1252 41.83 3.00 -57.48
C VAL C 1252 40.71 2.44 -56.62
N THR C 1253 39.51 2.37 -57.21
CA THR C 1253 38.34 1.80 -56.56
C THR C 1253 37.85 0.61 -57.38
N ARG C 1254 37.33 -0.39 -56.68
CA ARG C 1254 36.89 -1.64 -57.30
C ARG C 1254 35.39 -1.64 -57.51
N PHE C 1255 34.95 -2.38 -58.53
CA PHE C 1255 33.56 -2.72 -58.71
C PHE C 1255 33.15 -3.72 -57.64
N PRO C 1256 31.89 -3.73 -57.21
CA PRO C 1256 31.48 -4.69 -56.17
C PRO C 1256 31.56 -6.12 -56.67
N VAL C 1257 32.21 -6.97 -55.89
CA VAL C 1257 32.35 -8.39 -56.21
C VAL C 1257 31.84 -9.18 -55.02
N PRO C 1258 30.53 -9.48 -54.95
CA PRO C 1258 29.95 -10.03 -53.72
C PRO C 1258 30.49 -11.40 -53.33
N ASN C 1259 30.13 -11.87 -52.14
CA ASN C 1259 30.55 -13.17 -51.65
C ASN C 1259 29.96 -14.32 -52.45
N GLU C 1260 28.84 -14.09 -53.14
CA GLU C 1260 28.32 -15.06 -54.08
C GLU C 1260 29.11 -15.03 -55.37
N LYS C 1261 29.99 -14.04 -55.51
CA LYS C 1261 30.79 -13.85 -56.71
C LYS C 1261 32.27 -14.05 -56.39
N VAL C 1262 32.57 -14.83 -55.35
CA VAL C 1262 33.95 -15.20 -55.08
C VAL C 1262 34.43 -16.34 -55.98
N PRO C 1263 33.64 -17.37 -56.32
CA PRO C 1263 34.18 -18.44 -57.16
C PRO C 1263 34.33 -17.99 -58.61
N TRP C 1264 35.18 -18.71 -59.33
CA TRP C 1264 35.48 -18.32 -60.71
C TRP C 1264 34.34 -18.70 -61.65
N GLU C 1265 33.61 -19.78 -61.34
CA GLU C 1265 32.59 -20.27 -62.26
C GLU C 1265 31.41 -19.31 -62.39
N THR C 1266 31.13 -18.52 -61.35
CA THR C 1266 30.05 -17.55 -61.42
C THR C 1266 30.39 -16.45 -62.42
N GLU C 1267 29.38 -16.02 -63.17
CA GLU C 1267 29.57 -15.01 -64.21
C GLU C 1267 29.81 -13.65 -63.57
N PHE C 1268 30.89 -12.98 -63.98
CA PHE C 1268 31.24 -11.66 -63.49
C PHE C 1268 30.65 -10.63 -64.46
N LEU C 1269 29.43 -10.17 -64.16
CA LEU C 1269 28.72 -9.28 -65.07
C LEU C 1269 29.43 -7.94 -65.20
N ILE C 1270 29.97 -7.42 -64.10
CA ILE C 1270 30.53 -6.08 -64.08
C ILE C 1270 32.06 -6.15 -63.99
N TYR C 1271 32.64 -7.21 -64.55
CA TYR C 1271 34.08 -7.41 -64.46
C TYR C 1271 34.85 -6.41 -65.32
N ASP C 1272 35.27 -5.30 -64.72
CA ASP C 1272 36.17 -4.34 -65.35
C ASP C 1272 37.30 -4.07 -64.36
N PRO C 1273 38.20 -5.04 -64.19
CA PRO C 1273 39.22 -4.92 -63.14
C PRO C 1273 40.26 -3.87 -63.50
N PRO C 1274 40.95 -3.32 -62.50
CA PRO C 1274 42.00 -2.33 -62.78
C PRO C 1274 43.17 -2.96 -63.50
N PHE C 1275 43.90 -2.11 -64.24
CA PHE C 1275 45.06 -2.54 -65.01
C PHE C 1275 46.32 -1.81 -64.57
N TYR C 1276 46.43 -1.52 -63.27
CA TYR C 1276 47.54 -0.73 -62.74
C TYR C 1276 48.79 -1.59 -62.65
N THR C 1277 49.88 -1.10 -63.25
CA THR C 1277 51.19 -1.76 -63.16
C THR C 1277 52.25 -0.69 -63.33
N ALA C 1278 52.82 -0.24 -62.21
CA ALA C 1278 53.83 0.80 -62.24
C ALA C 1278 55.24 0.22 -62.07
N LEU C 1293 52.31 -5.10 -67.66
CA LEU C 1293 53.37 -4.74 -68.60
C LEU C 1293 53.80 -5.96 -69.41
N GLU C 1294 53.33 -7.14 -68.99
CA GLU C 1294 53.62 -8.42 -69.61
C GLU C 1294 55.12 -8.67 -69.75
N PRO C 1295 55.90 -8.76 -68.64
CA PRO C 1295 57.31 -9.14 -68.72
C PRO C 1295 57.53 -10.65 -68.70
N LEU C 1296 56.80 -11.36 -69.55
CA LEU C 1296 56.82 -12.81 -69.55
C LEU C 1296 57.93 -13.40 -70.40
N SER C 1297 58.69 -12.56 -71.12
CA SER C 1297 59.78 -13.06 -71.94
C SER C 1297 60.91 -13.60 -71.07
N THR C 1298 61.46 -14.74 -71.49
CA THR C 1298 62.58 -15.42 -70.81
C THR C 1298 62.26 -15.79 -69.37
N ILE C 1299 60.99 -15.80 -68.98
CA ILE C 1299 60.57 -16.17 -67.63
C ILE C 1299 59.37 -17.10 -67.77
N GLN C 1300 59.56 -18.37 -67.43
CA GLN C 1300 58.50 -19.37 -67.51
C GLN C 1300 57.69 -19.34 -66.23
N TYR C 1301 56.45 -18.91 -66.32
CA TYR C 1301 55.58 -18.83 -65.15
C TYR C 1301 54.93 -20.17 -64.88
N ASN C 1302 54.84 -20.51 -63.59
CA ASN C 1302 54.26 -21.78 -63.14
C ASN C 1302 54.96 -22.98 -63.79
N VAL C 1303 56.29 -22.94 -63.84
CA VAL C 1303 57.11 -23.97 -64.45
C VAL C 1303 58.25 -24.31 -63.50
N VAL C 1304 59.16 -25.16 -63.97
CA VAL C 1304 60.36 -25.52 -63.20
C VAL C 1304 61.53 -24.81 -63.88
N ASP C 1305 61.86 -23.62 -63.37
CA ASP C 1305 62.93 -22.79 -63.93
C ASP C 1305 63.99 -22.55 -62.85
N GLY C 1306 64.95 -23.47 -62.76
CA GLY C 1306 66.08 -23.32 -61.87
C GLY C 1306 65.68 -23.36 -60.40
N LEU C 1307 66.58 -22.83 -59.57
CA LEU C 1307 66.36 -22.75 -58.13
C LEU C 1307 65.68 -21.41 -57.77
N ARG C 1308 64.55 -21.17 -58.45
CA ARG C 1308 63.78 -19.95 -58.27
C ARG C 1308 62.42 -20.18 -57.62
N ASP C 1309 62.05 -21.43 -57.36
CA ASP C 1309 60.73 -21.77 -56.82
C ASP C 1309 59.62 -21.24 -57.74
N ARG C 1310 59.61 -21.70 -58.99
CA ARG C 1310 58.69 -21.23 -60.01
C ARG C 1310 57.42 -22.06 -60.11
N ARG C 1311 57.23 -23.05 -59.23
CA ARG C 1311 56.09 -23.96 -59.33
C ARG C 1311 55.04 -23.55 -58.30
N SER C 1312 53.77 -23.68 -58.68
CA SER C 1312 52.66 -23.44 -57.76
C SER C 1312 52.32 -24.74 -57.04
N PHE C 1313 52.40 -24.73 -55.72
CA PHE C 1313 52.21 -25.94 -54.93
C PHE C 1313 50.78 -26.44 -54.94
N HIS C 1314 49.82 -25.61 -55.36
CA HIS C 1314 48.41 -26.02 -55.36
C HIS C 1314 48.01 -26.67 -56.68
N GLY C 1315 48.77 -27.67 -57.10
CA GLY C 1315 48.45 -28.44 -58.28
C GLY C 1315 48.58 -27.63 -59.56
N PRO C 1316 48.04 -28.16 -60.65
CA PRO C 1316 48.07 -27.43 -61.92
C PRO C 1316 47.23 -26.16 -61.87
N TYR C 1317 47.61 -25.20 -62.70
CA TYR C 1317 46.97 -23.90 -62.77
C TYR C 1317 45.96 -23.88 -63.91
N THR C 1318 45.16 -22.81 -63.95
CA THR C 1318 44.16 -22.61 -64.99
C THR C 1318 44.38 -21.27 -65.66
N VAL C 1319 44.03 -21.19 -66.94
CA VAL C 1319 44.21 -19.98 -67.75
C VAL C 1319 42.85 -19.51 -68.23
N GLN C 1320 42.62 -18.20 -68.13
CA GLN C 1320 41.40 -17.57 -68.63
C GLN C 1320 41.78 -16.78 -69.88
N ALA C 1321 41.52 -17.37 -71.05
CA ALA C 1321 41.90 -16.82 -72.35
C ALA C 1321 43.42 -16.62 -72.34
N GLY C 1322 43.94 -15.45 -72.69
CA GLY C 1322 45.37 -15.22 -72.70
C GLY C 1322 45.97 -14.78 -71.39
N LEU C 1323 45.16 -14.29 -70.45
CA LEU C 1323 45.66 -13.82 -69.17
C LEU C 1323 45.32 -14.84 -68.09
N PRO C 1324 46.30 -15.52 -67.50
CA PRO C 1324 46.00 -16.49 -66.44
C PRO C 1324 45.45 -15.81 -65.20
N LEU C 1325 44.69 -16.57 -64.43
CA LEU C 1325 44.07 -16.09 -63.20
C LEU C 1325 44.86 -16.61 -62.02
N ASN C 1326 45.15 -15.72 -61.07
CA ASN C 1326 45.81 -16.15 -59.85
C ASN C 1326 44.86 -17.06 -59.06
N PRO C 1327 45.32 -18.23 -58.63
CA PRO C 1327 44.47 -19.08 -57.80
C PRO C 1327 44.01 -18.36 -56.55
N MET C 1328 42.92 -18.85 -55.96
CA MET C 1328 42.32 -18.31 -54.74
C MET C 1328 41.64 -16.99 -55.07
N GLY C 1329 42.41 -15.99 -55.52
CA GLY C 1329 41.81 -14.75 -55.97
C GLY C 1329 42.88 -13.73 -56.32
N ARG C 1330 42.43 -12.70 -57.05
CA ARG C 1330 43.28 -11.57 -57.36
C ARG C 1330 43.19 -10.51 -56.27
N THR C 1331 44.09 -9.53 -56.35
CA THR C 1331 44.08 -8.40 -55.43
C THR C 1331 44.02 -7.04 -56.13
N GLY C 1332 44.50 -6.95 -57.37
CA GLY C 1332 44.39 -5.70 -58.10
C GLY C 1332 45.67 -5.21 -58.75
N LEU C 1333 46.70 -6.06 -58.80
CA LEU C 1333 47.94 -5.73 -59.45
C LEU C 1333 48.35 -6.89 -60.35
N ARG C 1334 48.92 -6.56 -61.51
CA ARG C 1334 49.32 -7.54 -62.49
C ARG C 1334 50.78 -7.32 -62.88
N GLY C 1335 51.41 -8.38 -63.37
CA GLY C 1335 52.81 -8.29 -63.73
C GLY C 1335 53.70 -8.27 -62.49
N ARG C 1336 54.70 -7.39 -62.52
CA ARG C 1336 55.63 -7.25 -61.41
C ARG C 1336 55.29 -6.06 -60.51
N GLY C 1337 55.01 -4.90 -61.11
CA GLY C 1337 54.73 -3.70 -60.34
C GLY C 1337 56.00 -3.06 -59.81
N SER C 1338 55.79 -2.03 -58.98
CA SER C 1338 56.90 -1.29 -58.38
C SER C 1338 57.45 -2.09 -57.20
N LEU C 1339 58.14 -3.18 -57.53
CA LEU C 1339 58.71 -4.09 -56.55
C LEU C 1339 60.18 -4.31 -56.88
N SER C 1340 60.79 -5.26 -56.18
CA SER C 1340 62.24 -5.48 -56.29
C SER C 1340 62.61 -6.05 -57.65
N CYS C 1341 62.11 -7.26 -57.96
CA CYS C 1341 62.47 -7.94 -59.20
C CYS C 1341 61.34 -8.91 -59.54
N PHE C 1342 61.56 -9.72 -60.57
CA PHE C 1342 60.56 -10.68 -61.00
C PHE C 1342 60.52 -11.87 -60.03
N GLY C 1343 59.72 -12.87 -60.37
CA GLY C 1343 59.55 -14.03 -59.52
C GLY C 1343 58.60 -13.78 -58.38
N PRO C 1344 58.74 -14.56 -57.31
CA PRO C 1344 57.77 -14.50 -56.21
C PRO C 1344 58.17 -13.46 -55.17
N ASN C 1345 57.18 -12.83 -54.56
CA ASN C 1345 57.45 -11.97 -53.42
C ASN C 1345 57.60 -12.83 -52.17
N HIS C 1346 58.75 -13.50 -52.05
CA HIS C 1346 58.96 -14.46 -50.96
C HIS C 1346 58.80 -13.80 -49.60
N THR C 1347 58.64 -14.64 -48.59
CA THR C 1347 58.69 -14.24 -47.19
C THR C 1347 59.46 -15.27 -46.41
N LEU C 1348 60.24 -14.80 -45.43
CA LEU C 1348 61.08 -15.68 -44.62
C LEU C 1348 61.12 -15.09 -43.22
N TYR C 1349 60.24 -15.58 -42.35
CA TYR C 1349 60.04 -14.98 -41.04
C TYR C 1349 60.89 -15.70 -40.00
N PRO C 1350 61.90 -15.02 -39.42
CA PRO C 1350 62.66 -15.65 -38.32
C PRO C 1350 62.04 -15.29 -36.98
N MET C 1351 62.59 -15.87 -35.91
CA MET C 1351 62.10 -15.57 -34.56
C MET C 1351 63.18 -15.94 -33.56
N VAL C 1352 63.23 -15.17 -32.46
CA VAL C 1352 64.24 -15.35 -31.43
C VAL C 1352 63.56 -15.32 -30.07
N THR C 1353 64.10 -16.09 -29.11
CA THR C 1353 63.56 -16.16 -27.77
C THR C 1353 64.67 -15.95 -26.75
N ARG C 1354 64.37 -15.12 -25.74
CA ARG C 1354 65.28 -14.90 -24.63
C ARG C 1354 64.48 -14.94 -23.33
N TRP C 1355 65.04 -15.63 -22.34
CA TRP C 1355 64.36 -15.80 -21.07
C TRP C 1355 64.25 -14.46 -20.34
N ARG C 1356 63.19 -14.35 -19.52
CA ARG C 1356 62.86 -13.12 -18.82
C ARG C 1356 63.74 -13.03 -17.57
N ARG C 1357 64.68 -12.08 -17.57
CA ARG C 1357 65.55 -11.86 -16.44
C ARG C 1357 64.91 -10.91 -15.44
N ASN C 1358 64.74 -11.35 -14.20
CA ASN C 1358 64.39 -10.46 -13.09
C ASN C 1358 65.50 -10.40 -12.06
N GLU C 1359 65.83 -11.52 -11.43
CA GLU C 1359 67.06 -11.65 -10.66
C GLU C 1359 67.82 -12.94 -10.95
N ASP C 1360 67.15 -14.02 -11.34
CA ASP C 1360 67.81 -15.25 -11.76
C ASP C 1360 67.17 -15.88 -12.99
N GLY C 1361 66.05 -15.37 -13.48
CA GLY C 1361 65.40 -15.92 -14.65
C GLY C 1361 64.13 -16.69 -14.38
N ALA C 1362 63.30 -16.19 -13.46
CA ALA C 1362 62.00 -16.78 -13.23
C ALA C 1362 61.08 -16.55 -14.43
N ILE C 1363 60.10 -17.42 -14.58
CA ILE C 1363 59.21 -17.41 -15.73
C ILE C 1363 57.80 -17.02 -15.29
N CYS C 1364 57.22 -16.04 -15.97
CA CYS C 1364 55.83 -15.66 -15.76
C CYS C 1364 54.98 -16.38 -16.79
N ARG C 1365 54.31 -17.43 -16.33
CA ARG C 1365 53.48 -18.25 -17.21
C ARG C 1365 52.26 -17.46 -17.68
N LYS C 1366 51.45 -18.10 -18.52
CA LYS C 1366 50.17 -17.55 -18.91
C LYS C 1366 49.11 -17.96 -17.88
N SER C 1367 47.84 -17.72 -18.21
CA SER C 1367 46.76 -18.12 -17.31
C SER C 1367 46.61 -19.63 -17.25
N ILE C 1368 46.79 -20.31 -18.39
CA ILE C 1368 46.54 -21.74 -18.49
C ILE C 1368 47.83 -22.53 -18.70
N LYS C 1369 48.55 -22.25 -19.79
CA LYS C 1369 49.70 -23.05 -20.18
C LYS C 1369 50.93 -22.17 -20.30
N LYS C 1370 52.05 -22.79 -20.67
CA LYS C 1370 53.30 -22.07 -20.84
C LYS C 1370 53.24 -21.22 -22.11
N MET C 1371 53.35 -19.90 -21.92
CA MET C 1371 53.33 -18.95 -23.03
C MET C 1371 54.76 -18.47 -23.23
N LEU C 1372 55.48 -19.10 -24.14
CA LEU C 1372 56.89 -18.78 -24.35
C LEU C 1372 57.03 -17.41 -25.01
N GLU C 1373 58.05 -16.68 -24.58
CA GLU C 1373 58.18 -15.27 -24.93
C GLU C 1373 58.56 -15.06 -26.39
N VAL C 1374 57.58 -15.19 -27.29
CA VAL C 1374 57.80 -14.84 -28.68
C VAL C 1374 58.10 -13.34 -28.78
N LEU C 1375 59.02 -12.99 -29.68
CA LEU C 1375 59.47 -11.62 -29.82
C LEU C 1375 59.56 -11.27 -31.30
N VAL C 1376 59.24 -10.01 -31.63
CA VAL C 1376 59.40 -9.49 -32.98
C VAL C 1376 60.08 -8.13 -32.89
N VAL C 1377 60.57 -7.66 -34.03
CA VAL C 1377 61.20 -6.36 -34.14
C VAL C 1377 60.37 -5.50 -35.09
N LYS C 1378 60.76 -4.23 -35.20
CA LYS C 1378 60.05 -3.26 -36.02
C LYS C 1378 60.98 -2.66 -37.06
N LEU C 1379 60.41 -2.40 -38.24
CA LEU C 1379 61.17 -1.76 -39.30
C LEU C 1379 61.52 -0.33 -38.88
N PRO C 1380 62.72 0.16 -39.25
CA PRO C 1380 63.17 1.46 -38.74
C PRO C 1380 62.21 2.61 -39.04
N LEU C 1381 61.57 2.62 -40.21
CA LEU C 1381 60.62 3.67 -40.58
C LEU C 1381 59.34 3.00 -41.05
N SER C 1382 58.46 2.67 -40.10
CA SER C 1382 57.20 2.03 -40.42
C SER C 1382 56.25 2.21 -39.25
N GLU C 1383 54.96 2.04 -39.54
CA GLU C 1383 53.91 2.09 -38.53
C GLU C 1383 53.56 0.71 -37.97
N HIS C 1384 54.23 -0.34 -38.44
CA HIS C 1384 53.91 -1.71 -38.08
C HIS C 1384 55.19 -2.46 -37.73
N TRP C 1385 55.04 -3.47 -36.87
CA TRP C 1385 56.15 -4.35 -36.56
C TRP C 1385 56.38 -5.31 -37.71
N ALA C 1386 57.64 -5.42 -38.14
CA ALA C 1386 58.01 -6.27 -39.27
C ALA C 1386 59.18 -7.15 -38.88
N LEU C 1387 59.02 -8.46 -39.08
CA LEU C 1387 60.12 -9.38 -38.86
C LEU C 1387 61.16 -9.25 -39.97
N PRO C 1388 62.42 -9.56 -39.68
CA PRO C 1388 63.46 -9.42 -40.71
C PRO C 1388 63.32 -10.46 -41.82
N GLY C 1389 62.37 -10.23 -42.73
CA GLY C 1389 62.14 -11.13 -43.83
C GLY C 1389 61.60 -10.39 -45.04
N GLY C 1390 61.50 -11.12 -46.14
CA GLY C 1390 61.05 -10.53 -47.39
C GLY C 1390 61.36 -11.42 -48.57
N SER C 1391 61.46 -10.80 -49.74
CA SER C 1391 61.73 -11.54 -50.97
C SER C 1391 63.13 -12.14 -50.91
N ARG C 1392 63.21 -13.47 -51.04
CA ARG C 1392 64.49 -14.15 -50.97
C ARG C 1392 65.30 -13.86 -52.23
N GLU C 1393 66.46 -13.24 -52.06
CA GLU C 1393 67.34 -13.00 -53.19
C GLU C 1393 67.89 -14.32 -53.72
N PRO C 1394 67.96 -14.50 -55.03
CA PRO C 1394 68.48 -15.76 -55.58
C PRO C 1394 69.91 -16.02 -55.12
N GLY C 1395 70.18 -17.28 -54.78
CA GLY C 1395 71.50 -17.70 -54.35
C GLY C 1395 71.90 -17.29 -52.95
N GLU C 1396 71.16 -16.40 -52.30
CA GLU C 1396 71.54 -15.91 -50.98
C GLU C 1396 70.65 -16.45 -49.87
N MET C 1397 69.34 -16.53 -50.12
CA MET C 1397 68.30 -16.92 -49.17
C MET C 1397 68.07 -15.88 -48.08
N LEU C 1398 68.78 -14.75 -48.11
CA LEU C 1398 68.64 -13.70 -47.10
C LEU C 1398 67.95 -12.50 -47.71
N PRO C 1399 66.75 -12.15 -47.27
CA PRO C 1399 65.99 -11.09 -47.95
C PRO C 1399 66.41 -9.68 -47.56
N ARG C 1400 67.72 -9.42 -47.51
CA ARG C 1400 68.30 -8.09 -47.35
C ARG C 1400 67.97 -7.44 -46.02
N LYS C 1401 67.22 -8.11 -45.14
CA LYS C 1401 66.80 -7.51 -43.88
C LYS C 1401 67.30 -8.25 -42.64
N LEU C 1402 67.74 -9.50 -42.78
CA LEU C 1402 68.28 -10.24 -41.64
C LEU C 1402 69.76 -10.00 -41.42
N LYS C 1403 70.53 -9.86 -42.51
CA LYS C 1403 71.97 -9.69 -42.42
C LYS C 1403 72.39 -8.27 -42.09
N ARG C 1404 71.49 -7.30 -42.25
CA ARG C 1404 71.83 -5.89 -42.07
C ARG C 1404 70.83 -5.24 -41.11
N ILE C 1405 71.26 -4.12 -40.52
CA ILE C 1405 70.47 -3.35 -39.57
C ILE C 1405 70.13 -4.25 -38.38
N LEU C 1406 71.01 -5.20 -38.10
CA LEU C 1406 70.81 -6.18 -37.04
C LEU C 1406 72.18 -6.55 -36.48
N ARG C 1407 72.23 -7.69 -35.78
CA ARG C 1407 73.47 -8.20 -35.22
C ARG C 1407 74.56 -8.30 -36.28
N GLN C 1408 75.81 -8.26 -35.82
CA GLN C 1408 76.98 -8.39 -36.67
C GLN C 1408 77.86 -9.52 -36.17
N GLU C 1409 78.66 -10.07 -37.09
CA GLU C 1409 79.59 -11.17 -36.86
C GLU C 1409 78.88 -12.48 -36.49
N HIS C 1410 77.56 -12.55 -36.63
CA HIS C 1410 76.80 -13.77 -36.35
C HIS C 1410 75.95 -14.19 -37.54
N TRP C 1411 76.20 -13.63 -38.72
CA TRP C 1411 75.39 -13.95 -39.89
C TRP C 1411 75.44 -15.42 -40.29
N PRO C 1412 76.60 -16.06 -40.43
CA PRO C 1412 76.61 -17.45 -40.90
C PRO C 1412 75.92 -18.44 -39.96
N SER C 1413 75.85 -18.12 -38.67
CA SER C 1413 75.33 -19.09 -37.69
C SER C 1413 73.83 -19.30 -37.86
N PHE C 1414 73.06 -18.21 -37.92
CA PHE C 1414 71.60 -18.31 -37.97
C PHE C 1414 71.09 -18.74 -39.33
N GLU C 1415 71.88 -18.57 -40.39
CA GLU C 1415 71.43 -18.98 -41.72
C GLU C 1415 71.21 -20.49 -41.79
N ASN C 1416 72.09 -21.27 -41.17
CA ASN C 1416 71.92 -22.72 -41.14
C ASN C 1416 70.66 -23.12 -40.40
N LEU C 1417 70.38 -22.46 -39.27
CA LEU C 1417 69.17 -22.78 -38.50
C LEU C 1417 67.91 -22.34 -39.22
N LEU C 1418 67.97 -21.25 -39.97
CA LEU C 1418 66.78 -20.71 -40.63
C LEU C 1418 66.29 -21.59 -41.77
N LYS C 1419 67.12 -22.52 -42.26
CA LYS C 1419 66.71 -23.47 -43.28
C LYS C 1419 66.48 -24.86 -42.70
N CYS C 1420 66.32 -24.96 -41.38
CA CYS C 1420 66.10 -26.22 -40.69
C CYS C 1420 64.87 -26.06 -39.79
N GLY C 1421 63.70 -26.42 -40.31
CA GLY C 1421 62.49 -26.35 -39.53
C GLY C 1421 61.28 -26.74 -40.36
N MET C 1422 60.15 -26.80 -39.69
CA MET C 1422 58.89 -27.16 -40.32
C MET C 1422 58.06 -25.90 -40.56
N GLU C 1423 57.37 -25.88 -41.68
CA GLU C 1423 56.64 -24.71 -42.13
C GLU C 1423 55.37 -24.48 -41.31
N VAL C 1424 54.91 -23.24 -41.33
CA VAL C 1424 53.60 -22.90 -40.76
C VAL C 1424 52.52 -22.92 -41.84
N TYR C 1425 52.82 -22.40 -43.03
CA TYR C 1425 51.93 -22.47 -44.18
C TYR C 1425 52.65 -22.07 -45.46
N LYS C 1426 52.50 -22.89 -46.51
CA LYS C 1426 53.07 -22.59 -47.82
C LYS C 1426 51.92 -22.46 -48.82
N GLY C 1427 51.66 -21.25 -49.28
CA GLY C 1427 50.63 -21.05 -50.26
C GLY C 1427 50.21 -19.59 -50.32
N TYR C 1428 49.28 -19.32 -51.23
CA TYR C 1428 48.71 -17.98 -51.35
C TYR C 1428 47.94 -17.63 -50.09
N MET C 1429 48.01 -16.36 -49.68
CA MET C 1429 47.45 -15.93 -48.41
C MET C 1429 46.74 -14.59 -48.58
N ASP C 1430 45.78 -14.35 -47.68
CA ASP C 1430 44.91 -13.17 -47.75
C ASP C 1430 45.66 -11.93 -47.27
N ASP C 1431 46.23 -11.23 -48.25
CA ASP C 1431 46.87 -9.95 -47.99
C ASP C 1431 46.52 -8.94 -49.09
N PRO C 1432 46.37 -7.66 -48.75
CA PRO C 1432 46.03 -6.66 -49.76
C PRO C 1432 47.24 -6.17 -50.56
N ARG C 1433 48.35 -6.90 -50.48
CA ARG C 1433 49.58 -6.53 -51.18
C ARG C 1433 50.10 -7.70 -52.00
N ASN C 1434 49.20 -8.33 -52.74
CA ASN C 1434 49.51 -9.46 -53.62
C ASN C 1434 49.44 -9.00 -55.08
N THR C 1435 49.86 -9.88 -55.98
CA THR C 1435 49.85 -9.61 -57.41
C THR C 1435 49.15 -10.75 -58.14
N ASP C 1436 48.66 -10.46 -59.33
CA ASP C 1436 48.02 -11.46 -60.18
C ASP C 1436 49.01 -12.39 -60.84
N ASN C 1437 50.23 -11.92 -61.13
CA ASN C 1437 51.21 -12.67 -61.89
C ASN C 1437 52.24 -13.33 -60.96
N ALA C 1438 52.24 -12.96 -59.69
CA ALA C 1438 53.19 -13.52 -58.73
C ALA C 1438 52.53 -13.55 -57.36
N TRP C 1439 53.07 -14.38 -56.48
CA TRP C 1439 52.48 -14.60 -55.17
C TRP C 1439 53.59 -14.95 -54.18
N ILE C 1440 53.22 -15.19 -52.93
CA ILE C 1440 54.16 -15.32 -51.83
C ILE C 1440 54.33 -16.80 -51.48
N GLU C 1441 55.57 -17.27 -51.52
CA GLU C 1441 55.94 -18.60 -51.04
C GLU C 1441 56.76 -18.42 -49.77
N THR C 1442 56.31 -19.05 -48.69
CA THR C 1442 56.84 -18.77 -47.36
C THR C 1442 57.76 -19.89 -46.88
N VAL C 1443 58.72 -19.50 -46.05
CA VAL C 1443 59.57 -20.44 -45.32
C VAL C 1443 59.65 -19.96 -43.88
N ALA C 1444 59.28 -20.83 -42.94
CA ALA C 1444 59.25 -20.49 -41.53
C ALA C 1444 59.91 -21.58 -40.71
N VAL C 1445 60.55 -21.18 -39.62
CA VAL C 1445 61.22 -22.11 -38.70
C VAL C 1445 60.86 -21.73 -37.28
N SER C 1446 60.42 -22.71 -36.50
CA SER C 1446 60.09 -22.53 -35.09
C SER C 1446 61.21 -23.14 -34.25
N VAL C 1447 61.86 -22.30 -33.44
CA VAL C 1447 63.02 -22.72 -32.64
C VAL C 1447 62.89 -22.12 -31.25
N HIS C 1448 63.21 -22.90 -30.24
CA HIS C 1448 63.22 -22.45 -28.85
C HIS C 1448 64.59 -22.70 -28.24
N PHE C 1449 65.07 -21.73 -27.47
CA PHE C 1449 66.37 -21.80 -26.82
C PHE C 1449 66.17 -22.17 -25.35
N GLN C 1450 66.87 -23.21 -24.90
CA GLN C 1450 66.73 -23.64 -23.51
C GLN C 1450 67.28 -22.59 -22.54
N ASP C 1451 68.20 -21.75 -23.01
CA ASP C 1451 68.77 -20.70 -22.18
C ASP C 1451 68.96 -19.44 -23.03
N GLN C 1452 68.94 -18.29 -22.36
CA GLN C 1452 69.20 -17.03 -23.04
C GLN C 1452 70.63 -16.93 -23.53
N ASN C 1453 71.54 -17.73 -22.98
CA ASN C 1453 72.93 -17.79 -23.42
C ASN C 1453 73.21 -19.03 -24.25
N ASP C 1454 72.27 -19.44 -25.10
CA ASP C 1454 72.42 -20.63 -25.93
C ASP C 1454 73.39 -20.31 -27.06
N VAL C 1455 74.68 -20.55 -26.78
CA VAL C 1455 75.77 -20.25 -27.69
C VAL C 1455 75.74 -18.77 -28.05
N GLU C 1456 75.95 -18.46 -29.33
CA GLU C 1456 75.94 -17.09 -29.80
C GLU C 1456 74.62 -16.71 -30.49
N LEU C 1457 73.63 -17.60 -30.49
CA LEU C 1457 72.39 -17.32 -31.18
C LEU C 1457 71.61 -16.19 -30.51
N ASN C 1458 71.61 -16.15 -29.17
CA ASN C 1458 70.83 -15.18 -28.42
C ASN C 1458 71.68 -14.22 -27.61
N ARG C 1459 72.71 -14.72 -26.92
CA ARG C 1459 73.49 -13.87 -26.03
C ARG C 1459 74.50 -13.03 -26.81
N LEU C 1460 75.42 -13.69 -27.51
CA LEU C 1460 76.44 -12.95 -28.26
C LEU C 1460 75.84 -12.18 -29.42
N ASN C 1461 74.76 -12.69 -30.01
CA ASN C 1461 74.09 -11.97 -31.09
C ASN C 1461 73.54 -10.64 -30.60
N SER C 1462 72.91 -10.63 -29.42
CA SER C 1462 72.43 -9.37 -28.86
C SER C 1462 73.59 -8.50 -28.40
N ASN C 1463 74.67 -9.11 -27.90
CA ASN C 1463 75.82 -8.33 -27.44
C ASN C 1463 76.53 -7.64 -28.60
N LEU C 1464 76.48 -8.23 -29.79
CA LEU C 1464 77.13 -7.68 -30.97
C LEU C 1464 76.16 -6.90 -31.87
N HIS C 1465 74.94 -6.66 -31.41
CA HIS C 1465 73.94 -5.95 -32.18
C HIS C 1465 73.86 -4.50 -31.71
N ALA C 1466 74.00 -3.57 -32.65
CA ALA C 1466 73.93 -2.15 -32.33
C ALA C 1466 73.44 -1.40 -33.55
N CYS C 1467 72.30 -0.71 -33.41
CA CYS C 1467 71.73 0.07 -34.51
C CYS C 1467 72.23 1.51 -34.47
N ASP C 1468 72.03 2.20 -33.34
CA ASP C 1468 72.46 3.57 -33.10
C ASP C 1468 71.86 4.57 -34.08
N SER C 1469 70.80 4.19 -34.78
CA SER C 1469 70.14 5.07 -35.74
C SER C 1469 68.64 5.15 -35.56
N GLY C 1470 68.01 4.09 -35.02
CA GLY C 1470 66.58 4.11 -34.84
C GLY C 1470 66.16 5.17 -33.82
N ALA C 1471 65.08 5.87 -34.13
CA ALA C 1471 64.58 6.92 -33.25
C ALA C 1471 63.89 6.34 -32.02
N SER C 1472 63.10 5.28 -32.19
CA SER C 1472 62.32 4.69 -31.11
C SER C 1472 62.60 3.20 -31.02
N ILE C 1473 62.64 2.70 -29.79
CA ILE C 1473 62.84 1.27 -29.54
C ILE C 1473 62.06 0.89 -28.29
N ARG C 1474 61.52 -0.33 -28.29
CA ARG C 1474 60.77 -0.84 -27.15
C ARG C 1474 60.74 -2.35 -27.23
N TRP C 1475 60.69 -3.00 -26.07
CA TRP C 1475 60.69 -4.45 -25.98
C TRP C 1475 59.47 -4.92 -25.19
N GLN C 1476 58.67 -5.78 -25.81
CA GLN C 1476 57.50 -6.39 -25.16
C GLN C 1476 57.33 -7.80 -25.70
N VAL C 1477 56.68 -8.64 -24.89
CA VAL C 1477 56.26 -9.95 -25.39
C VAL C 1477 55.04 -9.77 -26.26
N VAL C 1478 55.08 -10.34 -27.48
CA VAL C 1478 54.08 -10.06 -28.50
C VAL C 1478 52.93 -11.04 -28.29
N ASP C 1479 52.04 -10.67 -27.39
CA ASP C 1479 50.78 -11.37 -27.16
C ASP C 1479 49.71 -10.77 -28.08
N ARG C 1480 48.44 -11.01 -27.78
CA ARG C 1480 47.33 -10.49 -28.57
C ARG C 1480 47.38 -8.97 -28.74
N ARG C 1481 48.28 -8.30 -28.02
CA ARG C 1481 48.44 -6.85 -28.07
C ARG C 1481 49.34 -6.37 -29.19
N ILE C 1482 49.94 -7.28 -29.97
CA ILE C 1482 50.88 -6.88 -31.02
C ILE C 1482 50.10 -6.45 -32.26
N PRO C 1483 50.35 -5.25 -32.79
CA PRO C 1483 49.68 -4.81 -34.02
C PRO C 1483 50.46 -5.20 -35.29
N LEU C 1484 50.50 -6.50 -35.57
CA LEU C 1484 51.12 -6.99 -36.78
C LEU C 1484 50.16 -6.81 -37.97
N TYR C 1485 50.52 -7.39 -39.11
CA TYR C 1485 49.63 -7.40 -40.26
C TYR C 1485 48.36 -8.17 -39.94
N ALA C 1486 47.24 -7.75 -40.55
CA ALA C 1486 46.04 -8.58 -40.54
C ALA C 1486 46.27 -9.89 -41.26
N ASN C 1487 47.29 -9.94 -42.12
CA ASN C 1487 47.71 -11.20 -42.73
C ASN C 1487 48.21 -12.16 -41.67
N HIS C 1488 49.00 -11.67 -40.71
CA HIS C 1488 49.72 -12.55 -39.80
C HIS C 1488 48.81 -13.15 -38.73
N LYS C 1489 47.66 -12.54 -38.46
CA LYS C 1489 46.78 -13.08 -37.41
C LYS C 1489 46.19 -14.42 -37.82
N THR C 1490 45.76 -14.54 -39.09
CA THR C 1490 45.24 -15.82 -39.56
C THR C 1490 46.34 -16.87 -39.66
N LEU C 1491 47.56 -16.46 -40.02
CA LEU C 1491 48.69 -17.38 -40.01
C LEU C 1491 48.98 -17.89 -38.60
N LEU C 1492 48.94 -17.00 -37.61
CA LEU C 1492 49.18 -17.40 -36.23
C LEU C 1492 48.06 -18.30 -35.71
N GLN C 1493 46.82 -18.07 -36.15
CA GLN C 1493 45.71 -18.91 -35.72
C GLN C 1493 45.97 -20.38 -36.05
N LYS C 1494 46.64 -20.64 -37.17
CA LYS C 1494 46.99 -22.02 -37.54
C LYS C 1494 48.36 -22.44 -37.03
N ALA C 1495 49.28 -21.48 -36.84
CA ALA C 1495 50.62 -21.80 -36.36
C ALA C 1495 50.71 -21.95 -34.86
N ALA C 1496 49.63 -21.69 -34.12
CA ALA C 1496 49.62 -21.94 -32.69
C ALA C 1496 49.87 -23.41 -32.38
N ALA C 1497 49.62 -24.29 -33.34
CA ALA C 1497 49.89 -25.72 -33.17
C ALA C 1497 51.37 -26.06 -33.24
N GLU C 1498 52.23 -25.10 -33.59
CA GLU C 1498 53.66 -25.37 -33.66
C GLU C 1498 54.20 -25.79 -32.29
N PHE C 1499 53.77 -25.10 -31.24
CA PHE C 1499 54.14 -25.47 -29.87
C PHE C 1499 53.02 -26.16 -29.12
N GLY C 1500 51.77 -26.06 -29.58
CA GLY C 1500 50.66 -26.70 -28.90
C GLY C 1500 50.16 -25.98 -27.68
N ALA C 1501 50.70 -24.80 -27.37
CA ALA C 1501 50.27 -24.06 -26.20
C ALA C 1501 48.95 -23.35 -26.46
N HIS C 1502 48.32 -22.91 -25.37
CA HIS C 1502 47.05 -22.20 -25.44
C HIS C 1502 47.34 -20.70 -25.51
N TYR C 1503 46.97 -20.08 -26.63
CA TYR C 1503 47.20 -18.65 -26.84
C TYR C 1503 46.16 -17.82 -26.11
N SER D 60 -49.51 12.18 -48.25
CA SER D 60 -50.81 11.51 -48.21
C SER D 60 -51.34 11.27 -49.61
N SER D 61 -50.69 11.88 -50.60
CA SER D 61 -51.09 11.75 -52.00
C SER D 61 -50.04 11.02 -52.84
N TRP D 62 -48.92 10.62 -52.25
CA TRP D 62 -47.87 9.91 -52.97
C TRP D 62 -47.99 8.40 -52.85
N ILE D 63 -48.52 7.92 -51.74
CA ILE D 63 -48.73 6.50 -51.49
C ILE D 63 -50.14 6.21 -52.02
N PRO D 64 -50.71 5.00 -51.88
CA PRO D 64 -51.46 4.38 -53.00
C PRO D 64 -51.25 4.95 -54.40
N GLU D 65 -50.06 5.49 -54.70
CA GLU D 65 -49.68 5.86 -56.05
C GLU D 65 -48.32 5.32 -56.46
N ASN D 66 -47.39 5.16 -55.52
CA ASN D 66 -46.08 4.61 -55.81
C ASN D 66 -45.79 3.32 -55.03
N ILE D 67 -46.63 2.95 -54.08
CA ILE D 67 -46.47 1.73 -53.31
C ILE D 67 -47.69 0.85 -53.56
N LYS D 68 -47.45 -0.40 -53.93
CA LYS D 68 -48.49 -1.32 -54.36
C LYS D 68 -48.58 -2.49 -53.38
N LYS D 69 -49.51 -3.40 -53.68
CA LYS D 69 -49.78 -4.56 -52.83
C LYS D 69 -50.05 -5.77 -53.73
N LYS D 70 -49.80 -6.96 -53.18
CA LYS D 70 -50.04 -8.19 -53.92
C LYS D 70 -51.08 -9.03 -53.20
N GLU D 71 -52.09 -9.47 -53.93
CA GLU D 71 -53.21 -10.23 -53.39
C GLU D 71 -53.42 -11.48 -54.24
N CYS D 72 -54.34 -12.34 -53.80
CA CYS D 72 -54.69 -13.56 -54.50
C CYS D 72 -56.01 -13.36 -55.24
N VAL D 73 -56.00 -13.59 -56.55
CA VAL D 73 -57.11 -13.18 -57.42
C VAL D 73 -58.18 -14.25 -57.60
N TYR D 74 -57.97 -15.46 -57.09
CA TYR D 74 -59.01 -16.49 -57.18
C TYR D 74 -58.81 -17.48 -56.04
N PHE D 75 -59.87 -18.23 -55.75
CA PHE D 75 -59.92 -19.12 -54.61
C PHE D 75 -59.95 -20.57 -55.08
N VAL D 76 -59.31 -21.45 -54.32
CA VAL D 76 -59.30 -22.87 -54.63
C VAL D 76 -60.02 -23.72 -53.59
N GLU D 77 -60.45 -23.13 -52.47
CA GLU D 77 -61.10 -23.80 -51.34
C GLU D 77 -60.56 -25.21 -51.09
N SER D 78 -59.25 -25.35 -50.92
CA SER D 78 -58.68 -26.64 -50.54
C SER D 78 -59.16 -27.04 -49.16
N SER D 79 -59.33 -28.34 -48.94
CA SER D 79 -59.91 -28.87 -47.71
C SER D 79 -58.91 -28.70 -46.57
N LYS D 80 -58.92 -27.51 -45.97
CA LYS D 80 -58.11 -27.21 -44.80
C LYS D 80 -58.97 -26.47 -43.79
N LEU D 81 -58.91 -26.90 -42.53
CA LEU D 81 -59.73 -26.33 -41.47
C LEU D 81 -59.08 -25.14 -40.77
N SER D 82 -57.80 -24.88 -41.03
CA SER D 82 -57.07 -23.78 -40.40
C SER D 82 -57.16 -23.84 -38.88
N ASP D 83 -56.93 -25.05 -38.33
CA ASP D 83 -57.01 -25.32 -36.91
C ASP D 83 -58.40 -24.96 -36.38
N ALA D 84 -58.50 -23.88 -35.61
CA ALA D 84 -59.78 -23.41 -35.09
C ALA D 84 -60.36 -22.42 -36.10
N GLY D 85 -61.24 -22.92 -36.96
CA GLY D 85 -61.83 -22.08 -37.99
C GLY D 85 -62.83 -22.87 -38.80
N LYS D 86 -63.38 -22.19 -39.82
CA LYS D 86 -64.40 -22.76 -40.70
C LYS D 86 -63.96 -22.55 -42.14
N VAL D 87 -63.27 -23.57 -42.69
CA VAL D 87 -62.79 -23.73 -44.07
C VAL D 87 -61.95 -22.55 -44.55
N VAL D 88 -60.94 -22.84 -45.36
CA VAL D 88 -60.05 -21.82 -45.91
C VAL D 88 -59.76 -22.18 -47.37
N CYS D 89 -59.50 -21.14 -48.17
CA CYS D 89 -59.13 -21.35 -49.57
C CYS D 89 -57.81 -22.10 -49.68
N GLN D 90 -56.75 -21.49 -49.14
CA GLN D 90 -55.33 -21.73 -49.35
C GLN D 90 -54.72 -20.34 -49.49
N CYS D 91 -55.55 -19.40 -49.92
CA CYS D 91 -55.19 -17.98 -49.90
C CYS D 91 -54.95 -17.51 -48.48
N GLY D 92 -55.55 -18.17 -47.50
CA GLY D 92 -55.52 -17.78 -46.12
C GLY D 92 -56.75 -17.04 -45.65
N TYR D 93 -57.54 -16.49 -46.58
CA TYR D 93 -58.79 -15.82 -46.25
C TYR D 93 -59.95 -16.80 -46.47
N THR D 94 -61.17 -16.32 -46.31
CA THR D 94 -62.36 -17.13 -46.50
C THR D 94 -63.14 -16.61 -47.71
N HIS D 95 -64.15 -17.38 -48.12
CA HIS D 95 -64.97 -16.99 -49.26
C HIS D 95 -65.75 -15.72 -48.97
N GLU D 96 -66.15 -15.51 -47.71
CA GLU D 96 -66.92 -14.32 -47.36
C GLU D 96 -66.12 -13.05 -47.59
N GLN D 97 -64.83 -13.08 -47.25
CA GLN D 97 -63.93 -11.94 -47.47
C GLN D 97 -62.73 -12.42 -48.27
N HIS D 98 -62.87 -12.46 -49.60
CA HIS D 98 -61.78 -12.80 -50.50
C HIS D 98 -61.85 -11.77 -51.63
N LEU D 99 -61.20 -10.62 -51.41
CA LEU D 99 -61.34 -9.45 -52.26
C LEU D 99 -62.81 -9.13 -52.54
N GLU D 100 -63.11 -8.65 -53.75
CA GLU D 100 -64.46 -8.32 -54.16
C GLU D 100 -65.03 -9.26 -55.20
N GLU D 101 -64.27 -9.59 -56.24
CA GLU D 101 -64.70 -10.54 -57.25
C GLU D 101 -63.87 -11.82 -57.24
N ALA D 102 -62.85 -11.91 -56.38
CA ALA D 102 -61.98 -13.08 -56.37
C ALA D 102 -62.67 -14.29 -55.77
N THR D 103 -63.75 -14.08 -54.99
CA THR D 103 -64.49 -15.20 -54.45
C THR D 103 -65.09 -16.05 -55.55
N LYS D 104 -65.69 -15.41 -56.55
CA LYS D 104 -66.18 -16.13 -57.71
C LYS D 104 -65.00 -16.65 -58.53
N PRO D 105 -65.12 -17.84 -59.12
CA PRO D 105 -64.01 -18.39 -59.92
C PRO D 105 -63.89 -17.68 -61.26
N HIS D 106 -62.68 -17.24 -61.59
CA HIS D 106 -62.42 -16.57 -62.86
C HIS D 106 -62.20 -17.63 -63.93
N THR D 107 -63.31 -18.15 -64.44
CA THR D 107 -63.33 -19.25 -65.42
C THR D 107 -62.60 -20.44 -64.79
N PHE D 108 -61.62 -21.03 -65.47
CA PHE D 108 -60.84 -22.14 -64.91
C PHE D 108 -59.37 -21.82 -65.10
N GLN D 109 -58.80 -21.07 -64.14
CA GLN D 109 -57.38 -20.73 -64.22
C GLN D 109 -56.51 -21.93 -63.85
N GLY D 110 -56.91 -22.69 -62.85
CA GLY D 110 -56.16 -23.85 -62.42
C GLY D 110 -56.78 -24.56 -61.23
N THR D 111 -56.68 -25.88 -61.20
CA THR D 111 -57.23 -26.67 -60.11
C THR D 111 -56.22 -26.93 -58.99
N GLN D 112 -55.00 -26.43 -59.11
CA GLN D 112 -53.99 -26.58 -58.08
C GLN D 112 -53.46 -25.21 -57.71
N TRP D 113 -53.03 -25.07 -56.46
CA TRP D 113 -52.64 -23.78 -55.90
C TRP D 113 -51.13 -23.62 -55.98
N ASP D 114 -50.69 -22.55 -56.65
CA ASP D 114 -49.32 -22.07 -56.58
C ASP D 114 -49.44 -20.56 -56.77
N PRO D 115 -49.01 -19.76 -55.81
CA PRO D 115 -49.42 -18.34 -55.76
C PRO D 115 -48.94 -17.48 -56.91
N LYS D 116 -47.65 -17.56 -57.23
CA LYS D 116 -47.01 -16.51 -58.02
C LYS D 116 -47.54 -16.46 -59.46
N LYS D 117 -48.10 -17.56 -59.97
CA LYS D 117 -48.41 -17.59 -61.40
C LYS D 117 -49.67 -16.79 -61.75
N HIS D 118 -50.57 -16.61 -60.79
CA HIS D 118 -51.87 -16.00 -61.09
C HIS D 118 -52.08 -14.63 -60.45
N VAL D 119 -51.26 -14.26 -59.48
CA VAL D 119 -51.50 -13.04 -58.69
C VAL D 119 -51.12 -11.82 -59.50
N GLN D 120 -51.89 -10.75 -59.33
CA GLN D 120 -51.59 -9.45 -59.95
C GLN D 120 -51.69 -8.37 -58.88
N GLU D 121 -51.46 -7.13 -59.32
CA GLU D 121 -51.18 -6.03 -58.40
C GLU D 121 -52.39 -5.14 -58.19
N MET D 122 -52.66 -4.80 -56.93
CA MET D 122 -53.62 -3.78 -56.54
C MET D 122 -52.95 -2.86 -55.52
N PRO D 123 -53.39 -1.61 -55.44
CA PRO D 123 -52.71 -0.64 -54.56
C PRO D 123 -52.98 -0.93 -53.09
N THR D 124 -52.21 -0.24 -52.25
CA THR D 124 -52.28 -0.40 -50.80
C THR D 124 -53.46 0.37 -50.22
N ASP D 125 -53.87 -0.02 -49.01
CA ASP D 125 -54.95 0.66 -48.32
C ASP D 125 -54.69 0.84 -46.82
N ALA D 126 -53.46 0.58 -46.35
CA ALA D 126 -53.12 0.72 -44.94
C ALA D 126 -52.00 1.76 -44.82
N PHE D 127 -52.35 2.95 -44.32
CA PHE D 127 -51.40 4.03 -44.16
C PHE D 127 -51.92 4.96 -43.06
N GLY D 128 -51.00 5.61 -42.38
CA GLY D 128 -51.39 6.58 -41.37
C GLY D 128 -50.43 6.55 -40.20
N ASP D 129 -50.92 7.05 -39.07
CA ASP D 129 -50.15 7.14 -37.83
C ASP D 129 -50.98 6.56 -36.69
N ILE D 130 -50.42 5.62 -35.96
CA ILE D 130 -51.13 4.92 -34.89
C ILE D 130 -50.95 5.69 -33.58
N VAL D 131 -52.07 5.89 -32.88
CA VAL D 131 -52.07 6.47 -31.54
C VAL D 131 -52.83 5.51 -30.63
N PHE D 132 -52.23 5.15 -29.50
CA PHE D 132 -52.85 4.18 -28.63
C PHE D 132 -53.69 4.88 -27.56
N THR D 133 -54.61 4.11 -26.98
CA THR D 133 -55.57 4.67 -26.03
C THR D 133 -54.87 5.20 -24.79
N GLY D 134 -54.22 4.33 -24.03
CA GLY D 134 -53.58 4.74 -22.79
C GLY D 134 -52.13 4.33 -22.67
N LEU D 135 -51.70 3.38 -23.49
CA LEU D 135 -50.33 2.88 -23.39
C LEU D 135 -49.33 3.97 -23.74
N SER D 136 -49.59 4.73 -24.80
CA SER D 136 -48.68 5.80 -25.22
C SER D 136 -49.49 6.84 -26.01
N GLN D 137 -49.43 8.09 -25.56
CA GLN D 137 -50.10 9.19 -26.24
C GLN D 137 -49.09 9.90 -27.12
N LYS D 138 -48.76 9.26 -28.24
CA LYS D 138 -47.78 9.82 -29.17
C LYS D 138 -48.09 9.33 -30.58
N VAL D 139 -47.53 10.04 -31.55
CA VAL D 139 -47.73 9.72 -32.96
C VAL D 139 -46.67 8.72 -33.40
N LYS D 140 -47.11 7.64 -34.05
CA LYS D 140 -46.22 6.60 -34.56
C LYS D 140 -46.69 6.23 -35.96
N LYS D 141 -45.78 6.33 -36.93
CA LYS D 141 -46.13 6.17 -38.34
C LYS D 141 -46.03 4.71 -38.75
N TYR D 142 -46.90 4.30 -39.68
CA TYR D 142 -46.88 2.95 -40.22
C TYR D 142 -47.29 2.99 -41.69
N VAL D 143 -46.70 2.08 -42.47
CA VAL D 143 -46.99 1.95 -43.89
C VAL D 143 -47.12 0.47 -44.24
N ARG D 144 -47.82 0.19 -45.33
CA ARG D 144 -48.00 -1.16 -45.83
C ARG D 144 -47.23 -1.33 -47.12
N VAL D 145 -46.46 -2.42 -47.21
CA VAL D 145 -45.54 -2.65 -48.31
C VAL D 145 -45.85 -4.04 -48.90
N SER D 146 -45.51 -4.21 -50.18
CA SER D 146 -45.67 -5.48 -50.88
C SER D 146 -44.36 -6.26 -50.84
N GLN D 147 -44.44 -7.53 -51.23
CA GLN D 147 -43.27 -8.40 -51.19
C GLN D 147 -42.27 -8.10 -52.31
N ASP D 148 -42.75 -7.67 -53.47
CA ASP D 148 -41.89 -7.37 -54.61
C ASP D 148 -41.50 -5.90 -54.67
N THR D 149 -41.88 -5.11 -53.67
CA THR D 149 -41.56 -3.69 -53.68
C THR D 149 -40.06 -3.47 -53.57
N PRO D 150 -39.44 -2.76 -54.52
CA PRO D 150 -38.01 -2.49 -54.41
C PRO D 150 -37.71 -1.60 -53.20
N SER D 151 -36.51 -1.79 -52.64
CA SER D 151 -36.13 -1.00 -51.48
C SER D 151 -35.83 0.45 -51.85
N SER D 152 -35.63 0.73 -53.14
CA SER D 152 -35.33 2.10 -53.56
C SER D 152 -36.49 3.03 -53.26
N VAL D 153 -37.71 2.65 -53.65
CA VAL D 153 -38.86 3.49 -53.38
C VAL D 153 -39.16 3.54 -51.89
N ILE D 154 -38.84 2.49 -51.15
CA ILE D 154 -39.04 2.51 -49.71
C ILE D 154 -38.11 3.52 -49.04
N TYR D 155 -36.84 3.54 -49.44
CA TYR D 155 -35.92 4.55 -48.95
C TYR D 155 -36.34 5.94 -49.40
N HIS D 156 -36.88 6.05 -50.61
CA HIS D 156 -37.51 7.29 -51.07
C HIS D 156 -38.60 7.74 -50.10
N LEU D 157 -39.38 6.78 -49.60
CA LEU D 157 -40.44 7.08 -48.64
C LEU D 157 -39.87 7.56 -47.30
N MET D 158 -38.81 6.91 -46.83
CA MET D 158 -38.27 7.25 -45.50
C MET D 158 -37.72 8.67 -45.43
N THR D 159 -37.01 9.12 -46.48
CA THR D 159 -36.18 10.31 -46.34
C THR D 159 -37.02 11.59 -46.23
N GLN D 160 -37.78 11.92 -47.27
CA GLN D 160 -38.53 13.17 -47.28
C GLN D 160 -40.04 12.99 -47.15
N HIS D 161 -40.56 11.77 -47.27
CA HIS D 161 -41.97 11.54 -47.03
C HIS D 161 -42.28 11.26 -45.56
N TRP D 162 -41.29 10.87 -44.77
CA TRP D 162 -41.44 10.72 -43.33
C TRP D 162 -40.58 11.70 -42.53
N GLY D 163 -39.77 12.52 -43.21
CA GLY D 163 -38.92 13.47 -42.52
C GLY D 163 -37.83 12.85 -41.65
N LEU D 164 -37.14 11.85 -42.18
CA LEU D 164 -36.09 11.14 -41.46
C LEU D 164 -34.75 11.42 -42.12
N ASP D 165 -33.74 11.69 -41.30
CA ASP D 165 -32.41 12.03 -41.80
C ASP D 165 -31.62 10.78 -42.17
N VAL D 166 -30.43 10.99 -42.71
CA VAL D 166 -29.59 9.89 -43.18
C VAL D 166 -29.10 9.08 -41.98
N PRO D 167 -29.12 7.74 -42.05
CA PRO D 167 -28.62 6.94 -40.93
C PRO D 167 -27.12 7.03 -40.77
N ASN D 168 -26.67 6.78 -39.54
CA ASN D 168 -25.26 6.64 -39.23
C ASN D 168 -24.89 5.26 -38.72
N LEU D 169 -25.86 4.50 -38.20
CA LEU D 169 -25.65 3.12 -37.78
C LEU D 169 -26.95 2.37 -37.96
N LEU D 170 -26.84 1.09 -38.33
CA LEU D 170 -28.00 0.30 -38.73
C LEU D 170 -27.99 -1.05 -38.03
N ILE D 171 -27.84 -1.03 -36.71
CA ILE D 171 -27.87 -2.27 -35.94
C ILE D 171 -29.25 -2.91 -36.06
N SER D 172 -29.26 -4.23 -36.28
CA SER D 172 -30.49 -4.99 -36.44
C SER D 172 -30.59 -6.04 -35.35
N VAL D 173 -31.80 -6.20 -34.81
CA VAL D 173 -32.07 -7.15 -33.74
C VAL D 173 -33.11 -8.15 -34.23
N THR D 174 -32.77 -9.43 -34.13
CA THR D 174 -33.70 -10.52 -34.43
C THR D 174 -33.64 -11.54 -33.31
N GLY D 175 -34.79 -12.15 -33.03
CA GLY D 175 -34.85 -13.11 -31.94
C GLY D 175 -36.13 -13.93 -32.01
N GLY D 176 -36.31 -14.76 -31.00
CA GLY D 176 -37.47 -15.64 -30.95
C GLY D 176 -38.73 -14.93 -30.49
N ALA D 177 -39.86 -15.39 -31.01
CA ALA D 177 -41.17 -14.86 -30.66
C ALA D 177 -42.04 -16.00 -30.16
N LYS D 178 -42.67 -15.79 -29.00
CA LYS D 178 -43.53 -16.70 -28.26
C LYS D 178 -42.82 -17.98 -27.85
N ASN D 179 -41.55 -18.14 -28.19
CA ASN D 179 -40.70 -19.24 -27.72
C ASN D 179 -39.44 -18.59 -27.15
N PHE D 180 -39.50 -18.18 -25.88
CA PHE D 180 -38.39 -17.43 -25.31
C PHE D 180 -38.38 -17.62 -23.80
N ASN D 181 -37.22 -17.34 -23.19
CA ASN D 181 -37.05 -17.46 -21.76
C ASN D 181 -36.16 -16.33 -21.28
N MET D 182 -36.27 -15.97 -20.00
CA MET D 182 -35.55 -14.84 -19.42
C MET D 182 -34.62 -15.26 -18.30
N LYS D 183 -33.45 -14.63 -18.27
CA LYS D 183 -32.47 -14.69 -17.20
C LYS D 183 -31.87 -13.30 -17.00
N PRO D 184 -31.45 -12.96 -15.77
CA PRO D 184 -31.18 -11.56 -15.44
C PRO D 184 -30.03 -10.89 -16.19
N ARG D 185 -28.83 -11.46 -16.13
CA ARG D 185 -27.67 -10.74 -16.64
C ARG D 185 -27.66 -10.66 -18.17
N LEU D 186 -28.28 -11.61 -18.87
CA LEU D 186 -28.48 -11.46 -20.30
C LEU D 186 -29.37 -10.25 -20.60
N LYS D 187 -30.44 -10.09 -19.81
CA LYS D 187 -31.30 -8.92 -19.97
C LYS D 187 -30.53 -7.63 -19.71
N SER D 188 -29.71 -7.62 -18.66
CA SER D 188 -28.93 -6.42 -18.35
C SER D 188 -27.97 -6.10 -19.49
N ILE D 189 -27.28 -7.11 -20.02
CA ILE D 189 -26.35 -6.89 -21.12
C ILE D 189 -27.09 -6.34 -22.33
N PHE D 190 -28.21 -6.97 -22.69
CA PHE D 190 -28.97 -6.53 -23.86
C PHE D 190 -29.44 -5.09 -23.70
N ARG D 191 -30.02 -4.75 -22.54
CA ARG D 191 -30.50 -3.39 -22.33
C ARG D 191 -29.36 -2.38 -22.36
N ARG D 192 -28.26 -2.66 -21.66
CA ARG D 192 -27.15 -1.72 -21.62
C ARG D 192 -26.59 -1.49 -23.02
N GLY D 193 -26.39 -2.57 -23.78
CA GLY D 193 -25.93 -2.42 -25.14
C GLY D 193 -26.90 -1.62 -25.99
N LEU D 194 -28.20 -1.86 -25.81
CA LEU D 194 -29.18 -1.12 -26.61
C LEU D 194 -29.11 0.37 -26.35
N VAL D 195 -29.14 0.78 -25.07
CA VAL D 195 -29.15 2.23 -24.84
C VAL D 195 -27.81 2.83 -25.23
N LYS D 196 -26.69 2.14 -24.98
CA LYS D 196 -25.41 2.73 -25.32
C LYS D 196 -25.26 2.89 -26.84
N VAL D 197 -25.80 1.95 -27.61
CA VAL D 197 -25.64 2.04 -29.06
C VAL D 197 -26.65 3.00 -29.66
N ALA D 198 -27.81 3.18 -29.01
CA ALA D 198 -28.86 3.98 -29.61
C ALA D 198 -28.76 5.44 -29.20
N GLN D 199 -28.28 5.71 -27.97
CA GLN D 199 -28.25 7.09 -27.48
C GLN D 199 -27.18 7.90 -28.20
N THR D 200 -26.08 7.27 -28.59
CA THR D 200 -25.01 7.98 -29.27
C THR D 200 -25.20 7.90 -30.77
N THR D 201 -24.67 8.92 -31.47
CA THR D 201 -24.76 9.03 -32.92
C THR D 201 -26.21 8.98 -33.38
N GLY D 202 -26.42 8.54 -34.62
CA GLY D 202 -27.76 8.43 -35.18
C GLY D 202 -28.13 7.00 -35.51
N ALA D 203 -27.83 6.07 -34.60
CA ALA D 203 -28.05 4.65 -34.86
C ALA D 203 -29.53 4.35 -35.11
N TRP D 204 -29.79 3.54 -36.13
CA TRP D 204 -31.12 3.05 -36.44
C TRP D 204 -31.21 1.58 -36.05
N ILE D 205 -32.13 1.26 -35.15
CA ILE D 205 -32.31 -0.11 -34.66
C ILE D 205 -33.48 -0.70 -35.46
N ILE D 206 -33.21 -1.83 -36.12
CA ILE D 206 -34.22 -2.48 -36.95
C ILE D 206 -34.66 -3.77 -36.27
N THR D 207 -35.98 -3.92 -36.13
CA THR D 207 -36.54 -5.06 -35.39
C THR D 207 -37.95 -5.29 -35.92
N GLY D 208 -38.51 -6.47 -35.62
CA GLY D 208 -39.82 -6.81 -36.15
C GLY D 208 -40.94 -6.01 -35.51
N GLY D 209 -42.17 -6.48 -35.73
CA GLY D 209 -43.31 -6.02 -34.95
C GLY D 209 -44.00 -7.07 -34.11
N SER D 210 -43.82 -7.04 -32.79
CA SER D 210 -44.52 -7.90 -31.84
C SER D 210 -44.04 -7.56 -30.43
N HIS D 211 -44.91 -7.78 -29.44
CA HIS D 211 -44.54 -7.61 -28.03
C HIS D 211 -44.33 -8.96 -27.33
N THR D 212 -43.27 -9.67 -27.72
CA THR D 212 -43.01 -10.99 -27.13
C THR D 212 -41.53 -11.16 -26.78
N GLY D 213 -41.25 -11.38 -25.50
CA GLY D 213 -39.90 -11.73 -25.08
C GLY D 213 -38.91 -10.59 -25.21
N VAL D 214 -37.68 -10.93 -25.62
CA VAL D 214 -36.66 -9.91 -25.85
C VAL D 214 -37.12 -8.95 -26.93
N MET D 215 -37.97 -9.43 -27.84
CA MET D 215 -38.57 -8.57 -28.84
C MET D 215 -39.42 -7.46 -28.20
N LYS D 216 -40.09 -7.74 -27.09
CA LYS D 216 -40.78 -6.70 -26.33
C LYS D 216 -39.81 -5.91 -25.45
N GLN D 217 -38.75 -6.57 -24.99
CA GLN D 217 -37.80 -5.95 -24.08
C GLN D 217 -36.93 -4.89 -24.75
N VAL D 218 -36.65 -5.02 -26.04
CA VAL D 218 -35.96 -3.95 -26.76
C VAL D 218 -36.78 -2.66 -26.69
N GLY D 219 -38.09 -2.76 -26.92
CA GLY D 219 -38.93 -1.59 -26.80
C GLY D 219 -39.08 -1.08 -25.39
N GLU D 220 -39.18 -1.98 -24.42
CA GLU D 220 -39.32 -1.52 -23.03
C GLU D 220 -38.05 -0.80 -22.60
N ALA D 221 -36.90 -1.23 -23.09
CA ALA D 221 -35.67 -0.48 -22.89
C ALA D 221 -35.72 0.86 -23.61
N VAL D 222 -36.34 0.89 -24.80
CA VAL D 222 -36.48 2.14 -25.54
C VAL D 222 -37.20 3.18 -24.69
N ARG D 223 -38.35 2.81 -24.12
CA ARG D 223 -39.07 3.78 -23.28
C ARG D 223 -38.41 3.97 -21.91
N ASP D 224 -37.69 2.96 -21.41
CA ASP D 224 -36.94 3.15 -20.18
C ASP D 224 -35.92 4.28 -20.36
N PHE D 225 -35.30 4.36 -21.53
CA PHE D 225 -34.42 5.48 -21.83
C PHE D 225 -35.20 6.76 -22.18
N SER D 226 -36.32 6.63 -22.90
CA SER D 226 -37.00 7.80 -23.44
C SER D 226 -37.80 8.55 -22.38
N LEU D 227 -38.21 7.89 -21.30
CA LEU D 227 -38.99 8.56 -20.26
C LEU D 227 -38.20 9.69 -19.63
N SER D 228 -36.90 9.49 -19.44
CA SER D 228 -35.99 10.52 -18.94
C SER D 228 -35.03 10.88 -20.07
N SER D 229 -35.35 11.95 -20.80
CA SER D 229 -34.53 12.39 -21.91
C SER D 229 -34.55 13.91 -21.98
N SER D 230 -33.38 14.51 -22.25
CA SER D 230 -33.27 15.96 -22.28
C SER D 230 -34.06 16.54 -23.44
N TYR D 231 -33.85 16.00 -24.64
CA TYR D 231 -34.61 16.47 -25.81
C TYR D 231 -36.07 16.05 -25.71
N LYS D 232 -36.38 15.02 -24.93
CA LYS D 232 -37.73 14.51 -24.73
C LYS D 232 -38.33 14.03 -26.06
N GLU D 233 -39.64 13.79 -26.06
CA GLU D 233 -40.36 13.30 -27.24
C GLU D 233 -39.69 12.02 -27.72
N GLY D 234 -39.34 11.89 -28.99
CA GLY D 234 -38.69 10.68 -29.47
C GLY D 234 -37.26 10.92 -29.90
N GLU D 235 -36.30 10.44 -29.10
CA GLU D 235 -34.89 10.50 -29.44
C GLU D 235 -34.41 9.25 -30.18
N LEU D 236 -35.31 8.31 -30.45
CA LEU D 236 -34.95 7.06 -31.10
C LEU D 236 -35.93 6.77 -32.23
N ILE D 237 -35.43 6.15 -33.28
CA ILE D 237 -36.23 5.76 -34.44
C ILE D 237 -36.15 4.25 -34.53
N THR D 238 -37.14 3.57 -33.96
CA THR D 238 -37.20 2.11 -33.93
C THR D 238 -38.25 1.67 -34.95
N ILE D 239 -37.80 0.97 -36.00
CA ILE D 239 -38.68 0.56 -37.08
C ILE D 239 -39.11 -0.88 -36.85
N GLY D 240 -40.42 -1.14 -36.97
CA GLY D 240 -40.96 -2.47 -36.83
C GLY D 240 -41.37 -3.03 -38.18
N VAL D 241 -41.04 -4.30 -38.40
CA VAL D 241 -41.38 -5.01 -39.63
C VAL D 241 -42.23 -6.23 -39.27
N ALA D 242 -43.36 -6.38 -39.96
CA ALA D 242 -44.27 -7.49 -39.72
C ALA D 242 -45.05 -7.77 -41.00
N THR D 243 -45.69 -8.93 -41.02
CA THR D 243 -46.47 -9.38 -42.17
C THR D 243 -47.94 -9.05 -41.92
N TRP D 244 -48.60 -8.48 -42.93
CA TRP D 244 -50.02 -8.15 -42.79
C TRP D 244 -50.84 -9.38 -42.46
N GLY D 245 -50.44 -10.54 -42.99
CA GLY D 245 -51.15 -11.77 -42.67
C GLY D 245 -51.12 -12.08 -41.19
N THR D 246 -50.02 -11.76 -40.51
CA THR D 246 -49.87 -12.02 -39.09
C THR D 246 -50.16 -10.76 -38.27
N VAL D 247 -51.40 -10.29 -38.37
CA VAL D 247 -51.87 -9.13 -37.60
C VAL D 247 -53.22 -9.49 -37.00
N HIS D 248 -53.34 -9.36 -35.67
CA HIS D 248 -54.57 -9.71 -34.99
C HIS D 248 -55.74 -8.82 -35.40
N ARG D 249 -55.64 -7.52 -35.10
CA ARG D 249 -56.75 -6.59 -35.29
C ARG D 249 -56.57 -5.83 -36.61
N ARG D 250 -56.69 -6.57 -37.72
CA ARG D 250 -56.63 -5.94 -39.03
C ARG D 250 -57.89 -5.14 -39.31
N GLU D 251 -59.02 -5.54 -38.74
CA GLU D 251 -60.27 -4.80 -38.92
C GLU D 251 -60.14 -3.41 -38.32
N GLY D 252 -60.25 -2.39 -39.17
CA GLY D 252 -60.05 -1.01 -38.77
C GLY D 252 -58.73 -0.41 -39.20
N LEU D 253 -57.79 -1.22 -39.69
CA LEU D 253 -56.52 -0.74 -40.18
C LEU D 253 -56.55 -0.44 -41.68
N ILE D 254 -57.70 -0.60 -42.33
CA ILE D 254 -57.83 -0.39 -43.77
C ILE D 254 -58.69 0.85 -44.00
N HIS D 255 -58.18 1.78 -44.81
CA HIS D 255 -58.91 2.98 -45.18
C HIS D 255 -58.81 3.20 -46.69
N PRO D 256 -59.87 3.73 -47.31
CA PRO D 256 -59.83 3.94 -48.77
C PRO D 256 -58.75 4.94 -49.19
N THR D 257 -58.83 6.16 -48.66
CA THR D 257 -57.83 7.19 -48.96
C THR D 257 -57.09 7.63 -47.71
N GLY D 258 -57.79 8.07 -46.67
CA GLY D 258 -57.16 8.40 -45.42
C GLY D 258 -58.07 9.01 -44.37
N SER D 259 -58.02 8.48 -43.16
CA SER D 259 -58.64 9.08 -41.98
C SER D 259 -57.62 9.35 -40.89
N PHE D 260 -56.70 8.41 -40.69
CA PHE D 260 -55.55 8.48 -39.79
C PHE D 260 -55.87 8.70 -38.31
N PRO D 261 -56.83 7.98 -37.70
CA PRO D 261 -56.74 7.79 -36.25
C PRO D 261 -55.95 6.53 -35.93
N ALA D 262 -55.96 5.59 -36.88
CA ALA D 262 -55.25 4.31 -36.82
C ALA D 262 -55.25 3.70 -35.43
N GLU D 263 -56.43 3.56 -34.83
CA GLU D 263 -56.52 3.00 -33.49
C GLU D 263 -56.18 1.52 -33.50
N TYR D 264 -55.28 1.10 -32.61
CA TYR D 264 -54.89 -0.29 -32.46
C TYR D 264 -54.75 -0.57 -30.96
N ILE D 265 -55.85 -1.02 -30.35
CA ILE D 265 -55.80 -1.39 -28.93
C ILE D 265 -55.00 -2.68 -28.78
N LEU D 266 -54.15 -2.72 -27.75
CA LEU D 266 -53.32 -3.90 -27.50
C LEU D 266 -54.13 -4.89 -26.67
N ASP D 267 -54.91 -5.72 -27.39
CA ASP D 267 -55.75 -6.73 -26.75
C ASP D 267 -55.06 -8.08 -26.91
N GLU D 268 -54.10 -8.35 -26.02
CA GLU D 268 -53.36 -9.60 -26.07
C GLU D 268 -54.21 -10.79 -25.64
N ASP D 269 -55.33 -10.55 -24.95
CA ASP D 269 -56.19 -11.66 -24.53
C ASP D 269 -56.91 -12.29 -25.70
N GLY D 270 -57.40 -11.48 -26.63
CA GLY D 270 -58.16 -11.96 -27.77
C GLY D 270 -57.36 -12.30 -29.01
N GLN D 271 -56.03 -12.31 -28.91
CA GLN D 271 -55.21 -12.62 -30.08
C GLN D 271 -55.43 -14.05 -30.56
N GLY D 272 -55.56 -15.00 -29.63
CA GLY D 272 -55.86 -16.38 -29.97
C GLY D 272 -54.71 -17.13 -30.59
N ASN D 273 -54.37 -16.78 -31.83
CA ASN D 273 -53.26 -17.41 -32.54
C ASN D 273 -52.33 -16.44 -33.24
N LEU D 274 -52.76 -15.23 -33.57
CA LEU D 274 -51.93 -14.23 -34.23
C LEU D 274 -51.53 -13.18 -33.20
N THR D 275 -50.22 -13.07 -32.96
CA THR D 275 -49.73 -12.14 -31.96
C THR D 275 -50.07 -10.71 -32.34
N CYS D 276 -50.58 -9.96 -31.37
CA CYS D 276 -50.93 -8.56 -31.60
C CYS D 276 -49.66 -7.75 -31.84
N LEU D 277 -49.82 -6.67 -32.61
CA LEU D 277 -48.70 -5.77 -32.83
C LEU D 277 -48.30 -5.09 -31.53
N ASP D 278 -47.01 -4.83 -31.39
CA ASP D 278 -46.51 -4.17 -30.21
C ASP D 278 -46.94 -2.70 -30.18
N SER D 279 -46.94 -2.13 -28.98
CA SER D 279 -47.09 -0.70 -28.79
C SER D 279 -45.74 -0.02 -28.72
N ASN D 280 -44.75 -0.53 -29.44
CA ASN D 280 -43.37 -0.36 -29.02
C ASN D 280 -42.43 0.16 -30.09
N HIS D 281 -42.83 0.17 -31.36
CA HIS D 281 -41.93 0.62 -32.42
C HIS D 281 -42.39 1.98 -32.96
N SER D 282 -41.44 2.91 -33.10
CA SER D 282 -41.78 4.26 -33.54
C SER D 282 -42.32 4.25 -34.97
N HIS D 283 -41.64 3.57 -35.87
CA HIS D 283 -42.10 3.38 -37.24
C HIS D 283 -42.40 1.90 -37.46
N PHE D 284 -43.37 1.64 -38.34
CA PHE D 284 -43.83 0.29 -38.58
C PHE D 284 -43.88 0.01 -40.07
N ILE D 285 -43.34 -1.14 -40.47
CA ILE D 285 -43.39 -1.61 -41.85
C ILE D 285 -44.21 -2.90 -41.84
N LEU D 286 -45.31 -2.90 -42.60
CA LEU D 286 -46.23 -4.04 -42.62
C LEU D 286 -46.30 -4.59 -44.04
N VAL D 287 -45.67 -5.73 -44.25
CA VAL D 287 -45.56 -6.32 -45.58
C VAL D 287 -46.74 -7.26 -45.83
N ASP D 288 -47.08 -7.44 -47.11
CA ASP D 288 -48.11 -8.37 -47.52
C ASP D 288 -47.64 -9.14 -48.74
N ASP D 289 -47.90 -10.45 -48.73
CA ASP D 289 -47.58 -11.33 -49.85
C ASP D 289 -48.80 -12.04 -50.40
N GLY D 290 -49.96 -11.89 -49.78
CA GLY D 290 -51.13 -12.68 -50.10
C GLY D 290 -51.37 -13.84 -49.15
N THR D 291 -50.52 -14.01 -48.14
CA THR D 291 -50.65 -15.08 -47.16
C THR D 291 -51.26 -14.52 -45.87
N HIS D 292 -52.02 -15.38 -45.20
CA HIS D 292 -52.74 -15.02 -43.98
C HIS D 292 -52.18 -15.84 -42.82
N GLY D 293 -51.62 -15.16 -41.83
CA GLY D 293 -51.08 -15.84 -40.67
C GLY D 293 -49.83 -16.65 -40.91
N GLN D 294 -49.07 -16.32 -41.95
CA GLN D 294 -47.82 -17.02 -42.27
C GLN D 294 -46.65 -16.13 -41.89
N TYR D 295 -45.86 -16.58 -40.91
CA TYR D 295 -44.67 -15.87 -40.49
C TYR D 295 -43.49 -16.23 -41.39
N GLY D 296 -42.40 -15.49 -41.24
CA GLY D 296 -41.20 -15.75 -42.02
C GLY D 296 -41.27 -15.31 -43.46
N VAL D 297 -42.28 -14.53 -43.83
CA VAL D 297 -42.41 -14.07 -45.21
C VAL D 297 -41.50 -12.89 -45.50
N GLU D 298 -41.36 -11.97 -44.54
CA GLU D 298 -40.61 -10.72 -44.71
C GLU D 298 -39.11 -10.89 -44.55
N ILE D 299 -38.62 -12.13 -44.51
CA ILE D 299 -37.18 -12.36 -44.27
C ILE D 299 -36.34 -11.87 -45.45
N PRO D 300 -36.65 -12.24 -46.71
CA PRO D 300 -35.81 -11.74 -47.82
C PRO D 300 -35.93 -10.24 -48.01
N LEU D 301 -37.15 -9.72 -47.91
CA LEU D 301 -37.37 -8.29 -48.14
C LEU D 301 -36.67 -7.44 -47.09
N ARG D 302 -36.69 -7.88 -45.82
CA ARG D 302 -36.00 -7.13 -44.77
C ARG D 302 -34.51 -7.07 -45.03
N THR D 303 -33.92 -8.20 -45.43
CA THR D 303 -32.49 -8.22 -45.74
C THR D 303 -32.17 -7.31 -46.92
N ARG D 304 -32.98 -7.36 -47.98
CA ARG D 304 -32.74 -6.50 -49.13
C ARG D 304 -32.86 -5.02 -48.75
N LEU D 305 -33.87 -4.68 -47.94
CA LEU D 305 -34.06 -3.30 -47.52
C LEU D 305 -32.88 -2.80 -46.70
N GLU D 306 -32.46 -3.58 -45.70
CA GLU D 306 -31.36 -3.15 -44.85
C GLU D 306 -30.07 -3.03 -45.66
N LYS D 307 -29.85 -3.96 -46.61
CA LYS D 307 -28.69 -3.84 -47.48
C LYS D 307 -28.72 -2.52 -48.27
N PHE D 308 -29.84 -2.27 -48.95
CA PHE D 308 -29.96 -1.06 -49.76
C PHE D 308 -29.72 0.19 -48.93
N ILE D 309 -30.30 0.24 -47.72
CA ILE D 309 -30.03 1.39 -46.87
C ILE D 309 -28.63 1.32 -46.28
N SER D 310 -27.93 0.19 -46.46
CA SER D 310 -26.55 0.11 -46.00
C SER D 310 -25.60 0.81 -46.95
N GLU D 311 -25.47 0.34 -48.20
CA GLU D 311 -24.29 0.83 -48.93
C GLU D 311 -24.47 2.18 -49.61
N GLN D 312 -25.68 2.57 -50.04
CA GLN D 312 -25.80 3.71 -50.97
C GLN D 312 -26.77 4.77 -50.48
N THR D 313 -26.61 5.23 -49.23
CA THR D 313 -27.36 6.39 -48.77
C THR D 313 -26.54 7.65 -48.59
N LYS D 314 -25.22 7.63 -48.83
CA LYS D 314 -24.38 8.80 -48.71
C LYS D 314 -23.34 8.82 -49.84
N GLU D 315 -22.88 10.02 -50.19
CA GLU D 315 -21.96 10.20 -51.30
C GLU D 315 -20.70 10.97 -50.91
N ARG D 316 -20.28 10.90 -49.64
CA ARG D 316 -19.07 11.58 -49.22
C ARG D 316 -17.85 11.03 -49.96
N GLY D 317 -16.92 11.91 -50.28
CA GLY D 317 -15.71 11.53 -50.98
C GLY D 317 -15.85 11.42 -52.47
N GLY D 318 -17.06 11.61 -53.02
CA GLY D 318 -17.27 11.60 -54.45
C GLY D 318 -17.53 10.25 -55.07
N VAL D 319 -17.43 9.16 -54.31
CA VAL D 319 -17.66 7.84 -54.89
C VAL D 319 -18.76 7.09 -54.13
N ALA D 320 -18.54 6.77 -52.86
CA ALA D 320 -19.49 5.98 -52.08
C ALA D 320 -19.08 5.88 -50.61
N ILE D 321 -20.06 5.80 -49.72
CA ILE D 321 -19.84 5.60 -48.29
C ILE D 321 -20.71 4.44 -47.82
N LYS D 322 -20.09 3.47 -47.16
CA LYS D 322 -20.78 2.28 -46.68
C LYS D 322 -21.03 2.43 -45.18
N ILE D 323 -22.29 2.57 -44.80
CA ILE D 323 -22.64 2.77 -43.40
C ILE D 323 -22.48 1.44 -42.66
N PRO D 324 -21.78 1.42 -41.52
CA PRO D 324 -21.59 0.16 -40.80
C PRO D 324 -22.92 -0.46 -40.39
N ILE D 325 -22.98 -1.79 -40.51
CA ILE D 325 -24.22 -2.55 -40.31
C ILE D 325 -23.89 -3.85 -39.58
N VAL D 326 -24.69 -4.17 -38.57
CA VAL D 326 -24.58 -5.44 -37.85
C VAL D 326 -25.98 -5.92 -37.49
N CYS D 327 -26.20 -7.22 -37.65
CA CYS D 327 -27.43 -7.87 -37.19
C CYS D 327 -27.08 -8.84 -36.07
N VAL D 328 -27.74 -8.70 -34.92
CA VAL D 328 -27.48 -9.51 -33.74
C VAL D 328 -28.69 -10.41 -33.49
N VAL D 329 -28.41 -11.66 -33.11
CA VAL D 329 -29.44 -12.67 -32.91
C VAL D 329 -29.40 -13.14 -31.46
N LEU D 330 -30.57 -13.29 -30.85
CA LEU D 330 -30.71 -13.81 -29.50
C LEU D 330 -31.75 -14.92 -29.52
N GLU D 331 -31.35 -16.12 -29.09
CA GLU D 331 -32.17 -17.33 -29.17
C GLU D 331 -32.61 -17.50 -30.63
N GLY D 332 -33.85 -17.90 -30.89
CA GLY D 332 -34.36 -18.00 -32.25
C GLY D 332 -34.82 -19.40 -32.57
N GLY D 333 -35.16 -19.59 -33.85
CA GLY D 333 -35.56 -20.87 -34.36
C GLY D 333 -35.32 -20.98 -35.86
N PRO D 334 -36.28 -21.58 -36.58
CA PRO D 334 -36.13 -21.67 -38.04
C PRO D 334 -36.18 -20.32 -38.74
N GLY D 335 -37.09 -19.43 -38.30
CA GLY D 335 -37.15 -18.11 -38.90
C GLY D 335 -35.89 -17.31 -38.68
N THR D 336 -35.31 -17.40 -37.47
CA THR D 336 -34.04 -16.75 -37.21
C THR D 336 -32.94 -17.33 -38.08
N LEU D 337 -32.95 -18.65 -38.28
CA LEU D 337 -31.97 -19.28 -39.16
C LEU D 337 -32.08 -18.76 -40.58
N HIS D 338 -33.31 -18.64 -41.09
CA HIS D 338 -33.52 -18.09 -42.43
C HIS D 338 -33.07 -16.64 -42.50
N THR D 339 -33.35 -15.86 -41.44
CA THR D 339 -32.92 -14.47 -41.42
C THR D 339 -31.40 -14.36 -41.48
N ILE D 340 -30.70 -15.18 -40.70
CA ILE D 340 -29.23 -15.15 -40.70
C ILE D 340 -28.69 -15.61 -42.05
N ASP D 341 -29.32 -16.63 -42.65
CA ASP D 341 -28.85 -17.12 -43.94
C ASP D 341 -29.00 -16.07 -45.03
N ASN D 342 -30.18 -15.43 -45.11
CA ASN D 342 -30.38 -14.39 -46.10
C ASN D 342 -29.48 -13.19 -45.83
N ALA D 343 -29.28 -12.85 -44.55
CA ALA D 343 -28.39 -11.74 -44.22
C ALA D 343 -26.96 -12.04 -44.64
N THR D 344 -26.50 -13.27 -44.42
CA THR D 344 -25.13 -13.62 -44.81
C THR D 344 -24.98 -13.64 -46.32
N THR D 345 -26.00 -14.12 -47.03
CA THR D 345 -25.95 -14.10 -48.49
C THR D 345 -25.89 -12.69 -49.03
N ASN D 346 -26.66 -11.77 -48.44
CA ASN D 346 -26.66 -10.39 -48.92
C ASN D 346 -25.36 -9.66 -48.59
N GLY D 347 -24.68 -10.04 -47.51
CA GLY D 347 -23.41 -9.41 -47.21
C GLY D 347 -23.39 -8.60 -45.93
N THR D 348 -24.03 -9.11 -44.88
CA THR D 348 -24.14 -8.39 -43.60
C THR D 348 -23.33 -9.09 -42.52
N PRO D 349 -22.45 -8.37 -41.81
CA PRO D 349 -21.83 -8.95 -40.61
C PRO D 349 -22.89 -9.32 -39.58
N CYS D 350 -22.70 -10.47 -38.94
CA CYS D 350 -23.63 -10.95 -37.94
C CYS D 350 -22.85 -11.36 -36.69
N VAL D 351 -23.46 -11.10 -35.53
CA VAL D 351 -22.90 -11.43 -34.24
C VAL D 351 -23.94 -12.21 -33.45
N VAL D 352 -23.51 -13.26 -32.78
CA VAL D 352 -24.38 -14.09 -31.94
C VAL D 352 -23.89 -13.97 -30.50
N VAL D 353 -24.81 -13.66 -29.59
CA VAL D 353 -24.51 -13.56 -28.17
C VAL D 353 -24.75 -14.92 -27.55
N GLU D 354 -23.67 -15.55 -27.09
CA GLU D 354 -23.77 -16.90 -26.56
C GLU D 354 -24.50 -16.90 -25.22
N GLY D 355 -25.10 -18.04 -24.89
CA GLY D 355 -25.83 -18.21 -23.67
C GLY D 355 -27.31 -17.91 -23.77
N SER D 356 -27.76 -17.29 -24.85
CA SER D 356 -29.18 -16.95 -24.98
C SER D 356 -30.05 -18.19 -24.92
N GLY D 357 -29.71 -19.21 -25.71
CA GLY D 357 -30.41 -20.47 -25.57
C GLY D 357 -30.91 -21.00 -26.91
N ARG D 358 -30.57 -22.26 -27.17
CA ARG D 358 -31.18 -23.10 -28.22
C ARG D 358 -30.74 -22.69 -29.62
N VAL D 359 -30.10 -21.53 -29.76
CA VAL D 359 -29.50 -21.15 -31.03
C VAL D 359 -28.08 -20.64 -30.89
N ALA D 360 -27.70 -20.08 -29.73
CA ALA D 360 -26.42 -19.39 -29.63
C ALA D 360 -25.25 -20.38 -29.62
N ASP D 361 -25.37 -21.47 -28.86
CA ASP D 361 -24.26 -22.42 -28.74
C ASP D 361 -24.01 -23.14 -30.05
N VAL D 362 -25.07 -23.50 -30.78
CA VAL D 362 -24.91 -24.23 -32.03
C VAL D 362 -24.09 -23.42 -33.03
N ILE D 363 -24.44 -22.14 -33.19
CA ILE D 363 -23.67 -21.27 -34.08
C ILE D 363 -22.27 -21.01 -33.50
N ALA D 364 -22.17 -20.91 -32.17
CA ALA D 364 -20.88 -20.59 -31.55
C ALA D 364 -19.85 -21.69 -31.80
N GLN D 365 -20.27 -22.95 -31.72
CA GLN D 365 -19.36 -24.08 -31.87
C GLN D 365 -19.28 -24.62 -33.29
N VAL D 366 -19.81 -23.88 -34.27
CA VAL D 366 -19.61 -24.19 -35.68
C VAL D 366 -19.10 -23.00 -36.47
N ALA D 367 -18.95 -21.83 -35.83
CA ALA D 367 -18.57 -20.62 -36.55
C ALA D 367 -17.19 -20.75 -37.18
N ASN D 368 -16.16 -20.94 -36.35
CA ASN D 368 -14.80 -21.06 -36.84
C ASN D 368 -14.41 -22.49 -37.18
N LEU D 369 -15.27 -23.47 -36.90
CA LEU D 369 -14.97 -24.85 -37.20
C LEU D 369 -15.09 -25.11 -38.71
N PRO D 370 -14.36 -26.09 -39.23
CA PRO D 370 -14.45 -26.40 -40.65
C PRO D 370 -15.86 -26.81 -41.06
N VAL D 371 -16.26 -26.41 -42.27
CA VAL D 371 -17.59 -26.70 -42.77
C VAL D 371 -17.76 -28.17 -43.09
N SER D 372 -16.68 -28.84 -43.52
CA SER D 372 -16.79 -30.21 -44.01
C SER D 372 -17.23 -31.17 -42.90
N ASP D 373 -16.59 -31.08 -41.73
CA ASP D 373 -16.89 -32.01 -40.66
C ASP D 373 -18.29 -31.81 -40.07
N ILE D 374 -18.94 -30.68 -40.34
CA ILE D 374 -20.31 -30.45 -39.92
C ILE D 374 -21.19 -31.38 -40.77
N THR D 375 -21.68 -32.45 -40.16
CA THR D 375 -22.47 -33.46 -40.85
C THR D 375 -23.90 -33.40 -40.35
N ILE D 376 -24.76 -34.19 -40.99
CA ILE D 376 -26.12 -34.35 -40.48
C ILE D 376 -26.09 -34.98 -39.09
N SER D 377 -25.22 -35.98 -38.90
CA SER D 377 -25.13 -36.64 -37.60
C SER D 377 -24.78 -35.65 -36.51
N LEU D 378 -23.83 -34.75 -36.79
CA LEU D 378 -23.53 -33.66 -35.87
C LEU D 378 -24.77 -32.83 -35.59
N ILE D 379 -25.66 -32.69 -36.57
CA ILE D 379 -26.90 -31.94 -36.36
C ILE D 379 -27.80 -32.67 -35.36
N GLN D 380 -27.94 -33.99 -35.50
CA GLN D 380 -28.72 -34.70 -34.47
C GLN D 380 -28.06 -34.65 -33.10
N GLN D 381 -26.73 -34.73 -33.02
CA GLN D 381 -26.13 -34.54 -31.69
C GLN D 381 -26.32 -33.12 -31.18
N LYS D 382 -26.53 -32.16 -32.07
CA LYS D 382 -26.92 -30.80 -31.68
C LYS D 382 -28.43 -30.63 -31.63
N LEU D 383 -29.20 -31.67 -31.93
CA LEU D 383 -30.65 -31.62 -31.91
C LEU D 383 -31.24 -32.03 -30.58
N SER D 384 -30.43 -32.54 -29.65
CA SER D 384 -30.95 -33.10 -28.41
C SER D 384 -30.75 -32.21 -27.19
N VAL D 385 -29.86 -31.22 -27.26
CA VAL D 385 -29.56 -30.37 -26.11
C VAL D 385 -30.08 -28.95 -26.31
N PHE D 386 -30.02 -28.43 -27.53
CA PHE D 386 -30.49 -27.08 -27.82
C PHE D 386 -31.63 -27.06 -28.84
N PHE D 387 -32.28 -28.19 -29.06
CA PHE D 387 -33.52 -28.28 -29.82
C PHE D 387 -34.55 -29.09 -29.06
N GLN D 388 -34.58 -28.91 -27.73
CA GLN D 388 -35.42 -29.74 -26.87
C GLN D 388 -36.90 -29.40 -27.04
N GLU D 389 -37.27 -28.16 -26.75
CA GLU D 389 -38.67 -27.75 -26.79
C GLU D 389 -39.22 -27.59 -28.20
N MET D 390 -38.35 -27.43 -29.20
CA MET D 390 -38.78 -27.31 -30.59
C MET D 390 -38.65 -28.60 -31.37
N PHE D 391 -38.29 -29.71 -30.70
CA PHE D 391 -38.14 -30.98 -31.40
C PHE D 391 -39.48 -31.47 -31.94
N GLU D 392 -40.57 -31.17 -31.23
CA GLU D 392 -41.89 -31.64 -31.66
C GLU D 392 -42.29 -31.04 -33.01
N THR D 393 -42.04 -29.75 -33.20
CA THR D 393 -42.42 -29.12 -34.46
C THR D 393 -41.43 -29.43 -35.57
N PHE D 394 -40.24 -29.90 -35.23
CA PHE D 394 -39.25 -30.26 -36.24
C PHE D 394 -39.45 -31.69 -36.69
N THR D 395 -39.65 -31.87 -38.00
CA THR D 395 -39.78 -33.19 -38.60
C THR D 395 -38.50 -33.54 -39.35
N GLU D 396 -38.43 -34.80 -39.79
CA GLU D 396 -37.22 -35.27 -40.48
C GLU D 396 -36.98 -34.48 -41.77
N SER D 397 -38.05 -34.22 -42.54
CA SER D 397 -37.93 -33.38 -43.72
C SER D 397 -37.65 -31.93 -43.35
N ARG D 398 -37.91 -31.53 -42.10
CA ARG D 398 -37.68 -30.17 -41.64
C ARG D 398 -36.41 -30.04 -40.80
N ILE D 399 -35.91 -31.12 -40.22
CA ILE D 399 -34.67 -31.06 -39.45
C ILE D 399 -33.48 -30.80 -40.38
N VAL D 400 -33.46 -31.46 -41.55
CA VAL D 400 -32.29 -31.41 -42.42
C VAL D 400 -32.10 -30.08 -43.11
N GLU D 401 -33.03 -29.14 -42.99
CA GLU D 401 -32.80 -27.80 -43.52
C GLU D 401 -31.89 -26.97 -42.63
N TRP D 402 -31.56 -27.47 -41.44
CA TRP D 402 -30.70 -26.76 -40.50
C TRP D 402 -29.22 -26.88 -40.82
N THR D 403 -28.84 -27.68 -41.83
CA THR D 403 -27.44 -27.84 -42.18
C THR D 403 -27.01 -26.98 -43.37
N LYS D 404 -27.93 -26.73 -44.31
CA LYS D 404 -27.60 -25.86 -45.44
C LYS D 404 -27.38 -24.42 -44.99
N LYS D 405 -28.30 -23.88 -44.21
CA LYS D 405 -28.19 -22.47 -43.82
C LYS D 405 -26.98 -22.24 -42.93
N ILE D 406 -26.75 -23.14 -41.97
CA ILE D 406 -25.58 -23.00 -41.11
C ILE D 406 -24.30 -23.08 -41.92
N GLN D 407 -24.21 -24.02 -42.85
CA GLN D 407 -23.01 -24.10 -43.69
C GLN D 407 -22.82 -22.84 -44.52
N ASP D 408 -23.90 -22.30 -45.07
CA ASP D 408 -23.82 -21.08 -45.87
C ASP D 408 -23.32 -19.91 -45.03
N ILE D 409 -23.82 -19.77 -43.80
CA ILE D 409 -23.36 -18.68 -42.96
C ILE D 409 -21.91 -18.89 -42.52
N VAL D 410 -21.55 -20.12 -42.16
CA VAL D 410 -20.22 -20.40 -41.63
C VAL D 410 -19.15 -20.21 -42.70
N ARG D 411 -19.38 -20.71 -43.90
CA ARG D 411 -18.33 -20.64 -44.92
C ARG D 411 -18.01 -19.21 -45.31
N ARG D 412 -18.87 -18.26 -44.98
CA ARG D 412 -18.54 -16.83 -45.09
C ARG D 412 -18.12 -16.31 -43.71
N ARG D 413 -16.90 -16.68 -43.33
CA ARG D 413 -16.38 -16.35 -42.01
C ARG D 413 -16.13 -14.86 -41.81
N GLN D 414 -16.11 -14.06 -42.88
CA GLN D 414 -15.87 -12.64 -42.77
C GLN D 414 -17.10 -11.87 -42.31
N LEU D 415 -18.26 -12.51 -42.20
CA LEU D 415 -19.50 -11.83 -41.85
C LEU D 415 -20.19 -12.43 -40.64
N LEU D 416 -19.50 -13.28 -39.87
CA LEU D 416 -20.08 -13.83 -38.65
C LEU D 416 -19.03 -13.87 -37.55
N THR D 417 -19.43 -13.45 -36.35
CA THR D 417 -18.57 -13.52 -35.18
C THR D 417 -19.39 -13.97 -33.99
N VAL D 418 -18.72 -14.50 -32.98
CA VAL D 418 -19.35 -15.00 -31.77
C VAL D 418 -18.87 -14.16 -30.59
N PHE D 419 -19.81 -13.77 -29.74
CA PHE D 419 -19.53 -12.92 -28.58
C PHE D 419 -19.59 -13.79 -27.33
N ARG D 420 -18.43 -14.02 -26.72
CA ARG D 420 -18.38 -14.79 -25.47
C ARG D 420 -19.03 -14.01 -24.35
N GLU D 421 -19.89 -14.67 -23.59
CA GLU D 421 -20.59 -14.01 -22.50
C GLU D 421 -19.69 -13.83 -21.28
N GLY D 422 -18.78 -14.77 -21.03
CA GLY D 422 -18.02 -14.76 -19.79
C GLY D 422 -16.54 -14.45 -19.88
N LYS D 423 -15.86 -14.93 -20.93
CA LYS D 423 -14.41 -14.90 -20.95
C LYS D 423 -13.80 -13.96 -21.98
N ASP D 424 -14.52 -13.64 -23.06
CA ASP D 424 -14.00 -12.75 -24.09
C ASP D 424 -14.95 -11.58 -24.27
N GLY D 425 -14.40 -10.37 -24.29
CA GLY D 425 -15.22 -9.18 -24.42
C GLY D 425 -16.20 -9.00 -23.29
N GLN D 426 -15.71 -9.13 -22.04
CA GLN D 426 -16.59 -9.05 -20.89
C GLN D 426 -17.05 -7.61 -20.68
N GLN D 427 -17.92 -7.14 -21.57
CA GLN D 427 -18.46 -5.79 -21.55
C GLN D 427 -19.73 -5.81 -22.37
N ASP D 428 -20.30 -4.63 -22.60
CA ASP D 428 -21.49 -4.54 -23.44
C ASP D 428 -21.15 -4.88 -24.89
N VAL D 429 -22.18 -4.92 -25.72
CA VAL D 429 -22.10 -5.48 -27.07
C VAL D 429 -21.27 -4.61 -28.01
N ASP D 430 -20.78 -3.47 -27.52
CA ASP D 430 -20.02 -2.56 -28.37
C ASP D 430 -18.76 -3.22 -28.90
N VAL D 431 -18.05 -3.97 -28.05
CA VAL D 431 -16.79 -4.57 -28.48
C VAL D 431 -17.04 -5.58 -29.60
N ALA D 432 -18.05 -6.44 -29.44
CA ALA D 432 -18.36 -7.42 -30.46
C ALA D 432 -18.81 -6.76 -31.75
N ILE D 433 -19.67 -5.74 -31.67
CA ILE D 433 -20.15 -5.07 -32.87
C ILE D 433 -19.00 -4.40 -33.61
N LEU D 434 -18.12 -3.71 -32.89
CA LEU D 434 -17.02 -3.02 -33.56
C LEU D 434 -16.02 -4.03 -34.13
N GLN D 435 -15.81 -5.15 -33.44
CA GLN D 435 -14.93 -6.19 -33.99
C GLN D 435 -15.50 -6.73 -35.29
N ALA D 436 -16.82 -6.98 -35.33
CA ALA D 436 -17.45 -7.43 -36.57
C ALA D 436 -17.31 -6.38 -37.67
N LEU D 437 -17.52 -5.11 -37.33
CA LEU D 437 -17.41 -4.04 -38.34
C LEU D 437 -16.01 -3.94 -38.89
N LEU D 438 -14.99 -3.99 -38.03
CA LEU D 438 -13.62 -3.92 -38.52
C LEU D 438 -13.20 -5.16 -39.28
N LYS D 439 -13.70 -6.33 -38.91
CA LYS D 439 -13.37 -7.55 -39.64
C LYS D 439 -14.00 -7.55 -41.03
N ALA D 440 -15.25 -7.12 -41.14
CA ALA D 440 -15.97 -7.15 -42.40
C ALA D 440 -15.86 -5.85 -43.19
N SER D 441 -15.12 -4.87 -42.69
CA SER D 441 -15.02 -3.57 -43.33
C SER D 441 -13.61 -3.24 -43.80
N ARG D 442 -12.61 -3.43 -42.95
CA ARG D 442 -11.24 -3.10 -43.30
C ARG D 442 -10.52 -4.27 -43.95
N SER D 443 -10.66 -5.47 -43.38
CA SER D 443 -9.98 -6.64 -43.93
C SER D 443 -10.71 -7.23 -45.13
N GLN D 444 -11.93 -6.80 -45.42
CA GLN D 444 -12.67 -7.33 -46.55
C GLN D 444 -12.08 -6.85 -47.87
N ASP D 445 -12.19 -7.70 -48.89
CA ASP D 445 -11.61 -7.40 -50.20
C ASP D 445 -12.45 -6.41 -51.00
N HIS D 446 -13.69 -6.16 -50.59
CA HIS D 446 -14.60 -5.34 -51.40
C HIS D 446 -14.56 -3.87 -51.03
N PHE D 447 -14.58 -3.53 -49.74
CA PHE D 447 -14.73 -2.15 -49.31
C PHE D 447 -13.44 -1.37 -49.59
N GLY D 448 -13.61 -0.07 -49.83
CA GLY D 448 -12.51 0.81 -50.15
C GLY D 448 -11.93 1.48 -48.92
N HIS D 449 -11.22 2.59 -49.17
CA HIS D 449 -10.52 3.31 -48.13
C HIS D 449 -11.32 4.48 -47.56
N GLU D 450 -12.49 4.79 -48.14
CA GLU D 450 -13.24 5.96 -47.69
C GLU D 450 -13.90 5.72 -46.34
N ASN D 451 -14.40 4.50 -46.11
CA ASN D 451 -15.17 4.23 -44.90
C ASN D 451 -14.27 4.13 -43.67
N TRP D 452 -12.95 4.04 -43.89
CA TRP D 452 -12.02 3.97 -42.76
C TRP D 452 -12.29 5.12 -41.81
N ASP D 453 -12.41 6.32 -42.36
CA ASP D 453 -12.65 7.52 -41.57
C ASP D 453 -13.93 7.40 -40.76
N HIS D 454 -14.83 6.51 -41.17
CA HIS D 454 -16.09 6.34 -40.46
C HIS D 454 -16.04 5.26 -39.38
N GLN D 455 -15.24 4.21 -39.52
CA GLN D 455 -15.09 3.31 -38.38
C GLN D 455 -14.51 4.03 -37.17
N LEU D 456 -13.53 4.91 -37.36
CA LEU D 456 -12.97 5.64 -36.24
C LEU D 456 -13.98 6.61 -35.62
N LYS D 457 -14.77 7.29 -36.45
CA LYS D 457 -15.81 8.17 -35.92
C LYS D 457 -16.84 7.38 -35.12
N LEU D 458 -17.14 6.16 -35.57
CA LEU D 458 -18.01 5.29 -34.77
C LEU D 458 -17.34 4.82 -33.49
N ALA D 459 -16.03 4.58 -33.52
CA ALA D 459 -15.32 4.02 -32.37
C ALA D 459 -15.08 5.05 -31.27
N VAL D 460 -14.88 6.31 -31.63
CA VAL D 460 -14.67 7.33 -30.59
C VAL D 460 -15.91 7.47 -29.72
N ALA D 461 -17.09 7.20 -30.26
CA ALA D 461 -18.30 7.19 -29.45
C ALA D 461 -18.28 6.03 -28.44
N TRP D 462 -17.72 4.90 -28.84
CA TRP D 462 -17.63 3.74 -27.96
C TRP D 462 -16.34 3.71 -27.14
N ASN D 463 -15.53 4.76 -27.22
CA ASN D 463 -14.37 4.98 -26.34
C ASN D 463 -13.47 3.75 -26.23
N ARG D 464 -13.24 3.09 -27.36
CA ARG D 464 -12.34 1.94 -27.42
C ARG D 464 -11.05 2.40 -28.10
N VAL D 465 -10.00 2.60 -27.29
CA VAL D 465 -8.76 3.13 -27.82
C VAL D 465 -7.75 2.02 -28.09
N ASP D 466 -7.87 0.88 -27.42
CA ASP D 466 -7.02 -0.26 -27.75
C ASP D 466 -7.29 -0.75 -29.17
N ILE D 467 -8.57 -0.77 -29.57
CA ILE D 467 -8.90 -1.12 -30.94
C ILE D 467 -8.38 -0.07 -31.92
N ALA D 468 -8.39 1.20 -31.52
CA ALA D 468 -7.81 2.24 -32.35
C ALA D 468 -6.31 2.02 -32.54
N ARG D 469 -5.61 1.63 -31.47
CA ARG D 469 -4.20 1.26 -31.60
C ARG D 469 -4.03 0.08 -32.53
N SER D 470 -4.91 -0.92 -32.42
CA SER D 470 -4.81 -2.12 -33.25
C SER D 470 -5.05 -1.86 -34.73
N GLU D 471 -6.01 -0.99 -35.08
CA GLU D 471 -6.37 -0.79 -36.48
C GLU D 471 -5.30 0.00 -37.25
N ILE D 472 -4.42 0.69 -36.54
CA ILE D 472 -3.39 1.48 -37.21
C ILE D 472 -2.42 0.59 -37.96
N PHE D 473 -2.12 -0.59 -37.41
CA PHE D 473 -0.99 -1.39 -37.87
C PHE D 473 -1.18 -1.97 -39.27
N MET D 474 -2.39 -2.00 -39.81
CA MET D 474 -2.63 -2.62 -41.11
C MET D 474 -3.10 -1.66 -42.18
N ASP D 475 -3.57 -0.48 -41.83
CA ASP D 475 -3.92 0.53 -42.82
C ASP D 475 -2.87 1.64 -42.84
N GLU D 476 -2.84 2.38 -43.95
CA GLU D 476 -1.84 3.44 -44.11
C GLU D 476 -2.48 4.66 -44.75
N TRP D 477 -2.35 5.81 -44.08
CA TRP D 477 -2.79 7.10 -44.62
C TRP D 477 -1.58 7.86 -45.14
N GLN D 478 -0.96 7.31 -46.19
CA GLN D 478 0.31 7.86 -46.65
C GLN D 478 0.11 9.22 -47.32
N TRP D 479 -1.11 9.53 -47.79
CA TRP D 479 -1.33 10.78 -48.52
C TRP D 479 -1.08 12.00 -47.64
N LYS D 480 -1.74 12.05 -46.49
CA LYS D 480 -1.62 13.21 -45.60
C LYS D 480 -2.32 12.92 -44.27
N PRO D 481 -1.72 13.28 -43.14
CA PRO D 481 -2.39 13.07 -41.85
C PRO D 481 -3.58 14.00 -41.62
N SER D 482 -3.83 14.96 -42.51
CA SER D 482 -4.84 15.96 -42.26
C SER D 482 -6.26 15.41 -42.29
N ASP D 483 -6.45 14.17 -42.74
CA ASP D 483 -7.79 13.59 -42.79
C ASP D 483 -8.35 13.34 -41.39
N LEU D 484 -7.53 13.42 -40.35
CA LEU D 484 -7.96 13.15 -38.99
C LEU D 484 -8.53 14.38 -38.29
N HIS D 485 -8.57 15.54 -38.95
CA HIS D 485 -9.21 16.71 -38.35
C HIS D 485 -10.71 16.51 -38.15
N PRO D 486 -11.50 16.08 -39.14
CA PRO D 486 -12.94 15.93 -38.91
C PRO D 486 -13.29 14.93 -37.82
N THR D 487 -12.53 13.86 -37.68
CA THR D 487 -12.84 12.89 -36.62
C THR D 487 -12.45 13.43 -35.25
N MET D 488 -11.39 14.21 -35.16
CA MET D 488 -11.04 14.76 -33.85
C MET D 488 -11.97 15.91 -33.46
N THR D 489 -12.60 16.57 -34.43
CA THR D 489 -13.68 17.50 -34.09
C THR D 489 -14.77 16.81 -33.30
N ALA D 490 -15.20 15.62 -33.75
CA ALA D 490 -16.21 14.87 -33.03
C ALA D 490 -15.64 14.23 -31.77
N ALA D 491 -14.34 13.92 -31.76
CA ALA D 491 -13.72 13.39 -30.56
C ALA D 491 -13.74 14.40 -29.42
N LEU D 492 -13.51 15.67 -29.74
CA LEU D 492 -13.55 16.71 -28.71
C LEU D 492 -14.95 16.83 -28.11
N ILE D 493 -15.99 16.77 -28.95
CA ILE D 493 -17.35 16.86 -28.44
C ILE D 493 -17.73 15.62 -27.64
N SER D 494 -17.28 14.43 -28.10
CA SER D 494 -17.44 13.23 -27.29
C SER D 494 -16.57 13.30 -26.03
N ASN D 495 -15.50 14.10 -26.08
CA ASN D 495 -14.68 14.52 -24.95
C ASN D 495 -13.75 13.43 -24.43
N LYS D 496 -13.60 12.33 -25.14
CA LYS D 496 -12.69 11.28 -24.67
C LYS D 496 -11.26 11.70 -24.97
N PRO D 497 -10.39 11.83 -23.96
CA PRO D 497 -9.07 12.42 -24.17
C PRO D 497 -8.04 11.46 -24.74
N GLU D 498 -8.27 10.16 -24.62
CA GLU D 498 -7.32 9.21 -25.15
C GLU D 498 -7.23 9.28 -26.67
N PHE D 499 -8.35 9.55 -27.34
CA PHE D 499 -8.32 9.66 -28.80
C PHE D 499 -7.55 10.89 -29.27
N VAL D 500 -7.74 12.03 -28.61
CA VAL D 500 -6.96 13.20 -29.00
C VAL D 500 -5.49 13.02 -28.61
N LYS D 501 -5.22 12.27 -27.54
CA LYS D 501 -3.84 11.93 -27.22
C LYS D 501 -3.20 11.09 -28.32
N LEU D 502 -3.95 10.10 -28.84
CA LEU D 502 -3.48 9.33 -29.98
C LEU D 502 -3.24 10.23 -31.19
N PHE D 503 -4.16 11.16 -31.43
CA PHE D 503 -4.03 12.07 -32.57
C PHE D 503 -2.78 12.94 -32.45
N LEU D 504 -2.51 13.47 -31.26
CA LEU D 504 -1.32 14.31 -31.10
C LEU D 504 -0.05 13.47 -31.21
N GLU D 505 -0.06 12.25 -30.67
CA GLU D 505 1.13 11.42 -30.78
C GLU D 505 1.29 10.85 -32.19
N ASN D 506 0.20 10.76 -32.95
CA ASN D 506 0.30 10.41 -34.36
C ASN D 506 0.93 11.53 -35.18
N GLY D 507 0.72 12.77 -34.77
CA GLY D 507 1.39 13.91 -35.37
C GLY D 507 0.51 14.93 -36.05
N VAL D 508 -0.79 14.93 -35.80
CA VAL D 508 -1.62 15.99 -36.41
C VAL D 508 -1.41 17.25 -35.59
N GLN D 509 -1.02 18.33 -36.26
CA GLN D 509 -0.65 19.55 -35.56
C GLN D 509 -1.89 20.39 -35.28
N LEU D 510 -2.10 20.75 -34.01
CA LEU D 510 -3.26 21.55 -33.62
C LEU D 510 -3.14 23.00 -34.08
N LYS D 511 -1.96 23.42 -34.57
CA LYS D 511 -1.79 24.78 -35.03
C LYS D 511 -2.70 25.09 -36.22
N GLU D 512 -2.81 24.18 -37.18
CA GLU D 512 -3.64 24.39 -38.35
C GLU D 512 -5.02 23.76 -38.22
N PHE D 513 -5.34 23.18 -37.07
CA PHE D 513 -6.64 22.54 -36.90
C PHE D 513 -7.73 23.57 -36.62
N VAL D 514 -7.60 24.31 -35.52
CA VAL D 514 -8.61 25.27 -35.10
C VAL D 514 -8.55 26.46 -36.05
N THR D 515 -9.51 26.53 -36.97
CA THR D 515 -9.69 27.70 -37.82
C THR D 515 -10.90 28.49 -37.29
N TRP D 516 -11.20 29.61 -37.97
CA TRP D 516 -12.32 30.44 -37.53
C TRP D 516 -13.63 29.67 -37.56
N ASP D 517 -13.95 29.05 -38.70
CA ASP D 517 -15.16 28.24 -38.76
C ASP D 517 -15.07 27.02 -37.84
N THR D 518 -13.88 26.43 -37.70
CA THR D 518 -13.71 25.30 -36.81
C THR D 518 -14.01 25.68 -35.36
N LEU D 519 -13.45 26.80 -34.90
CA LEU D 519 -13.69 27.22 -33.53
C LEU D 519 -15.13 27.68 -33.33
N LEU D 520 -15.73 28.27 -34.37
CA LEU D 520 -17.14 28.63 -34.27
C LEU D 520 -18.02 27.39 -34.13
N TYR D 521 -17.71 26.33 -34.90
CA TYR D 521 -18.45 25.08 -34.77
C TYR D 521 -18.24 24.45 -33.40
N LEU D 522 -17.02 24.49 -32.88
CA LEU D 522 -16.76 23.96 -31.55
C LEU D 522 -17.51 24.76 -30.48
N TYR D 523 -17.58 26.07 -30.62
CA TYR D 523 -18.36 26.92 -29.72
C TYR D 523 -19.86 26.75 -29.92
N GLU D 524 -20.27 26.14 -31.03
CA GLU D 524 -21.68 25.84 -31.26
C GLU D 524 -22.16 24.64 -30.46
N ASN D 525 -21.24 23.81 -29.96
CA ASN D 525 -21.57 22.53 -29.36
C ASN D 525 -21.04 22.43 -27.93
N LEU D 526 -21.31 23.45 -27.12
CA LEU D 526 -21.00 23.38 -25.70
C LEU D 526 -21.93 22.39 -25.01
N ASP D 527 -21.55 22.00 -23.80
CA ASP D 527 -22.33 21.04 -23.02
C ASP D 527 -23.46 21.77 -22.32
N PRO D 528 -24.72 21.44 -22.61
CA PRO D 528 -25.85 22.13 -21.95
C PRO D 528 -25.91 21.93 -20.45
N SER D 529 -25.29 20.88 -19.92
CA SER D 529 -25.36 20.61 -18.49
C SER D 529 -24.71 21.72 -17.68
N CYS D 530 -23.55 22.21 -18.13
CA CYS D 530 -22.86 23.26 -17.43
C CYS D 530 -23.60 24.59 -17.58
N LEU D 531 -23.32 25.51 -16.66
CA LEU D 531 -23.93 26.83 -16.69
C LEU D 531 -23.46 27.66 -17.87
N PHE D 532 -22.31 27.33 -18.45
CA PHE D 532 -21.77 28.12 -19.56
C PHE D 532 -22.70 28.10 -20.76
N HIS D 533 -23.25 26.93 -21.11
CA HIS D 533 -24.18 26.86 -22.23
C HIS D 533 -25.45 27.65 -21.94
N SER D 534 -25.94 27.63 -20.71
CA SER D 534 -27.10 28.45 -20.36
C SER D 534 -26.76 29.93 -20.53
N LYS D 535 -25.56 30.34 -20.13
CA LYS D 535 -25.14 31.72 -20.35
C LYS D 535 -25.11 32.05 -21.84
N LEU D 536 -24.65 31.12 -22.66
CA LEU D 536 -24.65 31.34 -24.11
C LEU D 536 -26.07 31.50 -24.65
N GLN D 537 -27.01 30.65 -24.23
CA GLN D 537 -28.39 30.84 -24.67
C GLN D 537 -28.93 32.21 -24.23
N LYS D 538 -28.61 32.60 -22.99
CA LYS D 538 -29.06 33.90 -22.51
C LYS D 538 -28.49 35.04 -23.34
N VAL D 539 -27.19 35.01 -23.65
CA VAL D 539 -26.59 36.12 -24.38
C VAL D 539 -27.08 36.13 -25.82
N LEU D 540 -27.35 34.95 -26.40
CA LEU D 540 -27.95 34.91 -27.73
C LEU D 540 -29.39 35.42 -27.75
N VAL D 541 -30.14 35.27 -26.66
CA VAL D 541 -31.50 35.82 -26.65
C VAL D 541 -31.56 37.26 -26.15
N GLU D 542 -30.47 37.79 -25.58
CA GLU D 542 -30.46 39.19 -25.17
C GLU D 542 -30.34 40.12 -26.38
N ASP D 543 -29.49 39.76 -27.34
CA ASP D 543 -29.25 40.60 -28.52
C ASP D 543 -29.41 39.82 -29.83
N PRO D 544 -30.61 39.27 -30.10
CA PRO D 544 -30.88 38.73 -31.43
C PRO D 544 -31.56 39.75 -32.33
N GLU D 545 -31.89 39.34 -33.56
CA GLU D 545 -32.80 40.13 -34.38
C GLU D 545 -33.97 39.27 -34.82
N ARG D 546 -35.01 39.90 -35.39
CA ARG D 546 -36.21 39.14 -35.73
C ARG D 546 -36.05 38.33 -37.01
N PRO D 547 -35.66 38.90 -38.17
CA PRO D 547 -35.81 38.16 -39.43
C PRO D 547 -34.79 37.03 -39.65
N ALA D 548 -33.62 37.13 -39.01
CA ALA D 548 -32.53 36.19 -39.32
C ALA D 548 -32.94 34.74 -39.08
N CYS D 549 -33.47 34.43 -37.89
CA CYS D 549 -34.00 33.11 -37.59
C CYS D 549 -35.17 33.28 -36.64
N ALA D 550 -36.13 32.35 -36.68
CA ALA D 550 -37.41 32.61 -36.03
C ALA D 550 -37.33 32.62 -34.51
N PRO D 551 -37.08 31.49 -33.80
CA PRO D 551 -37.21 31.55 -32.33
C PRO D 551 -36.21 32.49 -31.67
N ALA D 552 -34.93 32.12 -31.68
CA ALA D 552 -33.82 33.03 -31.45
C ALA D 552 -32.51 32.39 -31.91
N ALA D 553 -32.05 32.68 -33.12
CA ALA D 553 -30.76 32.15 -33.55
C ALA D 553 -30.21 32.88 -34.77
N PRO D 554 -29.92 34.18 -34.69
CA PRO D 554 -29.40 34.90 -35.85
C PRO D 554 -28.04 34.42 -36.33
N ARG D 555 -27.03 34.42 -35.46
CA ARG D 555 -25.69 33.97 -35.82
C ARG D 555 -24.84 33.88 -34.56
N LEU D 556 -23.70 33.19 -34.66
CA LEU D 556 -22.69 33.21 -33.61
C LEU D 556 -21.56 34.12 -34.04
N GLN D 557 -21.47 35.29 -33.42
CA GLN D 557 -20.56 36.33 -33.84
C GLN D 557 -19.59 36.62 -32.71
N MET D 558 -18.74 37.63 -32.91
CA MET D 558 -17.87 38.07 -31.84
C MET D 558 -18.66 38.74 -30.73
N HIS D 559 -19.89 39.16 -31.04
CA HIS D 559 -20.73 39.81 -30.04
C HIS D 559 -21.03 38.89 -28.87
N HIS D 560 -21.51 37.68 -29.15
CA HIS D 560 -22.01 36.82 -28.08
C HIS D 560 -20.87 36.32 -27.20
N VAL D 561 -19.78 35.85 -27.82
CA VAL D 561 -18.60 35.47 -27.07
C VAL D 561 -18.03 36.66 -26.34
N ALA D 562 -18.10 37.85 -26.95
CA ALA D 562 -17.62 39.06 -26.30
C ALA D 562 -18.37 39.34 -25.00
N GLN D 563 -19.70 39.28 -25.03
CA GLN D 563 -20.45 39.49 -23.79
C GLN D 563 -20.22 38.38 -22.78
N VAL D 564 -20.19 37.12 -23.22
CA VAL D 564 -19.97 36.04 -22.26
C VAL D 564 -18.57 36.11 -21.67
N LEU D 565 -17.64 36.80 -22.33
CA LEU D 565 -16.35 37.06 -21.73
C LEU D 565 -16.39 38.27 -20.80
N ARG D 566 -16.99 39.38 -21.25
CA ARG D 566 -17.07 40.58 -20.44
C ARG D 566 -17.81 40.37 -19.13
N GLU D 567 -18.73 39.41 -19.08
CA GLU D 567 -19.33 39.06 -17.79
C GLU D 567 -18.39 38.21 -16.95
N LEU D 568 -17.27 37.78 -17.52
CA LEU D 568 -16.22 37.08 -16.80
C LEU D 568 -14.89 37.82 -16.77
N LEU D 569 -14.89 39.13 -17.05
CA LEU D 569 -13.66 39.90 -17.07
C LEU D 569 -13.97 41.36 -16.80
N GLY D 570 -12.92 42.19 -16.84
CA GLY D 570 -13.06 43.61 -16.59
C GLY D 570 -12.89 44.50 -17.81
N ASP D 571 -11.71 45.10 -17.95
CA ASP D 571 -11.44 46.13 -18.94
C ASP D 571 -10.62 45.62 -20.13
N PHE D 572 -10.87 44.40 -20.60
CA PHE D 572 -9.96 43.77 -21.53
C PHE D 572 -10.27 44.25 -22.96
N THR D 573 -9.66 43.59 -23.95
CA THR D 573 -9.77 43.99 -25.35
C THR D 573 -10.81 43.14 -26.08
N GLN D 574 -11.42 43.72 -27.11
CA GLN D 574 -12.42 43.04 -27.93
C GLN D 574 -11.72 42.47 -29.15
N PRO D 575 -11.82 41.16 -29.39
CA PRO D 575 -10.88 40.50 -30.32
C PRO D 575 -11.27 40.47 -31.79
N LEU D 576 -10.32 40.91 -32.62
CA LEU D 576 -10.06 40.61 -34.02
C LEU D 576 -10.99 41.28 -35.03
N TYR D 577 -12.12 41.87 -34.63
CA TYR D 577 -12.84 42.68 -35.61
C TYR D 577 -13.85 43.60 -34.96
N PRO D 578 -13.45 44.83 -34.61
CA PRO D 578 -14.44 45.84 -34.22
C PRO D 578 -15.38 46.15 -35.37
N ARG D 579 -16.50 46.78 -35.04
CA ARG D 579 -17.57 47.06 -36.00
C ARG D 579 -17.16 47.96 -37.18
N PRO D 580 -16.51 49.13 -36.96
CA PRO D 580 -16.56 50.18 -38.00
C PRO D 580 -15.88 49.85 -39.32
N ARG D 581 -15.92 50.83 -40.23
CA ARG D 581 -15.65 50.64 -41.66
C ARG D 581 -14.33 49.94 -41.95
N HIS D 582 -13.29 50.21 -41.17
CA HIS D 582 -11.99 49.59 -41.44
C HIS D 582 -12.02 48.07 -41.33
N ASN D 583 -12.87 47.52 -40.45
CA ASN D 583 -13.00 46.08 -40.28
C ASN D 583 -14.49 45.74 -40.22
N ASP D 584 -15.23 46.24 -41.21
CA ASP D 584 -16.69 46.30 -41.18
C ASP D 584 -17.31 44.91 -41.15
N ARG D 585 -17.86 44.54 -39.99
CA ARG D 585 -18.82 43.44 -39.88
C ARG D 585 -20.09 44.05 -39.28
N LEU D 586 -20.93 44.64 -40.14
CA LEU D 586 -22.21 45.18 -39.69
C LEU D 586 -23.38 44.44 -40.31
N ARG D 587 -23.49 44.43 -41.63
CA ARG D 587 -24.67 43.94 -42.34
C ARG D 587 -24.44 42.57 -42.95
N LEU D 588 -23.42 41.84 -42.50
CA LEU D 588 -23.12 40.53 -43.08
C LEU D 588 -24.04 39.45 -42.52
N LEU D 589 -25.33 39.76 -42.52
CA LEU D 589 -26.39 38.83 -42.18
C LEU D 589 -27.56 38.91 -43.14
N LEU D 590 -27.56 39.88 -44.05
CA LEU D 590 -28.45 40.04 -45.19
C LEU D 590 -27.60 40.36 -46.41
N PRO D 591 -28.13 40.14 -47.62
CA PRO D 591 -27.36 40.48 -48.82
C PRO D 591 -26.97 41.96 -48.85
N VAL D 592 -25.78 42.22 -49.33
CA VAL D 592 -25.20 43.57 -49.28
C VAL D 592 -24.79 43.99 -50.69
N PRO D 593 -24.68 45.29 -50.97
CA PRO D 593 -24.25 45.73 -52.30
C PRO D 593 -22.82 45.27 -52.61
N HIS D 594 -22.55 45.12 -53.91
CA HIS D 594 -21.30 44.55 -54.40
C HIS D 594 -20.25 45.64 -54.57
N VAL D 595 -19.16 45.32 -55.27
CA VAL D 595 -17.95 46.14 -55.26
C VAL D 595 -18.22 47.54 -55.81
N LYS D 596 -19.21 47.69 -56.68
CA LYS D 596 -19.42 48.94 -57.41
C LYS D 596 -19.59 50.15 -56.48
N LEU D 597 -19.98 49.94 -55.23
CA LEU D 597 -20.03 51.04 -54.27
C LEU D 597 -18.76 51.16 -53.44
N ASN D 598 -18.06 50.04 -53.21
CA ASN D 598 -16.79 50.03 -52.47
C ASN D 598 -16.95 50.61 -51.06
N VAL D 599 -18.12 50.38 -50.45
CA VAL D 599 -18.39 50.87 -49.11
C VAL D 599 -18.95 49.81 -48.18
N GLN D 600 -19.41 48.66 -48.69
CA GLN D 600 -20.02 47.63 -47.86
C GLN D 600 -19.48 46.27 -48.22
N GLY D 601 -19.31 45.41 -47.23
CA GLY D 601 -18.85 44.04 -47.44
C GLY D 601 -17.32 43.93 -47.37
N VAL D 602 -16.73 43.30 -48.39
CA VAL D 602 -15.28 43.15 -48.48
C VAL D 602 -14.68 44.11 -49.49
N SER D 603 -15.43 44.44 -50.55
CA SER D 603 -15.01 45.39 -51.58
C SER D 603 -13.74 44.97 -52.30
N LEU D 604 -13.41 43.67 -52.26
CA LEU D 604 -12.26 43.14 -52.97
C LEU D 604 -12.62 42.07 -53.99
N ARG D 605 -13.55 41.18 -53.66
CA ARG D 605 -14.02 40.15 -54.57
C ARG D 605 -15.44 40.49 -55.01
N SER D 606 -15.69 40.41 -56.31
CA SER D 606 -16.98 40.76 -56.88
C SER D 606 -17.95 39.57 -56.92
N LEU D 607 -17.55 38.42 -56.40
CA LEU D 607 -18.37 37.21 -56.42
C LEU D 607 -18.82 36.88 -54.99
N TYR D 608 -20.04 36.36 -54.89
CA TYR D 608 -20.63 35.98 -53.62
C TYR D 608 -21.02 34.51 -53.67
N LYS D 609 -20.59 33.75 -52.67
CA LYS D 609 -20.79 32.31 -52.61
C LYS D 609 -21.45 31.91 -51.29
N ARG D 610 -22.52 32.63 -50.94
CA ARG D 610 -23.34 32.38 -49.74
C ARG D 610 -22.50 32.28 -48.46
N SER D 611 -21.30 32.86 -48.48
CA SER D 611 -20.43 32.86 -47.31
C SER D 611 -19.58 34.13 -47.33
N SER D 612 -19.05 34.47 -46.16
CA SER D 612 -18.23 35.67 -45.99
C SER D 612 -16.73 35.37 -46.11
N GLY D 613 -16.37 34.14 -46.44
CA GLY D 613 -14.97 33.77 -46.54
C GLY D 613 -14.51 32.91 -45.38
N HIS D 614 -13.19 32.72 -45.31
CA HIS D 614 -12.59 31.90 -44.27
C HIS D 614 -11.18 32.40 -44.00
N VAL D 615 -10.95 32.89 -42.79
CA VAL D 615 -9.61 33.27 -42.36
C VAL D 615 -8.92 32.04 -41.80
N THR D 616 -7.75 31.70 -42.36
CA THR D 616 -7.08 30.46 -42.01
C THR D 616 -6.62 30.45 -40.55
N PHE D 617 -6.09 31.57 -40.06
CA PHE D 617 -5.62 31.67 -38.68
C PHE D 617 -6.20 32.93 -38.07
N THR D 618 -7.06 32.76 -37.06
CA THR D 618 -7.70 33.92 -36.44
C THR D 618 -6.64 34.80 -35.77
N MET D 619 -6.06 34.33 -34.67
CA MET D 619 -4.76 34.81 -34.25
C MET D 619 -3.84 33.60 -34.05
N ASP D 620 -4.35 32.61 -33.30
CA ASP D 620 -3.66 31.40 -32.85
C ASP D 620 -4.71 30.48 -32.26
N PRO D 621 -4.58 29.16 -32.46
CA PRO D 621 -5.60 28.23 -31.96
C PRO D 621 -5.59 27.89 -30.46
N ILE D 622 -4.41 27.67 -29.88
CA ILE D 622 -4.32 27.13 -28.52
C ILE D 622 -4.89 28.10 -27.50
N ARG D 623 -4.63 29.40 -27.65
CA ARG D 623 -5.07 30.38 -26.67
C ARG D 623 -6.59 30.39 -26.53
N ASP D 624 -7.32 30.25 -27.64
CA ASP D 624 -8.78 30.19 -27.59
C ASP D 624 -9.29 28.79 -27.29
N LEU D 625 -8.53 27.74 -27.61
CA LEU D 625 -9.01 26.39 -27.33
C LEU D 625 -8.93 26.08 -25.84
N LEU D 626 -7.94 26.64 -25.13
CA LEU D 626 -7.98 26.59 -23.67
C LEU D 626 -9.23 27.27 -23.13
N ILE D 627 -9.58 28.43 -23.68
CA ILE D 627 -10.78 29.14 -23.22
C ILE D 627 -12.02 28.27 -23.45
N TRP D 628 -12.09 27.62 -24.60
CA TRP D 628 -13.22 26.74 -24.90
C TRP D 628 -13.28 25.57 -23.93
N ALA D 629 -12.12 24.97 -23.63
CA ALA D 629 -12.11 23.74 -22.85
C ALA D 629 -12.32 23.99 -21.36
N ILE D 630 -11.81 25.10 -20.84
CA ILE D 630 -11.82 25.32 -19.39
C ILE D 630 -13.25 25.45 -18.87
N VAL D 631 -14.09 26.25 -19.54
CA VAL D 631 -15.46 26.43 -19.09
C VAL D 631 -16.25 25.13 -19.17
N GLN D 632 -15.69 24.10 -19.80
CA GLN D 632 -16.37 22.82 -19.96
C GLN D 632 -16.02 21.80 -18.87
N ASN D 633 -15.08 22.12 -17.97
CA ASN D 633 -14.91 21.39 -16.71
C ASN D 633 -14.36 19.97 -16.86
N ARG D 634 -13.20 19.80 -17.51
CA ARG D 634 -12.55 18.49 -17.54
C ARG D 634 -11.14 18.49 -16.96
N ARG D 635 -10.66 17.28 -16.67
CA ARG D 635 -9.27 17.06 -16.25
C ARG D 635 -8.32 17.09 -17.43
N GLU D 636 -8.49 16.15 -18.37
CA GLU D 636 -7.38 15.84 -19.25
C GLU D 636 -7.20 16.90 -20.32
N LEU D 637 -8.31 17.32 -20.95
CA LEU D 637 -8.26 18.12 -22.17
C LEU D 637 -7.52 19.43 -21.96
N ALA D 638 -7.75 20.09 -20.82
CA ALA D 638 -7.12 21.39 -20.60
C ALA D 638 -5.60 21.28 -20.61
N GLY D 639 -5.04 20.33 -19.84
CA GLY D 639 -3.60 20.14 -19.85
C GLY D 639 -3.08 19.64 -21.18
N ILE D 640 -3.85 18.76 -21.83
CA ILE D 640 -3.45 18.24 -23.13
C ILE D 640 -3.26 19.37 -24.13
N ILE D 641 -4.21 20.32 -24.17
CA ILE D 641 -4.06 21.45 -25.07
C ILE D 641 -2.95 22.38 -24.61
N TRP D 642 -2.82 22.59 -23.28
CA TRP D 642 -1.83 23.55 -22.83
C TRP D 642 -0.41 23.09 -23.10
N ALA D 643 -0.17 21.78 -23.12
CA ALA D 643 1.20 21.25 -23.23
C ALA D 643 1.95 21.83 -24.42
N GLN D 644 1.23 22.38 -25.41
CA GLN D 644 1.87 23.02 -26.56
C GLN D 644 1.40 24.46 -26.70
N SER D 645 1.24 25.17 -25.59
CA SER D 645 0.81 26.56 -25.65
C SER D 645 1.98 27.48 -25.93
N GLN D 646 1.80 28.37 -26.90
CA GLN D 646 2.80 29.40 -27.18
C GLN D 646 2.93 30.38 -26.01
N ASP D 647 1.80 30.84 -25.49
CA ASP D 647 1.77 31.77 -24.35
C ASP D 647 1.74 30.94 -23.08
N CYS D 648 2.90 30.78 -22.47
CA CYS D 648 3.06 29.82 -21.37
C CYS D 648 2.37 30.28 -20.09
N ILE D 649 2.53 31.54 -19.70
CA ILE D 649 2.14 31.98 -18.36
C ILE D 649 0.75 32.62 -18.33
N ALA D 650 0.47 33.51 -19.28
CA ALA D 650 -0.78 34.28 -19.22
C ALA D 650 -2.01 33.42 -19.48
N ALA D 651 -1.90 32.40 -20.34
CA ALA D 651 -3.05 31.54 -20.61
C ALA D 651 -3.49 30.80 -19.35
N ALA D 652 -2.54 30.29 -18.58
CA ALA D 652 -2.90 29.58 -17.35
C ALA D 652 -3.57 30.50 -16.35
N LEU D 653 -3.06 31.73 -16.22
CA LEU D 653 -3.68 32.70 -15.32
C LEU D 653 -5.10 33.04 -15.76
N ALA D 654 -5.30 33.25 -17.06
CA ALA D 654 -6.63 33.56 -17.57
C ALA D 654 -7.60 32.41 -17.33
N CYS D 655 -7.14 31.18 -17.59
CA CYS D 655 -7.96 30.01 -17.30
C CYS D 655 -8.30 29.90 -15.83
N SER D 656 -7.34 30.14 -14.94
CA SER D 656 -7.60 30.10 -13.51
C SER D 656 -8.65 31.15 -13.11
N LYS D 657 -8.53 32.35 -13.66
CA LYS D 657 -9.51 33.41 -13.33
C LYS D 657 -10.90 33.05 -13.82
N ILE D 658 -11.02 32.62 -15.07
CA ILE D 658 -12.34 32.25 -15.60
C ILE D 658 -12.92 31.11 -14.78
N LEU D 659 -12.09 30.12 -14.43
CA LEU D 659 -12.60 28.95 -13.74
C LEU D 659 -13.02 29.30 -12.31
N LYS D 660 -12.28 30.19 -11.64
CA LYS D 660 -12.69 30.60 -10.30
C LYS D 660 -14.00 31.39 -10.35
N GLU D 661 -14.18 32.21 -11.39
CA GLU D 661 -15.46 32.91 -11.52
C GLU D 661 -16.60 31.93 -11.75
N LEU D 662 -16.40 30.93 -12.60
CA LEU D 662 -17.43 29.90 -12.76
C LEU D 662 -17.68 29.13 -11.46
N SER D 663 -16.65 28.94 -10.63
CA SER D 663 -16.86 28.31 -9.34
C SER D 663 -17.75 29.16 -8.46
N LYS D 664 -17.44 30.45 -8.36
CA LYS D 664 -18.18 31.35 -7.50
C LYS D 664 -19.54 31.73 -8.07
N GLU D 665 -19.85 31.36 -9.32
CA GLU D 665 -21.18 31.68 -9.84
C GLU D 665 -22.24 30.69 -9.36
N GLU D 666 -22.26 29.47 -9.90
CA GLU D 666 -23.25 28.50 -9.45
C GLU D 666 -22.89 27.09 -9.89
N GLU D 667 -22.41 26.27 -8.95
CA GLU D 667 -22.67 24.83 -8.97
C GLU D 667 -23.19 24.29 -7.64
N ASP D 668 -22.68 24.78 -6.51
CA ASP D 668 -23.18 24.68 -5.12
C ASP D 668 -23.17 23.29 -4.50
N THR D 669 -22.77 22.27 -5.26
CA THR D 669 -22.67 20.93 -4.70
C THR D 669 -21.91 20.03 -5.65
N ASP D 670 -21.13 19.11 -5.08
CA ASP D 670 -20.50 17.98 -5.74
C ASP D 670 -19.45 18.37 -6.79
N SER D 671 -19.25 19.66 -7.06
CA SER D 671 -18.23 20.01 -8.05
C SER D 671 -17.39 21.22 -7.65
N SER D 672 -17.95 22.11 -6.82
CA SER D 672 -17.32 23.41 -6.59
C SER D 672 -15.93 23.24 -5.98
N GLU D 673 -15.81 22.42 -4.93
CA GLU D 673 -14.52 22.24 -4.28
C GLU D 673 -13.51 21.51 -5.18
N GLU D 674 -13.97 20.51 -5.95
CA GLU D 674 -13.04 19.76 -6.80
C GLU D 674 -12.43 20.66 -7.87
N MET D 675 -13.25 21.46 -8.53
CA MET D 675 -12.72 22.35 -9.57
C MET D 675 -12.08 23.61 -9.00
N LEU D 676 -12.35 23.98 -7.74
CA LEU D 676 -11.46 24.92 -7.05
C LEU D 676 -10.08 24.32 -6.83
N ALA D 677 -10.03 23.03 -6.46
CA ALA D 677 -8.75 22.34 -6.34
C ALA D 677 -8.03 22.30 -7.68
N LEU D 678 -8.78 22.09 -8.76
CA LEU D 678 -8.19 22.19 -10.10
C LEU D 678 -7.67 23.60 -10.39
N ALA D 679 -8.41 24.63 -9.99
CA ALA D 679 -7.92 25.99 -10.17
C ALA D 679 -6.61 26.21 -9.44
N GLU D 680 -6.59 25.98 -8.14
CA GLU D 680 -5.36 26.12 -7.37
C GLU D 680 -4.27 25.16 -7.85
N GLU D 681 -4.62 24.10 -8.58
CA GLU D 681 -3.62 23.33 -9.31
C GLU D 681 -3.04 24.14 -10.46
N TYR D 682 -3.89 24.90 -11.17
CA TYR D 682 -3.34 25.79 -12.20
C TYR D 682 -2.43 26.85 -11.60
N GLU D 683 -2.76 27.35 -10.41
CA GLU D 683 -1.81 28.18 -9.67
C GLU D 683 -0.53 27.42 -9.28
N HIS D 684 -0.63 26.17 -8.83
CA HIS D 684 0.58 25.37 -8.62
C HIS D 684 1.44 25.31 -9.87
N ARG D 685 0.82 25.06 -11.02
CA ARG D 685 1.51 24.91 -12.29
C ARG D 685 2.08 26.21 -12.83
N ALA D 686 1.39 27.33 -12.62
CA ALA D 686 1.96 28.64 -12.91
C ALA D 686 3.17 28.91 -12.03
N ILE D 687 3.08 28.54 -10.74
CA ILE D 687 4.23 28.64 -9.86
C ILE D 687 5.37 27.76 -10.35
N GLY D 688 5.06 26.58 -10.87
CA GLY D 688 6.11 25.72 -11.40
C GLY D 688 6.83 26.31 -12.60
N VAL D 689 6.07 26.83 -13.55
CA VAL D 689 6.72 27.45 -14.71
C VAL D 689 7.49 28.70 -14.30
N PHE D 690 6.97 29.47 -13.33
CA PHE D 690 7.71 30.64 -12.86
C PHE D 690 8.98 30.21 -12.13
N THR D 691 8.91 29.07 -11.43
CA THR D 691 10.10 28.49 -10.81
C THR D 691 11.16 28.19 -11.84
N GLU D 692 10.77 27.56 -12.94
CA GLU D 692 11.78 27.13 -13.90
C GLU D 692 12.25 28.29 -14.79
N CYS D 693 11.46 29.37 -14.87
CA CYS D 693 11.98 30.55 -15.54
C CYS D 693 12.76 31.46 -14.61
N TYR D 694 12.67 31.26 -13.29
CA TYR D 694 13.57 31.92 -12.36
C TYR D 694 14.78 31.07 -12.03
N ARG D 695 14.77 29.81 -12.45
CA ARG D 695 15.99 29.00 -12.50
C ARG D 695 17.03 29.65 -13.42
N LYS D 696 16.57 30.13 -14.58
CA LYS D 696 17.45 30.59 -15.63
C LYS D 696 17.11 32.00 -16.05
N ASP D 697 18.14 32.80 -16.33
CA ASP D 697 18.01 34.10 -16.98
C ASP D 697 17.13 35.04 -16.14
N GLU D 698 17.68 35.43 -14.99
CA GLU D 698 16.92 36.23 -14.03
C GLU D 698 16.43 37.54 -14.65
N GLU D 699 17.28 38.22 -15.43
CA GLU D 699 16.92 39.50 -16.02
C GLU D 699 15.64 39.37 -16.85
N ARG D 700 15.68 38.56 -17.90
CA ARG D 700 14.48 38.33 -18.69
C ARG D 700 13.38 37.70 -17.86
N ALA D 701 13.73 37.03 -16.76
CA ALA D 701 12.70 36.48 -15.88
C ALA D 701 11.88 37.58 -15.22
N GLN D 702 12.52 38.66 -14.73
CA GLN D 702 11.72 39.72 -14.15
C GLN D 702 11.03 40.55 -15.23
N LYS D 703 11.66 40.70 -16.41
CA LYS D 703 10.94 41.43 -17.45
C LYS D 703 9.78 40.61 -18.03
N LEU D 704 9.74 39.31 -17.74
CA LEU D 704 8.60 38.48 -18.14
C LEU D 704 7.30 38.98 -17.53
N LEU D 705 7.35 39.52 -16.31
CA LEU D 705 6.14 39.83 -15.56
C LEU D 705 5.42 41.06 -16.07
N THR D 706 5.77 41.55 -17.27
CA THR D 706 5.01 42.58 -17.95
C THR D 706 4.50 42.09 -19.30
N ARG D 707 4.13 40.82 -19.39
CA ARG D 707 3.68 40.21 -20.65
C ARG D 707 2.38 40.86 -21.10
N VAL D 708 2.41 41.48 -22.28
CA VAL D 708 1.21 42.09 -22.83
C VAL D 708 0.58 41.21 -23.92
N SER D 709 1.40 40.70 -24.83
CA SER D 709 1.02 39.70 -25.84
C SER D 709 0.10 40.27 -26.92
N GLU D 710 -0.35 41.51 -26.73
CA GLU D 710 -1.19 42.23 -27.70
C GLU D 710 -2.43 41.42 -28.13
N ALA D 711 -2.75 40.34 -27.42
CA ALA D 711 -3.90 39.51 -27.77
C ALA D 711 -4.73 39.02 -26.61
N TRP D 712 -4.28 39.18 -25.36
CA TRP D 712 -4.97 38.63 -24.20
C TRP D 712 -5.69 39.70 -23.38
N GLY D 713 -5.80 40.93 -23.90
CA GLY D 713 -6.21 41.99 -23.01
C GLY D 713 -5.09 42.23 -22.02
N LYS D 714 -4.03 42.90 -22.48
CA LYS D 714 -2.66 42.77 -21.97
C LYS D 714 -2.54 42.50 -20.48
N THR D 715 -3.10 43.39 -19.65
CA THR D 715 -3.07 43.29 -18.19
C THR D 715 -1.67 43.12 -17.61
N THR D 716 -0.62 43.37 -18.39
CA THR D 716 0.77 43.30 -17.94
C THR D 716 1.13 41.92 -17.33
N CYS D 717 0.24 40.94 -17.52
CA CYS D 717 0.36 39.57 -17.00
C CYS D 717 0.19 39.56 -15.48
N LEU D 718 -0.04 40.72 -14.88
CA LEU D 718 -0.24 40.82 -13.44
C LEU D 718 -1.63 41.27 -13.04
N GLN D 719 -2.23 42.21 -13.78
CA GLN D 719 -3.60 42.60 -13.47
C GLN D 719 -4.56 41.43 -13.65
N LEU D 720 -4.37 40.67 -14.73
CA LEU D 720 -5.10 39.42 -14.90
C LEU D 720 -4.78 38.44 -13.78
N ALA D 721 -3.50 38.39 -13.37
CA ALA D 721 -3.10 37.52 -12.27
C ALA D 721 -3.78 37.93 -10.97
N LEU D 722 -3.69 39.22 -10.61
CA LEU D 722 -4.30 39.66 -9.36
C LEU D 722 -5.82 39.58 -9.41
N GLU D 723 -6.42 39.58 -10.60
CA GLU D 723 -7.85 39.34 -10.68
C GLU D 723 -8.17 37.87 -10.49
N ALA D 724 -7.18 37.00 -10.61
CA ALA D 724 -7.31 35.58 -10.29
C ALA D 724 -7.11 35.30 -8.80
N LYS D 725 -6.77 36.32 -8.03
CA LYS D 725 -6.76 36.39 -6.57
C LYS D 725 -5.56 35.68 -5.93
N ASP D 726 -4.77 34.92 -6.70
CA ASP D 726 -3.39 34.53 -6.34
C ASP D 726 -3.16 34.09 -4.90
N MET D 727 -3.71 32.94 -4.50
CA MET D 727 -3.42 32.41 -3.17
C MET D 727 -1.93 32.20 -2.92
N LYS D 728 -1.25 31.47 -3.81
CA LYS D 728 0.20 31.29 -3.68
C LYS D 728 1.04 32.06 -4.68
N PHE D 729 0.45 32.70 -5.69
CA PHE D 729 1.24 33.20 -6.80
C PHE D 729 2.04 34.45 -6.42
N VAL D 730 1.54 35.24 -5.47
CA VAL D 730 2.13 36.54 -5.18
C VAL D 730 3.27 36.46 -4.17
N SER D 731 3.72 35.25 -3.86
CA SER D 731 4.77 35.07 -2.85
C SER D 731 5.90 34.17 -3.33
N HIS D 732 6.16 34.15 -4.63
CA HIS D 732 7.16 33.23 -5.18
C HIS D 732 8.53 33.90 -5.36
N GLY D 733 9.03 34.56 -4.33
CA GLY D 733 10.43 34.95 -4.28
C GLY D 733 10.82 36.04 -5.26
N GLY D 734 10.78 35.69 -6.54
CA GLY D 734 11.05 36.67 -7.58
C GLY D 734 10.06 37.81 -7.55
N ILE D 735 8.81 37.51 -7.21
CA ILE D 735 7.81 38.57 -7.08
C ILE D 735 8.09 39.43 -5.86
N GLN D 736 8.65 38.85 -4.79
CA GLN D 736 9.13 39.67 -3.69
C GLN D 736 10.22 40.62 -4.14
N ALA D 737 11.21 40.13 -4.89
CA ALA D 737 12.25 41.03 -5.41
C ALA D 737 11.65 42.10 -6.30
N PHE D 738 10.70 41.71 -7.14
CA PHE D 738 10.02 42.64 -8.04
C PHE D 738 9.30 43.74 -7.27
N LEU D 739 8.44 43.37 -6.33
CA LEU D 739 7.64 44.35 -5.61
C LEU D 739 8.47 45.12 -4.59
N THR D 740 9.68 44.63 -4.29
CA THR D 740 10.57 45.39 -3.44
C THR D 740 11.36 46.42 -4.24
N LYS D 741 11.82 46.06 -5.44
CA LYS D 741 12.57 47.01 -6.25
C LYS D 741 11.67 48.02 -6.96
N VAL D 742 10.37 47.73 -7.08
CA VAL D 742 9.47 48.75 -7.61
C VAL D 742 8.89 49.59 -6.48
N TRP D 743 8.86 49.07 -5.26
CA TRP D 743 8.44 49.85 -4.10
C TRP D 743 9.40 51.01 -3.83
N TRP D 744 10.68 50.85 -4.18
CA TRP D 744 11.70 51.88 -3.98
C TRP D 744 12.16 52.37 -5.34
N GLY D 745 11.77 53.58 -5.70
CA GLY D 745 12.22 54.20 -6.93
C GLY D 745 13.46 55.03 -6.72
N GLN D 746 14.57 54.63 -7.35
CA GLN D 746 15.88 55.26 -7.14
C GLN D 746 16.25 55.22 -5.65
N LEU D 747 16.25 54.00 -5.12
CA LEU D 747 16.56 53.77 -3.71
C LEU D 747 17.03 52.32 -3.58
N SER D 748 18.32 52.14 -3.33
CA SER D 748 18.91 50.81 -3.35
C SER D 748 18.90 50.18 -1.95
N VAL D 749 19.62 49.08 -1.83
CA VAL D 749 19.75 48.32 -0.58
C VAL D 749 20.60 49.12 0.40
N ASP D 750 20.67 48.65 1.65
CA ASP D 750 21.37 49.25 2.80
C ASP D 750 20.57 50.39 3.40
N ASN D 751 19.27 50.46 3.15
CA ASN D 751 18.38 51.43 3.77
C ASN D 751 17.52 50.71 4.81
N GLY D 752 17.46 51.26 6.01
CA GLY D 752 16.69 50.68 7.09
C GLY D 752 15.42 51.48 7.35
N LEU D 753 14.44 50.81 7.95
CA LEU D 753 13.16 51.46 8.25
C LEU D 753 13.37 52.62 9.22
N TRP D 754 14.24 52.42 10.22
CA TRP D 754 14.53 53.48 11.18
C TRP D 754 15.43 54.56 10.58
N ARG D 755 16.11 54.28 9.48
CA ARG D 755 17.10 55.20 8.92
C ARG D 755 16.59 55.98 7.72
N VAL D 756 15.48 55.56 7.11
CA VAL D 756 14.92 56.34 6.02
C VAL D 756 14.19 57.58 6.55
N THR D 757 13.67 57.50 7.78
CA THR D 757 13.02 58.66 8.38
C THR D 757 14.01 59.81 8.55
N LEU D 758 15.23 59.51 9.01
CA LEU D 758 16.25 60.55 9.11
C LEU D 758 16.64 61.07 7.74
N CYS D 759 16.71 60.18 6.73
CA CYS D 759 17.07 60.61 5.39
C CYS D 759 16.05 61.58 4.81
N MET D 760 14.76 61.33 5.04
CA MET D 760 13.76 62.19 4.43
C MET D 760 13.49 63.43 5.27
N LEU D 761 13.51 63.30 6.61
CA LEU D 761 13.21 64.44 7.47
C LEU D 761 14.27 65.53 7.37
N ALA D 762 15.55 65.16 7.43
CA ALA D 762 16.64 66.11 7.45
C ALA D 762 17.14 66.30 6.03
N PHE D 763 16.81 67.45 5.45
CA PHE D 763 16.69 67.58 4.00
C PHE D 763 18.04 67.74 3.30
N PRO D 764 18.91 68.66 3.73
CA PRO D 764 20.28 68.64 3.20
C PRO D 764 21.08 67.42 3.66
N LEU D 765 20.66 66.76 4.74
CA LEU D 765 21.45 65.68 5.32
C LEU D 765 21.69 64.54 4.33
N LEU D 766 20.81 64.39 3.33
CA LEU D 766 20.98 63.32 2.36
C LEU D 766 22.29 63.47 1.58
N LEU D 767 22.78 64.70 1.43
CA LEU D 767 24.01 64.97 0.70
C LEU D 767 25.27 64.71 1.53
N THR D 768 25.13 64.44 2.82
CA THR D 768 26.29 64.21 3.69
C THR D 768 26.78 62.78 3.52
N GLY D 769 27.63 62.33 4.44
CA GLY D 769 28.19 60.99 4.39
C GLY D 769 27.22 59.91 4.83
N LEU D 770 25.92 60.20 4.74
CA LEU D 770 24.88 59.25 5.11
C LEU D 770 24.69 58.24 3.98
N ILE D 771 23.58 57.49 4.03
CA ILE D 771 23.31 56.47 3.03
C ILE D 771 23.39 57.07 1.63
N SER D 772 24.21 56.46 0.79
CA SER D 772 24.43 56.91 -0.57
C SER D 772 23.66 56.02 -1.55
N PHE D 773 23.20 56.62 -2.65
CA PHE D 773 22.43 55.94 -3.67
C PHE D 773 23.33 55.63 -4.86
N ARG D 774 22.76 54.95 -5.85
CA ARG D 774 23.51 54.66 -7.07
C ARG D 774 23.74 55.92 -7.89
N GLU D 775 22.87 56.92 -7.73
CA GLU D 775 23.11 58.22 -8.36
C GLU D 775 24.39 58.85 -7.84
N LYS D 776 24.59 58.83 -6.52
CA LYS D 776 25.84 59.33 -5.95
C LYS D 776 27.00 58.38 -6.24
N ARG D 777 26.74 57.07 -6.24
CA ARG D 777 27.79 56.10 -6.55
C ARG D 777 28.26 56.25 -8.00
N LEU D 778 27.33 56.47 -8.93
CA LEU D 778 27.66 56.70 -10.33
C LEU D 778 27.88 58.17 -10.64
N GLN D 779 27.91 59.03 -9.63
CA GLN D 779 28.13 60.47 -9.79
C GLN D 779 27.06 61.10 -10.69
N ASP D 780 25.82 60.62 -10.55
CA ASP D 780 24.70 61.22 -11.25
C ASP D 780 24.12 62.42 -10.51
N VAL D 781 24.55 62.67 -9.27
CA VAL D 781 24.06 63.82 -8.50
C VAL D 781 25.00 64.97 -8.82
N GLY D 782 24.70 65.67 -9.91
CA GLY D 782 25.50 66.82 -10.32
C GLY D 782 24.92 68.13 -9.83
N THR D 783 23.73 68.08 -9.25
CA THR D 783 23.03 69.27 -8.78
C THR D 783 22.13 68.89 -7.61
N PRO D 784 22.10 69.69 -6.55
CA PRO D 784 21.12 69.45 -5.47
C PRO D 784 19.68 69.44 -5.95
N ALA D 785 19.35 70.22 -6.98
CA ALA D 785 18.03 70.15 -7.57
C ALA D 785 17.77 68.78 -8.17
N ALA D 786 18.78 68.19 -8.81
CA ALA D 786 18.63 66.84 -9.34
C ALA D 786 18.40 65.83 -8.21
N ARG D 787 19.11 65.98 -7.10
CA ARG D 787 18.89 65.11 -5.95
C ARG D 787 17.47 65.27 -5.42
N ALA D 788 16.98 66.50 -5.30
CA ALA D 788 15.63 66.73 -4.81
C ALA D 788 14.59 66.12 -5.75
N ARG D 789 14.78 66.29 -7.06
CA ARG D 789 13.84 65.69 -8.02
C ARG D 789 13.87 64.17 -7.96
N ALA D 790 15.05 63.57 -7.87
CA ALA D 790 15.14 62.12 -7.78
C ALA D 790 14.49 61.60 -6.50
N PHE D 791 14.67 62.33 -5.39
CA PHE D 791 14.11 61.87 -4.12
C PHE D 791 12.60 62.03 -4.08
N PHE D 792 12.08 63.17 -4.52
CA PHE D 792 10.64 63.43 -4.41
C PHE D 792 9.82 62.45 -5.24
N THR D 793 10.33 62.07 -6.41
CA THR D 793 9.61 61.16 -7.30
C THR D 793 9.62 59.72 -6.82
N ALA D 794 10.37 59.41 -5.76
CA ALA D 794 10.35 58.06 -5.21
C ALA D 794 8.96 57.74 -4.67
N PRO D 795 8.44 56.53 -4.94
CA PRO D 795 7.08 56.21 -4.48
C PRO D 795 6.91 56.29 -2.97
N VAL D 796 7.91 55.89 -2.19
CA VAL D 796 7.76 55.87 -0.74
C VAL D 796 7.58 57.29 -0.19
N VAL D 797 8.10 58.29 -0.89
CA VAL D 797 8.04 59.66 -0.38
C VAL D 797 6.60 60.14 -0.27
N VAL D 798 5.78 59.86 -1.29
CA VAL D 798 4.41 60.37 -1.27
C VAL D 798 3.59 59.68 -0.18
N PHE D 799 3.93 58.43 0.15
CA PHE D 799 3.20 57.73 1.21
C PHE D 799 3.43 58.39 2.56
N HIS D 800 4.70 58.62 2.92
CA HIS D 800 4.94 59.29 4.19
C HIS D 800 4.51 60.76 4.12
N LEU D 801 4.45 61.32 2.91
CA LEU D 801 3.94 62.68 2.75
C LEU D 801 2.45 62.75 3.08
N ASN D 802 1.67 61.76 2.64
CA ASN D 802 0.25 61.80 2.99
C ASN D 802 0.02 61.34 4.43
N ILE D 803 0.98 60.58 4.98
CA ILE D 803 0.97 60.33 6.41
C ILE D 803 1.13 61.64 7.17
N LEU D 804 2.07 62.48 6.74
CA LEU D 804 2.31 63.78 7.36
C LEU D 804 1.13 64.71 7.18
N SER D 805 0.76 64.97 5.93
CA SER D 805 -0.22 66.00 5.62
C SER D 805 -1.61 65.69 6.16
N TYR D 806 -2.00 64.41 6.25
CA TYR D 806 -3.33 64.10 6.75
C TYR D 806 -3.45 64.46 8.23
N PHE D 807 -2.48 64.03 9.03
CA PHE D 807 -2.47 64.40 10.45
C PHE D 807 -2.27 65.90 10.64
N ALA D 808 -1.47 66.54 9.78
CA ALA D 808 -1.31 67.98 9.86
C ALA D 808 -2.62 68.69 9.58
N PHE D 809 -3.39 68.19 8.61
CA PHE D 809 -4.70 68.76 8.31
C PHE D 809 -5.67 68.53 9.46
N LEU D 810 -5.59 67.38 10.11
CA LEU D 810 -6.41 67.16 11.31
C LEU D 810 -6.07 68.15 12.42
N CYS D 811 -4.78 68.37 12.66
CA CYS D 811 -4.36 69.36 13.66
C CYS D 811 -4.80 70.77 13.26
N LEU D 812 -4.75 71.08 11.96
CA LEU D 812 -5.20 72.38 11.49
C LEU D 812 -6.70 72.54 11.64
N PHE D 813 -7.47 71.47 11.44
CA PHE D 813 -8.90 71.52 11.72
C PHE D 813 -9.15 71.83 13.18
N ALA D 814 -8.40 71.17 14.07
CA ALA D 814 -8.53 71.47 15.49
C ALA D 814 -8.19 72.92 15.77
N TYR D 815 -7.13 73.43 15.14
CA TYR D 815 -6.69 74.80 15.34
C TYR D 815 -7.74 75.80 14.87
N VAL D 816 -8.36 75.54 13.72
CA VAL D 816 -9.32 76.49 13.16
C VAL D 816 -10.69 76.39 13.84
N LEU D 817 -11.11 75.20 14.26
CA LEU D 817 -12.32 75.09 15.06
C LEU D 817 -12.14 75.74 16.42
N MET D 818 -10.93 75.62 16.97
CA MET D 818 -10.66 75.99 18.36
C MET D 818 -10.61 77.50 18.57
N VAL D 819 -10.04 78.23 17.62
CA VAL D 819 -9.94 79.69 17.74
C VAL D 819 -10.83 80.39 16.72
N ASP D 820 -10.70 80.02 15.45
CA ASP D 820 -11.39 80.71 14.37
C ASP D 820 -12.86 80.31 14.27
N PHE D 821 -13.66 80.71 15.25
CA PHE D 821 -15.11 80.52 15.19
C PHE D 821 -15.77 81.78 14.63
N GLN D 822 -15.35 82.15 13.42
CA GLN D 822 -15.82 83.35 12.76
C GLN D 822 -16.45 82.96 11.43
N PRO D 823 -17.74 83.23 11.21
CA PRO D 823 -18.35 82.91 9.90
C PRO D 823 -17.70 83.64 8.74
N VAL D 824 -17.19 84.84 8.97
CA VAL D 824 -16.55 85.64 7.92
C VAL D 824 -15.25 84.96 7.49
N PRO D 825 -14.84 85.09 6.22
CA PRO D 825 -13.60 84.44 5.79
C PRO D 825 -12.35 85.12 6.34
N SER D 826 -11.69 84.46 7.28
CA SER D 826 -10.47 84.99 7.89
C SER D 826 -9.25 84.27 7.31
N TRP D 827 -8.08 84.55 7.88
CA TRP D 827 -6.85 83.91 7.41
C TRP D 827 -6.88 82.41 7.68
N CYS D 828 -7.18 82.03 8.93
CA CYS D 828 -7.22 80.60 9.27
C CYS D 828 -8.40 79.90 8.63
N GLU D 829 -9.52 80.60 8.42
CA GLU D 829 -10.66 80.00 7.74
C GLU D 829 -10.29 79.61 6.31
N CYS D 830 -9.66 80.54 5.57
CA CYS D 830 -9.21 80.22 4.22
C CYS D 830 -8.10 79.16 4.25
N ALA D 831 -7.24 79.17 5.27
CA ALA D 831 -6.19 78.17 5.36
C ALA D 831 -6.76 76.77 5.51
N ILE D 832 -7.78 76.61 6.35
CA ILE D 832 -8.40 75.28 6.50
C ILE D 832 -9.27 74.96 5.29
N TYR D 833 -9.80 75.98 4.61
CA TYR D 833 -10.53 75.71 3.37
C TYR D 833 -9.61 75.17 2.29
N LEU D 834 -8.37 75.65 2.24
CA LEU D 834 -7.45 75.27 1.18
C LEU D 834 -7.23 73.75 1.13
N TRP D 835 -6.75 73.16 2.23
CA TRP D 835 -6.44 71.74 2.21
C TRP D 835 -7.68 70.86 2.23
N LEU D 836 -8.78 71.32 2.82
CA LEU D 836 -10.02 70.57 2.70
C LEU D 836 -10.50 70.53 1.26
N PHE D 837 -10.38 71.65 0.55
CA PHE D 837 -10.72 71.67 -0.87
C PHE D 837 -9.76 70.79 -1.68
N SER D 838 -8.50 70.76 -1.28
CA SER D 838 -7.54 69.87 -1.95
C SER D 838 -7.90 68.39 -1.74
N LEU D 839 -8.30 68.02 -0.52
CA LEU D 839 -8.74 66.65 -0.28
C LEU D 839 -10.00 66.34 -1.05
N VAL D 840 -10.92 67.30 -1.13
CA VAL D 840 -12.12 67.14 -1.95
C VAL D 840 -11.74 66.97 -3.42
N CYS D 841 -10.70 67.68 -3.88
CA CYS D 841 -10.24 67.53 -5.25
C CYS D 841 -9.63 66.15 -5.48
N GLU D 842 -8.92 65.61 -4.49
CA GLU D 842 -8.36 64.27 -4.65
C GLU D 842 -9.44 63.20 -4.68
N GLU D 843 -10.41 63.29 -3.76
CA GLU D 843 -11.53 62.35 -3.81
C GLU D 843 -12.38 62.58 -5.06
N MET D 844 -12.40 63.82 -5.57
CA MET D 844 -12.99 64.20 -6.85
C MET D 844 -12.38 63.41 -7.99
N ARG D 845 -11.04 63.42 -8.05
CA ARG D 845 -10.31 62.75 -9.10
C ARG D 845 -10.47 61.23 -9.01
N GLN D 846 -10.45 60.70 -7.78
CA GLN D 846 -10.69 59.27 -7.62
C GLN D 846 -12.09 58.89 -8.09
N LEU D 847 -13.09 59.76 -7.83
CA LEU D 847 -14.45 59.46 -8.25
C LEU D 847 -14.62 59.48 -9.78
N PHE D 848 -14.00 60.42 -10.50
CA PHE D 848 -14.02 60.26 -11.96
C PHE D 848 -13.18 59.09 -12.46
N TYR D 849 -12.08 58.75 -11.80
CA TYR D 849 -11.30 57.61 -12.29
C TYR D 849 -11.96 56.28 -11.97
N ASP D 850 -12.91 56.24 -11.05
CA ASP D 850 -13.56 54.98 -10.71
C ASP D 850 -14.35 54.37 -11.86
N PRO D 851 -15.23 55.10 -12.56
CA PRO D 851 -16.00 54.46 -13.63
C PRO D 851 -15.28 54.50 -14.97
N ASP D 852 -15.91 53.87 -15.96
CA ASP D 852 -15.39 53.86 -17.32
C ASP D 852 -15.86 55.11 -18.06
N GLU D 853 -15.61 55.16 -19.37
CA GLU D 853 -15.93 56.35 -20.15
C GLU D 853 -17.42 56.48 -20.44
N CYS D 854 -18.18 55.39 -20.35
CA CYS D 854 -19.60 55.42 -20.68
C CYS D 854 -20.51 55.37 -19.45
N GLY D 855 -20.35 54.38 -18.58
CA GLY D 855 -21.20 54.25 -17.43
C GLY D 855 -20.68 55.00 -16.22
N LEU D 856 -21.21 56.19 -15.98
CA LEU D 856 -20.75 57.05 -14.89
C LEU D 856 -21.42 56.68 -13.57
N MET D 857 -22.75 56.54 -13.56
CA MET D 857 -23.47 56.29 -12.31
C MET D 857 -23.34 54.84 -11.86
N LYS D 858 -23.39 53.88 -12.79
CA LYS D 858 -23.64 52.49 -12.43
C LYS D 858 -22.48 51.89 -11.66
N LYS D 859 -21.31 51.78 -12.29
CA LYS D 859 -20.20 51.09 -11.64
C LYS D 859 -19.56 51.94 -10.55
N ALA D 860 -19.63 53.27 -10.68
CA ALA D 860 -19.18 54.13 -9.58
C ALA D 860 -20.03 53.91 -8.35
N ALA D 861 -21.36 53.82 -8.52
CA ALA D 861 -22.22 53.51 -7.38
C ALA D 861 -22.00 52.11 -6.86
N LEU D 862 -21.69 51.16 -7.74
CA LEU D 862 -21.39 49.80 -7.30
C LEU D 862 -20.14 49.78 -6.41
N TYR D 863 -19.10 50.49 -6.81
CA TYR D 863 -17.90 50.59 -5.99
C TYR D 863 -18.15 51.37 -4.70
N PHE D 864 -18.98 52.42 -4.76
CA PHE D 864 -19.25 53.26 -3.59
C PHE D 864 -20.29 52.67 -2.66
N SER D 865 -20.93 51.57 -3.04
CA SER D 865 -21.80 50.85 -2.11
C SER D 865 -21.04 50.27 -0.94
N ASP D 866 -19.72 50.13 -1.06
CA ASP D 866 -18.89 49.70 0.06
C ASP D 866 -18.97 50.73 1.18
N PHE D 867 -18.86 50.25 2.42
CA PHE D 867 -19.06 51.12 3.58
C PHE D 867 -18.00 52.22 3.63
N TRP D 868 -16.76 51.91 3.26
CA TRP D 868 -15.70 52.91 3.29
C TRP D 868 -15.96 54.03 2.30
N ASN D 869 -16.38 53.69 1.09
CA ASN D 869 -16.67 54.72 0.09
C ASN D 869 -17.96 55.47 0.41
N LYS D 870 -18.93 54.79 1.01
CA LYS D 870 -20.14 55.47 1.48
C LYS D 870 -19.78 56.49 2.55
N LEU D 871 -18.88 56.14 3.46
CA LEU D 871 -18.40 57.10 4.44
C LEU D 871 -17.56 58.19 3.79
N ASP D 872 -16.88 57.88 2.69
CA ASP D 872 -16.16 58.91 1.94
C ASP D 872 -17.12 59.97 1.40
N VAL D 873 -18.25 59.54 0.86
CA VAL D 873 -19.30 60.48 0.45
C VAL D 873 -19.86 61.22 1.65
N GLY D 874 -20.11 60.50 2.75
CA GLY D 874 -20.69 61.11 3.93
C GLY D 874 -19.81 62.17 4.56
N ALA D 875 -18.49 61.98 4.51
CA ALA D 875 -17.59 62.95 5.11
C ALA D 875 -17.72 64.33 4.46
N ILE D 876 -18.07 64.37 3.19
CA ILE D 876 -18.30 65.64 2.51
C ILE D 876 -19.73 66.12 2.68
N LEU D 877 -20.70 65.20 2.58
CA LEU D 877 -22.10 65.61 2.68
C LEU D 877 -22.43 66.15 4.07
N LEU D 878 -21.91 65.50 5.12
CA LEU D 878 -22.13 65.98 6.48
C LEU D 878 -21.49 67.34 6.71
N PHE D 879 -20.29 67.55 6.17
CA PHE D 879 -19.65 68.86 6.29
C PHE D 879 -20.47 69.94 5.60
N VAL D 880 -20.98 69.63 4.40
CA VAL D 880 -21.80 70.61 3.68
C VAL D 880 -23.07 70.92 4.47
N ALA D 881 -23.73 69.88 4.99
CA ALA D 881 -24.95 70.08 5.76
C ALA D 881 -24.69 70.89 7.03
N GLY D 882 -23.59 70.59 7.72
CA GLY D 882 -23.25 71.34 8.92
C GLY D 882 -22.94 72.80 8.63
N LEU D 883 -22.22 73.06 7.54
CA LEU D 883 -21.96 74.45 7.17
C LEU D 883 -23.25 75.19 6.83
N THR D 884 -24.15 74.54 6.07
CA THR D 884 -25.42 75.18 5.74
C THR D 884 -26.24 75.44 7.00
N CYS D 885 -26.24 74.49 7.93
CA CYS D 885 -26.97 74.70 9.19
C CYS D 885 -26.36 75.84 9.99
N ARG D 886 -25.03 75.94 10.02
CA ARG D 886 -24.38 77.02 10.75
C ARG D 886 -24.71 78.38 10.14
N LEU D 887 -24.74 78.48 8.81
CA LEU D 887 -25.17 79.72 8.18
C LEU D 887 -26.64 80.01 8.47
N ILE D 888 -27.45 78.99 8.65
CA ILE D 888 -28.86 79.20 9.01
C ILE D 888 -28.95 79.74 10.44
N PRO D 889 -29.67 80.83 10.67
CA PRO D 889 -29.73 81.40 12.04
C PRO D 889 -30.36 80.47 13.06
N ALA D 890 -31.16 79.49 12.63
CA ALA D 890 -31.82 78.60 13.58
C ALA D 890 -30.81 77.75 14.35
N THR D 891 -29.75 77.30 13.69
CA THR D 891 -28.78 76.41 14.30
C THR D 891 -27.38 77.03 14.33
N LEU D 892 -27.29 78.29 14.76
CA LEU D 892 -25.99 78.96 14.83
C LEU D 892 -25.04 78.23 15.77
N TYR D 893 -25.51 77.88 16.97
CA TYR D 893 -24.69 77.18 17.95
C TYR D 893 -24.61 75.68 17.67
N PRO D 894 -25.72 74.99 17.37
CA PRO D 894 -25.62 73.55 17.07
C PRO D 894 -24.78 73.23 15.84
N GLY D 895 -24.53 74.20 14.97
CA GLY D 895 -23.72 73.93 13.80
C GLY D 895 -22.30 73.51 14.16
N ARG D 896 -21.71 74.15 15.17
CA ARG D 896 -20.38 73.76 15.61
C ARG D 896 -20.37 72.33 16.15
N VAL D 897 -21.38 71.98 16.94
CA VAL D 897 -21.47 70.62 17.47
C VAL D 897 -21.62 69.61 16.34
N ILE D 898 -22.45 69.93 15.35
CA ILE D 898 -22.63 69.02 14.22
C ILE D 898 -21.32 68.84 13.45
N LEU D 899 -20.62 69.95 13.21
CA LEU D 899 -19.36 69.87 12.47
C LEU D 899 -18.29 69.12 13.26
N SER D 900 -18.36 69.16 14.59
CA SER D 900 -17.38 68.45 15.40
C SER D 900 -17.47 66.94 15.20
N LEU D 901 -18.66 66.44 14.86
CA LEU D 901 -18.84 64.99 14.74
C LEU D 901 -18.14 64.43 13.51
N ASP D 902 -17.90 65.27 12.49
CA ASP D 902 -17.32 64.77 11.26
C ASP D 902 -15.86 64.33 11.45
N PHE D 903 -15.24 64.77 12.54
CA PHE D 903 -13.84 64.43 12.79
C PHE D 903 -13.66 62.94 13.07
N ILE D 904 -14.70 62.32 13.64
CA ILE D 904 -14.64 60.90 13.96
C ILE D 904 -14.52 60.08 12.67
N LEU D 905 -15.16 60.53 11.60
CA LEU D 905 -15.02 59.85 10.31
C LEU D 905 -13.58 59.87 9.83
N PHE D 906 -12.89 61.00 10.00
CA PHE D 906 -11.49 61.10 9.59
C PHE D 906 -10.61 60.23 10.47
N CYS D 907 -10.99 60.09 11.75
CA CYS D 907 -10.32 59.15 12.63
C CYS D 907 -10.34 57.75 12.03
N LEU D 908 -11.41 57.38 11.32
CA LEU D 908 -11.46 56.08 10.67
C LEU D 908 -10.38 55.96 9.59
N ARG D 909 -10.18 57.01 8.79
CA ARG D 909 -9.14 56.97 7.78
C ARG D 909 -7.77 56.82 8.41
N LEU D 910 -7.62 57.39 9.62
CA LEU D 910 -6.33 57.29 10.32
C LEU D 910 -5.81 55.85 10.35
N MET D 911 -6.59 54.91 10.91
CA MET D 911 -6.12 53.54 10.89
C MET D 911 -6.51 52.78 9.63
N HIS D 912 -7.32 53.38 8.74
CA HIS D 912 -7.55 52.74 7.45
C HIS D 912 -6.31 52.80 6.57
N ILE D 913 -5.54 53.89 6.64
CA ILE D 913 -4.40 54.06 5.73
C ILE D 913 -3.08 53.56 6.29
N PHE D 914 -3.04 53.11 7.54
CA PHE D 914 -1.77 52.78 8.21
C PHE D 914 -1.43 51.31 8.01
N THR D 915 -1.42 50.89 6.75
CA THR D 915 -1.03 49.52 6.39
C THR D 915 0.41 49.44 5.92
N ILE D 916 1.36 49.86 6.77
CA ILE D 916 2.76 49.91 6.41
C ILE D 916 3.63 49.06 7.32
N SER D 917 3.35 49.07 8.63
CA SER D 917 4.23 48.41 9.60
C SER D 917 4.36 46.91 9.30
N LYS D 918 5.57 46.40 9.53
CA LYS D 918 5.87 45.01 9.17
C LYS D 918 5.08 44.03 10.02
N THR D 919 5.03 44.24 11.34
CA THR D 919 4.33 43.32 12.23
C THR D 919 2.92 43.81 12.60
N LEU D 920 2.72 45.12 12.71
CA LEU D 920 1.39 45.66 12.99
C LEU D 920 0.50 45.71 11.75
N GLY D 921 1.10 45.80 10.57
CA GLY D 921 0.34 45.88 9.34
C GLY D 921 -0.58 44.71 9.07
N PRO D 922 -0.05 43.48 9.12
CA PRO D 922 -0.95 42.32 8.97
C PRO D 922 -2.05 42.29 10.02
N LYS D 923 -1.72 42.70 11.24
CA LYS D 923 -2.75 42.79 12.27
C LYS D 923 -3.77 43.87 11.93
N ILE D 924 -3.32 44.92 11.22
CA ILE D 924 -4.25 45.97 10.80
C ILE D 924 -5.16 45.47 9.68
N ILE D 925 -4.65 44.62 8.78
CA ILE D 925 -5.54 43.97 7.82
C ILE D 925 -6.55 43.09 8.55
N ILE D 926 -6.10 42.41 9.62
CA ILE D 926 -7.00 41.58 10.41
C ILE D 926 -8.09 42.42 11.05
N VAL D 927 -7.73 43.58 11.61
CA VAL D 927 -8.76 44.44 12.20
C VAL D 927 -9.69 45.01 11.15
N LYS D 928 -9.17 45.33 9.96
CA LYS D 928 -10.03 45.77 8.86
C LYS D 928 -11.08 44.72 8.54
N ARG D 929 -10.65 43.47 8.34
CA ARG D 929 -11.61 42.43 7.97
C ARG D 929 -12.56 42.12 9.12
N MET D 930 -12.10 42.16 10.36
CA MET D 930 -12.99 41.82 11.46
C MET D 930 -14.05 42.90 11.65
N MET D 931 -13.67 44.18 11.48
CA MET D 931 -14.69 45.21 11.61
C MET D 931 -15.65 45.18 10.44
N LYS D 932 -15.16 44.85 9.24
CA LYS D 932 -16.07 44.65 8.11
C LYS D 932 -17.04 43.51 8.39
N ASP D 933 -16.60 42.49 9.12
CA ASP D 933 -17.47 41.37 9.45
C ASP D 933 -18.48 41.74 10.54
N VAL D 934 -18.04 42.49 11.56
CA VAL D 934 -18.88 42.81 12.70
C VAL D 934 -19.55 44.16 12.50
N PHE D 935 -19.57 44.65 11.25
CA PHE D 935 -20.35 45.84 10.93
C PHE D 935 -21.81 45.69 11.34
N PHE D 936 -22.34 44.47 11.35
CA PHE D 936 -23.73 44.27 11.77
C PHE D 936 -23.84 43.99 13.26
N PHE D 937 -22.81 43.39 13.87
CA PHE D 937 -22.75 43.34 15.33
C PHE D 937 -22.70 44.75 15.91
N LEU D 938 -22.13 45.69 15.16
CA LEU D 938 -22.14 47.10 15.56
C LEU D 938 -23.57 47.58 15.78
N PHE D 939 -24.42 47.36 14.78
CA PHE D 939 -25.81 47.80 14.89
C PHE D 939 -26.59 46.98 15.91
N LEU D 940 -26.29 45.69 16.04
CA LEU D 940 -26.92 44.90 17.10
C LEU D 940 -26.62 45.51 18.47
N LEU D 941 -25.35 45.79 18.73
CA LEU D 941 -24.95 46.37 20.01
C LEU D 941 -25.60 47.74 20.21
N ALA D 942 -25.60 48.58 19.17
CA ALA D 942 -26.12 49.93 19.31
C ALA D 942 -27.63 49.93 19.56
N VAL D 943 -28.37 49.13 18.79
CA VAL D 943 -29.83 49.08 18.94
C VAL D 943 -30.22 48.45 20.27
N TRP D 944 -29.46 47.43 20.69
CA TRP D 944 -29.76 46.77 21.96
C TRP D 944 -29.62 47.72 23.14
N VAL D 945 -28.61 48.59 23.09
CA VAL D 945 -28.36 49.54 24.19
C VAL D 945 -29.51 50.53 24.36
N VAL D 946 -30.30 50.76 23.30
CA VAL D 946 -31.44 51.68 23.39
C VAL D 946 -32.36 51.31 24.55
N SER D 947 -32.30 50.06 25.00
CA SER D 947 -33.05 49.61 26.17
C SER D 947 -32.32 49.88 27.48
N PHE D 948 -31.38 50.81 27.50
CA PHE D 948 -30.72 51.23 28.74
C PHE D 948 -31.31 52.53 29.27
N GLY D 949 -31.24 53.61 28.48
CA GLY D 949 -31.78 54.88 28.94
C GLY D 949 -33.28 54.85 29.09
N VAL D 950 -33.97 54.20 28.16
CA VAL D 950 -35.43 54.07 28.26
C VAL D 950 -35.81 53.24 29.48
N ALA D 951 -35.09 52.13 29.73
CA ALA D 951 -35.40 51.30 30.89
C ALA D 951 -35.16 52.04 32.19
N LYS D 952 -34.05 52.79 32.28
CA LYS D 952 -33.77 53.53 33.51
C LYS D 952 -34.72 54.71 33.68
N GLN D 953 -35.20 55.28 32.58
CA GLN D 953 -36.05 56.46 32.60
C GLN D 953 -37.54 56.12 32.64
N ALA D 954 -37.90 54.85 32.77
CA ALA D 954 -39.29 54.46 32.83
C ALA D 954 -39.98 54.93 34.11
N ILE D 955 -39.22 55.39 35.10
CA ILE D 955 -39.81 55.80 36.38
C ILE D 955 -40.63 57.08 36.20
N LEU D 956 -40.14 58.02 35.39
CA LEU D 956 -40.76 59.33 35.25
C LEU D 956 -41.52 59.44 33.93
N ILE D 957 -42.46 60.38 33.91
CA ILE D 957 -43.37 60.55 32.78
C ILE D 957 -42.60 61.17 31.61
N HIS D 958 -42.86 60.68 30.40
CA HIS D 958 -42.20 61.24 29.23
C HIS D 958 -42.73 62.65 28.96
N ASN D 959 -42.05 63.35 28.06
CA ASN D 959 -42.45 64.69 27.63
C ASN D 959 -42.35 64.74 26.11
N GLU D 960 -43.44 64.36 25.44
CA GLU D 960 -43.49 64.37 23.98
C GLU D 960 -43.96 65.70 23.40
N ARG D 961 -44.89 66.39 24.08
CA ARG D 961 -45.26 67.75 23.70
C ARG D 961 -45.24 68.54 25.01
N ARG D 962 -44.07 69.07 25.34
CA ARG D 962 -43.78 69.61 26.68
C ARG D 962 -42.60 70.57 26.62
N VAL D 963 -41.98 70.81 27.78
CA VAL D 963 -40.78 71.63 27.90
C VAL D 963 -39.58 70.68 27.97
N ASP D 964 -39.72 69.51 27.34
CA ASP D 964 -38.79 68.39 27.51
C ASP D 964 -37.35 68.77 27.25
N TRP D 965 -37.10 69.53 26.18
CA TRP D 965 -35.75 69.66 25.64
C TRP D 965 -34.76 70.18 26.69
N LEU D 966 -35.00 71.43 27.12
CA LEU D 966 -34.02 72.51 27.17
C LEU D 966 -32.78 72.21 28.00
N PHE D 967 -32.91 71.45 29.08
CA PHE D 967 -31.75 71.29 29.95
C PHE D 967 -31.30 69.86 30.13
N ARG D 968 -32.17 68.86 30.01
CA ARG D 968 -31.77 67.50 30.33
C ARG D 968 -32.30 66.42 29.39
N GLY D 969 -33.23 66.72 28.48
CA GLY D 969 -34.32 65.77 28.30
C GLY D 969 -34.07 64.26 28.34
N ALA D 970 -33.50 63.61 27.30
CA ALA D 970 -33.19 62.20 27.47
C ALA D 970 -31.98 61.66 26.69
N VAL D 971 -31.60 62.21 25.54
CA VAL D 971 -30.79 61.46 24.59
C VAL D 971 -29.48 62.10 24.10
N TYR D 972 -29.52 63.30 23.52
CA TYR D 972 -28.70 63.55 22.31
C TYR D 972 -27.19 63.72 22.51
N HIS D 973 -26.68 64.77 23.21
CA HIS D 973 -25.22 64.81 23.11
C HIS D 973 -24.31 65.09 24.31
N SER D 974 -24.59 66.00 25.26
CA SER D 974 -23.39 66.49 25.97
C SER D 974 -23.31 66.46 27.50
N TYR D 975 -24.40 66.70 28.22
CA TYR D 975 -24.31 67.09 29.64
C TYR D 975 -24.48 65.94 30.63
N LEU D 976 -23.96 64.74 30.34
CA LEU D 976 -24.13 63.66 31.30
C LEU D 976 -23.44 63.96 32.63
N THR D 977 -24.22 63.97 33.71
CA THR D 977 -23.71 63.96 35.06
C THR D 977 -24.06 62.68 35.82
N ILE D 978 -24.47 61.63 35.10
CA ILE D 978 -24.88 60.35 35.68
C ILE D 978 -23.87 59.30 35.23
N PHE D 979 -22.61 59.71 35.13
CA PHE D 979 -21.49 58.87 34.73
C PHE D 979 -21.22 57.80 35.78
N GLY D 980 -22.11 57.70 36.77
CA GLY D 980 -21.86 57.05 38.02
C GLY D 980 -21.81 58.02 39.17
N GLN D 981 -21.84 59.32 38.87
CA GLN D 981 -21.79 60.39 39.86
C GLN D 981 -23.21 60.93 40.07
N ILE D 982 -24.03 60.12 40.74
CA ILE D 982 -25.41 60.56 40.96
C ILE D 982 -25.41 61.78 41.88
N PRO D 983 -26.07 62.87 41.52
CA PRO D 983 -26.00 64.08 42.35
C PRO D 983 -26.73 63.95 43.67
N GLY D 984 -26.07 63.30 44.64
CA GLY D 984 -26.64 63.15 45.97
C GLY D 984 -26.27 64.28 46.89
N TYR D 985 -25.66 65.34 46.33
CA TYR D 985 -25.24 66.49 47.12
C TYR D 985 -26.41 67.23 47.75
N ILE D 986 -27.63 67.05 47.23
CA ILE D 986 -28.79 67.74 47.79
C ILE D 986 -29.38 66.96 48.95
N ASP D 987 -29.03 65.68 49.06
CA ASP D 987 -29.58 64.82 50.10
C ASP D 987 -29.18 65.30 51.50
N GLY D 988 -27.89 65.37 51.77
CA GLY D 988 -27.40 65.81 53.06
C GLY D 988 -25.91 65.62 53.25
N PHE D 1020 -35.82 44.22 54.89
CA PHE D 1020 -35.36 43.33 53.84
C PHE D 1020 -35.21 43.98 52.46
N PRO D 1021 -36.18 44.79 51.99
CA PRO D 1021 -36.02 45.36 50.64
C PRO D 1021 -35.40 46.74 50.52
N GLU D 1022 -34.18 46.91 49.96
CA GLU D 1022 -34.00 47.56 48.65
C GLU D 1022 -32.55 47.71 48.15
N TRP D 1023 -31.94 46.72 47.45
CA TRP D 1023 -30.61 46.89 46.84
C TRP D 1023 -30.35 46.23 45.46
N LEU D 1024 -31.07 45.14 45.15
CA LEU D 1024 -30.51 44.12 44.26
C LEU D 1024 -30.83 44.34 42.79
N THR D 1025 -31.86 45.11 42.43
CA THR D 1025 -32.01 45.37 41.00
C THR D 1025 -30.91 46.30 40.49
N VAL D 1026 -30.41 47.18 41.34
CA VAL D 1026 -29.27 47.99 40.94
C VAL D 1026 -27.95 47.24 41.19
N LEU D 1027 -27.95 46.21 42.04
CA LEU D 1027 -26.89 45.21 41.93
C LEU D 1027 -26.91 44.52 40.56
N LEU D 1028 -28.09 44.15 40.10
CA LEU D 1028 -28.26 43.46 38.83
C LEU D 1028 -28.07 44.37 37.64
N LEU D 1029 -28.03 45.69 37.82
CA LEU D 1029 -27.58 46.53 36.72
C LEU D 1029 -26.13 46.23 36.35
N CYS D 1030 -25.23 46.20 37.34
CA CYS D 1030 -23.86 45.79 37.07
C CYS D 1030 -23.76 44.31 36.72
N LEU D 1031 -24.59 43.46 37.34
CA LEU D 1031 -24.60 42.07 36.89
C LEU D 1031 -25.04 41.95 35.43
N TYR D 1032 -25.99 42.79 35.01
CA TYR D 1032 -26.44 42.79 33.62
C TYR D 1032 -25.34 43.32 32.71
N LEU D 1033 -24.50 44.22 33.24
CA LEU D 1033 -23.28 44.59 32.50
C LEU D 1033 -22.36 43.38 32.32
N LEU D 1034 -22.20 42.59 33.38
CA LEU D 1034 -21.46 41.33 33.24
C LEU D 1034 -22.10 40.42 32.20
N PHE D 1035 -23.44 40.42 32.14
CA PHE D 1035 -24.15 39.72 31.08
C PHE D 1035 -23.89 40.30 29.70
N THR D 1036 -23.68 41.62 29.61
CA THR D 1036 -23.24 42.21 28.35
C THR D 1036 -21.88 41.63 27.95
N ASN D 1037 -21.00 41.46 28.93
CA ASN D 1037 -19.75 40.76 28.65
C ASN D 1037 -20.01 39.30 28.24
N ILE D 1038 -21.16 38.75 28.62
CA ILE D 1038 -21.48 37.37 28.27
C ILE D 1038 -21.94 37.29 26.82
N LEU D 1039 -23.02 38.01 26.48
CA LEU D 1039 -23.63 37.85 25.16
C LEU D 1039 -22.78 38.45 24.06
N LEU D 1040 -21.96 39.44 24.36
CA LEU D 1040 -21.37 40.29 23.32
C LEU D 1040 -19.86 40.16 23.19
N LEU D 1041 -19.11 40.17 24.29
CA LEU D 1041 -17.68 39.94 24.20
C LEU D 1041 -17.38 38.55 23.68
N ASN D 1042 -18.28 37.59 23.88
CA ASN D 1042 -18.13 36.27 23.29
C ASN D 1042 -18.08 36.35 21.77
N LEU D 1043 -18.86 37.27 21.17
CA LEU D 1043 -18.90 37.36 19.72
C LEU D 1043 -17.54 37.72 19.12
N LEU D 1044 -16.77 38.56 19.82
CA LEU D 1044 -15.45 38.96 19.32
C LEU D 1044 -14.54 37.75 19.13
N ILE D 1045 -14.20 37.06 20.24
CA ILE D 1045 -13.35 35.90 20.17
C ILE D 1045 -13.96 34.84 19.27
N ALA D 1046 -15.29 34.75 19.26
CA ALA D 1046 -15.97 33.76 18.43
C ALA D 1046 -15.69 33.99 16.95
N MET D 1047 -15.92 35.21 16.46
CA MET D 1047 -15.71 35.45 15.04
C MET D 1047 -14.23 35.43 14.69
N PHE D 1048 -13.34 35.79 15.63
CA PHE D 1048 -11.92 35.68 15.32
C PHE D 1048 -11.52 34.21 15.19
N ASN D 1049 -12.11 33.33 16.00
CA ASN D 1049 -11.67 31.96 16.10
C ASN D 1049 -12.24 31.07 14.99
N TYR D 1050 -12.60 31.65 13.86
CA TYR D 1050 -12.99 30.89 12.67
C TYR D 1050 -11.90 30.86 11.61
N THR D 1051 -10.98 31.83 11.63
CA THR D 1051 -9.86 31.88 10.69
C THR D 1051 -8.54 31.91 11.45
N PHE D 1052 -8.39 31.00 12.42
CA PHE D 1052 -7.33 31.07 13.42
C PHE D 1052 -6.11 30.23 13.09
N GLN D 1053 -6.11 29.49 11.98
CA GLN D 1053 -5.08 28.51 11.69
C GLN D 1053 -4.08 29.04 10.67
N GLN D 1054 -2.80 28.75 10.91
CA GLN D 1054 -1.69 28.99 9.98
C GLN D 1054 -1.70 30.40 9.40
N VAL D 1055 -2.28 31.35 10.12
CA VAL D 1055 -2.35 32.71 9.61
C VAL D 1055 -1.00 33.41 9.70
N GLN D 1056 -0.23 33.16 10.77
CA GLN D 1056 1.01 33.90 10.99
C GLN D 1056 1.94 33.81 9.79
N GLU D 1057 1.97 32.67 9.12
CA GLU D 1057 2.77 32.49 7.91
C GLU D 1057 2.00 32.78 6.63
N HIS D 1058 0.67 32.65 6.64
CA HIS D 1058 -0.15 32.86 5.46
C HIS D 1058 -0.96 34.14 5.52
N THR D 1059 -0.73 34.96 6.55
CA THR D 1059 -1.19 36.35 6.47
C THR D 1059 -0.25 37.19 5.62
N ASP D 1060 0.94 36.66 5.30
CA ASP D 1060 1.82 37.33 4.36
C ASP D 1060 1.20 37.39 2.97
N GLN D 1061 0.50 36.33 2.57
CA GLN D 1061 -0.20 36.33 1.29
C GLN D 1061 -1.26 37.44 1.24
N ILE D 1062 -2.09 37.51 2.27
CA ILE D 1062 -3.15 38.52 2.33
C ILE D 1062 -2.53 39.92 2.40
N TRP D 1063 -1.52 40.10 3.25
CA TRP D 1063 -0.69 41.29 3.24
C TRP D 1063 -0.26 41.71 1.85
N LYS D 1064 0.44 40.84 1.12
CA LYS D 1064 0.96 41.23 -0.19
C LYS D 1064 -0.19 41.57 -1.14
N PHE D 1065 -1.31 40.83 -1.04
CA PHE D 1065 -2.40 41.06 -1.96
C PHE D 1065 -3.07 42.40 -1.76
N GLN D 1066 -3.46 42.74 -0.53
CA GLN D 1066 -4.01 44.09 -0.36
C GLN D 1066 -2.96 45.16 -0.56
N ARG D 1067 -1.68 44.90 -0.32
CA ARG D 1067 -0.67 45.89 -0.67
C ARG D 1067 -0.72 46.20 -2.16
N HIS D 1068 -0.69 45.17 -3.00
CA HIS D 1068 -0.68 45.41 -4.44
C HIS D 1068 -1.99 46.02 -4.92
N ASP D 1069 -3.12 45.57 -4.36
CA ASP D 1069 -4.41 46.13 -4.73
C ASP D 1069 -4.48 47.61 -4.38
N LEU D 1070 -3.96 47.99 -3.21
CA LEU D 1070 -3.93 49.38 -2.80
C LEU D 1070 -3.01 50.19 -3.71
N ILE D 1071 -1.77 49.72 -3.91
CA ILE D 1071 -0.78 50.44 -4.70
C ILE D 1071 -1.19 50.57 -6.16
N GLU D 1072 -2.00 49.64 -6.68
CA GLU D 1072 -2.36 49.70 -8.09
C GLU D 1072 -3.08 51.00 -8.44
N GLU D 1073 -3.94 51.50 -7.56
CA GLU D 1073 -4.61 52.77 -7.77
C GLU D 1073 -4.07 53.91 -6.93
N TYR D 1074 -3.35 53.64 -5.85
CA TYR D 1074 -2.76 54.72 -5.08
C TYR D 1074 -1.38 55.12 -5.59
N HIS D 1075 -0.84 54.40 -6.57
CA HIS D 1075 0.48 54.75 -7.10
C HIS D 1075 0.40 55.90 -8.09
N GLY D 1076 -0.76 56.11 -8.71
CA GLY D 1076 -0.93 57.19 -9.65
C GLY D 1076 -1.21 58.52 -8.98
N ARG D 1077 -0.40 58.85 -7.97
CA ARG D 1077 -0.49 60.11 -7.26
C ARG D 1077 0.72 60.97 -7.56
N PRO D 1078 0.55 62.29 -7.69
CA PRO D 1078 1.68 63.16 -8.05
C PRO D 1078 2.74 63.18 -6.96
N ALA D 1079 3.97 63.37 -7.39
CA ALA D 1079 5.10 63.47 -6.48
C ALA D 1079 5.26 64.85 -5.86
N ALA D 1080 4.53 65.84 -6.36
CA ALA D 1080 4.60 67.18 -5.79
C ALA D 1080 3.97 67.19 -4.41
N PRO D 1081 4.65 67.75 -3.40
CA PRO D 1081 4.08 67.81 -2.05
C PRO D 1081 2.91 68.78 -2.00
N PRO D 1082 2.06 68.66 -0.99
CA PRO D 1082 0.92 69.59 -0.85
C PRO D 1082 1.37 71.05 -0.79
N PRO D 1083 2.50 71.38 -0.14
CA PRO D 1083 3.00 72.75 -0.26
C PRO D 1083 3.32 73.17 -1.68
N PHE D 1084 3.74 72.25 -2.54
CA PHE D 1084 4.08 72.54 -3.92
C PHE D 1084 3.06 71.94 -4.88
N ILE D 1085 1.78 71.94 -4.48
CA ILE D 1085 0.70 71.41 -5.31
C ILE D 1085 0.17 72.43 -6.30
N LEU D 1086 0.50 73.72 -6.13
CA LEU D 1086 0.00 74.73 -7.05
C LEU D 1086 0.58 74.57 -8.44
N LEU D 1087 1.83 74.10 -8.56
CA LEU D 1087 2.41 73.86 -9.87
C LEU D 1087 1.64 72.78 -10.61
N SER D 1088 1.38 71.66 -9.95
CA SER D 1088 0.60 70.59 -10.57
C SER D 1088 -0.82 71.06 -10.87
N HIS D 1089 -1.38 71.91 -10.01
CA HIS D 1089 -2.70 72.47 -10.28
C HIS D 1089 -2.70 73.27 -11.57
N LEU D 1090 -1.77 74.23 -11.69
CA LEU D 1090 -1.70 75.04 -12.90
C LEU D 1090 -1.32 74.21 -14.12
N GLN D 1091 -0.71 73.04 -13.91
CA GLN D 1091 -0.34 72.20 -15.03
C GLN D 1091 -1.49 71.33 -15.53
N LEU D 1092 -2.36 70.86 -14.63
CA LEU D 1092 -3.35 69.85 -15.03
C LEU D 1092 -4.79 70.27 -14.79
N PHE D 1093 -5.09 70.95 -13.68
CA PHE D 1093 -6.49 71.24 -13.35
C PHE D 1093 -7.10 72.29 -14.25
N ILE D 1094 -6.34 73.29 -14.70
CA ILE D 1094 -6.85 74.20 -15.72
C ILE D 1094 -6.77 73.59 -17.11
N LYS D 1095 -5.92 72.58 -17.31
CA LYS D 1095 -5.83 71.83 -18.56
C LYS D 1095 -7.03 70.90 -18.73
N ARG D 1096 -7.67 70.51 -17.63
CA ARG D 1096 -8.81 69.61 -17.72
C ARG D 1096 -9.93 70.17 -18.58
N VAL D 1097 -10.26 71.45 -18.41
CA VAL D 1097 -11.51 71.99 -18.95
C VAL D 1097 -11.56 71.95 -20.48
N VAL D 1098 -10.40 72.01 -21.16
CA VAL D 1098 -10.41 72.01 -22.62
C VAL D 1098 -10.71 70.65 -23.21
N LEU D 1099 -10.73 69.60 -22.38
CA LEU D 1099 -11.02 68.25 -22.84
C LEU D 1099 -12.21 67.67 -22.09
N LYS D 1100 -13.02 66.88 -22.80
CA LYS D 1100 -14.15 66.21 -22.15
C LYS D 1100 -13.67 65.21 -21.11
N THR D 1101 -12.63 64.44 -21.42
CA THR D 1101 -12.09 63.43 -20.53
C THR D 1101 -10.59 63.66 -20.34
N PRO D 1102 -10.08 63.64 -19.10
CA PRO D 1102 -8.64 63.80 -18.89
C PRO D 1102 -7.84 62.68 -19.54
N ALA D 1103 -7.00 63.03 -20.51
CA ALA D 1103 -6.20 62.07 -21.27
C ALA D 1103 -4.73 62.09 -20.87
N LYS D 1104 -4.44 62.31 -19.59
CA LYS D 1104 -3.06 62.29 -19.13
C LYS D 1104 -2.47 60.90 -19.24
N ARG D 1105 -1.16 60.84 -19.41
CA ARG D 1105 -0.48 59.55 -19.50
C ARG D 1105 -0.69 58.75 -18.22
N HIS D 1106 -1.11 57.50 -18.37
CA HIS D 1106 -1.47 56.69 -17.22
C HIS D 1106 -0.22 56.09 -16.59
N LYS D 1107 -0.12 56.23 -15.28
CA LYS D 1107 1.08 55.84 -14.53
C LYS D 1107 1.02 54.34 -14.25
N GLN D 1108 1.74 53.56 -15.04
CA GLN D 1108 1.84 52.12 -14.83
C GLN D 1108 3.26 51.65 -15.12
N LEU D 1109 3.49 50.39 -14.77
CA LEU D 1109 4.78 49.73 -14.91
C LEU D 1109 4.84 48.83 -16.15
N LYS D 1110 3.84 48.94 -17.04
CA LYS D 1110 3.85 48.17 -18.28
C LYS D 1110 4.87 48.72 -19.26
N ASN D 1111 5.33 47.87 -20.17
CA ASN D 1111 6.30 48.23 -21.19
C ASN D 1111 5.83 47.74 -22.55
N LYS D 1112 6.22 48.45 -23.60
CA LYS D 1112 5.91 48.06 -24.96
C LYS D 1112 6.95 47.05 -25.43
N LEU D 1113 6.51 45.94 -25.99
CA LEU D 1113 7.39 44.86 -26.40
C LEU D 1113 7.60 44.90 -27.91
N GLU D 1114 8.85 44.74 -28.33
CA GLU D 1114 9.18 44.68 -29.75
C GLU D 1114 9.07 43.24 -30.24
N LYS D 1115 8.99 43.09 -31.57
CA LYS D 1115 8.76 41.78 -32.16
C LYS D 1115 9.91 40.82 -31.87
N ASN D 1116 11.15 41.28 -32.06
CA ASN D 1116 12.31 40.40 -31.87
C ASN D 1116 12.42 39.94 -30.42
N GLU D 1117 12.28 40.86 -29.47
CA GLU D 1117 12.31 40.46 -28.07
C GLU D 1117 11.12 39.59 -27.71
N GLU D 1118 9.96 39.85 -28.33
CA GLU D 1118 8.80 38.99 -28.10
C GLU D 1118 9.10 37.55 -28.47
N ALA D 1119 9.61 37.33 -29.70
CA ALA D 1119 9.90 35.97 -30.15
C ALA D 1119 11.01 35.35 -29.32
N ALA D 1120 12.06 36.13 -29.04
CA ALA D 1120 13.20 35.61 -28.28
C ALA D 1120 12.78 35.18 -26.88
N LEU D 1121 11.92 35.95 -26.23
CA LEU D 1121 11.35 35.47 -24.97
C LEU D 1121 10.48 34.25 -25.16
N LEU D 1122 9.50 34.30 -26.07
CA LEU D 1122 8.48 33.27 -26.13
C LEU D 1122 9.09 31.90 -26.40
N SER D 1123 10.11 31.83 -27.26
CA SER D 1123 10.81 30.57 -27.45
C SER D 1123 11.44 30.10 -26.14
N TRP D 1124 11.93 31.03 -25.32
CA TRP D 1124 12.58 30.67 -24.07
C TRP D 1124 11.57 30.12 -23.07
N GLU D 1125 10.40 30.76 -22.95
CA GLU D 1125 9.39 30.18 -22.06
C GLU D 1125 8.92 28.83 -22.57
N ILE D 1126 8.86 28.64 -23.89
CA ILE D 1126 8.50 27.33 -24.41
C ILE D 1126 9.55 26.28 -24.02
N TYR D 1127 10.83 26.62 -24.15
CA TYR D 1127 11.88 25.66 -23.82
C TYR D 1127 11.87 25.30 -22.34
N LEU D 1128 11.76 26.32 -21.47
CA LEU D 1128 11.67 26.02 -20.04
C LEU D 1128 10.35 25.34 -19.68
N LYS D 1129 9.31 25.53 -20.49
CA LYS D 1129 8.08 24.77 -20.29
C LYS D 1129 8.29 23.30 -20.61
N GLU D 1130 9.06 22.99 -21.65
CA GLU D 1130 9.44 21.61 -21.90
C GLU D 1130 10.25 21.06 -20.73
N ASN D 1131 11.15 21.89 -20.19
CA ASN D 1131 11.94 21.45 -19.04
C ASN D 1131 11.05 21.18 -17.84
N TYR D 1132 10.00 21.99 -17.66
CA TYR D 1132 9.06 21.79 -16.57
C TYR D 1132 8.22 20.55 -16.81
N LEU D 1133 7.81 20.31 -18.05
CA LEU D 1133 6.95 19.17 -18.35
C LEU D 1133 7.67 17.85 -18.13
N GLN D 1134 8.93 17.73 -18.56
CA GLN D 1134 9.66 16.50 -18.31
C GLN D 1134 9.91 16.27 -16.82
N ASN D 1135 10.24 17.33 -16.10
CA ASN D 1135 10.37 17.23 -14.65
C ASN D 1135 9.06 16.80 -14.01
N ARG D 1136 7.95 17.38 -14.48
CA ARG D 1136 6.61 17.04 -14.02
C ARG D 1136 6.37 15.55 -14.16
N GLN D 1137 6.66 14.99 -15.33
CA GLN D 1137 6.57 13.54 -15.51
C GLN D 1137 7.41 12.82 -14.46
N PHE D 1138 8.61 13.34 -14.19
CA PHE D 1138 9.45 12.71 -13.19
C PHE D 1138 8.76 12.67 -11.83
N GLN D 1139 8.08 13.75 -11.43
CA GLN D 1139 7.35 13.66 -10.16
C GLN D 1139 6.10 12.80 -10.27
N GLN D 1140 5.43 12.76 -11.43
CA GLN D 1140 4.26 11.89 -11.53
C GLN D 1140 4.66 10.42 -11.45
N LYS D 1141 5.95 10.12 -11.64
CA LYS D 1141 6.40 8.76 -11.35
C LYS D 1141 6.40 8.50 -9.83
N GLN D 1142 6.65 9.53 -9.02
CA GLN D 1142 7.04 9.35 -7.63
C GLN D 1142 5.91 8.90 -6.71
N ARG D 1143 4.73 9.51 -6.73
CA ARG D 1143 3.76 9.23 -5.67
C ARG D 1143 3.31 7.77 -5.74
N PRO D 1144 3.02 7.13 -4.60
CA PRO D 1144 2.80 5.68 -4.61
C PRO D 1144 1.56 5.25 -5.37
N GLU D 1145 0.71 6.17 -5.81
CA GLU D 1145 -0.46 5.79 -6.57
C GLU D 1145 -0.08 5.12 -7.89
N GLN D 1146 0.84 5.75 -8.64
CA GLN D 1146 1.33 5.11 -9.86
C GLN D 1146 1.97 3.77 -9.55
N LYS D 1147 2.62 3.65 -8.40
CA LYS D 1147 3.17 2.35 -8.00
C LYS D 1147 2.08 1.30 -7.82
N ILE D 1148 0.98 1.66 -7.15
CA ILE D 1148 -0.05 0.66 -6.86
C ILE D 1148 -0.77 0.26 -8.15
N GLU D 1149 -1.09 1.21 -9.03
CA GLU D 1149 -1.70 0.75 -10.27
C GLU D 1149 -0.68 0.12 -11.23
N ASP D 1150 0.61 0.41 -11.08
CA ASP D 1150 1.62 -0.32 -11.84
C ASP D 1150 1.64 -1.78 -11.43
N ILE D 1151 1.54 -2.04 -10.11
CA ILE D 1151 1.41 -3.42 -9.65
C ILE D 1151 0.13 -4.04 -10.19
N SER D 1152 -0.97 -3.27 -10.13
CA SER D 1152 -2.27 -3.81 -10.52
C SER D 1152 -2.35 -4.16 -12.00
N ASN D 1153 -1.65 -3.42 -12.87
CA ASN D 1153 -1.72 -3.75 -14.29
C ASN D 1153 -0.57 -4.65 -14.73
N LYS D 1154 0.54 -4.64 -13.99
CA LYS D 1154 1.63 -5.56 -14.30
C LYS D 1154 1.30 -6.98 -13.89
N VAL D 1155 0.52 -7.18 -12.83
CA VAL D 1155 0.02 -8.53 -12.56
C VAL D 1155 -0.90 -9.00 -13.68
N ASP D 1156 -1.70 -8.09 -14.25
CA ASP D 1156 -2.53 -8.46 -15.39
C ASP D 1156 -1.69 -8.86 -16.59
N ALA D 1157 -0.66 -8.07 -16.91
CA ALA D 1157 0.24 -8.44 -17.99
C ALA D 1157 1.01 -9.72 -17.69
N MET D 1158 1.19 -10.04 -16.41
CA MET D 1158 1.86 -11.27 -16.01
C MET D 1158 0.96 -12.50 -16.16
N VAL D 1159 -0.34 -12.34 -15.95
CA VAL D 1159 -1.25 -13.48 -15.96
C VAL D 1159 -1.25 -14.18 -17.31
N ASP D 1160 -1.23 -13.40 -18.40
CA ASP D 1160 -1.63 -13.93 -19.70
C ASP D 1160 -0.71 -15.04 -20.20
N LEU D 1161 0.60 -14.85 -20.08
CA LEU D 1161 1.55 -15.68 -20.82
C LEU D 1161 1.97 -16.95 -20.10
N LEU D 1162 1.91 -16.98 -18.77
CA LEU D 1162 2.26 -18.22 -18.06
C LEU D 1162 1.09 -19.20 -17.98
N ASP D 1163 -0.09 -18.81 -18.44
CA ASP D 1163 -1.16 -19.78 -18.62
C ASP D 1163 -0.80 -20.79 -19.71
N LEU D 1164 0.05 -20.39 -20.66
CA LEU D 1164 0.55 -21.27 -21.70
C LEU D 1164 1.96 -21.76 -21.45
N ASP D 1165 2.85 -20.90 -21.00
CA ASP D 1165 4.23 -21.29 -20.73
C ASP D 1165 4.41 -21.75 -19.29
N GLY D 1235 -17.31 -35.33 -43.64
CA GLY D 1235 -16.22 -34.43 -43.95
C GLY D 1235 -15.94 -34.29 -45.42
N ASP D 1236 -16.76 -33.46 -46.09
CA ASP D 1236 -16.63 -33.23 -47.53
C ASP D 1236 -16.59 -31.73 -47.79
N SER D 1237 -15.49 -31.26 -48.36
CA SER D 1237 -15.34 -29.85 -48.71
C SER D 1237 -15.23 -29.75 -50.23
N TYR D 1238 -16.38 -29.68 -50.88
CA TYR D 1238 -16.48 -29.63 -52.33
C TYR D 1238 -17.24 -28.37 -52.75
N HIS D 1239 -17.56 -28.31 -54.04
CA HIS D 1239 -18.24 -27.15 -54.62
C HIS D 1239 -19.59 -26.90 -53.96
N VAL D 1240 -19.82 -25.66 -53.56
CA VAL D 1240 -21.12 -25.27 -53.02
C VAL D 1240 -21.73 -24.13 -53.85
N ASN D 1241 -20.90 -23.32 -54.51
CA ASN D 1241 -21.40 -22.20 -55.29
C ASN D 1241 -22.29 -22.68 -56.44
N ALA D 1242 -22.03 -23.88 -56.97
CA ALA D 1242 -22.91 -24.44 -57.98
C ALA D 1242 -24.31 -24.67 -57.44
N ARG D 1243 -24.41 -25.19 -56.21
CA ARG D 1243 -25.70 -25.36 -55.54
C ARG D 1243 -26.02 -24.08 -54.76
N HIS D 1244 -26.25 -23.02 -55.53
CA HIS D 1244 -26.45 -21.68 -54.97
C HIS D 1244 -27.91 -21.53 -54.55
N LEU D 1245 -28.13 -21.36 -53.24
CA LEU D 1245 -29.49 -21.13 -52.74
C LEU D 1245 -30.00 -19.79 -53.25
N LEU D 1246 -31.33 -19.70 -53.39
CA LEU D 1246 -31.99 -18.52 -53.93
C LEU D 1246 -31.46 -18.21 -55.34
N TYR D 1247 -31.80 -19.14 -56.25
CA TYR D 1247 -31.26 -19.10 -57.60
C TYR D 1247 -31.59 -17.77 -58.27
N PRO D 1248 -30.60 -17.08 -58.84
CA PRO D 1248 -30.86 -15.76 -59.43
C PRO D 1248 -31.78 -15.85 -60.63
N ASN D 1249 -32.55 -14.77 -60.83
CA ASN D 1249 -33.44 -14.59 -61.98
C ASN D 1249 -34.56 -15.63 -62.03
N CYS D 1250 -34.78 -16.35 -60.94
CA CYS D 1250 -35.84 -17.35 -60.88
C CYS D 1250 -36.44 -17.36 -59.49
N PRO D 1251 -37.77 -17.31 -59.36
CA PRO D 1251 -38.42 -17.35 -58.03
C PRO D 1251 -38.66 -18.78 -57.56
N VAL D 1252 -37.59 -19.45 -57.15
CA VAL D 1252 -37.65 -20.85 -56.72
C VAL D 1252 -36.72 -21.04 -55.53
N THR D 1253 -37.11 -21.96 -54.65
CA THR D 1253 -36.30 -22.33 -53.49
C THR D 1253 -35.95 -23.81 -53.57
N ARG D 1254 -34.76 -24.15 -53.09
CA ARG D 1254 -34.23 -25.50 -53.18
C ARG D 1254 -34.45 -26.26 -51.88
N PHE D 1255 -34.55 -27.58 -51.99
CA PHE D 1255 -34.48 -28.47 -50.83
C PHE D 1255 -33.04 -28.50 -50.34
N PRO D 1256 -32.81 -28.71 -49.04
CA PRO D 1256 -31.43 -28.75 -48.54
C PRO D 1256 -30.67 -29.94 -49.10
N VAL D 1257 -29.48 -29.66 -49.64
CA VAL D 1257 -28.60 -30.69 -50.20
C VAL D 1257 -27.25 -30.55 -49.51
N PRO D 1258 -27.04 -31.20 -48.36
CA PRO D 1258 -25.85 -30.93 -47.54
C PRO D 1258 -24.53 -31.28 -48.23
N ASN D 1259 -23.43 -30.89 -47.61
CA ASN D 1259 -22.09 -31.17 -48.12
C ASN D 1259 -21.77 -32.66 -48.11
N GLU D 1260 -22.44 -33.44 -47.26
CA GLU D 1260 -22.33 -34.89 -47.30
C GLU D 1260 -23.16 -35.44 -48.45
N LYS D 1261 -23.96 -34.58 -49.08
CA LYS D 1261 -24.84 -34.97 -50.16
C LYS D 1261 -24.42 -34.28 -51.46
N VAL D 1262 -23.15 -33.92 -51.56
CA VAL D 1262 -22.61 -33.41 -52.83
C VAL D 1262 -22.31 -34.54 -53.82
N PRO D 1263 -21.79 -35.71 -53.44
CA PRO D 1263 -21.50 -36.71 -54.46
C PRO D 1263 -22.76 -37.38 -54.97
N TRP D 1264 -22.66 -37.97 -56.15
CA TRP D 1264 -23.83 -38.57 -56.80
C TRP D 1264 -24.21 -39.90 -56.15
N GLU D 1265 -23.21 -40.63 -55.62
CA GLU D 1265 -23.49 -41.98 -55.11
C GLU D 1265 -24.35 -41.94 -53.85
N THR D 1266 -24.28 -40.87 -53.08
CA THR D 1266 -25.11 -40.76 -51.88
C THR D 1266 -26.59 -40.63 -52.28
N GLU D 1267 -27.44 -41.29 -51.50
CA GLU D 1267 -28.88 -41.31 -51.80
C GLU D 1267 -29.48 -39.94 -51.50
N PHE D 1268 -30.21 -39.39 -52.47
CA PHE D 1268 -30.88 -38.11 -52.32
C PHE D 1268 -32.32 -38.39 -51.87
N LEU D 1269 -32.53 -38.38 -50.55
CA LEU D 1269 -33.83 -38.75 -50.01
C LEU D 1269 -34.91 -37.74 -50.39
N ILE D 1270 -34.57 -36.46 -50.39
CA ILE D 1270 -35.54 -35.39 -50.62
C ILE D 1270 -35.35 -34.77 -51.99
N TYR D 1271 -34.89 -35.57 -52.95
CA TYR D 1271 -34.62 -35.06 -54.29
C TYR D 1271 -35.90 -34.73 -55.05
N ASP D 1272 -36.32 -33.48 -54.98
CA ASP D 1272 -37.43 -32.96 -55.80
C ASP D 1272 -36.94 -31.68 -56.44
N PRO D 1273 -36.05 -31.78 -57.43
CA PRO D 1273 -35.41 -30.59 -57.99
C PRO D 1273 -36.39 -29.78 -58.82
N PRO D 1274 -36.14 -28.48 -59.00
CA PRO D 1274 -37.03 -27.66 -59.82
C PRO D 1274 -36.96 -28.07 -61.29
N PHE D 1275 -38.05 -27.76 -62.00
CA PHE D 1275 -38.17 -28.10 -63.41
C PHE D 1275 -38.39 -26.84 -64.25
N TYR D 1276 -37.76 -25.74 -63.87
CA TYR D 1276 -37.97 -24.45 -64.53
C TYR D 1276 -37.20 -24.41 -65.84
N THR D 1277 -37.90 -24.08 -66.93
CA THR D 1277 -37.28 -23.91 -68.24
C THR D 1277 -38.16 -22.94 -69.03
N ALA D 1278 -37.76 -21.68 -69.08
CA ALA D 1278 -38.52 -20.65 -69.78
C ALA D 1278 -37.90 -20.35 -71.14
N LEU D 1293 -37.61 -28.59 -71.51
CA LEU D 1293 -38.44 -28.59 -72.71
C LEU D 1293 -38.01 -29.71 -73.66
N GLU D 1294 -36.87 -30.32 -73.36
CA GLU D 1294 -36.28 -31.42 -74.13
C GLU D 1294 -36.12 -31.07 -75.60
N PRO D 1295 -35.30 -30.06 -75.95
CA PRO D 1295 -35.01 -29.77 -77.36
C PRO D 1295 -33.83 -30.58 -77.91
N LEU D 1296 -33.87 -31.89 -77.68
CA LEU D 1296 -32.76 -32.78 -78.02
C LEU D 1296 -32.82 -33.27 -79.46
N SER D 1297 -33.88 -32.96 -80.20
CA SER D 1297 -33.99 -33.38 -81.59
C SER D 1297 -32.96 -32.66 -82.45
N THR D 1298 -32.33 -33.42 -83.35
CA THR D 1298 -31.34 -32.93 -84.30
C THR D 1298 -30.13 -32.30 -83.62
N ILE D 1299 -29.93 -32.54 -82.33
CA ILE D 1299 -28.79 -32.01 -81.58
C ILE D 1299 -28.23 -33.14 -80.74
N GLN D 1300 -27.04 -33.61 -81.09
CA GLN D 1300 -26.38 -34.70 -80.38
C GLN D 1300 -25.60 -34.11 -79.21
N TYR D 1301 -26.05 -34.41 -77.99
CA TYR D 1301 -25.40 -33.91 -76.80
C TYR D 1301 -24.23 -34.79 -76.41
N ASN D 1302 -23.13 -34.16 -75.97
CA ASN D 1302 -21.90 -34.86 -75.59
C ASN D 1302 -21.38 -35.74 -76.72
N VAL D 1303 -21.39 -35.23 -77.95
CA VAL D 1303 -20.96 -35.95 -79.13
C VAL D 1303 -20.04 -35.05 -79.94
N VAL D 1304 -19.64 -35.52 -81.12
CA VAL D 1304 -18.83 -34.74 -82.04
C VAL D 1304 -19.75 -34.30 -83.18
N ASP D 1305 -20.30 -33.10 -83.05
CA ASP D 1305 -21.25 -32.56 -84.02
C ASP D 1305 -20.69 -31.26 -84.59
N GLY D 1306 -19.89 -31.37 -85.64
CA GLY D 1306 -19.37 -30.20 -86.34
C GLY D 1306 -18.41 -29.38 -85.51
N LEU D 1307 -18.24 -28.14 -85.94
CA LEU D 1307 -17.37 -27.18 -85.23
C LEU D 1307 -18.19 -26.41 -84.19
N ARG D 1308 -18.86 -27.16 -83.32
CA ARG D 1308 -19.71 -26.60 -82.28
C ARG D 1308 -19.18 -26.84 -80.88
N ASP D 1309 -18.07 -27.57 -80.74
CA ASP D 1309 -17.52 -27.94 -79.42
C ASP D 1309 -18.58 -28.68 -78.59
N ARG D 1310 -19.02 -29.82 -79.10
CA ARG D 1310 -20.10 -30.60 -78.48
C ARG D 1310 -19.58 -31.68 -77.55
N ARG D 1311 -18.27 -31.75 -77.30
CA ARG D 1311 -17.70 -32.82 -76.50
C ARG D 1311 -17.39 -32.30 -75.11
N SER D 1312 -17.60 -33.14 -74.11
CA SER D 1312 -17.24 -32.81 -72.73
C SER D 1312 -15.80 -33.24 -72.47
N PHE D 1313 -14.95 -32.30 -72.11
CA PHE D 1313 -13.53 -32.57 -71.94
C PHE D 1313 -13.21 -33.45 -70.74
N HIS D 1314 -14.15 -33.62 -69.82
CA HIS D 1314 -13.91 -34.43 -68.62
C HIS D 1314 -14.29 -35.89 -68.84
N GLY D 1315 -13.76 -36.48 -69.91
CA GLY D 1315 -13.96 -37.89 -70.17
C GLY D 1315 -15.40 -38.22 -70.54
N PRO D 1316 -15.73 -39.50 -70.52
CA PRO D 1316 -17.11 -39.92 -70.80
C PRO D 1316 -18.07 -39.44 -69.73
N TYR D 1317 -19.33 -39.28 -70.12
CA TYR D 1317 -20.39 -38.80 -69.26
C TYR D 1317 -21.20 -39.96 -68.72
N THR D 1318 -22.07 -39.67 -67.76
CA THR D 1318 -22.94 -40.66 -67.13
C THR D 1318 -24.39 -40.21 -67.26
N VAL D 1319 -25.28 -41.17 -67.34
CA VAL D 1319 -26.71 -40.92 -67.50
C VAL D 1319 -27.45 -41.50 -66.30
N GLN D 1320 -28.40 -40.74 -65.77
CA GLN D 1320 -29.26 -41.18 -64.68
C GLN D 1320 -30.65 -41.41 -65.26
N ALA D 1321 -30.96 -42.68 -65.54
CA ALA D 1321 -32.22 -43.08 -66.19
C ALA D 1321 -32.29 -42.35 -67.53
N GLY D 1322 -33.38 -41.66 -67.86
CA GLY D 1322 -33.50 -40.97 -69.12
C GLY D 1322 -32.96 -39.55 -69.14
N LEU D 1323 -32.76 -38.95 -67.97
CA LEU D 1323 -32.26 -37.58 -67.91
C LEU D 1323 -30.81 -37.58 -67.46
N PRO D 1324 -29.87 -37.21 -68.32
CA PRO D 1324 -28.45 -37.19 -67.92
C PRO D 1324 -28.19 -36.14 -66.86
N LEU D 1325 -27.15 -36.38 -66.07
CA LEU D 1325 -26.74 -35.50 -64.99
C LEU D 1325 -25.54 -34.68 -65.45
N ASN D 1326 -25.59 -33.39 -65.19
CA ASN D 1326 -24.44 -32.53 -65.47
C ASN D 1326 -23.29 -32.92 -64.56
N PRO D 1327 -22.09 -33.16 -65.10
CA PRO D 1327 -20.95 -33.46 -64.24
C PRO D 1327 -20.70 -32.33 -63.25
N MET D 1328 -19.99 -32.66 -62.16
CA MET D 1328 -19.66 -31.74 -61.09
C MET D 1328 -20.91 -31.42 -60.27
N GLY D 1329 -21.91 -30.82 -60.90
CA GLY D 1329 -23.18 -30.63 -60.22
C GLY D 1329 -24.14 -29.82 -61.09
N ARG D 1330 -25.41 -29.87 -60.69
CA ARG D 1330 -26.43 -29.04 -61.31
C ARG D 1330 -26.54 -27.70 -60.62
N THR D 1331 -27.29 -26.78 -61.25
CA THR D 1331 -27.56 -25.48 -60.68
C THR D 1331 -29.04 -25.15 -60.55
N GLY D 1332 -29.90 -25.76 -61.37
CA GLY D 1332 -31.32 -25.55 -61.24
C GLY D 1332 -32.06 -25.18 -62.52
N LEU D 1333 -31.39 -25.32 -63.66
CA LEU D 1333 -32.02 -25.07 -64.95
C LEU D 1333 -31.70 -26.23 -65.88
N ARG D 1334 -32.68 -26.58 -66.71
CA ARG D 1334 -32.54 -27.71 -67.62
C ARG D 1334 -32.89 -27.25 -69.03
N GLY D 1335 -32.38 -27.99 -70.01
CA GLY D 1335 -32.62 -27.63 -71.40
C GLY D 1335 -31.79 -26.41 -71.80
N ARG D 1336 -32.43 -25.49 -72.53
CA ARG D 1336 -31.78 -24.28 -72.98
C ARG D 1336 -32.11 -23.07 -72.09
N GLY D 1337 -33.40 -22.89 -71.78
CA GLY D 1337 -33.81 -21.75 -71.00
C GLY D 1337 -33.92 -20.48 -71.83
N SER D 1338 -34.16 -19.37 -71.14
CA SER D 1338 -34.28 -18.07 -71.78
C SER D 1338 -32.89 -17.52 -72.08
N LEU D 1339 -32.24 -18.14 -73.07
CA LEU D 1339 -30.89 -17.80 -73.47
C LEU D 1339 -30.87 -17.56 -74.99
N SER D 1340 -29.65 -17.42 -75.53
CA SER D 1340 -29.50 -17.05 -76.94
C SER D 1340 -29.93 -18.19 -77.86
N CYS D 1341 -29.24 -19.33 -77.77
CA CYS D 1341 -29.50 -20.45 -78.66
C CYS D 1341 -29.05 -21.73 -77.96
N PHE D 1342 -29.08 -22.84 -78.69
CA PHE D 1342 -28.67 -24.12 -78.13
C PHE D 1342 -27.15 -24.19 -78.04
N GLY D 1343 -26.64 -25.36 -77.64
CA GLY D 1343 -25.23 -25.54 -77.49
C GLY D 1343 -24.70 -24.99 -76.18
N PRO D 1344 -23.42 -24.67 -76.12
CA PRO D 1344 -22.79 -24.27 -74.86
C PRO D 1344 -22.90 -22.77 -74.66
N ASN D 1345 -23.02 -22.35 -73.39
CA ASN D 1345 -22.93 -20.94 -73.06
C ASN D 1345 -21.46 -20.55 -72.99
N HIS D 1346 -20.81 -20.41 -74.15
CA HIS D 1346 -19.38 -20.17 -74.21
C HIS D 1346 -19.00 -18.89 -73.46
N THR D 1347 -17.70 -18.78 -73.16
CA THR D 1347 -17.11 -17.55 -72.66
C THR D 1347 -15.77 -17.34 -73.34
N LEU D 1348 -15.46 -16.07 -73.62
CA LEU D 1348 -14.24 -15.72 -74.33
C LEU D 1348 -13.78 -14.37 -73.76
N TYR D 1349 -12.87 -14.43 -72.78
CA TYR D 1349 -12.50 -13.24 -72.03
C TYR D 1349 -11.24 -12.63 -72.63
N PRO D 1350 -11.33 -11.43 -73.20
CA PRO D 1350 -10.12 -10.74 -73.67
C PRO D 1350 -9.53 -9.85 -72.59
N MET D 1351 -8.37 -9.25 -72.86
CA MET D 1351 -7.76 -8.34 -71.91
C MET D 1351 -6.78 -7.44 -72.65
N VAL D 1352 -6.65 -6.20 -72.16
CA VAL D 1352 -5.79 -5.20 -72.78
C VAL D 1352 -4.97 -4.53 -71.70
N THR D 1353 -3.75 -4.12 -72.05
CA THR D 1353 -2.83 -3.46 -71.13
C THR D 1353 -2.29 -2.19 -71.75
N ARG D 1354 -2.29 -1.11 -70.98
CA ARG D 1354 -1.69 0.15 -71.37
C ARG D 1354 -0.85 0.70 -70.23
N TRP D 1355 0.35 1.18 -70.57
CA TRP D 1355 1.26 1.68 -69.56
C TRP D 1355 0.71 2.95 -68.91
N ARG D 1356 1.11 3.16 -67.65
CA ARG D 1356 0.61 4.26 -66.84
C ARG D 1356 1.40 5.53 -67.20
N ARG D 1357 0.71 6.46 -67.85
CA ARG D 1357 1.33 7.72 -68.23
C ARG D 1357 1.21 8.74 -67.09
N ASN D 1358 2.35 9.26 -66.63
CA ASN D 1358 2.37 10.40 -65.74
C ASN D 1358 3.04 11.61 -66.40
N GLU D 1359 4.32 11.48 -66.76
CA GLU D 1359 4.99 12.42 -67.65
C GLU D 1359 5.80 11.75 -68.73
N ASP D 1360 6.33 10.55 -68.50
CA ASP D 1360 7.03 9.77 -69.51
C ASP D 1360 6.69 8.29 -69.49
N GLY D 1361 5.93 7.83 -68.50
CA GLY D 1361 5.56 6.43 -68.41
C GLY D 1361 6.26 5.64 -67.34
N ALA D 1362 6.43 6.24 -66.17
CA ALA D 1362 6.99 5.52 -65.03
C ALA D 1362 5.98 4.48 -64.54
N ILE D 1363 6.51 3.45 -63.88
CA ILE D 1363 5.70 2.31 -63.45
C ILE D 1363 5.64 2.29 -61.92
N CYS D 1364 4.42 2.18 -61.40
CA CYS D 1364 4.19 2.01 -59.96
C CYS D 1364 4.04 0.52 -59.69
N ARG D 1365 5.11 -0.08 -59.16
CA ARG D 1365 5.13 -1.50 -58.88
C ARG D 1365 4.17 -1.82 -57.73
N LYS D 1366 4.08 -3.11 -57.42
CA LYS D 1366 3.35 -3.56 -56.24
C LYS D 1366 4.27 -3.53 -55.02
N SER D 1367 3.82 -4.12 -53.92
CA SER D 1367 4.66 -4.17 -52.73
C SER D 1367 5.84 -5.11 -52.91
N ILE D 1368 5.63 -6.23 -53.60
CA ILE D 1368 6.63 -7.27 -53.74
C ILE D 1368 7.15 -7.37 -55.17
N LYS D 1369 6.27 -7.67 -56.12
CA LYS D 1369 6.68 -7.97 -57.48
C LYS D 1369 5.98 -7.02 -58.46
N LYS D 1370 6.28 -7.20 -59.74
CA LYS D 1370 5.67 -6.39 -60.79
C LYS D 1370 4.20 -6.75 -60.95
N MET D 1371 3.32 -5.79 -60.69
CA MET D 1371 1.89 -5.98 -60.82
C MET D 1371 1.46 -5.24 -62.09
N LEU D 1372 1.37 -5.97 -63.19
CA LEU D 1372 1.07 -5.36 -64.48
C LEU D 1372 -0.40 -4.93 -64.52
N GLU D 1373 -0.63 -3.78 -65.15
CA GLU D 1373 -1.93 -3.12 -65.06
C GLU D 1373 -3.01 -3.84 -65.85
N VAL D 1374 -3.53 -4.92 -65.27
CA VAL D 1374 -4.70 -5.58 -65.85
C VAL D 1374 -5.89 -4.62 -65.82
N LEU D 1375 -6.69 -4.65 -66.89
CA LEU D 1375 -7.81 -3.73 -67.03
C LEU D 1375 -9.03 -4.50 -67.53
N VAL D 1376 -10.21 -4.09 -67.06
CA VAL D 1376 -11.48 -4.63 -67.52
C VAL D 1376 -12.42 -3.47 -67.81
N VAL D 1377 -13.50 -3.77 -68.54
CA VAL D 1377 -14.53 -2.80 -68.85
C VAL D 1377 -15.84 -3.26 -68.22
N LYS D 1378 -16.85 -2.40 -68.31
CA LYS D 1378 -18.15 -2.66 -67.71
C LYS D 1378 -19.24 -2.65 -68.78
N LEU D 1379 -20.23 -3.51 -68.59
CA LEU D 1379 -21.37 -3.56 -69.49
C LEU D 1379 -22.17 -2.26 -69.36
N PRO D 1380 -22.72 -1.74 -70.45
CA PRO D 1380 -23.37 -0.41 -70.40
C PRO D 1380 -24.47 -0.30 -69.38
N LEU D 1381 -25.27 -1.36 -69.17
CA LEU D 1381 -26.35 -1.35 -68.18
C LEU D 1381 -26.21 -2.59 -67.31
N SER D 1382 -25.38 -2.48 -66.28
CA SER D 1382 -25.16 -3.61 -65.36
C SER D 1382 -24.58 -3.07 -64.06
N GLU D 1383 -24.70 -3.89 -63.02
CA GLU D 1383 -24.13 -3.58 -61.71
C GLU D 1383 -22.74 -4.17 -61.52
N HIS D 1384 -22.22 -4.87 -62.53
CA HIS D 1384 -20.95 -5.59 -62.43
C HIS D 1384 -20.09 -5.30 -63.65
N TRP D 1385 -18.79 -5.37 -63.45
CA TRP D 1385 -17.86 -5.25 -64.57
C TRP D 1385 -17.86 -6.54 -65.39
N ALA D 1386 -17.99 -6.40 -66.71
CA ALA D 1386 -18.07 -7.54 -67.60
C ALA D 1386 -17.09 -7.35 -68.75
N LEU D 1387 -16.24 -8.34 -68.96
CA LEU D 1387 -15.34 -8.31 -70.11
C LEU D 1387 -16.11 -8.58 -71.40
N PRO D 1388 -15.62 -8.07 -72.53
CA PRO D 1388 -16.35 -8.28 -73.80
C PRO D 1388 -16.29 -9.72 -74.26
N GLY D 1389 -17.10 -10.58 -73.64
CA GLY D 1389 -17.13 -11.98 -73.99
C GLY D 1389 -18.51 -12.57 -73.75
N GLY D 1390 -18.67 -13.82 -74.18
CA GLY D 1390 -19.95 -14.49 -74.04
C GLY D 1390 -20.01 -15.72 -74.91
N SER D 1391 -21.24 -16.11 -75.26
CA SER D 1391 -21.46 -17.29 -76.08
C SER D 1391 -20.90 -17.06 -77.48
N ARG D 1392 -19.98 -17.91 -77.90
CA ARG D 1392 -19.35 -17.78 -79.21
C ARG D 1392 -20.35 -18.15 -80.31
N GLU D 1393 -20.66 -17.19 -81.17
CA GLU D 1393 -21.54 -17.46 -82.29
C GLU D 1393 -20.85 -18.42 -83.27
N PRO D 1394 -21.56 -19.41 -83.80
CA PRO D 1394 -20.93 -20.34 -84.75
C PRO D 1394 -20.37 -19.62 -85.97
N GLY D 1395 -19.18 -20.03 -86.39
CA GLY D 1395 -18.53 -19.48 -87.55
C GLY D 1395 -17.91 -18.10 -87.36
N GLU D 1396 -18.21 -17.41 -86.27
CA GLU D 1396 -17.70 -16.05 -86.06
C GLU D 1396 -16.62 -15.97 -85.00
N MET D 1397 -16.78 -16.71 -83.90
CA MET D 1397 -15.91 -16.71 -82.72
C MET D 1397 -16.00 -15.42 -81.92
N LEU D 1398 -16.85 -14.47 -82.32
CA LEU D 1398 -16.99 -13.21 -81.62
C LEU D 1398 -18.35 -13.16 -80.92
N PRO D 1399 -18.38 -13.13 -79.59
CA PRO D 1399 -19.66 -13.25 -78.88
C PRO D 1399 -20.45 -11.95 -78.82
N ARG D 1400 -20.57 -11.24 -79.94
CA ARG D 1400 -21.44 -10.09 -80.13
C ARG D 1400 -21.09 -8.92 -79.23
N LYS D 1401 -20.05 -9.01 -78.40
CA LYS D 1401 -19.71 -7.94 -77.46
C LYS D 1401 -18.32 -7.36 -77.68
N LEU D 1402 -17.44 -8.03 -78.42
CA LEU D 1402 -16.12 -7.49 -78.70
C LEU D 1402 -16.09 -6.61 -79.93
N LYS D 1403 -16.86 -6.96 -80.96
CA LYS D 1403 -16.86 -6.21 -82.21
C LYS D 1403 -17.72 -4.97 -82.17
N ARG D 1404 -18.60 -4.84 -81.18
CA ARG D 1404 -19.54 -3.72 -81.11
C ARG D 1404 -19.45 -3.07 -79.74
N ILE D 1405 -19.90 -1.81 -79.67
CA ILE D 1405 -19.91 -1.01 -78.46
C ILE D 1405 -18.47 -0.87 -77.96
N LEU D 1406 -17.53 -0.90 -78.89
CA LEU D 1406 -16.10 -0.85 -78.57
C LEU D 1406 -15.39 -0.16 -79.73
N ARG D 1407 -14.08 -0.35 -79.80
CA ARG D 1407 -13.27 0.22 -80.87
C ARG D 1407 -13.83 -0.12 -82.24
N GLN D 1408 -13.49 0.70 -83.22
CA GLN D 1408 -13.90 0.51 -84.61
C GLN D 1408 -12.67 0.52 -85.50
N GLU D 1409 -12.82 -0.13 -86.66
CA GLU D 1409 -11.78 -0.28 -87.70
C GLU D 1409 -10.59 -1.09 -87.21
N HIS D 1410 -10.68 -1.76 -86.07
CA HIS D 1410 -9.61 -2.61 -85.56
C HIS D 1410 -10.09 -4.03 -85.27
N TRP D 1411 -11.28 -4.40 -85.76
CA TRP D 1411 -11.83 -5.71 -85.47
C TRP D 1411 -10.97 -6.86 -85.99
N PRO D 1412 -10.52 -6.88 -87.24
CA PRO D 1412 -9.77 -8.06 -87.71
C PRO D 1412 -8.44 -8.28 -87.01
N SER D 1413 -7.84 -7.23 -86.43
CA SER D 1413 -6.50 -7.37 -85.85
C SER D 1413 -6.51 -8.20 -84.58
N PHE D 1414 -7.42 -7.88 -83.66
CA PHE D 1414 -7.44 -8.56 -82.36
C PHE D 1414 -8.03 -9.96 -82.43
N GLU D 1415 -8.80 -10.28 -83.47
CA GLU D 1415 -9.37 -11.61 -83.60
C GLU D 1415 -8.28 -12.67 -83.76
N ASN D 1416 -7.24 -12.36 -84.53
CA ASN D 1416 -6.14 -13.29 -84.70
C ASN D 1416 -5.40 -13.53 -83.39
N LEU D 1417 -5.20 -12.46 -82.60
CA LEU D 1417 -4.50 -12.61 -81.32
C LEU D 1417 -5.36 -13.34 -80.30
N LEU D 1418 -6.68 -13.17 -80.36
CA LEU D 1418 -7.56 -13.76 -79.36
C LEU D 1418 -7.66 -15.28 -79.50
N LYS D 1419 -7.24 -15.85 -80.63
CA LYS D 1419 -7.19 -17.29 -80.81
C LYS D 1419 -5.76 -17.83 -80.71
N CYS D 1420 -4.85 -17.05 -80.15
CA CYS D 1420 -3.44 -17.44 -80.00
C CYS D 1420 -3.03 -17.21 -78.56
N GLY D 1421 -3.16 -18.25 -77.74
CA GLY D 1421 -2.76 -18.16 -76.35
C GLY D 1421 -3.05 -19.45 -75.62
N MET D 1422 -2.63 -19.47 -74.36
CA MET D 1422 -2.83 -20.62 -73.50
C MET D 1422 -3.96 -20.35 -72.53
N GLU D 1423 -4.75 -21.39 -72.26
CA GLU D 1423 -5.97 -21.27 -71.48
C GLU D 1423 -5.66 -21.07 -70.00
N VAL D 1424 -6.64 -20.51 -69.29
CA VAL D 1424 -6.59 -20.45 -67.83
C VAL D 1424 -7.32 -21.63 -67.20
N TYR D 1425 -8.47 -22.00 -67.76
CA TYR D 1425 -9.21 -23.20 -67.33
C TYR D 1425 -10.31 -23.55 -68.33
N LYS D 1426 -10.37 -24.81 -68.73
CA LYS D 1426 -11.43 -25.31 -69.62
C LYS D 1426 -12.21 -26.37 -68.86
N GLY D 1427 -13.44 -26.05 -68.50
CA GLY D 1427 -14.29 -27.01 -67.84
C GLY D 1427 -15.46 -26.33 -67.14
N TYR D 1428 -16.29 -27.16 -66.52
CA TYR D 1428 -17.41 -26.67 -65.74
C TYR D 1428 -16.90 -25.88 -64.54
N MET D 1429 -17.60 -24.82 -64.19
CA MET D 1429 -17.12 -23.90 -63.16
C MET D 1429 -18.28 -23.48 -62.25
N ASP D 1430 -17.93 -23.10 -61.03
CA ASP D 1430 -18.91 -22.78 -59.98
C ASP D 1430 -19.52 -21.39 -60.23
N ASP D 1431 -20.66 -21.41 -60.93
CA ASP D 1431 -21.44 -20.19 -61.12
C ASP D 1431 -22.92 -20.48 -60.94
N PRO D 1432 -23.68 -19.52 -60.39
CA PRO D 1432 -25.12 -19.75 -60.20
C PRO D 1432 -25.95 -19.52 -61.46
N ARG D 1433 -25.29 -19.46 -62.62
CA ARG D 1433 -25.97 -19.23 -63.88
C ARG D 1433 -25.59 -20.30 -64.90
N ASN D 1434 -25.63 -21.55 -64.46
CA ASN D 1434 -25.33 -22.71 -65.30
C ASN D 1434 -26.63 -23.46 -65.61
N THR D 1435 -26.51 -24.45 -66.49
CA THR D 1435 -27.65 -25.27 -66.89
C THR D 1435 -27.28 -26.75 -66.75
N ASP D 1436 -28.31 -27.58 -66.64
CA ASP D 1436 -28.12 -29.03 -66.55
C ASP D 1436 -27.80 -29.66 -67.90
N ASN D 1437 -28.29 -29.08 -68.99
CA ASN D 1437 -28.16 -29.67 -70.33
C ASN D 1437 -27.02 -29.03 -71.10
N ALA D 1438 -26.47 -27.92 -70.60
CA ALA D 1438 -25.37 -27.24 -71.27
C ALA D 1438 -24.50 -26.57 -70.23
N TRP D 1439 -23.28 -26.25 -70.63
CA TRP D 1439 -22.28 -25.72 -69.69
C TRP D 1439 -21.33 -24.81 -70.47
N ILE D 1440 -20.35 -24.25 -69.76
CA ILE D 1440 -19.48 -23.20 -70.29
C ILE D 1440 -18.13 -23.79 -70.66
N GLU D 1441 -17.75 -23.61 -71.91
CA GLU D 1441 -16.42 -23.94 -72.40
C GLU D 1441 -15.68 -22.64 -72.70
N THR D 1442 -14.53 -22.45 -72.06
CA THR D 1442 -13.86 -21.16 -72.05
C THR D 1442 -12.65 -21.15 -72.98
N VAL D 1443 -12.36 -19.96 -73.50
CA VAL D 1443 -11.14 -19.69 -74.25
C VAL D 1443 -10.56 -18.39 -73.75
N ALA D 1444 -9.31 -18.42 -73.29
CA ALA D 1444 -8.66 -17.24 -72.71
C ALA D 1444 -7.27 -17.09 -73.29
N VAL D 1445 -6.83 -15.84 -73.43
CA VAL D 1445 -5.51 -15.51 -73.96
C VAL D 1445 -4.89 -14.45 -73.07
N SER D 1446 -3.66 -14.69 -72.63
CA SER D 1446 -2.90 -13.74 -71.83
C SER D 1446 -1.84 -13.09 -72.70
N VAL D 1447 -1.92 -11.76 -72.84
CA VAL D 1447 -1.04 -11.01 -73.73
C VAL D 1447 -0.60 -9.74 -73.02
N HIS D 1448 0.68 -9.39 -73.16
CA HIS D 1448 1.22 -8.15 -72.60
C HIS D 1448 1.87 -7.34 -73.71
N PHE D 1449 1.64 -6.04 -73.67
CA PHE D 1449 2.19 -5.12 -74.67
C PHE D 1449 3.41 -4.42 -74.08
N GLN D 1450 4.53 -4.46 -74.80
CA GLN D 1450 5.75 -3.83 -74.33
C GLN D 1450 5.61 -2.31 -74.27
N ASP D 1451 4.71 -1.74 -75.07
CA ASP D 1451 4.47 -0.30 -75.08
C ASP D 1451 2.98 -0.04 -75.25
N GLN D 1452 2.53 1.11 -74.74
CA GLN D 1452 1.15 1.51 -74.93
C GLN D 1452 0.82 1.80 -76.38
N ASN D 1453 1.83 2.05 -77.21
CA ASN D 1453 1.65 2.27 -78.64
C ASN D 1453 2.07 1.05 -79.46
N ASP D 1454 1.79 -0.15 -78.97
CA ASP D 1454 2.16 -1.39 -79.65
C ASP D 1454 1.22 -1.57 -80.85
N VAL D 1455 1.65 -1.02 -81.98
CA VAL D 1455 0.88 -1.03 -83.22
C VAL D 1455 -0.49 -0.38 -82.97
N GLU D 1456 -1.54 -0.99 -83.51
CA GLU D 1456 -2.89 -0.49 -83.35
C GLU D 1456 -3.68 -1.24 -82.29
N LEU D 1457 -3.05 -2.18 -81.59
CA LEU D 1457 -3.77 -2.98 -80.60
C LEU D 1457 -4.22 -2.15 -79.42
N ASN D 1458 -3.39 -1.21 -78.97
CA ASN D 1458 -3.67 -0.41 -77.78
C ASN D 1458 -3.84 1.08 -78.07
N ARG D 1459 -2.97 1.65 -78.89
CA ARG D 1459 -3.00 3.09 -79.13
C ARG D 1459 -4.10 3.47 -80.12
N LEU D 1460 -4.01 2.96 -81.35
CA LEU D 1460 -5.00 3.29 -82.36
C LEU D 1460 -6.37 2.72 -82.03
N ASN D 1461 -6.42 1.57 -81.34
CA ASN D 1461 -7.69 1.01 -80.92
C ASN D 1461 -8.42 1.94 -79.96
N SER D 1462 -7.69 2.51 -79.00
CA SER D 1462 -8.30 3.46 -78.08
C SER D 1462 -8.62 4.78 -78.79
N ASN D 1463 -7.78 5.17 -79.75
CA ASN D 1463 -8.02 6.41 -80.47
C ASN D 1463 -9.26 6.32 -81.35
N LEU D 1464 -9.59 5.13 -81.83
CA LEU D 1464 -10.75 4.92 -82.70
C LEU D 1464 -11.96 4.39 -81.93
N HIS D 1465 -11.90 4.37 -80.61
CA HIS D 1465 -12.98 3.87 -79.78
C HIS D 1465 -13.78 5.04 -79.22
N ALA D 1466 -15.09 5.01 -79.45
CA ALA D 1466 -15.97 6.07 -78.97
C ALA D 1466 -17.36 5.50 -78.74
N CYS D 1467 -17.84 5.55 -77.50
CA CYS D 1467 -19.17 5.06 -77.16
C CYS D 1467 -20.22 6.16 -77.29
N ASP D 1468 -20.02 7.27 -76.57
CA ASP D 1468 -20.89 8.44 -76.58
C ASP D 1468 -22.30 8.14 -76.12
N SER D 1469 -22.53 7.00 -75.47
CA SER D 1469 -23.85 6.61 -74.98
C SER D 1469 -23.86 6.19 -73.52
N GLY D 1470 -22.74 5.67 -73.02
CA GLY D 1470 -22.70 5.24 -71.63
C GLY D 1470 -22.86 6.40 -70.67
N ALA D 1471 -23.65 6.18 -69.62
CA ALA D 1471 -23.89 7.24 -68.64
C ALA D 1471 -22.69 7.46 -67.73
N SER D 1472 -22.04 6.37 -67.31
CA SER D 1472 -20.92 6.45 -66.38
C SER D 1472 -19.72 5.72 -66.94
N ILE D 1473 -18.53 6.27 -66.67
CA ILE D 1473 -17.27 5.64 -67.10
C ILE D 1473 -16.20 5.97 -66.06
N ARG D 1474 -15.31 5.02 -65.83
CA ARG D 1474 -14.22 5.18 -64.89
C ARG D 1474 -13.11 4.19 -65.24
N TRP D 1475 -11.87 4.58 -64.95
CA TRP D 1475 -10.72 3.75 -65.25
C TRP D 1475 -9.91 3.52 -63.98
N GLN D 1476 -9.68 2.25 -63.64
CA GLN D 1476 -8.86 1.86 -62.51
C GLN D 1476 -8.14 0.56 -62.84
N VAL D 1477 -7.01 0.35 -62.17
CA VAL D 1477 -6.35 -0.95 -62.25
C VAL D 1477 -7.12 -1.94 -61.37
N VAL D 1478 -7.46 -3.08 -61.95
CA VAL D 1478 -8.39 -4.03 -61.31
C VAL D 1478 -7.55 -4.94 -60.41
N ASP D 1479 -7.30 -4.45 -59.19
CA ASP D 1479 -6.67 -5.21 -58.13
C ASP D 1479 -7.77 -5.91 -57.33
N ARG D 1480 -7.45 -6.35 -56.11
CA ARG D 1480 -8.42 -7.02 -55.23
C ARG D 1480 -9.69 -6.19 -55.00
N ARG D 1481 -9.68 -4.93 -55.44
CA ARG D 1481 -10.80 -4.02 -55.26
C ARG D 1481 -11.86 -4.14 -56.37
N ILE D 1482 -11.64 -4.99 -57.37
CA ILE D 1482 -12.58 -5.10 -58.48
C ILE D 1482 -13.75 -6.00 -58.08
N PRO D 1483 -15.00 -5.53 -58.21
CA PRO D 1483 -16.16 -6.37 -57.91
C PRO D 1483 -16.64 -7.16 -59.13
N LEU D 1484 -15.83 -8.14 -59.55
CA LEU D 1484 -16.23 -9.02 -60.63
C LEU D 1484 -17.17 -10.10 -60.11
N TYR D 1485 -17.45 -11.09 -60.95
CA TYR D 1485 -18.23 -12.25 -60.51
C TYR D 1485 -17.49 -13.01 -59.42
N ALA D 1486 -18.26 -13.62 -58.51
CA ALA D 1486 -17.67 -14.58 -57.59
C ALA D 1486 -17.14 -15.79 -58.34
N ASN D 1487 -17.62 -16.01 -59.56
CA ASN D 1487 -17.03 -17.02 -60.44
C ASN D 1487 -15.58 -16.67 -60.77
N HIS D 1488 -15.31 -15.40 -61.06
CA HIS D 1488 -14.01 -15.04 -61.62
C HIS D 1488 -12.90 -15.04 -60.57
N LYS D 1489 -13.25 -14.93 -59.28
CA LYS D 1489 -12.20 -14.88 -58.25
C LYS D 1489 -11.47 -16.22 -58.15
N THR D 1490 -12.22 -17.33 -58.20
CA THR D 1490 -11.59 -18.64 -58.17
C THR D 1490 -10.79 -18.90 -59.45
N LEU D 1491 -11.29 -18.42 -60.59
CA LEU D 1491 -10.52 -18.54 -61.83
C LEU D 1491 -9.21 -17.76 -61.75
N LEU D 1492 -9.24 -16.55 -61.18
CA LEU D 1492 -8.03 -15.75 -61.04
C LEU D 1492 -7.06 -16.37 -60.04
N GLN D 1493 -7.58 -17.04 -59.01
CA GLN D 1493 -6.71 -17.70 -58.04
C GLN D 1493 -5.80 -18.72 -58.72
N LYS D 1494 -6.30 -19.38 -59.77
CA LYS D 1494 -5.47 -20.33 -60.52
C LYS D 1494 -4.77 -19.69 -61.70
N ALA D 1495 -5.31 -18.61 -62.26
CA ALA D 1495 -4.72 -17.95 -63.41
C ALA D 1495 -3.62 -16.97 -63.02
N ALA D 1496 -3.40 -16.73 -61.72
CA ALA D 1496 -2.28 -15.90 -61.30
C ALA D 1496 -0.94 -16.49 -61.77
N ALA D 1497 -0.90 -17.79 -62.05
CA ALA D 1497 0.31 -18.43 -62.56
C ALA D 1497 0.58 -18.10 -64.02
N GLU D 1498 -0.33 -17.41 -64.70
CA GLU D 1498 -0.10 -17.05 -66.10
C GLU D 1498 1.13 -16.14 -66.24
N PHE D 1499 1.26 -15.17 -65.34
CA PHE D 1499 2.45 -14.32 -65.30
C PHE D 1499 3.42 -14.68 -64.19
N GLY D 1500 2.98 -15.42 -63.18
CA GLY D 1500 3.85 -15.79 -62.08
C GLY D 1500 4.07 -14.71 -61.05
N ALA D 1501 3.39 -13.57 -61.18
CA ALA D 1501 3.58 -12.48 -60.23
C ALA D 1501 2.80 -12.75 -58.94
N HIS D 1502 3.14 -11.99 -57.90
CA HIS D 1502 2.50 -12.11 -56.60
C HIS D 1502 1.33 -11.14 -56.55
N TYR D 1503 0.11 -11.68 -56.44
CA TYR D 1503 -1.08 -10.85 -56.40
C TYR D 1503 -1.30 -10.27 -55.02
N1 APR E . -15.13 -48.15 26.88
C2 APR E . -14.12 -48.84 27.40
N3 APR E . -13.40 -49.81 26.85
C4 APR E . -13.81 -50.07 25.61
C5 APR E . -14.84 -49.45 24.93
C6 APR E . -15.53 -48.43 25.61
N6 APR E . -16.55 -47.74 25.08
N7 APR E . -14.97 -49.99 23.65
C8 APR E . -14.03 -50.91 23.59
N9 APR E . -13.30 -51.00 24.74
C1' APR E . -12.20 -51.92 25.03
C2' APR E . -12.23 -53.22 24.25
C3' APR E . -10.74 -53.56 24.21
O3' APR E . -10.31 -54.06 25.47
O4' APR E . -10.99 -51.28 24.69
C4' APR E . -10.14 -52.18 23.92
C5' APR E . -10.19 -51.74 22.48
O5' APR E . -9.58 -50.44 22.35
PA APR E . -9.52 -49.80 20.88
O1A APR E . -8.82 -50.74 19.95
O2A APR E . -9.01 -48.40 20.98
O3A APR E . -11.08 -49.76 20.51
PB APR E . -11.84 -49.47 19.12
O1B APR E . -11.46 -50.53 18.15
O2B APR E . -11.57 -48.04 18.74
O5D APR E . -13.37 -49.63 19.54
C5D APR E . -13.95 -48.66 20.44
O4D APR E . -16.06 -47.83 21.29
O1D APR E . -16.56 -46.25 19.70
C1D APR E . -17.09 -47.23 20.50
O2D APR E . -18.32 -49.36 20.25
C2D APR E . -17.56 -48.37 19.60
O3D APR E . -16.21 -50.18 18.56
C3D APR E . -16.19 -48.90 19.18
C4D APR E . -15.45 -48.88 20.51
PB DAT F . -36.53 -70.50 -4.25
O1B DAT F . -35.54 -69.55 -3.68
O2B DAT F . -36.02 -71.69 -5.00
O3B DAT F . -37.57 -69.70 -5.17
PA DAT F . -38.53 -70.25 -2.12
O1A DAT F . -39.51 -69.52 -2.98
O2A DAT F . -39.04 -71.19 -1.09
O3A DAT F . -37.50 -71.02 -3.08
O5' DAT F . -37.56 -69.18 -1.42
C5' DAT F . -38.13 -68.05 -0.72
C4' DAT F . -37.03 -67.17 -0.20
O4' DAT F . -36.11 -66.86 -1.26
C3' DAT F . -37.42 -65.79 0.34
O3' DAT F . -37.82 -65.85 1.70
C2' DAT F . -36.18 -64.93 0.09
C1' DAT F . -35.30 -65.81 -0.79
N9 DAT F . -34.70 -65.15 -1.95
C8 DAT F . -34.85 -63.84 -2.34
N7 DAT F . -34.17 -63.56 -3.43
C5 DAT F . -33.54 -64.74 -3.76
C6 DAT F . -32.67 -65.10 -4.81
N6 DAT F . -32.27 -64.26 -5.77
N1 DAT F . -32.22 -66.38 -4.84
C2 DAT F . -32.61 -67.22 -3.89
N3 DAT F . -33.42 -67.00 -2.86
C4 DAT F . -33.86 -65.73 -2.85
ZN ZN G . -23.54 -69.25 32.86
CA CA H . -36.42 25.90 26.28
N1 APR I . 52.92 -17.40 11.77
C2 APR I . 53.83 -17.07 10.85
N3 APR I . 54.24 -17.77 9.79
C4 APR I . 53.62 -18.95 9.73
C5 APR I . 52.66 -19.43 10.60
C6 APR I . 52.30 -18.59 11.69
N6 APR I . 51.40 -18.93 12.60
N7 APR I . 52.23 -20.69 10.21
C8 APR I . 52.93 -20.95 9.12
N9 APR I . 53.78 -19.93 8.79
C1' APR I . 54.70 -19.87 7.66
C2' APR I . 55.20 -21.22 7.15
C3' APR I . 55.47 -20.89 5.69
O3' APR I . 56.69 -20.15 5.58
O4' APR I . 54.04 -19.24 6.57
C4' APR I . 54.27 -20.01 5.36
C5' APR I . 53.00 -20.76 5.04
O5' APR I . 51.95 -19.82 4.72
PA APR I . 50.50 -20.42 4.34
O1A APR I . 50.65 -21.37 3.20
O2A APR I . 49.53 -19.29 4.21
O3A APR I . 50.17 -21.25 5.67
PB APR I . 49.02 -22.31 6.00
O1B APR I . 49.22 -23.51 5.12
O2B APR I . 47.70 -21.61 5.96
O5D APR I . 49.35 -22.71 7.52
C5D APR I . 49.18 -21.71 8.55
O4D APR I . 49.01 -21.42 10.95
O1D APR I . 46.76 -21.73 11.26
C1D APR I . 48.01 -21.99 11.78
O2D APR I . 49.41 -23.93 12.38
C2D APR I . 48.26 -23.49 11.68
O3D APR I . 49.03 -24.81 9.72
C3D APR I . 48.45 -23.59 10.18
C4D APR I . 49.34 -22.37 9.90
PB DAT J . 48.81 -60.79 16.88
O1B DAT J . 48.50 -59.43 16.35
O2B DAT J . 49.23 -61.85 15.91
O3B DAT J . 47.55 -61.33 17.73
PA DAT J . 49.91 -59.92 19.45
O1A DAT J . 48.76 -60.45 20.24
O2A DAT J . 51.28 -59.98 20.04
O3A DAT J . 49.92 -60.66 18.02
O5' DAT J . 49.59 -58.41 19.00
C5' DAT J . 49.18 -57.46 20.00
C4' DAT J . 48.89 -56.13 19.34
O4' DAT J . 48.00 -56.32 18.22
C3' DAT J . 48.17 -55.07 20.18
O3' DAT J . 49.09 -54.30 20.95
C2' DAT J . 47.41 -54.24 19.13
C1' DAT J . 47.54 -55.05 17.85
N9 DAT J . 46.31 -55.22 17.08
C8 DAT J . 45.06 -54.75 17.39
N7 DAT J . 44.17 -55.07 16.48
C5 DAT J . 44.87 -55.78 15.53
C6 DAT J . 44.50 -56.40 14.33
N6 DAT J . 43.25 -56.40 13.84
N1 DAT J . 45.46 -57.04 13.61
C2 DAT J . 46.71 -57.04 14.10
N3 DAT J . 47.18 -56.50 15.21
C4 DAT J . 46.20 -55.88 15.89
ZN ZN K . 72.49 -29.39 16.78
CA CA L . -4.53 19.48 47.49
N1 APR M . 23.75 18.55 -48.44
C2 APR M . 22.94 18.51 -49.51
N3 APR M . 22.77 17.53 -50.40
C4 APR M . 23.57 16.49 -50.11
C5 APR M . 24.45 16.38 -49.06
C6 APR M . 24.54 17.48 -48.18
N6 APR M . 25.34 17.52 -47.12
N7 APR M . 25.09 15.15 -49.09
C8 APR M . 24.60 14.55 -50.15
N9 APR M . 23.67 15.32 -50.80
C1' APR M . 22.92 14.97 -52.00
C2' APR M . 23.61 13.97 -52.93
C3' APR M . 22.40 13.32 -53.61
O3' APR M . 21.86 14.21 -54.58
O4' APR M . 21.69 14.38 -51.63
C4' APR M . 21.45 13.18 -52.41
C5' APR M . 21.72 11.98 -51.52
O5' APR M . 20.74 11.95 -50.45
PA APR M . 20.85 10.75 -49.40
O1A APR M . 20.80 9.45 -50.12
O2A APR M . 19.87 10.98 -48.29
O3A APR M . 22.33 10.97 -48.83
PB APR M . 23.27 10.05 -47.91
O1B APR M . 23.57 8.79 -48.65
O2B APR M . 22.64 9.94 -46.56
O5D APR M . 24.60 10.94 -47.81
C5D APR M . 24.55 12.19 -47.07
O4D APR M . 25.93 13.90 -46.06
O1D APR M . 26.24 13.00 -43.96
C1D APR M . 26.85 13.68 -44.99
O2D APR M . 28.77 13.41 -46.51
C2D APR M . 27.91 12.77 -45.59
O3D APR M . 27.61 10.94 -47.24
C3D APR M . 26.98 11.78 -46.29
C4D APR M . 25.95 12.73 -46.91
PB DAT N . 59.00 -7.23 -52.82
O1B DAT N . 57.62 -6.84 -52.41
O2B DAT N . 59.16 -8.36 -53.79
O3B DAT N . 59.89 -7.50 -51.52
PA DAT N . 60.15 -4.52 -52.78
O1A DAT N . 61.00 -4.79 -51.59
O2A DAT N . 60.67 -3.63 -53.85
O3A DAT N . 59.74 -5.93 -53.43
O5' DAT N . 58.71 -4.00 -52.30
C5' DAT N . 58.65 -2.89 -51.37
C4' DAT N . 57.21 -2.61 -51.03
O4' DAT N . 56.55 -3.82 -50.62
C3' DAT N . 56.94 -1.65 -49.85
O3' DAT N . 56.95 -0.30 -50.26
C2' DAT N . 55.59 -2.12 -49.31
C1' DAT N . 55.32 -3.44 -50.05
N9 DAT N . 54.86 -4.54 -49.21
C8 DAT N . 54.64 -4.54 -47.86
N7 DAT N . 54.22 -5.71 -47.41
C5 DAT N . 54.15 -6.51 -48.53
C6 DAT N . 53.77 -7.86 -48.74
N6 DAT N . 53.38 -8.66 -47.76
N1 DAT N . 53.82 -8.33 -50.00
C2 DAT N . 54.23 -7.52 -50.99
N3 DAT N . 54.60 -6.24 -50.91
C4 DAT N . 54.54 -5.80 -49.66
ZN ZN O . 37.16 22.06 -67.41
CA CA P . 16.95 42.72 24.40
N1 APR Q . -44.45 -12.38 -33.63
C2 APR Q . -45.15 -13.47 -33.26
N3 APR Q . -44.99 -14.74 -33.62
C4 APR Q . -43.98 -14.86 -34.48
C5 APR Q . -43.17 -13.85 -34.97
C6 APR Q . -43.44 -12.54 -34.51
N6 APR Q . -42.74 -11.47 -34.88
N7 APR Q . -42.23 -14.37 -35.85
C8 APR Q . -42.47 -15.65 -35.88
N9 APR Q . -43.52 -16.01 -35.07
C1' APR Q . -44.08 -17.34 -34.86
C2' APR Q . -43.87 -18.31 -36.03
C3' APR Q . -43.88 -19.64 -35.28
O3' APR Q . -45.21 -20.00 -34.92
O4' APR Q . -43.44 -17.93 -33.75
C4' APR Q . -43.04 -19.29 -34.06
C5' APR Q . -41.54 -19.31 -34.28
O5' APR Q . -40.87 -18.99 -33.04
PA APR Q . -39.27 -18.94 -33.06
O1A APR Q . -38.75 -20.25 -33.55
O2A APR Q . -38.77 -18.44 -31.74
O3A APR Q . -39.01 -17.83 -34.18
PB APR Q . -37.66 -17.38 -34.94
O1B APR Q . -37.17 -18.54 -35.75
O2B APR Q . -36.74 -16.77 -33.95
O5D APR Q . -38.21 -16.25 -35.93
C5D APR Q . -38.69 -15.00 -35.36
O4D APR Q . -39.27 -12.71 -35.90
O1D APR Q . -37.21 -11.70 -35.69
C1D APR Q . -38.37 -11.74 -36.43
O2D APR Q . -39.06 -12.19 -38.76
C2D APR Q . -38.02 -12.29 -37.81
O3D APR Q . -37.70 -14.66 -38.50
C3D APR Q . -37.76 -13.74 -37.42
C4D APR Q . -38.93 -14.01 -36.46
PB DAT R . -26.08 -17.04 -73.22
O1B DAT R . -26.17 -17.05 -71.73
O2B DAT R . -25.82 -18.32 -73.94
O3B DAT R . -24.98 -15.94 -73.66
PA DAT R . -28.05 -14.90 -73.65
O1A DAT R . -27.03 -13.90 -74.09
O2A DAT R . -29.40 -14.88 -74.28
O3A DAT R . -27.42 -16.36 -73.80
O5' DAT R . -28.21 -14.82 -72.05
C5' DAT R . -28.45 -13.53 -71.43
C4' DAT R . -28.51 -13.70 -69.94
O4' DAT R . -27.35 -14.43 -69.47
C3' DAT R . -28.48 -12.42 -69.09
O3' DAT R . -29.78 -11.86 -68.92
C2' DAT R . -27.83 -12.87 -67.77
C1' DAT R . -27.32 -14.28 -68.07
N9 DAT R . -25.97 -14.57 -67.62
C8 DAT R . -25.10 -13.72 -66.97
N7 DAT R . -23.95 -14.29 -66.70
C5 DAT R . -24.07 -15.59 -67.19
C6 DAT R . -23.18 -16.68 -67.22
N6 DAT R . -21.96 -16.66 -66.71
N1 DAT R . -23.63 -17.83 -67.80
C2 DAT R . -24.87 -17.84 -68.31
N3 DAT R . -25.79 -16.88 -68.34
C4 DAT R . -25.31 -15.76 -67.76
ZN ZN S . -58.80 -17.92 -51.39
CA CA T . -15.95 49.59 2.18
#